data_7UPW
#
_entry.id   7UPW
#
_cell.length_a   1.00
_cell.length_b   1.00
_cell.length_c   1.00
_cell.angle_alpha   90.00
_cell.angle_beta   90.00
_cell.angle_gamma   90.00
#
_symmetry.space_group_name_H-M   'P 1'
#
loop_
_entity.id
_entity.type
_entity.pdbx_description
1 polymer 'Spike glycoprotein'
2 polymer 'SP1-77 Fab heavy chain'
3 polymer 'SP1-77 Fab light chain'
4 branched 2-acetamido-2-deoxy-beta-D-glucopyranose-(1-4)-2-acetamido-2-deoxy-beta-D-glucopyranose
5 branched alpha-D-mannopyranose-(1-4)-2-acetamido-2-deoxy-beta-D-glucopyranose-(1-4)-2-acetamido-2-deoxy-beta-D-glucopyranose
6 branched 2-acetamido-2-deoxy-beta-D-glucopyranose-(1-4)-[alpha-L-fucopyranose-(1-6)]2-acetamido-2-deoxy-beta-D-glucopyranose
7 non-polymer 2-acetamido-2-deoxy-beta-D-glucopyranose
#
loop_
_entity_poly.entity_id
_entity_poly.type
_entity_poly.pdbx_seq_one_letter_code
_entity_poly.pdbx_strand_id
1 'polypeptide(L)'
;MFVFLVLLPLVSSQCVNLTTRTQLPPAYTNSFTRGVYYPDKVFRSSVLHSTQDLFLPFFSNVTWFHAIHVSGTNGTKRFD
NPVLPFNDGVYFASTEKSNIIRGWIFGTTLDSKTQSLLIVNNATNVVIKVCEFQFCNDPFLGVYYHKNNKSWMESEFRVY
SSANNCTFEYVSQPFLMDLEGKQGNFKNLREFVFKNIDGYFKIYSKHTPINLVRDLPQGFSALEPLVDLPIGINITRFQT
LLALHRSYLTPGDSSSGWTAGAAAYYVGYLQPRTFLLKYNENGTITDAVDCALDPLSETKCTLKSFTVEKGIYQTSNFRV
QPTESIVRFPNITNLCPFGEVFNATRFASVYAWNRKRISNCVADYSVLYNSASFSTFKCYGVSPTKLNDLCFTNVYADSF
VIRGDEVRQIAPGQTGKIADYNYKLPDDFTGCVIAWNSNNLDSKVGGNYNYLYRLFRKSNLKPFERDISTEIYQAGSTPC
NGVEGFNCYFPLQSYGFQPTNGVGYQPYRVVVLSFELLHAPATVCGPKKSTNLVKNKCVNFNFNGLTGTGVLTESNKKFL
PFQQFGRDIADTTDAVRDPQTLEILDITPCSFGGVSVITPGTNTSNQVAVLYQGVNCTEVPVAIHADQLTPTWRVYSTGS
NVFQTRAGCLIGAEHVNNSYECDIPIGAGICASYQTQTNSPRRARSVASQSIIAYTMSLGAENSVAYSNNSIAIPTNFTI
SVTTEILPVSMTKTSVDCTMYICGDSTECSNLLLQYGSFCTQLNRALTGIAVEQDKNTQEVFAQVKQIYKTPPIKDFGGF
NFSQILPDPSKPSKRSFIEDLLFNKVTLADAGFIKQYGDCLGDIAARDLICAQKFNGLTVLPPLLTDEMIAQYTSALLAG
TITSGWTFGAGAALQIPFAMQMAYRFNGIGVTQNVLYENQKLIANQFNSAIGKIQDSLSSTASALGKLQDVVNQNAQALN
TLVKQLSSNFGAISSVLNDILSRLDKVEAEVQIDRLITGRLQSLQTYVTQQLIRAAEIRASANLAATKMSECVLGQSKRV
DFCGKGYHLMSFPQSAPHGVVFLHVTYVPAQEKNFTTAPAICHDGKAHFPREGVFVSNGTHWFVTQRNFYEPQIITTDNT
FVSGNCDVVIGIVNNTVYDPLQPELDSFKEELDKYFKNHTSPDVDLGDISGINASVVNIQKEIDRLNEVAKNLNESLIDL
QELGKYEQYIKWPWYIWLGFIAGLIAIVMVTIMLCCMTSCCSCLKGCCSCGSCCKFDEDDSEPVLKGVKLHYTLESGGGS
AWSHPQFEKGGGSGGGSGGSSAWSHPQFEK
;
A,B,C
2 'polypeptide(L)'
;QVQLVQSGAEVKKPGASVKVSCKASGYTFTGTYIHWVRQAPGQGLEWMGWINPNSGGTNFAQIFQGRVTLTRDTSISTAY
MDLNRLKSDDTAVYYCARDRVLYGRSFGWYFDVWGAGTTVTVSSASTKGPSVFPLAPCSRSTSESTAALGCLVKDYFPEP
VTVSWNSGALTSGVHTFPAVLQSSGLYSLSSVVTVPSSSLGTKTYTCNVDHKPSNTKVDKRVESKYGPPCPSCPAPEFLG
GPSVFLFPPKPKDTLMISRTPEVTCVVVDVSQEDPEVQFNWYVDGVEVHNAKTKPREEQFNSTYRVVSVLTVLHQDWLNG
KEYKCKVSNKGLPSSIEKTISKAKGQPREPQVYTLPPSQEEMTKNQVSLTCLVKGFYPSDIAVEWESNGQPENNYKTTPP
VLDSDGSFFLYSRLTVDKSRWQEGNVFSCSVMHEALHNHYTQKSLSLSLGK
;
D,F,H
3 'polypeptide(L)'
;DIQMTQSPSSLSASVGDRVTITCQASQDISDYLNWYQQQPGKAPKLLIYDASNLETGVPSRFSGSGSGTDFTFTISSLQP
EDIGTYYCQQYDNLPTFGGGTKLEIKRTVAAPSVFIFPPSDEQLKSGTASVVCLLNNFYPREAKVQWKVDNALQSGNSQE
SVTEQDSKDSTYSLSSTLTLSKADYEKHKVYACEVTHQGLSSPVTKSFNRGEC
;
E,G,L
#
loop_
_chem_comp.id
_chem_comp.type
_chem_comp.name
_chem_comp.formula
FUC L-saccharide, alpha linking alpha-L-fucopyranose 'C6 H12 O5'
MAN D-saccharide, alpha linking alpha-D-mannopyranose 'C6 H12 O6'
NAG D-saccharide, beta linking 2-acetamido-2-deoxy-beta-D-glucopyranose 'C8 H15 N O6'
#
# COMPACT_ATOMS: atom_id res chain seq x y z
N GLN A 14 -4.61 25.20 56.54
CA GLN A 14 -5.86 25.21 57.33
C GLN A 14 -7.06 24.95 56.43
N CYS A 15 -8.05 24.20 56.92
CA CYS A 15 -9.36 23.99 56.26
C CYS A 15 -10.51 24.24 57.26
N VAL A 16 -11.61 24.85 56.80
CA VAL A 16 -12.76 25.25 57.64
C VAL A 16 -14.09 24.93 56.94
N ASN A 17 -15.11 24.46 57.66
CA ASN A 17 -16.46 24.19 57.13
C ASN A 17 -17.42 25.38 57.34
N LEU A 18 -17.52 26.28 56.37
CA LEU A 18 -18.34 27.50 56.46
C LEU A 18 -19.84 27.18 56.50
N THR A 19 -20.57 27.78 57.45
CA THR A 19 -21.96 27.39 57.76
C THR A 19 -23.00 28.53 57.61
N THR A 20 -22.59 29.80 57.72
CA THR A 20 -23.48 30.98 57.75
C THR A 20 -23.96 31.44 56.36
N ARG A 21 -24.88 30.67 55.79
CA ARG A 21 -25.46 30.96 54.48
C ARG A 21 -26.92 30.49 54.33
N THR A 22 -27.68 31.20 53.51
CA THR A 22 -29.10 30.92 53.21
C THR A 22 -29.22 29.79 52.19
N GLN A 23 -30.29 28.99 52.24
CA GLN A 23 -30.61 28.00 51.19
C GLN A 23 -31.52 28.58 50.10
N LEU A 24 -31.06 28.50 48.84
CA LEU A 24 -31.81 28.82 47.62
C LEU A 24 -31.83 27.59 46.69
N PRO A 25 -32.87 27.40 45.87
CA PRO A 25 -32.87 26.41 44.80
C PRO A 25 -31.93 26.82 43.65
N PRO A 26 -31.42 25.87 42.84
CA PRO A 26 -30.42 26.16 41.81
C PRO A 26 -30.99 27.01 40.66
N ALA A 27 -30.33 28.13 40.37
CA ALA A 27 -30.65 29.00 39.24
C ALA A 27 -30.05 28.51 37.92
N TYR A 28 -30.65 28.91 36.80
CA TYR A 28 -30.19 28.62 35.44
C TYR A 28 -30.41 29.84 34.53
N THR A 29 -29.69 29.91 33.41
CA THR A 29 -29.87 30.96 32.41
C THR A 29 -29.52 30.49 31.00
N ASN A 30 -29.97 31.25 30.00
CA ASN A 30 -29.71 30.99 28.58
C ASN A 30 -28.28 31.42 28.21
N SER A 31 -27.45 30.52 27.69
CA SER A 31 -26.22 30.92 26.98
C SER A 31 -26.53 31.13 25.51
N PHE A 32 -26.79 32.37 25.10
CA PHE A 32 -27.33 32.71 23.78
C PHE A 32 -26.46 32.18 22.64
N THR A 33 -25.33 32.85 22.37
CA THR A 33 -24.34 32.47 21.36
C THR A 33 -22.91 32.53 21.89
N ARG A 34 -22.75 32.45 23.20
CA ARG A 34 -21.43 32.51 23.82
C ARG A 34 -20.71 31.16 23.95
N GLY A 35 -19.39 31.21 24.09
CA GLY A 35 -18.54 30.02 24.25
C GLY A 35 -17.91 29.47 22.96
N VAL A 36 -17.91 30.24 21.87
CA VAL A 36 -17.12 29.95 20.67
C VAL A 36 -15.67 30.41 20.89
N TYR A 37 -14.71 29.70 20.33
CA TYR A 37 -13.29 29.98 20.47
C TYR A 37 -12.59 29.75 19.13
N TYR A 38 -11.40 30.32 18.94
CA TYR A 38 -10.61 30.11 17.72
C TYR A 38 -10.14 28.64 17.66
N PRO A 39 -10.59 27.84 16.69
CA PRO A 39 -10.42 26.39 16.74
C PRO A 39 -8.98 25.92 16.47
N ASP A 40 -8.14 26.72 15.83
CA ASP A 40 -6.73 26.44 15.51
C ASP A 40 -5.88 27.72 15.33
N LYS A 41 -4.55 27.57 15.32
CA LYS A 41 -3.55 28.66 15.31
C LYS A 41 -3.21 29.20 13.90
N VAL A 42 -4.26 29.41 13.10
CA VAL A 42 -4.20 29.82 11.69
C VAL A 42 -5.02 31.08 11.49
N PHE A 43 -4.50 32.05 10.76
CA PHE A 43 -5.24 33.23 10.33
C PHE A 43 -6.13 32.92 9.12
N ARG A 44 -7.36 33.41 9.15
CA ARG A 44 -8.33 33.38 8.05
C ARG A 44 -9.08 34.70 8.06
N SER A 45 -9.53 35.20 6.92
CA SER A 45 -10.39 36.39 6.86
C SER A 45 -11.33 36.34 5.67
N SER A 46 -12.45 37.06 5.74
CA SER A 46 -13.51 37.10 4.72
C SER A 46 -14.00 35.71 4.28
N VAL A 47 -14.23 34.81 5.24
CA VAL A 47 -14.57 33.40 4.94
C VAL A 47 -15.49 32.82 6.00
N LEU A 48 -16.33 31.87 5.58
CA LEU A 48 -17.18 31.06 6.43
C LEU A 48 -16.55 29.67 6.52
N HIS A 49 -15.99 29.31 7.67
CA HIS A 49 -15.18 28.10 7.85
C HIS A 49 -15.90 27.06 8.71
N SER A 50 -15.99 25.81 8.26
CA SER A 50 -16.69 24.73 8.97
C SER A 50 -15.71 23.90 9.80
N THR A 51 -15.98 23.77 11.10
CA THR A 51 -15.11 23.10 12.07
C THR A 51 -15.91 22.21 13.02
N GLN A 52 -15.41 21.01 13.32
CA GLN A 52 -16.05 20.04 14.21
C GLN A 52 -15.21 19.91 15.48
N ASP A 53 -15.74 20.30 16.63
CA ASP A 53 -15.01 20.31 17.89
C ASP A 53 -15.94 20.27 19.11
N LEU A 54 -15.38 20.09 20.30
CA LEU A 54 -16.08 20.23 21.57
C LEU A 54 -16.45 21.71 21.79
N PHE A 55 -17.69 22.08 21.49
CA PHE A 55 -18.25 23.44 21.64
C PHE A 55 -19.42 23.44 22.62
N LEU A 56 -19.69 24.58 23.27
CA LEU A 56 -20.94 24.80 24.00
C LEU A 56 -22.07 25.04 22.98
N PRO A 57 -23.10 24.19 22.90
CA PRO A 57 -24.22 24.41 21.98
C PRO A 57 -24.88 25.78 22.17
N PHE A 58 -25.47 26.30 21.10
CA PHE A 58 -26.17 27.57 21.16
C PHE A 58 -27.47 27.43 21.98
N PHE A 59 -27.86 28.52 22.64
CA PHE A 59 -29.05 28.61 23.47
C PHE A 59 -29.16 27.50 24.53
N SER A 60 -28.04 26.88 24.91
CA SER A 60 -28.01 25.83 25.93
C SER A 60 -28.15 26.43 27.33
N ASN A 61 -28.77 25.66 28.21
CA ASN A 61 -29.25 26.09 29.51
C ASN A 61 -28.15 25.92 30.57
N VAL A 62 -27.37 26.97 30.82
CA VAL A 62 -26.20 26.95 31.72
C VAL A 62 -26.61 27.15 33.17
N THR A 63 -25.95 26.44 34.07
CA THR A 63 -26.21 26.53 35.52
C THR A 63 -25.62 27.83 36.05
N TRP A 64 -26.34 28.55 36.91
CA TRP A 64 -25.95 29.85 37.44
C TRP A 64 -25.68 29.78 38.95
N PHE A 65 -24.51 30.26 39.36
CA PHE A 65 -23.99 30.29 40.73
C PHE A 65 -23.60 31.71 41.13
N HIS A 66 -23.60 32.04 42.41
CA HIS A 66 -23.37 33.42 42.86
C HIS A 66 -22.83 33.53 44.29
N ALA A 67 -22.15 34.64 44.53
CA ALA A 67 -21.88 35.21 45.83
C ALA A 67 -22.77 36.46 46.00
N ILE A 68 -23.45 36.62 47.14
CA ILE A 68 -24.32 37.77 47.45
C ILE A 68 -24.25 38.13 48.94
N HIS A 69 -24.36 39.44 49.24
CA HIS A 69 -24.15 40.06 50.56
C HIS A 69 -22.83 39.64 51.22
N LYS A 77 -24.60 36.32 52.54
CA LYS A 77 -25.88 35.61 52.54
C LYS A 77 -25.84 34.33 51.71
N ARG A 78 -25.16 34.40 50.56
CA ARG A 78 -24.99 33.28 49.62
C ARG A 78 -23.55 33.26 49.09
N PHE A 79 -22.96 32.06 48.97
CA PHE A 79 -21.56 31.88 48.56
C PHE A 79 -21.38 30.40 48.18
N ASP A 80 -21.71 30.01 46.95
CA ASP A 80 -21.71 28.59 46.55
C ASP A 80 -20.54 28.22 45.64
N ASN A 81 -19.78 27.22 46.12
CA ASN A 81 -18.57 26.66 45.52
C ASN A 81 -18.66 25.12 45.40
N PRO A 82 -19.71 24.55 44.77
CA PRO A 82 -19.87 23.10 44.69
C PRO A 82 -18.82 22.41 43.81
N VAL A 83 -18.59 21.12 44.06
CA VAL A 83 -17.93 20.23 43.10
C VAL A 83 -18.91 19.92 41.96
N LEU A 84 -18.48 20.14 40.73
CA LEU A 84 -19.25 20.01 39.50
C LEU A 84 -18.59 18.99 38.57
N PRO A 85 -19.33 18.27 37.72
CA PRO A 85 -18.74 17.44 36.68
C PRO A 85 -17.84 18.24 35.73
N PHE A 86 -16.96 17.55 35.02
CA PHE A 86 -16.12 18.07 33.94
C PHE A 86 -16.24 17.15 32.71
N ASN A 87 -17.45 16.71 32.36
CA ASN A 87 -17.65 15.78 31.26
C ASN A 87 -17.44 16.50 29.91
N ASP A 88 -16.55 15.98 29.05
CA ASP A 88 -16.11 16.55 27.77
C ASP A 88 -15.51 17.98 27.79
N GLY A 89 -15.45 18.63 28.94
CA GLY A 89 -14.90 19.98 29.09
C GLY A 89 -15.97 21.02 29.37
N VAL A 90 -15.51 22.17 29.81
CA VAL A 90 -16.35 23.18 30.46
C VAL A 90 -16.22 24.50 29.73
N TYR A 91 -17.35 25.15 29.51
CA TYR A 91 -17.39 26.59 29.37
C TYR A 91 -17.73 27.16 30.74
N PHE A 92 -16.89 28.06 31.23
CA PHE A 92 -17.07 28.80 32.45
C PHE A 92 -17.11 30.29 32.11
N ALA A 93 -17.94 31.08 32.77
CA ALA A 93 -17.84 32.53 32.71
C ALA A 93 -18.12 33.14 34.07
N SER A 94 -17.40 34.20 34.45
CA SER A 94 -17.77 35.04 35.59
C SER A 94 -18.14 36.44 35.12
N THR A 95 -19.30 36.88 35.57
CA THR A 95 -19.79 38.26 35.45
C THR A 95 -19.52 38.90 36.79
N GLU A 96 -18.68 39.95 36.81
CA GLU A 96 -17.87 40.20 38.00
C GLU A 96 -17.46 41.66 38.26
N LYS A 97 -17.20 41.92 39.53
CA LYS A 97 -16.55 43.11 40.12
C LYS A 97 -15.69 42.64 41.31
N SER A 98 -14.71 43.44 41.71
CA SER A 98 -13.88 43.23 42.92
C SER A 98 -13.03 41.94 43.01
N ASN A 99 -12.78 41.24 41.89
CA ASN A 99 -11.92 40.06 41.78
C ASN A 99 -12.27 38.92 42.77
N ILE A 100 -13.47 38.36 42.69
CA ILE A 100 -14.02 37.37 43.63
C ILE A 100 -13.76 35.92 43.20
N ILE A 101 -13.94 35.57 41.92
CA ILE A 101 -13.55 34.25 41.40
C ILE A 101 -12.02 34.27 41.23
N ARG A 102 -11.32 33.35 41.89
CA ARG A 102 -9.86 33.32 41.84
C ARG A 102 -9.20 32.08 41.23
N GLY A 103 -9.99 31.22 40.61
CA GLY A 103 -9.48 30.00 39.98
C GLY A 103 -10.30 28.77 40.31
N TRP A 104 -9.69 27.59 40.18
CA TRP A 104 -10.36 26.30 40.16
C TRP A 104 -9.45 25.15 40.57
N ILE A 105 -10.09 24.05 40.93
CA ILE A 105 -9.52 22.73 41.21
C ILE A 105 -10.11 21.75 40.22
N PHE A 106 -9.31 20.89 39.60
CA PHE A 106 -9.76 19.86 38.66
C PHE A 106 -9.18 18.49 39.01
N GLY A 107 -9.95 17.42 38.88
CA GLY A 107 -9.44 16.05 39.04
C GLY A 107 -10.56 15.02 39.05
N THR A 108 -10.42 13.97 39.84
CA THR A 108 -11.43 12.92 40.01
C THR A 108 -11.83 12.78 41.48
N THR A 109 -10.97 12.18 42.32
CA THR A 109 -11.23 11.98 43.75
C THR A 109 -11.12 13.28 44.57
N LEU A 110 -10.23 14.20 44.17
CA LEU A 110 -9.92 15.46 44.86
C LEU A 110 -9.37 15.29 46.30
N ASP A 111 -8.79 14.13 46.65
CA ASP A 111 -8.42 13.80 48.05
C ASP A 111 -7.10 13.02 48.23
N SER A 112 -6.13 13.22 47.35
CA SER A 112 -4.77 12.64 47.37
C SER A 112 -4.65 11.12 47.21
N LYS A 113 -5.77 10.39 47.00
CA LYS A 113 -5.75 9.06 46.37
C LYS A 113 -5.30 9.12 44.91
N THR A 114 -5.56 10.24 44.24
CA THR A 114 -5.23 10.53 42.84
C THR A 114 -4.65 11.93 42.70
N GLN A 115 -4.09 12.25 41.54
CA GLN A 115 -3.61 13.60 41.23
C GLN A 115 -4.77 14.59 41.00
N SER A 116 -4.47 15.88 41.05
CA SER A 116 -5.39 16.95 40.67
C SER A 116 -4.63 18.19 40.21
N LEU A 117 -5.24 18.99 39.35
CA LEU A 117 -4.74 20.28 38.89
C LEU A 117 -5.36 21.38 39.75
N LEU A 118 -4.52 22.27 40.26
CA LEU A 118 -4.89 23.49 40.93
C LEU A 118 -4.52 24.67 40.04
N ILE A 119 -5.44 25.60 39.79
CA ILE A 119 -5.13 26.92 39.22
C ILE A 119 -5.66 27.96 40.20
N VAL A 120 -4.81 28.84 40.73
CA VAL A 120 -5.26 29.94 41.60
C VAL A 120 -4.69 31.25 41.13
N ASN A 121 -5.48 32.30 41.15
CA ASN A 121 -5.06 33.68 40.98
C ASN A 121 -5.06 34.33 42.37
N ASN A 122 -4.02 34.10 43.17
CA ASN A 122 -3.89 34.75 44.49
C ASN A 122 -3.66 36.27 44.33
N ALA A 123 -3.53 37.04 45.41
CA ALA A 123 -3.42 38.50 45.31
C ALA A 123 -2.19 39.02 44.53
N THR A 124 -1.17 38.19 44.28
CA THR A 124 0.09 38.59 43.62
C THR A 124 0.54 37.71 42.45
N ASN A 125 0.11 36.44 42.35
CA ASN A 125 0.52 35.52 41.30
C ASN A 125 -0.59 34.55 40.88
N VAL A 126 -0.62 34.20 39.60
CA VAL A 126 -1.26 32.96 39.15
C VAL A 126 -0.32 31.80 39.49
N VAL A 127 -0.81 30.79 40.20
CA VAL A 127 -0.09 29.54 40.50
C VAL A 127 -0.85 28.37 39.89
N ILE A 128 -0.19 27.61 39.03
CA ILE A 128 -0.73 26.42 38.36
C ILE A 128 0.08 25.23 38.83
N LYS A 129 -0.54 24.24 39.45
CA LYS A 129 0.19 23.18 40.16
C LYS A 129 -0.53 21.85 40.06
N VAL A 130 0.18 20.75 39.86
CA VAL A 130 -0.43 19.43 39.72
C VAL A 130 0.20 18.46 40.71
N CYS A 131 -0.53 18.11 41.75
CA CYS A 131 -0.06 17.12 42.72
C CYS A 131 -1.16 16.41 43.46
N GLU A 132 -0.84 15.20 43.94
CA GLU A 132 -1.77 14.55 44.87
C GLU A 132 -2.13 15.50 46.03
N PHE A 133 -3.06 16.43 45.77
CA PHE A 133 -3.59 17.36 46.76
C PHE A 133 -4.63 16.70 47.68
N GLN A 134 -4.59 17.05 48.96
CA GLN A 134 -5.71 16.86 49.89
C GLN A 134 -6.47 18.19 50.05
N PHE A 135 -7.41 18.48 49.14
CA PHE A 135 -8.20 19.72 49.21
C PHE A 135 -9.15 19.76 50.41
N CYS A 136 -9.49 20.98 50.85
CA CYS A 136 -10.53 21.19 51.86
C CYS A 136 -11.92 20.70 51.37
N ASN A 137 -12.87 20.48 52.29
CA ASN A 137 -14.26 20.13 51.96
C ASN A 137 -14.94 21.23 51.11
N ASP A 138 -14.75 22.49 51.49
CA ASP A 138 -15.08 23.67 50.68
C ASP A 138 -13.87 24.62 50.69
N PRO A 139 -13.05 24.63 49.62
CA PRO A 139 -11.87 25.48 49.54
C PRO A 139 -12.21 26.94 49.16
N PHE A 140 -11.47 27.89 49.72
CA PHE A 140 -11.68 29.32 49.51
C PHE A 140 -10.42 30.14 49.83
N LEU A 141 -10.45 31.42 49.45
CA LEU A 141 -9.46 32.43 49.81
C LEU A 141 -10.16 33.53 50.61
N GLY A 142 -9.43 34.30 51.41
CA GLY A 142 -10.03 35.29 52.31
C GLY A 142 -9.27 36.60 52.39
N VAL A 143 -10.03 37.70 52.48
CA VAL A 143 -9.54 39.08 52.48
C VAL A 143 -9.99 39.79 53.76
N TYR A 144 -9.07 40.44 54.47
CA TYR A 144 -9.45 41.40 55.51
C TYR A 144 -9.89 42.71 54.87
N TYR A 145 -11.09 43.14 55.27
CA TYR A 145 -11.91 44.09 54.52
C TYR A 145 -11.83 45.50 55.10
N HIS A 146 -11.33 46.46 54.30
CA HIS A 146 -11.36 47.90 54.61
C HIS A 146 -10.73 48.27 56.00
N LYS A 147 -9.76 47.48 56.48
CA LYS A 147 -9.28 47.53 57.88
C LYS A 147 -8.32 48.69 58.16
N ASN A 148 -8.83 49.75 58.78
CA ASN A 148 -8.15 50.93 59.37
C ASN A 148 -7.28 51.79 58.43
N ASN A 149 -6.36 51.19 57.67
CA ASN A 149 -5.54 51.86 56.66
C ASN A 149 -6.31 52.29 55.38
N LYS A 150 -7.65 52.15 55.38
CA LYS A 150 -8.54 52.22 54.21
C LYS A 150 -8.06 51.33 53.05
N SER A 151 -7.75 50.08 53.36
CA SER A 151 -7.21 49.10 52.41
C SER A 151 -7.72 47.67 52.65
N TRP A 152 -7.56 46.81 51.65
CA TRP A 152 -8.01 45.42 51.64
C TRP A 152 -6.80 44.50 51.39
N MET A 153 -6.71 43.38 52.12
CA MET A 153 -5.51 42.52 52.12
C MET A 153 -5.89 41.04 52.14
N GLU A 154 -5.36 40.25 51.21
CA GLU A 154 -5.55 38.79 51.25
C GLU A 154 -4.73 38.18 52.39
N SER A 155 -5.37 37.35 53.21
CA SER A 155 -4.79 36.79 54.44
C SER A 155 -5.10 35.29 54.64
N GLU A 156 -5.94 34.70 53.80
CA GLU A 156 -6.32 33.29 53.90
C GLU A 156 -6.25 32.59 52.54
N PHE A 157 -5.72 31.36 52.57
CA PHE A 157 -5.52 30.46 51.43
C PHE A 157 -5.92 29.04 51.86
N ARG A 158 -7.21 28.93 52.19
CA ARG A 158 -7.81 27.69 52.66
C ARG A 158 -8.23 26.89 51.46
N VAL A 159 -7.25 26.23 50.85
CA VAL A 159 -7.48 25.43 49.64
C VAL A 159 -7.11 23.95 49.82
N TYR A 160 -5.94 23.63 50.38
CA TYR A 160 -5.51 22.24 50.63
C TYR A 160 -4.75 22.09 51.96
N SER A 161 -4.90 20.91 52.57
CA SER A 161 -4.24 20.50 53.82
C SER A 161 -2.92 19.73 53.60
N SER A 162 -2.68 19.22 52.39
CA SER A 162 -1.41 18.62 51.95
C SER A 162 -1.31 18.65 50.42
N ALA A 163 -0.08 18.57 49.90
CA ALA A 163 0.21 18.47 48.47
C ALA A 163 1.40 17.52 48.27
N ASN A 164 1.10 16.24 48.01
CA ASN A 164 2.08 15.15 48.11
C ASN A 164 2.96 15.01 46.85
N ASN A 165 2.83 13.93 46.06
CA ASN A 165 3.59 13.74 44.82
C ASN A 165 3.19 14.82 43.80
N CYS A 166 4.09 15.76 43.49
CA CYS A 166 3.80 16.89 42.60
C CYS A 166 4.68 16.87 41.33
N THR A 167 4.06 16.89 40.15
CA THR A 167 4.74 16.63 38.86
C THR A 167 4.69 17.76 37.84
N PHE A 168 3.91 18.82 38.09
CA PHE A 168 3.97 20.07 37.32
C PHE A 168 3.83 21.24 38.29
N GLU A 169 4.65 22.27 38.14
CA GLU A 169 4.50 23.54 38.86
C GLU A 169 4.80 24.73 37.93
N TYR A 170 3.97 25.77 37.99
CA TYR A 170 4.16 27.06 37.37
C TYR A 170 3.70 28.15 38.33
N VAL A 171 4.41 29.27 38.39
CA VAL A 171 3.95 30.49 39.05
C VAL A 171 4.22 31.65 38.10
N SER A 172 3.28 32.57 37.94
CA SER A 172 3.46 33.74 37.07
C SER A 172 4.53 34.68 37.63
N GLN A 173 5.09 35.53 36.78
CA GLN A 173 5.74 36.75 37.27
C GLN A 173 4.73 37.56 38.13
N PRO A 174 5.18 38.22 39.20
CA PRO A 174 4.28 38.86 40.16
C PRO A 174 3.60 40.11 39.60
N PHE A 175 2.40 40.36 40.10
CA PHE A 175 1.55 41.51 39.83
C PHE A 175 0.93 42.02 41.13
N LEU A 176 0.24 43.17 41.11
CA LEU A 176 -0.69 43.54 42.17
C LEU A 176 -2.12 43.47 41.64
N MET A 177 -2.98 42.73 42.32
CA MET A 177 -4.42 42.69 42.04
C MET A 177 -5.17 43.53 43.08
N ASP A 178 -6.03 44.45 42.64
CA ASP A 178 -6.87 45.24 43.54
C ASP A 178 -7.97 44.38 44.19
N LEU A 179 -8.16 44.54 45.50
CA LEU A 179 -9.07 43.74 46.33
C LEU A 179 -10.29 44.55 46.81
N GLU A 180 -10.67 45.58 46.05
CA GLU A 180 -11.54 46.68 46.46
C GLU A 180 -12.44 47.18 45.31
N GLY A 181 -13.54 47.83 45.66
CA GLY A 181 -14.53 48.40 44.73
C GLY A 181 -15.96 47.91 45.02
N LYS A 182 -16.94 48.79 44.79
CA LYS A 182 -18.37 48.53 45.01
C LYS A 182 -19.21 49.30 43.99
N GLN A 183 -20.04 48.60 43.21
CA GLN A 183 -20.90 49.15 42.15
C GLN A 183 -22.25 48.41 42.07
N GLY A 184 -23.31 49.08 41.62
CA GLY A 184 -24.66 48.51 41.45
C GLY A 184 -24.83 47.59 40.23
N ASN A 185 -23.78 47.43 39.42
CA ASN A 185 -23.73 46.53 38.26
C ASN A 185 -22.33 45.91 38.14
N PHE A 186 -22.22 44.75 37.49
CA PHE A 186 -20.94 44.12 37.18
C PHE A 186 -20.24 44.81 36.01
N LYS A 187 -18.91 44.79 36.03
CA LYS A 187 -18.05 45.59 35.13
C LYS A 187 -17.22 44.74 34.16
N ASN A 188 -16.93 43.50 34.54
CA ASN A 188 -16.09 42.56 33.80
C ASN A 188 -16.87 41.28 33.47
N LEU A 189 -16.80 40.80 32.23
CA LEU A 189 -17.13 39.42 31.90
C LEU A 189 -15.84 38.71 31.52
N ARG A 190 -15.48 37.65 32.26
CA ARG A 190 -14.32 36.80 31.98
C ARG A 190 -14.80 35.40 31.63
N GLU A 191 -14.57 34.99 30.39
CA GLU A 191 -15.03 33.71 29.85
C GLU A 191 -13.86 32.77 29.60
N PHE A 192 -13.96 31.51 30.01
CA PHE A 192 -12.93 30.49 29.85
C PHE A 192 -13.53 29.22 29.26
N VAL A 193 -12.84 28.57 28.33
CA VAL A 193 -13.16 27.20 27.90
C VAL A 193 -12.01 26.30 28.30
N PHE A 194 -12.32 25.20 28.98
CA PHE A 194 -11.37 24.19 29.44
C PHE A 194 -11.60 22.87 28.71
N LYS A 195 -10.56 22.28 28.12
CA LYS A 195 -10.59 20.93 27.51
C LYS A 195 -9.46 20.07 28.06
N ASN A 196 -9.63 18.77 28.20
CA ASN A 196 -8.59 17.85 28.66
C ASN A 196 -8.45 16.70 27.65
N ILE A 197 -7.48 16.76 26.75
CA ILE A 197 -7.38 15.88 25.57
C ILE A 197 -5.93 15.41 25.34
N ASP A 198 -5.74 14.10 25.16
CA ASP A 198 -4.42 13.47 24.91
C ASP A 198 -3.34 13.90 25.90
N GLY A 199 -3.71 13.99 27.18
CA GLY A 199 -2.82 14.39 28.27
C GLY A 199 -2.62 15.90 28.43
N TYR A 200 -3.17 16.74 27.55
CA TYR A 200 -3.03 18.19 27.61
C TYR A 200 -4.32 18.89 28.05
N PHE A 201 -4.23 19.72 29.09
CA PHE A 201 -5.31 20.60 29.53
C PHE A 201 -5.21 21.95 28.84
N LYS A 202 -6.14 22.24 27.94
CA LYS A 202 -6.18 23.44 27.10
C LYS A 202 -7.14 24.46 27.68
N ILE A 203 -6.68 25.70 27.76
CA ILE A 203 -7.45 26.86 28.19
C ILE A 203 -7.58 27.84 27.02
N TYR A 204 -8.81 28.25 26.73
CA TYR A 204 -9.14 29.41 25.90
C TYR A 204 -9.79 30.45 26.80
N SER A 205 -9.61 31.73 26.53
CA SER A 205 -10.03 32.80 27.44
C SER A 205 -10.42 34.07 26.69
N LYS A 206 -11.33 34.87 27.25
CA LYS A 206 -11.63 36.24 26.82
C LYS A 206 -12.03 37.12 28.01
N HIS A 207 -11.65 38.39 27.97
CA HIS A 207 -12.25 39.45 28.78
C HIS A 207 -13.04 40.38 27.86
N THR A 208 -14.29 40.70 28.21
CA THR A 208 -15.02 41.81 27.60
C THR A 208 -15.63 42.71 28.67
N PRO A 209 -15.46 44.05 28.58
CA PRO A 209 -16.19 45.00 29.43
C PRO A 209 -17.72 44.84 29.33
N ILE A 210 -18.42 45.06 30.44
CA ILE A 210 -19.87 44.97 30.57
C ILE A 210 -20.41 46.08 31.49
N ASN A 211 -21.72 46.30 31.46
CA ASN A 211 -22.44 47.13 32.42
C ASN A 211 -23.85 46.56 32.64
N LEU A 212 -23.98 45.54 33.50
CA LEU A 212 -25.24 44.84 33.73
C LEU A 212 -25.42 44.38 35.18
N VAL A 213 -26.66 44.37 35.64
CA VAL A 213 -26.95 44.04 37.04
C VAL A 213 -26.90 42.56 37.37
N ARG A 214 -27.51 41.76 36.52
CA ARG A 214 -27.51 40.32 36.70
C ARG A 214 -27.75 39.64 35.37
N ASP A 215 -27.47 38.35 35.34
CA ASP A 215 -27.63 37.42 34.20
C ASP A 215 -26.66 37.57 33.02
N LEU A 216 -26.10 36.44 32.64
CA LEU A 216 -25.14 36.25 31.53
C LEU A 216 -25.63 37.02 30.29
N PRO A 217 -24.86 37.97 29.73
CA PRO A 217 -25.37 38.86 28.68
C PRO A 217 -25.56 38.15 27.34
N GLN A 218 -26.60 38.52 26.60
CA GLN A 218 -26.76 38.17 25.20
C GLN A 218 -25.64 38.81 24.36
N GLY A 219 -25.03 38.04 23.45
CA GLY A 219 -23.98 38.53 22.55
C GLY A 219 -23.04 37.45 22.03
N PHE A 220 -22.04 37.87 21.26
CA PHE A 220 -21.02 37.01 20.67
C PHE A 220 -19.62 37.62 20.84
N SER A 221 -18.66 36.83 21.30
CA SER A 221 -17.22 37.05 21.07
C SER A 221 -16.49 35.72 21.10
N ALA A 222 -15.39 35.58 20.38
CA ALA A 222 -14.61 34.35 20.34
C ALA A 222 -13.45 34.39 21.36
N LEU A 223 -13.26 33.29 22.09
CA LEU A 223 -12.15 33.12 23.04
C LEU A 223 -10.85 32.78 22.31
N GLU A 224 -9.77 33.53 22.57
CA GLU A 224 -8.45 33.18 22.07
C GLU A 224 -7.82 32.06 22.92
N PRO A 225 -6.96 31.19 22.35
CA PRO A 225 -6.20 30.23 23.15
C PRO A 225 -5.28 30.97 24.13
N LEU A 226 -5.25 30.52 25.38
CA LEU A 226 -4.47 31.11 26.46
C LEU A 226 -3.20 30.31 26.76
N VAL A 227 -3.37 29.03 27.11
CA VAL A 227 -2.28 28.14 27.53
C VAL A 227 -2.67 26.68 27.32
N ASP A 228 -1.69 25.80 27.31
CA ASP A 228 -1.84 24.38 26.97
C ASP A 228 -0.90 23.55 27.86
N LEU A 229 -1.45 23.01 28.96
CA LEU A 229 -0.69 22.45 30.08
C LEU A 229 -0.51 20.93 29.92
N PRO A 230 0.72 20.38 29.96
CA PRO A 230 1.03 18.97 29.68
C PRO A 230 0.83 18.04 30.90
N ILE A 231 -0.28 18.20 31.63
CA ILE A 231 -0.45 17.69 32.99
C ILE A 231 -0.58 16.17 33.12
N GLY A 232 -1.10 15.49 32.09
CA GLY A 232 -1.19 14.02 32.03
C GLY A 232 -2.14 13.36 33.04
N ILE A 233 -3.19 14.05 33.52
CA ILE A 233 -4.11 13.54 34.56
C ILE A 233 -5.53 13.33 34.02
N ASN A 234 -6.24 12.37 34.63
CA ASN A 234 -7.68 12.19 34.48
C ASN A 234 -8.44 13.34 35.16
N ILE A 235 -9.52 13.83 34.55
CA ILE A 235 -10.38 14.88 35.11
C ILE A 235 -11.84 14.53 34.80
N THR A 236 -12.62 14.21 35.83
CA THR A 236 -14.08 14.00 35.76
C THR A 236 -14.86 15.05 36.54
N ARG A 237 -14.18 15.81 37.39
CA ARG A 237 -14.82 16.85 38.19
C ARG A 237 -13.93 18.07 38.45
N PHE A 238 -14.58 19.19 38.79
CA PHE A 238 -13.91 20.44 39.10
C PHE A 238 -14.67 21.24 40.17
N GLN A 239 -14.04 22.26 40.75
CA GLN A 239 -14.62 23.14 41.76
C GLN A 239 -14.01 24.53 41.63
N THR A 240 -14.76 25.61 41.84
CA THR A 240 -14.19 26.97 41.79
C THR A 240 -13.79 27.49 43.17
N LEU A 241 -12.86 28.45 43.17
CA LEU A 241 -12.33 29.13 44.35
C LEU A 241 -12.89 30.56 44.39
N LEU A 242 -13.53 30.96 45.48
CA LEU A 242 -13.98 32.34 45.71
C LEU A 242 -13.16 32.99 46.84
N ALA A 243 -13.05 34.32 46.79
CA ALA A 243 -12.57 35.14 47.89
C ALA A 243 -13.70 35.65 48.79
N LEU A 244 -13.62 35.46 50.11
CA LEU A 244 -14.56 36.03 51.10
C LEU A 244 -14.56 37.57 51.09
N SER A 254 -15.43 32.73 65.26
CA SER A 254 -14.74 33.70 64.41
C SER A 254 -14.36 33.14 63.03
N SER A 255 -14.33 31.81 62.87
CA SER A 255 -14.11 31.10 61.60
C SER A 255 -15.41 30.84 60.80
N SER A 256 -16.53 31.43 61.24
CA SER A 256 -17.79 31.57 60.49
C SER A 256 -18.48 32.87 60.90
N GLY A 257 -19.41 33.37 60.06
CA GLY A 257 -19.82 34.77 60.07
C GLY A 257 -18.81 35.63 59.30
N TRP A 258 -19.18 35.99 58.07
CA TRP A 258 -18.34 36.65 57.06
C TRP A 258 -19.22 37.31 56.00
N THR A 259 -18.64 38.22 55.21
CA THR A 259 -19.31 38.87 54.07
C THR A 259 -18.81 38.28 52.75
N ALA A 260 -19.72 37.89 51.87
CA ALA A 260 -19.41 37.51 50.50
C ALA A 260 -19.47 38.74 49.56
N GLY A 261 -18.38 39.06 48.88
CA GLY A 261 -18.41 40.10 47.83
C GLY A 261 -19.18 39.61 46.61
N ALA A 262 -20.05 40.44 46.05
CA ALA A 262 -20.98 39.98 45.01
C ALA A 262 -20.28 39.64 43.69
N ALA A 263 -20.59 38.47 43.12
CA ALA A 263 -20.08 37.98 41.84
C ALA A 263 -20.90 36.78 41.34
N ALA A 264 -21.16 36.71 40.04
CA ALA A 264 -21.92 35.64 39.41
C ALA A 264 -21.02 34.79 38.54
N TYR A 265 -21.23 33.48 38.51
CA TYR A 265 -20.58 32.61 37.53
C TYR A 265 -21.53 31.57 36.93
N TYR A 266 -21.21 31.14 35.73
CA TYR A 266 -22.04 30.33 34.86
C TYR A 266 -21.23 29.14 34.35
N VAL A 267 -21.81 27.95 34.32
CA VAL A 267 -21.13 26.74 33.86
C VAL A 267 -21.98 26.01 32.83
N GLY A 268 -21.41 25.75 31.67
CA GLY A 268 -21.98 24.93 30.60
C GLY A 268 -21.01 23.85 30.15
N TYR A 269 -21.54 22.81 29.52
CA TYR A 269 -20.68 21.72 29.08
C TYR A 269 -20.54 21.58 27.58
N LEU A 270 -19.30 21.51 27.13
CA LEU A 270 -18.94 21.30 25.73
C LEU A 270 -19.39 19.91 25.29
N GLN A 271 -19.72 19.76 24.02
CA GLN A 271 -20.02 18.48 23.40
C GLN A 271 -19.65 18.53 21.92
N PRO A 272 -19.35 17.40 21.27
CA PRO A 272 -18.81 17.43 19.92
C PRO A 272 -19.91 17.83 18.92
N ARG A 273 -19.66 18.91 18.17
CA ARG A 273 -20.61 19.40 17.15
C ARG A 273 -19.99 20.39 16.13
N THR A 274 -20.49 20.35 14.89
CA THR A 274 -20.04 21.24 13.82
C THR A 274 -20.54 22.66 14.03
N PHE A 275 -19.65 23.64 13.90
CA PHE A 275 -19.96 25.06 13.81
C PHE A 275 -19.44 25.60 12.49
N LEU A 276 -20.14 26.56 11.90
CA LEU A 276 -19.69 27.33 10.74
C LEU A 276 -19.36 28.74 11.21
N LEU A 277 -18.10 29.16 11.12
CA LEU A 277 -17.55 30.36 11.73
C LEU A 277 -17.31 31.46 10.69
N LYS A 278 -17.87 32.66 10.90
CA LYS A 278 -17.67 33.81 10.02
C LYS A 278 -16.48 34.63 10.48
N TYR A 279 -15.35 34.46 9.81
CA TYR A 279 -14.20 35.33 9.95
C TYR A 279 -14.42 36.61 9.14
N ASN A 280 -14.43 37.78 9.80
CA ASN A 280 -14.54 39.06 9.10
C ASN A 280 -13.27 39.38 8.30
N GLU A 281 -13.24 40.50 7.59
CA GLU A 281 -12.09 40.91 6.78
C GLU A 281 -10.81 41.17 7.58
N ASN A 282 -10.92 41.47 8.88
CA ASN A 282 -9.80 41.58 9.81
C ASN A 282 -9.35 40.23 10.38
N GLY A 283 -10.07 39.15 10.08
CA GLY A 283 -9.75 37.79 10.51
C GLY A 283 -10.14 37.44 11.94
N THR A 284 -11.19 38.08 12.46
CA THR A 284 -11.80 37.73 13.75
C THR A 284 -13.10 36.97 13.51
N ILE A 285 -13.34 35.92 14.30
CA ILE A 285 -14.65 35.24 14.27
C ILE A 285 -15.68 36.20 14.85
N THR A 286 -16.56 36.72 13.99
CA THR A 286 -17.60 37.70 14.32
C THR A 286 -18.98 37.07 14.50
N ASP A 287 -19.18 35.87 13.97
CA ASP A 287 -20.45 35.15 14.09
C ASP A 287 -20.22 33.65 13.90
N ALA A 288 -21.18 32.83 14.31
CA ALA A 288 -21.19 31.42 14.00
C ALA A 288 -22.61 30.90 13.80
N VAL A 289 -22.75 29.78 13.08
CA VAL A 289 -23.94 28.94 13.05
C VAL A 289 -23.62 27.63 13.76
N ASP A 290 -24.41 27.26 14.77
CA ASP A 290 -24.41 25.92 15.34
C ASP A 290 -25.22 24.98 14.44
N CYS A 291 -24.56 24.14 13.64
CA CYS A 291 -25.20 23.34 12.60
C CYS A 291 -26.15 22.23 13.12
N ALA A 292 -26.32 22.07 14.43
CA ALA A 292 -27.16 21.05 15.06
C ALA A 292 -28.28 21.64 15.93
N LEU A 293 -28.38 22.96 16.02
CA LEU A 293 -29.34 23.68 16.85
C LEU A 293 -30.79 23.45 16.42
N ASP A 294 -31.10 23.69 15.15
CA ASP A 294 -32.43 23.64 14.56
C ASP A 294 -32.32 23.42 13.03
N PRO A 295 -33.41 23.08 12.32
CA PRO A 295 -33.36 22.79 10.88
C PRO A 295 -32.90 23.97 10.02
N LEU A 296 -33.13 25.21 10.44
CA LEU A 296 -32.62 26.38 9.71
C LEU A 296 -31.11 26.52 9.84
N SER A 297 -30.54 26.26 11.01
CA SER A 297 -29.09 26.27 11.24
C SER A 297 -28.39 25.15 10.47
N GLU A 298 -29.00 23.97 10.39
CA GLU A 298 -28.49 22.92 9.49
C GLU A 298 -28.57 23.32 8.00
N THR A 299 -29.62 24.04 7.60
CA THR A 299 -29.74 24.54 6.23
C THR A 299 -28.65 25.56 5.91
N LYS A 300 -28.39 26.51 6.81
CA LYS A 300 -27.29 27.47 6.72
C LYS A 300 -25.93 26.80 6.58
N CYS A 301 -25.64 25.75 7.34
CA CYS A 301 -24.39 25.00 7.19
C CYS A 301 -24.31 24.19 5.89
N THR A 302 -25.40 23.55 5.46
CA THR A 302 -25.43 22.74 4.23
C THR A 302 -25.25 23.59 2.97
N LEU A 303 -25.73 24.83 2.99
CA LEU A 303 -25.52 25.84 1.96
C LEU A 303 -24.23 26.68 2.15
N LYS A 304 -23.50 26.47 3.26
CA LYS A 304 -22.33 27.25 3.70
C LYS A 304 -22.61 28.76 3.64
N SER A 305 -23.75 29.20 4.18
CA SER A 305 -24.19 30.60 4.11
C SER A 305 -25.00 31.01 5.33
N PHE A 306 -24.83 32.23 5.83
CA PHE A 306 -25.61 32.75 6.96
C PHE A 306 -27.01 33.27 6.54
N THR A 307 -27.27 33.40 5.24
CA THR A 307 -28.57 33.74 4.65
C THR A 307 -29.03 32.66 3.68
N VAL A 308 -30.34 32.39 3.65
CA VAL A 308 -30.97 31.31 2.87
C VAL A 308 -32.12 31.90 2.04
N GLU A 309 -32.19 31.53 0.76
CA GLU A 309 -33.29 31.94 -0.13
C GLU A 309 -34.58 31.15 0.12
N LYS A 310 -35.73 31.64 -0.34
CA LYS A 310 -36.96 30.84 -0.42
C LYS A 310 -36.72 29.53 -1.19
N GLY A 311 -37.14 28.41 -0.61
CA GLY A 311 -36.95 27.10 -1.23
C GLY A 311 -37.20 25.93 -0.29
N ILE A 312 -36.94 24.74 -0.81
CA ILE A 312 -36.88 23.48 -0.09
C ILE A 312 -35.49 22.88 -0.31
N TYR A 313 -34.81 22.51 0.76
CA TYR A 313 -33.39 22.16 0.76
C TYR A 313 -33.16 20.79 1.36
N GLN A 314 -32.43 19.94 0.66
CA GLN A 314 -32.01 18.65 1.18
C GLN A 314 -30.97 18.83 2.29
N THR A 315 -31.25 18.27 3.47
CA THR A 315 -30.35 18.24 4.63
C THR A 315 -30.06 16.79 5.05
N SER A 316 -29.37 16.55 6.16
CA SER A 316 -28.88 15.21 6.51
C SER A 316 -30.01 14.21 6.67
N ASN A 317 -29.86 13.03 6.06
CA ASN A 317 -30.82 11.94 6.21
C ASN A 317 -30.90 11.49 7.68
N PHE A 318 -32.11 11.33 8.21
CA PHE A 318 -32.31 10.90 9.59
C PHE A 318 -32.10 9.38 9.77
N ARG A 319 -32.08 8.95 11.02
CA ARG A 319 -31.83 7.58 11.36
C ARG A 319 -32.12 7.25 12.79
N VAL A 320 -33.03 6.33 13.03
CA VAL A 320 -33.30 5.80 14.38
C VAL A 320 -32.07 5.04 14.86
N GLN A 321 -31.47 5.48 15.97
CA GLN A 321 -30.28 4.86 16.53
C GLN A 321 -30.64 3.65 17.42
N PRO A 322 -29.74 2.68 17.62
CA PRO A 322 -29.99 1.49 18.42
C PRO A 322 -30.23 1.82 19.90
N THR A 323 -31.22 1.16 20.50
CA THR A 323 -31.62 1.37 21.89
C THR A 323 -30.71 0.62 22.88
N GLU A 324 -30.30 -0.60 22.54
CA GLU A 324 -29.39 -1.45 23.32
C GLU A 324 -28.60 -2.40 22.41
N SER A 325 -27.58 -3.06 22.97
CA SER A 325 -26.77 -4.07 22.30
C SER A 325 -27.24 -5.48 22.69
N ILE A 326 -27.38 -6.34 21.69
CA ILE A 326 -27.82 -7.74 21.81
C ILE A 326 -26.66 -8.62 21.36
N VAL A 327 -26.19 -9.53 22.21
CA VAL A 327 -25.16 -10.53 21.86
C VAL A 327 -25.78 -11.92 21.91
N ARG A 328 -25.62 -12.72 20.87
CA ARG A 328 -26.15 -14.08 20.78
C ARG A 328 -25.05 -15.03 20.33
N PHE A 329 -24.57 -15.84 21.25
CA PHE A 329 -23.56 -16.88 21.07
C PHE A 329 -24.17 -18.22 21.54
N PRO A 330 -23.70 -19.38 21.07
CA PRO A 330 -24.16 -20.68 21.56
C PRO A 330 -23.93 -20.84 23.09
N ASN A 331 -24.80 -21.52 23.81
CA ASN A 331 -24.62 -21.80 25.27
C ASN A 331 -23.60 -22.92 25.56
N ILE A 332 -22.50 -22.94 24.79
CA ILE A 332 -21.29 -23.71 25.07
C ILE A 332 -20.51 -23.01 26.21
N THR A 333 -20.03 -23.77 27.19
CA THR A 333 -19.39 -23.22 28.41
C THR A 333 -18.01 -23.82 28.71
N ASN A 334 -17.76 -25.08 28.36
CA ASN A 334 -16.51 -25.77 28.65
C ASN A 334 -15.31 -25.16 27.89
N LEU A 335 -14.19 -24.95 28.57
CA LEU A 335 -13.01 -24.35 27.93
C LEU A 335 -12.36 -25.31 26.93
N CYS A 336 -11.70 -24.77 25.91
CA CYS A 336 -11.06 -25.56 24.87
C CYS A 336 -9.72 -26.17 25.32
N PRO A 337 -9.41 -27.43 24.97
CA PRO A 337 -8.20 -28.13 25.40
C PRO A 337 -6.94 -27.69 24.62
N PHE A 338 -6.41 -26.52 24.94
CA PHE A 338 -5.16 -26.01 24.36
C PHE A 338 -3.88 -26.45 25.07
N GLY A 339 -3.93 -26.87 26.34
CA GLY A 339 -2.74 -27.39 27.02
C GLY A 339 -2.21 -28.67 26.37
N GLU A 340 -3.14 -29.55 26.00
CA GLU A 340 -2.96 -30.77 25.21
C GLU A 340 -2.41 -30.53 23.80
N VAL A 341 -2.35 -29.28 23.35
CA VAL A 341 -1.73 -28.85 22.09
C VAL A 341 -0.37 -28.20 22.35
N PHE A 342 -0.33 -27.12 23.14
CA PHE A 342 0.88 -26.29 23.26
C PHE A 342 1.93 -26.84 24.24
N ASN A 343 1.51 -27.57 25.27
CA ASN A 343 2.38 -28.07 26.34
C ASN A 343 2.55 -29.59 26.32
N ALA A 344 1.93 -30.32 25.39
CA ALA A 344 2.07 -31.77 25.29
C ALA A 344 3.55 -32.19 25.15
N THR A 345 3.98 -33.26 25.83
CA THR A 345 5.41 -33.60 26.00
C THR A 345 6.13 -33.78 24.67
N ARG A 346 5.47 -34.42 23.72
CA ARG A 346 6.03 -34.85 22.44
C ARG A 346 5.21 -34.30 21.29
N PHE A 347 5.88 -33.58 20.39
CA PHE A 347 5.28 -33.09 19.16
C PHE A 347 5.48 -34.11 18.04
N ALA A 348 4.69 -33.99 16.98
CA ALA A 348 4.94 -34.72 15.74
C ALA A 348 6.12 -34.11 14.99
N SER A 349 6.70 -34.91 14.09
CA SER A 349 7.74 -34.48 13.16
C SER A 349 7.14 -33.73 11.96
N VAL A 350 7.82 -32.75 11.36
CA VAL A 350 7.20 -31.91 10.32
C VAL A 350 6.79 -32.67 9.05
N TYR A 351 7.48 -33.75 8.68
CA TYR A 351 7.06 -34.59 7.55
C TYR A 351 5.71 -35.28 7.77
N ALA A 352 5.35 -35.57 9.02
CA ALA A 352 4.12 -36.26 9.43
C ALA A 352 3.38 -35.45 10.50
N TRP A 353 3.28 -34.14 10.29
CA TRP A 353 2.64 -33.18 11.18
C TRP A 353 1.25 -33.64 11.62
N ASN A 354 0.96 -33.56 12.92
CA ASN A 354 -0.31 -33.96 13.50
C ASN A 354 -1.38 -32.88 13.30
N ARG A 355 -2.66 -33.26 13.18
CA ARG A 355 -3.83 -32.38 13.18
C ARG A 355 -4.82 -32.79 14.26
N LYS A 356 -5.18 -31.87 15.15
CA LYS A 356 -6.22 -32.04 16.16
C LYS A 356 -7.47 -31.20 15.79
N ARG A 357 -8.64 -31.78 16.00
CA ARG A 357 -9.90 -31.09 15.77
C ARG A 357 -10.30 -30.32 17.05
N ILE A 358 -10.64 -29.05 16.88
CA ILE A 358 -11.03 -28.15 17.97
C ILE A 358 -12.52 -27.83 17.78
N SER A 359 -13.39 -28.20 18.72
CA SER A 359 -14.85 -28.21 18.52
C SER A 359 -15.63 -28.09 19.84
N ASN A 360 -16.87 -27.59 19.80
CA ASN A 360 -17.81 -27.54 20.93
C ASN A 360 -17.18 -27.02 22.25
N CYS A 361 -16.50 -25.87 22.18
CA CYS A 361 -15.73 -25.31 23.30
C CYS A 361 -15.68 -23.78 23.29
N VAL A 362 -15.41 -23.19 24.46
CA VAL A 362 -15.00 -21.79 24.59
C VAL A 362 -13.48 -21.71 24.51
N ALA A 363 -12.96 -21.16 23.42
CA ALA A 363 -11.56 -20.79 23.31
C ALA A 363 -11.32 -19.48 24.06
N ASP A 364 -10.14 -19.27 24.64
CA ASP A 364 -9.69 -17.93 25.03
C ASP A 364 -8.35 -17.66 24.34
N TYR A 365 -8.34 -16.63 23.51
CA TYR A 365 -7.19 -16.22 22.72
C TYR A 365 -6.41 -15.09 23.39
N SER A 366 -6.95 -14.42 24.40
CA SER A 366 -6.16 -13.53 25.26
C SER A 366 -5.18 -14.36 26.11
N VAL A 367 -5.64 -15.49 26.65
CA VAL A 367 -4.83 -16.44 27.43
C VAL A 367 -3.64 -16.97 26.63
N LEU A 368 -3.80 -17.23 25.33
CA LEU A 368 -2.70 -17.55 24.44
C LEU A 368 -1.89 -16.31 24.03
N TYR A 369 -2.51 -15.30 23.42
CA TYR A 369 -1.79 -14.23 22.72
C TYR A 369 -1.02 -13.29 23.66
N ASN A 370 -1.54 -13.04 24.86
CA ASN A 370 -0.86 -12.23 25.88
C ASN A 370 0.34 -12.95 26.51
N SER A 371 0.57 -14.25 26.27
CA SER A 371 1.74 -14.94 26.79
C SER A 371 3.05 -14.37 26.23
N ALA A 372 4.07 -14.25 27.09
CA ALA A 372 5.44 -13.88 26.73
C ALA A 372 6.24 -15.04 26.07
N SER A 373 5.69 -16.26 26.08
CA SER A 373 6.41 -17.48 25.66
C SER A 373 6.57 -17.65 24.14
N PHE A 374 5.83 -16.91 23.31
CA PHE A 374 5.79 -17.13 21.85
C PHE A 374 6.66 -16.12 21.07
N SER A 375 7.61 -16.64 20.29
CA SER A 375 8.49 -15.85 19.41
C SER A 375 7.77 -15.36 18.14
N THR A 376 6.74 -16.09 17.73
CA THR A 376 5.89 -15.82 16.56
C THR A 376 4.45 -16.13 16.96
N PHE A 377 3.53 -15.25 16.59
CA PHE A 377 2.08 -15.41 16.76
C PHE A 377 1.40 -14.57 15.67
N LYS A 378 1.47 -15.06 14.43
CA LYS A 378 1.32 -14.28 13.19
C LYS A 378 0.04 -14.69 12.47
N CYS A 379 -0.83 -13.74 12.14
CA CYS A 379 -2.20 -14.01 11.69
C CYS A 379 -2.47 -13.53 10.26
N TYR A 380 -3.39 -14.22 9.57
CA TYR A 380 -3.55 -14.12 8.11
C TYR A 380 -4.97 -13.81 7.60
N GLY A 381 -5.90 -13.40 8.47
CA GLY A 381 -7.25 -12.97 8.05
C GLY A 381 -8.13 -12.45 9.18
N VAL A 382 -7.51 -12.13 10.30
CA VAL A 382 -8.08 -11.72 11.57
C VAL A 382 -6.92 -11.17 12.40
N SER A 383 -7.12 -10.08 13.12
CA SER A 383 -6.12 -9.57 14.05
C SER A 383 -6.17 -10.38 15.36
N PRO A 384 -5.04 -10.71 16.00
CA PRO A 384 -5.05 -11.57 17.18
C PRO A 384 -5.83 -10.94 18.37
N THR A 385 -5.96 -9.61 18.41
CA THR A 385 -6.78 -8.88 19.38
C THR A 385 -8.28 -9.21 19.26
N LYS A 386 -8.77 -9.43 18.04
CA LYS A 386 -10.19 -9.67 17.72
C LYS A 386 -10.64 -11.11 17.92
N LEU A 387 -9.74 -12.07 18.08
CA LEU A 387 -10.09 -13.49 18.18
C LEU A 387 -11.11 -13.82 19.29
N ASN A 388 -11.14 -13.04 20.37
CA ASN A 388 -12.09 -13.22 21.47
C ASN A 388 -13.53 -12.73 21.19
N ASP A 389 -13.73 -11.92 20.13
CA ASP A 389 -15.04 -11.35 19.76
C ASP A 389 -15.77 -12.14 18.66
N LEU A 390 -15.21 -13.30 18.28
CA LEU A 390 -15.61 -14.11 17.13
C LEU A 390 -16.04 -15.51 17.55
N CYS A 391 -16.88 -16.13 16.73
CA CYS A 391 -17.13 -17.56 16.77
C CYS A 391 -16.71 -18.20 15.43
N PHE A 392 -16.24 -19.44 15.49
CA PHE A 392 -15.44 -20.12 14.46
C PHE A 392 -16.13 -21.41 13.99
N THR A 393 -16.20 -21.60 12.68
CA THR A 393 -17.07 -22.58 12.01
C THR A 393 -16.64 -24.01 12.32
N ASN A 394 -15.40 -24.31 11.96
CA ASN A 394 -14.63 -25.48 12.33
C ASN A 394 -13.21 -25.00 12.59
N VAL A 395 -12.51 -25.65 13.51
CA VAL A 395 -11.16 -25.25 13.94
C VAL A 395 -10.26 -26.47 13.98
N TYR A 396 -9.04 -26.33 13.51
CA TYR A 396 -8.00 -27.34 13.61
C TYR A 396 -6.74 -26.70 14.16
N ALA A 397 -5.98 -27.49 14.92
CA ALA A 397 -4.63 -27.17 15.33
C ALA A 397 -3.66 -28.18 14.69
N ASP A 398 -2.69 -27.70 13.92
CA ASP A 398 -1.63 -28.51 13.32
C ASP A 398 -0.35 -28.35 14.15
N SER A 399 0.24 -29.43 14.67
CA SER A 399 1.39 -29.42 15.59
C SER A 399 2.62 -30.12 15.01
N PHE A 400 3.78 -29.46 15.01
CA PHE A 400 5.05 -30.03 14.51
C PHE A 400 6.31 -29.29 14.99
N VAL A 401 7.50 -29.89 14.80
CA VAL A 401 8.84 -29.30 15.09
C VAL A 401 9.70 -29.14 13.83
N ILE A 402 10.43 -28.03 13.76
CA ILE A 402 11.40 -27.63 12.72
C ILE A 402 12.62 -26.95 13.35
N ARG A 403 13.66 -26.71 12.58
CA ARG A 403 14.80 -25.94 13.07
C ARG A 403 14.39 -24.49 12.97
N GLY A 404 14.94 -23.64 13.83
CA GLY A 404 14.47 -22.25 13.96
C GLY A 404 14.64 -21.32 12.76
N ASP A 405 15.59 -21.57 11.85
CA ASP A 405 15.70 -20.81 10.59
C ASP A 405 14.48 -21.05 9.66
N GLU A 406 13.83 -22.20 9.78
CA GLU A 406 12.78 -22.67 8.87
C GLU A 406 11.39 -22.20 9.29
N VAL A 407 11.22 -21.53 10.44
CA VAL A 407 9.93 -20.93 10.85
C VAL A 407 9.43 -19.89 9.85
N ARG A 408 10.33 -19.39 9.02
CA ARG A 408 9.96 -18.46 7.96
C ARG A 408 9.19 -19.19 6.85
N GLN A 409 9.47 -20.48 6.64
CA GLN A 409 8.81 -21.29 5.60
C GLN A 409 7.33 -21.59 5.93
N ILE A 410 6.90 -21.40 7.18
CA ILE A 410 5.52 -21.70 7.60
C ILE A 410 4.54 -20.56 7.22
N ALA A 411 5.03 -19.39 6.82
CA ALA A 411 4.17 -18.37 6.21
C ALA A 411 3.59 -18.83 4.85
N PRO A 412 2.34 -18.49 4.49
CA PRO A 412 1.73 -18.87 3.23
C PRO A 412 2.46 -18.25 2.02
N GLY A 413 2.53 -19.01 0.94
CA GLY A 413 3.22 -18.61 -0.30
C GLY A 413 4.75 -18.74 -0.31
N GLN A 414 5.37 -19.15 0.79
CA GLN A 414 6.82 -19.38 0.88
C GLN A 414 7.30 -20.64 0.13
N THR A 415 8.62 -20.80 0.04
CA THR A 415 9.30 -21.88 -0.70
C THR A 415 10.59 -22.32 -0.01
N GLY A 416 10.95 -23.59 -0.20
CA GLY A 416 12.03 -24.28 0.52
C GLY A 416 11.61 -25.71 0.88
N LYS A 417 12.54 -26.54 1.38
CA LYS A 417 12.25 -27.97 1.62
C LYS A 417 11.12 -28.25 2.62
N ILE A 418 10.79 -27.32 3.51
CA ILE A 418 9.60 -27.41 4.37
C ILE A 418 8.34 -26.99 3.62
N ALA A 419 8.35 -25.78 3.05
CA ALA A 419 7.22 -25.23 2.32
C ALA A 419 6.85 -26.00 1.05
N ASP A 420 7.74 -26.83 0.50
CA ASP A 420 7.49 -27.56 -0.75
C ASP A 420 7.41 -29.09 -0.59
N TYR A 421 8.05 -29.71 0.40
CA TYR A 421 8.05 -31.19 0.54
C TYR A 421 7.38 -31.75 1.81
N ASN A 422 6.96 -30.93 2.78
CA ASN A 422 6.31 -31.49 3.98
C ASN A 422 5.19 -30.66 4.62
N TYR A 423 5.21 -29.32 4.60
CA TYR A 423 4.10 -28.51 5.12
C TYR A 423 3.92 -27.16 4.39
N LYS A 424 2.92 -27.11 3.49
CA LYS A 424 2.52 -25.90 2.75
C LYS A 424 1.20 -25.34 3.29
N LEU A 425 1.17 -24.06 3.66
CA LEU A 425 -0.09 -23.33 3.87
C LEU A 425 -0.66 -22.80 2.55
N PRO A 426 -1.99 -22.77 2.38
CA PRO A 426 -2.61 -22.26 1.16
C PRO A 426 -2.35 -20.76 0.97
N ASP A 427 -2.35 -20.30 -0.27
CA ASP A 427 -2.06 -18.91 -0.62
C ASP A 427 -3.03 -17.92 0.04
N ASP A 428 -4.28 -18.34 0.23
CA ASP A 428 -5.34 -17.60 0.90
C ASP A 428 -5.65 -18.18 2.30
N PHE A 429 -4.64 -18.75 2.98
CA PHE A 429 -4.75 -19.18 4.38
C PHE A 429 -5.36 -18.10 5.28
N THR A 430 -6.32 -18.49 6.12
CA THR A 430 -6.88 -17.69 7.22
C THR A 430 -6.68 -18.46 8.52
N GLY A 431 -6.06 -17.85 9.52
CA GLY A 431 -5.57 -18.56 10.68
C GLY A 431 -4.34 -17.91 11.31
N CYS A 432 -3.71 -18.61 12.25
CA CYS A 432 -2.57 -18.16 13.05
C CYS A 432 -1.40 -19.14 12.94
N VAL A 433 -0.18 -18.65 12.73
CA VAL A 433 1.05 -19.43 12.89
C VAL A 433 1.71 -19.00 14.20
N ILE A 434 1.88 -19.94 15.12
CA ILE A 434 2.34 -19.71 16.49
C ILE A 434 3.61 -20.56 16.71
N ALA A 435 4.73 -19.97 17.11
CA ALA A 435 5.97 -20.72 17.24
C ALA A 435 6.90 -20.21 18.35
N TRP A 436 7.65 -21.13 18.97
CA TRP A 436 8.58 -20.83 20.05
C TRP A 436 9.77 -21.79 20.07
N ASN A 437 10.89 -21.34 20.63
CA ASN A 437 12.11 -22.15 20.79
C ASN A 437 11.87 -23.26 21.84
N SER A 438 12.17 -24.52 21.49
CA SER A 438 12.07 -25.70 22.36
C SER A 438 13.42 -26.37 22.63
N ASN A 439 14.50 -25.60 22.66
CA ASN A 439 15.83 -26.12 23.01
C ASN A 439 15.89 -26.74 24.43
N ASN A 440 14.93 -26.44 25.30
CA ASN A 440 14.73 -27.10 26.61
C ASN A 440 13.90 -28.40 26.57
N LEU A 441 13.11 -28.67 25.51
CA LEU A 441 12.20 -29.83 25.40
C LEU A 441 12.60 -30.83 24.32
N ASP A 442 13.26 -30.39 23.25
CA ASP A 442 13.50 -31.19 22.04
C ASP A 442 14.99 -31.43 21.73
N SER A 443 15.92 -30.65 22.31
CA SER A 443 17.38 -30.89 22.17
C SER A 443 17.93 -31.82 23.24
N LYS A 444 18.91 -32.67 22.88
CA LYS A 444 19.60 -33.61 23.79
C LYS A 444 21.10 -33.41 23.74
N VAL A 445 21.83 -33.55 24.85
CA VAL A 445 23.31 -33.37 24.84
C VAL A 445 24.05 -34.35 23.92
N GLY A 446 23.51 -35.55 23.69
CA GLY A 446 23.99 -36.51 22.68
C GLY A 446 23.40 -36.34 21.28
N GLY A 447 22.64 -35.26 21.04
CA GLY A 447 21.77 -35.06 19.88
C GLY A 447 20.46 -35.83 19.96
N ASN A 448 19.34 -35.17 19.66
CA ASN A 448 18.05 -35.82 19.46
C ASN A 448 17.77 -35.94 17.95
N TYR A 449 17.50 -37.16 17.50
CA TYR A 449 17.28 -37.53 16.09
C TYR A 449 15.88 -38.11 15.84
N ASN A 450 14.96 -37.96 16.81
CA ASN A 450 13.55 -38.36 16.68
C ASN A 450 12.73 -37.45 15.73
N TYR A 451 13.26 -36.26 15.40
CA TYR A 451 12.65 -35.28 14.51
C TYR A 451 13.36 -35.26 13.15
N LEU A 452 12.55 -35.28 12.09
CA LEU A 452 12.90 -35.50 10.69
C LEU A 452 12.29 -34.40 9.83
N TYR A 453 12.74 -34.28 8.60
CA TYR A 453 12.06 -33.55 7.53
C TYR A 453 12.14 -34.36 6.23
N ARG A 454 11.43 -33.90 5.21
CA ARG A 454 11.48 -34.54 3.89
C ARG A 454 12.45 -33.73 3.01
N LEU A 455 13.53 -34.38 2.57
CA LEU A 455 14.56 -33.74 1.76
C LEU A 455 14.31 -33.93 0.25
N PHE A 456 13.65 -35.03 -0.14
CA PHE A 456 13.36 -35.36 -1.54
C PHE A 456 11.89 -35.72 -1.76
N ARG A 457 11.39 -35.33 -2.94
CA ARG A 457 10.02 -35.60 -3.42
C ARG A 457 9.91 -35.38 -4.96
N LYS A 458 9.20 -36.26 -5.67
CA LYS A 458 9.04 -36.14 -7.14
C LYS A 458 8.30 -34.86 -7.56
N SER A 459 7.48 -34.30 -6.68
CA SER A 459 6.62 -33.14 -6.87
C SER A 459 6.45 -32.36 -5.56
N ASN A 460 6.22 -31.06 -5.65
CA ASN A 460 5.91 -30.24 -4.47
C ASN A 460 4.47 -30.53 -4.00
N LEU A 461 4.25 -30.73 -2.69
CA LEU A 461 2.91 -31.07 -2.20
C LEU A 461 1.94 -29.87 -2.12
N LYS A 462 0.64 -30.15 -2.32
CA LYS A 462 -0.43 -29.15 -2.29
C LYS A 462 -0.70 -28.65 -0.85
N PRO A 463 -1.39 -27.50 -0.68
CA PRO A 463 -1.72 -26.97 0.64
C PRO A 463 -2.40 -27.96 1.58
N PHE A 464 -1.93 -28.02 2.84
CA PHE A 464 -2.40 -28.95 3.88
C PHE A 464 -2.38 -30.45 3.51
N GLU A 465 -1.59 -30.87 2.52
CA GLU A 465 -1.28 -32.29 2.32
C GLU A 465 -0.19 -32.79 3.30
N ARG A 466 -0.17 -34.11 3.52
CA ARG A 466 0.83 -34.84 4.30
C ARG A 466 1.29 -36.08 3.53
N ASP A 467 2.60 -36.34 3.51
CA ASP A 467 3.17 -37.52 2.87
C ASP A 467 3.89 -38.43 3.90
N ILE A 468 3.36 -39.63 4.07
CA ILE A 468 3.89 -40.68 4.95
C ILE A 468 4.88 -41.60 4.20
N SER A 469 5.02 -41.48 2.86
CA SER A 469 5.83 -42.38 2.04
C SER A 469 7.30 -42.42 2.48
N THR A 470 7.85 -43.63 2.54
CA THR A 470 9.29 -43.89 2.75
C THR A 470 9.91 -44.58 1.53
N GLU A 471 9.30 -44.43 0.34
CA GLU A 471 9.88 -44.90 -0.93
C GLU A 471 11.22 -44.24 -1.23
N ILE A 472 12.17 -44.99 -1.77
CA ILE A 472 13.49 -44.48 -2.19
C ILE A 472 13.33 -43.54 -3.40
N TYR A 473 14.04 -42.41 -3.37
CA TYR A 473 13.99 -41.37 -4.40
C TYR A 473 15.13 -41.54 -5.41
N GLN A 474 14.79 -41.80 -6.67
CA GLN A 474 15.73 -41.90 -7.78
C GLN A 474 16.12 -40.48 -8.28
N ALA A 475 17.22 -39.94 -7.77
CA ALA A 475 17.75 -38.66 -8.24
C ALA A 475 18.48 -38.78 -9.59
N GLY A 476 19.10 -39.93 -9.87
CA GLY A 476 19.72 -40.25 -11.15
C GLY A 476 18.71 -40.60 -12.26
N SER A 477 19.19 -40.72 -13.50
CA SER A 477 18.38 -41.13 -14.66
C SER A 477 18.03 -42.62 -14.66
N THR A 478 18.82 -43.45 -13.97
CA THR A 478 18.54 -44.88 -13.77
C THR A 478 17.36 -45.09 -12.80
N PRO A 479 16.52 -46.13 -13.00
CA PRO A 479 15.74 -46.70 -11.91
C PRO A 479 16.68 -47.40 -10.90
N CYS A 480 16.17 -47.74 -9.72
CA CYS A 480 16.85 -48.62 -8.77
C CYS A 480 15.82 -49.42 -7.95
N ASN A 481 16.25 -50.57 -7.44
CA ASN A 481 15.46 -51.51 -6.64
C ASN A 481 16.26 -51.95 -5.41
N GLY A 482 15.58 -52.34 -4.33
CA GLY A 482 16.20 -52.55 -3.03
C GLY A 482 16.41 -51.25 -2.23
N VAL A 483 17.03 -51.38 -1.05
CA VAL A 483 16.97 -50.37 0.02
C VAL A 483 17.78 -49.08 -0.24
N GLU A 484 18.81 -49.12 -1.08
CA GLU A 484 19.78 -48.03 -1.32
C GLU A 484 20.46 -48.19 -2.70
N GLY A 485 21.13 -47.13 -3.19
CA GLY A 485 21.97 -47.18 -4.37
C GLY A 485 22.67 -45.84 -4.67
N PHE A 486 23.58 -45.80 -5.65
CA PHE A 486 24.20 -44.55 -6.09
C PHE A 486 23.15 -43.60 -6.70
N ASN A 487 23.07 -42.36 -6.21
CA ASN A 487 22.01 -41.39 -6.53
C ASN A 487 20.57 -41.90 -6.33
N CYS A 488 20.38 -42.93 -5.48
CA CYS A 488 19.10 -43.30 -4.90
C CYS A 488 19.13 -43.01 -3.39
N TYR A 489 18.20 -42.16 -2.93
CA TYR A 489 18.23 -41.59 -1.58
C TYR A 489 17.01 -42.01 -0.76
N PHE A 490 17.18 -42.27 0.53
CA PHE A 490 16.04 -42.27 1.45
C PHE A 490 15.46 -40.84 1.50
N PRO A 491 14.13 -40.64 1.44
CA PRO A 491 13.56 -39.32 1.16
C PRO A 491 13.52 -38.40 2.39
N LEU A 492 13.47 -38.97 3.60
CA LEU A 492 13.57 -38.24 4.86
C LEU A 492 15.04 -38.03 5.26
N GLN A 493 15.32 -36.97 6.00
CA GLN A 493 16.62 -36.71 6.63
C GLN A 493 16.41 -36.08 8.02
N SER A 494 17.37 -36.24 8.94
CA SER A 494 17.14 -35.93 10.35
C SER A 494 17.60 -34.53 10.73
N TYR A 495 16.81 -33.86 11.58
CA TYR A 495 17.38 -32.86 12.47
C TYR A 495 18.25 -33.56 13.53
N GLY A 496 19.25 -32.86 14.06
CA GLY A 496 20.10 -33.35 15.14
C GLY A 496 20.14 -32.31 16.25
N PHE A 497 19.09 -32.26 17.06
CA PHE A 497 18.92 -31.18 18.03
C PHE A 497 19.81 -31.39 19.26
N GLN A 498 20.84 -30.55 19.38
CA GLN A 498 21.77 -30.52 20.50
C GLN A 498 21.70 -29.14 21.16
N PRO A 499 21.80 -29.01 22.49
CA PRO A 499 21.80 -27.69 23.14
C PRO A 499 23.07 -26.87 22.87
N THR A 500 24.09 -27.48 22.26
CA THR A 500 25.28 -26.81 21.69
C THR A 500 25.03 -26.26 20.27
N ASN A 501 23.91 -26.58 19.61
CA ASN A 501 23.54 -25.95 18.33
C ASN A 501 23.28 -24.44 18.53
N GLY A 502 23.74 -23.62 17.59
CA GLY A 502 23.40 -22.20 17.55
C GLY A 502 21.92 -21.97 17.23
N VAL A 503 21.39 -20.81 17.63
CA VAL A 503 20.03 -20.39 17.25
C VAL A 503 19.89 -20.44 15.71
N GLY A 504 18.74 -20.91 15.23
CA GLY A 504 18.53 -21.30 13.83
C GLY A 504 18.68 -22.82 13.58
N TYR A 505 19.62 -23.47 14.26
CA TYR A 505 19.79 -24.94 14.31
C TYR A 505 19.19 -25.58 15.56
N GLN A 506 18.66 -24.76 16.48
CA GLN A 506 17.85 -25.21 17.62
C GLN A 506 16.42 -25.55 17.17
N PRO A 507 15.72 -26.45 17.89
CA PRO A 507 14.34 -26.80 17.59
C PRO A 507 13.37 -25.67 17.95
N TYR A 508 12.41 -25.41 17.07
CA TYR A 508 11.22 -24.60 17.34
C TYR A 508 9.95 -25.44 17.19
N ARG A 509 9.10 -25.43 18.22
CA ARG A 509 7.75 -25.99 18.15
C ARG A 509 6.83 -25.00 17.45
N VAL A 510 6.05 -25.50 16.50
CA VAL A 510 5.06 -24.73 15.73
C VAL A 510 3.67 -25.32 15.96
N VAL A 511 2.70 -24.45 16.21
CA VAL A 511 1.27 -24.73 16.14
C VAL A 511 0.65 -23.83 15.08
N VAL A 512 -0.16 -24.37 14.18
CA VAL A 512 -0.96 -23.58 13.23
C VAL A 512 -2.45 -23.79 13.46
N LEU A 513 -3.19 -22.70 13.70
CA LEU A 513 -4.64 -22.71 13.86
C LEU A 513 -5.31 -22.28 12.54
N SER A 514 -6.26 -23.05 12.01
CA SER A 514 -6.69 -22.92 10.59
C SER A 514 -8.22 -22.87 10.39
N PHE A 515 -8.90 -22.08 11.21
CA PHE A 515 -10.36 -21.90 11.21
C PHE A 515 -11.00 -21.24 9.97
N GLU A 516 -12.34 -21.32 9.86
CA GLU A 516 -13.18 -20.52 8.94
C GLU A 516 -14.14 -19.60 9.72
N LEU A 517 -14.30 -18.34 9.26
CA LEU A 517 -14.96 -17.28 10.01
C LEU A 517 -16.32 -16.84 9.42
N LEU A 518 -17.37 -16.80 10.26
CA LEU A 518 -18.64 -16.07 10.08
C LEU A 518 -19.49 -16.40 8.82
N HIS A 519 -19.22 -17.50 8.12
CA HIS A 519 -19.98 -17.93 6.93
C HIS A 519 -20.95 -19.09 7.16
N ALA A 520 -20.96 -19.72 8.34
CA ALA A 520 -21.57 -21.02 8.58
C ALA A 520 -21.83 -21.26 10.08
N PRO A 521 -22.60 -22.29 10.48
CA PRO A 521 -22.84 -22.57 11.90
C PRO A 521 -21.55 -22.93 12.63
N ALA A 522 -21.40 -22.45 13.86
CA ALA A 522 -20.14 -22.44 14.61
C ALA A 522 -20.27 -23.14 15.96
N THR A 523 -19.18 -23.75 16.43
CA THR A 523 -19.13 -24.47 17.73
C THR A 523 -17.90 -24.15 18.57
N VAL A 524 -17.00 -23.30 18.11
CA VAL A 524 -15.87 -22.81 18.90
C VAL A 524 -16.01 -21.31 18.99
N CYS A 525 -16.09 -20.71 20.17
CA CYS A 525 -16.22 -19.26 20.28
C CYS A 525 -15.24 -18.66 21.28
N GLY A 526 -14.95 -17.37 21.14
CA GLY A 526 -14.31 -16.59 22.18
C GLY A 526 -15.20 -16.48 23.44
N PRO A 527 -14.64 -16.02 24.58
CA PRO A 527 -15.39 -15.87 25.81
C PRO A 527 -16.30 -14.62 25.72
N LYS A 528 -17.59 -14.82 25.49
CA LYS A 528 -18.57 -13.73 25.36
C LYS A 528 -19.94 -14.14 25.90
N LYS A 529 -20.47 -13.39 26.88
CA LYS A 529 -21.79 -13.65 27.46
C LYS A 529 -22.89 -13.21 26.48
N SER A 530 -23.83 -14.10 26.22
CA SER A 530 -25.05 -13.73 25.48
C SER A 530 -25.95 -12.85 26.34
N THR A 531 -26.65 -11.92 25.71
CA THR A 531 -27.77 -11.19 26.30
C THR A 531 -29.06 -11.98 26.10
N ASN A 532 -30.17 -11.47 26.62
CA ASN A 532 -31.50 -11.81 26.11
C ASN A 532 -31.63 -11.38 24.64
N LEU A 533 -32.64 -11.89 23.93
CA LEU A 533 -32.99 -11.49 22.56
C LEU A 533 -34.23 -10.59 22.55
N VAL A 534 -34.18 -9.45 21.85
CA VAL A 534 -35.32 -8.54 21.68
C VAL A 534 -35.70 -8.35 20.21
N LYS A 535 -36.99 -8.14 19.95
CA LYS A 535 -37.61 -8.16 18.63
C LYS A 535 -38.44 -6.89 18.41
N ASN A 536 -38.68 -6.53 17.15
CA ASN A 536 -39.42 -5.34 16.71
C ASN A 536 -38.79 -3.99 17.16
N LYS A 537 -37.56 -4.01 17.67
CA LYS A 537 -36.83 -2.88 18.27
C LYS A 537 -35.45 -2.74 17.63
N CYS A 538 -35.00 -1.51 17.35
CA CYS A 538 -33.69 -1.24 16.76
C CYS A 538 -32.56 -1.49 17.77
N VAL A 539 -31.59 -2.35 17.44
CA VAL A 539 -30.52 -2.78 18.34
C VAL A 539 -29.19 -2.94 17.61
N ASN A 540 -28.09 -2.86 18.36
CA ASN A 540 -26.79 -3.35 17.90
C ASN A 540 -26.75 -4.86 18.15
N PHE A 541 -27.06 -5.69 17.15
CA PHE A 541 -26.95 -7.14 17.30
C PHE A 541 -25.51 -7.63 17.05
N ASN A 542 -25.20 -8.81 17.60
CA ASN A 542 -23.99 -9.58 17.37
C ASN A 542 -24.33 -11.07 17.48
N PHE A 543 -24.49 -11.77 16.35
CA PHE A 543 -24.79 -13.21 16.31
C PHE A 543 -23.54 -13.99 15.90
N ASN A 544 -23.01 -14.84 16.76
CA ASN A 544 -21.78 -15.61 16.49
C ASN A 544 -20.55 -14.75 16.10
N GLY A 545 -20.53 -13.45 16.38
CA GLY A 545 -19.52 -12.52 15.85
C GLY A 545 -19.96 -11.71 14.61
N LEU A 546 -21.14 -11.94 14.04
CA LEU A 546 -21.76 -11.09 13.04
C LEU A 546 -22.39 -9.85 13.69
N THR A 547 -21.62 -8.78 13.83
CA THR A 547 -22.10 -7.48 14.34
C THR A 547 -22.93 -6.73 13.30
N GLY A 548 -23.98 -6.04 13.71
CA GLY A 548 -24.74 -5.14 12.85
C GLY A 548 -25.71 -4.26 13.64
N THR A 549 -26.36 -3.31 12.96
CA THR A 549 -27.40 -2.47 13.56
C THR A 549 -28.70 -2.65 12.79
N GLY A 550 -29.79 -2.98 13.48
CA GLY A 550 -31.07 -3.24 12.83
C GLY A 550 -32.17 -3.64 13.79
N VAL A 551 -33.37 -3.78 13.27
CA VAL A 551 -34.56 -4.27 13.96
C VAL A 551 -34.84 -5.71 13.52
N LEU A 552 -34.97 -6.61 14.50
CA LEU A 552 -35.12 -8.05 14.32
C LEU A 552 -36.59 -8.46 14.36
N THR A 553 -37.03 -9.29 13.41
CA THR A 553 -38.41 -9.81 13.34
C THR A 553 -38.38 -11.33 13.24
N GLU A 554 -39.37 -12.05 13.77
CA GLU A 554 -39.47 -13.50 13.51
C GLU A 554 -39.77 -13.76 12.02
N SER A 555 -38.91 -14.54 11.37
CA SER A 555 -39.00 -14.86 9.94
C SER A 555 -39.78 -16.15 9.67
N ASN A 556 -40.35 -16.26 8.48
CA ASN A 556 -40.86 -17.51 7.90
C ASN A 556 -39.91 -18.15 6.85
N LYS A 557 -38.68 -17.62 6.67
CA LYS A 557 -37.65 -18.22 5.80
C LYS A 557 -37.28 -19.63 6.27
N LYS A 558 -37.17 -20.57 5.33
CA LYS A 558 -36.96 -22.02 5.56
C LYS A 558 -35.49 -22.43 5.45
N PHE A 559 -34.66 -22.04 6.41
CA PHE A 559 -33.24 -22.42 6.40
C PHE A 559 -33.06 -23.93 6.52
N LEU A 560 -32.12 -24.49 5.74
CA LEU A 560 -31.64 -25.87 5.87
C LEU A 560 -30.65 -25.98 7.05
N PRO A 561 -30.41 -27.16 7.65
CA PRO A 561 -29.60 -27.29 8.86
C PRO A 561 -28.17 -26.73 8.80
N PHE A 562 -27.56 -26.73 7.61
CA PHE A 562 -26.21 -26.23 7.37
C PHE A 562 -26.11 -24.71 7.17
N GLN A 563 -27.23 -23.98 7.22
CA GLN A 563 -27.29 -22.53 6.99
C GLN A 563 -27.47 -21.77 8.32
N GLN A 564 -26.57 -20.84 8.63
CA GLN A 564 -26.67 -19.94 9.80
C GLN A 564 -27.19 -18.54 9.43
N PHE A 565 -27.03 -18.13 8.18
CA PHE A 565 -27.31 -16.77 7.69
C PHE A 565 -27.97 -16.80 6.32
N GLY A 566 -28.71 -15.75 5.99
CA GLY A 566 -29.23 -15.46 4.66
C GLY A 566 -28.69 -14.13 4.14
N ARG A 567 -28.47 -14.05 2.83
CA ARG A 567 -27.93 -12.82 2.29
C ARG A 567 -28.72 -12.15 1.18
N ASP A 568 -28.66 -10.82 1.22
CA ASP A 568 -29.24 -9.91 0.23
C ASP A 568 -28.48 -9.95 -1.12
N ILE A 569 -29.02 -9.31 -2.16
CA ILE A 569 -28.35 -9.14 -3.47
C ILE A 569 -27.10 -8.24 -3.38
N ALA A 570 -27.04 -7.38 -2.36
CA ALA A 570 -25.87 -6.59 -1.95
C ALA A 570 -24.86 -7.37 -1.09
N ASP A 571 -25.02 -8.69 -0.95
CA ASP A 571 -24.22 -9.62 -0.16
C ASP A 571 -24.14 -9.31 1.34
N THR A 572 -25.08 -8.50 1.86
CA THR A 572 -25.27 -8.24 3.28
C THR A 572 -26.20 -9.26 3.93
N THR A 573 -25.99 -9.62 5.19
CA THR A 573 -26.90 -10.53 5.91
C THR A 573 -28.25 -9.87 6.15
N ASP A 574 -29.33 -10.55 5.76
CA ASP A 574 -30.71 -10.07 5.91
C ASP A 574 -31.64 -11.04 6.66
N ALA A 575 -31.13 -12.21 7.05
CA ALA A 575 -31.73 -13.10 8.02
C ALA A 575 -30.65 -13.91 8.71
N VAL A 576 -30.93 -14.42 9.90
CA VAL A 576 -29.99 -15.17 10.74
C VAL A 576 -30.74 -16.24 11.52
N ARG A 577 -30.06 -17.33 11.92
CA ARG A 577 -30.63 -18.34 12.81
C ARG A 577 -29.99 -18.10 14.20
N ASP A 578 -30.81 -17.86 15.23
CA ASP A 578 -30.36 -17.57 16.59
C ASP A 578 -29.63 -18.79 17.20
N PRO A 579 -28.37 -18.67 17.67
CA PRO A 579 -27.55 -19.84 18.05
C PRO A 579 -27.96 -20.50 19.37
N GLN A 580 -28.81 -19.85 20.15
CA GLN A 580 -29.38 -20.38 21.39
C GLN A 580 -30.68 -21.14 21.12
N THR A 581 -31.71 -20.47 20.59
CA THR A 581 -32.97 -21.09 20.18
C THR A 581 -33.13 -20.95 18.68
N LEU A 582 -33.20 -22.07 17.95
CA LEU A 582 -32.85 -22.16 16.51
C LEU A 582 -33.85 -21.51 15.52
N GLU A 583 -34.62 -20.51 15.96
CA GLU A 583 -35.54 -19.76 15.11
C GLU A 583 -34.82 -18.80 14.17
N ILE A 584 -35.50 -18.44 13.07
CA ILE A 584 -34.94 -17.59 12.03
C ILE A 584 -35.45 -16.16 12.24
N LEU A 585 -34.55 -15.20 12.27
CA LEU A 585 -34.84 -13.79 12.47
C LEU A 585 -34.55 -13.02 11.19
N ASP A 586 -35.54 -12.33 10.64
CA ASP A 586 -35.31 -11.35 9.58
C ASP A 586 -34.60 -10.13 10.18
N ILE A 587 -33.60 -9.61 9.48
CA ILE A 587 -32.90 -8.38 9.84
C ILE A 587 -33.35 -7.29 8.86
N THR A 588 -33.79 -6.17 9.39
CA THR A 588 -34.16 -4.97 8.63
C THR A 588 -33.53 -3.74 9.27
N PRO A 589 -33.00 -2.76 8.51
CA PRO A 589 -32.24 -1.65 9.08
C PRO A 589 -33.17 -0.70 9.85
N CYS A 590 -32.66 -0.05 10.89
CA CYS A 590 -33.44 0.91 11.66
C CYS A 590 -33.92 2.07 10.78
N SER A 591 -35.15 2.53 10.95
CA SER A 591 -35.81 3.44 10.01
C SER A 591 -35.02 4.74 9.78
N PHE A 592 -35.01 5.17 8.53
CA PHE A 592 -34.17 6.24 7.99
C PHE A 592 -34.88 6.90 6.79
N GLY A 593 -34.45 8.10 6.42
CA GLY A 593 -34.95 8.79 5.22
C GLY A 593 -34.30 10.15 5.04
N GLY A 594 -34.53 10.81 3.91
CA GLY A 594 -34.09 12.20 3.73
C GLY A 594 -34.85 13.18 4.63
N VAL A 595 -34.20 14.28 4.98
CA VAL A 595 -34.87 15.42 5.61
C VAL A 595 -34.72 16.64 4.72
N SER A 596 -35.83 17.16 4.21
CA SER A 596 -35.85 18.42 3.48
C SER A 596 -36.36 19.55 4.36
N VAL A 597 -35.71 20.70 4.37
CA VAL A 597 -36.14 21.88 5.13
C VAL A 597 -36.74 22.91 4.19
N ILE A 598 -37.95 23.34 4.49
CA ILE A 598 -38.79 24.24 3.70
C ILE A 598 -38.77 25.61 4.36
N THR A 599 -38.39 26.65 3.64
CA THR A 599 -38.23 27.98 4.19
C THR A 599 -38.69 29.06 3.21
N PRO A 600 -39.29 30.17 3.67
CA PRO A 600 -39.20 31.44 2.95
C PRO A 600 -37.75 31.96 3.00
N GLY A 601 -37.46 33.16 2.50
CA GLY A 601 -36.11 33.71 2.72
C GLY A 601 -35.82 33.93 4.21
N THR A 602 -34.57 33.88 4.65
CA THR A 602 -34.21 34.26 6.03
C THR A 602 -34.47 35.74 6.36
N ASN A 603 -34.56 36.61 5.35
CA ASN A 603 -35.02 37.99 5.56
C ASN A 603 -36.56 38.14 5.53
N THR A 604 -37.29 37.10 5.12
CA THR A 604 -38.76 37.03 5.23
C THR A 604 -39.19 36.39 6.55
N SER A 605 -38.60 35.26 6.95
CA SER A 605 -38.83 34.63 8.26
C SER A 605 -37.74 33.63 8.66
N ASN A 606 -37.57 33.41 9.96
CA ASN A 606 -36.82 32.27 10.50
C ASN A 606 -37.68 31.00 10.68
N GLN A 607 -39.00 31.08 10.45
CA GLN A 607 -39.88 29.91 10.52
C GLN A 607 -39.62 28.95 9.36
N VAL A 608 -39.44 27.67 9.66
CA VAL A 608 -39.23 26.60 8.67
C VAL A 608 -40.21 25.47 8.89
N ALA A 609 -40.55 24.72 7.84
CA ALA A 609 -41.22 23.43 7.93
C ALA A 609 -40.24 22.32 7.54
N VAL A 610 -40.50 21.10 7.98
CA VAL A 610 -39.59 19.96 7.78
C VAL A 610 -40.35 18.82 7.14
N LEU A 611 -39.84 18.29 6.02
CA LEU A 611 -40.35 17.08 5.39
C LEU A 611 -39.39 15.93 5.70
N TYR A 612 -39.88 14.93 6.43
CA TYR A 612 -39.23 13.64 6.55
C TYR A 612 -39.71 12.79 5.39
N GLN A 613 -38.90 12.65 4.35
CA GLN A 613 -39.40 12.21 3.05
C GLN A 613 -39.40 10.69 2.91
N GLY A 614 -40.47 10.16 2.34
CA GLY A 614 -40.77 8.72 2.25
C GLY A 614 -41.27 8.07 3.53
N VAL A 615 -41.64 8.86 4.55
CA VAL A 615 -41.98 8.44 5.93
C VAL A 615 -43.48 8.53 6.21
N ASN A 616 -44.07 7.49 6.83
CA ASN A 616 -45.37 7.61 7.50
C ASN A 616 -45.18 8.37 8.83
N CYS A 617 -46.08 9.28 9.18
CA CYS A 617 -46.00 10.16 10.36
C CYS A 617 -45.53 9.51 11.66
N THR A 618 -45.93 8.25 11.91
CA THR A 618 -45.66 7.50 13.14
C THR A 618 -44.18 7.38 13.51
N GLU A 619 -43.29 7.38 12.52
CA GLU A 619 -41.85 7.21 12.73
C GLU A 619 -41.17 8.46 13.31
N VAL A 620 -41.78 9.64 13.25
CA VAL A 620 -41.20 10.90 13.74
C VAL A 620 -41.44 11.12 15.26
N PRO A 621 -42.64 10.86 15.83
CA PRO A 621 -42.81 10.71 17.28
C PRO A 621 -42.02 9.53 17.88
N VAL A 622 -41.99 8.37 17.22
CA VAL A 622 -41.24 7.18 17.67
C VAL A 622 -39.73 7.43 17.75
N ALA A 623 -39.23 8.42 17.00
CA ALA A 623 -37.87 8.94 17.11
C ALA A 623 -37.55 9.69 18.44
N ILE A 624 -38.51 9.88 19.37
CA ILE A 624 -38.38 10.66 20.62
C ILE A 624 -36.97 10.64 21.26
N HIS A 625 -36.32 11.81 21.32
CA HIS A 625 -34.88 12.05 21.59
C HIS A 625 -34.39 11.76 23.03
N ALA A 626 -35.01 10.82 23.72
CA ALA A 626 -34.44 10.18 24.91
C ALA A 626 -33.21 9.30 24.55
N ASP A 627 -33.14 8.83 23.30
CA ASP A 627 -31.94 8.31 22.65
C ASP A 627 -31.54 9.18 21.43
N GLN A 628 -30.47 8.79 20.73
CA GLN A 628 -29.83 9.55 19.65
C GLN A 628 -30.56 9.49 18.29
N LEU A 629 -30.17 10.41 17.39
CA LEU A 629 -30.51 10.48 15.95
C LEU A 629 -29.36 11.13 15.17
N THR A 630 -29.38 11.03 13.83
CA THR A 630 -28.48 11.82 12.97
C THR A 630 -28.73 13.34 13.07
N PRO A 631 -29.95 13.87 12.80
CA PRO A 631 -30.30 15.23 13.20
C PRO A 631 -30.51 15.29 14.72
N THR A 632 -29.84 16.22 15.40
CA THR A 632 -29.93 16.34 16.87
C THR A 632 -31.21 17.07 17.32
N TRP A 633 -31.73 17.98 16.50
CA TRP A 633 -32.90 18.80 16.82
C TRP A 633 -34.21 17.99 16.81
N ARG A 634 -35.14 18.33 17.70
CA ARG A 634 -36.41 17.59 17.77
C ARG A 634 -37.66 18.39 18.16
N VAL A 635 -37.55 19.71 18.25
CA VAL A 635 -38.68 20.59 18.60
C VAL A 635 -39.88 20.43 17.65
N TYR A 636 -39.60 20.04 16.40
CA TYR A 636 -40.68 19.79 15.44
C TYR A 636 -41.54 18.60 15.92
N SER A 637 -40.91 17.51 16.30
CA SER A 637 -41.61 16.29 16.79
C SER A 637 -42.51 16.53 18.04
N THR A 638 -42.68 17.79 18.48
CA THR A 638 -43.82 18.21 19.31
C THR A 638 -45.16 17.92 18.59
N GLY A 639 -45.19 18.09 17.27
CA GLY A 639 -46.37 17.85 16.44
C GLY A 639 -47.40 18.99 16.47
N SER A 640 -48.69 18.64 16.64
CA SER A 640 -49.90 19.47 16.55
C SER A 640 -50.26 20.06 15.17
N ASN A 641 -49.27 20.27 14.27
CA ASN A 641 -49.45 20.69 12.87
C ASN A 641 -48.72 19.76 11.89
N VAL A 642 -48.81 18.44 12.11
CA VAL A 642 -48.31 17.41 11.20
C VAL A 642 -49.29 17.17 10.04
N PHE A 643 -48.78 16.99 8.83
CA PHE A 643 -49.53 16.61 7.63
C PHE A 643 -48.87 15.43 6.93
N GLN A 644 -49.59 14.33 6.73
CA GLN A 644 -49.11 13.23 5.88
C GLN A 644 -49.28 13.59 4.41
N THR A 645 -48.19 13.64 3.67
CA THR A 645 -48.16 13.74 2.22
C THR A 645 -47.69 12.40 1.65
N ARG A 646 -47.85 12.23 0.34
CA ARG A 646 -47.34 11.05 -0.33
C ARG A 646 -45.80 11.17 -0.34
N ALA A 647 -45.30 12.41 -0.41
CA ALA A 647 -43.87 12.70 -0.40
C ALA A 647 -43.20 12.43 0.95
N GLY A 648 -43.95 12.35 2.05
CA GLY A 648 -43.41 12.16 3.39
C GLY A 648 -44.26 12.78 4.50
N CYS A 649 -43.71 12.75 5.71
CA CYS A 649 -44.28 13.41 6.87
C CYS A 649 -43.83 14.88 6.91
N LEU A 650 -44.76 15.82 6.79
CA LEU A 650 -44.49 17.25 6.84
C LEU A 650 -44.90 17.82 8.20
N ILE A 651 -43.99 18.52 8.90
CA ILE A 651 -44.24 19.15 10.20
C ILE A 651 -43.86 20.63 10.16
N GLY A 652 -44.64 21.49 10.82
CA GLY A 652 -44.41 22.93 10.90
C GLY A 652 -45.12 23.76 9.83
N ALA A 653 -45.94 23.13 9.00
CA ALA A 653 -46.80 23.76 8.00
C ALA A 653 -48.27 23.42 8.26
N GLU A 654 -49.17 24.41 8.26
CA GLU A 654 -50.61 24.18 8.38
C GLU A 654 -51.19 23.63 7.07
N HIS A 655 -51.84 22.46 7.10
CA HIS A 655 -52.61 22.02 5.93
C HIS A 655 -53.89 22.86 5.77
N VAL A 656 -54.06 23.48 4.60
CA VAL A 656 -55.24 24.27 4.23
C VAL A 656 -55.97 23.63 3.05
N ASN A 657 -57.30 23.68 3.05
CA ASN A 657 -58.11 23.05 1.99
C ASN A 657 -58.12 23.81 0.67
N ASN A 658 -58.04 25.15 0.70
CA ASN A 658 -58.12 25.97 -0.50
C ASN A 658 -56.80 25.99 -1.29
N SER A 659 -56.86 25.64 -2.58
CA SER A 659 -55.71 25.54 -3.49
C SER A 659 -55.17 26.89 -3.99
N TYR A 660 -53.87 26.94 -4.27
CA TYR A 660 -53.15 28.09 -4.81
C TYR A 660 -52.18 27.63 -5.91
N GLU A 661 -51.62 28.56 -6.67
CA GLU A 661 -50.50 28.27 -7.56
C GLU A 661 -49.28 27.80 -6.74
N CYS A 662 -48.46 26.89 -7.27
CA CYS A 662 -47.37 26.31 -6.47
C CYS A 662 -46.29 27.34 -6.15
N ASP A 663 -45.98 27.51 -4.86
CA ASP A 663 -44.92 28.40 -4.39
C ASP A 663 -43.62 27.62 -4.17
N ILE A 664 -43.57 26.75 -3.14
CA ILE A 664 -42.48 25.80 -2.90
C ILE A 664 -43.00 24.38 -3.17
N PRO A 665 -42.42 23.59 -4.09
CA PRO A 665 -42.89 22.24 -4.42
C PRO A 665 -42.49 21.19 -3.39
N ILE A 666 -43.44 20.44 -2.85
CA ILE A 666 -43.18 19.35 -1.89
C ILE A 666 -43.22 17.98 -2.57
N GLY A 667 -44.12 17.77 -3.55
CA GLY A 667 -44.25 16.51 -4.27
C GLY A 667 -45.65 15.94 -4.17
N ALA A 668 -46.04 15.05 -5.10
CA ALA A 668 -47.35 14.40 -5.12
C ALA A 668 -48.53 15.37 -5.04
N GLY A 669 -48.46 16.49 -5.76
CA GLY A 669 -49.48 17.54 -5.82
C GLY A 669 -49.42 18.60 -4.73
N ILE A 670 -48.61 18.40 -3.68
CA ILE A 670 -48.50 19.30 -2.53
C ILE A 670 -47.43 20.36 -2.77
N CYS A 671 -47.75 21.59 -2.39
CA CYS A 671 -46.84 22.74 -2.31
C CYS A 671 -46.97 23.42 -0.95
N ALA A 672 -45.99 24.23 -0.58
CA ALA A 672 -46.03 25.07 0.62
C ALA A 672 -45.76 26.53 0.28
N SER A 673 -46.29 27.44 1.09
CA SER A 673 -46.14 28.88 0.94
C SER A 673 -46.17 29.56 2.30
N TYR A 674 -45.56 30.73 2.45
CA TYR A 674 -45.62 31.52 3.69
C TYR A 674 -46.68 32.61 3.55
N GLN A 675 -47.76 32.52 4.33
CA GLN A 675 -48.98 33.32 4.17
C GLN A 675 -49.63 33.68 5.52
N THR A 676 -50.45 34.74 5.53
CA THR A 676 -51.17 35.25 6.72
C THR A 676 -52.21 34.27 7.26
N SER A 689 -48.97 36.89 12.56
CA SER A 689 -50.13 36.28 11.92
C SER A 689 -49.80 35.49 10.64
N GLN A 690 -48.54 35.56 10.19
CA GLN A 690 -47.97 34.70 9.14
C GLN A 690 -47.69 33.27 9.66
N SER A 691 -47.75 32.28 8.77
CA SER A 691 -47.29 30.91 9.00
C SER A 691 -47.00 30.23 7.66
N ILE A 692 -46.25 29.11 7.67
CA ILE A 692 -46.15 28.25 6.50
C ILE A 692 -47.45 27.44 6.37
N ILE A 693 -48.05 27.44 5.20
CA ILE A 693 -49.21 26.63 4.82
C ILE A 693 -48.81 25.58 3.79
N ALA A 694 -49.49 24.44 3.78
CA ALA A 694 -49.33 23.38 2.80
C ALA A 694 -50.67 23.08 2.14
N TYR A 695 -50.69 22.92 0.81
CA TYR A 695 -51.90 22.82 0.02
C TYR A 695 -51.67 21.94 -1.20
N THR A 696 -52.74 21.33 -1.72
CA THR A 696 -52.76 20.80 -3.09
C THR A 696 -52.77 21.97 -4.06
N MET A 697 -51.82 22.01 -4.99
CA MET A 697 -51.73 23.09 -5.97
C MET A 697 -52.94 23.14 -6.93
N SER A 698 -53.40 24.34 -7.29
CA SER A 698 -54.34 24.52 -8.39
C SER A 698 -53.59 24.49 -9.72
N LEU A 699 -54.20 23.87 -10.73
CA LEU A 699 -53.63 23.81 -12.07
C LEU A 699 -53.95 25.04 -12.92
N GLY A 700 -55.03 25.74 -12.59
CA GLY A 700 -55.55 26.93 -13.24
C GLY A 700 -57.01 27.18 -12.84
N ALA A 701 -57.60 28.26 -13.33
CA ALA A 701 -59.04 28.50 -13.18
C ALA A 701 -59.86 27.55 -14.06
N GLU A 702 -60.89 26.91 -13.53
CA GLU A 702 -61.79 26.04 -14.29
C GLU A 702 -62.67 26.86 -15.26
N ASN A 703 -62.95 26.35 -16.46
CA ASN A 703 -63.56 27.14 -17.53
C ASN A 703 -64.39 26.31 -18.52
N SER A 704 -65.71 26.27 -18.36
CA SER A 704 -66.59 25.71 -19.39
C SER A 704 -66.63 26.65 -20.59
N VAL A 705 -66.14 26.18 -21.75
CA VAL A 705 -66.28 26.91 -23.02
C VAL A 705 -67.74 26.82 -23.47
N ALA A 706 -68.30 27.92 -23.97
CA ALA A 706 -69.71 28.00 -24.36
C ALA A 706 -70.01 27.37 -25.73
N TYR A 707 -69.49 26.17 -26.00
CA TYR A 707 -69.69 25.49 -27.26
C TYR A 707 -71.17 25.25 -27.59
N SER A 708 -71.51 25.42 -28.87
CA SER A 708 -72.77 25.02 -29.48
C SER A 708 -72.50 24.71 -30.95
N ASN A 709 -73.35 23.89 -31.56
CA ASN A 709 -73.29 23.53 -32.97
C ASN A 709 -73.50 24.69 -33.96
N ASN A 710 -73.87 25.89 -33.49
CA ASN A 710 -74.10 27.07 -34.31
C ASN A 710 -73.70 28.39 -33.64
N SER A 711 -72.88 28.39 -32.60
CA SER A 711 -72.37 29.62 -31.95
C SER A 711 -70.91 29.83 -32.27
N ILE A 712 -70.51 31.05 -32.62
CA ILE A 712 -69.11 31.42 -32.81
C ILE A 712 -68.76 32.66 -31.98
N ALA A 713 -67.58 32.72 -31.38
CA ALA A 713 -67.06 33.96 -30.81
C ALA A 713 -66.01 34.57 -31.74
N ILE A 714 -66.14 35.86 -32.05
CA ILE A 714 -65.22 36.57 -32.94
C ILE A 714 -64.72 37.85 -32.24
N PRO A 715 -63.40 38.11 -32.23
CA PRO A 715 -62.84 39.24 -31.51
C PRO A 715 -63.13 40.56 -32.22
N THR A 716 -63.70 41.51 -31.49
CA THR A 716 -64.04 42.83 -32.07
C THR A 716 -62.89 43.84 -31.99
N ASN A 717 -61.81 43.47 -31.31
CA ASN A 717 -60.64 44.28 -31.02
C ASN A 717 -59.42 43.37 -30.84
N PHE A 718 -58.24 43.95 -30.73
CA PHE A 718 -56.99 43.24 -30.47
C PHE A 718 -56.14 44.03 -29.47
N THR A 719 -55.14 43.38 -28.91
CA THR A 719 -54.02 44.04 -28.24
C THR A 719 -52.71 43.65 -28.90
N ILE A 720 -51.75 44.57 -28.86
CA ILE A 720 -50.36 44.28 -29.22
C ILE A 720 -49.63 43.91 -27.94
N SER A 721 -49.19 42.67 -27.86
CA SER A 721 -48.48 42.13 -26.71
C SER A 721 -47.00 42.08 -27.03
N VAL A 722 -46.16 42.63 -26.16
CA VAL A 722 -44.70 42.45 -26.22
C VAL A 722 -44.26 41.64 -25.01
N THR A 723 -43.59 40.53 -25.24
CA THR A 723 -43.14 39.59 -24.20
C THR A 723 -41.67 39.28 -24.37
N THR A 724 -40.98 39.05 -23.27
CA THR A 724 -39.54 38.77 -23.22
C THR A 724 -39.29 37.27 -23.15
N GLU A 725 -38.44 36.76 -24.01
CA GLU A 725 -37.82 35.44 -23.90
C GLU A 725 -36.32 35.56 -23.70
N ILE A 726 -35.76 34.87 -22.70
CA ILE A 726 -34.33 34.89 -22.36
C ILE A 726 -33.72 33.52 -22.65
N LEU A 727 -32.62 33.49 -23.41
CA LEU A 727 -31.90 32.27 -23.75
C LEU A 727 -30.41 32.37 -23.42
N PRO A 728 -29.84 31.44 -22.63
CA PRO A 728 -28.40 31.22 -22.59
C PRO A 728 -27.83 30.91 -23.97
N VAL A 729 -26.69 31.52 -24.31
CA VAL A 729 -26.01 31.30 -25.59
C VAL A 729 -24.61 30.75 -25.37
N SER A 730 -23.93 31.15 -24.31
CA SER A 730 -22.61 30.67 -23.98
C SER A 730 -22.43 30.54 -22.47
N MET A 731 -21.29 30.03 -22.07
CA MET A 731 -20.80 29.99 -20.70
C MET A 731 -19.35 30.46 -20.66
N THR A 732 -18.80 30.73 -19.49
CA THR A 732 -17.40 31.16 -19.36
C THR A 732 -16.45 30.10 -19.90
N LYS A 733 -15.51 30.51 -20.75
CA LYS A 733 -14.41 29.65 -21.18
C LYS A 733 -13.45 29.44 -20.01
N THR A 734 -13.04 28.21 -19.75
CA THR A 734 -12.06 27.91 -18.73
C THR A 734 -10.93 27.11 -19.33
N SER A 735 -9.71 27.37 -18.86
CA SER A 735 -8.54 26.53 -19.05
C SER A 735 -7.97 26.18 -17.68
N VAL A 736 -7.31 25.04 -17.61
CA VAL A 736 -6.61 24.55 -16.42
C VAL A 736 -5.20 24.14 -16.84
N ASP A 737 -4.18 24.51 -16.06
CA ASP A 737 -2.93 23.75 -16.08
C ASP A 737 -3.06 22.58 -15.09
N CYS A 738 -3.30 21.39 -15.63
CA CYS A 738 -3.51 20.17 -14.86
C CYS A 738 -2.34 19.91 -13.91
N THR A 739 -1.11 20.25 -14.30
CA THR A 739 0.07 20.15 -13.45
C THR A 739 0.11 21.19 -12.34
N MET A 740 -0.26 22.46 -12.57
CA MET A 740 -0.31 23.45 -11.51
C MET A 740 -1.48 23.21 -10.54
N TYR A 741 -2.60 22.64 -11.00
CA TYR A 741 -3.67 22.22 -10.11
C TYR A 741 -3.24 21.04 -9.22
N ILE A 742 -2.78 19.95 -9.82
CA ILE A 742 -2.44 18.72 -9.11
C ILE A 742 -1.19 18.91 -8.26
N CYS A 743 -0.12 19.44 -8.85
CA CYS A 743 1.23 19.47 -8.30
C CYS A 743 1.73 20.84 -7.88
N GLY A 744 1.10 21.94 -8.30
CA GLY A 744 1.39 23.28 -7.81
C GLY A 744 2.85 23.73 -7.81
N ASP A 745 3.64 23.32 -8.81
CA ASP A 745 5.11 23.54 -8.94
C ASP A 745 6.07 22.61 -8.18
N SER A 746 5.60 21.56 -7.51
CA SER A 746 6.49 20.46 -7.07
C SER A 746 7.00 19.65 -8.27
N THR A 747 8.32 19.55 -8.37
CA THR A 747 8.99 18.71 -9.38
C THR A 747 8.84 17.22 -9.07
N GLU A 748 8.76 16.84 -7.79
CA GLU A 748 8.56 15.46 -7.34
C GLU A 748 7.19 14.95 -7.75
N CYS A 749 6.15 15.75 -7.49
CA CYS A 749 4.80 15.45 -7.96
C CYS A 749 4.72 15.45 -9.48
N SER A 750 5.42 16.35 -10.18
CA SER A 750 5.42 16.38 -11.64
C SER A 750 6.03 15.11 -12.26
N ASN A 751 7.13 14.60 -11.71
CA ASN A 751 7.70 13.32 -12.13
C ASN A 751 6.74 12.13 -11.91
N LEU A 752 5.97 12.14 -10.81
CA LEU A 752 4.98 11.10 -10.51
C LEU A 752 3.75 11.20 -11.41
N LEU A 753 3.31 12.40 -11.78
CA LEU A 753 2.16 12.63 -12.64
C LEU A 753 2.37 12.10 -14.07
N LEU A 754 3.61 12.12 -14.60
CA LEU A 754 3.94 11.52 -15.90
C LEU A 754 3.63 10.02 -16.00
N GLN A 755 3.54 9.30 -14.88
CA GLN A 755 3.23 7.88 -14.85
C GLN A 755 1.78 7.56 -15.22
N TYR A 756 0.90 8.56 -15.21
CA TYR A 756 -0.51 8.45 -15.58
C TYR A 756 -0.75 8.72 -17.08
N GLY A 757 0.31 9.09 -17.80
CA GLY A 757 0.31 9.19 -19.25
C GLY A 757 -0.46 10.39 -19.78
N SER A 758 -1.46 10.12 -20.61
CA SER A 758 -2.14 11.12 -21.44
C SER A 758 -3.22 11.94 -20.72
N PHE A 759 -3.63 11.61 -19.49
CA PHE A 759 -4.83 12.20 -18.87
C PHE A 759 -4.83 13.73 -18.80
N CYS A 760 -3.73 14.38 -18.42
CA CYS A 760 -3.71 15.85 -18.37
C CYS A 760 -3.85 16.50 -19.75
N THR A 761 -3.31 15.89 -20.80
CA THR A 761 -3.52 16.37 -22.18
C THR A 761 -4.96 16.18 -22.61
N GLN A 762 -5.60 15.05 -22.29
CA GLN A 762 -7.02 14.81 -22.56
C GLN A 762 -7.92 15.85 -21.89
N LEU A 763 -7.67 16.18 -20.62
CA LEU A 763 -8.42 17.18 -19.86
C LEU A 763 -8.31 18.57 -20.51
N ASN A 764 -7.12 18.95 -20.95
CA ASN A 764 -6.88 20.22 -21.65
C ASN A 764 -7.51 20.24 -23.05
N ARG A 765 -7.54 19.11 -23.73
CA ARG A 765 -8.17 19.03 -25.05
C ARG A 765 -9.69 19.22 -24.91
N ALA A 766 -10.28 18.55 -23.92
CA ALA A 766 -11.71 18.63 -23.64
C ALA A 766 -12.17 20.05 -23.27
N LEU A 767 -11.45 20.74 -22.40
CA LEU A 767 -11.71 22.15 -22.07
C LEU A 767 -11.47 23.10 -23.24
N THR A 768 -10.46 22.87 -24.07
CA THR A 768 -10.24 23.65 -25.29
C THR A 768 -11.38 23.48 -26.29
N GLY A 769 -11.90 22.26 -26.43
CA GLY A 769 -13.07 21.97 -27.24
C GLY A 769 -14.34 22.65 -26.74
N ILE A 770 -14.53 22.76 -25.42
CA ILE A 770 -15.63 23.52 -24.81
C ILE A 770 -15.47 25.02 -25.08
N ALA A 771 -14.27 25.57 -24.94
CA ALA A 771 -13.98 26.98 -25.10
C ALA A 771 -14.16 27.49 -26.54
N VAL A 772 -13.70 26.75 -27.54
CA VAL A 772 -13.92 27.06 -28.97
C VAL A 772 -15.41 27.09 -29.32
N GLU A 773 -16.20 26.24 -28.68
CA GLU A 773 -17.63 26.12 -28.93
C GLU A 773 -18.44 27.30 -28.37
N GLN A 774 -17.94 28.02 -27.37
CA GLN A 774 -18.60 29.24 -26.86
C GLN A 774 -18.57 30.38 -27.88
N ASP A 775 -17.48 30.48 -28.63
CA ASP A 775 -17.36 31.41 -29.75
C ASP A 775 -18.24 30.98 -30.92
N LYS A 776 -18.26 29.67 -31.22
CA LYS A 776 -19.13 29.11 -32.26
C LYS A 776 -20.58 29.43 -31.96
N ASN A 777 -21.06 29.11 -30.77
CA ASN A 777 -22.41 29.40 -30.30
C ASN A 777 -22.80 30.87 -30.47
N THR A 778 -21.92 31.79 -30.12
CA THR A 778 -22.19 33.23 -30.22
C THR A 778 -22.24 33.70 -31.68
N GLN A 779 -21.42 33.14 -32.56
CA GLN A 779 -21.48 33.35 -34.01
C GLN A 779 -22.74 32.76 -34.64
N GLU A 780 -23.22 31.58 -34.23
CA GLU A 780 -24.47 31.02 -34.74
C GLU A 780 -25.67 31.94 -34.46
N VAL A 781 -25.74 32.50 -33.25
CA VAL A 781 -26.84 33.36 -32.83
C VAL A 781 -26.73 34.75 -33.45
N PHE A 782 -25.62 35.47 -33.25
CA PHE A 782 -25.56 36.90 -33.53
C PHE A 782 -25.07 37.26 -34.94
N ALA A 783 -24.17 36.48 -35.54
CA ALA A 783 -23.60 36.80 -36.85
C ALA A 783 -24.49 36.35 -38.03
N GLN A 784 -25.80 36.63 -37.98
CA GLN A 784 -26.79 36.26 -39.01
C GLN A 784 -27.08 37.35 -40.06
N VAL A 785 -26.38 38.49 -39.99
CA VAL A 785 -26.45 39.59 -40.96
C VAL A 785 -25.19 39.61 -41.82
N LYS A 786 -25.35 39.76 -43.14
CA LYS A 786 -24.25 40.00 -44.08
C LYS A 786 -23.54 41.33 -43.78
N GLN A 787 -24.34 42.37 -43.60
CA GLN A 787 -23.93 43.76 -43.51
C GLN A 787 -24.37 44.38 -42.19
N ILE A 788 -23.61 45.32 -41.68
CA ILE A 788 -23.95 46.05 -40.46
C ILE A 788 -24.90 47.18 -40.84
N TYR A 789 -26.20 46.89 -40.83
CA TYR A 789 -27.23 47.86 -41.18
C TYR A 789 -27.32 49.00 -40.18
N LYS A 790 -27.53 50.22 -40.70
CA LYS A 790 -27.75 51.45 -39.92
C LYS A 790 -29.20 51.91 -40.11
N THR A 791 -29.83 52.39 -39.04
CA THR A 791 -31.11 53.13 -39.11
C THR A 791 -30.90 54.53 -39.71
N PRO A 792 -31.91 55.10 -40.37
CA PRO A 792 -31.85 56.45 -40.92
C PRO A 792 -31.85 57.50 -39.80
N PRO A 793 -31.35 58.72 -40.06
CA PRO A 793 -31.46 59.81 -39.08
C PRO A 793 -32.90 60.30 -38.89
N ILE A 794 -33.77 60.15 -39.90
CA ILE A 794 -35.22 60.42 -39.82
C ILE A 794 -35.99 59.16 -39.36
N LYS A 795 -36.30 59.09 -38.06
CA LYS A 795 -36.97 57.96 -37.40
C LYS A 795 -38.50 57.90 -37.64
N ASP A 796 -38.96 58.14 -38.87
CA ASP A 796 -40.39 58.13 -39.23
C ASP A 796 -40.91 56.72 -39.51
N PHE A 797 -41.07 55.93 -38.45
CA PHE A 797 -41.57 54.56 -38.49
C PHE A 797 -43.09 54.47 -38.32
N GLY A 798 -43.86 55.44 -38.79
CA GLY A 798 -45.33 55.39 -38.74
C GLY A 798 -45.95 55.58 -37.35
N GLY A 799 -45.20 56.13 -36.39
CA GLY A 799 -45.62 56.31 -35.00
C GLY A 799 -45.12 55.24 -34.03
N PHE A 800 -44.53 54.15 -34.52
CA PHE A 800 -43.84 53.15 -33.71
C PHE A 800 -42.48 53.69 -33.24
N ASN A 801 -42.17 53.56 -31.95
CA ASN A 801 -41.02 54.18 -31.33
C ASN A 801 -40.06 53.10 -30.81
N PHE A 802 -38.92 52.96 -31.48
CA PHE A 802 -37.90 51.95 -31.19
C PHE A 802 -36.74 52.47 -30.33
N SER A 803 -36.81 53.71 -29.84
CA SER A 803 -35.71 54.39 -29.14
C SER A 803 -35.13 53.62 -27.94
N GLN A 804 -35.93 52.83 -27.24
CA GLN A 804 -35.51 52.04 -26.08
C GLN A 804 -34.77 50.75 -26.44
N ILE A 805 -34.82 50.31 -27.70
CA ILE A 805 -34.20 49.08 -28.21
C ILE A 805 -33.15 49.34 -29.29
N LEU A 806 -33.13 50.54 -29.89
CA LEU A 806 -32.07 50.99 -30.80
C LEU A 806 -30.83 51.51 -30.03
N PRO A 807 -29.64 51.52 -30.66
CA PRO A 807 -28.43 52.07 -30.08
C PRO A 807 -28.58 53.48 -29.51
N ASP A 808 -27.87 53.73 -28.42
CA ASP A 808 -27.71 55.04 -27.80
C ASP A 808 -26.23 55.48 -27.90
N PRO A 809 -25.91 56.46 -28.77
CA PRO A 809 -24.55 56.97 -28.98
C PRO A 809 -23.87 57.61 -27.76
N SER A 810 -24.59 57.93 -26.69
CA SER A 810 -24.05 58.65 -25.51
C SER A 810 -23.12 57.82 -24.61
N LYS A 811 -22.70 56.62 -25.05
CA LYS A 811 -22.04 55.59 -24.24
C LYS A 811 -20.87 54.93 -24.99
N PRO A 812 -19.87 54.38 -24.29
CA PRO A 812 -18.68 53.82 -24.94
C PRO A 812 -19.02 52.55 -25.73
N SER A 813 -19.83 51.65 -25.15
CA SER A 813 -20.58 50.62 -25.88
C SER A 813 -21.91 51.22 -26.37
N LYS A 814 -22.25 51.05 -27.65
CA LYS A 814 -23.48 51.60 -28.25
C LYS A 814 -24.69 50.69 -27.96
N ARG A 815 -24.87 50.27 -26.72
CA ARG A 815 -26.00 49.43 -26.46
C ARG A 815 -27.27 50.26 -26.41
N SER A 816 -28.42 49.58 -26.47
CA SER A 816 -29.74 50.19 -26.28
C SER A 816 -29.99 50.53 -24.80
N PHE A 817 -31.09 51.22 -24.50
CA PHE A 817 -31.53 51.40 -23.12
C PHE A 817 -31.86 50.06 -22.46
N ILE A 818 -32.62 49.18 -23.13
CA ILE A 818 -32.95 47.85 -22.60
C ILE A 818 -31.70 46.95 -22.51
N GLU A 819 -30.73 47.02 -23.42
CA GLU A 819 -29.47 46.27 -23.29
C GLU A 819 -28.62 46.70 -22.09
N ASP A 820 -28.60 47.98 -21.70
CA ASP A 820 -27.98 48.40 -20.44
C ASP A 820 -28.71 47.90 -19.20
N LEU A 821 -30.05 47.91 -19.20
CA LEU A 821 -30.84 47.27 -18.15
C LEU A 821 -30.44 45.80 -18.03
N LEU A 822 -30.43 45.04 -19.12
CA LEU A 822 -30.07 43.61 -19.14
C LEU A 822 -28.65 43.35 -18.62
N PHE A 823 -27.67 44.15 -19.02
CA PHE A 823 -26.29 44.04 -18.55
C PHE A 823 -26.09 44.39 -17.07
N ASN A 824 -26.99 45.13 -16.45
CA ASN A 824 -26.99 45.35 -15.00
C ASN A 824 -27.60 44.18 -14.20
N LYS A 825 -28.52 43.39 -14.77
CA LYS A 825 -29.25 42.32 -14.03
C LYS A 825 -28.38 41.11 -13.71
N VAL A 826 -27.52 40.69 -14.64
CA VAL A 826 -26.70 39.49 -14.51
C VAL A 826 -25.31 39.88 -14.01
N THR A 827 -24.86 39.30 -12.90
CA THR A 827 -23.53 39.59 -12.32
C THR A 827 -22.54 38.53 -12.76
N LEU A 828 -21.45 38.95 -13.42
CA LEU A 828 -20.40 38.06 -13.92
C LEU A 828 -19.31 37.81 -12.86
N ALA A 829 -18.45 36.83 -13.14
CA ALA A 829 -17.20 36.58 -12.42
C ALA A 829 -16.06 36.30 -13.40
N ASP A 830 -15.14 37.25 -13.54
CA ASP A 830 -14.02 37.26 -14.50
C ASP A 830 -14.47 37.26 -15.98
N ALA A 831 -14.25 38.38 -16.69
CA ALA A 831 -14.47 38.49 -18.14
C ALA A 831 -13.29 37.94 -18.99
N GLY A 832 -12.14 37.62 -18.37
CA GLY A 832 -10.88 37.26 -19.02
C GLY A 832 -9.94 38.44 -19.33
N PHE A 833 -10.38 39.70 -19.18
CA PHE A 833 -9.69 40.91 -19.63
C PHE A 833 -8.49 41.37 -18.76
N ILE A 834 -7.42 40.56 -18.70
CA ILE A 834 -6.14 40.78 -17.97
C ILE A 834 -6.31 40.98 -16.45
N LYS A 835 -5.76 40.05 -15.66
CA LYS A 835 -5.47 40.27 -14.22
C LYS A 835 -3.95 40.37 -14.04
N GLN A 836 -3.47 41.53 -13.57
CA GLN A 836 -2.08 41.99 -13.71
C GLN A 836 -1.36 42.21 -12.37
N TYR A 837 -1.34 41.15 -11.56
CA TYR A 837 -0.50 40.94 -10.36
C TYR A 837 -0.75 41.90 -9.19
N GLY A 838 -0.46 43.20 -9.35
CA GLY A 838 -0.71 44.25 -8.34
C GLY A 838 -2.21 44.45 -8.00
N ASP A 839 -3.10 44.11 -8.93
CA ASP A 839 -4.56 44.07 -8.71
C ASP A 839 -5.04 42.79 -8.00
N CYS A 840 -4.13 41.89 -7.61
CA CYS A 840 -4.44 40.54 -7.13
C CYS A 840 -3.62 40.12 -5.88
N LEU A 841 -2.40 40.64 -5.69
CA LEU A 841 -1.61 40.45 -4.46
C LEU A 841 -1.99 41.42 -3.33
N GLY A 842 -1.50 41.14 -2.12
CA GLY A 842 -1.65 42.03 -0.96
C GLY A 842 -3.10 42.09 -0.46
N ASP A 843 -3.56 43.30 -0.16
CA ASP A 843 -4.83 43.58 0.52
C ASP A 843 -6.06 42.93 -0.17
N ILE A 844 -5.99 42.77 -1.49
CA ILE A 844 -7.05 42.19 -2.33
C ILE A 844 -7.04 40.64 -2.28
N ALA A 845 -5.88 40.01 -2.03
CA ALA A 845 -5.68 38.58 -2.14
C ALA A 845 -6.51 37.73 -1.16
N ALA A 846 -6.92 38.32 -0.02
CA ALA A 846 -7.79 37.67 0.97
C ALA A 846 -9.28 37.70 0.58
N ARG A 847 -9.75 38.88 0.16
CA ARG A 847 -11.15 39.10 -0.18
C ARG A 847 -11.49 38.83 -1.65
N ASP A 848 -11.04 37.68 -2.15
CA ASP A 848 -11.30 37.27 -3.53
C ASP A 848 -11.17 35.75 -3.77
N LEU A 849 -12.15 35.18 -4.49
CA LEU A 849 -12.14 33.81 -5.02
C LEU A 849 -11.40 33.69 -6.36
N ILE A 850 -11.39 34.73 -7.20
CA ILE A 850 -10.81 34.69 -8.55
C ILE A 850 -9.28 34.59 -8.46
N CYS A 851 -8.62 35.32 -7.56
CA CYS A 851 -7.20 35.15 -7.27
C CYS A 851 -6.88 33.78 -6.64
N ALA A 852 -7.78 33.20 -5.85
CA ALA A 852 -7.62 31.83 -5.33
C ALA A 852 -7.75 30.76 -6.43
N GLN A 853 -8.64 30.95 -7.41
CA GLN A 853 -8.68 30.11 -8.61
C GLN A 853 -7.38 30.28 -9.42
N LYS A 854 -6.98 31.52 -9.75
CA LYS A 854 -5.81 31.75 -10.60
C LYS A 854 -4.50 31.32 -9.96
N PHE A 855 -4.30 31.53 -8.67
CA PHE A 855 -3.12 31.00 -7.96
C PHE A 855 -3.09 29.46 -7.88
N ASN A 856 -4.09 28.74 -8.38
CA ASN A 856 -4.16 27.27 -8.45
C ASN A 856 -4.24 26.72 -9.89
N GLY A 857 -3.83 27.50 -10.88
CA GLY A 857 -3.75 27.04 -12.27
C GLY A 857 -5.07 27.09 -13.06
N LEU A 858 -6.11 27.74 -12.56
CA LEU A 858 -7.43 27.85 -13.21
C LEU A 858 -7.58 29.25 -13.82
N THR A 859 -7.92 29.37 -15.10
CA THR A 859 -8.07 30.67 -15.78
C THR A 859 -9.33 30.75 -16.62
N VAL A 860 -10.05 31.87 -16.55
CA VAL A 860 -11.05 32.22 -17.55
C VAL A 860 -10.40 32.85 -18.78
N LEU A 861 -10.88 32.50 -19.96
CA LEU A 861 -10.46 33.07 -21.25
C LEU A 861 -11.52 34.05 -21.79
N PRO A 862 -11.14 35.18 -22.41
CA PRO A 862 -12.13 36.08 -22.96
C PRO A 862 -12.87 35.48 -24.18
N PRO A 863 -14.14 35.85 -24.38
CA PRO A 863 -14.86 35.63 -25.63
C PRO A 863 -14.14 36.19 -26.85
N LEU A 864 -14.32 35.61 -28.03
CA LEU A 864 -13.80 36.21 -29.27
C LEU A 864 -14.54 37.49 -29.65
N LEU A 865 -15.86 37.48 -29.63
CA LEU A 865 -16.67 38.69 -29.80
C LEU A 865 -16.76 39.43 -28.47
N THR A 866 -16.39 40.70 -28.46
CA THR A 866 -16.64 41.56 -27.29
C THR A 866 -18.12 41.88 -27.14
N ASP A 867 -18.54 42.37 -25.97
CA ASP A 867 -19.91 42.82 -25.76
C ASP A 867 -20.32 43.98 -26.69
N GLU A 868 -19.36 44.81 -27.12
CA GLU A 868 -19.59 45.85 -28.11
C GLU A 868 -19.84 45.28 -29.51
N MET A 869 -19.17 44.20 -29.88
CA MET A 869 -19.39 43.53 -31.16
C MET A 869 -20.72 42.79 -31.22
N ILE A 870 -21.14 42.16 -30.12
CA ILE A 870 -22.45 41.54 -30.01
C ILE A 870 -23.58 42.57 -30.08
N ALA A 871 -23.36 43.77 -29.51
CA ALA A 871 -24.25 44.91 -29.62
C ALA A 871 -24.29 45.52 -31.03
N GLN A 872 -23.19 45.53 -31.79
CA GLN A 872 -23.20 45.94 -33.20
C GLN A 872 -23.95 44.95 -34.09
N TYR A 873 -23.81 43.65 -33.85
CA TYR A 873 -24.59 42.64 -34.57
C TYR A 873 -26.08 42.77 -34.28
N THR A 874 -26.43 43.03 -33.03
CA THR A 874 -27.81 43.21 -32.58
C THR A 874 -28.42 44.53 -33.08
N SER A 875 -27.63 45.59 -33.15
CA SER A 875 -27.96 46.84 -33.83
C SER A 875 -28.29 46.64 -35.31
N ALA A 876 -27.48 45.86 -36.04
CA ALA A 876 -27.70 45.54 -37.44
C ALA A 876 -28.91 44.64 -37.69
N LEU A 877 -29.17 43.65 -36.83
CA LEU A 877 -30.39 42.84 -36.87
C LEU A 877 -31.65 43.69 -36.68
N LEU A 878 -31.62 44.66 -35.77
CA LEU A 878 -32.75 45.52 -35.46
C LEU A 878 -32.95 46.61 -36.52
N ALA A 879 -31.89 47.27 -36.98
CA ALA A 879 -31.95 48.21 -38.08
C ALA A 879 -32.39 47.56 -39.41
N GLY A 880 -31.92 46.34 -39.69
CA GLY A 880 -32.36 45.57 -40.85
C GLY A 880 -33.85 45.24 -40.78
N THR A 881 -34.34 44.80 -39.63
CA THR A 881 -35.76 44.51 -39.41
C THR A 881 -36.65 45.74 -39.59
N ILE A 882 -36.41 46.83 -38.88
CA ILE A 882 -37.35 47.97 -38.93
C ILE A 882 -37.27 48.77 -40.23
N THR A 883 -36.16 48.70 -40.97
CA THR A 883 -36.06 49.39 -42.27
C THR A 883 -36.48 48.52 -43.47
N SER A 884 -36.46 47.20 -43.37
CA SER A 884 -36.59 46.31 -44.52
C SER A 884 -37.44 45.04 -44.31
N GLY A 885 -37.97 44.79 -43.12
CA GLY A 885 -38.80 43.63 -42.84
C GLY A 885 -38.04 42.31 -42.87
N TRP A 886 -38.57 41.30 -43.54
CA TRP A 886 -37.91 40.01 -43.69
C TRP A 886 -36.93 39.94 -44.87
N THR A 887 -36.86 40.98 -45.70
CA THR A 887 -36.13 40.95 -46.97
C THR A 887 -34.61 40.83 -46.79
N PHE A 888 -34.02 41.44 -45.75
CA PHE A 888 -32.60 41.27 -45.40
C PHE A 888 -32.25 39.85 -44.96
N GLY A 889 -33.22 39.03 -44.54
CA GLY A 889 -33.02 37.62 -44.27
C GLY A 889 -32.82 36.81 -45.56
N ALA A 890 -33.64 37.03 -46.58
CA ALA A 890 -33.63 36.27 -47.83
C ALA A 890 -32.61 36.75 -48.88
N GLY A 891 -32.23 38.03 -48.90
CA GLY A 891 -31.36 38.59 -49.94
C GLY A 891 -30.76 39.92 -49.54
N ALA A 892 -30.76 40.89 -50.46
CA ALA A 892 -30.50 42.29 -50.13
C ALA A 892 -31.63 42.86 -49.26
N ALA A 893 -31.31 43.76 -48.34
CA ALA A 893 -32.31 44.53 -47.61
C ALA A 893 -33.05 45.47 -48.57
N LEU A 894 -34.35 45.27 -48.74
CA LEU A 894 -35.22 46.11 -49.56
C LEU A 894 -36.04 47.00 -48.65
N GLN A 895 -35.90 48.33 -48.74
CA GLN A 895 -36.68 49.19 -47.85
C GLN A 895 -38.18 49.09 -48.14
N ILE A 896 -38.98 49.24 -47.10
CA ILE A 896 -40.44 49.36 -47.14
C ILE A 896 -40.83 50.27 -45.97
N PRO A 897 -41.85 51.14 -46.07
CA PRO A 897 -42.32 51.92 -44.94
C PRO A 897 -42.74 51.02 -43.76
N PHE A 898 -42.49 51.42 -42.52
CA PHE A 898 -42.70 50.52 -41.39
C PHE A 898 -44.16 50.09 -41.20
N ALA A 899 -45.10 51.00 -41.37
CA ALA A 899 -46.53 50.67 -41.30
C ALA A 899 -47.00 49.77 -42.44
N MET A 900 -46.31 49.74 -43.58
CA MET A 900 -46.57 48.81 -44.67
C MET A 900 -45.97 47.44 -44.40
N GLN A 901 -44.79 47.37 -43.79
CA GLN A 901 -44.26 46.13 -43.23
C GLN A 901 -45.23 45.54 -42.20
N MET A 902 -45.73 46.35 -41.26
CA MET A 902 -46.69 45.90 -40.26
C MET A 902 -48.01 45.45 -40.87
N ALA A 903 -48.47 46.03 -41.98
CA ALA A 903 -49.61 45.55 -42.73
C ALA A 903 -49.37 44.20 -43.44
N TYR A 904 -48.11 43.93 -43.76
CA TYR A 904 -47.73 42.65 -44.31
C TYR A 904 -47.89 41.63 -43.16
N ARG A 905 -47.35 41.98 -41.99
CA ARG A 905 -47.45 41.11 -40.82
C ARG A 905 -48.91 40.74 -40.52
N PHE A 906 -49.79 41.74 -40.57
CA PHE A 906 -51.22 41.52 -40.34
C PHE A 906 -51.82 40.55 -41.34
N ASN A 907 -51.53 40.66 -42.64
CA ASN A 907 -51.93 39.66 -43.62
C ASN A 907 -51.41 38.26 -43.29
N GLY A 908 -50.18 38.17 -42.78
CA GLY A 908 -49.53 36.92 -42.39
C GLY A 908 -50.14 36.22 -41.18
N ILE A 909 -50.94 36.90 -40.37
CA ILE A 909 -51.75 36.33 -39.29
C ILE A 909 -53.24 36.20 -39.66
N GLY A 910 -53.61 36.42 -40.91
CA GLY A 910 -54.98 36.28 -41.40
C GLY A 910 -55.90 37.45 -41.08
N VAL A 911 -55.35 38.63 -40.81
CA VAL A 911 -56.08 39.89 -40.60
C VAL A 911 -55.90 40.76 -41.85
N THR A 912 -56.93 41.40 -42.39
CA THR A 912 -56.76 42.20 -43.61
C THR A 912 -56.01 43.50 -43.34
N GLN A 913 -55.24 44.00 -44.30
CA GLN A 913 -54.36 45.15 -44.08
C GLN A 913 -55.06 46.47 -43.78
N ASN A 914 -56.34 46.65 -44.15
CA ASN A 914 -57.08 47.82 -43.70
C ASN A 914 -57.25 47.85 -42.17
N VAL A 915 -57.28 46.72 -41.46
CA VAL A 915 -57.34 46.68 -40.00
C VAL A 915 -56.09 47.33 -39.38
N LEU A 916 -54.92 47.25 -40.03
CA LEU A 916 -53.77 48.01 -39.57
C LEU A 916 -53.91 49.51 -39.88
N TYR A 917 -54.13 49.87 -41.13
CA TYR A 917 -54.11 51.27 -41.54
C TYR A 917 -55.23 52.10 -40.91
N GLU A 918 -56.38 51.50 -40.61
CA GLU A 918 -57.52 52.13 -39.93
C GLU A 918 -57.36 52.21 -38.40
N ASN A 919 -56.42 51.49 -37.81
CA ASN A 919 -56.11 51.46 -36.38
C ASN A 919 -54.64 51.79 -36.09
N GLN A 920 -53.92 52.44 -37.00
CA GLN A 920 -52.47 52.56 -36.92
C GLN A 920 -51.97 53.28 -35.67
N LYS A 921 -52.61 54.38 -35.26
CA LYS A 921 -52.25 55.11 -34.03
C LYS A 921 -52.46 54.28 -32.78
N LEU A 922 -53.54 53.49 -32.73
CA LEU A 922 -53.80 52.54 -31.65
C LEU A 922 -52.74 51.44 -31.61
N ILE A 923 -52.42 50.80 -32.73
CA ILE A 923 -51.42 49.73 -32.81
C ILE A 923 -50.04 50.26 -32.40
N ALA A 924 -49.66 51.45 -32.87
CA ALA A 924 -48.44 52.14 -32.47
C ALA A 924 -48.41 52.47 -30.98
N ASN A 925 -49.47 53.04 -30.41
CA ASN A 925 -49.54 53.35 -28.97
C ASN A 925 -49.51 52.10 -28.10
N GLN A 926 -50.14 51.01 -28.52
CA GLN A 926 -50.07 49.73 -27.81
C GLN A 926 -48.68 49.11 -27.88
N PHE A 927 -47.98 49.18 -29.01
CA PHE A 927 -46.58 48.77 -29.09
C PHE A 927 -45.68 49.63 -28.19
N ASN A 928 -45.78 50.95 -28.29
CA ASN A 928 -44.99 51.90 -27.51
C ASN A 928 -45.19 51.71 -26.00
N SER A 929 -46.43 51.43 -25.57
CA SER A 929 -46.76 51.14 -24.17
C SER A 929 -46.28 49.77 -23.72
N ALA A 930 -46.37 48.74 -24.55
CA ALA A 930 -45.86 47.41 -24.25
C ALA A 930 -44.33 47.38 -24.14
N ILE A 931 -43.60 48.13 -24.98
CA ILE A 931 -42.14 48.33 -24.85
C ILE A 931 -41.80 49.11 -23.56
N GLY A 932 -42.63 50.09 -23.17
CA GLY A 932 -42.50 50.78 -21.89
C GLY A 932 -42.62 49.86 -20.67
N LYS A 933 -43.47 48.83 -20.73
CA LYS A 933 -43.61 47.81 -19.69
C LYS A 933 -42.42 46.86 -19.60
N ILE A 934 -41.70 46.59 -20.71
CA ILE A 934 -40.43 45.86 -20.67
C ILE A 934 -39.39 46.65 -19.88
N GLN A 935 -39.22 47.94 -20.20
CA GLN A 935 -38.34 48.86 -19.48
C GLN A 935 -38.70 48.93 -17.98
N ASP A 936 -39.97 49.12 -17.64
CA ASP A 936 -40.44 49.17 -16.26
C ASP A 936 -40.17 47.87 -15.51
N SER A 937 -40.51 46.70 -16.08
CA SER A 937 -40.30 45.41 -15.44
C SER A 937 -38.82 45.11 -15.20
N LEU A 938 -37.97 45.30 -16.21
CA LEU A 938 -36.51 45.15 -16.07
C LEU A 938 -35.89 46.15 -15.08
N SER A 939 -36.48 47.32 -14.90
CA SER A 939 -36.07 48.29 -13.86
C SER A 939 -36.59 47.93 -12.45
N SER A 940 -37.51 46.96 -12.31
CA SER A 940 -38.27 46.73 -11.07
C SER A 940 -38.03 45.37 -10.42
N THR A 941 -38.14 44.27 -11.17
CA THR A 941 -37.94 42.92 -10.62
C THR A 941 -36.46 42.53 -10.62
N ALA A 942 -36.03 41.68 -9.69
CA ALA A 942 -34.62 41.25 -9.60
C ALA A 942 -34.30 40.06 -10.51
N SER A 943 -35.01 38.93 -10.33
CA SER A 943 -34.62 37.59 -10.79
C SER A 943 -35.04 37.20 -12.22
N ALA A 944 -35.54 38.13 -13.03
CA ALA A 944 -36.08 37.82 -14.38
C ALA A 944 -35.07 37.12 -15.30
N LEU A 945 -33.80 37.55 -15.28
CA LEU A 945 -32.69 36.91 -16.00
C LEU A 945 -32.05 35.75 -15.23
N GLY A 946 -32.79 35.11 -14.34
CA GLY A 946 -32.38 33.92 -13.60
C GLY A 946 -31.91 32.77 -14.47
N LYS A 947 -32.38 32.64 -15.71
CA LYS A 947 -31.86 31.66 -16.68
C LYS A 947 -30.39 31.90 -17.04
N LEU A 948 -29.95 33.15 -17.15
CA LEU A 948 -28.56 33.53 -17.39
C LEU A 948 -27.74 33.56 -16.09
N GLN A 949 -28.33 34.02 -14.98
CA GLN A 949 -27.67 33.99 -13.68
C GLN A 949 -27.41 32.56 -13.20
N ASP A 950 -28.31 31.60 -13.43
CA ASP A 950 -28.09 30.17 -13.13
C ASP A 950 -26.85 29.59 -13.82
N VAL A 951 -26.56 30.03 -15.05
CA VAL A 951 -25.40 29.58 -15.82
C VAL A 951 -24.11 30.15 -15.24
N VAL A 952 -24.09 31.43 -14.89
CA VAL A 952 -22.94 32.06 -14.23
C VAL A 952 -22.72 31.45 -12.84
N ASN A 953 -23.79 31.23 -12.08
CA ASN A 953 -23.74 30.62 -10.77
C ASN A 953 -23.21 29.18 -10.82
N GLN A 954 -23.64 28.36 -11.78
CA GLN A 954 -23.16 26.99 -11.93
C GLN A 954 -21.68 26.92 -12.28
N ASN A 955 -21.22 27.74 -13.21
CA ASN A 955 -19.81 27.78 -13.58
C ASN A 955 -18.93 28.29 -12.43
N ALA A 956 -19.39 29.27 -11.65
CA ALA A 956 -18.70 29.73 -10.46
C ALA A 956 -18.69 28.70 -9.34
N GLN A 957 -19.80 27.99 -9.09
CA GLN A 957 -19.89 26.96 -8.05
C GLN A 957 -19.04 25.73 -8.39
N ALA A 958 -18.92 25.37 -9.67
CA ALA A 958 -18.05 24.30 -10.14
C ALA A 958 -16.56 24.64 -9.98
N LEU A 959 -16.16 25.89 -10.24
CA LEU A 959 -14.79 26.34 -10.01
C LEU A 959 -14.46 26.46 -8.53
N ASN A 960 -15.40 26.90 -7.69
CA ASN A 960 -15.19 26.94 -6.25
C ASN A 960 -15.11 25.53 -5.67
N THR A 961 -15.91 24.58 -6.14
CA THR A 961 -15.81 23.17 -5.76
C THR A 961 -14.43 22.61 -6.12
N LEU A 962 -13.93 22.87 -7.32
CA LEU A 962 -12.62 22.42 -7.78
C LEU A 962 -11.48 23.01 -6.94
N VAL A 963 -11.51 24.28 -6.60
CA VAL A 963 -10.53 24.89 -5.68
C VAL A 963 -10.61 24.27 -4.29
N LYS A 964 -11.80 24.04 -3.73
CA LYS A 964 -11.97 23.43 -2.41
C LYS A 964 -11.52 21.98 -2.32
N GLN A 965 -11.54 21.22 -3.41
CA GLN A 965 -10.99 19.87 -3.40
C GLN A 965 -9.48 19.80 -3.11
N LEU A 966 -8.75 20.91 -3.16
CA LEU A 966 -7.34 20.99 -2.74
C LEU A 966 -7.14 20.95 -1.22
N SER A 967 -8.17 21.21 -0.42
CA SER A 967 -8.16 21.02 1.04
C SER A 967 -8.21 19.56 1.47
N SER A 968 -8.62 18.65 0.59
CA SER A 968 -8.82 17.23 0.90
C SER A 968 -7.49 16.50 1.00
N ASN A 969 -7.33 15.68 2.04
CA ASN A 969 -6.14 14.85 2.22
C ASN A 969 -6.12 13.65 1.26
N PHE A 970 -7.28 13.14 0.86
CA PHE A 970 -7.44 11.88 0.13
C PHE A 970 -6.73 10.69 0.80
N GLY A 971 -6.55 10.76 2.12
CA GLY A 971 -5.83 9.78 2.94
C GLY A 971 -4.34 10.06 3.17
N ALA A 972 -3.76 11.09 2.56
CA ALA A 972 -2.39 11.53 2.85
C ALA A 972 -2.26 12.20 4.24
N ILE A 973 -1.04 12.34 4.77
CA ILE A 973 -0.79 12.96 6.08
C ILE A 973 -1.18 14.45 6.17
N SER A 974 -1.24 15.14 5.03
CA SER A 974 -1.70 16.51 4.85
C SER A 974 -2.24 16.67 3.43
N SER A 975 -3.06 17.68 3.17
CA SER A 975 -3.32 18.12 1.80
C SER A 975 -2.23 19.04 1.25
N VAL A 976 -1.38 19.62 2.10
CA VAL A 976 -0.35 20.56 1.67
C VAL A 976 0.87 19.81 1.18
N LEU A 977 1.07 19.81 -0.13
CA LEU A 977 2.11 19.04 -0.81
C LEU A 977 3.54 19.38 -0.33
N ASN A 978 3.78 20.64 0.04
CA ASN A 978 5.04 21.08 0.66
C ASN A 978 5.27 20.52 2.07
N ASP A 979 4.24 20.32 2.89
CA ASP A 979 4.38 19.75 4.24
C ASP A 979 4.74 18.27 4.17
N ILE A 980 4.28 17.55 3.14
CA ILE A 980 4.69 16.18 2.86
C ILE A 980 6.19 16.15 2.51
N LEU A 981 6.64 17.05 1.63
CA LEU A 981 8.03 17.15 1.19
C LEU A 981 8.99 17.75 2.24
N SER A 982 8.47 18.54 3.20
CA SER A 982 9.22 19.08 4.33
C SER A 982 9.48 18.02 5.40
N ARG A 983 8.52 17.12 5.62
CA ARG A 983 8.69 16.14 6.69
C ARG A 983 9.04 14.70 6.32
N LEU A 984 8.81 14.31 5.08
CA LEU A 984 9.10 12.94 4.67
C LEU A 984 10.26 12.87 3.68
N ASP A 985 10.99 11.76 3.74
CA ASP A 985 12.06 11.44 2.78
C ASP A 985 11.51 11.06 1.39
N LYS A 986 12.39 10.82 0.42
CA LYS A 986 12.06 10.51 -0.98
C LYS A 986 11.03 9.37 -1.12
N VAL A 987 11.18 8.27 -0.39
CA VAL A 987 10.31 7.08 -0.58
C VAL A 987 9.04 7.15 0.27
N GLU A 988 9.08 7.75 1.46
CA GLU A 988 7.86 7.99 2.23
C GLU A 988 6.94 9.06 1.60
N ALA A 989 7.51 10.15 1.09
CA ALA A 989 6.76 11.19 0.41
C ALA A 989 6.09 10.68 -0.87
N GLU A 990 6.71 9.81 -1.66
CA GLU A 990 6.08 9.26 -2.87
C GLU A 990 4.73 8.57 -2.60
N VAL A 991 4.59 7.85 -1.49
CA VAL A 991 3.35 7.15 -1.14
C VAL A 991 2.25 8.13 -0.76
N GLN A 992 2.59 9.22 -0.07
CA GLN A 992 1.65 10.28 0.29
C GLN A 992 1.27 11.15 -0.91
N ILE A 993 2.24 11.54 -1.75
CA ILE A 993 2.00 12.34 -2.95
C ILE A 993 1.10 11.60 -3.94
N ASP A 994 1.25 10.29 -4.12
CA ASP A 994 0.37 9.50 -4.99
C ASP A 994 -1.11 9.54 -4.55
N ARG A 995 -1.35 9.71 -3.28
CA ARG A 995 -2.69 9.80 -2.76
C ARG A 995 -3.33 11.11 -3.11
N LEU A 996 -2.59 12.20 -3.04
CA LEU A 996 -3.01 13.52 -3.53
C LEU A 996 -3.13 13.59 -5.04
N ILE A 997 -2.19 13.01 -5.81
CA ILE A 997 -2.32 12.94 -7.27
C ILE A 997 -3.61 12.21 -7.64
N THR A 998 -3.90 11.07 -7.03
CA THR A 998 -5.08 10.26 -7.32
C THR A 998 -6.37 11.06 -7.11
N GLY A 999 -6.54 11.74 -5.97
CA GLY A 999 -7.74 12.51 -5.68
C GLY A 999 -7.87 13.82 -6.44
N ARG A 1000 -6.78 14.53 -6.71
CA ARG A 1000 -6.77 15.77 -7.51
C ARG A 1000 -7.00 15.50 -8.99
N LEU A 1001 -6.45 14.41 -9.50
CA LEU A 1001 -6.73 13.93 -10.85
C LEU A 1001 -8.20 13.53 -11.02
N GLN A 1002 -8.80 12.85 -10.05
CA GLN A 1002 -10.24 12.52 -10.03
C GLN A 1002 -11.14 13.75 -9.92
N SER A 1003 -10.70 14.77 -9.20
CA SER A 1003 -11.38 16.07 -9.09
C SER A 1003 -11.43 16.82 -10.41
N LEU A 1004 -10.34 16.83 -11.20
CA LEU A 1004 -10.35 17.37 -12.55
C LEU A 1004 -11.19 16.54 -13.51
N GLN A 1005 -11.09 15.21 -13.51
CA GLN A 1005 -11.92 14.35 -14.36
C GLN A 1005 -13.41 14.54 -14.11
N THR A 1006 -13.80 14.78 -12.85
CA THR A 1006 -15.18 15.10 -12.47
C THR A 1006 -15.61 16.47 -12.97
N TYR A 1007 -14.79 17.51 -12.76
CA TYR A 1007 -15.06 18.86 -13.24
C TYR A 1007 -15.22 18.91 -14.76
N VAL A 1008 -14.30 18.32 -15.51
CA VAL A 1008 -14.33 18.32 -16.98
C VAL A 1008 -15.51 17.52 -17.53
N THR A 1009 -15.87 16.38 -16.94
CA THR A 1009 -17.08 15.64 -17.30
C THR A 1009 -18.35 16.45 -17.05
N GLN A 1010 -18.47 17.10 -15.89
CA GLN A 1010 -19.60 17.98 -15.58
C GLN A 1010 -19.68 19.18 -16.53
N GLN A 1011 -18.56 19.81 -16.86
CA GLN A 1011 -18.50 20.91 -17.84
C GLN A 1011 -18.79 20.47 -19.27
N LEU A 1012 -18.37 19.28 -19.71
CA LEU A 1012 -18.74 18.68 -21.00
C LEU A 1012 -20.23 18.38 -21.09
N ILE A 1013 -20.84 17.93 -20.01
CA ILE A 1013 -22.29 17.72 -19.92
C ILE A 1013 -23.04 19.06 -19.95
N ARG A 1014 -22.53 20.08 -19.29
CA ARG A 1014 -23.16 21.40 -19.32
C ARG A 1014 -23.06 22.02 -20.73
N ALA A 1015 -21.86 21.99 -21.31
CA ALA A 1015 -21.61 22.53 -22.63
C ALA A 1015 -22.62 22.05 -23.68
N ALA A 1016 -23.13 20.83 -23.55
CA ALA A 1016 -24.18 20.31 -24.41
C ALA A 1016 -25.56 20.96 -24.15
N GLU A 1017 -25.88 21.35 -22.91
CA GLU A 1017 -27.09 22.09 -22.55
C GLU A 1017 -27.08 23.51 -23.11
N ILE A 1018 -25.92 24.16 -23.05
CA ILE A 1018 -25.68 25.52 -23.57
C ILE A 1018 -25.66 25.52 -25.09
N ARG A 1019 -25.16 24.45 -25.70
CA ARG A 1019 -25.16 24.31 -27.15
C ARG A 1019 -26.62 24.23 -27.61
N ALA A 1020 -27.36 23.26 -27.06
CA ALA A 1020 -28.77 23.10 -27.38
C ALA A 1020 -29.56 24.40 -27.23
N SER A 1021 -29.27 25.19 -26.19
CA SER A 1021 -29.85 26.52 -25.97
C SER A 1021 -29.42 27.55 -27.02
N ALA A 1022 -28.16 27.57 -27.44
CA ALA A 1022 -27.65 28.43 -28.48
C ALA A 1022 -28.19 28.08 -29.88
N ASN A 1023 -28.39 26.79 -30.17
CA ASN A 1023 -29.03 26.33 -31.40
C ASN A 1023 -30.51 26.72 -31.46
N LEU A 1024 -31.22 26.72 -30.32
CA LEU A 1024 -32.56 27.25 -30.22
C LEU A 1024 -32.59 28.76 -30.42
N ALA A 1025 -31.69 29.52 -29.78
CA ALA A 1025 -31.56 30.96 -29.95
C ALA A 1025 -31.19 31.39 -31.37
N ALA A 1026 -30.37 30.61 -32.08
CA ALA A 1026 -30.03 30.84 -33.48
C ALA A 1026 -31.22 30.57 -34.39
N THR A 1027 -32.05 29.58 -34.07
CA THR A 1027 -33.27 29.25 -34.79
C THR A 1027 -34.34 30.31 -34.56
N LYS A 1028 -34.51 30.81 -33.34
CA LYS A 1028 -35.35 31.97 -33.02
C LYS A 1028 -34.86 33.26 -33.69
N MET A 1029 -33.56 33.47 -33.81
CA MET A 1029 -33.03 34.59 -34.57
C MET A 1029 -33.42 34.51 -36.05
N SER A 1030 -33.20 33.37 -36.70
CA SER A 1030 -33.63 33.17 -38.08
C SER A 1030 -35.15 33.25 -38.27
N GLU A 1031 -35.94 32.56 -37.46
CA GLU A 1031 -37.37 32.40 -37.70
C GLU A 1031 -38.27 33.45 -37.05
N CYS A 1032 -37.84 34.14 -35.99
CA CYS A 1032 -38.61 35.19 -35.33
C CYS A 1032 -38.11 36.61 -35.63
N VAL A 1033 -36.81 36.82 -35.85
CA VAL A 1033 -36.26 38.15 -36.16
C VAL A 1033 -36.16 38.36 -37.66
N LEU A 1034 -35.59 37.41 -38.39
CA LEU A 1034 -35.40 37.45 -39.84
C LEU A 1034 -36.64 37.00 -40.63
N GLY A 1035 -37.71 36.59 -39.93
CA GLY A 1035 -38.98 36.16 -40.50
C GLY A 1035 -40.18 36.43 -39.61
N GLN A 1036 -41.35 36.01 -40.07
CA GLN A 1036 -42.56 35.91 -39.26
C GLN A 1036 -42.98 34.44 -39.16
N SER A 1037 -43.01 33.90 -37.95
CA SER A 1037 -43.26 32.49 -37.73
C SER A 1037 -44.74 32.14 -37.71
N LYS A 1038 -45.15 31.09 -38.42
CA LYS A 1038 -46.49 30.49 -38.29
C LYS A 1038 -46.56 29.41 -37.19
N ARG A 1039 -45.39 29.07 -36.64
CA ARG A 1039 -45.30 28.08 -35.59
C ARG A 1039 -45.95 28.65 -34.33
N VAL A 1040 -46.79 27.84 -33.69
CA VAL A 1040 -47.51 28.27 -32.48
C VAL A 1040 -46.59 28.26 -31.27
N ASP A 1041 -46.66 29.31 -30.46
CA ASP A 1041 -45.86 29.55 -29.25
C ASP A 1041 -44.33 29.49 -29.43
N PHE A 1042 -43.82 29.56 -30.66
CA PHE A 1042 -42.39 29.61 -30.94
C PHE A 1042 -41.79 31.01 -30.73
N CYS A 1043 -42.56 32.06 -31.02
CA CYS A 1043 -42.16 33.46 -30.89
C CYS A 1043 -43.14 34.24 -30.00
N GLY A 1044 -43.27 33.83 -28.74
CA GLY A 1044 -44.19 34.43 -27.76
C GLY A 1044 -45.60 33.83 -27.78
N LYS A 1045 -46.54 34.38 -27.01
CA LYS A 1045 -47.94 33.93 -26.94
C LYS A 1045 -48.84 34.90 -27.69
N GLY A 1046 -49.69 34.39 -28.58
CA GLY A 1046 -50.41 35.18 -29.58
C GLY A 1046 -50.02 34.76 -30.98
N TYR A 1047 -50.45 35.53 -31.98
CA TYR A 1047 -50.01 35.35 -33.36
C TYR A 1047 -48.80 36.23 -33.62
N HIS A 1048 -47.67 35.66 -34.01
CA HIS A 1048 -46.42 36.37 -34.19
C HIS A 1048 -46.52 37.47 -35.23
N LEU A 1049 -46.07 38.68 -34.89
CA LEU A 1049 -45.89 39.78 -35.83
C LEU A 1049 -44.41 39.91 -36.18
N MET A 1050 -43.56 40.15 -35.18
CA MET A 1050 -42.11 40.28 -35.33
C MET A 1050 -41.41 40.21 -33.99
N SER A 1051 -40.12 39.91 -33.97
CA SER A 1051 -39.30 39.90 -32.76
C SER A 1051 -38.08 40.79 -32.92
N PHE A 1052 -37.59 41.33 -31.82
CA PHE A 1052 -36.40 42.15 -31.73
C PHE A 1052 -35.38 41.49 -30.82
N PRO A 1053 -34.14 41.24 -31.28
CA PRO A 1053 -33.10 40.72 -30.43
C PRO A 1053 -32.47 41.85 -29.59
N GLN A 1054 -32.12 41.54 -28.35
CA GLN A 1054 -31.32 42.37 -27.45
C GLN A 1054 -30.22 41.49 -26.86
N SER A 1055 -29.00 41.96 -26.78
CA SER A 1055 -27.91 41.19 -26.19
C SER A 1055 -27.95 41.24 -24.66
N ALA A 1056 -27.55 40.15 -24.02
CA ALA A 1056 -27.47 40.01 -22.57
C ALA A 1056 -26.19 39.25 -22.19
N PRO A 1057 -25.68 39.35 -20.96
CA PRO A 1057 -24.45 38.66 -20.55
C PRO A 1057 -24.53 37.13 -20.72
N HIS A 1058 -23.76 36.59 -21.66
CA HIS A 1058 -23.80 35.19 -22.12
C HIS A 1058 -25.15 34.70 -22.67
N GLY A 1059 -25.99 35.58 -23.18
CA GLY A 1059 -27.32 35.23 -23.65
C GLY A 1059 -27.86 36.16 -24.69
N VAL A 1060 -29.11 35.93 -25.06
CA VAL A 1060 -29.93 36.79 -25.92
C VAL A 1060 -31.29 36.95 -25.26
N VAL A 1061 -31.86 38.13 -25.40
CA VAL A 1061 -33.26 38.39 -25.10
C VAL A 1061 -33.99 38.63 -26.41
N PHE A 1062 -35.09 37.93 -26.66
CA PHE A 1062 -36.01 38.28 -27.73
C PHE A 1062 -37.18 39.02 -27.12
N LEU A 1063 -37.46 40.21 -27.62
CA LEU A 1063 -38.72 40.90 -27.40
C LEU A 1063 -39.65 40.50 -28.54
N HIS A 1064 -40.58 39.60 -28.27
CA HIS A 1064 -41.52 39.07 -29.24
C HIS A 1064 -42.79 39.91 -29.26
N VAL A 1065 -43.21 40.39 -30.43
CA VAL A 1065 -44.43 41.15 -30.64
C VAL A 1065 -45.47 40.23 -31.25
N THR A 1066 -46.64 40.16 -30.63
CA THR A 1066 -47.74 39.30 -31.07
C THR A 1066 -49.05 40.07 -31.10
N TYR A 1067 -49.91 39.74 -32.05
CA TYR A 1067 -51.30 40.11 -32.07
C TYR A 1067 -52.07 39.17 -31.15
N VAL A 1068 -52.72 39.70 -30.14
CA VAL A 1068 -53.59 38.94 -29.25
C VAL A 1068 -55.03 39.44 -29.44
N PRO A 1069 -55.98 38.61 -29.90
CA PRO A 1069 -57.38 39.02 -30.04
C PRO A 1069 -58.06 39.24 -28.68
N ALA A 1070 -58.88 40.29 -28.56
CA ALA A 1070 -59.16 40.89 -27.24
C ALA A 1070 -60.62 40.86 -26.73
N GLN A 1071 -61.58 41.42 -27.48
CA GLN A 1071 -62.92 41.74 -26.97
C GLN A 1071 -63.99 41.00 -27.78
N GLU A 1072 -64.08 39.70 -27.61
CA GLU A 1072 -64.97 38.85 -28.40
C GLU A 1072 -66.44 39.01 -28.05
N LYS A 1073 -67.28 38.86 -29.07
CA LYS A 1073 -68.74 38.78 -28.94
C LYS A 1073 -69.19 37.46 -29.53
N ASN A 1074 -70.22 36.84 -28.98
CA ASN A 1074 -70.82 35.64 -29.56
C ASN A 1074 -71.83 36.02 -30.66
N PHE A 1075 -71.89 35.19 -31.69
CA PHE A 1075 -72.72 35.32 -32.88
C PHE A 1075 -73.32 33.95 -33.21
N THR A 1076 -74.43 33.94 -33.91
CA THR A 1076 -74.91 32.73 -34.59
C THR A 1076 -74.09 32.55 -35.86
N THR A 1077 -73.81 31.32 -36.27
CA THR A 1077 -73.03 31.02 -37.47
C THR A 1077 -73.66 29.89 -38.27
N ALA A 1078 -73.29 29.77 -39.54
CA ALA A 1078 -73.71 28.71 -40.45
C ALA A 1078 -72.51 28.30 -41.32
N PRO A 1079 -72.42 27.03 -41.73
CA PRO A 1079 -71.37 26.57 -42.63
C PRO A 1079 -71.55 27.04 -44.07
N ALA A 1080 -72.80 27.18 -44.52
CA ALA A 1080 -73.19 27.59 -45.86
C ALA A 1080 -74.48 28.42 -45.81
N ILE A 1081 -74.69 29.22 -46.85
CA ILE A 1081 -75.91 29.96 -47.13
C ILE A 1081 -76.60 29.32 -48.33
N CYS A 1082 -77.89 29.03 -48.23
CA CYS A 1082 -78.70 28.60 -49.34
C CYS A 1082 -79.43 29.79 -49.95
N HIS A 1083 -79.37 29.96 -51.28
CA HIS A 1083 -80.06 31.06 -51.95
C HIS A 1083 -80.87 30.59 -53.17
N ASP A 1084 -80.28 30.57 -54.36
CA ASP A 1084 -80.93 30.23 -55.62
C ASP A 1084 -81.13 28.70 -55.79
N GLY A 1085 -81.45 27.97 -54.71
CA GLY A 1085 -81.36 26.51 -54.63
C GLY A 1085 -79.94 25.97 -54.61
N LYS A 1086 -78.95 26.85 -54.45
CA LYS A 1086 -77.50 26.62 -54.48
C LYS A 1086 -76.89 26.92 -53.12
N ALA A 1087 -75.89 26.14 -52.69
CA ALA A 1087 -75.15 26.35 -51.45
C ALA A 1087 -73.91 27.23 -51.67
N HIS A 1088 -73.80 28.32 -50.92
CA HIS A 1088 -72.72 29.30 -50.97
C HIS A 1088 -71.84 29.17 -49.74
N PHE A 1089 -70.52 29.26 -49.92
CA PHE A 1089 -69.51 29.18 -48.87
C PHE A 1089 -68.66 30.46 -48.85
N PRO A 1090 -68.12 30.92 -47.71
CA PRO A 1090 -67.25 32.11 -47.69
C PRO A 1090 -65.97 31.91 -48.52
N ARG A 1091 -65.49 32.89 -49.24
CA ARG A 1091 -64.23 32.72 -49.95
C ARG A 1091 -63.19 32.74 -48.88
N GLU A 1092 -63.01 33.88 -48.27
CA GLU A 1092 -62.23 33.97 -47.05
C GLU A 1092 -63.19 34.51 -45.99
N GLY A 1093 -63.17 33.97 -44.79
CA GLY A 1093 -64.09 34.41 -43.73
C GLY A 1093 -65.03 33.33 -43.24
N VAL A 1094 -66.03 33.77 -42.50
CA VAL A 1094 -67.06 32.96 -41.85
C VAL A 1094 -68.39 33.70 -41.89
N PHE A 1095 -69.51 32.99 -42.10
CA PHE A 1095 -70.83 33.58 -42.01
C PHE A 1095 -71.25 33.78 -40.55
N VAL A 1096 -71.84 34.93 -40.25
CA VAL A 1096 -72.32 35.27 -38.91
C VAL A 1096 -73.64 36.01 -38.96
N SER A 1097 -74.44 35.84 -37.92
CA SER A 1097 -75.62 36.65 -37.69
C SER A 1097 -75.56 37.35 -36.34
N ASN A 1098 -75.95 38.63 -36.36
CA ASN A 1098 -76.21 39.40 -35.15
C ASN A 1098 -77.53 39.00 -34.44
N GLY A 1099 -78.36 38.19 -35.09
CA GLY A 1099 -79.65 37.72 -34.61
C GLY A 1099 -80.76 37.92 -35.63
N THR A 1100 -80.65 38.90 -36.53
CA THR A 1100 -81.69 39.23 -37.53
C THR A 1100 -81.16 39.27 -38.96
N HIS A 1101 -79.90 39.65 -39.14
CA HIS A 1101 -79.24 39.79 -40.45
C HIS A 1101 -78.01 38.89 -40.53
N TRP A 1102 -77.62 38.48 -41.74
CA TRP A 1102 -76.44 37.65 -42.01
C TRP A 1102 -75.36 38.43 -42.76
N PHE A 1103 -74.11 38.19 -42.39
CA PHE A 1103 -72.90 38.81 -42.92
C PHE A 1103 -71.82 37.78 -43.18
N VAL A 1104 -70.79 38.15 -43.94
CA VAL A 1104 -69.48 37.47 -43.91
C VAL A 1104 -68.51 38.35 -43.14
N THR A 1105 -67.72 37.78 -42.26
CA THR A 1105 -66.60 38.47 -41.58
C THR A 1105 -65.31 37.71 -41.82
N GLN A 1106 -64.18 38.40 -41.80
CA GLN A 1106 -62.88 37.74 -41.63
C GLN A 1106 -62.82 37.03 -40.26
N ARG A 1107 -62.11 35.95 -40.16
CA ARG A 1107 -62.17 35.17 -38.94
C ARG A 1107 -61.51 35.61 -37.68
N ASN A 1108 -60.51 36.46 -37.78
CA ASN A 1108 -59.68 36.89 -36.65
C ASN A 1108 -59.95 38.31 -36.15
N PHE A 1109 -60.96 38.97 -36.71
CA PHE A 1109 -61.34 40.35 -36.38
C PHE A 1109 -62.76 40.58 -36.91
N TYR A 1110 -63.68 41.05 -36.07
CA TYR A 1110 -65.05 41.28 -36.50
C TYR A 1110 -65.18 42.51 -37.41
N GLU A 1111 -65.47 42.25 -38.68
CA GLU A 1111 -65.64 43.23 -39.76
C GLU A 1111 -66.76 42.72 -40.70
N PRO A 1112 -68.05 42.92 -40.36
CA PRO A 1112 -69.18 42.32 -41.05
C PRO A 1112 -69.48 42.97 -42.39
N GLN A 1113 -69.74 42.17 -43.42
CA GLN A 1113 -70.03 42.62 -44.78
C GLN A 1113 -71.23 41.90 -45.37
N ILE A 1114 -71.99 42.56 -46.24
CA ILE A 1114 -73.13 41.96 -46.93
C ILE A 1114 -72.67 40.71 -47.69
N ILE A 1115 -73.46 39.63 -47.64
CA ILE A 1115 -73.15 38.40 -48.35
C ILE A 1115 -73.42 38.61 -49.84
N THR A 1116 -72.39 38.50 -50.67
CA THR A 1116 -72.47 38.74 -52.11
C THR A 1116 -71.80 37.62 -52.89
N THR A 1117 -72.09 37.52 -54.17
CA THR A 1117 -71.41 36.60 -55.11
C THR A 1117 -69.91 36.91 -55.32
N ASP A 1118 -69.40 38.04 -54.81
CA ASP A 1118 -67.96 38.35 -54.74
C ASP A 1118 -67.33 37.86 -53.42
N ASN A 1119 -68.07 37.85 -52.32
CA ASN A 1119 -67.67 37.36 -50.99
C ASN A 1119 -67.71 35.83 -50.85
N THR A 1120 -68.36 35.12 -51.77
CA THR A 1120 -68.73 33.71 -51.63
C THR A 1120 -68.47 32.91 -52.90
N PHE A 1121 -68.40 31.58 -52.78
CA PHE A 1121 -68.40 30.67 -53.93
C PHE A 1121 -69.51 29.65 -53.80
N VAL A 1122 -70.09 29.21 -54.91
CA VAL A 1122 -71.13 28.16 -54.92
C VAL A 1122 -70.50 26.78 -54.99
N SER A 1123 -71.09 25.80 -54.31
CA SER A 1123 -70.84 24.39 -54.64
C SER A 1123 -72.03 23.50 -54.26
N GLY A 1124 -72.69 22.94 -55.27
CA GLY A 1124 -73.84 22.05 -55.10
C GLY A 1124 -75.12 22.74 -54.67
N ASN A 1125 -76.14 21.93 -54.39
CA ASN A 1125 -77.43 22.38 -53.87
C ASN A 1125 -77.51 22.27 -52.33
N CYS A 1126 -78.59 22.78 -51.75
CA CYS A 1126 -78.77 22.92 -50.31
C CYS A 1126 -79.12 21.62 -49.55
N ASP A 1127 -79.13 20.47 -50.20
CA ASP A 1127 -79.54 19.19 -49.59
C ASP A 1127 -78.47 18.54 -48.72
N VAL A 1128 -77.19 18.78 -49.04
CA VAL A 1128 -76.06 17.99 -48.52
C VAL A 1128 -75.47 18.55 -47.23
N VAL A 1129 -75.37 19.88 -47.11
CA VAL A 1129 -74.69 20.55 -46.00
C VAL A 1129 -75.53 20.52 -44.72
N ILE A 1130 -75.01 19.93 -43.65
CA ILE A 1130 -75.63 19.91 -42.33
C ILE A 1130 -75.58 21.32 -41.73
N GLY A 1131 -76.72 21.94 -41.48
CA GLY A 1131 -76.81 23.25 -40.83
C GLY A 1131 -76.79 24.47 -41.76
N ILE A 1132 -76.91 24.29 -43.08
CA ILE A 1132 -77.11 25.38 -44.05
C ILE A 1132 -78.38 26.20 -43.72
N VAL A 1133 -78.31 27.53 -43.90
CA VAL A 1133 -79.42 28.46 -43.62
C VAL A 1133 -79.80 29.25 -44.86
N ASN A 1134 -81.06 29.66 -44.97
CA ASN A 1134 -81.53 30.51 -46.06
C ASN A 1134 -81.17 31.99 -45.81
N ASN A 1135 -80.60 32.65 -46.80
CA ASN A 1135 -80.47 34.11 -46.84
C ASN A 1135 -80.38 34.57 -48.30
N THR A 1136 -80.64 35.84 -48.57
CA THR A 1136 -80.29 36.44 -49.85
C THR A 1136 -78.76 36.51 -50.03
N VAL A 1137 -78.28 36.29 -51.25
CA VAL A 1137 -76.90 36.57 -51.65
C VAL A 1137 -76.94 37.59 -52.78
N TYR A 1138 -76.34 38.75 -52.57
CA TYR A 1138 -76.40 39.87 -53.50
C TYR A 1138 -75.50 39.65 -54.72
N ASP A 1139 -76.00 39.91 -55.93
CA ASP A 1139 -75.17 40.00 -57.13
C ASP A 1139 -74.97 41.49 -57.47
N PRO A 1140 -73.80 42.10 -57.21
CA PRO A 1140 -73.61 43.54 -57.40
C PRO A 1140 -73.66 43.96 -58.88
N LEU A 1141 -73.55 43.02 -59.83
CA LEU A 1141 -73.76 43.28 -61.25
C LEU A 1141 -75.25 43.45 -61.58
N GLN A 1142 -76.17 42.96 -60.74
CA GLN A 1142 -77.61 42.99 -60.98
C GLN A 1142 -78.17 44.43 -61.08
N PRO A 1143 -78.04 45.32 -60.07
CA PRO A 1143 -78.54 46.70 -60.20
C PRO A 1143 -77.78 47.53 -61.22
N GLU A 1144 -76.50 47.24 -61.46
CA GLU A 1144 -75.69 47.84 -62.53
C GLU A 1144 -76.23 47.51 -63.93
N LEU A 1145 -76.98 46.41 -64.10
CA LEU A 1145 -77.72 46.09 -65.33
C LEU A 1145 -79.22 46.42 -65.26
N ASP A 1146 -79.87 46.38 -64.10
CA ASP A 1146 -81.27 46.82 -63.98
C ASP A 1146 -81.42 48.33 -64.24
N SER A 1147 -80.57 49.16 -63.62
CA SER A 1147 -80.51 50.59 -63.93
C SER A 1147 -80.11 50.88 -65.38
N PHE A 1148 -79.44 49.95 -66.06
CA PHE A 1148 -79.15 50.00 -67.49
C PHE A 1148 -80.35 49.54 -68.35
N LYS A 1149 -81.24 48.68 -67.81
CA LYS A 1149 -82.54 48.35 -68.39
C LYS A 1149 -83.48 49.54 -68.29
N GLU A 1150 -83.55 50.24 -67.15
CA GLU A 1150 -84.35 51.46 -67.00
C GLU A 1150 -83.82 52.63 -67.87
N GLU A 1151 -82.50 52.67 -68.12
CA GLU A 1151 -81.89 53.54 -69.13
C GLU A 1151 -82.37 53.21 -70.55
N LEU A 1152 -82.38 51.93 -70.96
CA LEU A 1152 -83.01 51.52 -72.22
C LEU A 1152 -84.51 51.85 -72.27
N ASP A 1153 -85.25 51.57 -71.20
CA ASP A 1153 -86.71 51.74 -71.16
C ASP A 1153 -87.10 53.22 -71.34
N LYS A 1154 -86.48 54.16 -70.61
CA LYS A 1154 -86.73 55.59 -70.83
C LYS A 1154 -86.31 56.06 -72.23
N TYR A 1155 -85.23 55.51 -72.80
CA TYR A 1155 -84.88 55.77 -74.21
C TYR A 1155 -85.97 55.27 -75.17
N PHE A 1156 -86.46 54.03 -75.04
CA PHE A 1156 -87.55 53.49 -75.85
C PHE A 1156 -88.85 54.31 -75.67
N LYS A 1157 -89.27 54.60 -74.44
CA LYS A 1157 -90.49 55.39 -74.17
C LYS A 1157 -90.40 56.80 -74.77
N ASN A 1158 -89.31 57.54 -74.53
CA ASN A 1158 -89.08 58.85 -75.14
C ASN A 1158 -89.14 58.78 -76.68
N HIS A 1159 -88.48 57.79 -77.28
CA HIS A 1159 -88.46 57.63 -78.72
C HIS A 1159 -89.76 57.08 -79.35
N THR A 1160 -90.81 56.77 -78.55
CA THR A 1160 -92.17 56.58 -79.10
C THR A 1160 -92.83 57.90 -79.55
N SER A 1161 -92.36 59.05 -79.02
CA SER A 1161 -92.99 60.36 -79.27
C SER A 1161 -93.00 60.84 -80.75
N PRO A 1162 -91.93 60.66 -81.58
CA PRO A 1162 -92.03 60.94 -83.01
C PRO A 1162 -92.94 59.93 -83.73
N GLN B 14 -9.30 -61.26 5.01
CA GLN B 14 -9.35 -62.18 3.84
C GLN B 14 -9.54 -61.38 2.55
N CYS B 15 -8.83 -61.75 1.48
CA CYS B 15 -9.01 -61.22 0.12
C CYS B 15 -9.15 -62.36 -0.90
N VAL B 16 -10.04 -62.22 -1.90
CA VAL B 16 -10.37 -63.27 -2.89
C VAL B 16 -10.50 -62.68 -4.30
N ASN B 17 -9.99 -63.37 -5.33
CA ASN B 17 -10.13 -62.97 -6.74
C ASN B 17 -11.38 -63.60 -7.39
N LEU B 18 -12.49 -62.87 -7.44
CA LEU B 18 -13.77 -63.37 -7.98
C LEU B 18 -13.71 -63.54 -9.51
N THR B 19 -14.09 -64.71 -10.00
CA THR B 19 -13.88 -65.11 -11.42
C THR B 19 -15.17 -65.40 -12.20
N THR B 20 -16.25 -65.81 -11.53
CA THR B 20 -17.53 -66.23 -12.16
C THR B 20 -18.38 -65.03 -12.64
N ARG B 21 -18.08 -64.49 -13.83
CA ARG B 21 -18.84 -63.39 -14.47
C ARG B 21 -18.83 -63.45 -16.00
N THR B 22 -19.86 -62.89 -16.63
CA THR B 22 -19.95 -62.65 -18.08
C THR B 22 -19.11 -61.43 -18.47
N GLN B 23 -18.67 -61.32 -19.73
CA GLN B 23 -18.00 -60.13 -20.27
C GLN B 23 -18.95 -59.29 -21.15
N LEU B 24 -19.08 -58.01 -20.81
CA LEU B 24 -19.83 -56.98 -21.54
C LEU B 24 -18.89 -55.79 -21.87
N PRO B 25 -19.13 -55.05 -22.96
CA PRO B 25 -18.47 -53.77 -23.21
C PRO B 25 -18.97 -52.68 -22.23
N PRO B 26 -18.21 -51.60 -22.00
CA PRO B 26 -18.59 -50.54 -21.08
C PRO B 26 -19.82 -49.76 -21.57
N ALA B 27 -20.85 -49.67 -20.73
CA ALA B 27 -22.06 -48.89 -20.99
C ALA B 27 -21.89 -47.42 -20.59
N TYR B 28 -22.69 -46.53 -21.20
CA TYR B 28 -22.71 -45.09 -20.94
C TYR B 28 -24.14 -44.57 -20.96
N THR B 29 -24.41 -43.45 -20.29
CA THR B 29 -25.70 -42.76 -20.34
C THR B 29 -25.54 -41.25 -20.22
N ASN B 30 -26.59 -40.52 -20.56
CA ASN B 30 -26.66 -39.07 -20.51
C ASN B 30 -26.91 -38.59 -19.07
N SER B 31 -26.05 -37.73 -18.50
CA SER B 31 -26.37 -37.02 -17.26
C SER B 31 -27.05 -35.69 -17.58
N PHE B 32 -28.38 -35.68 -17.66
CA PHE B 32 -29.17 -34.57 -18.20
C PHE B 32 -28.84 -33.21 -17.54
N THR B 33 -29.36 -32.99 -16.34
CA THR B 33 -29.12 -31.79 -15.50
C THR B 33 -28.78 -32.14 -14.05
N ARG B 34 -28.30 -33.37 -13.84
CA ARG B 34 -27.93 -33.90 -12.53
C ARG B 34 -26.53 -33.56 -12.03
N GLY B 35 -26.33 -33.43 -10.71
CA GLY B 35 -25.03 -33.16 -10.10
C GLY B 35 -24.75 -31.71 -9.72
N VAL B 36 -25.79 -30.85 -9.66
CA VAL B 36 -25.71 -29.53 -9.03
C VAL B 36 -25.81 -29.70 -7.51
N TYR B 37 -25.16 -28.83 -6.74
CA TYR B 37 -25.14 -28.86 -5.28
C TYR B 37 -25.17 -27.43 -4.74
N TYR B 38 -25.54 -27.25 -3.48
CA TYR B 38 -25.53 -25.92 -2.84
C TYR B 38 -24.08 -25.45 -2.69
N PRO B 39 -23.65 -24.38 -3.39
CA PRO B 39 -22.23 -24.06 -3.54
C PRO B 39 -21.58 -23.51 -2.28
N ASP B 40 -22.35 -22.98 -1.33
CA ASP B 40 -21.91 -22.45 -0.03
C ASP B 40 -23.02 -22.52 1.04
N LYS B 41 -22.65 -22.31 2.30
CA LYS B 41 -23.50 -22.46 3.50
C LYS B 41 -24.51 -21.31 3.75
N VAL B 42 -24.90 -20.57 2.72
CA VAL B 42 -25.72 -19.34 2.81
C VAL B 42 -27.13 -19.56 2.28
N PHE B 43 -28.15 -19.05 2.98
CA PHE B 43 -29.52 -18.99 2.47
C PHE B 43 -29.70 -17.87 1.46
N ARG B 44 -30.39 -18.17 0.36
CA ARG B 44 -30.82 -17.22 -0.69
C ARG B 44 -32.20 -17.63 -1.13
N SER B 45 -33.05 -16.71 -1.58
CA SER B 45 -34.34 -17.03 -2.17
C SER B 45 -34.78 -16.01 -3.21
N SER B 46 -35.64 -16.44 -4.15
CA SER B 46 -36.13 -15.64 -5.28
C SER B 46 -35.02 -14.93 -6.08
N VAL B 47 -33.93 -15.63 -6.38
CA VAL B 47 -32.75 -15.05 -7.03
C VAL B 47 -32.06 -16.03 -7.97
N LEU B 48 -31.46 -15.49 -9.03
CA LEU B 48 -30.62 -16.21 -9.96
C LEU B 48 -29.16 -15.87 -9.62
N HIS B 49 -28.43 -16.82 -9.04
CA HIS B 49 -27.08 -16.61 -8.50
C HIS B 49 -26.00 -17.27 -9.36
N SER B 50 -24.99 -16.52 -9.79
CA SER B 50 -23.90 -17.04 -10.62
C SER B 50 -22.73 -17.48 -9.74
N THR B 51 -22.27 -18.72 -9.92
CA THR B 51 -21.21 -19.35 -9.10
C THR B 51 -20.26 -20.16 -9.99
N GLN B 52 -18.95 -20.06 -9.74
CA GLN B 52 -17.91 -20.76 -10.49
C GLN B 52 -17.27 -21.83 -9.60
N ASP B 53 -17.42 -23.10 -9.96
CA ASP B 53 -16.96 -24.23 -9.12
C ASP B 53 -16.79 -25.52 -9.92
N LEU B 54 -16.23 -26.55 -9.31
CA LEU B 54 -16.20 -27.90 -9.88
C LEU B 54 -17.62 -28.50 -9.92
N PHE B 55 -18.28 -28.45 -11.06
CA PHE B 55 -19.60 -29.05 -11.32
C PHE B 55 -19.50 -30.14 -12.39
N LEU B 56 -20.45 -31.09 -12.40
CA LEU B 56 -20.64 -31.99 -13.53
C LEU B 56 -21.35 -31.23 -14.67
N PRO B 57 -20.73 -31.05 -15.84
CA PRO B 57 -21.38 -30.40 -16.98
C PRO B 57 -22.70 -31.06 -17.36
N PHE B 58 -23.66 -30.24 -17.80
CA PHE B 58 -24.94 -30.73 -18.31
C PHE B 58 -24.76 -31.61 -19.56
N PHE B 59 -25.63 -32.60 -19.70
CA PHE B 59 -25.72 -33.54 -20.81
C PHE B 59 -24.42 -34.31 -21.12
N SER B 60 -23.54 -34.47 -20.13
CA SER B 60 -22.25 -35.16 -20.29
C SER B 60 -22.39 -36.68 -20.16
N ASN B 61 -21.52 -37.44 -20.83
CA ASN B 61 -21.47 -38.90 -20.73
C ASN B 61 -21.01 -39.33 -19.33
N VAL B 62 -21.86 -40.07 -18.62
CA VAL B 62 -21.48 -40.76 -17.39
C VAL B 62 -21.35 -42.25 -17.68
N THR B 63 -20.24 -42.84 -17.27
CA THR B 63 -19.99 -44.27 -17.41
C THR B 63 -20.96 -45.02 -16.52
N TRP B 64 -21.55 -46.09 -17.02
CA TRP B 64 -22.60 -46.85 -16.34
C TRP B 64 -22.08 -48.24 -15.99
N PHE B 65 -22.22 -48.60 -14.72
CA PHE B 65 -21.78 -49.84 -14.09
C PHE B 65 -22.97 -50.53 -13.41
N HIS B 66 -22.94 -51.85 -13.27
CA HIS B 66 -24.05 -52.60 -12.68
C HIS B 66 -23.65 -53.93 -12.03
N ALA B 67 -24.50 -54.34 -11.10
CA ALA B 67 -24.62 -55.69 -10.60
C ALA B 67 -25.89 -56.31 -11.21
N ILE B 68 -25.83 -57.54 -11.74
CA ILE B 68 -26.98 -58.25 -12.31
C ILE B 68 -26.90 -59.77 -12.05
N HIS B 69 -28.07 -60.39 -11.87
CA HIS B 69 -28.28 -61.79 -11.45
C HIS B 69 -27.52 -62.15 -10.15
N LYS B 77 -24.22 -62.76 -12.50
CA LYS B 77 -23.78 -62.72 -13.90
C LYS B 77 -22.82 -61.56 -14.19
N ARG B 78 -23.10 -60.39 -13.60
CA ARG B 78 -22.27 -59.17 -13.75
C ARG B 78 -22.14 -58.47 -12.39
N PHE B 79 -20.97 -57.87 -12.10
CA PHE B 79 -20.67 -57.27 -10.80
C PHE B 79 -19.44 -56.36 -10.91
N ASP B 80 -19.46 -55.34 -11.78
CA ASP B 80 -18.24 -54.58 -12.09
C ASP B 80 -17.90 -53.50 -11.05
N ASN B 81 -16.70 -53.60 -10.50
CA ASN B 81 -16.15 -52.81 -9.39
C ASN B 81 -14.75 -52.21 -9.69
N PRO B 82 -14.49 -51.63 -10.88
CA PRO B 82 -13.13 -51.22 -11.27
C PRO B 82 -12.57 -50.07 -10.42
N VAL B 83 -11.24 -49.95 -10.41
CA VAL B 83 -10.55 -48.71 -10.02
C VAL B 83 -10.73 -47.67 -11.14
N LEU B 84 -11.17 -46.48 -10.78
CA LEU B 84 -11.52 -45.37 -11.66
C LEU B 84 -10.70 -44.13 -11.29
N PRO B 85 -10.38 -43.22 -12.23
CA PRO B 85 -9.77 -41.94 -11.90
C PRO B 85 -10.62 -41.12 -10.92
N PHE B 86 -9.97 -40.16 -10.25
CA PHE B 86 -10.60 -39.15 -9.40
C PHE B 86 -9.91 -37.81 -9.71
N ASN B 87 -10.23 -37.22 -10.85
CA ASN B 87 -9.57 -36.03 -11.36
C ASN B 87 -10.50 -34.81 -11.22
N ASP B 88 -10.02 -33.78 -10.51
CA ASP B 88 -10.78 -32.67 -9.90
C ASP B 88 -11.89 -33.08 -8.91
N GLY B 89 -12.71 -34.05 -9.22
CA GLY B 89 -13.71 -34.62 -8.32
C GLY B 89 -14.68 -35.52 -9.05
N VAL B 90 -15.50 -36.24 -8.30
CA VAL B 90 -16.42 -37.24 -8.84
C VAL B 90 -17.85 -36.91 -8.45
N TYR B 91 -18.73 -36.81 -9.43
CA TYR B 91 -20.14 -37.09 -9.24
C TYR B 91 -20.37 -38.59 -9.32
N PHE B 92 -21.02 -39.16 -8.32
CA PHE B 92 -21.42 -40.55 -8.27
C PHE B 92 -22.93 -40.62 -8.04
N ALA B 93 -23.62 -41.56 -8.66
CA ALA B 93 -25.00 -41.87 -8.30
C ALA B 93 -25.20 -43.37 -8.32
N SER B 94 -25.95 -43.90 -7.36
CA SER B 94 -26.46 -45.27 -7.41
C SER B 94 -27.98 -45.26 -7.49
N THR B 95 -28.50 -46.11 -8.36
CA THR B 95 -29.91 -46.39 -8.55
C THR B 95 -30.15 -47.80 -8.04
N GLU B 96 -31.02 -47.96 -7.04
CA GLU B 96 -30.92 -49.09 -6.11
C GLU B 96 -32.23 -49.63 -5.55
N LYS B 97 -32.11 -50.89 -5.15
CA LYS B 97 -32.96 -51.68 -4.27
C LYS B 97 -32.03 -52.58 -3.45
N SER B 98 -32.45 -53.04 -2.27
CA SER B 98 -31.71 -53.99 -1.41
C SER B 98 -30.32 -53.54 -0.88
N ASN B 99 -29.98 -52.24 -0.93
CA ASN B 99 -28.77 -51.64 -0.33
C ASN B 99 -27.44 -52.31 -0.74
N ILE B 100 -27.11 -52.32 -2.04
CA ILE B 100 -25.98 -53.05 -2.64
C ILE B 100 -24.70 -52.23 -2.73
N ILE B 101 -24.73 -50.94 -3.10
CA ILE B 101 -23.53 -50.09 -3.04
C ILE B 101 -23.29 -49.73 -1.57
N ARG B 102 -22.08 -49.94 -1.07
CA ARG B 102 -21.76 -49.74 0.33
C ARG B 102 -20.61 -48.84 0.69
N GLY B 103 -20.18 -48.00 -0.20
CA GLY B 103 -19.08 -47.06 0.02
C GLY B 103 -17.95 -47.21 -1.00
N TRP B 104 -16.78 -46.65 -0.68
CA TRP B 104 -15.68 -46.45 -1.63
C TRP B 104 -14.30 -46.44 -0.97
N ILE B 105 -13.29 -46.73 -1.78
CA ILE B 105 -11.86 -46.57 -1.52
C ILE B 105 -11.37 -45.39 -2.34
N PHE B 106 -10.59 -44.47 -1.77
CA PHE B 106 -9.95 -43.37 -2.49
C PHE B 106 -8.45 -43.30 -2.18
N GLY B 107 -7.61 -42.96 -3.14
CA GLY B 107 -6.19 -42.73 -2.90
C GLY B 107 -5.41 -42.61 -4.20
N THR B 108 -4.18 -43.14 -4.22
CA THR B 108 -3.32 -43.14 -5.41
C THR B 108 -2.86 -44.56 -5.73
N THR B 109 -1.96 -45.13 -4.92
CA THR B 109 -1.43 -46.48 -5.09
C THR B 109 -2.42 -47.58 -4.70
N LEU B 110 -3.26 -47.32 -3.69
CA LEU B 110 -4.23 -48.26 -3.12
C LEU B 110 -3.61 -49.58 -2.59
N ASP B 111 -2.33 -49.59 -2.23
CA ASP B 111 -1.59 -50.80 -1.82
C ASP B 111 -0.49 -50.56 -0.76
N SER B 112 -0.76 -49.69 0.21
CA SER B 112 0.06 -49.38 1.41
C SER B 112 1.43 -48.73 1.18
N LYS B 113 1.86 -48.49 -0.06
CA LYS B 113 2.97 -47.56 -0.38
C LYS B 113 2.65 -46.13 0.03
N THR B 114 1.37 -45.76 0.03
CA THR B 114 0.83 -44.44 0.37
C THR B 114 -0.42 -44.59 1.24
N GLN B 115 -0.88 -43.50 1.84
CA GLN B 115 -2.19 -43.46 2.52
C GLN B 115 -3.36 -43.56 1.52
N SER B 116 -4.54 -43.91 2.00
CA SER B 116 -5.80 -43.95 1.27
C SER B 116 -6.98 -43.76 2.23
N LEU B 117 -8.10 -43.26 1.74
CA LEU B 117 -9.34 -43.09 2.49
C LEU B 117 -10.28 -44.26 2.19
N LEU B 118 -10.81 -44.86 3.24
CA LEU B 118 -11.87 -45.85 3.17
C LEU B 118 -13.14 -45.21 3.71
N ILE B 119 -14.24 -45.28 2.97
CA ILE B 119 -15.59 -45.05 3.48
C ILE B 119 -16.37 -46.34 3.25
N VAL B 120 -16.94 -46.94 4.28
CA VAL B 120 -17.83 -48.10 4.15
C VAL B 120 -19.13 -47.84 4.87
N ASN B 121 -20.21 -48.40 4.38
CA ASN B 121 -21.49 -48.48 5.06
C ASN B 121 -21.81 -49.97 5.31
N ASN B 122 -21.19 -50.57 6.33
CA ASN B 122 -21.47 -51.96 6.72
C ASN B 122 -22.91 -52.11 7.28
N ALA B 123 -23.36 -53.31 7.62
CA ALA B 123 -24.75 -53.53 8.05
C ALA B 123 -25.19 -52.76 9.30
N THR B 124 -24.26 -52.25 10.12
CA THR B 124 -24.55 -51.57 11.40
C THR B 124 -23.96 -50.17 11.56
N ASN B 125 -22.88 -49.82 10.85
CA ASN B 125 -22.21 -48.52 10.95
C ASN B 125 -21.65 -48.04 9.62
N VAL B 126 -21.70 -46.73 9.40
CA VAL B 126 -20.77 -46.05 8.50
C VAL B 126 -19.40 -46.00 9.19
N VAL B 127 -18.32 -46.35 8.52
CA VAL B 127 -16.95 -46.23 9.01
C VAL B 127 -16.11 -45.47 7.99
N ILE B 128 -15.38 -44.48 8.46
CA ILE B 128 -14.56 -43.58 7.64
C ILE B 128 -13.16 -43.59 8.21
N LYS B 129 -12.18 -44.12 7.49
CA LYS B 129 -10.86 -44.39 8.05
C LYS B 129 -9.77 -44.09 7.03
N VAL B 130 -8.69 -43.43 7.44
CA VAL B 130 -7.58 -43.06 6.53
C VAL B 130 -6.29 -43.66 7.03
N CYS B 131 -5.83 -44.71 6.34
CA CYS B 131 -4.60 -45.42 6.69
C CYS B 131 -3.79 -45.81 5.46
N GLU B 132 -2.63 -46.43 5.71
CA GLU B 132 -1.79 -46.97 4.65
C GLU B 132 -2.44 -48.33 4.53
N PHE B 133 -3.33 -48.46 3.56
CA PHE B 133 -4.15 -49.67 3.41
C PHE B 133 -3.58 -50.61 2.36
N GLN B 134 -3.44 -51.89 2.69
CA GLN B 134 -3.26 -52.94 1.69
C GLN B 134 -4.63 -53.50 1.28
N PHE B 135 -5.33 -52.80 0.38
CA PHE B 135 -6.62 -53.26 -0.15
C PHE B 135 -6.49 -54.54 -0.99
N CYS B 136 -7.58 -55.30 -1.08
CA CYS B 136 -7.68 -56.44 -1.99
C CYS B 136 -7.55 -56.02 -3.48
N ASN B 137 -7.31 -56.96 -4.40
CA ASN B 137 -7.35 -56.69 -5.85
C ASN B 137 -8.71 -56.12 -6.29
N ASP B 138 -9.79 -56.69 -5.77
CA ASP B 138 -11.16 -56.21 -5.94
C ASP B 138 -11.91 -56.29 -4.58
N PRO B 139 -11.92 -55.21 -3.79
CA PRO B 139 -12.65 -55.11 -2.53
C PRO B 139 -14.17 -55.38 -2.66
N PHE B 140 -14.77 -56.08 -1.69
CA PHE B 140 -16.22 -56.29 -1.61
C PHE B 140 -16.71 -56.64 -0.19
N LEU B 141 -18.03 -56.60 -0.01
CA LEU B 141 -18.73 -57.09 1.18
C LEU B 141 -19.69 -58.22 0.76
N GLY B 142 -20.10 -59.08 1.68
CA GLY B 142 -20.92 -60.25 1.34
C GLY B 142 -21.98 -60.59 2.37
N VAL B 143 -23.10 -61.11 1.89
CA VAL B 143 -24.32 -61.40 2.67
C VAL B 143 -24.73 -62.85 2.45
N TYR B 144 -24.99 -63.59 3.54
CA TYR B 144 -25.67 -64.88 3.46
C TYR B 144 -27.17 -64.67 3.23
N TYR B 145 -27.68 -65.32 2.18
CA TYR B 145 -28.93 -64.97 1.53
C TYR B 145 -30.07 -65.90 1.95
N HIS B 146 -31.12 -65.35 2.58
CA HIS B 146 -32.38 -66.05 2.88
C HIS B 146 -32.21 -67.39 3.66
N LYS B 147 -31.15 -67.51 4.50
CA LYS B 147 -30.70 -68.81 5.05
C LYS B 147 -31.55 -69.30 6.23
N ASN B 148 -32.56 -70.12 5.94
CA ASN B 148 -33.47 -70.87 6.83
C ASN B 148 -34.34 -70.04 7.80
N ASN B 149 -33.79 -69.03 8.46
CA ASN B 149 -34.50 -68.10 9.36
C ASN B 149 -35.39 -67.06 8.62
N LYS B 150 -35.57 -67.21 7.31
CA LYS B 150 -36.16 -66.20 6.39
C LYS B 150 -35.51 -64.81 6.58
N SER B 151 -34.18 -64.77 6.63
CA SER B 151 -33.40 -63.55 6.89
C SER B 151 -32.10 -63.51 6.10
N TRP B 152 -31.55 -62.31 5.94
CA TRP B 152 -30.30 -62.03 5.24
C TRP B 152 -29.29 -61.43 6.23
N MET B 153 -28.04 -61.91 6.24
CA MET B 153 -27.03 -61.53 7.23
C MET B 153 -25.68 -61.18 6.59
N GLU B 154 -25.13 -60.00 6.86
CA GLU B 154 -23.79 -59.65 6.39
C GLU B 154 -22.72 -60.47 7.14
N SER B 155 -21.80 -61.07 6.40
CA SER B 155 -20.83 -62.03 6.94
C SER B 155 -19.42 -61.94 6.31
N GLU B 156 -19.24 -61.10 5.29
CA GLU B 156 -17.93 -60.90 4.64
C GLU B 156 -17.60 -59.41 4.51
N PHE B 157 -16.34 -59.07 4.82
CA PHE B 157 -15.76 -57.74 4.78
C PHE B 157 -14.36 -57.84 4.14
N ARG B 158 -14.35 -58.24 2.88
CA ARG B 158 -13.14 -58.44 2.14
C ARG B 158 -12.81 -57.17 1.44
N VAL B 159 -12.16 -56.31 2.17
CA VAL B 159 -11.77 -54.96 1.71
C VAL B 159 -10.26 -54.72 1.78
N TYR B 160 -9.62 -55.01 2.91
CA TYR B 160 -8.17 -54.88 3.09
C TYR B 160 -7.57 -56.02 3.90
N SER B 161 -6.32 -56.37 3.59
CA SER B 161 -5.51 -57.38 4.27
C SER B 161 -4.63 -56.79 5.39
N SER B 162 -4.36 -55.49 5.36
CA SER B 162 -3.69 -54.73 6.44
C SER B 162 -4.05 -53.25 6.40
N ALA B 163 -4.02 -52.60 7.55
CA ALA B 163 -4.27 -51.16 7.71
C ALA B 163 -3.23 -50.60 8.69
N ASN B 164 -2.22 -49.93 8.15
CA ASN B 164 -0.96 -49.65 8.82
C ASN B 164 -0.97 -48.27 9.52
N ASN B 165 -0.11 -47.30 9.13
CA ASN B 165 -0.11 -45.95 9.72
C ASN B 165 -1.42 -45.22 9.45
N CYS B 166 -2.37 -45.29 10.42
CA CYS B 166 -3.74 -44.68 10.34
C CYS B 166 -3.74 -43.31 11.04
N THR B 167 -4.36 -42.29 10.43
CA THR B 167 -4.29 -40.89 10.92
C THR B 167 -5.62 -40.15 10.93
N PHE B 168 -6.70 -40.72 10.43
CA PHE B 168 -8.07 -40.28 10.69
C PHE B 168 -8.97 -41.50 10.92
N GLU B 169 -9.83 -41.45 11.93
CA GLU B 169 -10.83 -42.49 12.19
C GLU B 169 -12.16 -41.87 12.62
N TYR B 170 -13.25 -42.40 12.07
CA TYR B 170 -14.63 -42.13 12.46
C TYR B 170 -15.46 -43.40 12.30
N VAL B 171 -16.41 -43.62 13.20
CA VAL B 171 -17.46 -44.63 13.08
C VAL B 171 -18.77 -43.98 13.48
N SER B 172 -19.85 -44.16 12.73
CA SER B 172 -21.15 -43.62 13.09
C SER B 172 -21.71 -44.29 14.33
N GLN B 173 -22.63 -43.63 15.04
CA GLN B 173 -23.51 -44.33 15.96
C GLN B 173 -24.25 -45.46 15.22
N PRO B 174 -24.52 -46.61 15.88
CA PRO B 174 -25.01 -47.79 15.20
C PRO B 174 -26.49 -47.67 14.78
N PHE B 175 -26.82 -48.39 13.71
CA PHE B 175 -28.15 -48.55 13.11
C PHE B 175 -28.38 -50.01 12.70
N LEU B 176 -29.59 -50.35 12.26
CA LEU B 176 -29.81 -51.59 11.51
C LEU B 176 -30.18 -51.25 10.06
N MET B 177 -29.43 -51.82 9.11
CA MET B 177 -29.75 -51.74 7.68
C MET B 177 -30.39 -53.05 7.23
N ASP B 178 -31.52 -52.97 6.52
CA ASP B 178 -32.17 -54.10 5.87
C ASP B 178 -31.37 -54.59 4.65
N LEU B 179 -31.22 -55.91 4.54
CA LEU B 179 -30.38 -56.58 3.52
C LEU B 179 -31.22 -57.42 2.54
N GLU B 180 -32.48 -57.05 2.34
CA GLU B 180 -33.54 -57.87 1.76
C GLU B 180 -34.54 -57.04 0.93
N GLY B 181 -35.23 -57.70 0.00
CA GLY B 181 -36.21 -57.11 -0.91
C GLY B 181 -35.92 -57.40 -2.39
N LYS B 182 -36.97 -57.62 -3.18
CA LYS B 182 -36.92 -57.81 -4.65
C LYS B 182 -38.05 -57.03 -5.34
N GLN B 183 -37.73 -56.30 -6.40
CA GLN B 183 -38.67 -55.46 -7.17
C GLN B 183 -38.25 -55.40 -8.66
N GLY B 184 -39.22 -55.23 -9.57
CA GLY B 184 -38.98 -55.13 -11.02
C GLY B 184 -38.40 -53.79 -11.50
N ASN B 185 -38.25 -52.81 -10.60
CA ASN B 185 -37.67 -51.50 -10.85
C ASN B 185 -36.90 -51.01 -9.61
N PHE B 186 -35.96 -50.08 -9.77
CA PHE B 186 -35.22 -49.49 -8.67
C PHE B 186 -36.04 -48.41 -7.96
N LYS B 187 -35.91 -48.31 -6.64
CA LYS B 187 -36.76 -47.46 -5.77
C LYS B 187 -36.02 -46.28 -5.15
N ASN B 188 -34.69 -46.37 -5.06
CA ASN B 188 -33.81 -45.35 -4.49
C ASN B 188 -32.91 -44.75 -5.57
N LEU B 189 -32.77 -43.42 -5.63
CA LEU B 189 -31.62 -42.77 -6.25
C LEU B 189 -30.83 -42.06 -5.16
N ARG B 190 -29.55 -42.43 -5.01
CA ARG B 190 -28.62 -41.84 -4.04
C ARG B 190 -27.45 -41.19 -4.75
N GLU B 191 -27.38 -39.88 -4.73
CA GLU B 191 -26.41 -39.09 -5.48
C GLU B 191 -25.39 -38.47 -4.53
N PHE B 192 -24.10 -38.50 -4.89
CA PHE B 192 -22.98 -37.96 -4.12
C PHE B 192 -22.05 -37.12 -5.00
N VAL B 193 -21.55 -36.00 -4.51
CA VAL B 193 -20.43 -35.28 -5.12
C VAL B 193 -19.27 -35.29 -4.15
N PHE B 194 -18.11 -35.76 -4.62
CA PHE B 194 -16.85 -35.79 -3.89
C PHE B 194 -15.87 -34.77 -4.47
N LYS B 195 -15.32 -33.90 -3.62
CA LYS B 195 -14.24 -32.97 -3.98
C LYS B 195 -13.07 -33.16 -3.01
N ASN B 196 -11.83 -32.94 -3.43
CA ASN B 196 -10.65 -33.05 -2.57
C ASN B 196 -9.78 -31.79 -2.70
N ILE B 197 -9.97 -30.80 -1.82
CA ILE B 197 -9.50 -29.42 -1.99
C ILE B 197 -8.77 -28.92 -0.73
N ASP B 198 -7.52 -28.46 -0.89
CA ASP B 198 -6.72 -27.80 0.18
C ASP B 198 -6.73 -28.55 1.52
N GLY B 199 -6.55 -29.88 1.46
CA GLY B 199 -6.51 -30.79 2.59
C GLY B 199 -7.85 -31.41 3.01
N TYR B 200 -8.98 -30.94 2.45
CA TYR B 200 -10.32 -31.38 2.84
C TYR B 200 -11.02 -32.20 1.75
N PHE B 201 -11.49 -33.39 2.11
CA PHE B 201 -12.36 -34.21 1.28
C PHE B 201 -13.82 -33.87 1.60
N LYS B 202 -14.48 -33.17 0.68
CA LYS B 202 -15.83 -32.63 0.85
C LYS B 202 -16.83 -33.57 0.19
N ILE B 203 -17.88 -33.92 0.91
CA ILE B 203 -19.00 -34.73 0.43
C ILE B 203 -20.28 -33.90 0.42
N TYR B 204 -21.00 -33.91 -0.69
CA TYR B 204 -22.37 -33.42 -0.84
C TYR B 204 -23.24 -34.62 -1.23
N SER B 205 -24.50 -34.70 -0.84
CA SER B 205 -25.36 -35.82 -1.24
C SER B 205 -26.84 -35.50 -1.23
N LYS B 206 -27.63 -36.33 -1.92
CA LYS B 206 -29.10 -36.32 -1.89
C LYS B 206 -29.67 -37.74 -2.03
N HIS B 207 -30.79 -38.01 -1.36
CA HIS B 207 -31.66 -39.15 -1.64
C HIS B 207 -32.96 -38.64 -2.30
N THR B 208 -33.40 -39.29 -3.37
CA THR B 208 -34.77 -39.14 -3.87
C THR B 208 -35.39 -40.51 -4.16
N PRO B 209 -36.67 -40.74 -3.82
CA PRO B 209 -37.40 -41.92 -4.27
C PRO B 209 -37.63 -41.86 -5.78
N ILE B 210 -37.67 -43.04 -6.42
CA ILE B 210 -37.79 -43.23 -7.86
C ILE B 210 -38.63 -44.48 -8.17
N ASN B 211 -38.96 -44.68 -9.45
CA ASN B 211 -39.59 -45.90 -9.96
C ASN B 211 -39.08 -46.22 -11.38
N LEU B 212 -37.76 -46.26 -11.55
CA LEU B 212 -37.09 -46.43 -12.85
C LEU B 212 -36.50 -47.84 -12.99
N VAL B 213 -36.74 -48.46 -14.15
CA VAL B 213 -36.32 -49.85 -14.41
C VAL B 213 -34.82 -49.98 -14.65
N ARG B 214 -34.21 -49.17 -15.53
CA ARG B 214 -32.78 -49.37 -15.83
C ARG B 214 -31.85 -48.25 -16.29
N ASP B 215 -32.23 -47.00 -16.13
CA ASP B 215 -31.35 -45.86 -16.54
C ASP B 215 -31.26 -44.78 -15.45
N LEU B 216 -30.28 -43.87 -15.55
CA LEU B 216 -30.18 -42.67 -14.71
C LEU B 216 -31.37 -41.74 -15.00
N PRO B 217 -32.24 -41.40 -14.03
CA PRO B 217 -33.47 -40.66 -14.30
C PRO B 217 -33.19 -39.25 -14.83
N GLN B 218 -33.95 -38.80 -15.83
CA GLN B 218 -33.92 -37.40 -16.28
C GLN B 218 -34.55 -36.50 -15.21
N GLY B 219 -33.88 -35.42 -14.83
CA GLY B 219 -34.41 -34.45 -13.85
C GLY B 219 -33.36 -33.57 -13.20
N PHE B 220 -33.80 -32.82 -12.18
CA PHE B 220 -32.98 -31.89 -11.40
C PHE B 220 -33.25 -32.06 -9.89
N SER B 221 -32.20 -32.14 -9.08
CA SER B 221 -32.22 -31.78 -7.66
C SER B 221 -30.82 -31.35 -7.22
N ALA B 222 -30.72 -30.52 -6.19
CA ALA B 222 -29.43 -30.04 -5.69
C ALA B 222 -28.97 -30.85 -4.48
N LEU B 223 -27.71 -31.31 -4.48
CA LEU B 223 -27.12 -32.02 -3.35
C LEU B 223 -26.77 -31.08 -2.18
N GLU B 224 -27.21 -31.40 -0.97
CA GLU B 224 -26.83 -30.66 0.23
C GLU B 224 -25.46 -31.11 0.74
N PRO B 225 -24.63 -30.23 1.33
CA PRO B 225 -23.37 -30.64 1.93
C PRO B 225 -23.60 -31.61 3.09
N LEU B 226 -22.79 -32.68 3.13
CA LEU B 226 -22.91 -33.76 4.10
C LEU B 226 -21.81 -33.68 5.18
N VAL B 227 -20.55 -33.76 4.76
CA VAL B 227 -19.38 -33.80 5.66
C VAL B 227 -18.13 -33.28 4.96
N ASP B 228 -17.14 -32.87 5.72
CA ASP B 228 -15.99 -32.11 5.25
C ASP B 228 -14.70 -32.59 5.95
N LEU B 229 -14.21 -33.75 5.51
CA LEU B 229 -13.21 -34.57 6.21
C LEU B 229 -11.79 -33.98 6.08
N PRO B 230 -11.04 -33.74 7.17
CA PRO B 230 -9.73 -33.07 7.18
C PRO B 230 -8.54 -33.99 6.83
N ILE B 231 -8.67 -34.84 5.82
CA ILE B 231 -7.85 -36.05 5.67
C ILE B 231 -6.41 -35.83 5.18
N GLY B 232 -6.12 -34.72 4.47
CA GLY B 232 -4.76 -34.35 4.04
C GLY B 232 -4.03 -35.31 3.07
N ILE B 233 -4.69 -36.34 2.52
CA ILE B 233 -4.09 -37.29 1.58
C ILE B 233 -4.23 -36.86 0.12
N ASN B 234 -3.29 -37.31 -0.72
CA ASN B 234 -3.40 -37.25 -2.17
C ASN B 234 -4.46 -38.25 -2.66
N ILE B 235 -5.26 -37.88 -3.66
CA ILE B 235 -6.22 -38.77 -4.32
C ILE B 235 -6.15 -38.52 -5.83
N THR B 236 -5.88 -39.59 -6.60
CA THR B 236 -5.96 -39.62 -8.06
C THR B 236 -6.87 -40.73 -8.57
N ARG B 237 -7.24 -41.71 -7.74
CA ARG B 237 -8.08 -42.86 -8.08
C ARG B 237 -9.06 -43.20 -6.95
N PHE B 238 -10.12 -43.90 -7.30
CA PHE B 238 -11.12 -44.42 -6.37
C PHE B 238 -11.73 -45.74 -6.87
N GLN B 239 -12.44 -46.46 -6.02
CA GLN B 239 -13.09 -47.73 -6.34
C GLN B 239 -14.35 -47.90 -5.49
N THR B 240 -15.44 -48.50 -6.02
CA THR B 240 -16.66 -48.74 -5.24
C THR B 240 -16.63 -50.08 -4.49
N LEU B 241 -17.43 -50.19 -3.44
CA LEU B 241 -17.73 -51.41 -2.70
C LEU B 241 -19.16 -51.87 -3.02
N LEU B 242 -19.34 -53.14 -3.37
CA LEU B 242 -20.65 -53.77 -3.54
C LEU B 242 -20.82 -54.91 -2.52
N ALA B 243 -22.07 -55.20 -2.15
CA ALA B 243 -22.45 -56.41 -1.43
C ALA B 243 -22.85 -57.56 -2.39
N LEU B 244 -22.25 -58.74 -2.26
CA LEU B 244 -22.66 -59.96 -2.98
C LEU B 244 -24.12 -60.35 -2.70
N SER B 254 -15.83 -72.78 -3.30
CA SER B 254 -16.89 -72.18 -2.47
C SER B 254 -16.73 -70.66 -2.31
N SER B 255 -15.53 -70.13 -2.52
CA SER B 255 -15.20 -68.69 -2.53
C SER B 255 -15.35 -68.05 -3.93
N SER B 256 -15.95 -68.75 -4.88
CA SER B 256 -16.45 -68.27 -6.17
C SER B 256 -17.69 -69.06 -6.59
N GLY B 257 -18.52 -68.50 -7.47
CA GLY B 257 -19.92 -68.90 -7.60
C GLY B 257 -20.76 -68.24 -6.50
N TRP B 258 -21.48 -67.19 -6.88
CA TRP B 258 -22.23 -66.28 -6.00
C TRP B 258 -23.31 -65.55 -6.80
N THR B 259 -24.28 -64.95 -6.10
CA THR B 259 -25.35 -64.14 -6.71
C THR B 259 -25.09 -62.66 -6.47
N ALA B 260 -25.11 -61.85 -7.53
CA ALA B 260 -25.09 -60.39 -7.44
C ALA B 260 -26.52 -59.83 -7.31
N GLY B 261 -26.84 -59.17 -6.21
CA GLY B 261 -28.11 -58.44 -6.08
C GLY B 261 -28.11 -57.22 -7.01
N ALA B 262 -29.18 -57.00 -7.75
CA ALA B 262 -29.19 -55.99 -8.81
C ALA B 262 -29.07 -54.55 -8.28
N ALA B 263 -28.21 -53.75 -8.91
CA ALA B 263 -27.99 -52.33 -8.62
C ALA B 263 -27.18 -51.65 -9.73
N ALA B 264 -27.52 -50.42 -10.08
CA ALA B 264 -26.81 -49.64 -11.10
C ALA B 264 -26.07 -48.48 -10.45
N TYR B 265 -24.87 -48.14 -10.94
CA TYR B 265 -24.20 -46.91 -10.55
C TYR B 265 -23.55 -46.19 -11.74
N TYR B 266 -23.44 -44.88 -11.61
CA TYR B 266 -23.06 -43.94 -12.65
C TYR B 266 -21.94 -43.06 -12.14
N VAL B 267 -20.90 -42.83 -12.94
CA VAL B 267 -19.76 -41.99 -12.54
C VAL B 267 -19.51 -40.90 -13.58
N GLY B 268 -19.50 -39.65 -13.13
CA GLY B 268 -19.12 -38.48 -13.90
C GLY B 268 -18.03 -37.70 -13.20
N TYR B 269 -17.23 -36.96 -13.95
CA TYR B 269 -16.11 -36.18 -13.42
C TYR B 269 -16.45 -34.69 -13.42
N LEU B 270 -16.18 -34.00 -12.32
CA LEU B 270 -16.38 -32.57 -12.21
C LEU B 270 -15.29 -31.80 -12.97
N GLN B 271 -15.58 -30.59 -13.40
CA GLN B 271 -14.60 -29.66 -13.97
C GLN B 271 -15.04 -28.22 -13.69
N PRO B 272 -14.12 -27.24 -13.68
CA PRO B 272 -14.47 -25.89 -13.27
C PRO B 272 -15.40 -25.24 -14.29
N ARG B 273 -16.57 -24.79 -13.83
CA ARG B 273 -17.60 -24.22 -14.66
C ARG B 273 -18.54 -23.20 -14.01
N THR B 274 -18.78 -22.02 -14.63
CA THR B 274 -19.82 -21.11 -14.15
C THR B 274 -21.19 -21.72 -14.35
N PHE B 275 -22.00 -21.78 -13.29
CA PHE B 275 -23.41 -22.12 -13.34
C PHE B 275 -24.22 -20.94 -12.81
N LEU B 276 -25.43 -20.74 -13.33
CA LEU B 276 -26.40 -19.77 -12.82
C LEU B 276 -27.54 -20.53 -12.16
N LEU B 277 -27.72 -20.37 -10.85
CA LEU B 277 -28.60 -21.19 -10.00
C LEU B 277 -29.88 -20.44 -9.64
N LYS B 278 -31.05 -21.03 -9.89
CA LYS B 278 -32.36 -20.45 -9.58
C LYS B 278 -32.85 -20.91 -8.20
N TYR B 279 -32.63 -20.08 -7.19
CA TYR B 279 -33.21 -20.26 -5.87
C TYR B 279 -34.68 -19.84 -5.90
N ASN B 280 -35.61 -20.75 -5.58
CA ASN B 280 -37.02 -20.40 -5.47
C ASN B 280 -37.31 -19.54 -4.23
N GLU B 281 -38.56 -19.14 -4.02
CA GLU B 281 -38.97 -18.32 -2.88
C GLU B 281 -38.76 -19.00 -1.52
N ASN B 282 -38.73 -20.33 -1.48
CA ASN B 282 -38.37 -21.13 -0.31
C ASN B 282 -36.86 -21.30 -0.13
N GLY B 283 -36.04 -20.80 -1.05
CA GLY B 283 -34.59 -20.84 -0.99
C GLY B 283 -33.94 -22.18 -1.31
N THR B 284 -34.59 -22.97 -2.16
CA THR B 284 -34.02 -24.20 -2.74
C THR B 284 -33.62 -23.97 -4.19
N ILE B 285 -32.46 -24.48 -4.61
CA ILE B 285 -32.06 -24.44 -6.02
C ILE B 285 -32.99 -25.39 -6.79
N THR B 286 -33.89 -24.83 -7.58
CA THR B 286 -34.88 -25.57 -8.38
C THR B 286 -34.48 -25.76 -9.84
N ASP B 287 -33.53 -24.97 -10.33
CA ASP B 287 -33.03 -25.07 -11.70
C ASP B 287 -31.63 -24.45 -11.79
N ALA B 288 -30.90 -24.74 -12.86
CA ALA B 288 -29.65 -24.08 -13.17
C ALA B 288 -29.44 -23.95 -14.69
N VAL B 289 -28.62 -22.99 -15.10
CA VAL B 289 -28.04 -22.92 -16.45
C VAL B 289 -26.54 -23.20 -16.36
N ASP B 290 -26.07 -24.19 -17.12
CA ASP B 290 -24.64 -24.41 -17.36
C ASP B 290 -24.13 -23.43 -18.42
N CYS B 291 -23.48 -22.35 -17.99
CA CYS B 291 -23.10 -21.22 -18.85
C CYS B 291 -22.07 -21.54 -19.94
N ALA B 292 -21.59 -22.78 -20.04
CA ALA B 292 -20.60 -23.24 -21.01
C ALA B 292 -21.10 -24.37 -21.92
N LEU B 293 -22.37 -24.80 -21.76
CA LEU B 293 -22.97 -25.90 -22.50
C LEU B 293 -23.10 -25.63 -24.00
N ASP B 294 -23.69 -24.50 -24.37
CA ASP B 294 -24.03 -24.09 -25.74
C ASP B 294 -24.22 -22.55 -25.79
N PRO B 295 -24.29 -21.92 -26.97
CA PRO B 295 -24.40 -20.46 -27.07
C PRO B 295 -25.67 -19.88 -26.45
N LEU B 296 -26.77 -20.63 -26.39
CA LEU B 296 -27.99 -20.16 -25.73
C LEU B 296 -27.83 -20.12 -24.21
N SER B 297 -27.16 -21.10 -23.61
CA SER B 297 -26.87 -21.13 -22.18
C SER B 297 -25.92 -20.03 -21.77
N GLU B 298 -24.92 -19.71 -22.59
CA GLU B 298 -24.09 -18.53 -22.37
C GLU B 298 -24.90 -17.22 -22.48
N THR B 299 -25.88 -17.14 -23.39
CA THR B 299 -26.76 -15.98 -23.51
C THR B 299 -27.64 -15.82 -22.28
N LYS B 300 -28.23 -16.90 -21.77
CA LYS B 300 -28.97 -16.91 -20.50
C LYS B 300 -28.13 -16.42 -19.32
N CYS B 301 -26.87 -16.85 -19.21
CA CYS B 301 -26.00 -16.36 -18.15
C CYS B 301 -25.56 -14.91 -18.32
N THR B 302 -25.26 -14.47 -19.55
CA THR B 302 -24.83 -13.09 -19.84
C THR B 302 -25.96 -12.07 -19.58
N LEU B 303 -27.20 -12.48 -19.79
CA LEU B 303 -28.40 -11.70 -19.47
C LEU B 303 -28.94 -11.93 -18.04
N LYS B 304 -28.33 -12.85 -17.28
CA LYS B 304 -28.79 -13.33 -15.96
C LYS B 304 -30.28 -13.68 -15.96
N SER B 305 -30.73 -14.47 -16.92
CA SER B 305 -32.14 -14.82 -17.08
C SER B 305 -32.32 -16.20 -17.71
N PHE B 306 -33.34 -16.96 -17.29
CA PHE B 306 -33.62 -18.28 -17.87
C PHE B 306 -34.46 -18.19 -19.16
N THR B 307 -35.01 -17.02 -19.46
CA THR B 307 -35.74 -16.68 -20.69
C THR B 307 -35.04 -15.53 -21.41
N VAL B 308 -35.02 -15.59 -22.75
CA VAL B 308 -34.32 -14.63 -23.62
C VAL B 308 -35.28 -14.11 -24.70
N GLU B 309 -35.29 -12.80 -24.94
CA GLU B 309 -36.08 -12.18 -26.00
C GLU B 309 -35.48 -12.40 -27.38
N LYS B 310 -36.27 -12.25 -28.45
CA LYS B 310 -35.74 -12.16 -29.82
C LYS B 310 -34.69 -11.04 -29.91
N GLY B 311 -33.54 -11.35 -30.49
CA GLY B 311 -32.44 -10.40 -30.62
C GLY B 311 -31.12 -11.02 -31.03
N ILE B 312 -30.08 -10.20 -31.00
CA ILE B 312 -28.67 -10.55 -31.16
C ILE B 312 -27.92 -10.01 -29.94
N TYR B 313 -27.13 -10.87 -29.31
CA TYR B 313 -26.52 -10.59 -28.00
C TYR B 313 -25.02 -10.84 -28.04
N GLN B 314 -24.22 -9.88 -27.57
CA GLN B 314 -22.80 -10.08 -27.36
C GLN B 314 -22.56 -11.05 -26.19
N THR B 315 -21.61 -11.96 -26.38
CA THR B 315 -21.17 -12.98 -25.42
C THR B 315 -19.64 -13.02 -25.39
N SER B 316 -19.00 -13.92 -24.64
CA SER B 316 -17.54 -13.84 -24.44
C SER B 316 -16.76 -13.92 -25.76
N ASN B 317 -15.83 -12.98 -25.95
CA ASN B 317 -14.99 -12.91 -27.14
C ASN B 317 -14.13 -14.19 -27.23
N PHE B 318 -14.09 -14.85 -28.39
CA PHE B 318 -13.33 -16.09 -28.56
C PHE B 318 -11.82 -15.87 -28.64
N ARG B 319 -11.07 -16.97 -28.57
CA ARG B 319 -9.63 -16.94 -28.58
C ARG B 319 -8.95 -18.27 -28.80
N VAL B 320 -8.22 -18.44 -29.88
CA VAL B 320 -7.39 -19.62 -30.10
C VAL B 320 -6.32 -19.69 -29.01
N GLN B 321 -6.30 -20.76 -28.23
CA GLN B 321 -5.34 -20.95 -27.14
C GLN B 321 -4.01 -21.52 -27.67
N PRO B 322 -2.90 -21.36 -26.94
CA PRO B 322 -1.58 -21.86 -27.35
C PRO B 322 -1.56 -23.38 -27.55
N THR B 323 -1.04 -23.81 -28.70
CA THR B 323 -0.92 -25.22 -29.08
C THR B 323 0.21 -25.94 -28.31
N GLU B 324 1.28 -25.21 -27.99
CA GLU B 324 2.48 -25.71 -27.30
C GLU B 324 3.27 -24.53 -26.73
N SER B 325 4.22 -24.82 -25.83
CA SER B 325 5.18 -23.84 -25.30
C SER B 325 6.51 -23.89 -26.04
N ILE B 326 7.09 -22.73 -26.30
CA ILE B 326 8.43 -22.52 -26.85
C ILE B 326 9.29 -21.85 -25.77
N VAL B 327 10.54 -22.26 -25.66
CA VAL B 327 11.57 -21.49 -24.94
C VAL B 327 12.76 -21.28 -25.87
N ARG B 328 13.27 -20.05 -25.97
CA ARG B 328 14.48 -19.72 -26.74
C ARG B 328 15.42 -18.89 -25.89
N PHE B 329 16.53 -19.50 -25.49
CA PHE B 329 17.63 -18.89 -24.74
C PHE B 329 18.92 -19.09 -25.57
N PRO B 330 19.96 -18.27 -25.42
CA PRO B 330 21.20 -18.43 -26.17
C PRO B 330 21.88 -19.78 -25.87
N ASN B 331 22.66 -20.35 -26.79
CA ASN B 331 23.32 -21.65 -26.63
C ASN B 331 24.59 -21.61 -25.74
N ILE B 332 24.55 -20.83 -24.66
CA ILE B 332 25.56 -20.81 -23.59
C ILE B 332 25.39 -22.06 -22.70
N THR B 333 26.51 -22.69 -22.30
CA THR B 333 26.52 -23.93 -21.50
C THR B 333 27.36 -23.85 -20.23
N ASN B 334 28.47 -23.10 -20.23
CA ASN B 334 29.39 -22.96 -19.10
C ASN B 334 28.77 -22.19 -17.93
N LEU B 335 29.01 -22.61 -16.69
CA LEU B 335 28.46 -21.95 -15.50
C LEU B 335 29.23 -20.67 -15.13
N CYS B 336 28.58 -19.72 -14.45
CA CYS B 336 29.20 -18.48 -14.00
C CYS B 336 30.17 -18.67 -12.80
N PRO B 337 31.23 -17.84 -12.69
CA PRO B 337 32.25 -17.94 -11.66
C PRO B 337 31.81 -17.35 -10.30
N PHE B 338 30.76 -17.88 -9.69
CA PHE B 338 30.29 -17.42 -8.37
C PHE B 338 31.15 -17.89 -7.19
N GLY B 339 31.88 -19.01 -7.29
CA GLY B 339 32.79 -19.42 -6.23
C GLY B 339 33.92 -18.40 -6.01
N GLU B 340 34.47 -17.90 -7.11
CA GLU B 340 35.49 -16.86 -7.18
C GLU B 340 35.00 -15.49 -6.68
N VAL B 341 33.69 -15.29 -6.55
CA VAL B 341 33.08 -14.12 -5.91
C VAL B 341 32.83 -14.37 -4.42
N PHE B 342 32.06 -15.41 -4.08
CA PHE B 342 31.54 -15.60 -2.72
C PHE B 342 32.53 -16.26 -1.74
N ASN B 343 33.49 -17.04 -2.24
CA ASN B 343 34.45 -17.81 -1.44
C ASN B 343 35.91 -17.40 -1.70
N ALA B 344 36.16 -16.22 -2.29
CA ALA B 344 37.50 -15.67 -2.39
C ALA B 344 38.18 -15.56 -1.01
N THR B 345 39.50 -15.76 -0.91
CA THR B 345 40.19 -15.75 0.41
C THR B 345 39.94 -14.45 1.17
N ARG B 346 40.08 -13.31 0.49
CA ARG B 346 39.82 -11.97 1.01
C ARG B 346 38.97 -11.13 0.07
N PHE B 347 38.12 -10.31 0.67
CA PHE B 347 37.34 -9.32 -0.06
C PHE B 347 38.09 -8.00 -0.17
N ALA B 348 37.55 -7.07 -0.96
CA ALA B 348 38.00 -5.69 -0.98
C ALA B 348 37.46 -4.91 0.24
N SER B 349 38.14 -3.81 0.55
CA SER B 349 37.71 -2.83 1.55
C SER B 349 36.53 -2.00 1.03
N VAL B 350 35.55 -1.62 1.85
CA VAL B 350 34.34 -0.93 1.33
C VAL B 350 34.64 0.42 0.68
N TYR B 351 35.65 1.18 1.11
CA TYR B 351 36.04 2.40 0.40
C TYR B 351 36.56 2.14 -1.02
N ALA B 352 37.15 0.97 -1.27
CA ALA B 352 37.76 0.57 -2.54
C ALA B 352 37.07 -0.67 -3.10
N TRP B 353 35.74 -0.72 -2.98
CA TRP B 353 34.90 -1.88 -3.30
C TRP B 353 35.18 -2.41 -4.71
N ASN B 354 35.34 -3.73 -4.84
CA ASN B 354 35.64 -4.39 -6.10
C ASN B 354 34.38 -4.54 -6.96
N ARG B 355 34.53 -4.54 -8.30
CA ARG B 355 33.49 -4.92 -9.28
C ARG B 355 34.00 -5.99 -10.24
N LYS B 356 33.27 -7.10 -10.38
CA LYS B 356 33.52 -8.18 -11.34
C LYS B 356 32.38 -8.28 -12.36
N ARG B 357 32.75 -8.43 -13.63
CA ARG B 357 31.76 -8.59 -14.70
C ARG B 357 31.42 -10.07 -14.90
N ILE B 358 30.12 -10.35 -14.98
CA ILE B 358 29.60 -11.71 -15.17
C ILE B 358 28.96 -11.74 -16.57
N SER B 359 29.45 -12.60 -17.47
CA SER B 359 29.01 -12.63 -18.88
C SER B 359 29.30 -13.97 -19.55
N ASN B 360 28.58 -14.26 -20.64
CA ASN B 360 28.72 -15.46 -21.47
C ASN B 360 28.69 -16.76 -20.66
N CYS B 361 27.81 -16.84 -19.66
CA CYS B 361 27.74 -17.94 -18.70
C CYS B 361 26.29 -18.20 -18.20
N VAL B 362 26.05 -19.40 -17.68
CA VAL B 362 24.78 -19.80 -17.06
C VAL B 362 24.85 -19.57 -15.55
N ALA B 363 23.97 -18.72 -15.04
CA ALA B 363 23.87 -18.37 -13.64
C ALA B 363 22.72 -19.15 -12.99
N ASP B 364 23.01 -20.25 -12.30
CA ASP B 364 22.01 -20.89 -11.43
C ASP B 364 21.89 -20.10 -10.11
N TYR B 365 20.77 -19.41 -9.95
CA TYR B 365 20.47 -18.63 -8.75
C TYR B 365 19.77 -19.47 -7.66
N SER B 366 19.30 -20.69 -7.94
CA SER B 366 18.78 -21.58 -6.90
C SER B 366 19.91 -22.10 -6.01
N VAL B 367 21.06 -22.43 -6.61
CA VAL B 367 22.27 -22.87 -5.88
C VAL B 367 22.75 -21.80 -4.89
N LEU B 368 22.61 -20.52 -5.22
CA LEU B 368 22.84 -19.40 -4.32
C LEU B 368 21.68 -19.22 -3.33
N TYR B 369 20.46 -18.93 -3.81
CA TYR B 369 19.37 -18.43 -2.98
C TYR B 369 18.85 -19.47 -1.98
N ASN B 370 18.87 -20.76 -2.32
CA ASN B 370 18.51 -21.83 -1.39
C ASN B 370 19.60 -22.14 -0.35
N SER B 371 20.77 -21.51 -0.39
CA SER B 371 21.79 -21.70 0.64
C SER B 371 21.32 -21.20 2.02
N ALA B 372 21.67 -21.93 3.08
CA ALA B 372 21.41 -21.54 4.47
C ALA B 372 22.39 -20.47 5.00
N SER B 373 23.46 -20.16 4.26
CA SER B 373 24.61 -19.37 4.74
C SER B 373 24.44 -17.83 4.69
N PHE B 374 23.39 -17.30 4.05
CA PHE B 374 23.22 -15.86 3.82
C PHE B 374 22.20 -15.22 4.79
N SER B 375 22.62 -14.15 5.47
CA SER B 375 21.80 -13.41 6.45
C SER B 375 20.84 -12.41 5.80
N THR B 376 21.21 -11.87 4.64
CA THR B 376 20.34 -11.11 3.75
C THR B 376 20.50 -11.61 2.33
N PHE B 377 19.41 -11.55 1.56
CA PHE B 377 19.37 -11.82 0.12
C PHE B 377 18.20 -11.01 -0.45
N LYS B 378 18.30 -9.67 -0.37
CA LYS B 378 17.18 -8.76 -0.63
C LYS B 378 17.24 -8.24 -2.06
N CYS B 379 16.14 -8.35 -2.80
CA CYS B 379 16.06 -8.05 -4.22
C CYS B 379 15.18 -6.82 -4.51
N TYR B 380 15.53 -6.06 -5.55
CA TYR B 380 15.00 -4.71 -5.79
C TYR B 380 14.32 -4.48 -7.15
N GLY B 381 14.04 -5.52 -7.92
CA GLY B 381 13.25 -5.45 -9.16
C GLY B 381 12.86 -6.80 -9.75
N VAL B 382 12.98 -7.84 -8.93
CA VAL B 382 12.74 -9.26 -9.18
C VAL B 382 12.44 -9.89 -7.82
N SER B 383 11.68 -10.97 -7.78
CA SER B 383 11.68 -11.87 -6.63
C SER B 383 12.80 -12.90 -6.83
N PRO B 384 13.59 -13.29 -5.82
CA PRO B 384 14.74 -14.17 -6.03
C PRO B 384 14.36 -15.55 -6.59
N THR B 385 13.13 -16.01 -6.36
CA THR B 385 12.54 -17.22 -6.96
C THR B 385 12.53 -17.20 -8.49
N LYS B 386 12.38 -16.01 -9.09
CA LYS B 386 12.23 -15.82 -10.53
C LYS B 386 13.55 -15.67 -11.29
N LEU B 387 14.69 -15.49 -10.60
CA LEU B 387 15.99 -15.27 -11.23
C LEU B 387 16.39 -16.38 -12.22
N ASN B 388 15.94 -17.62 -12.02
CA ASN B 388 16.22 -18.75 -12.92
C ASN B 388 15.39 -18.77 -14.22
N ASP B 389 14.31 -17.98 -14.31
CA ASP B 389 13.43 -17.91 -15.49
C ASP B 389 13.82 -16.78 -16.48
N LEU B 390 14.90 -16.07 -16.18
CA LEU B 390 15.29 -14.81 -16.80
C LEU B 390 16.66 -14.90 -17.48
N CYS B 391 16.88 -14.05 -18.47
CA CYS B 391 18.20 -13.78 -19.01
C CYS B 391 18.53 -12.27 -18.88
N PHE B 392 19.78 -11.95 -18.60
CA PHE B 392 20.27 -10.66 -18.13
C PHE B 392 21.27 -10.04 -19.13
N THR B 393 21.18 -8.72 -19.33
CA THR B 393 21.92 -8.03 -20.40
C THR B 393 23.42 -8.01 -20.14
N ASN B 394 23.79 -7.32 -19.06
CA ASN B 394 25.11 -7.31 -18.45
C ASN B 394 24.88 -7.44 -16.94
N VAL B 395 25.82 -8.10 -16.25
CA VAL B 395 25.72 -8.39 -14.82
C VAL B 395 27.04 -8.03 -14.15
N TYR B 396 26.97 -7.42 -12.97
CA TYR B 396 28.15 -7.14 -12.17
C TYR B 396 27.93 -7.59 -10.74
N ALA B 397 28.96 -8.20 -10.15
CA ALA B 397 29.05 -8.46 -8.73
C ALA B 397 29.98 -7.42 -8.08
N ASP B 398 29.48 -6.66 -7.10
CA ASP B 398 30.27 -5.71 -6.32
C ASP B 398 30.58 -6.32 -4.94
N SER B 399 31.85 -6.44 -4.56
CA SER B 399 32.29 -7.19 -3.37
C SER B 399 33.02 -6.32 -2.36
N PHE B 400 32.61 -6.35 -1.08
CA PHE B 400 33.28 -5.63 0.01
C PHE B 400 32.93 -6.16 1.41
N VAL B 401 33.69 -5.74 2.43
CA VAL B 401 33.42 -6.01 3.87
C VAL B 401 33.03 -4.73 4.62
N ILE B 402 32.03 -4.84 5.50
CA ILE B 402 31.56 -3.79 6.41
C ILE B 402 31.32 -4.34 7.81
N ARG B 403 31.25 -3.44 8.80
CA ARG B 403 30.73 -3.74 10.15
C ARG B 403 29.26 -4.17 10.07
N GLY B 404 28.87 -5.18 10.84
CA GLY B 404 27.52 -5.77 10.81
C GLY B 404 26.34 -4.83 11.10
N ASP B 405 26.52 -3.81 11.94
CA ASP B 405 25.53 -2.74 12.15
C ASP B 405 25.26 -1.89 10.91
N GLU B 406 26.14 -1.94 9.92
CA GLU B 406 26.11 -1.10 8.72
C GLU B 406 25.51 -1.81 7.50
N VAL B 407 25.15 -3.10 7.57
CA VAL B 407 24.54 -3.84 6.44
C VAL B 407 23.18 -3.25 6.02
N ARG B 408 22.59 -2.51 6.93
CA ARG B 408 21.36 -1.82 6.69
C ARG B 408 21.55 -0.66 5.68
N GLN B 409 22.79 -0.15 5.55
CA GLN B 409 23.14 0.95 4.64
C GLN B 409 23.29 0.49 3.18
N ILE B 410 23.44 -0.81 2.92
CA ILE B 410 23.48 -1.36 1.56
C ILE B 410 22.05 -1.62 1.07
N ALA B 411 21.25 -0.55 1.03
CA ALA B 411 19.91 -0.55 0.45
C ALA B 411 19.65 0.81 -0.22
N PRO B 412 18.92 0.84 -1.35
CA PRO B 412 18.73 2.07 -2.10
C PRO B 412 17.94 3.11 -1.31
N GLY B 413 18.46 4.33 -1.25
CA GLY B 413 17.88 5.45 -0.51
C GLY B 413 18.31 5.58 0.97
N GLN B 414 19.05 4.61 1.54
CA GLN B 414 19.61 4.73 2.89
C GLN B 414 20.74 5.76 2.96
N THR B 415 21.10 6.20 4.17
CA THR B 415 22.06 7.28 4.43
C THR B 415 22.85 7.06 5.74
N GLY B 416 24.00 7.71 5.84
CA GLY B 416 25.04 7.46 6.84
C GLY B 416 26.37 7.07 6.20
N LYS B 417 27.46 6.92 6.98
CA LYS B 417 28.86 6.92 6.48
C LYS B 417 29.13 6.02 5.28
N ILE B 418 28.55 4.82 5.24
CA ILE B 418 28.74 3.89 4.11
C ILE B 418 28.01 4.40 2.86
N ALA B 419 26.71 4.68 2.97
CA ALA B 419 25.88 5.16 1.87
C ALA B 419 26.15 6.62 1.46
N ASP B 420 26.95 7.34 2.23
CA ASP B 420 27.39 8.72 1.99
C ASP B 420 28.76 8.78 1.31
N TYR B 421 29.78 8.18 1.92
CA TYR B 421 31.13 8.32 1.37
C TYR B 421 31.84 7.14 0.71
N ASN B 422 31.29 5.94 0.76
CA ASN B 422 32.01 4.82 0.14
C ASN B 422 31.20 3.85 -0.76
N TYR B 423 29.92 3.57 -0.51
CA TYR B 423 29.11 2.75 -1.42
C TYR B 423 27.61 3.11 -1.41
N LYS B 424 27.15 3.79 -2.46
CA LYS B 424 25.76 4.21 -2.65
C LYS B 424 25.08 3.42 -3.77
N LEU B 425 23.91 2.84 -3.49
CA LEU B 425 23.01 2.26 -4.50
C LEU B 425 22.03 3.33 -5.03
N PRO B 426 21.69 3.34 -6.33
CA PRO B 426 20.75 4.32 -6.89
C PRO B 426 19.32 4.07 -6.38
N ASP B 427 18.47 5.11 -6.35
CA ASP B 427 17.09 4.97 -5.87
C ASP B 427 16.30 3.89 -6.61
N ASP B 428 16.51 3.77 -7.92
CA ASP B 428 15.88 2.80 -8.81
C ASP B 428 16.79 1.59 -9.09
N PHE B 429 17.66 1.23 -8.14
CA PHE B 429 18.47 0.01 -8.20
C PHE B 429 17.65 -1.23 -8.52
N THR B 430 18.15 -2.06 -9.45
CA THR B 430 17.63 -3.40 -9.76
C THR B 430 18.77 -4.40 -9.63
N GLY B 431 18.57 -5.43 -8.81
CA GLY B 431 19.62 -6.33 -8.37
C GLY B 431 19.31 -6.96 -7.01
N CYS B 432 20.31 -7.61 -6.40
CA CYS B 432 20.24 -8.36 -5.16
C CYS B 432 21.36 -7.93 -4.22
N VAL B 433 21.07 -7.71 -2.94
CA VAL B 433 22.08 -7.47 -1.90
C VAL B 433 22.15 -8.70 -1.00
N ILE B 434 23.30 -9.37 -1.04
CA ILE B 434 23.54 -10.68 -0.45
C ILE B 434 24.64 -10.53 0.60
N ALA B 435 24.35 -10.75 1.88
CA ALA B 435 25.30 -10.47 2.95
C ALA B 435 25.33 -11.56 4.03
N TRP B 436 26.51 -11.82 4.60
CA TRP B 436 26.72 -12.84 5.64
C TRP B 436 27.83 -12.45 6.62
N ASN B 437 27.76 -12.97 7.84
CA ASN B 437 28.76 -12.76 8.89
C ASN B 437 30.06 -13.52 8.56
N SER B 438 31.21 -12.84 8.62
CA SER B 438 32.53 -13.38 8.29
C SER B 438 33.51 -13.41 9.45
N ASN B 439 33.01 -13.48 10.70
CA ASN B 439 33.87 -13.55 11.89
C ASN B 439 34.87 -14.72 11.89
N ASN B 440 34.64 -15.75 11.07
CA ASN B 440 35.56 -16.86 10.82
C ASN B 440 36.63 -16.59 9.73
N LEU B 441 36.43 -15.62 8.82
CA LEU B 441 37.32 -15.35 7.68
C LEU B 441 38.06 -14.00 7.78
N ASP B 442 37.47 -13.02 8.47
CA ASP B 442 37.87 -11.60 8.45
C ASP B 442 38.22 -11.03 9.84
N SER B 443 38.08 -11.80 10.93
CA SER B 443 38.45 -11.39 12.30
C SER B 443 39.72 -12.09 12.82
N LYS B 444 40.62 -11.35 13.47
CA LYS B 444 41.87 -11.88 14.08
C LYS B 444 41.86 -11.69 15.60
N VAL B 445 42.38 -12.63 16.38
CA VAL B 445 42.47 -12.49 17.86
C VAL B 445 43.19 -11.20 18.29
N GLY B 446 44.28 -10.82 17.62
CA GLY B 446 44.97 -9.54 17.83
C GLY B 446 44.28 -8.31 17.21
N GLY B 447 43.08 -8.46 16.63
CA GLY B 447 42.43 -7.48 15.76
C GLY B 447 42.96 -7.53 14.33
N ASN B 448 42.04 -7.63 13.36
CA ASN B 448 42.34 -7.48 11.94
C ASN B 448 42.03 -6.04 11.49
N TYR B 449 43.01 -5.39 10.87
CA TYR B 449 42.98 -3.98 10.47
C TYR B 449 43.25 -3.77 8.96
N ASN B 450 43.02 -4.80 8.14
CA ASN B 450 43.15 -4.72 6.67
C ASN B 450 41.92 -4.09 5.97
N TYR B 451 40.78 -3.99 6.67
CA TYR B 451 39.51 -3.47 6.15
C TYR B 451 39.20 -2.09 6.72
N LEU B 452 38.80 -1.15 5.85
CA LEU B 452 38.65 0.27 6.13
C LEU B 452 37.35 0.83 5.55
N TYR B 453 36.97 2.00 6.01
CA TYR B 453 35.88 2.81 5.47
C TYR B 453 36.32 4.28 5.40
N ARG B 454 35.47 5.11 4.79
CA ARG B 454 35.77 6.54 4.66
C ARG B 454 34.94 7.39 5.64
N LEU B 455 35.63 8.06 6.54
CA LEU B 455 34.99 8.93 7.54
C LEU B 455 34.71 10.35 7.03
N PHE B 456 35.53 10.82 6.08
CA PHE B 456 35.49 12.21 5.62
C PHE B 456 35.56 12.31 4.10
N ARG B 457 34.73 13.24 3.57
CA ARG B 457 34.61 13.58 2.15
C ARG B 457 34.02 15.00 1.98
N LYS B 458 34.47 15.80 1.00
CA LYS B 458 33.91 17.14 0.78
C LYS B 458 32.42 17.14 0.41
N SER B 459 31.90 16.00 -0.04
CA SER B 459 30.58 15.80 -0.62
C SER B 459 30.14 14.33 -0.51
N ASN B 460 28.85 14.05 -0.69
CA ASN B 460 28.37 12.68 -0.90
C ASN B 460 28.92 12.13 -2.22
N LEU B 461 29.15 10.82 -2.35
CA LEU B 461 29.38 10.20 -3.66
C LEU B 461 28.07 9.79 -4.35
N LYS B 462 28.05 9.86 -5.68
CA LYS B 462 26.90 9.47 -6.52
C LYS B 462 26.76 7.93 -6.57
N PRO B 463 25.61 7.38 -7.00
CA PRO B 463 25.42 5.94 -7.11
C PRO B 463 26.50 5.21 -7.90
N PHE B 464 26.99 4.09 -7.36
CA PHE B 464 28.07 3.26 -7.93
C PHE B 464 29.39 4.00 -8.26
N GLU B 465 29.68 5.12 -7.60
CA GLU B 465 31.01 5.74 -7.62
C GLU B 465 31.98 5.08 -6.61
N ARG B 466 33.28 5.24 -6.85
CA ARG B 466 34.37 4.79 -6.00
C ARG B 466 35.45 5.87 -5.88
N ASP B 467 35.46 6.60 -4.76
CA ASP B 467 36.55 7.52 -4.43
C ASP B 467 37.71 6.76 -3.75
N ILE B 468 38.82 6.62 -4.46
CA ILE B 468 40.04 5.94 -3.99
C ILE B 468 40.97 6.87 -3.20
N SER B 469 40.70 8.19 -3.16
CA SER B 469 41.66 9.21 -2.71
C SER B 469 42.09 9.06 -1.25
N THR B 470 43.37 9.35 -1.01
CA THR B 470 43.98 9.49 0.33
C THR B 470 44.29 10.96 0.69
N GLU B 471 43.72 11.95 0.00
CA GLU B 471 43.89 13.37 0.33
C GLU B 471 43.43 13.71 1.77
N ILE B 472 44.18 14.54 2.50
CA ILE B 472 43.80 15.00 3.85
C ILE B 472 42.56 15.91 3.80
N TYR B 473 41.65 15.73 4.75
CA TYR B 473 40.39 16.48 4.84
C TYR B 473 40.42 17.50 5.98
N GLN B 474 40.11 18.77 5.69
CA GLN B 474 39.96 19.83 6.68
C GLN B 474 38.50 19.92 7.15
N ALA B 475 38.24 19.52 8.39
CA ALA B 475 36.94 19.75 9.05
C ALA B 475 36.81 21.21 9.53
N GLY B 476 37.93 21.82 9.93
CA GLY B 476 38.00 23.25 10.25
C GLY B 476 37.87 24.16 9.02
N SER B 477 37.65 25.45 9.27
CA SER B 477 37.59 26.48 8.23
C SER B 477 38.97 26.83 7.65
N THR B 478 40.04 26.64 8.43
CA THR B 478 41.43 26.82 7.97
C THR B 478 41.83 25.75 6.94
N PRO B 479 42.69 26.07 5.95
CA PRO B 479 43.45 25.06 5.24
C PRO B 479 44.46 24.38 6.18
N CYS B 480 44.98 23.22 5.78
CA CYS B 480 46.18 22.63 6.36
C CYS B 480 47.08 22.07 5.23
N ASN B 481 48.38 21.96 5.50
CA ASN B 481 49.40 21.53 4.53
C ASN B 481 50.31 20.47 5.16
N GLY B 482 50.90 19.61 4.33
CA GLY B 482 51.63 18.43 4.78
C GLY B 482 50.69 17.30 5.23
N VAL B 483 51.21 16.35 6.01
CA VAL B 483 50.53 15.08 6.31
C VAL B 483 49.40 15.17 7.35
N GLU B 484 49.46 16.12 8.28
CA GLU B 484 48.54 16.24 9.42
C GLU B 484 48.49 17.69 9.96
N GLY B 485 47.48 18.00 10.77
CA GLY B 485 47.34 19.27 11.49
C GLY B 485 46.12 19.26 12.43
N PHE B 486 45.86 20.35 13.15
CA PHE B 486 44.66 20.49 13.96
C PHE B 486 43.40 20.65 13.09
N ASN B 487 42.30 19.97 13.47
CA ASN B 487 41.03 19.93 12.73
C ASN B 487 41.16 19.56 11.23
N CYS B 488 42.22 18.83 10.86
CA CYS B 488 42.31 18.12 9.59
C CYS B 488 42.83 16.68 9.79
N TYR B 489 42.32 15.76 8.99
CA TYR B 489 42.39 14.32 9.24
C TYR B 489 42.70 13.53 7.95
N PHE B 490 43.38 12.40 8.08
CA PHE B 490 43.38 11.37 7.04
C PHE B 490 41.94 10.85 6.84
N PRO B 491 41.44 10.68 5.61
CA PRO B 491 40.00 10.53 5.36
C PRO B 491 39.45 9.12 5.62
N LEU B 492 40.32 8.10 5.58
CA LEU B 492 39.96 6.71 5.91
C LEU B 492 40.10 6.42 7.40
N GLN B 493 39.40 5.39 7.87
CA GLN B 493 39.65 4.73 9.14
C GLN B 493 39.51 3.20 8.99
N SER B 494 40.37 2.44 9.68
CA SER B 494 40.24 0.98 9.73
C SER B 494 39.12 0.54 10.67
N TYR B 495 38.37 -0.49 10.27
CA TYR B 495 37.71 -1.38 11.23
C TYR B 495 38.77 -2.18 12.03
N GLY B 496 38.39 -2.71 13.19
CA GLY B 496 39.23 -3.62 13.97
C GLY B 496 38.49 -4.91 14.30
N PHE B 497 38.56 -5.89 13.41
CA PHE B 497 37.75 -7.11 13.54
C PHE B 497 38.43 -8.17 14.42
N GLN B 498 37.82 -8.45 15.58
CA GLN B 498 38.24 -9.48 16.52
C GLN B 498 37.15 -10.56 16.67
N PRO B 499 37.48 -11.86 16.79
CA PRO B 499 36.49 -12.90 17.03
C PRO B 499 35.61 -12.67 18.28
N THR B 500 36.08 -11.86 19.22
CA THR B 500 35.40 -11.44 20.46
C THR B 500 34.66 -10.10 20.35
N ASN B 501 34.58 -9.46 19.18
CA ASN B 501 33.63 -8.36 18.97
C ASN B 501 32.20 -8.89 19.11
N GLY B 502 31.30 -8.10 19.70
CA GLY B 502 29.87 -8.42 19.71
C GLY B 502 29.29 -8.40 18.29
N VAL B 503 28.26 -9.22 18.04
CA VAL B 503 27.50 -9.14 16.78
C VAL B 503 27.03 -7.70 16.54
N GLY B 504 27.20 -7.19 15.32
CA GLY B 504 27.08 -5.76 15.01
C GLY B 504 28.44 -5.05 14.88
N TYR B 505 29.44 -5.39 15.69
CA TYR B 505 30.85 -5.00 15.51
C TYR B 505 31.71 -6.09 14.83
N GLN B 506 31.12 -7.24 14.51
CA GLN B 506 31.72 -8.30 13.68
C GLN B 506 31.70 -7.92 12.19
N PRO B 507 32.61 -8.48 11.36
CA PRO B 507 32.63 -8.23 9.93
C PRO B 507 31.51 -8.97 9.20
N TYR B 508 30.91 -8.32 8.19
CA TYR B 508 29.99 -8.91 7.23
C TYR B 508 30.53 -8.72 5.81
N ARG B 509 30.69 -9.82 5.07
CA ARG B 509 30.90 -9.78 3.62
C ARG B 509 29.59 -9.48 2.91
N VAL B 510 29.63 -8.53 2.00
CA VAL B 510 28.51 -8.15 1.13
C VAL B 510 28.90 -8.39 -0.31
N VAL B 511 28.03 -9.06 -1.07
CA VAL B 511 28.02 -9.06 -2.53
C VAL B 511 26.76 -8.34 -2.98
N VAL B 512 26.88 -7.37 -3.88
CA VAL B 512 25.73 -6.82 -4.59
C VAL B 512 25.76 -7.30 -6.02
N LEU B 513 24.76 -8.08 -6.43
CA LEU B 513 24.52 -8.42 -7.83
C LEU B 513 23.66 -7.32 -8.45
N SER B 514 24.10 -6.72 -9.55
CA SER B 514 23.38 -5.66 -10.27
C SER B 514 23.25 -6.04 -11.74
N PHE B 515 22.14 -5.69 -12.36
CA PHE B 515 21.82 -6.14 -13.72
C PHE B 515 20.70 -5.33 -14.39
N GLU B 516 20.54 -5.51 -15.71
CA GLU B 516 19.42 -4.99 -16.52
C GLU B 516 18.63 -6.16 -17.15
N LEU B 517 17.29 -6.05 -17.12
CA LEU B 517 16.37 -7.12 -17.47
C LEU B 517 15.52 -6.80 -18.70
N LEU B 518 15.52 -7.72 -19.69
CA LEU B 518 14.57 -7.82 -20.81
C LEU B 518 14.46 -6.59 -21.74
N HIS B 519 15.46 -5.70 -21.73
CA HIS B 519 15.48 -4.46 -22.54
C HIS B 519 16.50 -4.45 -23.69
N ALA B 520 17.36 -5.46 -23.77
CA ALA B 520 18.56 -5.48 -24.61
C ALA B 520 19.07 -6.92 -24.80
N PRO B 521 19.97 -7.21 -25.76
CA PRO B 521 20.49 -8.56 -25.98
C PRO B 521 21.22 -9.10 -24.76
N ALA B 522 21.04 -10.39 -24.46
CA ALA B 522 21.36 -10.95 -23.15
C ALA B 522 22.51 -11.95 -23.20
N THR B 523 23.29 -11.98 -22.11
CA THR B 523 24.61 -12.64 -22.08
C THR B 523 24.78 -13.57 -20.88
N VAL B 524 23.87 -13.54 -19.91
CA VAL B 524 23.88 -14.40 -18.73
C VAL B 524 22.46 -14.89 -18.53
N CYS B 525 22.22 -16.17 -18.33
CA CYS B 525 20.85 -16.67 -18.16
C CYS B 525 20.73 -17.66 -17.02
N GLY B 526 19.52 -17.85 -16.51
CA GLY B 526 19.19 -19.03 -15.71
C GLY B 526 19.40 -20.35 -16.48
N PRO B 527 19.40 -21.50 -15.78
CA PRO B 527 19.76 -22.80 -16.35
C PRO B 527 18.73 -23.42 -17.31
N LYS B 528 17.61 -22.74 -17.57
CA LYS B 528 16.46 -23.20 -18.36
C LYS B 528 16.84 -23.58 -19.80
N LYS B 529 16.47 -24.80 -20.24
CA LYS B 529 16.75 -25.33 -21.58
C LYS B 529 15.78 -24.79 -22.63
N SER B 530 16.28 -24.54 -23.83
CA SER B 530 15.46 -24.15 -24.99
C SER B 530 14.67 -25.33 -25.57
N THR B 531 13.67 -25.01 -26.37
CA THR B 531 12.94 -25.91 -27.25
C THR B 531 13.36 -25.69 -28.71
N ASN B 532 12.77 -26.45 -29.63
CA ASN B 532 12.71 -26.06 -31.03
C ASN B 532 11.87 -24.75 -31.19
N LEU B 533 12.01 -24.08 -32.34
CA LEU B 533 11.20 -22.94 -32.75
C LEU B 533 10.16 -23.40 -33.79
N VAL B 534 8.88 -23.07 -33.58
CA VAL B 534 7.80 -23.27 -34.56
C VAL B 534 7.12 -21.94 -34.91
N LYS B 535 6.62 -21.83 -36.14
CA LYS B 535 6.09 -20.60 -36.73
C LYS B 535 4.71 -20.86 -37.36
N ASN B 536 3.96 -19.79 -37.61
CA ASN B 536 2.59 -19.81 -38.15
C ASN B 536 1.55 -20.55 -37.28
N LYS B 537 1.90 -20.96 -36.04
CA LYS B 537 1.01 -21.54 -35.03
C LYS B 537 0.95 -20.66 -33.79
N CYS B 538 -0.18 -20.68 -33.08
CA CYS B 538 -0.30 -20.07 -31.76
C CYS B 538 0.49 -20.87 -30.72
N VAL B 539 1.33 -20.19 -29.93
CA VAL B 539 2.23 -20.79 -28.93
C VAL B 539 2.41 -19.90 -27.71
N ASN B 540 2.77 -20.49 -26.57
CA ASN B 540 3.32 -19.76 -25.43
C ASN B 540 4.82 -19.62 -25.63
N PHE B 541 5.33 -18.47 -26.08
CA PHE B 541 6.76 -18.27 -26.25
C PHE B 541 7.44 -17.72 -24.99
N ASN B 542 8.75 -17.91 -24.91
CA ASN B 542 9.65 -17.33 -23.91
C ASN B 542 11.02 -17.10 -24.56
N PHE B 543 11.32 -15.87 -25.00
CA PHE B 543 12.62 -15.49 -25.57
C PHE B 543 13.45 -14.74 -24.54
N ASN B 544 14.55 -15.31 -24.04
CA ASN B 544 15.40 -14.70 -23.02
C ASN B 544 14.68 -14.26 -21.72
N GLY B 545 13.52 -14.82 -21.41
CA GLY B 545 12.65 -14.35 -20.32
C GLY B 545 11.52 -13.42 -20.77
N LEU B 546 11.43 -13.03 -22.04
CA LEU B 546 10.24 -12.42 -22.64
C LEU B 546 9.16 -13.49 -22.84
N THR B 547 8.43 -13.81 -21.78
CA THR B 547 7.26 -14.70 -21.84
C THR B 547 6.08 -14.01 -22.52
N GLY B 548 5.26 -14.77 -23.25
CA GLY B 548 4.09 -14.25 -23.96
C GLY B 548 3.30 -15.35 -24.67
N THR B 549 2.23 -14.96 -25.36
CA THR B 549 1.41 -15.86 -26.16
C THR B 549 1.10 -15.22 -27.50
N GLY B 550 1.27 -15.95 -28.60
CA GLY B 550 1.06 -15.40 -29.93
C GLY B 550 1.46 -16.35 -31.06
N VAL B 551 1.41 -15.85 -32.28
CA VAL B 551 1.82 -16.52 -33.52
C VAL B 551 3.11 -15.90 -33.99
N LEU B 552 4.15 -16.72 -34.19
CA LEU B 552 5.46 -16.29 -34.69
C LEU B 552 5.53 -16.38 -36.21
N THR B 553 6.24 -15.47 -36.86
CA THR B 553 6.35 -15.39 -38.33
C THR B 553 7.69 -14.76 -38.72
N GLU B 554 8.29 -15.10 -39.85
CA GLU B 554 9.55 -14.46 -40.27
C GLU B 554 9.30 -13.01 -40.71
N SER B 555 9.94 -12.05 -40.04
CA SER B 555 9.72 -10.62 -40.26
C SER B 555 10.63 -10.04 -41.35
N ASN B 556 10.16 -8.98 -42.02
CA ASN B 556 10.98 -8.15 -42.91
C ASN B 556 11.66 -6.96 -42.17
N LYS B 557 11.44 -6.79 -40.86
CA LYS B 557 12.10 -5.76 -40.03
C LYS B 557 13.62 -6.00 -39.96
N LYS B 558 14.42 -4.94 -40.04
CA LYS B 558 15.90 -4.99 -40.02
C LYS B 558 16.46 -4.37 -38.75
N PHE B 559 16.59 -5.17 -37.70
CA PHE B 559 17.19 -4.74 -36.44
C PHE B 559 18.69 -4.42 -36.61
N LEU B 560 19.16 -3.43 -35.88
CA LEU B 560 20.59 -3.14 -35.68
C LEU B 560 21.18 -4.10 -34.63
N PRO B 561 22.50 -4.35 -34.60
CA PRO B 561 23.10 -5.36 -33.73
C PRO B 561 22.78 -5.25 -32.23
N PHE B 562 22.58 -4.03 -31.73
CA PHE B 562 22.25 -3.73 -30.33
C PHE B 562 20.77 -3.93 -29.96
N GLN B 563 19.89 -4.30 -30.90
CA GLN B 563 18.46 -4.46 -30.68
C GLN B 563 18.05 -5.94 -30.59
N GLN B 564 17.35 -6.31 -29.52
CA GLN B 564 16.84 -7.69 -29.29
C GLN B 564 15.33 -7.81 -29.50
N PHE B 565 14.58 -6.71 -29.37
CA PHE B 565 13.12 -6.64 -29.42
C PHE B 565 12.65 -5.39 -30.17
N GLY B 566 11.43 -5.42 -30.69
CA GLY B 566 10.74 -4.28 -31.27
C GLY B 566 9.41 -4.03 -30.57
N ARG B 567 9.05 -2.77 -30.39
CA ARG B 567 7.80 -2.47 -29.71
C ARG B 567 6.75 -1.76 -30.54
N ASP B 568 5.52 -2.08 -30.20
CA ASP B 568 4.27 -1.46 -30.64
C ASP B 568 4.05 -0.07 -30.01
N ILE B 569 3.10 0.71 -30.52
CA ILE B 569 2.67 1.99 -29.92
C ILE B 569 2.06 1.82 -28.52
N ALA B 570 1.47 0.66 -28.22
CA ALA B 570 1.03 0.24 -26.89
C ALA B 570 2.17 -0.24 -25.95
N ASP B 571 3.42 0.06 -26.29
CA ASP B 571 4.64 -0.27 -25.52
C ASP B 571 4.88 -1.78 -25.32
N THR B 572 4.37 -2.63 -26.22
CA THR B 572 4.41 -4.09 -26.11
C THR B 572 5.16 -4.73 -27.27
N THR B 573 5.81 -5.89 -27.08
CA THR B 573 6.70 -6.47 -28.10
C THR B 573 5.95 -6.98 -29.32
N ASP B 574 6.35 -6.57 -30.52
CA ASP B 574 5.77 -7.03 -31.79
C ASP B 574 6.80 -7.61 -32.78
N ALA B 575 8.08 -7.61 -32.41
CA ALA B 575 9.11 -8.43 -33.05
C ALA B 575 10.23 -8.76 -32.07
N VAL B 576 10.97 -9.83 -32.31
CA VAL B 576 12.06 -10.32 -31.46
C VAL B 576 13.14 -10.94 -32.33
N ARG B 577 14.40 -10.97 -31.88
CA ARG B 577 15.47 -11.68 -32.60
C ARG B 577 15.77 -13.00 -31.87
N ASP B 578 15.52 -14.15 -32.52
CA ASP B 578 15.73 -15.47 -31.94
C ASP B 578 17.19 -15.62 -31.43
N PRO B 579 17.45 -15.92 -30.15
CA PRO B 579 18.78 -15.84 -29.56
C PRO B 579 19.75 -16.95 -29.99
N GLN B 580 19.26 -18.02 -30.62
CA GLN B 580 20.10 -19.09 -31.16
C GLN B 580 20.46 -18.90 -32.65
N THR B 581 19.45 -18.73 -33.50
CA THR B 581 19.65 -18.37 -34.92
C THR B 581 19.10 -16.97 -35.13
N LEU B 582 19.94 -16.00 -35.45
CA LEU B 582 19.70 -14.56 -35.20
C LEU B 582 18.68 -13.87 -36.14
N GLU B 583 17.68 -14.60 -36.64
CA GLU B 583 16.60 -14.08 -37.49
C GLU B 583 15.54 -13.33 -36.66
N ILE B 584 14.80 -12.44 -37.33
CA ILE B 584 13.81 -11.58 -36.71
C ILE B 584 12.43 -12.18 -36.91
N LEU B 585 11.71 -12.37 -35.81
CA LEU B 585 10.38 -12.96 -35.78
C LEU B 585 9.37 -11.88 -35.46
N ASP B 586 8.37 -11.70 -36.32
CA ASP B 586 7.19 -10.90 -36.02
C ASP B 586 6.33 -11.66 -35.01
N ILE B 587 5.73 -10.94 -34.06
CA ILE B 587 4.79 -11.49 -33.09
C ILE B 587 3.42 -10.88 -33.35
N THR B 588 2.40 -11.73 -33.50
CA THR B 588 0.99 -11.32 -33.56
C THR B 588 0.15 -12.12 -32.56
N PRO B 589 -0.96 -11.60 -32.03
CA PRO B 589 -1.77 -12.33 -31.09
C PRO B 589 -2.50 -13.50 -31.77
N CYS B 590 -2.74 -14.58 -31.02
CA CYS B 590 -3.56 -15.69 -31.49
C CYS B 590 -4.98 -15.19 -31.79
N SER B 591 -5.57 -15.67 -32.87
CA SER B 591 -6.84 -15.16 -33.40
C SER B 591 -7.96 -15.12 -32.35
N PHE B 592 -8.70 -14.02 -32.38
CA PHE B 592 -9.72 -13.64 -31.41
C PHE B 592 -10.79 -12.78 -32.12
N GLY B 593 -11.97 -12.67 -31.52
CA GLY B 593 -13.01 -11.74 -31.97
C GLY B 593 -14.24 -11.80 -31.09
N GLY B 594 -15.20 -10.90 -31.31
CA GLY B 594 -16.50 -11.00 -30.64
C GLY B 594 -17.30 -12.23 -31.05
N VAL B 595 -18.22 -12.66 -30.20
CA VAL B 595 -19.17 -13.73 -30.49
C VAL B 595 -20.56 -13.24 -30.17
N SER B 596 -21.39 -13.02 -31.19
CA SER B 596 -22.80 -12.69 -31.00
C SER B 596 -23.67 -13.92 -31.16
N VAL B 597 -24.65 -14.10 -30.28
CA VAL B 597 -25.65 -15.16 -30.41
C VAL B 597 -26.97 -14.55 -30.88
N ILE B 598 -27.53 -15.11 -31.94
CA ILE B 598 -28.73 -14.65 -32.63
C ILE B 598 -29.84 -15.64 -32.31
N THR B 599 -30.95 -15.14 -31.77
CA THR B 599 -32.04 -15.99 -31.28
C THR B 599 -33.41 -15.37 -31.60
N PRO B 600 -34.43 -16.17 -31.94
CA PRO B 600 -35.81 -15.81 -31.66
C PRO B 600 -36.04 -15.81 -30.13
N GLY B 601 -37.25 -15.60 -29.63
CA GLY B 601 -37.46 -15.76 -28.19
C GLY B 601 -37.23 -17.21 -27.74
N THR B 602 -36.84 -17.46 -26.49
CA THR B 602 -36.76 -18.83 -25.96
C THR B 602 -38.09 -19.55 -25.89
N ASN B 603 -39.23 -18.84 -25.90
CA ASN B 603 -40.55 -19.46 -26.06
C ASN B 603 -40.99 -19.63 -27.53
N THR B 604 -40.23 -19.08 -28.49
CA THR B 604 -40.38 -19.36 -29.91
C THR B 604 -39.51 -20.54 -30.34
N SER B 605 -38.22 -20.55 -29.96
CA SER B 605 -37.31 -21.67 -30.21
C SER B 605 -36.07 -21.65 -29.30
N ASN B 606 -35.47 -22.81 -29.07
CA ASN B 606 -34.11 -22.93 -28.50
C ASN B 606 -33.01 -22.92 -29.58
N GLN B 607 -33.37 -22.87 -30.86
CA GLN B 607 -32.41 -22.76 -31.96
C GLN B 607 -31.76 -21.37 -31.99
N VAL B 608 -30.44 -21.32 -32.10
CA VAL B 608 -29.67 -20.07 -32.21
C VAL B 608 -28.71 -20.14 -33.39
N ALA B 609 -28.34 -18.99 -33.94
CA ALA B 609 -27.20 -18.84 -34.85
C ALA B 609 -26.09 -18.06 -34.12
N VAL B 610 -24.85 -18.18 -34.58
CA VAL B 610 -23.68 -17.56 -33.95
C VAL B 610 -22.94 -16.73 -34.98
N LEU B 611 -22.61 -15.48 -34.68
CA LEU B 611 -21.76 -14.62 -35.48
C LEU B 611 -20.39 -14.49 -34.81
N TYR B 612 -19.36 -14.97 -35.47
CA TYR B 612 -17.97 -14.73 -35.10
C TYR B 612 -17.52 -13.43 -35.77
N GLN B 613 -17.42 -12.36 -35.00
CA GLN B 613 -17.35 -11.01 -35.53
C GLN B 613 -16.00 -10.66 -36.15
N GLY B 614 -16.03 -10.05 -37.33
CA GLY B 614 -14.84 -9.63 -38.09
C GLY B 614 -13.97 -10.77 -38.62
N VAL B 615 -14.40 -12.02 -38.44
CA VAL B 615 -13.67 -13.25 -38.81
C VAL B 615 -13.92 -13.64 -40.26
N ASN B 616 -12.85 -13.96 -40.99
CA ASN B 616 -12.92 -14.82 -42.17
C ASN B 616 -12.98 -16.27 -41.71
N CYS B 617 -14.10 -16.99 -41.86
CA CYS B 617 -14.23 -18.33 -41.29
C CYS B 617 -13.57 -19.50 -42.01
N THR B 618 -12.62 -19.23 -42.91
CA THR B 618 -11.55 -20.21 -43.15
C THR B 618 -10.75 -20.48 -41.86
N GLU B 619 -10.85 -19.60 -40.85
CA GLU B 619 -10.26 -19.75 -39.52
C GLU B 619 -11.13 -20.50 -38.49
N VAL B 620 -12.47 -20.50 -38.60
CA VAL B 620 -13.35 -21.14 -37.58
C VAL B 620 -13.13 -22.67 -37.44
N PRO B 621 -12.86 -23.45 -38.50
CA PRO B 621 -12.42 -24.85 -38.36
C PRO B 621 -11.13 -25.02 -37.53
N VAL B 622 -10.22 -24.04 -37.55
CA VAL B 622 -8.96 -24.05 -36.79
C VAL B 622 -9.20 -23.77 -35.30
N ALA B 623 -10.29 -23.09 -34.97
CA ALA B 623 -10.87 -23.00 -33.62
C ALA B 623 -11.57 -24.31 -33.16
N ILE B 624 -10.94 -25.47 -33.42
CA ILE B 624 -11.35 -26.79 -32.93
C ILE B 624 -11.11 -26.90 -31.42
N HIS B 625 -12.03 -27.55 -30.67
CA HIS B 625 -11.89 -27.76 -29.22
C HIS B 625 -11.00 -28.98 -28.87
N ALA B 626 -9.87 -29.14 -29.58
CA ALA B 626 -8.83 -30.12 -29.27
C ALA B 626 -7.89 -29.60 -28.16
N ASP B 627 -7.37 -28.39 -28.34
CA ASP B 627 -6.96 -27.49 -27.25
C ASP B 627 -8.15 -26.64 -26.78
N GLN B 628 -7.95 -25.79 -25.76
CA GLN B 628 -9.01 -24.94 -25.21
C GLN B 628 -9.40 -23.77 -26.14
N LEU B 629 -10.54 -23.13 -25.85
CA LEU B 629 -10.99 -21.82 -26.35
C LEU B 629 -11.76 -21.08 -25.26
N THR B 630 -11.97 -19.77 -25.40
CA THR B 630 -12.76 -18.98 -24.43
C THR B 630 -14.23 -19.45 -24.36
N PRO B 631 -15.00 -19.52 -25.47
CA PRO B 631 -16.21 -20.31 -25.50
C PRO B 631 -15.83 -21.80 -25.50
N THR B 632 -16.35 -22.57 -24.54
CA THR B 632 -16.07 -24.01 -24.44
C THR B 632 -16.89 -24.84 -25.43
N TRP B 633 -18.10 -24.39 -25.76
CA TRP B 633 -18.99 -25.08 -26.68
C TRP B 633 -18.40 -25.10 -28.09
N ARG B 634 -18.43 -26.24 -28.77
CA ARG B 634 -17.94 -26.24 -30.16
C ARG B 634 -18.99 -26.89 -31.01
N VAL B 635 -20.23 -26.85 -30.53
CA VAL B 635 -21.31 -27.57 -31.22
C VAL B 635 -21.81 -27.01 -32.55
N TYR B 636 -21.34 -25.81 -32.91
CA TYR B 636 -21.72 -25.18 -34.20
C TYR B 636 -20.64 -25.36 -35.29
N SER B 637 -19.45 -25.82 -34.87
CA SER B 637 -18.28 -26.06 -35.73
C SER B 637 -18.50 -27.08 -36.87
N THR B 638 -19.50 -27.95 -36.79
CA THR B 638 -19.83 -28.94 -37.83
C THR B 638 -20.08 -28.32 -39.21
N GLY B 639 -20.50 -27.05 -39.26
CA GLY B 639 -20.68 -26.30 -40.50
C GLY B 639 -21.99 -26.65 -41.23
N SER B 640 -21.91 -26.81 -42.56
CA SER B 640 -23.03 -27.05 -43.51
C SER B 640 -24.05 -25.91 -43.67
N ASN B 641 -24.25 -25.07 -42.65
CA ASN B 641 -25.04 -23.84 -42.68
C ASN B 641 -24.17 -22.65 -42.23
N VAL B 642 -23.09 -22.42 -42.98
CA VAL B 642 -22.11 -21.34 -42.79
C VAL B 642 -22.27 -20.28 -43.87
N PHE B 643 -22.21 -19.01 -43.48
CA PHE B 643 -22.29 -17.86 -44.37
C PHE B 643 -21.24 -16.82 -43.97
N GLN B 644 -20.34 -16.45 -44.88
CA GLN B 644 -19.43 -15.33 -44.67
C GLN B 644 -20.14 -14.01 -44.97
N THR B 645 -20.28 -13.17 -43.96
CA THR B 645 -20.75 -11.78 -44.10
C THR B 645 -19.55 -10.83 -44.00
N ARG B 646 -19.79 -9.54 -44.18
CA ARG B 646 -18.75 -8.55 -43.97
C ARG B 646 -18.71 -8.18 -42.49
N ALA B 647 -19.73 -8.56 -41.73
CA ALA B 647 -19.76 -8.40 -40.28
C ALA B 647 -19.01 -9.50 -39.51
N GLY B 648 -18.60 -10.57 -40.19
CA GLY B 648 -18.05 -11.78 -39.59
C GLY B 648 -18.61 -13.04 -40.21
N CYS B 649 -18.38 -14.18 -39.58
CA CYS B 649 -18.90 -15.45 -40.05
C CYS B 649 -20.11 -15.88 -39.26
N LEU B 650 -21.18 -16.21 -39.96
CA LEU B 650 -22.44 -16.64 -39.38
C LEU B 650 -22.60 -18.15 -39.55
N ILE B 651 -22.78 -18.88 -38.45
CA ILE B 651 -23.02 -20.33 -38.44
C ILE B 651 -24.35 -20.63 -37.76
N GLY B 652 -25.14 -21.52 -38.35
CA GLY B 652 -26.44 -21.93 -37.82
C GLY B 652 -27.65 -21.22 -38.45
N ALA B 653 -27.41 -20.33 -39.41
CA ALA B 653 -28.44 -19.67 -40.21
C ALA B 653 -28.31 -20.04 -41.69
N GLU B 654 -29.41 -20.39 -42.34
CA GLU B 654 -29.44 -20.65 -43.78
C GLU B 654 -29.41 -19.34 -44.59
N HIS B 655 -28.43 -19.13 -45.47
CA HIS B 655 -28.47 -18.00 -46.39
C HIS B 655 -29.53 -18.23 -47.49
N VAL B 656 -30.45 -17.27 -47.65
CA VAL B 656 -31.50 -17.27 -48.68
C VAL B 656 -31.36 -16.06 -49.60
N ASN B 657 -31.63 -16.22 -50.90
CA ASN B 657 -31.46 -15.12 -51.87
C ASN B 657 -32.58 -14.06 -51.81
N ASN B 658 -33.82 -14.44 -51.52
CA ASN B 658 -34.93 -13.51 -51.52
C ASN B 658 -34.92 -12.59 -50.28
N SER B 659 -34.93 -11.28 -50.49
CA SER B 659 -34.86 -10.24 -49.46
C SER B 659 -36.17 -10.01 -48.69
N TYR B 660 -36.05 -9.62 -47.43
CA TYR B 660 -37.16 -9.29 -46.54
C TYR B 660 -36.84 -8.01 -45.74
N GLU B 661 -37.84 -7.43 -45.09
CA GLU B 661 -37.61 -6.37 -44.11
C GLU B 661 -36.79 -6.90 -42.93
N CYS B 662 -35.92 -6.07 -42.33
CA CYS B 662 -35.01 -6.54 -41.29
C CYS B 662 -35.73 -6.99 -40.03
N ASP B 663 -35.50 -8.22 -39.57
CA ASP B 663 -36.05 -8.75 -38.32
C ASP B 663 -35.04 -8.62 -37.17
N ILE B 664 -33.91 -9.33 -37.25
CA ILE B 664 -32.74 -9.17 -36.38
C ILE B 664 -31.59 -8.62 -37.23
N PRO B 665 -30.97 -7.48 -36.90
CA PRO B 665 -29.84 -6.95 -37.66
C PRO B 665 -28.54 -7.71 -37.39
N ILE B 666 -27.75 -7.99 -38.43
CA ILE B 666 -26.42 -8.61 -38.30
C ILE B 666 -25.31 -7.62 -38.65
N GLY B 667 -25.52 -6.75 -39.63
CA GLY B 667 -24.57 -5.73 -40.06
C GLY B 667 -24.25 -5.86 -41.54
N ALA B 668 -23.72 -4.80 -42.16
CA ALA B 668 -23.32 -4.79 -43.57
C ALA B 668 -24.40 -5.28 -44.54
N GLY B 669 -25.65 -4.87 -44.34
CA GLY B 669 -26.81 -5.21 -45.16
C GLY B 669 -27.52 -6.53 -44.79
N ILE B 670 -26.92 -7.35 -43.95
CA ILE B 670 -27.45 -8.67 -43.57
C ILE B 670 -28.34 -8.56 -42.33
N CYS B 671 -29.46 -9.27 -42.36
CA CYS B 671 -30.38 -9.51 -41.25
C CYS B 671 -30.69 -11.01 -41.16
N ALA B 672 -31.20 -11.46 -40.02
CA ALA B 672 -31.67 -12.82 -39.81
C ALA B 672 -33.08 -12.86 -39.24
N SER B 673 -33.80 -13.93 -39.51
CA SER B 673 -35.18 -14.17 -39.05
C SER B 673 -35.44 -15.66 -38.84
N TYR B 674 -36.36 -16.03 -37.95
CA TYR B 674 -36.79 -17.41 -37.76
C TYR B 674 -38.04 -17.67 -38.61
N GLN B 675 -37.92 -18.51 -39.64
CA GLN B 675 -38.94 -18.70 -40.68
C GLN B 675 -38.99 -20.16 -41.18
N THR B 676 -40.13 -20.55 -41.78
CA THR B 676 -40.38 -21.89 -42.33
C THR B 676 -39.45 -22.24 -43.50
N SER B 689 -40.23 -27.59 -39.21
CA SER B 689 -39.98 -27.01 -40.55
C SER B 689 -39.49 -25.56 -40.50
N GLN B 690 -39.40 -24.97 -39.30
CA GLN B 690 -38.76 -23.68 -39.03
C GLN B 690 -37.22 -23.78 -39.03
N SER B 691 -36.53 -22.69 -39.36
CA SER B 691 -35.08 -22.52 -39.18
C SER B 691 -34.74 -21.03 -39.12
N ILE B 692 -33.55 -20.68 -38.63
CA ILE B 692 -33.04 -19.30 -38.78
C ILE B 692 -32.52 -19.13 -40.21
N ILE B 693 -32.99 -18.09 -40.90
CA ILE B 693 -32.54 -17.68 -42.23
C ILE B 693 -31.75 -16.38 -42.13
N ALA B 694 -30.77 -16.18 -43.00
CA ALA B 694 -30.02 -14.95 -43.14
C ALA B 694 -30.17 -14.41 -44.56
N TYR B 695 -30.37 -13.10 -44.70
CA TYR B 695 -30.71 -12.46 -45.96
C TYR B 695 -30.15 -11.05 -46.03
N THR B 696 -29.89 -10.56 -47.23
CA THR B 696 -29.76 -9.11 -47.48
C THR B 696 -31.13 -8.46 -47.31
N MET B 697 -31.24 -7.43 -46.47
CA MET B 697 -32.51 -6.74 -46.23
C MET B 697 -33.03 -6.00 -47.46
N SER B 698 -34.35 -6.00 -47.66
CA SER B 698 -35.00 -5.13 -48.63
C SER B 698 -35.17 -3.73 -48.04
N LEU B 699 -35.01 -2.70 -48.88
CA LEU B 699 -35.22 -1.31 -48.46
C LEU B 699 -36.67 -0.87 -48.63
N GLY B 700 -37.43 -1.57 -49.49
CA GLY B 700 -38.84 -1.34 -49.80
C GLY B 700 -39.18 -1.93 -51.17
N ALA B 701 -40.46 -1.90 -51.54
CA ALA B 701 -40.88 -2.22 -52.91
C ALA B 701 -40.39 -1.14 -53.88
N GLU B 702 -39.84 -1.55 -55.03
CA GLU B 702 -39.45 -0.63 -56.12
C GLU B 702 -40.69 0.00 -56.78
N ASN B 703 -40.59 1.24 -57.28
CA ASN B 703 -41.69 1.91 -57.97
C ASN B 703 -41.20 2.93 -59.01
N SER B 704 -41.30 2.60 -60.29
CA SER B 704 -41.21 3.59 -61.35
C SER B 704 -42.45 4.47 -61.34
N VAL B 705 -42.31 5.73 -60.94
CA VAL B 705 -43.38 6.73 -61.00
C VAL B 705 -43.69 7.03 -62.47
N ALA B 706 -44.96 7.15 -62.84
CA ALA B 706 -45.40 7.34 -64.22
C ALA B 706 -45.21 8.78 -64.74
N TYR B 707 -44.04 9.38 -64.52
CA TYR B 707 -43.75 10.73 -64.96
C TYR B 707 -43.86 10.90 -66.48
N SER B 708 -44.43 12.03 -66.88
CA SER B 708 -44.48 12.56 -68.23
C SER B 708 -44.54 14.08 -68.15
N ASN B 709 -44.09 14.77 -69.19
CA ASN B 709 -44.10 16.23 -69.30
C ASN B 709 -45.50 16.87 -69.33
N ASN B 710 -46.58 16.07 -69.42
CA ASN B 710 -47.96 16.56 -69.44
C ASN B 710 -48.97 15.63 -68.76
N SER B 711 -48.54 14.74 -67.88
CA SER B 711 -49.43 13.86 -67.10
C SER B 711 -49.47 14.31 -65.65
N ILE B 712 -50.65 14.36 -65.04
CA ILE B 712 -50.82 14.63 -63.63
C ILE B 712 -51.71 13.57 -62.97
N ALA B 713 -51.40 13.15 -61.75
CA ALA B 713 -52.30 12.34 -60.94
C ALA B 713 -52.97 13.21 -59.86
N ILE B 714 -54.28 13.16 -59.73
CA ILE B 714 -55.03 13.97 -58.75
C ILE B 714 -55.94 13.05 -57.94
N PRO B 715 -55.97 13.16 -56.61
CA PRO B 715 -56.75 12.27 -55.76
C PRO B 715 -58.24 12.57 -55.85
N THR B 716 -59.03 11.56 -56.17
CA THR B 716 -60.49 11.72 -56.28
C THR B 716 -61.23 11.51 -54.95
N ASN B 717 -60.50 11.14 -53.91
CA ASN B 717 -60.97 10.79 -52.58
C ASN B 717 -59.85 11.01 -51.55
N PHE B 718 -60.17 10.91 -50.27
CA PHE B 718 -59.24 10.99 -49.15
C PHE B 718 -59.55 9.91 -48.13
N THR B 719 -58.61 9.67 -47.23
CA THR B 719 -58.85 9.01 -45.95
C THR B 719 -58.42 9.91 -44.80
N ILE B 720 -59.11 9.76 -43.68
CA ILE B 720 -58.68 10.35 -42.40
C ILE B 720 -57.92 9.26 -41.67
N SER B 721 -56.63 9.48 -41.42
CA SER B 721 -55.80 8.56 -40.65
C SER B 721 -55.44 9.17 -39.31
N VAL B 722 -55.64 8.41 -38.25
CA VAL B 722 -55.16 8.73 -36.91
C VAL B 722 -53.98 7.83 -36.61
N THR B 723 -52.82 8.42 -36.30
CA THR B 723 -51.59 7.69 -35.98
C THR B 723 -51.05 8.13 -34.64
N THR B 724 -50.44 7.20 -33.90
CA THR B 724 -49.93 7.42 -32.56
C THR B 724 -48.44 7.75 -32.60
N GLU B 725 -48.04 8.83 -31.94
CA GLU B 725 -46.66 9.13 -31.57
C GLU B 725 -46.49 9.09 -30.05
N ILE B 726 -45.47 8.40 -29.55
CA ILE B 726 -45.16 8.26 -28.13
C ILE B 726 -43.84 8.97 -27.83
N LEU B 727 -43.80 9.84 -26.83
CA LEU B 727 -42.58 10.55 -26.40
C LEU B 727 -42.34 10.39 -24.90
N PRO B 728 -41.15 9.95 -24.46
CA PRO B 728 -40.69 10.13 -23.08
C PRO B 728 -40.66 11.61 -22.69
N VAL B 729 -41.09 11.95 -21.49
CA VAL B 729 -41.13 13.33 -20.98
C VAL B 729 -40.32 13.46 -19.70
N SER B 730 -40.34 12.45 -18.86
CA SER B 730 -39.63 12.42 -17.59
C SER B 730 -39.04 11.04 -17.35
N MET B 731 -38.21 10.93 -16.33
CA MET B 731 -37.68 9.69 -15.82
C MET B 731 -37.82 9.66 -14.31
N THR B 732 -37.58 8.50 -13.69
CA THR B 732 -37.69 8.35 -12.24
C THR B 732 -36.70 9.27 -11.53
N LYS B 733 -37.19 10.06 -10.56
CA LYS B 733 -36.33 10.86 -9.69
C LYS B 733 -35.64 9.94 -8.68
N THR B 734 -34.33 10.06 -8.52
CA THR B 734 -33.59 9.30 -7.51
C THR B 734 -32.79 10.25 -6.64
N SER B 735 -32.77 9.94 -5.35
CA SER B 735 -31.85 10.50 -4.37
C SER B 735 -31.03 9.36 -3.78
N VAL B 736 -29.81 9.68 -3.36
CA VAL B 736 -28.90 8.75 -2.69
C VAL B 736 -28.37 9.42 -1.42
N ASP B 737 -28.29 8.72 -0.29
CA ASP B 737 -27.35 9.10 0.76
C ASP B 737 -26.02 8.42 0.45
N CYS B 738 -25.06 9.18 -0.08
CA CYS B 738 -23.75 8.70 -0.51
C CYS B 738 -23.00 8.01 0.64
N THR B 739 -23.16 8.50 1.86
CA THR B 739 -22.59 7.88 3.07
C THR B 739 -23.28 6.57 3.41
N MET B 740 -24.61 6.43 3.27
CA MET B 740 -25.27 5.16 3.53
C MET B 740 -24.99 4.10 2.46
N TYR B 741 -24.82 4.49 1.20
CA TYR B 741 -24.39 3.59 0.15
C TYR B 741 -22.96 3.08 0.40
N ILE B 742 -22.01 3.99 0.62
CA ILE B 742 -20.60 3.64 0.76
C ILE B 742 -20.34 2.93 2.09
N CYS B 743 -20.88 3.48 3.19
CA CYS B 743 -20.48 3.19 4.56
C CYS B 743 -21.57 2.62 5.47
N GLY B 744 -22.80 2.45 4.98
CA GLY B 744 -24.04 2.27 5.75
C GLY B 744 -23.89 1.83 7.20
N ASP B 745 -24.07 2.76 8.13
CA ASP B 745 -23.98 2.65 9.61
C ASP B 745 -22.58 2.51 10.26
N SER B 746 -21.48 2.39 9.51
CA SER B 746 -20.11 2.42 10.06
C SER B 746 -19.60 3.86 10.26
N THR B 747 -19.30 4.20 11.50
CA THR B 747 -18.65 5.47 11.88
C THR B 747 -17.18 5.52 11.44
N GLU B 748 -16.50 4.37 11.37
CA GLU B 748 -15.12 4.25 10.92
C GLU B 748 -14.99 4.59 9.44
N CYS B 749 -15.85 4.00 8.61
CA CYS B 749 -15.93 4.32 7.20
C CYS B 749 -16.38 5.77 6.99
N SER B 750 -17.32 6.28 7.79
CA SER B 750 -17.76 7.67 7.68
C SER B 750 -16.64 8.68 7.99
N ASN B 751 -15.78 8.44 8.99
CA ASN B 751 -14.61 9.27 9.24
C ASN B 751 -13.55 9.20 8.11
N LEU B 752 -13.38 8.04 7.46
CA LEU B 752 -12.50 7.88 6.30
C LEU B 752 -13.05 8.56 5.05
N LEU B 753 -14.36 8.59 4.86
CA LEU B 753 -15.01 9.23 3.73
C LEU B 753 -14.84 10.77 3.74
N LEU B 754 -14.76 11.40 4.91
CA LEU B 754 -14.45 12.83 5.03
C LEU B 754 -13.10 13.25 4.44
N GLN B 755 -12.17 12.33 4.21
CA GLN B 755 -10.88 12.61 3.58
C GLN B 755 -10.99 12.97 2.09
N TYR B 756 -12.13 12.70 1.47
CA TYR B 756 -12.39 12.96 0.06
C TYR B 756 -13.06 14.33 -0.19
N GLY B 757 -13.54 15.00 0.86
CA GLY B 757 -14.07 16.35 0.80
C GLY B 757 -15.47 16.43 0.20
N SER B 758 -15.59 17.07 -0.96
CA SER B 758 -16.86 17.52 -1.52
C SER B 758 -17.61 16.47 -2.35
N PHE B 759 -16.97 15.39 -2.81
CA PHE B 759 -17.55 14.43 -3.77
C PHE B 759 -18.97 13.96 -3.46
N CYS B 760 -19.29 13.55 -2.23
CA CYS B 760 -20.66 13.11 -1.91
C CYS B 760 -21.69 14.24 -2.00
N THR B 761 -21.32 15.48 -1.67
CA THR B 761 -22.20 16.65 -1.82
C THR B 761 -22.42 16.98 -3.29
N GLN B 762 -21.40 16.84 -4.13
CA GLN B 762 -21.51 16.98 -5.58
C GLN B 762 -22.43 15.94 -6.20
N LEU B 763 -22.32 14.67 -5.79
CA LEU B 763 -23.19 13.58 -6.24
C LEU B 763 -24.66 13.86 -5.89
N ASN B 764 -24.94 14.32 -4.66
CA ASN B 764 -26.28 14.67 -4.21
C ASN B 764 -26.82 15.91 -4.93
N ARG B 765 -25.94 16.84 -5.23
CA ARG B 765 -26.26 18.07 -5.93
C ARG B 765 -26.62 17.80 -7.38
N ALA B 766 -25.89 16.89 -8.03
CA ALA B 766 -26.14 16.45 -9.40
C ALA B 766 -27.45 15.67 -9.55
N LEU B 767 -27.74 14.72 -8.65
CA LEU B 767 -29.03 14.03 -8.61
C LEU B 767 -30.20 14.95 -8.29
N THR B 768 -30.02 15.94 -7.43
CA THR B 768 -31.05 16.95 -7.14
C THR B 768 -31.37 17.81 -8.36
N GLY B 769 -30.35 18.21 -9.11
CA GLY B 769 -30.51 18.92 -10.37
C GLY B 769 -31.26 18.11 -11.42
N ILE B 770 -31.00 16.80 -11.51
CA ILE B 770 -31.75 15.87 -12.37
C ILE B 770 -33.20 15.76 -11.93
N ALA B 771 -33.47 15.61 -10.62
CA ALA B 771 -34.80 15.42 -10.08
C ALA B 771 -35.72 16.64 -10.26
N VAL B 772 -35.21 17.85 -10.03
CA VAL B 772 -35.94 19.11 -10.28
C VAL B 772 -36.33 19.27 -11.75
N GLU B 773 -35.49 18.77 -12.65
CA GLU B 773 -35.72 18.87 -14.09
C GLU B 773 -36.82 17.93 -14.60
N GLN B 774 -37.13 16.82 -13.92
CA GLN B 774 -38.24 15.95 -14.30
C GLN B 774 -39.59 16.64 -14.15
N ASP B 775 -39.72 17.52 -13.15
CA ASP B 775 -40.90 18.32 -12.95
C ASP B 775 -40.98 19.47 -13.94
N LYS B 776 -39.84 20.09 -14.24
CA LYS B 776 -39.72 21.14 -15.25
C LYS B 776 -40.15 20.62 -16.61
N ASN B 777 -39.59 19.51 -17.05
CA ASN B 777 -39.95 18.81 -18.28
C ASN B 777 -41.45 18.54 -18.39
N THR B 778 -42.06 18.04 -17.32
CA THR B 778 -43.49 17.73 -17.27
C THR B 778 -44.36 18.98 -17.34
N GLN B 779 -43.95 20.08 -16.72
CA GLN B 779 -44.57 21.40 -16.84
C GLN B 779 -44.41 22.01 -18.24
N GLU B 780 -43.28 21.83 -18.94
CA GLU B 780 -43.11 22.29 -20.32
C GLU B 780 -44.15 21.66 -21.25
N VAL B 781 -44.37 20.35 -21.12
CA VAL B 781 -45.30 19.60 -21.97
C VAL B 781 -46.75 19.87 -21.59
N PHE B 782 -47.14 19.65 -20.35
CA PHE B 782 -48.56 19.58 -19.99
C PHE B 782 -49.19 20.91 -19.55
N ALA B 783 -48.45 21.81 -18.90
CA ALA B 783 -49.00 23.05 -18.37
C ALA B 783 -49.09 24.19 -19.41
N GLN B 784 -49.46 23.87 -20.66
CA GLN B 784 -49.61 24.82 -21.77
C GLN B 784 -51.01 25.47 -21.88
N VAL B 785 -51.92 25.13 -20.98
CA VAL B 785 -53.23 25.74 -20.78
C VAL B 785 -53.23 26.56 -19.49
N LYS B 786 -53.66 27.81 -19.57
CA LYS B 786 -53.89 28.68 -18.41
C LYS B 786 -55.21 28.43 -17.69
N GLN B 787 -56.27 28.06 -18.43
CA GLN B 787 -57.58 27.68 -17.91
C GLN B 787 -57.74 26.16 -18.00
N ILE B 788 -58.38 25.54 -17.01
CA ILE B 788 -58.79 24.13 -17.10
C ILE B 788 -60.12 24.07 -17.82
N TYR B 789 -60.06 23.98 -19.15
CA TYR B 789 -61.22 23.96 -20.03
C TYR B 789 -62.07 22.69 -19.85
N LYS B 790 -63.40 22.84 -19.90
CA LYS B 790 -64.37 21.75 -19.82
C LYS B 790 -65.19 21.68 -21.11
N THR B 791 -65.49 20.46 -21.56
CA THR B 791 -66.44 20.18 -22.64
C THR B 791 -67.87 20.41 -22.18
N PRO B 792 -68.79 20.78 -23.09
CA PRO B 792 -70.21 20.93 -22.77
C PRO B 792 -70.85 19.58 -22.48
N PRO B 793 -71.96 19.50 -21.74
CA PRO B 793 -72.69 18.27 -21.55
C PRO B 793 -73.37 17.77 -22.85
N ILE B 794 -73.74 18.68 -23.76
CA ILE B 794 -74.21 18.36 -25.12
C ILE B 794 -73.03 18.15 -26.09
N LYS B 795 -72.63 16.88 -26.29
CA LYS B 795 -71.49 16.45 -27.13
C LYS B 795 -71.78 16.48 -28.64
N ASP B 796 -72.42 17.52 -29.15
CA ASP B 796 -72.77 17.67 -30.57
C ASP B 796 -71.61 18.23 -31.40
N PHE B 797 -70.61 17.38 -31.67
CA PHE B 797 -69.43 17.74 -32.45
C PHE B 797 -69.55 17.39 -33.95
N GLY B 798 -70.73 17.56 -34.55
CA GLY B 798 -70.92 17.33 -35.99
C GLY B 798 -70.83 15.88 -36.45
N GLY B 799 -70.98 14.92 -35.53
CA GLY B 799 -70.83 13.48 -35.79
C GLY B 799 -69.47 12.89 -35.42
N PHE B 800 -68.48 13.71 -35.08
CA PHE B 800 -67.19 13.26 -34.54
C PHE B 800 -67.35 12.86 -33.08
N ASN B 801 -66.79 11.71 -32.71
CA ASN B 801 -66.99 11.09 -31.41
C ASN B 801 -65.66 10.98 -30.66
N PHE B 802 -65.48 11.84 -29.66
CA PHE B 802 -64.27 11.92 -28.83
C PHE B 802 -64.37 11.15 -27.53
N SER B 803 -65.45 10.40 -27.28
CA SER B 803 -65.75 9.77 -25.98
C SER B 803 -64.65 8.85 -25.43
N GLN B 804 -63.84 8.24 -26.29
CA GLN B 804 -62.77 7.33 -25.90
C GLN B 804 -61.44 8.06 -25.59
N ILE B 805 -61.33 9.34 -25.90
CA ILE B 805 -60.17 10.21 -25.58
C ILE B 805 -60.51 11.32 -24.58
N LEU B 806 -61.79 11.61 -24.35
CA LEU B 806 -62.28 12.50 -23.29
C LEU B 806 -62.33 11.80 -21.91
N PRO B 807 -62.33 12.56 -20.80
CA PRO B 807 -62.42 12.02 -19.44
C PRO B 807 -63.60 11.07 -19.20
N ASP B 808 -63.38 10.13 -18.30
CA ASP B 808 -64.38 9.18 -17.82
C ASP B 808 -64.63 9.35 -16.30
N PRO B 809 -65.71 10.05 -15.89
CA PRO B 809 -66.06 10.28 -14.50
C PRO B 809 -66.25 9.04 -13.63
N SER B 810 -66.43 7.84 -14.22
CA SER B 810 -66.59 6.59 -13.45
C SER B 810 -65.32 6.14 -12.72
N LYS B 811 -64.14 6.67 -13.09
CA LYS B 811 -62.84 6.33 -12.52
C LYS B 811 -62.37 7.34 -11.46
N PRO B 812 -61.55 6.94 -10.47
CA PRO B 812 -61.10 7.84 -9.40
C PRO B 812 -60.15 8.93 -9.92
N SER B 813 -59.15 8.54 -10.73
CA SER B 813 -58.50 9.43 -11.71
C SER B 813 -59.35 9.47 -12.98
N LYS B 814 -59.72 10.66 -13.45
CA LYS B 814 -60.67 10.80 -14.57
C LYS B 814 -59.96 10.66 -15.93
N ARG B 815 -59.17 9.63 -16.09
CA ARG B 815 -58.51 9.49 -17.36
C ARG B 815 -59.51 9.05 -18.41
N SER B 816 -59.10 9.17 -19.67
CA SER B 816 -59.88 8.68 -20.81
C SER B 816 -59.86 7.16 -20.89
N PHE B 817 -60.63 6.57 -21.81
CA PHE B 817 -60.49 5.14 -22.09
C PHE B 817 -59.10 4.82 -22.63
N ILE B 818 -58.59 5.57 -23.61
CA ILE B 818 -57.24 5.37 -24.17
C ILE B 818 -56.14 5.65 -23.14
N GLU B 819 -56.24 6.66 -22.28
CA GLU B 819 -55.28 6.88 -21.19
C GLU B 819 -55.28 5.75 -20.17
N ASP B 820 -56.44 5.16 -19.82
CA ASP B 820 -56.45 4.01 -18.93
C ASP B 820 -55.91 2.73 -19.58
N LEU B 821 -56.03 2.58 -20.90
CA LEU B 821 -55.29 1.57 -21.67
C LEU B 821 -53.78 1.83 -21.57
N LEU B 822 -53.30 3.05 -21.85
CA LEU B 822 -51.87 3.41 -21.83
C LEU B 822 -51.22 3.17 -20.47
N PHE B 823 -51.89 3.54 -19.37
CA PHE B 823 -51.41 3.31 -18.01
C PHE B 823 -51.33 1.82 -17.61
N ASN B 824 -51.95 0.90 -18.34
CA ASN B 824 -51.76 -0.54 -18.15
C ASN B 824 -50.53 -1.09 -18.90
N LYS B 825 -50.08 -0.45 -19.99
CA LYS B 825 -49.01 -0.97 -20.88
C LYS B 825 -47.61 -0.84 -20.27
N VAL B 826 -47.35 0.27 -19.58
CA VAL B 826 -46.05 0.57 -18.97
C VAL B 826 -46.16 0.31 -17.48
N THR B 827 -45.31 -0.55 -16.92
CA THR B 827 -45.32 -0.87 -15.48
C THR B 827 -44.15 -0.18 -14.78
N LEU B 828 -44.46 0.66 -13.80
CA LEU B 828 -43.44 1.41 -13.06
C LEU B 828 -42.74 0.55 -12.00
N ALA B 829 -41.51 0.94 -11.63
CA ALA B 829 -40.77 0.40 -10.50
C ALA B 829 -40.60 1.52 -9.44
N ASP B 830 -41.49 1.51 -8.43
CA ASP B 830 -41.68 2.57 -7.44
C ASP B 830 -42.17 3.93 -8.02
N ALA B 831 -43.30 4.42 -7.51
CA ALA B 831 -43.82 5.77 -7.76
C ALA B 831 -43.33 6.84 -6.76
N GLY B 832 -42.72 6.43 -5.63
CA GLY B 832 -42.28 7.30 -4.54
C GLY B 832 -43.26 7.44 -3.35
N PHE B 833 -44.47 6.89 -3.44
CA PHE B 833 -45.59 7.15 -2.51
C PHE B 833 -45.54 6.38 -1.18
N ILE B 834 -44.56 6.69 -0.32
CA ILE B 834 -44.32 6.16 1.04
C ILE B 834 -44.00 4.65 1.09
N LYS B 835 -42.96 4.28 1.86
CA LYS B 835 -42.73 2.91 2.36
C LYS B 835 -42.72 2.95 3.88
N GLN B 836 -43.54 2.13 4.54
CA GLN B 836 -43.87 2.23 5.98
C GLN B 836 -43.41 1.02 6.80
N TYR B 837 -42.33 0.37 6.36
CA TYR B 837 -41.67 -0.83 6.94
C TYR B 837 -42.52 -2.11 6.95
N GLY B 838 -43.77 -2.08 7.42
CA GLY B 838 -44.69 -3.22 7.39
C GLY B 838 -45.02 -3.75 5.98
N ASP B 839 -44.92 -2.91 4.96
CA ASP B 839 -45.05 -3.28 3.54
C ASP B 839 -43.72 -3.70 2.88
N CYS B 840 -42.61 -3.80 3.64
CA CYS B 840 -41.26 -4.03 3.11
C CYS B 840 -40.43 -5.08 3.89
N LEU B 841 -40.68 -5.26 5.19
CA LEU B 841 -40.12 -6.34 6.00
C LEU B 841 -40.74 -7.71 5.67
N GLY B 842 -40.16 -8.79 6.24
CA GLY B 842 -40.70 -10.15 6.09
C GLY B 842 -40.56 -10.70 4.67
N ASP B 843 -41.65 -11.20 4.09
CA ASP B 843 -41.69 -11.85 2.77
C ASP B 843 -41.19 -10.93 1.65
N ILE B 844 -41.54 -9.65 1.73
CA ILE B 844 -41.14 -8.61 0.77
C ILE B 844 -39.63 -8.33 0.85
N ALA B 845 -39.01 -8.48 2.02
CA ALA B 845 -37.56 -8.36 2.17
C ALA B 845 -36.80 -9.50 1.45
N ALA B 846 -37.46 -10.59 1.08
CA ALA B 846 -36.91 -11.59 0.13
C ALA B 846 -37.25 -11.26 -1.34
N ARG B 847 -38.55 -11.14 -1.62
CA ARG B 847 -39.08 -10.97 -2.99
C ARG B 847 -39.34 -9.56 -3.56
N ASP B 848 -38.44 -8.63 -3.29
CA ASP B 848 -38.51 -7.27 -3.86
C ASP B 848 -37.16 -6.55 -3.93
N LEU B 849 -36.77 -6.12 -5.13
CA LEU B 849 -35.58 -5.30 -5.40
C LEU B 849 -35.66 -3.90 -4.78
N ILE B 850 -36.86 -3.31 -4.70
CA ILE B 850 -37.05 -1.93 -4.21
C ILE B 850 -36.68 -1.82 -2.72
N CYS B 851 -36.91 -2.87 -1.93
CA CYS B 851 -36.45 -2.94 -0.54
C CYS B 851 -34.92 -3.12 -0.41
N ALA B 852 -34.28 -3.85 -1.33
CA ALA B 852 -32.81 -3.93 -1.39
C ALA B 852 -32.17 -2.60 -1.79
N GLN B 853 -32.79 -1.83 -2.70
CA GLN B 853 -32.39 -0.46 -3.01
C GLN B 853 -32.55 0.45 -1.79
N LYS B 854 -33.74 0.53 -1.18
CA LYS B 854 -33.97 1.45 -0.06
C LYS B 854 -33.13 1.10 1.17
N PHE B 855 -32.98 -0.16 1.54
CA PHE B 855 -32.08 -0.56 2.63
C PHE B 855 -30.58 -0.28 2.35
N ASN B 856 -30.20 0.19 1.16
CA ASN B 856 -28.85 0.61 0.79
C ASN B 856 -28.70 2.11 0.52
N GLY B 857 -29.65 2.93 0.97
CA GLY B 857 -29.57 4.39 0.89
C GLY B 857 -30.06 5.01 -0.43
N LEU B 858 -30.73 4.25 -1.30
CA LEU B 858 -31.23 4.70 -2.61
C LEU B 858 -32.75 4.89 -2.54
N THR B 859 -33.28 6.06 -2.90
CA THR B 859 -34.72 6.34 -2.81
C THR B 859 -35.26 6.99 -4.07
N VAL B 860 -36.43 6.55 -4.51
CA VAL B 860 -37.24 7.27 -5.50
C VAL B 860 -38.01 8.41 -4.83
N LEU B 861 -38.04 9.58 -5.46
CA LEU B 861 -38.87 10.73 -5.07
C LEU B 861 -40.12 10.80 -5.96
N PRO B 862 -41.30 11.14 -5.44
CA PRO B 862 -42.48 11.28 -6.29
C PRO B 862 -42.37 12.50 -7.23
N PRO B 863 -43.03 12.46 -8.40
CA PRO B 863 -43.18 13.62 -9.25
C PRO B 863 -44.02 14.72 -8.59
N LEU B 864 -43.81 15.98 -8.95
CA LEU B 864 -44.58 17.09 -8.38
C LEU B 864 -46.06 17.07 -8.82
N LEU B 865 -46.32 16.88 -10.10
CA LEU B 865 -47.67 16.67 -10.62
C LEU B 865 -48.01 15.18 -10.48
N THR B 866 -49.15 14.88 -9.86
CA THR B 866 -49.70 13.53 -9.83
C THR B 866 -50.20 13.14 -11.22
N ASP B 867 -50.36 11.84 -11.50
CA ASP B 867 -50.95 11.38 -12.76
C ASP B 867 -52.37 11.90 -12.99
N GLU B 868 -53.09 12.20 -11.92
CA GLU B 868 -54.44 12.79 -11.95
C GLU B 868 -54.40 14.27 -12.35
N MET B 869 -53.35 15.02 -11.97
CA MET B 869 -53.12 16.39 -12.44
C MET B 869 -52.65 16.44 -13.90
N ILE B 870 -51.84 15.49 -14.35
CA ILE B 870 -51.46 15.35 -15.76
C ILE B 870 -52.69 15.04 -16.64
N ALA B 871 -53.61 14.23 -16.13
CA ALA B 871 -54.89 13.95 -16.79
C ALA B 871 -55.82 15.18 -16.82
N GLN B 872 -55.84 16.04 -15.82
CA GLN B 872 -56.57 17.31 -15.85
C GLN B 872 -56.01 18.30 -16.87
N TYR B 873 -54.70 18.39 -17.02
CA TYR B 873 -54.07 19.20 -18.06
C TYR B 873 -54.39 18.68 -19.44
N THR B 874 -54.33 17.36 -19.63
CA THR B 874 -54.62 16.70 -20.89
C THR B 874 -56.10 16.80 -21.28
N SER B 875 -57.00 16.70 -20.29
CA SER B 875 -58.43 16.99 -20.41
C SER B 875 -58.69 18.41 -20.88
N ALA B 876 -58.05 19.41 -20.30
CA ALA B 876 -58.18 20.81 -20.68
C ALA B 876 -57.60 21.14 -22.06
N LEU B 877 -56.48 20.54 -22.45
CA LEU B 877 -55.91 20.66 -23.81
C LEU B 877 -56.89 20.10 -24.86
N LEU B 878 -57.50 18.96 -24.59
CA LEU B 878 -58.46 18.31 -25.49
C LEU B 878 -59.80 19.05 -25.53
N ALA B 879 -60.35 19.45 -24.39
CA ALA B 879 -61.58 20.23 -24.31
C ALA B 879 -61.43 21.61 -24.97
N GLY B 880 -60.28 22.27 -24.81
CA GLY B 880 -59.96 23.51 -25.50
C GLY B 880 -59.89 23.32 -27.01
N THR B 881 -59.25 22.26 -27.50
CA THR B 881 -59.12 21.97 -28.93
C THR B 881 -60.45 21.67 -29.59
N ILE B 882 -61.28 20.79 -29.05
CA ILE B 882 -62.54 20.42 -29.72
C ILE B 882 -63.62 21.50 -29.63
N THR B 883 -63.56 22.37 -28.63
CA THR B 883 -64.53 23.48 -28.51
C THR B 883 -64.07 24.77 -29.18
N SER B 884 -62.76 25.00 -29.35
CA SER B 884 -62.20 26.30 -29.74
C SER B 884 -61.19 26.26 -30.89
N GLY B 885 -60.79 25.09 -31.38
CA GLY B 885 -59.73 24.98 -32.36
C GLY B 885 -58.39 25.48 -31.87
N TRP B 886 -57.72 26.32 -32.64
CA TRP B 886 -56.42 26.87 -32.27
C TRP B 886 -56.50 28.14 -31.41
N THR B 887 -57.69 28.72 -31.20
CA THR B 887 -57.83 30.05 -30.58
C THR B 887 -57.44 30.11 -29.11
N PHE B 888 -57.61 29.02 -28.34
CA PHE B 888 -57.18 28.92 -26.95
C PHE B 888 -55.65 28.91 -26.76
N GLY B 889 -54.87 28.67 -27.81
CA GLY B 889 -53.43 28.88 -27.82
C GLY B 889 -53.04 30.36 -27.98
N ALA B 890 -53.63 31.05 -28.95
CA ALA B 890 -53.30 32.44 -29.28
C ALA B 890 -53.94 33.52 -28.40
N GLY B 891 -54.93 33.20 -27.55
CA GLY B 891 -55.60 34.20 -26.72
C GLY B 891 -56.60 33.58 -25.77
N ALA B 892 -57.80 34.15 -25.70
CA ALA B 892 -58.97 33.51 -25.11
C ALA B 892 -59.47 32.37 -26.01
N ALA B 893 -60.02 31.32 -25.41
CA ALA B 893 -60.74 30.27 -26.13
C ALA B 893 -62.02 30.83 -26.73
N LEU B 894 -62.12 30.88 -28.06
CA LEU B 894 -63.29 31.34 -28.79
C LEU B 894 -64.03 30.13 -29.33
N GLN B 895 -65.29 29.92 -28.98
CA GLN B 895 -66.00 28.74 -29.49
C GLN B 895 -66.24 28.84 -31.00
N ILE B 896 -66.22 27.70 -31.66
CA ILE B 896 -66.58 27.50 -33.05
C ILE B 896 -67.19 26.09 -33.17
N PRO B 897 -68.22 25.84 -34.00
CA PRO B 897 -68.74 24.49 -34.16
C PRO B 897 -67.69 23.51 -34.70
N PHE B 898 -67.69 22.25 -34.30
CA PHE B 898 -66.57 21.37 -34.62
C PHE B 898 -66.38 21.13 -36.12
N ALA B 899 -67.44 20.92 -36.89
CA ALA B 899 -67.35 20.79 -38.34
C ALA B 899 -66.96 22.10 -39.05
N MET B 900 -67.20 23.25 -38.43
CA MET B 900 -66.76 24.56 -38.88
C MET B 900 -65.27 24.76 -38.64
N GLN B 901 -64.76 24.26 -37.51
CA GLN B 901 -63.34 24.15 -37.25
C GLN B 901 -62.64 23.17 -38.18
N MET B 902 -63.18 21.98 -38.40
CA MET B 902 -62.63 21.01 -39.35
C MET B 902 -62.59 21.54 -40.78
N ALA B 903 -63.53 22.39 -41.18
CA ALA B 903 -63.48 23.14 -42.43
C ALA B 903 -62.35 24.18 -42.50
N TYR B 904 -61.95 24.71 -41.35
CA TYR B 904 -60.82 25.62 -41.30
C TYR B 904 -59.56 24.77 -41.57
N ARG B 905 -59.46 23.63 -40.88
CA ARG B 905 -58.34 22.69 -41.06
C ARG B 905 -58.19 22.27 -42.52
N PHE B 906 -59.28 21.98 -43.21
CA PHE B 906 -59.28 21.62 -44.64
C PHE B 906 -58.75 22.77 -45.50
N ASN B 907 -59.17 24.01 -45.28
CA ASN B 907 -58.56 25.17 -45.96
C ASN B 907 -57.06 25.27 -45.69
N GLY B 908 -56.61 24.98 -44.48
CA GLY B 908 -55.21 25.01 -44.07
C GLY B 908 -54.31 23.95 -44.71
N ILE B 909 -54.87 22.88 -45.27
CA ILE B 909 -54.15 21.90 -46.11
C ILE B 909 -54.37 22.12 -47.62
N GLY B 910 -55.04 23.20 -48.01
CA GLY B 910 -55.29 23.54 -49.40
C GLY B 910 -56.46 22.81 -50.03
N VAL B 911 -57.37 22.25 -49.23
CA VAL B 911 -58.60 21.60 -49.67
C VAL B 911 -59.75 22.56 -49.40
N THR B 912 -60.62 22.78 -50.37
CA THR B 912 -61.68 23.78 -50.24
C THR B 912 -62.75 23.31 -49.25
N GLN B 913 -63.23 24.15 -48.34
CA GLN B 913 -64.12 23.72 -47.25
C GLN B 913 -65.47 23.12 -47.66
N ASN B 914 -65.92 23.32 -48.89
CA ASN B 914 -67.07 22.58 -49.41
C ASN B 914 -66.79 21.06 -49.44
N VAL B 915 -65.55 20.61 -49.63
CA VAL B 915 -65.15 19.20 -49.55
C VAL B 915 -65.39 18.63 -48.15
N LEU B 916 -65.27 19.41 -47.08
CA LEU B 916 -65.66 18.91 -45.76
C LEU B 916 -67.17 18.80 -45.61
N TYR B 917 -67.91 19.87 -45.82
CA TYR B 917 -69.34 19.91 -45.56
C TYR B 917 -70.15 18.95 -46.44
N GLU B 918 -69.70 18.68 -47.65
CA GLU B 918 -70.29 17.70 -48.55
C GLU B 918 -69.94 16.24 -48.23
N ASN B 919 -68.87 15.97 -47.47
CA ASN B 919 -68.42 14.65 -47.08
C ASN B 919 -68.43 14.46 -45.55
N GLN B 920 -69.14 15.29 -44.80
CA GLN B 920 -68.98 15.37 -43.36
C GLN B 920 -69.25 14.05 -42.62
N LYS B 921 -70.29 13.29 -43.01
CA LYS B 921 -70.57 11.97 -42.40
C LYS B 921 -69.48 10.95 -42.70
N LEU B 922 -68.91 10.97 -43.91
CA LEU B 922 -67.77 10.14 -44.26
C LEU B 922 -66.53 10.51 -43.45
N ILE B 923 -66.19 11.79 -43.32
CA ILE B 923 -65.02 12.27 -42.56
C ILE B 923 -65.17 11.93 -41.08
N ALA B 924 -66.36 12.10 -40.52
CA ALA B 924 -66.69 11.73 -39.15
C ALA B 924 -66.62 10.21 -38.93
N ASN B 925 -67.20 9.38 -39.80
CA ASN B 925 -67.11 7.93 -39.70
C ASN B 925 -65.69 7.40 -39.84
N GLN B 926 -64.88 8.01 -40.70
CA GLN B 926 -63.46 7.67 -40.81
C GLN B 926 -62.64 8.06 -39.59
N PHE B 927 -62.88 9.23 -38.98
CA PHE B 927 -62.27 9.59 -37.71
C PHE B 927 -62.67 8.62 -36.60
N ASN B 928 -63.96 8.36 -36.46
CA ASN B 928 -64.52 7.45 -35.45
C ASN B 928 -63.97 6.03 -35.59
N SER B 929 -63.77 5.55 -36.82
CA SER B 929 -63.17 4.24 -37.11
C SER B 929 -61.67 4.21 -36.87
N ALA B 930 -60.94 5.26 -37.21
CA ALA B 930 -59.52 5.37 -36.93
C ALA B 930 -59.21 5.46 -35.43
N ILE B 931 -60.02 6.16 -34.63
CA ILE B 931 -59.96 6.12 -33.16
C ILE B 931 -60.35 4.74 -32.59
N GLY B 932 -61.21 3.98 -33.26
CA GLY B 932 -61.47 2.57 -32.94
C GLY B 932 -60.23 1.69 -33.08
N LYS B 933 -59.43 1.89 -34.13
CA LYS B 933 -58.19 1.14 -34.39
C LYS B 933 -57.08 1.45 -33.38
N ILE B 934 -57.03 2.66 -32.81
CA ILE B 934 -56.13 3.00 -31.70
C ILE B 934 -56.45 2.15 -30.47
N GLN B 935 -57.73 2.05 -30.09
CA GLN B 935 -58.17 1.23 -28.95
C GLN B 935 -57.90 -0.25 -29.18
N ASP B 936 -58.23 -0.77 -30.36
CA ASP B 936 -57.96 -2.16 -30.73
C ASP B 936 -56.48 -2.48 -30.68
N SER B 937 -55.61 -1.64 -31.26
CA SER B 937 -54.16 -1.85 -31.21
C SER B 937 -53.62 -1.82 -29.79
N LEU B 938 -53.96 -0.79 -28.99
CA LEU B 938 -53.54 -0.70 -27.60
C LEU B 938 -54.09 -1.82 -26.72
N SER B 939 -55.23 -2.42 -27.07
CA SER B 939 -55.75 -3.62 -26.42
C SER B 939 -55.08 -4.93 -26.88
N SER B 940 -54.43 -4.95 -28.04
CA SER B 940 -53.97 -6.17 -28.72
C SER B 940 -52.45 -6.37 -28.70
N THR B 941 -51.67 -5.35 -29.07
CA THR B 941 -50.20 -5.46 -29.14
C THR B 941 -49.55 -5.23 -27.77
N ALA B 942 -48.41 -5.85 -27.51
CA ALA B 942 -47.69 -5.68 -26.24
C ALA B 942 -46.73 -4.47 -26.25
N SER B 943 -45.78 -4.45 -27.19
CA SER B 943 -44.54 -3.66 -27.13
C SER B 943 -44.62 -2.21 -27.63
N ALA B 944 -45.80 -1.71 -28.01
CA ALA B 944 -45.95 -0.40 -28.68
C ALA B 944 -45.39 0.80 -27.87
N LEU B 945 -45.56 0.80 -26.55
CA LEU B 945 -44.97 1.80 -25.65
C LEU B 945 -43.52 1.48 -25.24
N GLY B 946 -42.78 0.80 -26.10
CA GLY B 946 -41.39 0.45 -25.92
C GLY B 946 -40.47 1.64 -25.65
N LYS B 947 -40.75 2.85 -26.15
CA LYS B 947 -39.97 4.05 -25.78
C LYS B 947 -40.09 4.39 -24.29
N LEU B 948 -41.29 4.26 -23.70
CA LEU B 948 -41.53 4.55 -22.29
C LEU B 948 -41.05 3.42 -21.39
N GLN B 949 -41.29 2.17 -21.81
CA GLN B 949 -40.79 1.00 -21.09
C GLN B 949 -39.25 0.93 -21.11
N ASP B 950 -38.57 1.28 -22.20
CA ASP B 950 -37.11 1.34 -22.26
C ASP B 950 -36.50 2.32 -21.26
N VAL B 951 -37.16 3.45 -21.00
CA VAL B 951 -36.74 4.45 -20.01
C VAL B 951 -36.92 3.93 -18.59
N VAL B 952 -38.05 3.30 -18.29
CA VAL B 952 -38.27 2.62 -17.00
C VAL B 952 -37.27 1.48 -16.79
N ASN B 953 -37.01 0.67 -17.82
CA ASN B 953 -36.05 -0.41 -17.78
C ASN B 953 -34.62 0.08 -17.57
N GLN B 954 -34.20 1.14 -18.23
CA GLN B 954 -32.86 1.72 -18.05
C GLN B 954 -32.65 2.26 -16.64
N ASN B 955 -33.62 2.97 -16.07
CA ASN B 955 -33.50 3.47 -14.71
C ASN B 955 -33.49 2.35 -13.68
N ALA B 956 -34.31 1.31 -13.85
CA ALA B 956 -34.30 0.13 -12.99
C ALA B 956 -33.00 -0.66 -13.11
N GLN B 957 -32.48 -0.89 -14.31
CA GLN B 957 -31.25 -1.64 -14.53
C GLN B 957 -30.02 -0.90 -13.97
N ALA B 958 -29.98 0.43 -14.05
CA ALA B 958 -28.93 1.25 -13.47
C ALA B 958 -28.94 1.21 -11.93
N LEU B 959 -30.11 1.20 -11.30
CA LEU B 959 -30.23 1.05 -9.84
C LEU B 959 -29.90 -0.37 -9.38
N ASN B 960 -30.31 -1.39 -10.11
CA ASN B 960 -29.94 -2.78 -9.79
C ASN B 960 -28.43 -2.98 -9.92
N THR B 961 -27.80 -2.38 -10.93
CA THR B 961 -26.34 -2.38 -11.10
C THR B 961 -25.61 -1.70 -9.95
N LEU B 962 -26.12 -0.56 -9.46
CA LEU B 962 -25.55 0.15 -8.33
C LEU B 962 -25.66 -0.64 -7.02
N VAL B 963 -26.80 -1.26 -6.72
CA VAL B 963 -26.94 -2.16 -5.57
C VAL B 963 -26.00 -3.35 -5.67
N LYS B 964 -25.87 -3.98 -6.85
CA LYS B 964 -24.96 -5.10 -7.05
C LYS B 964 -23.48 -4.77 -6.87
N GLN B 965 -23.04 -3.54 -7.13
CA GLN B 965 -21.65 -3.17 -6.86
C GLN B 965 -21.25 -3.19 -5.37
N LEU B 966 -22.19 -3.35 -4.44
CA LEU B 966 -21.88 -3.56 -3.03
C LEU B 966 -21.35 -4.97 -2.72
N SER B 967 -21.60 -5.95 -3.59
CA SER B 967 -21.06 -7.31 -3.51
C SER B 967 -19.59 -7.42 -3.89
N SER B 968 -19.03 -6.40 -4.54
CA SER B 968 -17.65 -6.35 -5.00
C SER B 968 -16.68 -6.09 -3.85
N ASN B 969 -15.58 -6.83 -3.80
CA ASN B 969 -14.54 -6.65 -2.79
C ASN B 969 -13.66 -5.44 -3.08
N PHE B 970 -13.49 -5.06 -4.35
CA PHE B 970 -12.52 -4.07 -4.82
C PHE B 970 -11.08 -4.33 -4.34
N GLY B 971 -10.76 -5.59 -4.04
CA GLY B 971 -9.48 -6.05 -3.50
C GLY B 971 -9.41 -6.19 -1.97
N ALA B 972 -10.43 -5.78 -1.22
CA ALA B 972 -10.49 -5.99 0.22
C ALA B 972 -10.73 -7.46 0.60
N ILE B 973 -10.47 -7.85 1.86
CA ILE B 973 -10.68 -9.22 2.35
C ILE B 973 -12.14 -9.68 2.30
N SER B 974 -13.08 -8.73 2.27
CA SER B 974 -14.52 -8.96 2.25
C SER B 974 -15.21 -7.81 1.52
N SER B 975 -16.37 -8.05 0.94
CA SER B 975 -17.32 -6.99 0.54
C SER B 975 -18.06 -6.42 1.77
N VAL B 976 -18.22 -7.20 2.84
CA VAL B 976 -19.04 -6.84 3.99
C VAL B 976 -18.24 -5.99 4.96
N LEU B 977 -18.60 -4.72 5.08
CA LEU B 977 -17.88 -3.71 5.86
C LEU B 977 -17.83 -4.04 7.37
N ASN B 978 -18.89 -4.65 7.90
CA ASN B 978 -18.95 -5.15 9.29
C ASN B 978 -17.97 -6.30 9.57
N ASP B 979 -17.65 -7.14 8.59
CA ASP B 979 -16.74 -8.27 8.78
C ASP B 979 -15.29 -7.80 8.85
N ILE B 980 -14.94 -6.81 8.05
CA ILE B 980 -13.64 -6.13 8.15
C ILE B 980 -13.44 -5.57 9.57
N LEU B 981 -14.48 -4.97 10.15
CA LEU B 981 -14.49 -4.42 11.51
C LEU B 981 -14.65 -5.47 12.62
N SER B 982 -15.22 -6.64 12.33
CA SER B 982 -15.28 -7.78 13.25
C SER B 982 -13.94 -8.50 13.36
N ARG B 983 -13.20 -8.57 12.26
CA ARG B 983 -11.98 -9.32 12.23
C ARG B 983 -10.68 -8.57 12.31
N LEU B 984 -10.65 -7.31 11.96
CA LEU B 984 -9.41 -6.54 11.96
C LEU B 984 -9.43 -5.40 12.98
N ASP B 985 -8.25 -5.09 13.53
CA ASP B 985 -8.05 -3.94 14.41
C ASP B 985 -8.14 -2.60 13.65
N LYS B 986 -8.15 -1.49 14.37
CA LYS B 986 -8.26 -0.13 13.82
C LYS B 986 -7.32 0.14 12.64
N VAL B 987 -6.05 -0.27 12.72
CA VAL B 987 -5.04 0.06 11.70
C VAL B 987 -5.13 -0.88 10.50
N GLU B 988 -5.35 -2.17 10.71
CA GLU B 988 -5.57 -3.12 9.60
C GLU B 988 -6.89 -2.86 8.85
N ALA B 989 -7.98 -2.57 9.57
CA ALA B 989 -9.28 -2.27 8.97
C ALA B 989 -9.26 -1.01 8.10
N GLU B 990 -8.53 0.04 8.46
CA GLU B 990 -8.48 1.26 7.64
C GLU B 990 -7.98 1.02 6.22
N VAL B 991 -7.03 0.11 6.01
CA VAL B 991 -6.48 -0.20 4.67
C VAL B 991 -7.48 -0.98 3.82
N GLN B 992 -8.30 -1.82 4.46
CA GLN B 992 -9.36 -2.59 3.80
C GLN B 992 -10.60 -1.76 3.49
N ILE B 993 -11.03 -0.91 4.41
CA ILE B 993 -12.17 0.00 4.24
C ILE B 993 -11.87 1.02 3.13
N ASP B 994 -10.65 1.53 3.01
CA ASP B 994 -10.22 2.43 1.93
C ASP B 994 -10.44 1.82 0.53
N ARG B 995 -10.30 0.52 0.41
CA ARG B 995 -10.50 -0.19 -0.84
C ARG B 995 -11.96 -0.27 -1.24
N LEU B 996 -12.84 -0.49 -0.27
CA LEU B 996 -14.29 -0.42 -0.45
C LEU B 996 -14.78 1.01 -0.67
N ILE B 997 -14.27 2.02 0.04
CA ILE B 997 -14.62 3.41 -0.21
C ILE B 997 -14.25 3.79 -1.64
N THR B 998 -13.03 3.49 -2.09
CA THR B 998 -12.55 3.80 -3.43
C THR B 998 -13.47 3.26 -4.51
N GLY B 999 -13.82 1.97 -4.46
CA GLY B 999 -14.66 1.33 -5.47
C GLY B 999 -16.14 1.68 -5.42
N ARG B 1000 -16.71 1.88 -4.23
CA ARG B 1000 -18.10 2.31 -4.05
C ARG B 1000 -18.31 3.75 -4.45
N LEU B 1001 -17.36 4.63 -4.15
CA LEU B 1001 -17.36 6.01 -4.60
C LEU B 1001 -17.25 6.10 -6.13
N GLN B 1002 -16.46 5.23 -6.77
CA GLN B 1002 -16.38 5.10 -8.23
C GLN B 1002 -17.67 4.57 -8.86
N SER B 1003 -18.38 3.68 -8.17
CA SER B 1003 -19.69 3.17 -8.58
C SER B 1003 -20.76 4.25 -8.54
N LEU B 1004 -20.78 5.12 -7.54
CA LEU B 1004 -21.66 6.30 -7.52
C LEU B 1004 -21.29 7.34 -8.57
N GLN B 1005 -20.02 7.69 -8.73
CA GLN B 1005 -19.60 8.63 -9.79
C GLN B 1005 -19.96 8.14 -11.19
N THR B 1006 -19.91 6.83 -11.43
CA THR B 1006 -20.36 6.21 -12.68
C THR B 1006 -21.86 6.29 -12.85
N TYR B 1007 -22.64 5.93 -11.83
CA TYR B 1007 -24.10 6.01 -11.85
C TYR B 1007 -24.59 7.43 -12.12
N VAL B 1008 -24.08 8.43 -11.39
CA VAL B 1008 -24.48 9.82 -11.52
C VAL B 1008 -24.08 10.41 -12.88
N THR B 1009 -22.91 10.07 -13.43
CA THR B 1009 -22.53 10.46 -14.79
C THR B 1009 -23.46 9.85 -15.84
N GLN B 1010 -23.78 8.56 -15.74
CA GLN B 1010 -24.71 7.89 -16.65
C GLN B 1010 -26.12 8.48 -16.56
N GLN B 1011 -26.59 8.83 -15.35
CA GLN B 1011 -27.88 9.49 -15.15
C GLN B 1011 -27.90 10.95 -15.63
N LEU B 1012 -26.80 11.70 -15.52
CA LEU B 1012 -26.65 13.04 -16.12
C LEU B 1012 -26.67 12.99 -17.64
N ILE B 1013 -26.06 11.97 -18.24
CA ILE B 1013 -26.10 11.75 -19.68
C ILE B 1013 -27.51 11.33 -20.14
N ARG B 1014 -28.23 10.45 -19.44
CA ARG B 1014 -29.64 10.10 -19.72
C ARG B 1014 -30.62 11.26 -19.51
N ALA B 1015 -30.42 12.10 -18.50
CA ALA B 1015 -31.26 13.26 -18.24
C ALA B 1015 -31.26 14.25 -19.43
N ALA B 1016 -30.16 14.37 -20.17
CA ALA B 1016 -30.08 15.18 -21.37
C ALA B 1016 -30.90 14.61 -22.56
N GLU B 1017 -31.03 13.30 -22.68
CA GLU B 1017 -31.85 12.61 -23.69
C GLU B 1017 -33.33 12.78 -23.42
N ILE B 1018 -33.72 12.71 -22.14
CA ILE B 1018 -35.09 12.92 -21.67
C ILE B 1018 -35.49 14.39 -21.77
N ARG B 1019 -34.55 15.31 -21.62
CA ARG B 1019 -34.83 16.72 -21.75
C ARG B 1019 -35.03 17.08 -23.19
N ALA B 1020 -34.17 16.60 -24.05
CA ALA B 1020 -34.36 16.77 -25.49
C ALA B 1020 -35.72 16.22 -25.95
N SER B 1021 -36.13 15.06 -25.45
CA SER B 1021 -37.41 14.44 -25.72
C SER B 1021 -38.61 15.21 -25.16
N ALA B 1022 -38.52 15.77 -23.95
CA ALA B 1022 -39.53 16.64 -23.38
C ALA B 1022 -39.66 17.99 -24.10
N ASN B 1023 -38.55 18.58 -24.54
CA ASN B 1023 -38.54 19.79 -25.35
C ASN B 1023 -39.21 19.57 -26.71
N LEU B 1024 -39.01 18.40 -27.32
CA LEU B 1024 -39.71 18.00 -28.53
C LEU B 1024 -41.21 17.80 -28.28
N ALA B 1025 -41.59 17.07 -27.24
CA ALA B 1025 -42.98 16.88 -26.84
C ALA B 1025 -43.73 18.17 -26.49
N ALA B 1026 -43.05 19.15 -25.91
CA ALA B 1026 -43.58 20.49 -25.67
C ALA B 1026 -43.75 21.28 -26.97
N THR B 1027 -42.86 21.10 -27.94
CA THR B 1027 -42.96 21.70 -29.27
C THR B 1027 -44.12 21.10 -30.05
N LYS B 1028 -44.31 19.78 -30.00
CA LYS B 1028 -45.47 19.09 -30.57
C LYS B 1028 -46.78 19.45 -29.88
N MET B 1029 -46.78 19.66 -28.58
CA MET B 1029 -47.95 20.17 -27.89
C MET B 1029 -48.35 21.56 -28.40
N SER B 1030 -47.41 22.50 -28.48
CA SER B 1030 -47.69 23.81 -29.05
C SER B 1030 -48.08 23.78 -30.53
N GLU B 1031 -47.33 23.08 -31.37
CA GLU B 1031 -47.49 23.17 -32.82
C GLU B 1031 -48.49 22.18 -33.43
N CYS B 1032 -48.76 21.04 -32.79
CA CYS B 1032 -49.71 20.05 -33.26
C CYS B 1032 -51.05 20.05 -32.51
N VAL B 1033 -51.08 20.42 -31.22
CA VAL B 1033 -52.32 20.45 -30.42
C VAL B 1033 -52.92 21.86 -30.37
N LEU B 1034 -52.10 22.87 -30.04
CA LEU B 1034 -52.53 24.26 -29.98
C LEU B 1034 -52.53 24.94 -31.35
N GLY B 1035 -52.10 24.26 -32.41
CA GLY B 1035 -52.04 24.74 -33.78
C GLY B 1035 -52.28 23.66 -34.83
N GLN B 1036 -52.23 24.06 -36.10
CA GLN B 1036 -52.14 23.14 -37.24
C GLN B 1036 -50.81 23.34 -37.95
N SER B 1037 -49.99 22.30 -38.05
CA SER B 1037 -48.64 22.43 -38.54
C SER B 1037 -48.54 22.28 -40.06
N LYS B 1038 -47.81 23.17 -40.73
CA LYS B 1038 -47.43 23.02 -42.15
C LYS B 1038 -46.11 22.26 -42.34
N ARG B 1039 -45.41 21.96 -41.26
CA ARG B 1039 -44.16 21.24 -41.27
C ARG B 1039 -44.40 19.80 -41.61
N VAL B 1040 -43.74 19.26 -42.62
CA VAL B 1040 -43.95 17.90 -43.13
C VAL B 1040 -43.45 16.86 -42.12
N ASP B 1041 -44.25 15.82 -41.89
CA ASP B 1041 -43.99 14.71 -40.98
C ASP B 1041 -43.69 15.09 -39.53
N PHE B 1042 -44.04 16.31 -39.09
CA PHE B 1042 -43.90 16.75 -37.70
C PHE B 1042 -45.05 16.27 -36.82
N CYS B 1043 -46.25 16.19 -37.37
CA CYS B 1043 -47.48 15.79 -36.69
C CYS B 1043 -48.15 14.63 -37.43
N GLY B 1044 -47.48 13.49 -37.52
CA GLY B 1044 -47.96 12.29 -38.21
C GLY B 1044 -47.64 12.29 -39.71
N LYS B 1045 -48.13 11.29 -40.46
CA LYS B 1045 -47.89 11.15 -41.91
C LYS B 1045 -49.14 11.50 -42.71
N GLY B 1046 -49.01 12.36 -43.72
CA GLY B 1046 -50.14 13.03 -44.37
C GLY B 1046 -50.14 14.52 -44.08
N TYR B 1047 -51.18 15.23 -44.49
CA TYR B 1047 -51.34 16.65 -44.19
C TYR B 1047 -52.06 16.80 -42.85
N HIS B 1048 -51.42 17.44 -41.87
CA HIS B 1048 -51.93 17.59 -40.52
C HIS B 1048 -53.26 18.32 -40.47
N LEU B 1049 -54.24 17.76 -39.78
CA LEU B 1049 -55.49 18.42 -39.44
C LEU B 1049 -55.45 18.91 -38.01
N MET B 1050 -55.26 18.01 -37.05
CA MET B 1050 -55.17 18.30 -35.63
C MET B 1050 -54.60 17.12 -34.86
N SER B 1051 -54.10 17.36 -33.66
CA SER B 1051 -53.63 16.32 -32.74
C SER B 1051 -54.29 16.42 -31.39
N PHE B 1052 -54.42 15.28 -30.74
CA PHE B 1052 -54.98 15.13 -29.40
C PHE B 1052 -53.93 14.55 -28.47
N PRO B 1053 -53.58 15.21 -27.35
CA PRO B 1053 -52.67 14.66 -26.37
C PRO B 1053 -53.39 13.63 -25.49
N GLN B 1054 -52.69 12.57 -25.10
CA GLN B 1054 -53.09 11.59 -24.09
C GLN B 1054 -51.89 11.37 -23.17
N SER B 1055 -52.09 11.35 -21.87
CA SER B 1055 -51.00 11.11 -20.93
C SER B 1055 -50.65 9.61 -20.82
N ALA B 1056 -49.37 9.31 -20.60
CA ALA B 1056 -48.86 7.96 -20.40
C ALA B 1056 -47.81 7.97 -19.27
N PRO B 1057 -47.49 6.83 -18.62
CA PRO B 1057 -46.50 6.81 -17.56
C PRO B 1057 -45.13 7.33 -17.99
N HIS B 1058 -44.70 8.47 -17.43
CA HIS B 1058 -43.48 9.21 -17.79
C HIS B 1058 -43.41 9.75 -19.22
N GLY B 1059 -44.55 9.90 -19.91
CA GLY B 1059 -44.56 10.32 -21.30
C GLY B 1059 -45.87 10.95 -21.73
N VAL B 1060 -45.95 11.25 -23.01
CA VAL B 1060 -47.13 11.74 -23.71
C VAL B 1060 -47.33 10.90 -24.96
N VAL B 1061 -48.58 10.64 -25.28
CA VAL B 1061 -49.01 10.13 -26.58
C VAL B 1061 -49.71 11.23 -27.33
N PHE B 1062 -49.34 11.45 -28.59
CA PHE B 1062 -50.11 12.28 -29.51
C PHE B 1062 -50.83 11.37 -30.48
N LEU B 1063 -52.15 11.50 -30.52
CA LEU B 1063 -52.97 10.98 -31.62
C LEU B 1063 -53.01 12.07 -32.70
N HIS B 1064 -52.29 11.88 -33.78
CA HIS B 1064 -52.22 12.84 -34.87
C HIS B 1064 -53.23 12.49 -35.94
N VAL B 1065 -54.10 13.42 -36.31
CA VAL B 1065 -55.09 13.26 -37.36
C VAL B 1065 -54.56 13.93 -38.62
N THR B 1066 -54.51 13.19 -39.71
CA THR B 1066 -54.00 13.65 -41.00
C THR B 1066 -55.00 13.34 -42.11
N TYR B 1067 -55.09 14.25 -43.08
CA TYR B 1067 -55.70 13.99 -44.37
C TYR B 1067 -54.70 13.27 -45.25
N VAL B 1068 -55.05 12.08 -45.71
CA VAL B 1068 -54.25 11.32 -46.68
C VAL B 1068 -55.03 11.19 -47.97
N PRO B 1069 -54.54 11.73 -49.11
CA PRO B 1069 -55.21 11.59 -50.39
C PRO B 1069 -55.16 10.14 -50.92
N ALA B 1070 -56.27 9.62 -51.46
CA ALA B 1070 -56.50 8.17 -51.49
C ALA B 1070 -56.61 7.49 -52.88
N GLN B 1071 -57.45 8.01 -53.77
CA GLN B 1071 -57.87 7.30 -55.00
C GLN B 1071 -57.53 8.12 -56.24
N GLU B 1072 -56.25 8.22 -56.57
CA GLU B 1072 -55.77 9.05 -57.67
C GLU B 1072 -56.13 8.52 -59.06
N LYS B 1073 -56.42 9.46 -59.95
CA LYS B 1073 -56.64 9.21 -61.38
C LYS B 1073 -55.67 10.05 -62.21
N ASN B 1074 -55.24 9.53 -63.35
CA ASN B 1074 -54.42 10.25 -64.31
C ASN B 1074 -55.25 11.21 -65.16
N PHE B 1075 -54.69 12.37 -65.44
CA PHE B 1075 -55.22 13.39 -66.33
C PHE B 1075 -54.10 13.92 -67.20
N THR B 1076 -54.46 14.44 -68.38
CA THR B 1076 -53.55 15.32 -69.13
C THR B 1076 -53.59 16.70 -68.51
N THR B 1077 -52.48 17.42 -68.50
CA THR B 1077 -52.37 18.75 -67.90
C THR B 1077 -51.63 19.71 -68.82
N ALA B 1078 -51.75 21.01 -68.53
CA ALA B 1078 -51.07 22.08 -69.22
C ALA B 1078 -50.70 23.17 -68.21
N PRO B 1079 -49.59 23.91 -68.39
CA PRO B 1079 -49.24 25.03 -67.54
C PRO B 1079 -50.16 26.24 -67.74
N ALA B 1080 -50.64 26.45 -68.96
CA ALA B 1080 -51.50 27.55 -69.37
C ALA B 1080 -52.51 27.11 -70.42
N ILE B 1081 -53.60 27.88 -70.54
CA ILE B 1081 -54.56 27.83 -71.64
C ILE B 1081 -54.34 29.06 -72.51
N CYS B 1082 -54.31 28.88 -73.81
CA CYS B 1082 -54.36 29.96 -74.79
C CYS B 1082 -55.78 30.14 -75.31
N HIS B 1083 -56.27 31.38 -75.34
CA HIS B 1083 -57.61 31.68 -75.85
C HIS B 1083 -57.63 32.86 -76.82
N ASP B 1084 -57.81 34.07 -76.31
CA ASP B 1084 -57.96 35.30 -77.12
C ASP B 1084 -56.60 35.84 -77.63
N GLY B 1085 -55.68 34.94 -78.03
CA GLY B 1085 -54.25 35.22 -78.22
C GLY B 1085 -53.48 35.48 -76.91
N LYS B 1086 -54.15 35.33 -75.77
CA LYS B 1086 -53.68 35.59 -74.40
C LYS B 1086 -53.46 34.27 -73.66
N ALA B 1087 -52.41 34.17 -72.84
CA ALA B 1087 -52.15 33.02 -71.98
C ALA B 1087 -52.82 33.17 -70.60
N HIS B 1088 -53.61 32.18 -70.20
CA HIS B 1088 -54.37 32.10 -68.96
C HIS B 1088 -53.75 31.07 -68.03
N PHE B 1089 -53.63 31.41 -66.75
CA PHE B 1089 -53.11 30.57 -65.68
C PHE B 1089 -54.20 30.42 -64.60
N PRO B 1090 -54.30 29.31 -63.86
CA PRO B 1090 -55.34 29.18 -62.85
C PRO B 1090 -55.03 30.03 -61.60
N ARG B 1091 -56.05 30.65 -60.98
CA ARG B 1091 -55.86 31.52 -59.82
C ARG B 1091 -55.44 30.73 -58.57
N GLU B 1092 -56.20 29.69 -58.32
CA GLU B 1092 -55.90 28.57 -57.44
C GLU B 1092 -56.26 27.33 -58.25
N GLY B 1093 -55.53 26.23 -58.10
CA GLY B 1093 -55.82 25.01 -58.86
C GLY B 1093 -54.85 24.71 -60.00
N VAL B 1094 -55.22 23.75 -60.82
CA VAL B 1094 -54.44 23.20 -61.94
C VAL B 1094 -55.37 22.86 -63.11
N PHE B 1095 -54.92 23.08 -64.34
CA PHE B 1095 -55.67 22.68 -65.53
C PHE B 1095 -55.54 21.17 -65.76
N VAL B 1096 -56.67 20.52 -66.05
CA VAL B 1096 -56.73 19.09 -66.32
C VAL B 1096 -57.64 18.81 -67.49
N SER B 1097 -57.36 17.72 -68.20
CA SER B 1097 -58.22 17.16 -69.21
C SER B 1097 -58.50 15.69 -68.96
N ASN B 1098 -59.77 15.33 -69.12
CA ASN B 1098 -60.24 13.95 -69.16
C ASN B 1098 -59.95 13.23 -70.50
N GLY B 1099 -59.37 13.94 -71.48
CA GLY B 1099 -59.05 13.45 -72.81
C GLY B 1099 -59.75 14.21 -73.92
N THR B 1100 -60.90 14.85 -73.65
CA THR B 1100 -61.66 15.61 -74.67
C THR B 1100 -61.98 17.03 -74.22
N HIS B 1101 -62.18 17.25 -72.93
CA HIS B 1101 -62.57 18.55 -72.34
C HIS B 1101 -61.54 19.01 -71.31
N TRP B 1102 -61.42 20.31 -71.10
CA TRP B 1102 -60.50 20.95 -70.15
C TRP B 1102 -61.26 21.62 -69.01
N PHE B 1103 -60.71 21.49 -67.80
CA PHE B 1103 -61.24 22.00 -66.53
C PHE B 1103 -60.14 22.63 -65.70
N VAL B 1104 -60.51 23.39 -64.67
CA VAL B 1104 -59.63 23.69 -63.53
C VAL B 1104 -60.08 22.87 -62.33
N THR B 1105 -59.16 22.23 -61.62
CA THR B 1105 -59.44 21.57 -60.33
C THR B 1105 -58.56 22.16 -59.23
N GLN B 1106 -59.03 22.14 -57.99
CA GLN B 1106 -58.13 22.29 -56.85
C GLN B 1106 -57.09 21.15 -56.85
N ARG B 1107 -55.90 21.40 -56.32
CA ARG B 1107 -54.72 20.53 -56.57
C ARG B 1107 -54.70 19.23 -55.76
N ASN B 1108 -55.41 19.18 -54.64
CA ASN B 1108 -55.36 18.08 -53.65
C ASN B 1108 -56.67 17.30 -53.52
N PHE B 1109 -57.64 17.55 -54.39
CA PHE B 1109 -58.91 16.84 -54.48
C PHE B 1109 -59.54 17.10 -55.84
N TYR B 1110 -59.90 16.07 -56.58
CA TYR B 1110 -60.49 16.26 -57.91
C TYR B 1110 -61.93 16.80 -57.83
N GLU B 1111 -62.08 18.07 -58.19
CA GLU B 1111 -63.34 18.83 -58.25
C GLU B 1111 -63.30 19.73 -59.49
N PRO B 1112 -63.60 19.22 -60.70
CA PRO B 1112 -63.39 19.93 -61.95
C PRO B 1112 -64.44 21.02 -62.22
N GLN B 1113 -63.97 22.21 -62.61
CA GLN B 1113 -64.76 23.40 -62.92
C GLN B 1113 -64.51 23.81 -64.38
N ILE B 1114 -65.50 24.37 -65.07
CA ILE B 1114 -65.29 24.98 -66.39
C ILE B 1114 -64.24 26.09 -66.30
N ILE B 1115 -63.35 26.21 -67.28
CA ILE B 1115 -62.33 27.26 -67.30
C ILE B 1115 -62.98 28.60 -67.64
N THR B 1116 -62.93 29.56 -66.73
CA THR B 1116 -63.57 30.87 -66.88
C THR B 1116 -62.62 32.00 -66.52
N THR B 1117 -62.94 33.21 -66.93
CA THR B 1117 -62.20 34.43 -66.57
C THR B 1117 -62.22 34.76 -65.06
N ASP B 1118 -63.04 34.06 -64.25
CA ASP B 1118 -63.05 34.13 -62.79
C ASP B 1118 -62.21 33.03 -62.13
N ASN B 1119 -61.93 31.94 -62.84
CA ASN B 1119 -61.09 30.81 -62.43
C ASN B 1119 -59.60 31.03 -62.76
N THR B 1120 -59.30 32.01 -63.62
CA THR B 1120 -58.00 32.18 -64.27
C THR B 1120 -57.53 33.63 -64.21
N PHE B 1121 -56.24 33.86 -64.41
CA PHE B 1121 -55.67 35.18 -64.65
C PHE B 1121 -54.89 35.17 -65.95
N VAL B 1122 -54.86 36.28 -66.67
CA VAL B 1122 -54.08 36.42 -67.91
C VAL B 1122 -52.66 36.90 -67.62
N SER B 1123 -51.67 36.42 -68.36
CA SER B 1123 -50.40 37.13 -68.50
C SER B 1123 -49.68 36.84 -69.82
N GLY B 1124 -49.53 37.87 -70.65
CA GLY B 1124 -48.82 37.79 -71.93
C GLY B 1124 -49.58 37.03 -73.01
N ASN B 1125 -48.95 36.90 -74.18
CA ASN B 1125 -49.46 36.10 -75.29
C ASN B 1125 -48.99 34.64 -75.21
N CYS B 1126 -49.52 33.79 -76.08
CA CYS B 1126 -49.30 32.34 -76.06
C CYS B 1126 -47.92 31.88 -76.57
N ASP B 1127 -46.98 32.79 -76.85
CA ASP B 1127 -45.70 32.47 -77.48
C ASP B 1127 -44.64 31.96 -76.50
N VAL B 1128 -44.67 32.43 -75.25
CA VAL B 1128 -43.56 32.25 -74.28
C VAL B 1128 -43.64 30.94 -73.50
N VAL B 1129 -44.85 30.50 -73.14
CA VAL B 1129 -45.09 29.36 -72.25
C VAL B 1129 -44.86 28.02 -72.98
N ILE B 1130 -43.88 27.24 -72.52
CA ILE B 1130 -43.60 25.90 -73.03
C ILE B 1130 -44.76 24.96 -72.63
N GLY B 1131 -45.51 24.45 -73.61
CA GLY B 1131 -46.57 23.47 -73.38
C GLY B 1131 -48.00 24.02 -73.17
N ILE B 1132 -48.23 25.31 -73.40
CA ILE B 1132 -49.57 25.92 -73.45
C ILE B 1132 -50.47 25.24 -74.49
N VAL B 1133 -51.75 25.08 -74.19
CA VAL B 1133 -52.75 24.42 -75.06
C VAL B 1133 -53.88 25.38 -75.42
N ASN B 1134 -54.52 25.20 -76.57
CA ASN B 1134 -55.72 25.97 -76.91
C ASN B 1134 -56.97 25.39 -76.26
N ASN B 1135 -57.76 26.24 -75.61
CA ASN B 1135 -59.14 25.92 -75.21
C ASN B 1135 -59.93 27.23 -75.11
N THR B 1136 -61.26 27.16 -75.15
CA THR B 1136 -62.09 28.31 -74.80
C THR B 1136 -61.97 28.63 -73.31
N VAL B 1137 -61.99 29.92 -72.97
CA VAL B 1137 -62.14 30.42 -71.59
C VAL B 1137 -63.42 31.25 -71.54
N TYR B 1138 -64.37 30.83 -70.71
CA TYR B 1138 -65.69 31.42 -70.62
C TYR B 1138 -65.68 32.75 -69.86
N ASP B 1139 -66.36 33.77 -70.37
CA ASP B 1139 -66.65 34.99 -69.62
C ASP B 1139 -68.13 34.97 -69.19
N PRO B 1140 -68.46 34.79 -67.90
CA PRO B 1140 -69.84 34.70 -67.46
C PRO B 1140 -70.63 36.01 -67.59
N LEU B 1141 -69.95 37.15 -67.79
CA LEU B 1141 -70.58 38.42 -68.13
C LEU B 1141 -71.00 38.47 -69.61
N GLN B 1142 -70.43 37.63 -70.48
CA GLN B 1142 -70.71 37.64 -71.92
C GLN B 1142 -72.17 37.27 -72.24
N PRO B 1143 -72.72 36.10 -71.83
CA PRO B 1143 -74.14 35.80 -72.07
C PRO B 1143 -75.07 36.70 -71.24
N GLU B 1144 -74.63 37.18 -70.08
CA GLU B 1144 -75.33 38.20 -69.29
C GLU B 1144 -75.47 39.55 -70.03
N LEU B 1145 -74.67 39.81 -71.08
CA LEU B 1145 -74.79 40.97 -71.98
C LEU B 1145 -75.29 40.61 -73.40
N ASP B 1146 -75.12 39.38 -73.89
CA ASP B 1146 -75.74 38.93 -75.14
C ASP B 1146 -77.25 38.75 -74.98
N SER B 1147 -77.71 38.14 -73.88
CA SER B 1147 -79.13 38.13 -73.48
C SER B 1147 -79.68 39.55 -73.23
N PHE B 1148 -78.79 40.51 -72.95
CA PHE B 1148 -79.12 41.94 -72.85
C PHE B 1148 -79.17 42.63 -74.23
N LYS B 1149 -78.44 42.11 -75.23
CA LYS B 1149 -78.54 42.47 -76.66
C LYS B 1149 -79.85 41.96 -77.27
N GLU B 1150 -80.30 40.76 -76.89
CA GLU B 1150 -81.66 40.29 -77.23
C GLU B 1150 -82.77 41.10 -76.52
N GLU B 1151 -82.47 41.65 -75.33
CA GLU B 1151 -83.33 42.61 -74.61
C GLU B 1151 -83.33 44.02 -75.23
N LEU B 1152 -82.29 44.44 -75.96
CA LEU B 1152 -82.38 45.56 -76.92
C LEU B 1152 -83.29 45.17 -78.11
N ASP B 1153 -82.97 44.06 -78.78
CA ASP B 1153 -83.57 43.71 -80.06
C ASP B 1153 -85.07 43.45 -80.01
N LYS B 1154 -85.59 42.65 -79.07
CA LYS B 1154 -87.04 42.41 -79.00
C LYS B 1154 -87.84 43.68 -78.65
N TYR B 1155 -87.26 44.62 -77.89
CA TYR B 1155 -87.84 45.97 -77.73
C TYR B 1155 -87.81 46.76 -79.05
N PHE B 1156 -86.68 46.79 -79.77
CA PHE B 1156 -86.58 47.48 -81.07
C PHE B 1156 -87.56 46.90 -82.11
N LYS B 1157 -87.66 45.58 -82.24
CA LYS B 1157 -88.59 44.95 -83.20
C LYS B 1157 -90.05 45.25 -82.85
N ASN B 1158 -90.44 45.21 -81.57
CA ASN B 1158 -91.78 45.69 -81.17
C ASN B 1158 -91.97 47.19 -81.47
N HIS B 1159 -90.93 48.01 -81.23
CA HIS B 1159 -90.92 49.46 -81.51
C HIS B 1159 -90.99 49.82 -83.01
N THR B 1160 -90.84 48.86 -83.94
CA THR B 1160 -91.19 49.08 -85.36
C THR B 1160 -92.70 49.28 -85.57
N SER B 1161 -93.56 48.75 -84.68
CA SER B 1161 -95.02 48.79 -84.83
C SER B 1161 -95.69 50.16 -84.56
N PRO B 1162 -95.32 50.99 -83.55
CA PRO B 1162 -95.84 52.34 -83.42
C PRO B 1162 -95.27 53.28 -84.50
N GLN C 14 57.94 9.41 -20.97
CA GLN C 14 58.47 10.68 -21.52
C GLN C 14 57.32 11.60 -21.90
N CYS C 15 57.44 12.91 -21.65
CA CYS C 15 56.55 13.94 -22.21
C CYS C 15 57.15 15.36 -22.13
N VAL C 16 56.60 16.30 -22.93
CA VAL C 16 57.25 17.56 -23.29
C VAL C 16 56.25 18.72 -23.35
N ASN C 17 56.66 19.93 -22.95
CA ASN C 17 55.87 21.16 -23.10
C ASN C 17 56.03 21.77 -24.52
N LEU C 18 55.28 21.24 -25.49
CA LEU C 18 55.31 21.68 -26.89
C LEU C 18 55.05 23.19 -27.03
N THR C 19 56.01 23.91 -27.63
CA THR C 19 56.01 25.40 -27.62
C THR C 19 55.86 26.06 -29.00
N THR C 20 56.22 25.38 -30.10
CA THR C 20 56.25 25.93 -31.47
C THR C 20 54.87 26.02 -32.15
N ARG C 21 54.01 26.86 -31.59
CA ARG C 21 52.65 27.09 -32.11
C ARG C 21 52.24 28.57 -32.01
N THR C 22 51.50 29.05 -33.01
CA THR C 22 51.02 30.44 -33.07
C THR C 22 49.74 30.64 -32.25
N GLN C 23 49.34 31.89 -32.00
CA GLN C 23 48.14 32.25 -31.24
C GLN C 23 47.01 32.79 -32.14
N LEU C 24 45.84 32.15 -32.05
CA LEU C 24 44.57 32.56 -32.68
C LEU C 24 43.49 32.68 -31.59
N PRO C 25 42.48 33.56 -31.76
CA PRO C 25 41.31 33.59 -30.88
C PRO C 25 40.43 32.34 -31.04
N PRO C 26 39.63 31.95 -30.03
CA PRO C 26 38.82 30.73 -30.07
C PRO C 26 37.69 30.81 -31.12
N ALA C 27 37.66 29.83 -32.03
CA ALA C 27 36.63 29.69 -33.06
C ALA C 27 35.39 28.96 -32.53
N TYR C 28 34.24 29.21 -33.15
CA TYR C 28 32.96 28.57 -32.84
C TYR C 28 32.19 28.26 -34.14
N THR C 29 31.29 27.30 -34.10
CA THR C 29 30.38 27.02 -35.21
C THR C 29 29.02 26.53 -34.74
N ASN C 30 28.05 26.59 -35.64
CA ASN C 30 26.67 26.16 -35.45
C ASN C 30 26.56 24.64 -35.53
N SER C 31 26.10 23.96 -34.49
CA SER C 31 25.68 22.56 -34.60
C SER C 31 24.23 22.48 -35.04
N PHE C 32 23.98 22.30 -36.34
CA PHE C 32 22.65 22.42 -36.95
C PHE C 32 21.60 21.50 -36.29
N THR C 33 21.58 20.23 -36.69
CA THR C 33 20.71 19.18 -36.12
C THR C 33 21.51 17.93 -35.72
N ARG C 34 22.81 18.10 -35.52
CA ARG C 34 23.73 17.03 -35.13
C ARG C 34 23.77 16.66 -33.64
N GLY C 35 24.07 15.40 -33.33
CA GLY C 35 24.20 14.94 -31.94
C GLY C 35 23.00 14.19 -31.36
N VAL C 36 22.04 13.79 -32.19
CA VAL C 36 20.97 12.84 -31.80
C VAL C 36 21.53 11.42 -31.81
N TYR C 37 21.06 10.57 -30.92
CA TYR C 37 21.49 9.17 -30.79
C TYR C 37 20.29 8.29 -30.51
N TYR C 38 20.39 6.98 -30.73
CA TYR C 38 19.30 6.05 -30.39
C TYR C 38 19.15 5.99 -28.87
N PRO C 39 18.01 6.42 -28.29
CA PRO C 39 17.89 6.65 -26.86
C PRO C 39 17.83 5.36 -26.03
N ASP C 40 17.46 4.22 -26.63
CA ASP C 40 17.39 2.89 -26.01
C ASP C 40 17.57 1.75 -27.03
N LYS C 41 17.78 0.52 -26.54
CA LYS C 41 18.08 -0.69 -27.32
C LYS C 41 16.83 -1.42 -27.87
N VAL C 42 15.83 -0.67 -28.31
CA VAL C 42 14.54 -1.15 -28.81
C VAL C 42 14.36 -0.75 -30.26
N PHE C 43 13.83 -1.66 -31.10
CA PHE C 43 13.44 -1.35 -32.47
C PHE C 43 12.07 -0.67 -32.50
N ARG C 44 11.94 0.38 -33.33
CA ARG C 44 10.69 1.08 -33.65
C ARG C 44 10.73 1.44 -35.12
N SER C 45 9.58 1.51 -35.79
CA SER C 45 9.50 1.97 -37.17
C SER C 45 8.17 2.66 -37.44
N SER C 46 8.14 3.55 -38.45
CA SER C 46 6.98 4.35 -38.86
C SER C 46 6.30 5.12 -37.70
N VAL C 47 7.07 5.75 -36.82
CA VAL C 47 6.54 6.37 -35.59
C VAL C 47 7.33 7.60 -35.17
N LEU C 48 6.63 8.56 -34.55
CA LEU C 48 7.21 9.74 -33.93
C LEU C 48 7.22 9.50 -32.42
N HIS C 49 8.40 9.28 -31.85
CA HIS C 49 8.57 8.87 -30.45
C HIS C 49 9.17 9.99 -29.60
N SER C 50 8.55 10.32 -28.46
CA SER C 50 9.00 11.39 -27.57
C SER C 50 9.86 10.83 -26.44
N THR C 51 11.07 11.37 -26.28
CA THR C 51 12.07 10.91 -25.30
C THR C 51 12.75 12.08 -24.59
N GLN C 52 12.93 12.00 -23.28
CA GLN C 52 13.61 13.01 -22.47
C GLN C 52 15.00 12.48 -22.06
N ASP C 53 16.06 13.13 -22.49
CA ASP C 53 17.43 12.67 -22.23
C ASP C 53 18.45 13.79 -22.36
N LEU C 54 19.69 13.53 -21.97
CA LEU C 54 20.83 14.41 -22.21
C LEU C 54 21.16 14.46 -23.71
N PHE C 55 20.69 15.48 -24.40
CA PHE C 55 20.93 15.72 -25.84
C PHE C 55 21.66 17.06 -26.06
N LEU C 56 22.39 17.18 -27.16
CA LEU C 56 22.91 18.46 -27.63
C LEU C 56 21.76 19.28 -28.23
N PRO C 57 21.40 20.46 -27.68
CA PRO C 57 20.39 21.32 -28.28
C PRO C 57 20.69 21.65 -29.74
N PHE C 58 19.65 21.70 -30.58
CA PHE C 58 19.75 22.15 -31.97
C PHE C 58 20.25 23.60 -32.07
N PHE C 59 21.00 23.88 -33.13
CA PHE C 59 21.56 25.20 -33.47
C PHE C 59 22.41 25.85 -32.38
N SER C 60 22.98 25.05 -31.47
CA SER C 60 23.83 25.53 -30.37
C SER C 60 25.28 25.75 -30.83
N ASN C 61 25.97 26.71 -30.21
CA ASN C 61 27.39 26.97 -30.47
C ASN C 61 28.26 25.83 -29.96
N VAL C 62 29.00 25.19 -30.87
CA VAL C 62 30.04 24.24 -30.51
C VAL C 62 31.39 24.90 -30.74
N THR C 63 32.27 24.79 -29.74
CA THR C 63 33.62 25.33 -29.83
C THR C 63 34.41 24.53 -30.85
N TRP C 64 35.17 25.20 -31.70
CA TRP C 64 35.89 24.61 -32.83
C TRP C 64 37.41 24.69 -32.59
N PHE C 65 38.08 23.55 -32.72
CA PHE C 65 39.50 23.34 -32.51
C PHE C 65 40.12 22.72 -33.77
N HIS C 66 41.41 22.96 -34.02
CA HIS C 66 42.04 22.55 -35.29
C HIS C 66 43.55 22.39 -35.18
N ALA C 67 44.05 21.24 -35.64
CA ALA C 67 45.44 21.09 -36.04
C ALA C 67 45.62 21.67 -37.46
N ILE C 68 46.65 22.50 -37.68
CA ILE C 68 46.98 23.07 -39.00
C ILE C 68 48.50 23.24 -39.20
N HIS C 69 48.96 23.04 -40.45
CA HIS C 69 50.37 23.00 -40.87
C HIS C 69 51.22 22.02 -40.04
N LYS C 77 51.63 24.93 -37.21
CA LYS C 77 51.28 26.32 -36.92
C LYS C 77 50.23 26.46 -35.82
N ARG C 78 49.36 25.44 -35.71
CA ARG C 78 48.26 25.35 -34.72
C ARG C 78 48.04 23.87 -34.32
N PHE C 79 47.93 23.58 -33.02
CA PHE C 79 47.80 22.21 -32.53
C PHE C 79 47.28 22.24 -31.08
N ASP C 80 45.96 22.38 -30.91
CA ASP C 80 45.35 22.69 -29.62
C ASP C 80 44.63 21.49 -29.00
N ASN C 81 45.09 21.12 -27.80
CA ASN C 81 44.52 20.08 -26.95
C ASN C 81 44.14 20.62 -25.56
N PRO C 82 43.30 21.67 -25.44
CA PRO C 82 42.96 22.22 -24.14
C PRO C 82 42.20 21.21 -23.26
N VAL C 83 42.34 21.34 -21.95
CA VAL C 83 41.45 20.69 -20.99
C VAL C 83 40.10 21.43 -21.00
N LEU C 84 39.02 20.68 -21.21
CA LEU C 84 37.66 21.18 -21.38
C LEU C 84 36.75 20.60 -20.29
N PRO C 85 35.69 21.30 -19.87
CA PRO C 85 34.69 20.73 -18.97
C PRO C 85 34.03 19.45 -19.54
N PHE C 86 33.48 18.63 -18.66
CA PHE C 86 32.63 17.50 -18.99
C PHE C 86 31.40 17.56 -18.06
N ASN C 87 30.54 18.54 -18.30
CA ASN C 87 29.37 18.81 -17.47
C ASN C 87 28.12 18.29 -18.18
N ASP C 88 27.37 17.40 -17.52
CA ASP C 88 26.28 16.58 -18.09
C ASP C 88 26.64 15.68 -19.28
N GLY C 89 27.82 15.79 -19.88
CA GLY C 89 28.27 14.96 -20.98
C GLY C 89 28.58 15.75 -22.23
N VAL C 90 29.25 15.12 -23.16
CA VAL C 90 29.87 15.79 -24.31
C VAL C 90 29.42 15.14 -25.61
N TYR C 91 28.91 15.94 -26.53
CA TYR C 91 28.99 15.65 -27.95
C TYR C 91 30.35 16.11 -28.48
N PHE C 92 31.04 15.21 -29.17
CA PHE C 92 32.32 15.45 -29.82
C PHE C 92 32.19 15.05 -31.29
N ALA C 93 32.84 15.77 -32.20
CA ALA C 93 32.99 15.32 -33.57
C ALA C 93 34.36 15.69 -34.11
N SER C 94 34.97 14.82 -34.92
CA SER C 94 36.14 15.16 -35.74
C SER C 94 35.79 15.08 -37.22
N THR C 95 36.16 16.12 -37.94
CA THR C 95 36.14 16.24 -39.40
C THR C 95 37.58 16.07 -39.85
N GLU C 96 37.83 15.08 -40.70
CA GLU C 96 39.15 14.45 -40.68
C GLU C 96 39.64 13.79 -41.96
N LYS C 97 40.97 13.69 -42.03
CA LYS C 97 41.79 12.91 -42.94
C LYS C 97 43.05 12.47 -42.17
N SER C 98 43.74 11.42 -42.58
CA SER C 98 45.02 10.96 -42.00
C SER C 98 45.04 10.54 -40.51
N ASN C 99 43.87 10.31 -39.87
CA ASN C 99 43.75 9.74 -38.52
C ASN C 99 44.52 10.47 -37.40
N ILE C 100 44.30 11.78 -37.25
CA ILE C 100 45.02 12.65 -36.31
C ILE C 100 44.42 12.63 -34.90
N ILE C 101 43.10 12.58 -34.75
CA ILE C 101 42.41 12.46 -33.45
C ILE C 101 42.50 11.01 -32.97
N ARG C 102 43.10 10.79 -31.80
CA ARG C 102 43.35 9.44 -31.31
C ARG C 102 42.75 9.05 -29.97
N GLY C 103 41.81 9.80 -29.48
CA GLY C 103 41.15 9.51 -28.21
C GLY C 103 41.20 10.68 -27.24
N TRP C 104 41.03 10.38 -25.95
CA TRP C 104 40.81 11.37 -24.90
C TRP C 104 41.23 10.88 -23.52
N ILE C 105 41.50 11.85 -22.65
CA ILE C 105 41.62 11.74 -21.20
C ILE C 105 40.33 12.27 -20.59
N PHE C 106 39.75 11.57 -19.62
CA PHE C 106 38.61 12.05 -18.83
C PHE C 106 38.90 11.90 -17.34
N GLY C 107 38.49 12.85 -16.51
CA GLY C 107 38.64 12.69 -15.06
C GLY C 107 38.30 13.97 -14.31
N THR C 108 38.95 14.21 -13.18
CA THR C 108 38.78 15.44 -12.40
C THR C 108 40.09 16.20 -12.26
N THR C 109 41.01 15.73 -11.41
CA THR C 109 42.31 16.40 -11.21
C THR C 109 43.30 16.18 -12.37
N LEU C 110 43.19 15.05 -13.07
CA LEU C 110 44.06 14.59 -14.15
C LEU C 110 45.54 14.44 -13.75
N ASP C 111 45.87 14.41 -12.45
CA ASP C 111 47.27 14.42 -11.96
C ASP C 111 47.52 13.52 -10.73
N SER C 112 46.97 12.29 -10.77
CA SER C 112 47.20 11.17 -9.83
C SER C 112 46.72 11.34 -8.38
N LYS C 113 46.23 12.52 -8.01
CA LYS C 113 45.43 12.73 -6.78
C LYS C 113 44.08 12.00 -6.83
N THR C 114 43.54 11.77 -8.02
CA THR C 114 42.27 11.08 -8.27
C THR C 114 42.41 10.11 -9.45
N GLN C 115 41.43 9.22 -9.60
CA GLN C 115 41.35 8.34 -10.78
C GLN C 115 41.03 9.15 -12.05
N SER C 116 41.31 8.58 -13.22
CA SER C 116 40.92 9.13 -14.52
C SER C 116 40.82 8.01 -15.56
N LEU C 117 39.99 8.20 -16.56
CA LEU C 117 39.81 7.31 -17.70
C LEU C 117 40.70 7.79 -18.84
N LEU C 118 41.39 6.86 -19.47
CA LEU C 118 42.12 7.02 -20.71
C LEU C 118 41.44 6.18 -21.77
N ILE C 119 41.11 6.77 -22.92
CA ILE C 119 40.81 6.04 -24.15
C ILE C 119 41.83 6.49 -25.18
N VAL C 120 42.62 5.58 -25.73
CA VAL C 120 43.52 5.89 -26.85
C VAL C 120 43.26 4.95 -27.99
N ASN C 121 43.42 5.42 -29.22
CA ASN C 121 43.46 4.63 -30.43
C ASN C 121 44.89 4.74 -31.00
N ASN C 122 45.83 3.97 -30.47
CA ASN C 122 47.22 3.97 -30.98
C ASN C 122 47.29 3.31 -32.38
N ALA C 123 48.46 3.22 -33.01
CA ALA C 123 48.54 2.69 -34.38
C ALA C 123 48.05 1.24 -34.58
N THR C 124 47.92 0.43 -33.51
CA THR C 124 47.54 -0.99 -33.59
C THR C 124 46.36 -1.41 -32.70
N ASN C 125 46.02 -0.68 -31.64
CA ASN C 125 44.95 -1.04 -30.70
C ASN C 125 44.22 0.18 -30.13
N VAL C 126 42.93 0.03 -29.89
CA VAL C 126 42.23 0.84 -28.89
C VAL C 126 42.62 0.33 -27.50
N VAL C 127 42.99 1.20 -26.58
CA VAL C 127 43.21 0.88 -25.16
C VAL C 127 42.32 1.76 -24.29
N ILE C 128 41.52 1.15 -23.43
CA ILE C 128 40.63 1.83 -22.50
C ILE C 128 41.10 1.45 -21.10
N LYS C 129 41.54 2.41 -20.30
CA LYS C 129 42.23 2.14 -19.03
C LYS C 129 41.83 3.16 -17.98
N VAL C 130 41.60 2.72 -16.74
CA VAL C 130 41.20 3.66 -15.70
C VAL C 130 42.01 3.56 -14.42
N CYS C 131 43.12 4.30 -14.36
CA CYS C 131 43.94 4.31 -13.16
C CYS C 131 44.27 5.73 -12.73
N GLU C 132 44.84 5.83 -11.54
CA GLU C 132 45.30 7.08 -10.99
C GLU C 132 46.50 7.47 -11.83
N PHE C 133 46.23 8.09 -12.97
CA PHE C 133 47.25 8.54 -13.92
C PHE C 133 47.88 9.85 -13.49
N GLN C 134 49.19 9.98 -13.64
CA GLN C 134 49.84 11.28 -13.73
C GLN C 134 49.97 11.68 -15.20
N PHE C 135 48.94 12.33 -15.76
CA PHE C 135 49.02 12.87 -17.11
C PHE C 135 49.98 14.07 -17.21
N CYS C 136 50.47 14.29 -18.42
CA CYS C 136 51.36 15.39 -18.78
C CYS C 136 50.61 16.69 -19.08
N ASN C 137 51.31 17.82 -19.24
CA ASN C 137 50.69 19.12 -19.56
C ASN C 137 50.07 19.16 -20.98
N ASP C 138 50.78 18.58 -21.96
CA ASP C 138 50.31 18.40 -23.34
C ASP C 138 50.42 16.91 -23.72
N PRO C 139 49.39 16.08 -23.46
CA PRO C 139 49.35 14.70 -23.93
C PRO C 139 49.29 14.60 -25.46
N PHE C 140 50.13 13.79 -26.10
CA PHE C 140 50.10 13.55 -27.56
C PHE C 140 50.72 12.19 -27.96
N LEU C 141 50.51 11.80 -29.21
CA LEU C 141 51.15 10.66 -29.86
C LEU C 141 51.94 11.18 -31.06
N GLY C 142 53.05 10.54 -31.44
CA GLY C 142 53.95 11.07 -32.47
C GLY C 142 54.22 10.09 -33.60
N VAL C 143 54.26 10.59 -34.84
CA VAL C 143 54.50 9.81 -36.05
C VAL C 143 55.72 10.32 -36.79
N TYR C 144 56.71 9.46 -37.08
CA TYR C 144 57.77 9.78 -38.02
C TYR C 144 57.29 9.69 -39.47
N TYR C 145 57.58 10.74 -40.24
CA TYR C 145 56.91 11.08 -41.49
C TYR C 145 57.77 10.76 -42.71
N HIS C 146 57.30 9.85 -43.58
CA HIS C 146 57.89 9.54 -44.88
C HIS C 146 59.42 9.21 -44.84
N LYS C 147 59.92 8.62 -43.74
CA LYS C 147 61.36 8.52 -43.44
C LYS C 147 62.06 7.41 -44.24
N ASN C 148 62.44 7.73 -45.48
CA ASN C 148 63.22 6.94 -46.46
C ASN C 148 62.57 5.63 -46.94
N ASN C 149 61.89 4.88 -46.07
CA ASN C 149 61.14 3.65 -46.38
C ASN C 149 59.87 3.89 -47.24
N LYS C 150 59.55 5.14 -47.59
CA LYS C 150 58.27 5.59 -48.17
C LYS C 150 57.05 5.16 -47.31
N SER C 151 57.18 5.30 -45.99
CA SER C 151 56.17 4.90 -45.00
C SER C 151 56.21 5.78 -43.74
N TRP C 152 55.11 5.76 -42.98
CA TRP C 152 54.90 6.55 -41.76
C TRP C 152 54.78 5.63 -40.54
N MET C 153 55.52 5.92 -39.46
CA MET C 153 55.60 5.05 -38.27
C MET C 153 55.21 5.80 -37.00
N GLU C 154 54.22 5.32 -36.24
CA GLU C 154 54.00 5.83 -34.88
C GLU C 154 55.17 5.43 -33.99
N SER C 155 55.74 6.40 -33.28
CA SER C 155 57.03 6.29 -32.58
C SER C 155 57.01 6.88 -31.16
N GLU C 156 55.97 7.64 -30.80
CA GLU C 156 55.87 8.32 -29.51
C GLU C 156 54.47 8.19 -28.89
N PHE C 157 54.42 8.01 -27.57
CA PHE C 157 53.21 7.89 -26.76
C PHE C 157 53.45 8.69 -25.47
N ARG C 158 53.35 10.00 -25.61
CA ARG C 158 53.59 10.93 -24.54
C ARG C 158 52.28 11.39 -24.03
N VAL C 159 51.77 10.66 -23.07
CA VAL C 159 50.45 10.88 -22.47
C VAL C 159 50.49 11.00 -20.95
N TYR C 160 51.15 10.06 -20.26
CA TYR C 160 51.30 10.03 -18.81
C TYR C 160 52.71 9.61 -18.39
N SER C 161 53.13 10.07 -17.21
CA SER C 161 54.42 9.73 -16.57
C SER C 161 54.32 8.65 -15.49
N SER C 162 53.11 8.32 -15.01
CA SER C 162 52.82 7.16 -14.16
C SER C 162 51.36 6.74 -14.29
N ALA C 163 51.06 5.47 -14.05
CA ALA C 163 49.72 4.91 -14.04
C ALA C 163 49.62 3.90 -12.87
N ASN C 164 49.06 4.37 -11.75
CA ASN C 164 49.23 3.71 -10.45
C ASN C 164 48.12 2.67 -10.15
N ASN C 165 47.30 2.88 -9.12
CA ASN C 165 46.16 1.99 -8.80
C ASN C 165 45.20 1.94 -9.99
N CYS C 166 45.12 0.82 -10.68
CA CYS C 166 44.31 0.70 -11.88
C CYS C 166 43.13 -0.26 -11.80
N THR C 167 41.90 0.27 -11.74
CA THR C 167 40.68 -0.54 -11.60
C THR C 167 39.95 -1.15 -12.82
N PHE C 168 40.22 -0.65 -14.01
CA PHE C 168 39.67 -1.18 -15.26
C PHE C 168 40.75 -1.17 -16.34
N GLU C 169 40.85 -2.25 -17.11
CA GLU C 169 41.69 -2.30 -18.32
C GLU C 169 40.98 -3.07 -19.44
N TYR C 170 41.04 -2.54 -20.65
CA TYR C 170 40.65 -3.19 -21.90
C TYR C 170 41.65 -2.82 -22.99
N VAL C 171 41.98 -3.75 -23.87
CA VAL C 171 42.70 -3.50 -25.11
C VAL C 171 41.96 -4.23 -26.23
N SER C 172 41.75 -3.59 -27.38
CA SER C 172 41.11 -4.24 -28.51
C SER C 172 41.98 -5.36 -29.07
N GLN C 173 41.37 -6.31 -29.77
CA GLN C 173 42.13 -7.15 -30.69
C GLN C 173 42.86 -6.25 -31.71
N PRO C 174 44.09 -6.62 -32.14
CA PRO C 174 44.93 -5.72 -32.92
C PRO C 174 44.45 -5.54 -34.36
N PHE C 175 44.74 -4.36 -34.90
CA PHE C 175 44.47 -3.92 -36.27
C PHE C 175 45.70 -3.20 -36.84
N LEU C 176 45.69 -2.86 -38.14
CA LEU C 176 46.61 -1.88 -38.69
C LEU C 176 45.85 -0.62 -39.11
N MET C 177 46.27 0.53 -38.59
CA MET C 177 45.79 1.85 -39.00
C MET C 177 46.82 2.48 -39.94
N ASP C 178 46.38 3.02 -41.07
CA ASP C 178 47.23 3.81 -41.97
C ASP C 178 47.53 5.19 -41.38
N LEU C 179 48.79 5.62 -41.48
CA LEU C 179 49.29 6.87 -40.89
C LEU C 179 49.69 7.92 -41.95
N GLU C 180 49.07 7.84 -43.12
CA GLU C 180 49.45 8.53 -44.36
C GLU C 180 48.23 9.05 -45.13
N GLY C 181 48.44 10.05 -45.98
CA GLY C 181 47.41 10.65 -46.84
C GLY C 181 47.45 12.19 -46.85
N LYS C 182 47.24 12.78 -48.02
CA LYS C 182 47.19 14.24 -48.23
C LYS C 182 46.12 14.59 -49.27
N GLN C 183 45.08 15.29 -48.83
CA GLN C 183 43.87 15.61 -49.60
C GLN C 183 43.43 17.06 -49.36
N GLY C 184 42.91 17.74 -50.39
CA GLY C 184 42.47 19.15 -50.32
C GLY C 184 41.17 19.40 -49.55
N ASN C 185 40.50 18.33 -49.10
CA ASN C 185 39.29 18.37 -48.28
C ASN C 185 39.31 17.22 -47.26
N PHE C 186 38.55 17.36 -46.17
CA PHE C 186 38.33 16.30 -45.19
C PHE C 186 37.35 15.24 -45.72
N LYS C 187 37.59 13.98 -45.33
CA LYS C 187 36.98 12.79 -45.96
C LYS C 187 36.06 12.00 -45.02
N ASN C 188 36.30 12.09 -43.72
CA ASN C 188 35.58 11.36 -42.68
C ASN C 188 35.01 12.33 -41.64
N LEU C 189 33.75 12.14 -41.23
CA LEU C 189 33.21 12.72 -40.01
C LEU C 189 32.98 11.60 -39.00
N ARG C 190 33.62 11.74 -37.84
CA ARG C 190 33.49 10.81 -36.72
C ARG C 190 32.80 11.57 -35.59
N GLU C 191 31.63 11.09 -35.18
CA GLU C 191 30.85 11.74 -34.12
C GLU C 191 30.70 10.83 -32.92
N PHE C 192 30.84 11.36 -31.71
CA PHE C 192 30.74 10.63 -30.45
C PHE C 192 29.85 11.38 -29.46
N VAL C 193 29.04 10.68 -28.68
CA VAL C 193 28.37 11.23 -27.50
C VAL C 193 28.85 10.45 -26.28
N PHE C 194 29.35 11.16 -25.27
CA PHE C 194 29.81 10.61 -24.01
C PHE C 194 28.87 11.02 -22.87
N LYS C 195 28.38 10.05 -22.09
CA LYS C 195 27.60 10.29 -20.86
C LYS C 195 28.24 9.56 -19.68
N ASN C 196 28.10 10.05 -18.45
CA ASN C 196 28.65 9.40 -17.25
C ASN C 196 27.56 9.31 -16.16
N ILE C 197 26.81 8.21 -16.11
CA ILE C 197 25.54 8.10 -15.36
C ILE C 197 25.55 6.88 -14.44
N ASP C 198 25.31 7.09 -13.13
CA ASP C 198 25.17 6.04 -12.11
C ASP C 198 26.27 4.96 -12.19
N GLY C 199 27.53 5.42 -12.28
CA GLY C 199 28.73 4.60 -12.36
C GLY C 199 29.17 4.19 -13.77
N TYR C 200 28.34 4.36 -14.80
CA TYR C 200 28.62 3.91 -16.17
C TYR C 200 28.99 5.05 -17.12
N PHE C 201 30.12 4.94 -17.79
CA PHE C 201 30.52 5.83 -18.88
C PHE C 201 30.05 5.26 -20.21
N LYS C 202 29.06 5.89 -20.82
CA LYS C 202 28.34 5.41 -22.00
C LYS C 202 28.85 6.14 -23.23
N ILE C 203 29.15 5.39 -24.29
CA ILE C 203 29.60 5.93 -25.57
C ILE C 203 28.59 5.57 -26.66
N TYR C 204 28.19 6.57 -27.45
CA TYR C 204 27.46 6.41 -28.71
C TYR C 204 28.33 6.99 -29.82
N SER C 205 28.29 6.47 -31.04
CA SER C 205 29.08 7.01 -32.12
C SER C 205 28.52 6.74 -33.51
N LYS C 206 28.96 7.53 -34.49
CA LYS C 206 28.69 7.32 -35.92
C LYS C 206 29.87 7.74 -36.77
N HIS C 207 30.09 7.03 -37.87
CA HIS C 207 30.98 7.43 -38.96
C HIS C 207 30.13 7.78 -40.18
N THR C 208 30.35 8.93 -40.81
CA THR C 208 29.81 9.24 -42.15
C THR C 208 30.89 9.80 -43.05
N PRO C 209 30.94 9.42 -44.34
CA PRO C 209 31.82 10.06 -45.31
C PRO C 209 31.37 11.50 -45.56
N ILE C 210 32.33 12.36 -45.89
CA ILE C 210 32.19 13.79 -46.17
C ILE C 210 33.15 14.20 -47.30
N ASN C 211 32.93 15.39 -47.87
CA ASN C 211 33.84 15.99 -48.84
C ASN C 211 33.80 17.53 -48.70
N LEU C 212 34.46 18.06 -47.68
CA LEU C 212 34.36 19.48 -47.29
C LEU C 212 35.66 20.03 -46.71
N VAL C 213 35.84 21.35 -46.80
CA VAL C 213 37.13 21.99 -46.51
C VAL C 213 37.26 22.45 -45.05
N ARG C 214 36.28 23.16 -44.48
CA ARG C 214 36.49 23.69 -43.12
C ARG C 214 35.34 23.98 -42.15
N ASP C 215 34.31 23.17 -42.10
CA ASP C 215 33.21 23.44 -41.16
C ASP C 215 32.36 22.22 -40.80
N LEU C 216 31.87 22.15 -39.56
CA LEU C 216 30.99 21.05 -39.18
C LEU C 216 29.78 21.03 -40.14
N PRO C 217 29.51 19.95 -40.89
CA PRO C 217 28.51 19.97 -41.97
C PRO C 217 27.08 20.06 -41.43
N GLN C 218 26.23 20.81 -42.14
CA GLN C 218 24.78 20.74 -41.96
C GLN C 218 24.28 19.35 -42.34
N GLY C 219 23.38 18.78 -41.54
CA GLY C 219 22.76 17.47 -41.80
C GLY C 219 22.27 16.76 -40.54
N PHE C 220 21.74 15.55 -40.71
CA PHE C 220 21.24 14.70 -39.64
C PHE C 220 21.74 13.26 -39.80
N SER C 221 22.24 12.65 -38.73
CA SER C 221 22.28 11.19 -38.56
C SER C 221 22.28 10.87 -37.07
N ALA C 222 21.73 9.71 -36.70
CA ALA C 222 21.66 9.29 -35.30
C ALA C 222 22.86 8.39 -34.94
N LEU C 223 23.51 8.66 -33.81
CA LEU C 223 24.61 7.86 -33.29
C LEU C 223 24.09 6.55 -32.68
N GLU C 224 24.65 5.42 -33.09
CA GLU C 224 24.34 4.13 -32.47
C GLU C 224 25.15 3.94 -31.19
N PRO C 225 24.62 3.24 -30.16
CA PRO C 225 25.39 2.94 -28.96
C PRO C 225 26.61 2.07 -29.29
N LEU C 226 27.77 2.40 -28.73
CA LEU C 226 29.03 1.71 -28.99
C LEU C 226 29.38 0.77 -27.84
N VAL C 227 29.54 1.32 -26.64
CA VAL C 227 30.04 0.60 -25.45
C VAL C 227 29.57 1.30 -24.17
N ASP C 228 29.64 0.59 -23.05
CA ASP C 228 29.09 1.03 -21.78
C ASP C 228 30.00 0.56 -20.64
N LEU C 229 30.92 1.44 -20.22
CA LEU C 229 32.07 1.10 -19.39
C LEU C 229 31.74 1.28 -17.89
N PRO C 230 31.93 0.26 -17.03
CA PRO C 230 31.50 0.26 -15.63
C PRO C 230 32.50 0.95 -14.67
N ILE C 231 33.02 2.13 -15.05
CA ILE C 231 34.26 2.68 -14.49
C ILE C 231 34.16 3.30 -13.09
N GLY C 232 32.99 3.78 -12.66
CA GLY C 232 32.76 4.29 -11.30
C GLY C 232 33.55 5.53 -10.86
N ILE C 233 34.18 6.27 -11.78
CA ILE C 233 34.98 7.48 -11.47
C ILE C 233 34.21 8.80 -11.63
N ASN C 234 34.66 9.80 -10.87
CA ASN C 234 34.21 11.19 -10.98
C ASN C 234 34.84 11.90 -12.19
N ILE C 235 34.07 12.12 -13.26
CA ILE C 235 34.51 12.90 -14.42
C ILE C 235 33.86 14.28 -14.36
N THR C 236 34.69 15.32 -14.44
CA THR C 236 34.31 16.74 -14.54
C THR C 236 35.09 17.51 -15.61
N ARG C 237 36.13 16.90 -16.18
CA ARG C 237 36.91 17.49 -17.27
C ARG C 237 37.34 16.42 -18.24
N PHE C 238 37.84 16.83 -19.39
CA PHE C 238 38.39 15.94 -20.43
C PHE C 238 39.37 16.67 -21.36
N GLN C 239 40.12 15.95 -22.18
CA GLN C 239 41.16 16.49 -23.06
C GLN C 239 41.44 15.53 -24.23
N THR C 240 41.40 15.97 -25.50
CA THR C 240 41.68 15.07 -26.63
C THR C 240 43.17 14.81 -26.83
N LEU C 241 43.49 13.72 -27.55
CA LEU C 241 44.82 13.30 -27.96
C LEU C 241 44.98 13.50 -29.47
N LEU C 242 46.05 14.17 -29.90
CA LEU C 242 46.38 14.34 -31.32
C LEU C 242 47.68 13.59 -31.68
N ALA C 243 47.77 13.16 -32.93
CA ALA C 243 49.01 12.71 -33.55
C ALA C 243 49.82 13.91 -34.10
N LEU C 244 51.06 14.09 -33.63
CA LEU C 244 51.92 15.22 -33.95
C LEU C 244 52.38 15.24 -35.42
N SER C 254 65.04 19.25 -30.75
CA SER C 254 64.35 18.22 -31.54
C SER C 254 63.02 17.77 -30.94
N SER C 255 62.81 18.00 -29.64
CA SER C 255 61.54 17.76 -28.92
C SER C 255 60.52 18.90 -29.07
N SER C 256 60.86 19.93 -29.84
CA SER C 256 59.97 20.98 -30.36
C SER C 256 60.44 21.40 -31.75
N GLY C 257 59.55 22.02 -32.55
CA GLY C 257 59.70 22.12 -34.00
C GLY C 257 59.23 20.83 -34.67
N TRP C 258 58.00 20.85 -35.18
CA TRP C 258 57.24 19.70 -35.67
C TRP C 258 56.10 20.15 -36.60
N THR C 259 55.53 19.22 -37.36
CA THR C 259 54.38 19.47 -38.24
C THR C 259 53.10 18.90 -37.63
N ALA C 260 52.03 19.70 -37.59
CA ALA C 260 50.69 19.24 -37.27
C ALA C 260 49.97 18.77 -38.54
N GLY C 261 49.55 17.50 -38.61
CA GLY C 261 48.65 17.05 -39.68
C GLY C 261 47.26 17.67 -39.51
N ALA C 262 46.65 18.12 -40.59
CA ALA C 262 45.39 18.87 -40.49
C ALA C 262 44.22 18.00 -40.02
N ALA C 263 43.45 18.49 -39.04
CA ALA C 263 42.25 17.86 -38.50
C ALA C 263 41.44 18.84 -37.65
N ALA C 264 40.13 18.90 -37.86
CA ALA C 264 39.21 19.78 -37.14
C ALA C 264 38.36 18.98 -36.15
N TYR C 265 38.18 19.48 -34.93
CA TYR C 265 37.22 18.89 -33.99
C TYR C 265 36.33 19.93 -33.30
N TYR C 266 35.17 19.47 -32.87
CA TYR C 266 34.06 20.29 -32.39
C TYR C 266 33.57 19.72 -31.07
N VAL C 267 33.29 20.57 -30.07
CA VAL C 267 32.81 20.12 -28.77
C VAL C 267 31.55 20.88 -28.38
N GLY C 268 30.49 20.15 -28.06
CA GLY C 268 29.23 20.65 -27.52
C GLY C 268 28.84 19.89 -26.27
N TYR C 269 28.08 20.52 -25.38
CA TYR C 269 27.71 19.93 -24.10
C TYR C 269 26.23 19.52 -24.11
N LEU C 270 25.94 18.31 -23.65
CA LEU C 270 24.57 17.80 -23.52
C LEU C 270 23.83 18.50 -22.36
N GLN C 271 22.51 18.54 -22.43
CA GLN C 271 21.66 18.97 -21.32
C GLN C 271 20.29 18.28 -21.42
N PRO C 272 19.51 18.17 -20.33
CA PRO C 272 18.25 17.45 -20.36
C PRO C 272 17.23 18.15 -21.27
N ARG C 273 16.74 17.45 -22.29
CA ARG C 273 15.77 18.04 -23.21
C ARG C 273 14.89 17.06 -24.00
N THR C 274 13.58 17.24 -23.94
CA THR C 274 12.66 16.41 -24.71
C THR C 274 12.95 16.56 -26.20
N PHE C 275 13.13 15.43 -26.89
CA PHE C 275 13.19 15.36 -28.35
C PHE C 275 12.06 14.45 -28.84
N LEU C 276 11.51 14.75 -30.01
CA LEU C 276 10.56 13.90 -30.72
C LEU C 276 11.27 13.33 -31.94
N LEU C 277 11.42 12.00 -32.02
CA LEU C 277 12.26 11.29 -33.00
C LEU C 277 11.40 10.60 -34.06
N LYS C 278 11.68 10.84 -35.34
CA LYS C 278 10.98 10.21 -36.47
C LYS C 278 11.72 8.95 -36.90
N TYR C 279 11.24 7.79 -36.46
CA TYR C 279 11.68 6.50 -36.97
C TYR C 279 11.03 6.24 -38.33
N ASN C 280 11.83 6.04 -39.38
CA ASN C 280 11.29 5.70 -40.70
C ASN C 280 10.78 4.25 -40.74
N GLU C 281 10.25 3.81 -41.88
CA GLU C 281 9.71 2.46 -42.05
C GLU C 281 10.75 1.34 -41.89
N ASN C 282 12.04 1.64 -42.11
CA ASN C 282 13.17 0.75 -41.84
C ASN C 282 13.63 0.78 -40.37
N GLY C 283 13.05 1.65 -39.54
CA GLY C 283 13.33 1.76 -38.12
C GLY C 283 14.59 2.52 -37.75
N THR C 284 14.99 3.48 -38.56
CA THR C 284 16.11 4.42 -38.29
C THR C 284 15.57 5.80 -37.96
N ILE C 285 16.16 6.48 -36.97
CA ILE C 285 15.83 7.87 -36.69
C ILE C 285 16.33 8.72 -37.86
N THR C 286 15.42 9.24 -38.68
CA THR C 286 15.71 10.05 -39.87
C THR C 286 15.57 11.55 -39.65
N ASP C 287 14.86 11.95 -38.60
CA ASP C 287 14.64 13.35 -38.25
C ASP C 287 14.29 13.47 -36.77
N ALA C 288 14.43 14.66 -36.20
CA ALA C 288 13.96 14.95 -34.86
C ALA C 288 13.47 16.40 -34.73
N VAL C 289 12.61 16.65 -33.74
CA VAL C 289 12.24 17.98 -33.27
C VAL C 289 12.82 18.18 -31.87
N ASP C 290 13.65 19.21 -31.70
CA ASP C 290 14.07 19.69 -30.38
C ASP C 290 12.95 20.52 -29.75
N CYS C 291 12.14 19.89 -28.91
CA CYS C 291 10.89 20.44 -28.38
C CYS C 291 11.03 21.68 -27.46
N ALA C 292 12.24 22.24 -27.31
CA ALA C 292 12.55 23.41 -26.50
C ALA C 292 13.34 24.48 -27.26
N LEU C 293 13.60 24.28 -28.56
CA LEU C 293 14.34 25.20 -29.42
C LEU C 293 13.63 26.54 -29.61
N ASP C 294 12.37 26.51 -30.02
CA ASP C 294 11.55 27.68 -30.38
C ASP C 294 10.06 27.32 -30.23
N PRO C 295 9.13 28.31 -30.26
CA PRO C 295 7.70 28.05 -30.09
C PRO C 295 7.11 27.13 -31.18
N LEU C 296 7.64 27.13 -32.40
CA LEU C 296 7.17 26.21 -33.43
C LEU C 296 7.56 24.76 -33.14
N SER C 297 8.78 24.50 -32.64
CA SER C 297 9.22 23.17 -32.25
C SER C 297 8.44 22.62 -31.07
N GLU C 298 8.11 23.47 -30.09
CA GLU C 298 7.19 23.08 -29.04
C GLU C 298 5.76 22.79 -29.55
N THR C 299 5.31 23.49 -30.59
CA THR C 299 4.01 23.22 -31.21
C THR C 299 4.01 21.89 -31.95
N LYS C 300 5.02 21.62 -32.78
CA LYS C 300 5.27 20.31 -33.41
C LYS C 300 5.29 19.18 -32.39
N CYS C 301 5.95 19.40 -31.26
CA CYS C 301 6.04 18.42 -30.19
C CYS C 301 4.71 18.18 -29.48
N THR C 302 3.97 19.24 -29.16
CA THR C 302 2.66 19.15 -28.47
C THR C 302 1.59 18.52 -29.35
N LEU C 303 1.65 18.73 -30.66
CA LEU C 303 0.80 18.07 -31.66
C LEU C 303 1.30 16.67 -32.08
N LYS C 304 2.46 16.23 -31.59
CA LYS C 304 3.15 14.99 -32.01
C LYS C 304 3.25 14.86 -33.53
N SER C 305 3.64 15.94 -34.22
CA SER C 305 3.68 15.99 -35.68
C SER C 305 4.77 16.92 -36.19
N PHE C 306 5.43 16.57 -37.29
CA PHE C 306 6.49 17.41 -37.88
C PHE C 306 5.92 18.50 -38.80
N THR C 307 4.66 18.37 -39.21
CA THR C 307 3.88 19.38 -39.93
C THR C 307 2.76 19.92 -39.03
N VAL C 308 2.54 21.23 -39.03
CA VAL C 308 1.55 21.93 -38.20
C VAL C 308 0.54 22.65 -39.08
N GLU C 309 -0.74 22.51 -38.79
CA GLU C 309 -1.81 23.20 -39.51
C GLU C 309 -1.92 24.69 -39.11
N LYS C 310 -2.49 25.53 -39.98
CA LYS C 310 -2.88 26.91 -39.65
C LYS C 310 -3.79 26.94 -38.42
N GLY C 311 -3.47 27.78 -37.43
CA GLY C 311 -4.23 27.87 -36.20
C GLY C 311 -3.51 28.59 -35.06
N ILE C 312 -4.07 28.42 -33.87
CA ILE C 312 -3.53 28.84 -32.58
C ILE C 312 -3.57 27.64 -31.62
N TYR C 313 -2.47 27.38 -30.93
CA TYR C 313 -2.27 26.15 -30.17
C TYR C 313 -1.76 26.41 -28.78
N GLN C 314 -2.37 25.79 -27.76
CA GLN C 314 -1.83 25.79 -26.40
C GLN C 314 -0.54 24.96 -26.32
N THR C 315 0.43 25.51 -25.60
CA THR C 315 1.76 24.95 -25.33
C THR C 315 2.09 25.14 -23.83
N SER C 316 3.23 24.67 -23.32
CA SER C 316 3.43 24.61 -21.87
C SER C 316 3.34 26.00 -21.22
N ASN C 317 2.54 26.10 -20.16
CA ASN C 317 2.31 27.33 -19.41
C ASN C 317 3.64 27.88 -18.86
N PHE C 318 3.89 29.17 -19.00
CA PHE C 318 5.12 29.79 -18.50
C PHE C 318 5.08 30.02 -16.98
N ARG C 319 6.25 30.31 -16.42
CA ARG C 319 6.39 30.48 -15.00
C ARG C 319 7.71 31.12 -14.63
N VAL C 320 7.69 32.24 -13.95
CA VAL C 320 8.91 32.88 -13.42
C VAL C 320 9.50 31.99 -12.34
N GLN C 321 10.72 31.51 -12.53
CA GLN C 321 11.44 30.68 -11.55
C GLN C 321 12.12 31.56 -10.48
N PRO C 322 12.39 31.05 -9.27
CA PRO C 322 12.96 31.83 -8.17
C PRO C 322 14.36 32.38 -8.48
N THR C 323 14.58 33.64 -8.12
CA THR C 323 15.86 34.35 -8.31
C THR C 323 16.90 33.89 -7.29
N GLU C 324 16.49 33.65 -6.05
CA GLU C 324 17.32 33.12 -4.95
C GLU C 324 16.45 32.42 -3.89
N SER C 325 17.09 31.67 -2.99
CA SER C 325 16.45 31.12 -1.79
C SER C 325 16.43 32.10 -0.62
N ILE C 326 15.52 31.88 0.32
CA ILE C 326 15.43 32.52 1.62
C ILE C 326 15.26 31.43 2.68
N VAL C 327 15.89 31.58 3.84
CA VAL C 327 15.56 30.85 5.07
C VAL C 327 15.29 31.86 6.17
N ARG C 328 14.17 31.74 6.88
CA ARG C 328 13.86 32.54 8.08
C ARG C 328 13.49 31.60 9.20
N PHE C 329 14.37 31.51 10.19
CA PHE C 329 14.24 30.78 11.44
C PHE C 329 14.43 31.79 12.59
N PRO C 330 13.93 31.55 13.80
CA PRO C 330 14.15 32.45 14.94
C PRO C 330 15.65 32.51 15.32
N ASN C 331 16.16 33.63 15.83
CA ASN C 331 17.57 33.76 16.28
C ASN C 331 17.87 33.12 17.65
N ILE C 332 17.31 31.94 17.88
CA ILE C 332 17.69 31.03 18.95
C ILE C 332 19.05 30.38 18.59
N THR C 333 19.97 30.28 19.56
CA THR C 333 21.35 29.78 19.32
C THR C 333 21.81 28.71 20.31
N ASN C 334 21.32 28.73 21.55
CA ASN C 334 21.68 27.78 22.60
C ASN C 334 21.16 26.36 22.28
N LEU C 335 21.99 25.34 22.49
CA LEU C 335 21.62 23.95 22.19
C LEU C 335 20.57 23.43 23.19
N CYS C 336 19.70 22.52 22.74
CA CYS C 336 18.73 21.87 23.61
C CYS C 336 19.40 20.90 24.62
N PRO C 337 18.87 20.78 25.85
CA PRO C 337 19.41 19.93 26.91
C PRO C 337 19.09 18.44 26.72
N PHE C 338 19.53 17.85 25.61
CA PHE C 338 19.37 16.41 25.37
C PHE C 338 20.30 15.54 26.22
N GLY C 339 21.45 16.04 26.68
CA GLY C 339 22.33 15.26 27.56
C GLY C 339 21.63 14.88 28.86
N GLU C 340 20.97 15.85 29.48
CA GLU C 340 20.11 15.73 30.66
C GLU C 340 18.90 14.81 30.46
N VAL C 341 18.55 14.48 29.22
CA VAL C 341 17.54 13.47 28.88
C VAL C 341 18.18 12.10 28.70
N PHE C 342 19.12 11.95 27.76
CA PHE C 342 19.60 10.63 27.30
C PHE C 342 20.68 10.00 28.19
N ASN C 343 21.41 10.79 28.96
CA ASN C 343 22.55 10.37 29.78
C ASN C 343 22.36 10.58 31.29
N ALA C 344 21.18 11.04 31.74
CA ALA C 344 20.83 11.14 33.15
C ALA C 344 21.06 9.81 33.88
N THR C 345 21.60 9.85 35.10
CA THR C 345 22.07 8.64 35.80
C THR C 345 20.96 7.62 36.04
N ARG C 346 19.80 8.13 36.42
CA ARG C 346 18.63 7.31 36.73
C ARG C 346 17.35 7.81 36.06
N PHE C 347 16.64 6.91 35.40
CA PHE C 347 15.38 7.21 34.72
C PHE C 347 14.20 7.08 35.67
N ALA C 348 13.04 7.60 35.26
CA ALA C 348 11.78 7.36 35.94
C ALA C 348 11.24 5.96 35.61
N SER C 349 10.29 5.51 36.42
CA SER C 349 9.60 4.23 36.24
C SER C 349 8.54 4.29 35.14
N VAL C 350 8.28 3.21 34.41
CA VAL C 350 7.21 3.25 33.37
C VAL C 350 5.82 3.54 33.96
N TYR C 351 5.51 3.10 35.18
CA TYR C 351 4.24 3.49 35.82
C TYR C 351 4.11 5.00 36.10
N ALA C 352 5.23 5.70 36.30
CA ALA C 352 5.28 7.10 36.72
C ALA C 352 6.24 7.90 35.83
N TRP C 353 6.10 7.71 34.52
CA TRP C 353 7.00 8.20 33.49
C TRP C 353 7.13 9.73 33.51
N ASN C 354 8.37 10.22 33.44
CA ASN C 354 8.70 11.63 33.49
C ASN C 354 8.38 12.33 32.16
N ARG C 355 8.08 13.65 32.16
CA ARG C 355 7.96 14.48 30.95
C ARG C 355 8.72 15.85 31.09
N LYS C 356 9.73 16.09 30.25
CA LYS C 356 10.53 17.33 30.20
C LYS C 356 10.11 18.18 29.00
N ARG C 357 9.93 19.47 29.23
CA ARG C 357 9.60 20.41 28.15
C ARG C 357 10.89 20.96 27.51
N ILE C 358 10.95 20.89 26.18
CA ILE C 358 12.09 21.36 25.40
C ILE C 358 11.63 22.60 24.64
N SER C 359 12.28 23.74 24.88
CA SER C 359 11.85 25.05 24.35
C SER C 359 12.99 26.06 24.29
N ASN C 360 12.83 27.07 23.44
CA ASN C 360 13.78 28.18 23.24
C ASN C 360 15.22 27.72 22.97
N CYS C 361 15.40 26.66 22.18
CA CYS C 361 16.69 26.02 21.96
C CYS C 361 16.86 25.45 20.53
N VAL C 362 18.11 25.25 20.10
CA VAL C 362 18.46 24.57 18.85
C VAL C 362 18.66 23.08 19.12
N ALA C 363 17.85 22.25 18.50
CA ALA C 363 18.07 20.81 18.47
C ALA C 363 19.06 20.47 17.36
N ASP C 364 19.84 19.40 17.51
CA ASP C 364 20.52 18.80 16.37
C ASP C 364 20.25 17.31 16.33
N TYR C 365 19.16 16.97 15.64
CA TYR C 365 18.71 15.60 15.50
C TYR C 365 19.70 14.71 14.73
N SER C 366 20.71 15.26 14.05
CA SER C 366 21.77 14.45 13.44
C SER C 366 22.69 13.83 14.51
N VAL C 367 23.02 14.60 15.56
CA VAL C 367 23.84 14.16 16.70
C VAL C 367 23.20 12.99 17.44
N LEU C 368 21.87 13.02 17.56
CA LEU C 368 21.07 11.91 18.08
C LEU C 368 20.99 10.76 17.05
N TYR C 369 20.41 10.99 15.87
CA TYR C 369 20.00 9.91 14.95
C TYR C 369 21.19 9.17 14.33
N ASN C 370 22.29 9.86 14.03
CA ASN C 370 23.51 9.22 13.52
C ASN C 370 24.29 8.44 14.61
N SER C 371 23.92 8.52 15.88
CA SER C 371 24.53 7.69 16.93
C SER C 371 24.29 6.19 16.68
N ALA C 372 25.29 5.37 16.98
CA ALA C 372 25.16 3.91 16.98
C ALA C 372 24.51 3.35 18.26
N SER C 373 24.31 4.17 19.30
CA SER C 373 23.89 3.71 20.63
C SER C 373 22.40 3.34 20.76
N PHE C 374 21.57 3.60 19.75
CA PHE C 374 20.11 3.41 19.81
C PHE C 374 19.64 2.18 19.02
N SER C 375 18.92 1.27 19.69
CA SER C 375 18.39 0.01 19.12
C SER C 375 17.08 0.19 18.34
N THR C 376 16.32 1.22 18.71
CA THR C 376 15.09 1.69 18.07
C THR C 376 15.17 3.21 18.01
N PHE C 377 14.77 3.79 16.89
CA PHE C 377 14.65 5.23 16.66
C PHE C 377 13.59 5.43 15.57
N LYS C 378 12.31 5.19 15.91
CA LYS C 378 11.21 5.15 14.94
C LYS C 378 10.35 6.40 15.06
N CYS C 379 10.23 7.16 13.98
CA CYS C 379 9.38 8.34 13.92
C CYS C 379 8.00 8.04 13.29
N TYR C 380 7.00 8.88 13.55
CA TYR C 380 5.59 8.57 13.27
C TYR C 380 4.79 9.61 12.46
N GLY C 381 5.41 10.72 12.05
CA GLY C 381 4.79 11.71 11.14
C GLY C 381 5.81 12.61 10.42
N VAL C 382 7.07 12.22 10.47
CA VAL C 382 8.27 12.89 9.95
C VAL C 382 9.32 11.81 9.77
N SER C 383 10.25 11.98 8.84
CA SER C 383 11.42 11.10 8.70
C SER C 383 12.57 11.64 9.55
N PRO C 384 13.38 10.80 10.21
CA PRO C 384 14.43 11.30 11.10
C PRO C 384 15.49 12.12 10.36
N THR C 385 15.67 11.88 9.06
CA THR C 385 16.55 12.67 8.16
C THR C 385 16.10 14.12 8.01
N LYS C 386 14.79 14.39 8.08
CA LYS C 386 14.19 15.73 7.88
C LYS C 386 14.12 16.57 9.14
N LEU C 387 14.30 16.00 10.33
CA LEU C 387 14.20 16.72 11.61
C LEU C 387 15.11 17.95 11.70
N ASN C 388 16.25 17.97 11.00
CA ASN C 388 17.16 19.11 10.93
C ASN C 388 16.64 20.32 10.11
N ASP C 389 15.64 20.14 9.24
CA ASP C 389 15.11 21.16 8.33
C ASP C 389 13.80 21.81 8.81
N LEU C 390 13.40 21.53 10.06
CA LEU C 390 12.11 21.85 10.64
C LEU C 390 12.28 22.72 11.90
N CYS C 391 11.25 23.50 12.21
CA CYS C 391 11.09 24.12 13.51
C CYS C 391 9.74 23.67 14.15
N PHE C 392 9.73 23.51 15.47
CA PHE C 392 8.72 22.78 16.26
C PHE C 392 8.06 23.70 17.29
N THR C 393 6.75 23.56 17.47
CA THR C 393 5.92 24.48 18.28
C THR C 393 6.17 24.33 19.76
N ASN C 394 5.88 23.12 20.25
CA ASN C 394 6.25 22.62 21.57
C ASN C 394 6.91 21.25 21.36
N VAL C 395 7.85 20.89 22.24
CA VAL C 395 8.52 19.60 22.23
C VAL C 395 8.54 19.06 23.65
N TYR C 396 8.22 17.79 23.84
CA TYR C 396 8.35 17.12 25.13
C TYR C 396 9.07 15.80 24.96
N ALA C 397 10.01 15.53 25.86
CA ALA C 397 10.66 14.24 26.00
C ALA C 397 10.03 13.50 27.18
N ASP C 398 9.52 12.30 26.93
CA ASP C 398 9.03 11.38 27.97
C ASP C 398 10.07 10.28 28.24
N SER C 399 10.53 10.12 29.49
CA SER C 399 11.64 9.22 29.86
C SER C 399 11.19 8.12 30.82
N PHE C 400 11.48 6.85 30.50
CA PHE C 400 11.15 5.69 31.34
C PHE C 400 11.93 4.40 30.98
N VAL C 401 11.85 3.37 31.83
CA VAL C 401 12.48 2.04 31.63
C VAL C 401 11.45 0.90 31.62
N ILE C 402 11.63 -0.07 30.74
CA ILE C 402 10.79 -1.27 30.51
C ILE C 402 11.67 -2.49 30.20
N ARG C 403 11.06 -3.65 29.98
CA ARG C 403 11.82 -4.84 29.60
C ARG C 403 11.95 -4.90 28.06
N GLY C 404 13.08 -5.38 27.55
CA GLY C 404 13.31 -5.47 26.10
C GLY C 404 12.19 -6.14 25.30
N ASP C 405 11.45 -7.08 25.88
CA ASP C 405 10.23 -7.67 25.27
C ASP C 405 9.09 -6.64 25.07
N GLU C 406 9.10 -5.56 25.85
CA GLU C 406 7.98 -4.62 25.97
C GLU C 406 8.15 -3.36 25.11
N VAL C 407 9.32 -3.13 24.51
CA VAL C 407 9.56 -1.96 23.63
C VAL C 407 8.65 -1.94 22.40
N ARG C 408 8.12 -3.10 22.11
CA ARG C 408 7.17 -3.28 21.06
C ARG C 408 5.82 -2.57 21.38
N GLN C 409 5.48 -2.46 22.67
CA GLN C 409 4.26 -1.82 23.17
C GLN C 409 4.30 -0.29 23.09
N ILE C 410 5.48 0.33 22.91
CA ILE C 410 5.58 1.80 22.89
C ILE C 410 5.18 2.39 21.53
N ALA C 411 5.09 1.59 20.46
CA ALA C 411 4.51 2.06 19.20
C ALA C 411 3.00 2.38 19.34
N PRO C 412 2.46 3.40 18.67
CA PRO C 412 1.05 3.77 18.78
C PRO C 412 0.11 2.67 18.26
N GLY C 413 -1.05 2.54 18.88
CA GLY C 413 -2.06 1.51 18.55
C GLY C 413 -1.79 0.12 19.13
N GLN C 414 -0.63 -0.14 19.73
CA GLN C 414 -0.32 -1.41 20.41
C GLN C 414 -1.08 -1.57 21.73
N THR C 415 -1.02 -2.79 22.29
CA THR C 415 -1.79 -3.23 23.46
C THR C 415 -1.05 -4.35 24.20
N GLY C 416 -1.42 -4.60 25.46
CA GLY C 416 -0.61 -5.28 26.45
C GLY C 416 -0.42 -4.40 27.68
N LYS C 417 0.02 -4.94 28.81
CA LYS C 417 0.00 -4.23 30.11
C LYS C 417 0.71 -2.88 30.15
N ILE C 418 1.73 -2.64 29.32
CA ILE C 418 2.38 -1.33 29.24
C ILE C 418 1.51 -0.33 28.47
N ALA C 419 1.05 -0.70 27.28
CA ALA C 419 0.21 0.14 26.43
C ALA C 419 -1.23 0.29 26.95
N ASP C 420 -1.67 -0.59 27.85
CA ASP C 420 -3.00 -0.56 28.45
C ASP C 420 -3.02 0.15 29.81
N TYR C 421 -2.02 -0.07 30.67
CA TYR C 421 -2.10 0.33 32.09
C TYR C 421 -1.09 1.38 32.57
N ASN C 422 -0.06 1.74 31.79
CA ASN C 422 0.85 2.83 32.23
C ASN C 422 1.42 3.78 31.16
N TYR C 423 1.57 3.42 29.88
CA TYR C 423 2.02 4.37 28.86
C TYR C 423 1.46 4.09 27.46
N LYS C 424 0.44 4.87 27.06
CA LYS C 424 -0.21 4.80 25.74
C LYS C 424 0.16 6.01 24.88
N LEU C 425 0.65 5.77 23.66
CA LEU C 425 0.72 6.80 22.62
C LEU C 425 -0.60 6.90 21.84
N PRO C 426 -1.02 8.10 21.41
CA PRO C 426 -2.24 8.27 20.64
C PRO C 426 -2.13 7.65 19.26
N ASP C 427 -3.26 7.25 18.67
CA ASP C 427 -3.27 6.59 17.37
C ASP C 427 -2.72 7.48 16.24
N ASP C 428 -2.91 8.80 16.36
CA ASP C 428 -2.40 9.82 15.46
C ASP C 428 -1.13 10.50 16.01
N PHE C 429 -0.36 9.80 16.85
CA PHE C 429 0.92 10.27 17.38
C PHE C 429 1.86 10.77 16.29
N THR C 430 2.50 11.91 16.55
CA THR C 430 3.60 12.48 15.77
C THR C 430 4.76 12.79 16.71
N GLY C 431 5.96 12.37 16.34
CA GLY C 431 7.09 12.26 17.25
C GLY C 431 7.97 11.06 16.91
N CYS C 432 8.93 10.75 17.77
CA CYS C 432 9.86 9.63 17.61
C CYS C 432 10.01 8.84 18.91
N VAL C 433 10.02 7.51 18.83
CA VAL C 433 10.30 6.59 19.95
C VAL C 433 11.74 6.11 19.80
N ILE C 434 12.56 6.37 20.82
CA ILE C 434 14.01 6.11 20.84
C ILE C 434 14.31 5.19 22.02
N ALA C 435 14.95 4.05 21.80
CA ALA C 435 15.17 3.08 22.87
C ALA C 435 16.50 2.31 22.75
N TRP C 436 17.08 1.93 23.87
CA TRP C 436 18.36 1.20 23.94
C TRP C 436 18.46 0.28 25.17
N ASN C 437 19.28 -0.76 25.09
CA ASN C 437 19.51 -1.72 26.17
C ASN C 437 20.31 -1.06 27.32
N SER C 438 19.86 -1.27 28.56
CA SER C 438 20.42 -0.71 29.79
C SER C 438 21.07 -1.72 30.73
N ASN C 439 21.49 -2.90 30.25
CA ASN C 439 22.03 -3.94 31.11
C ASN C 439 23.40 -3.63 31.78
N ASN C 440 23.94 -2.42 31.61
CA ASN C 440 25.04 -1.85 32.41
C ASN C 440 24.69 -0.52 33.13
N LEU C 441 23.41 -0.11 33.10
CA LEU C 441 22.90 1.16 33.64
C LEU C 441 21.81 0.93 34.71
N ASP C 442 20.89 -0.01 34.45
CA ASP C 442 19.66 -0.23 35.21
C ASP C 442 19.59 -1.63 35.86
N SER C 443 20.68 -2.41 35.80
CA SER C 443 20.71 -3.85 36.09
C SER C 443 21.81 -4.21 37.09
N LYS C 444 21.50 -5.07 38.08
CA LYS C 444 22.36 -5.33 39.26
C LYS C 444 22.47 -6.83 39.56
N VAL C 445 23.65 -7.33 39.97
CA VAL C 445 23.84 -8.77 40.25
C VAL C 445 22.93 -9.34 41.37
N GLY C 446 22.58 -8.53 42.36
CA GLY C 446 21.56 -8.86 43.37
C GLY C 446 20.11 -8.61 42.95
N GLY C 447 19.88 -8.23 41.69
CA GLY C 447 18.63 -7.65 41.17
C GLY C 447 18.49 -6.17 41.52
N ASN C 448 18.27 -5.34 40.50
CA ASN C 448 17.77 -3.98 40.68
C ASN C 448 16.24 -4.02 40.66
N TYR C 449 15.61 -3.34 41.61
CA TYR C 449 14.16 -3.33 41.84
C TYR C 449 13.55 -1.92 41.90
N ASN C 450 14.36 -0.88 41.63
CA ASN C 450 13.93 0.53 41.62
C ASN C 450 12.88 0.85 40.54
N TYR C 451 12.70 -0.04 39.55
CA TYR C 451 11.77 0.13 38.42
C TYR C 451 10.55 -0.78 38.57
N LEU C 452 9.36 -0.18 38.41
CA LEU C 452 8.04 -0.81 38.53
C LEU C 452 7.12 -0.47 37.34
N TYR C 453 6.30 -1.44 36.96
CA TYR C 453 5.16 -1.25 36.08
C TYR C 453 3.84 -1.37 36.85
N ARG C 454 2.74 -1.15 36.14
CA ARG C 454 1.39 -1.30 36.69
C ARG C 454 0.79 -2.57 36.09
N LEU C 455 0.43 -3.54 36.95
CA LEU C 455 -0.12 -4.81 36.51
C LEU C 455 -1.66 -4.78 36.41
N PHE C 456 -2.33 -3.98 37.25
CA PHE C 456 -3.78 -3.90 37.32
C PHE C 456 -4.32 -2.46 37.24
N ARG C 457 -5.50 -2.35 36.63
CA ARG C 457 -6.30 -1.11 36.48
C ARG C 457 -7.78 -1.35 36.07
N LYS C 458 -8.75 -0.73 36.76
CA LYS C 458 -10.19 -0.88 36.43
C LYS C 458 -10.54 -0.55 34.97
N SER C 459 -9.69 0.20 34.28
CA SER C 459 -9.85 0.66 32.89
C SER C 459 -8.50 0.84 32.19
N ASN C 460 -8.45 0.79 30.86
CA ASN C 460 -7.22 1.14 30.13
C ASN C 460 -7.03 2.67 30.13
N LEU C 461 -5.82 3.19 30.37
CA LEU C 461 -5.60 4.64 30.39
C LEU C 461 -5.53 5.28 29.00
N LYS C 462 -5.97 6.55 28.93
CA LYS C 462 -6.00 7.36 27.70
C LYS C 462 -4.58 7.83 27.31
N PRO C 463 -4.35 8.20 26.03
CA PRO C 463 -3.05 8.64 25.55
C PRO C 463 -2.39 9.73 26.40
N PHE C 464 -1.10 9.56 26.68
CA PHE C 464 -0.27 10.46 27.51
C PHE C 464 -0.81 10.78 28.92
N GLU C 465 -1.67 9.94 29.50
CA GLU C 465 -1.95 9.99 30.94
C GLU C 465 -0.97 9.13 31.76
N ARG C 466 -0.94 9.41 33.06
CA ARG C 466 -0.12 8.68 34.04
C ARG C 466 -0.88 8.51 35.36
N ASP C 467 -0.90 7.28 35.89
CA ASP C 467 -1.58 6.97 37.16
C ASP C 467 -0.56 6.70 38.27
N ILE C 468 -0.61 7.52 39.32
CA ILE C 468 0.26 7.42 40.49
C ILE C 468 -0.38 6.58 41.62
N SER C 469 -1.66 6.20 41.50
CA SER C 469 -2.43 5.57 42.57
C SER C 469 -1.83 4.26 43.07
N THR C 470 -1.67 4.15 44.39
CA THR C 470 -1.29 2.92 45.11
C THR C 470 -2.48 2.21 45.76
N GLU C 471 -3.71 2.50 45.31
CA GLU C 471 -4.93 1.79 45.73
C GLU C 471 -4.83 0.28 45.49
N ILE C 472 -5.32 -0.53 46.44
CA ILE C 472 -5.42 -1.99 46.28
C ILE C 472 -6.47 -2.34 45.22
N TYR C 473 -6.15 -3.30 44.35
CA TYR C 473 -7.01 -3.73 43.25
C TYR C 473 -7.82 -4.98 43.62
N GLN C 474 -9.15 -4.85 43.57
CA GLN C 474 -10.12 -5.90 43.84
C GLN C 474 -10.36 -6.76 42.59
N ALA C 475 -9.55 -7.81 42.40
CA ALA C 475 -9.72 -8.71 41.26
C ALA C 475 -10.96 -9.63 41.41
N GLY C 476 -11.33 -10.00 42.65
CA GLY C 476 -12.53 -10.78 42.93
C GLY C 476 -13.83 -9.97 42.87
N SER C 477 -14.97 -10.67 42.99
CA SER C 477 -16.31 -10.07 43.10
C SER C 477 -16.54 -9.39 44.46
N THR C 478 -15.84 -9.83 45.51
CA THR C 478 -15.86 -9.18 46.82
C THR C 478 -15.11 -7.84 46.81
N PRO C 479 -15.59 -6.82 47.54
CA PRO C 479 -14.75 -5.71 47.96
C PRO C 479 -13.74 -6.18 49.03
N CYS C 480 -12.74 -5.35 49.30
CA CYS C 480 -11.83 -5.51 50.45
C CYS C 480 -11.40 -4.13 50.98
N ASN C 481 -10.96 -4.10 52.24
CA ASN C 481 -10.47 -2.91 52.94
C ASN C 481 -9.17 -3.24 53.67
N GLY C 482 -8.38 -2.23 54.01
CA GLY C 482 -7.01 -2.42 54.50
C GLY C 482 -6.02 -2.81 53.39
N VAL C 483 -4.80 -3.19 53.78
CA VAL C 483 -3.64 -3.25 52.87
C VAL C 483 -3.59 -4.46 51.92
N GLU C 484 -4.26 -5.57 52.23
CA GLU C 484 -4.19 -6.84 51.49
C GLU C 484 -5.44 -7.71 51.72
N GLY C 485 -5.65 -8.73 50.89
CA GLY C 485 -6.69 -9.77 51.07
C GLY C 485 -6.67 -10.82 49.95
N PHE C 486 -7.45 -11.89 50.08
CA PHE C 486 -7.58 -12.89 49.00
C PHE C 486 -8.20 -12.28 47.74
N ASN C 487 -7.55 -12.45 46.58
CA ASN C 487 -7.87 -11.78 45.32
C ASN C 487 -7.99 -10.24 45.40
N CYS C 488 -7.32 -9.64 46.40
CA CYS C 488 -6.93 -8.24 46.40
C CYS C 488 -5.41 -8.11 46.23
N TYR C 489 -4.98 -7.26 45.31
CA TYR C 489 -3.58 -7.16 44.86
C TYR C 489 -3.06 -5.72 45.03
N PHE C 490 -1.78 -5.55 45.35
CA PHE C 490 -1.11 -4.28 45.10
C PHE C 490 -1.01 -4.05 43.57
N PRO C 491 -1.29 -2.85 43.04
CA PRO C 491 -1.49 -2.66 41.61
C PRO C 491 -0.17 -2.61 40.82
N LEU C 492 0.93 -2.20 41.46
CA LEU C 492 2.26 -2.17 40.88
C LEU C 492 2.99 -3.51 41.06
N GLN C 493 3.91 -3.80 40.14
CA GLN C 493 4.91 -4.85 40.29
C GLN C 493 6.29 -4.34 39.90
N SER C 494 7.33 -4.74 40.64
CA SER C 494 8.71 -4.37 40.36
C SER C 494 9.36 -5.31 39.34
N TYR C 495 10.08 -4.75 38.37
CA TYR C 495 10.99 -5.50 37.52
C TYR C 495 12.21 -5.98 38.32
N GLY C 496 12.66 -7.21 38.09
CA GLY C 496 13.91 -7.72 38.65
C GLY C 496 15.03 -7.69 37.62
N PHE C 497 15.66 -6.52 37.41
CA PHE C 497 16.74 -6.38 36.43
C PHE C 497 18.07 -6.89 36.99
N GLN C 498 18.46 -8.08 36.55
CA GLN C 498 19.75 -8.72 36.84
C GLN C 498 20.53 -8.88 35.54
N PRO C 499 21.87 -8.72 35.52
CA PRO C 499 22.66 -8.87 34.30
C PRO C 499 22.75 -10.31 33.81
N THR C 500 22.36 -11.28 34.64
CA THR C 500 22.15 -12.69 34.24
C THR C 500 20.81 -12.93 33.50
N ASN C 501 19.90 -11.95 33.45
CA ASN C 501 18.69 -12.04 32.63
C ASN C 501 19.06 -12.11 31.14
N GLY C 502 18.36 -12.95 30.37
CA GLY C 502 18.50 -12.98 28.92
C GLY C 502 18.01 -11.68 28.27
N VAL C 503 18.51 -11.37 27.07
CA VAL C 503 17.99 -10.28 26.24
C VAL C 503 16.47 -10.43 26.09
N GLY C 504 15.74 -9.31 26.23
CA GLY C 504 14.27 -9.34 26.38
C GLY C 504 13.81 -9.20 27.84
N TYR C 505 14.48 -9.84 28.80
CA TYR C 505 14.29 -9.64 30.25
C TYR C 505 15.28 -8.63 30.86
N GLN C 506 16.21 -8.12 30.06
CA GLN C 506 17.08 -7.00 30.39
C GLN C 506 16.32 -5.66 30.31
N PRO C 507 16.74 -4.62 31.05
CA PRO C 507 16.12 -3.30 30.97
C PRO C 507 16.43 -2.62 29.65
N TYR C 508 15.48 -1.86 29.13
CA TYR C 508 15.66 -0.92 28.02
C TYR C 508 15.20 0.48 28.46
N ARG C 509 16.07 1.49 28.32
CA ARG C 509 15.69 2.90 28.44
C ARG C 509 14.96 3.35 27.18
N VAL C 510 13.86 4.08 27.38
CA VAL C 510 13.05 4.67 26.32
C VAL C 510 12.95 6.17 26.54
N VAL C 511 13.15 6.93 25.47
CA VAL C 511 12.79 8.34 25.35
C VAL C 511 11.77 8.47 24.22
N VAL C 512 10.64 9.15 24.45
CA VAL C 512 9.70 9.51 23.38
C VAL C 512 9.70 11.02 23.18
N LEU C 513 10.03 11.50 21.98
CA LEU C 513 9.96 12.91 21.62
C LEU C 513 8.62 13.18 20.92
N SER C 514 7.85 14.14 21.40
CA SER C 514 6.40 14.24 21.13
C SER C 514 5.94 15.64 20.75
N PHE C 515 6.56 16.17 19.69
CA PHE C 515 6.35 17.51 19.13
C PHE C 515 5.13 17.66 18.19
N GLU C 516 4.88 18.89 17.74
CA GLU C 516 3.98 19.21 16.62
C GLU C 516 4.63 20.24 15.67
N LEU C 517 4.17 20.29 14.41
CA LEU C 517 4.93 20.83 13.28
C LEU C 517 4.12 21.77 12.37
N LEU C 518 4.76 22.87 11.94
CA LEU C 518 4.34 23.75 10.82
C LEU C 518 2.93 24.37 10.93
N HIS C 519 2.34 24.41 12.13
CA HIS C 519 0.96 24.87 12.36
C HIS C 519 0.81 26.06 13.31
N ALA C 520 1.87 26.49 13.99
CA ALA C 520 1.81 27.43 15.11
C ALA C 520 3.21 28.07 15.35
N PRO C 521 3.33 29.17 16.11
CA PRO C 521 4.61 29.83 16.34
C PRO C 521 5.61 28.88 17.03
N ALA C 522 6.83 28.83 16.50
CA ALA C 522 7.80 27.79 16.83
C ALA C 522 8.87 28.27 17.82
N THR C 523 9.42 27.33 18.58
CA THR C 523 10.28 27.62 19.74
C THR C 523 11.50 26.72 19.83
N VAL C 524 11.57 25.65 19.04
CA VAL C 524 12.71 24.72 18.97
C VAL C 524 12.99 24.45 17.52
N CYS C 525 14.23 24.54 17.03
CA CYS C 525 14.49 24.33 15.61
C CYS C 525 15.72 23.45 15.37
N GLY C 526 15.84 22.89 14.16
CA GLY C 526 17.12 22.42 13.66
C GLY C 526 18.17 23.54 13.50
N PRO C 527 19.45 23.20 13.22
CA PRO C 527 20.57 24.13 13.24
C PRO C 527 20.70 25.06 12.01
N LYS C 528 19.69 25.15 11.14
CA LYS C 528 19.68 26.00 9.93
C LYS C 528 19.92 27.48 10.24
N LYS C 529 20.82 28.13 9.51
CA LYS C 529 21.05 29.58 9.58
C LYS C 529 20.08 30.32 8.66
N SER C 530 19.52 31.43 9.14
CA SER C 530 18.67 32.30 8.32
C SER C 530 19.50 33.04 7.27
N THR C 531 18.87 33.37 6.15
CA THR C 531 19.34 34.36 5.19
C THR C 531 18.83 35.74 5.59
N ASN C 532 19.20 36.77 4.81
CA ASN C 532 18.43 38.00 4.76
C ASN C 532 17.00 37.73 4.19
N LEU C 533 16.08 38.66 4.41
CA LEU C 533 14.73 38.65 3.83
C LEU C 533 14.69 39.60 2.62
N VAL C 534 14.15 39.13 1.49
CA VAL C 534 13.96 39.92 0.25
C VAL C 534 12.48 39.95 -0.12
N LYS C 535 12.04 41.08 -0.69
CA LYS C 535 10.63 41.38 -0.97
C LYS C 535 10.45 41.76 -2.45
N ASN C 536 9.24 41.61 -2.97
CA ASN C 536 8.84 41.91 -4.35
C ASN C 536 9.54 41.09 -5.47
N LYS C 537 10.38 40.10 -5.13
CA LYS C 537 11.03 39.18 -6.07
C LYS C 537 10.57 37.75 -5.85
N CYS C 538 10.52 36.94 -6.90
CA CYS C 538 10.23 35.51 -6.80
C CYS C 538 11.39 34.78 -6.12
N VAL C 539 11.12 34.03 -5.06
CA VAL C 539 12.14 33.34 -4.23
C VAL C 539 11.65 31.97 -3.76
N ASN C 540 12.60 31.08 -3.49
CA ASN C 540 12.33 29.87 -2.72
C ASN C 540 12.41 30.20 -1.24
N PHE C 541 11.29 30.50 -0.58
CA PHE C 541 11.29 30.80 0.85
C PHE C 541 11.22 29.52 1.70
N ASN C 542 11.64 29.66 2.97
CA ASN C 542 11.53 28.66 4.01
C ASN C 542 11.35 29.37 5.36
N PHE C 543 10.14 29.44 5.90
CA PHE C 543 9.85 30.05 7.20
C PHE C 543 9.58 28.98 8.25
N ASN C 544 10.43 28.83 9.27
CA ASN C 544 10.29 27.79 10.30
C ASN C 544 10.14 26.35 9.76
N GLY C 545 10.63 26.05 8.56
CA GLY C 545 10.40 24.78 7.88
C GLY C 545 9.22 24.78 6.91
N LEU C 546 8.43 25.85 6.80
CA LEU C 546 7.45 26.04 5.73
C LEU C 546 8.17 26.48 4.45
N THR C 547 8.61 25.52 3.64
CA THR C 547 9.22 25.76 2.33
C THR C 547 8.17 26.06 1.25
N GLY C 548 8.43 27.00 0.36
CA GLY C 548 7.57 27.29 -0.79
C GLY C 548 8.27 28.16 -1.83
N THR C 549 7.54 28.53 -2.87
CA THR C 549 8.03 29.43 -3.94
C THR C 549 6.99 30.51 -4.22
N GLY C 550 7.41 31.77 -4.26
CA GLY C 550 6.50 32.91 -4.42
C GLY C 550 7.21 34.26 -4.27
N VAL C 551 6.48 35.36 -4.32
CA VAL C 551 6.99 36.71 -4.02
C VAL C 551 6.46 37.14 -2.66
N LEU C 552 7.30 37.78 -1.86
CA LEU C 552 6.94 38.25 -0.52
C LEU C 552 6.63 39.74 -0.57
N THR C 553 5.48 40.14 -0.02
CA THR C 553 5.01 41.54 0.04
C THR C 553 4.69 41.90 1.49
N GLU C 554 4.88 43.15 1.93
CA GLU C 554 4.42 43.55 3.26
C GLU C 554 2.89 43.57 3.32
N SER C 555 2.30 42.70 4.15
CA SER C 555 0.85 42.54 4.24
C SER C 555 0.21 43.54 5.21
N ASN C 556 -1.04 43.94 4.95
CA ASN C 556 -1.84 44.72 5.90
C ASN C 556 -2.73 43.85 6.83
N LYS C 557 -2.60 42.51 6.78
CA LYS C 557 -3.29 41.56 7.66
C LYS C 557 -2.86 41.73 9.12
N LYS C 558 -3.80 41.59 10.06
CA LYS C 558 -3.61 41.80 11.51
C LYS C 558 -3.71 40.47 12.27
N PHE C 559 -2.63 39.68 12.25
CA PHE C 559 -2.53 38.43 12.99
C PHE C 559 -2.60 38.67 14.50
N LEU C 560 -3.20 37.72 15.22
CA LEU C 560 -3.16 37.63 16.68
C LEU C 560 -1.85 36.95 17.14
N PRO C 561 -1.37 37.14 18.38
CA PRO C 561 -0.07 36.63 18.83
C PRO C 561 0.17 35.13 18.66
N PHE C 562 -0.88 34.31 18.73
CA PHE C 562 -0.84 32.86 18.58
C PHE C 562 -0.82 32.37 17.12
N GLN C 563 -0.91 33.26 16.12
CA GLN C 563 -0.96 32.90 14.71
C GLN C 563 0.38 33.15 14.03
N GLN C 564 0.94 32.12 13.38
CA GLN C 564 2.20 32.19 12.64
C GLN C 564 2.01 32.25 11.12
N PHE C 565 0.87 31.73 10.64
CA PHE C 565 0.55 31.58 9.22
C PHE C 565 -0.92 31.92 8.96
N GLY C 566 -1.22 32.35 7.74
CA GLY C 566 -2.58 32.52 7.23
C GLY C 566 -2.84 31.58 6.07
N ARG C 567 -4.04 31.04 5.99
CA ARG C 567 -4.37 30.15 4.90
C ARG C 567 -5.43 30.64 3.96
N ASP C 568 -5.28 30.18 2.74
CA ASP C 568 -6.21 30.30 1.61
C ASP C 568 -7.40 29.32 1.72
N ILE C 569 -8.43 29.48 0.89
CA ILE C 569 -9.56 28.53 0.79
C ILE C 569 -9.14 27.14 0.28
N ALA C 570 -8.08 27.05 -0.52
CA ALA C 570 -7.41 25.82 -0.90
C ALA C 570 -6.50 25.23 0.21
N ASP C 571 -6.54 25.76 1.44
CA ASP C 571 -5.73 25.36 2.60
C ASP C 571 -4.20 25.48 2.40
N THR C 572 -3.77 26.31 1.45
CA THR C 572 -2.38 26.69 1.23
C THR C 572 -2.02 27.98 1.98
N THR C 573 -0.77 28.16 2.41
CA THR C 573 -0.36 29.39 3.11
C THR C 573 -0.29 30.58 2.16
N ASP C 574 -0.93 31.69 2.52
CA ASP C 574 -0.93 32.93 1.75
C ASP C 574 -0.50 34.17 2.56
N ALA C 575 -0.18 34.02 3.84
CA ALA C 575 0.57 34.99 4.63
C ALA C 575 1.36 34.28 5.73
N VAL C 576 2.40 34.91 6.24
CA VAL C 576 3.28 34.37 7.28
C VAL C 576 3.81 35.51 8.15
N ARG C 577 4.19 35.24 9.41
CA ARG C 577 4.85 36.25 10.26
C ARG C 577 6.37 35.89 10.33
N ASP C 578 7.24 36.79 9.86
CA ASP C 578 8.68 36.57 9.83
C ASP C 578 9.23 36.33 11.26
N PRO C 579 9.88 35.17 11.56
CA PRO C 579 10.28 34.80 12.92
C PRO C 579 11.47 35.58 13.47
N GLN C 580 12.21 36.27 12.60
CA GLN C 580 13.26 37.20 12.98
C GLN C 580 12.68 38.55 13.40
N THR C 581 11.97 39.24 12.51
CA THR C 581 11.28 40.51 12.79
C THR C 581 9.79 40.37 12.52
N LEU C 582 8.94 40.57 13.53
CA LEU C 582 7.58 39.99 13.60
C LEU C 582 6.52 40.62 12.67
N GLU C 583 6.90 41.17 11.52
CA GLU C 583 5.99 41.68 10.50
C GLU C 583 5.32 40.58 9.68
N ILE C 584 4.18 40.89 9.07
CA ILE C 584 3.36 39.94 8.31
C ILE C 584 3.66 40.09 6.82
N LEU C 585 4.04 39.00 6.18
CA LEU C 585 4.39 38.93 4.77
C LEU C 585 3.31 38.20 4.01
N ASP C 586 2.73 38.84 3.01
CA ASP C 586 1.82 38.23 2.05
C ASP C 586 2.62 37.35 1.09
N ILE C 587 2.16 36.14 0.83
CA ILE C 587 2.77 35.23 -0.15
C ILE C 587 1.85 35.15 -1.37
N THR C 588 2.39 35.40 -2.56
CA THR C 588 1.70 35.16 -3.84
C THR C 588 2.60 34.42 -4.81
N PRO C 589 2.06 33.53 -5.67
CA PRO C 589 2.89 32.67 -6.51
C PRO C 589 3.57 33.47 -7.62
N CYS C 590 4.77 33.07 -8.00
CA CYS C 590 5.52 33.74 -9.06
C CYS C 590 4.72 33.71 -10.37
N SER C 591 4.71 34.84 -11.09
CA SER C 591 3.86 35.08 -12.25
C SER C 591 3.98 33.97 -13.31
N PHE C 592 2.82 33.59 -13.85
CA PHE C 592 2.61 32.42 -14.70
C PHE C 592 1.42 32.67 -15.63
N GLY C 593 1.27 31.86 -16.68
CA GLY C 593 0.10 31.90 -17.56
C GLY C 593 0.19 30.90 -18.70
N GLY C 594 -0.87 30.75 -19.47
CA GLY C 594 -0.83 29.95 -20.70
C GLY C 594 0.07 30.59 -21.77
N VAL C 595 0.55 29.77 -22.70
CA VAL C 595 1.31 30.22 -23.86
C VAL C 595 0.69 29.58 -25.09
N SER C 596 0.05 30.39 -25.91
CA SER C 596 -0.48 29.95 -27.20
C SER C 596 0.43 30.37 -28.34
N VAL C 597 0.70 29.45 -29.26
CA VAL C 597 1.51 29.73 -30.45
C VAL C 597 0.59 29.84 -31.65
N ILE C 598 0.70 30.94 -32.38
CA ILE C 598 -0.13 31.34 -33.51
C ILE C 598 0.68 31.13 -34.78
N THR C 599 0.15 30.35 -35.72
CA THR C 599 0.89 29.94 -36.90
C THR C 599 0.01 29.90 -38.14
N PRO C 600 0.50 30.32 -39.33
CA PRO C 600 -0.01 29.78 -40.58
C PRO C 600 0.41 28.29 -40.66
N GLY C 601 0.12 27.57 -41.74
CA GLY C 601 0.63 26.20 -41.83
C GLY C 601 2.16 26.18 -41.89
N THR C 602 2.83 25.11 -41.46
CA THR C 602 4.26 24.93 -41.77
C THR C 602 4.52 24.78 -43.28
N ASN C 603 3.50 24.38 -44.05
CA ASN C 603 3.52 24.43 -45.52
C ASN C 603 3.53 25.86 -46.08
N THR C 604 3.07 26.86 -45.31
CA THR C 604 3.06 28.27 -45.67
C THR C 604 4.28 29.01 -45.13
N SER C 605 4.59 28.88 -43.84
CA SER C 605 5.72 29.56 -43.20
C SER C 605 6.15 28.91 -41.87
N ASN C 606 7.42 29.03 -41.51
CA ASN C 606 7.90 28.71 -40.16
C ASN C 606 7.76 29.89 -39.18
N GLN C 607 7.31 31.06 -39.63
CA GLN C 607 7.10 32.21 -38.77
C GLN C 607 5.88 32.00 -37.87
N VAL C 608 6.03 32.26 -36.57
CA VAL C 608 4.97 32.14 -35.55
C VAL C 608 4.90 33.40 -34.70
N ALA C 609 3.75 33.64 -34.09
CA ALA C 609 3.56 34.65 -33.03
C ALA C 609 3.17 33.94 -31.73
N VAL C 610 3.44 34.56 -30.59
CA VAL C 610 3.23 33.97 -29.26
C VAL C 610 2.28 34.84 -28.46
N LEU C 611 1.22 34.27 -27.91
CA LEU C 611 0.33 34.92 -26.94
C LEU C 611 0.61 34.38 -25.55
N TYR C 612 1.11 35.24 -24.67
CA TYR C 612 1.20 34.99 -23.24
C TYR C 612 -0.13 35.38 -22.60
N GLN C 613 -0.90 34.39 -22.17
CA GLN C 613 -2.32 34.59 -21.89
C GLN C 613 -2.60 35.19 -20.52
N GLY C 614 -3.49 36.18 -20.47
CA GLY C 614 -3.82 36.90 -19.25
C GLY C 614 -2.69 37.76 -18.68
N VAL C 615 -1.68 38.07 -19.50
CA VAL C 615 -0.44 38.76 -19.12
C VAL C 615 -0.44 40.22 -19.58
N ASN C 616 -0.06 41.13 -18.68
CA ASN C 616 0.39 42.47 -19.07
C ASN C 616 1.81 42.38 -19.67
N CYS C 617 2.08 42.97 -20.83
CA CYS C 617 3.36 42.81 -21.54
C CYS C 617 4.62 43.20 -20.76
N THR C 618 4.50 44.05 -19.74
CA THR C 618 5.61 44.40 -18.81
C THR C 618 6.17 43.19 -18.03
N GLU C 619 5.47 42.05 -18.04
CA GLU C 619 5.92 40.75 -17.54
C GLU C 619 7.00 40.09 -18.42
N VAL C 620 6.97 40.29 -19.73
CA VAL C 620 7.84 39.56 -20.67
C VAL C 620 9.32 40.05 -20.62
N PRO C 621 9.62 41.35 -20.41
CA PRO C 621 10.95 41.80 -19.98
C PRO C 621 11.43 41.20 -18.64
N VAL C 622 10.53 40.89 -17.69
CA VAL C 622 10.87 40.23 -16.41
C VAL C 622 11.15 38.73 -16.61
N ALA C 623 10.50 38.11 -17.60
CA ALA C 623 10.79 36.79 -18.16
C ALA C 623 12.12 36.70 -18.96
N ILE C 624 13.16 37.45 -18.56
CA ILE C 624 14.51 37.37 -19.14
C ILE C 624 15.21 36.06 -18.74
N HIS C 625 15.95 35.43 -19.66
CA HIS C 625 16.54 34.10 -19.45
C HIS C 625 17.84 34.10 -18.61
N ALA C 626 18.11 35.18 -17.88
CA ALA C 626 19.19 35.25 -16.88
C ALA C 626 18.97 34.30 -15.69
N ASP C 627 17.72 33.86 -15.50
CA ASP C 627 17.30 32.73 -14.70
C ASP C 627 16.24 31.91 -15.47
N GLN C 628 15.91 30.72 -14.96
CA GLN C 628 15.06 29.76 -15.66
C GLN C 628 13.61 30.24 -15.88
N LEU C 629 12.94 29.62 -16.88
CA LEU C 629 11.50 29.64 -17.12
C LEU C 629 11.03 28.26 -17.60
N THR C 630 9.73 27.97 -17.57
CA THR C 630 9.16 26.71 -18.10
C THR C 630 9.41 26.55 -19.62
N PRO C 631 9.00 27.49 -20.50
CA PRO C 631 9.52 27.55 -21.85
C PRO C 631 10.98 28.01 -21.80
N THR C 632 11.88 27.22 -22.38
CA THR C 632 13.32 27.56 -22.42
C THR C 632 13.64 28.63 -23.48
N TRP C 633 12.91 28.63 -24.60
CA TRP C 633 13.09 29.60 -25.69
C TRP C 633 12.71 31.02 -25.25
N ARG C 634 13.23 32.01 -25.95
CA ARG C 634 12.91 33.39 -25.60
C ARG C 634 13.10 34.44 -26.68
N VAL C 635 13.74 34.06 -27.79
CA VAL C 635 14.13 34.97 -28.90
C VAL C 635 13.08 36.04 -29.25
N TYR C 636 11.83 35.84 -28.85
CA TYR C 636 10.79 36.84 -29.10
C TYR C 636 10.92 38.08 -28.18
N SER C 637 11.47 37.87 -26.99
CA SER C 637 11.67 38.91 -25.96
C SER C 637 12.41 40.17 -26.45
N THR C 638 13.09 40.15 -27.60
CA THR C 638 13.71 41.35 -28.19
C THR C 638 12.68 42.45 -28.49
N GLY C 639 11.41 42.10 -28.68
CA GLY C 639 10.31 43.04 -28.79
C GLY C 639 10.22 43.76 -30.15
N SER C 640 9.89 45.05 -30.12
CA SER C 640 9.57 45.93 -31.28
C SER C 640 8.28 45.59 -32.05
N ASN C 641 7.80 44.34 -31.98
CA ASN C 641 6.49 43.89 -32.49
C ASN C 641 5.69 43.20 -31.37
N VAL C 642 5.45 43.96 -30.30
CA VAL C 642 4.64 43.60 -29.14
C VAL C 642 3.31 44.34 -29.17
N PHE C 643 2.21 43.66 -28.90
CA PHE C 643 0.86 44.22 -28.81
C PHE C 643 0.17 43.72 -27.54
N GLN C 644 -0.30 44.64 -26.69
CA GLN C 644 -1.16 44.27 -25.56
C GLN C 644 -2.59 44.07 -26.06
N THR C 645 -3.07 42.84 -26.00
CA THR C 645 -4.49 42.50 -26.16
C THR C 645 -5.12 42.31 -24.78
N ARG C 646 -6.44 42.21 -24.74
CA ARG C 646 -7.15 41.88 -23.51
C ARG C 646 -7.09 40.38 -23.25
N ALA C 647 -6.70 39.60 -24.26
CA ALA C 647 -6.44 38.18 -24.13
C ALA C 647 -5.05 37.85 -23.56
N GLY C 648 -4.12 38.81 -23.58
CA GLY C 648 -2.74 38.59 -23.19
C GLY C 648 -1.74 39.44 -23.95
N CYS C 649 -0.46 39.20 -23.70
CA CYS C 649 0.62 39.84 -24.42
C CYS C 649 0.94 39.08 -25.70
N LEU C 650 0.82 39.73 -26.85
CA LEU C 650 1.10 39.13 -28.15
C LEU C 650 2.45 39.64 -28.69
N ILE C 651 3.36 38.74 -29.05
CA ILE C 651 4.69 39.06 -29.61
C ILE C 651 4.90 38.31 -30.92
N GLY C 652 5.45 39.00 -31.93
CA GLY C 652 5.74 38.42 -33.24
C GLY C 652 4.68 38.68 -34.31
N ALA C 653 3.63 39.42 -33.98
CA ALA C 653 2.59 39.88 -34.90
C ALA C 653 2.55 41.41 -34.95
N GLU C 654 2.54 42.01 -36.14
CA GLU C 654 2.40 43.45 -36.32
C GLU C 654 0.96 43.90 -36.08
N HIS C 655 0.70 44.83 -35.16
CA HIS C 655 -0.63 45.42 -35.04
C HIS C 655 -0.92 46.37 -36.22
N VAL C 656 -2.03 46.15 -36.93
CA VAL C 656 -2.50 46.98 -38.04
C VAL C 656 -3.88 47.58 -37.74
N ASN C 657 -4.12 48.82 -38.16
CA ASN C 657 -5.38 49.53 -37.84
C ASN C 657 -6.59 49.05 -38.65
N ASN C 658 -6.42 48.67 -39.91
CA ASN C 658 -7.53 48.28 -40.78
C ASN C 658 -8.03 46.85 -40.47
N SER C 659 -9.35 46.71 -40.27
CA SER C 659 -10.03 45.46 -39.93
C SER C 659 -10.22 44.51 -41.12
N TYR C 660 -10.28 43.21 -40.83
CA TYR C 660 -10.52 42.13 -41.79
C TYR C 660 -11.46 41.09 -41.18
N GLU C 661 -11.99 40.18 -41.98
CA GLU C 661 -12.65 38.98 -41.46
C GLU C 661 -11.67 38.22 -40.54
N CYS C 662 -12.16 37.58 -39.49
CA CYS C 662 -11.31 36.83 -38.59
C CYS C 662 -10.65 35.65 -39.31
N ASP C 663 -9.33 35.54 -39.21
CA ASP C 663 -8.57 34.45 -39.80
C ASP C 663 -8.18 33.42 -38.74
N ILE C 664 -7.30 33.79 -37.81
CA ILE C 664 -7.00 33.04 -36.57
C ILE C 664 -7.53 33.85 -35.39
N PRO C 665 -8.42 33.33 -34.54
CA PRO C 665 -8.95 34.06 -33.39
C PRO C 665 -7.96 34.16 -32.23
N ILE C 666 -7.77 35.35 -31.65
CA ILE C 666 -6.93 35.55 -30.47
C ILE C 666 -7.78 35.77 -29.22
N GLY C 667 -8.90 36.48 -29.33
CA GLY C 667 -9.80 36.79 -28.22
C GLY C 667 -10.02 38.29 -28.07
N ALA C 668 -11.09 38.69 -27.39
CA ALA C 668 -11.44 40.07 -27.12
C ALA C 668 -11.45 40.98 -28.37
N GLY C 669 -12.01 40.48 -29.48
CA GLY C 669 -12.12 41.18 -30.76
C GLY C 669 -10.89 41.09 -31.66
N ILE C 670 -9.76 40.56 -31.18
CA ILE C 670 -8.51 40.47 -31.93
C ILE C 670 -8.43 39.14 -32.67
N CYS C 671 -7.98 39.21 -33.92
CA CYS C 671 -7.61 38.08 -34.77
C CYS C 671 -6.23 38.32 -35.37
N ALA C 672 -5.58 37.27 -35.86
CA ALA C 672 -4.31 37.35 -36.55
C ALA C 672 -4.35 36.63 -37.90
N SER C 673 -3.54 37.08 -38.85
CA SER C 673 -3.45 36.53 -40.21
C SER C 673 -2.03 36.69 -40.75
N TYR C 674 -1.61 35.84 -41.68
CA TYR C 674 -0.31 35.94 -42.36
C TYR C 674 -0.50 36.63 -43.72
N GLN C 675 0.04 37.84 -43.86
CA GLN C 675 -0.23 38.74 -45.00
C GLN C 675 1.01 39.54 -45.42
N THR C 676 1.01 40.04 -46.66
CA THR C 676 2.11 40.81 -47.27
C THR C 676 2.38 42.14 -46.58
N SER C 689 8.36 39.44 -47.87
CA SER C 689 7.49 40.59 -47.59
C SER C 689 6.20 40.22 -46.84
N GLN C 690 5.99 38.93 -46.56
CA GLN C 690 4.95 38.43 -45.66
C GLN C 690 5.32 38.67 -44.17
N SER C 691 4.33 38.79 -43.30
CA SER C 691 4.46 38.74 -41.85
C SER C 691 3.11 38.39 -41.20
N ILE C 692 3.12 37.98 -39.93
CA ILE C 692 1.88 37.86 -39.17
C ILE C 692 1.42 39.25 -38.74
N ILE C 693 0.15 39.57 -39.00
CA ILE C 693 -0.53 40.80 -38.58
C ILE C 693 -1.60 40.48 -37.54
N ALA C 694 -1.84 41.40 -36.62
CA ALA C 694 -2.92 41.33 -35.63
C ALA C 694 -3.83 42.54 -35.77
N TYR C 695 -5.14 42.32 -35.75
CA TYR C 695 -6.14 43.33 -36.04
C TYR C 695 -7.41 43.09 -35.23
N THR C 696 -8.17 44.15 -34.97
CA THR C 696 -9.58 44.02 -34.59
C THR C 696 -10.38 43.52 -35.79
N MET C 697 -11.11 42.42 -35.65
CA MET C 697 -11.90 41.85 -36.74
C MET C 697 -13.09 42.72 -37.16
N SER C 698 -13.38 42.77 -38.46
CA SER C 698 -14.60 43.40 -38.98
C SER C 698 -15.78 42.46 -38.80
N LEU C 699 -16.94 43.03 -38.47
CA LEU C 699 -18.18 42.26 -38.35
C LEU C 699 -18.92 42.09 -39.68
N GLY C 700 -18.67 42.99 -40.62
CA GLY C 700 -19.23 43.04 -41.96
C GLY C 700 -19.01 44.41 -42.59
N ALA C 701 -19.43 44.62 -43.84
CA ALA C 701 -19.53 45.95 -44.44
C ALA C 701 -20.71 46.71 -43.82
N GLU C 702 -20.55 47.99 -43.50
CA GLU C 702 -21.63 48.86 -43.03
C GLU C 702 -22.63 49.18 -44.16
N ASN C 703 -23.91 49.40 -43.84
CA ASN C 703 -24.92 49.77 -44.83
C ASN C 703 -26.06 50.60 -44.23
N SER C 704 -26.12 51.90 -44.54
CA SER C 704 -27.36 52.66 -44.35
C SER C 704 -28.41 52.24 -45.37
N VAL C 705 -29.45 51.53 -44.92
CA VAL C 705 -30.61 51.20 -45.73
C VAL C 705 -31.35 52.49 -46.08
N ALA C 706 -31.83 52.62 -47.32
CA ALA C 706 -32.44 53.85 -47.84
C ALA C 706 -33.90 54.07 -47.36
N TYR C 707 -34.19 53.85 -46.09
CA TYR C 707 -35.54 53.96 -45.56
C TYR C 707 -36.14 55.36 -45.75
N SER C 708 -37.41 55.38 -46.12
CA SER C 708 -38.29 56.54 -46.14
C SER C 708 -39.71 56.06 -45.87
N ASN C 709 -40.56 56.95 -45.36
CA ASN C 709 -41.96 56.70 -45.07
C ASN C 709 -42.84 56.39 -46.31
N ASN C 710 -42.31 56.53 -47.53
CA ASN C 710 -43.03 56.25 -48.76
C ASN C 710 -42.15 55.72 -49.91
N SER C 711 -40.98 55.16 -49.62
CA SER C 711 -40.12 54.52 -50.62
C SER C 711 -40.13 53.00 -50.45
N ILE C 712 -40.22 52.25 -51.55
CA ILE C 712 -40.10 50.80 -51.54
C ILE C 712 -39.08 50.32 -52.56
N ALA C 713 -38.29 49.30 -52.24
CA ALA C 713 -37.48 48.59 -53.22
C ALA C 713 -38.15 47.26 -53.60
N ILE C 714 -38.30 46.98 -54.89
CA ILE C 714 -38.91 45.75 -55.40
C ILE C 714 -37.97 45.11 -56.43
N PRO C 715 -37.71 43.80 -56.34
CA PRO C 715 -36.77 43.12 -57.22
C PRO C 715 -37.33 42.93 -58.62
N THR C 716 -36.60 43.38 -59.63
CA THR C 716 -37.04 43.24 -61.03
C THR C 716 -36.64 41.91 -61.66
N ASN C 717 -35.84 41.12 -60.95
CA ASN C 717 -35.23 39.88 -61.39
C ASN C 717 -34.96 38.99 -60.17
N PHE C 718 -34.59 37.75 -60.40
CA PHE C 718 -34.21 36.77 -59.39
C PHE C 718 -32.98 36.00 -59.84
N THR C 719 -32.34 35.33 -58.89
CA THR C 719 -31.41 34.24 -59.16
C THR C 719 -31.88 32.96 -58.48
N ILE C 720 -31.57 31.83 -59.10
CA ILE C 720 -31.71 30.53 -58.46
C ILE C 720 -30.33 30.20 -57.91
N SER C 721 -30.21 30.04 -56.60
CA SER C 721 -28.96 29.61 -55.99
C SER C 721 -29.12 28.24 -55.35
N VAL C 722 -28.09 27.42 -55.51
CA VAL C 722 -27.96 26.11 -54.86
C VAL C 722 -26.83 26.23 -53.86
N THR C 723 -27.09 25.92 -52.59
CA THR C 723 -26.11 25.96 -51.51
C THR C 723 -26.06 24.64 -50.80
N THR C 724 -24.90 24.26 -50.31
CA THR C 724 -24.67 22.96 -49.67
C THR C 724 -24.79 23.08 -48.16
N GLU C 725 -25.54 22.20 -47.53
CA GLU C 725 -25.47 21.94 -46.09
C GLU C 725 -24.98 20.53 -45.81
N ILE C 726 -24.00 20.37 -44.93
CA ILE C 726 -23.40 19.08 -44.55
C ILE C 726 -23.75 18.78 -43.09
N LEU C 727 -24.28 17.60 -42.79
CA LEU C 727 -24.63 17.17 -41.44
C LEU C 727 -24.05 15.79 -41.12
N PRO C 728 -23.32 15.62 -40.00
CA PRO C 728 -23.07 14.32 -39.40
C PRO C 728 -24.36 13.58 -39.05
N VAL C 729 -24.41 12.29 -39.32
CA VAL C 729 -25.56 11.42 -39.04
C VAL C 729 -25.16 10.29 -38.10
N SER C 730 -23.95 9.76 -38.25
CA SER C 730 -23.46 8.63 -37.46
C SER C 730 -21.97 8.77 -37.19
N MET C 731 -21.46 7.92 -36.32
CA MET C 731 -20.04 7.75 -36.04
C MET C 731 -19.67 6.27 -36.06
N THR C 732 -18.38 5.94 -36.03
CA THR C 732 -17.92 4.55 -36.07
C THR C 732 -18.41 3.76 -34.86
N LYS C 733 -18.96 2.57 -35.10
CA LYS C 733 -19.47 1.68 -34.06
C LYS C 733 -18.32 0.92 -33.42
N THR C 734 -17.79 1.40 -32.30
CA THR C 734 -16.73 0.71 -31.56
C THR C 734 -17.29 -0.28 -30.55
N SER C 735 -16.64 -1.43 -30.43
CA SER C 735 -16.77 -2.39 -29.34
C SER C 735 -15.41 -2.60 -28.70
N VAL C 736 -15.38 -2.92 -27.41
CA VAL C 736 -14.16 -3.20 -26.66
C VAL C 736 -14.30 -4.53 -25.92
N ASP C 737 -13.29 -5.38 -25.98
CA ASP C 737 -13.07 -6.45 -25.00
C ASP C 737 -12.31 -5.85 -23.81
N CYS C 738 -13.04 -5.49 -22.77
CA CYS C 738 -12.52 -4.80 -21.58
C CYS C 738 -11.45 -5.64 -20.87
N THR C 739 -11.58 -6.96 -20.86
CA THR C 739 -10.56 -7.85 -20.30
C THR C 739 -9.34 -7.96 -21.20
N MET C 740 -9.46 -7.99 -22.52
CA MET C 740 -8.28 -7.96 -23.39
C MET C 740 -7.57 -6.59 -23.40
N TYR C 741 -8.29 -5.49 -23.23
CA TYR C 741 -7.66 -4.18 -23.06
C TYR C 741 -6.88 -4.11 -21.74
N ILE C 742 -7.53 -4.40 -20.61
CA ILE C 742 -6.93 -4.26 -19.28
C ILE C 742 -5.85 -5.33 -19.06
N CYS C 743 -6.18 -6.60 -19.34
CA CYS C 743 -5.40 -7.76 -18.95
C CYS C 743 -4.74 -8.52 -20.08
N GLY C 744 -5.12 -8.29 -21.33
CA GLY C 744 -4.40 -8.78 -22.51
C GLY C 744 -4.03 -10.25 -22.52
N ASP C 745 -4.91 -11.15 -22.06
CA ASP C 745 -4.71 -12.62 -21.93
C ASP C 745 -3.96 -13.17 -20.71
N SER C 746 -3.56 -12.34 -19.73
CA SER C 746 -3.13 -12.81 -18.41
C SER C 746 -4.32 -13.30 -17.59
N THR C 747 -4.30 -14.56 -17.16
CA THR C 747 -5.28 -15.10 -16.21
C THR C 747 -5.12 -14.51 -14.80
N GLU C 748 -3.92 -14.08 -14.41
CA GLU C 748 -3.67 -13.48 -13.09
C GLU C 748 -4.37 -12.13 -12.97
N CYS C 749 -4.21 -11.28 -13.96
CA CYS C 749 -4.93 -10.03 -14.08
C CYS C 749 -6.44 -10.26 -14.24
N SER C 750 -6.86 -11.29 -14.98
CA SER C 750 -8.29 -11.61 -15.14
C SER C 750 -8.96 -12.01 -13.82
N ASN C 751 -8.28 -12.79 -12.96
CA ASN C 751 -8.76 -13.09 -11.61
C ASN C 751 -8.88 -11.86 -10.71
N LEU C 752 -7.93 -10.91 -10.81
CA LEU C 752 -7.96 -9.64 -10.08
C LEU C 752 -9.03 -8.68 -10.59
N LEU C 753 -9.33 -8.68 -11.88
CA LEU C 753 -10.35 -7.83 -12.49
C LEU C 753 -11.77 -8.18 -12.00
N LEU C 754 -12.07 -9.45 -11.73
CA LEU C 754 -13.34 -9.88 -11.14
C LEU C 754 -13.66 -9.24 -9.78
N GLN C 755 -12.65 -8.74 -9.05
CA GLN C 755 -12.86 -8.07 -7.77
C GLN C 755 -13.53 -6.70 -7.91
N TYR C 756 -13.62 -6.16 -9.12
CA TYR C 756 -14.29 -4.90 -9.44
C TYR C 756 -15.74 -5.09 -9.88
N GLY C 757 -16.20 -6.35 -9.97
CA GLY C 757 -17.58 -6.73 -10.26
C GLY C 757 -18.07 -6.31 -11.63
N SER C 758 -19.03 -5.40 -11.66
CA SER C 758 -19.87 -5.11 -12.81
C SER C 758 -19.21 -4.25 -13.91
N PHE C 759 -18.19 -3.45 -13.61
CA PHE C 759 -17.72 -2.36 -14.48
C PHE C 759 -17.44 -2.71 -15.95
N CYS C 760 -16.80 -3.83 -16.27
CA CYS C 760 -16.58 -4.19 -17.67
C CYS C 760 -17.86 -4.52 -18.43
N THR C 761 -18.87 -5.08 -17.77
CA THR C 761 -20.18 -5.31 -18.38
C THR C 761 -20.91 -3.99 -18.64
N GLN C 762 -20.81 -3.04 -17.70
CA GLN C 762 -21.34 -1.69 -17.87
C GLN C 762 -20.70 -0.95 -19.06
N LEU C 763 -19.37 -1.02 -19.19
CA LEU C 763 -18.62 -0.43 -20.30
C LEU C 763 -19.03 -1.02 -21.65
N ASN C 764 -19.17 -2.35 -21.73
CA ASN C 764 -19.61 -3.04 -22.95
C ASN C 764 -21.06 -2.72 -23.30
N ARG C 765 -21.95 -2.67 -22.30
CA ARG C 765 -23.35 -2.27 -22.47
C ARG C 765 -23.49 -0.83 -22.96
N ALA C 766 -22.70 0.11 -22.43
CA ALA C 766 -22.70 1.50 -22.85
C ALA C 766 -22.24 1.68 -24.30
N LEU C 767 -21.15 1.03 -24.72
CA LEU C 767 -20.70 1.01 -26.10
C LEU C 767 -21.67 0.31 -27.06
N THR C 768 -22.34 -0.76 -26.62
CA THR C 768 -23.38 -1.44 -27.41
C THR C 768 -24.58 -0.55 -27.64
N GLY C 769 -25.00 0.20 -26.62
CA GLY C 769 -26.06 1.20 -26.72
C GLY C 769 -25.73 2.33 -27.69
N ILE C 770 -24.48 2.81 -27.70
CA ILE C 770 -23.98 3.79 -28.68
C ILE C 770 -24.01 3.23 -30.10
N ALA C 771 -23.55 2.00 -30.29
CA ALA C 771 -23.47 1.34 -31.59
C ALA C 771 -24.83 1.05 -32.22
N VAL C 772 -25.82 0.58 -31.45
CA VAL C 772 -27.20 0.39 -31.92
C VAL C 772 -27.83 1.71 -32.38
N GLU C 773 -27.48 2.81 -31.71
CA GLU C 773 -28.00 4.13 -32.01
C GLU C 773 -27.44 4.73 -33.31
N GLN C 774 -26.25 4.35 -33.76
CA GLN C 774 -25.71 4.81 -35.06
C GLN C 774 -26.54 4.29 -36.24
N ASP C 775 -27.10 3.10 -36.11
CA ASP C 775 -27.97 2.50 -37.11
C ASP C 775 -29.38 3.08 -37.04
N LYS C 776 -29.87 3.38 -35.83
CA LYS C 776 -31.12 4.12 -35.64
C LYS C 776 -31.03 5.50 -36.27
N ASN C 777 -30.01 6.28 -35.95
CA ASN C 777 -29.75 7.60 -36.53
C ASN C 777 -29.78 7.60 -38.05
N THR C 778 -29.12 6.63 -38.67
CA THR C 778 -29.05 6.50 -40.13
C THR C 778 -30.40 6.13 -40.74
N GLN C 779 -31.20 5.29 -40.08
CA GLN C 779 -32.58 4.98 -40.43
C GLN C 779 -33.52 6.20 -40.29
N GLU C 780 -33.39 7.02 -39.25
CA GLU C 780 -34.23 8.22 -39.09
C GLU C 780 -34.04 9.19 -40.25
N VAL C 781 -32.80 9.39 -40.71
CA VAL C 781 -32.48 10.30 -41.80
C VAL C 781 -32.88 9.73 -43.15
N PHE C 782 -32.42 8.54 -43.52
CA PHE C 782 -32.49 8.05 -44.89
C PHE C 782 -33.73 7.24 -45.23
N ALA C 783 -34.25 6.42 -44.32
CA ALA C 783 -35.39 5.55 -44.59
C ALA C 783 -36.76 6.27 -44.50
N GLN C 784 -36.89 7.46 -45.08
CA GLN C 784 -38.12 8.28 -45.08
C GLN C 784 -39.03 8.05 -46.30
N VAL C 785 -38.71 7.09 -47.17
CA VAL C 785 -39.49 6.68 -48.35
C VAL C 785 -40.18 5.35 -48.09
N LYS C 786 -41.48 5.26 -48.38
CA LYS C 786 -42.22 3.99 -48.36
C LYS C 786 -41.73 3.02 -49.44
N GLN C 787 -41.51 3.52 -50.65
CA GLN C 787 -41.13 2.76 -51.83
C GLN C 787 -39.83 3.27 -52.43
N ILE C 788 -39.06 2.39 -53.07
CA ILE C 788 -37.84 2.78 -53.76
C ILE C 788 -38.22 3.35 -55.14
N TYR C 789 -38.50 4.65 -55.18
CA TYR C 789 -38.90 5.34 -56.39
C TYR C 789 -37.79 5.36 -57.44
N LYS C 790 -38.18 5.27 -58.72
CA LYS C 790 -37.28 5.32 -59.88
C LYS C 790 -37.74 6.39 -60.86
N THR C 791 -36.77 7.07 -61.46
CA THR C 791 -36.97 8.05 -62.54
C THR C 791 -37.26 7.35 -63.88
N PRO C 792 -37.98 8.01 -64.79
CA PRO C 792 -38.25 7.45 -66.11
C PRO C 792 -36.97 7.42 -66.98
N PRO C 793 -36.91 6.59 -68.02
CA PRO C 793 -35.85 6.64 -69.03
C PRO C 793 -35.73 8.03 -69.68
N ILE C 794 -36.87 8.64 -70.05
CA ILE C 794 -36.97 9.98 -70.63
C ILE C 794 -36.88 11.10 -69.57
N LYS C 795 -35.70 11.71 -69.45
CA LYS C 795 -35.37 12.80 -68.51
C LYS C 795 -35.95 14.18 -68.91
N ASP C 796 -37.19 14.26 -69.37
CA ASP C 796 -37.83 15.51 -69.80
C ASP C 796 -38.41 16.29 -68.60
N PHE C 797 -37.53 16.87 -67.79
CA PHE C 797 -37.88 17.69 -66.63
C PHE C 797 -37.97 19.19 -66.95
N GLY C 798 -38.47 19.55 -68.12
CA GLY C 798 -38.69 20.95 -68.50
C GLY C 798 -37.42 21.78 -68.72
N GLY C 799 -36.28 21.14 -68.97
CA GLY C 799 -34.97 21.79 -69.14
C GLY C 799 -34.06 21.75 -67.91
N PHE C 800 -34.56 21.35 -66.74
CA PHE C 800 -33.77 21.13 -65.54
C PHE C 800 -33.01 19.80 -65.64
N ASN C 801 -31.72 19.81 -65.34
CA ASN C 801 -30.83 18.68 -65.54
C ASN C 801 -30.30 18.18 -64.21
N PHE C 802 -30.74 16.99 -63.80
CA PHE C 802 -30.40 16.35 -62.53
C PHE C 802 -29.30 15.30 -62.65
N SER C 803 -28.68 15.13 -63.82
CA SER C 803 -27.76 14.02 -64.13
C SER C 803 -26.58 13.88 -63.18
N GLN C 804 -26.11 14.98 -62.57
CA GLN C 804 -24.97 14.96 -61.63
C GLN C 804 -25.37 14.58 -60.19
N ILE C 805 -26.67 14.55 -59.88
CA ILE C 805 -27.22 14.18 -58.57
C ILE C 805 -28.07 12.90 -58.60
N LEU C 806 -28.51 12.45 -59.77
CA LEU C 806 -29.13 11.15 -60.00
C LEU C 806 -28.10 10.01 -60.12
N PRO C 807 -28.48 8.74 -59.88
CA PRO C 807 -27.59 7.59 -60.04
C PRO C 807 -26.86 7.52 -61.39
N ASP C 808 -25.63 7.00 -61.32
CA ASP C 808 -24.81 6.64 -62.47
C ASP C 808 -24.57 5.10 -62.46
N PRO C 809 -25.38 4.33 -63.22
CA PRO C 809 -25.32 2.86 -63.26
C PRO C 809 -24.02 2.24 -63.78
N SER C 810 -23.07 3.03 -64.30
CA SER C 810 -21.76 2.52 -64.74
C SER C 810 -20.92 1.94 -63.59
N LYS C 811 -21.25 2.30 -62.34
CA LYS C 811 -20.50 1.95 -61.13
C LYS C 811 -21.11 0.76 -60.36
N PRO C 812 -20.32 0.04 -59.54
CA PRO C 812 -20.83 -1.05 -58.71
C PRO C 812 -21.75 -0.52 -57.60
N SER C 813 -21.36 0.56 -56.91
CA SER C 813 -22.24 1.40 -56.10
C SER C 813 -22.88 2.47 -56.99
N LYS C 814 -24.21 2.51 -57.06
CA LYS C 814 -24.94 3.34 -58.03
C LYS C 814 -25.09 4.80 -57.55
N ARG C 815 -24.02 5.38 -57.05
CA ARG C 815 -24.15 6.74 -56.57
C ARG C 815 -24.17 7.73 -57.72
N SER C 816 -24.47 8.97 -57.36
CA SER C 816 -24.43 10.10 -58.30
C SER C 816 -22.99 10.55 -58.60
N PHE C 817 -22.80 11.51 -59.50
CA PHE C 817 -21.50 12.13 -59.68
C PHE C 817 -21.06 12.90 -58.42
N ILE C 818 -21.94 13.71 -57.84
CA ILE C 818 -21.64 14.48 -56.62
C ILE C 818 -21.45 13.57 -55.39
N GLU C 819 -22.16 12.45 -55.26
CA GLU C 819 -21.92 11.49 -54.18
C GLU C 819 -20.54 10.80 -54.27
N ASP C 820 -19.97 10.56 -55.45
CA ASP C 820 -18.57 10.14 -55.56
C ASP C 820 -17.57 11.20 -55.12
N LEU C 821 -17.78 12.45 -55.52
CA LEU C 821 -16.98 13.57 -55.02
C LEU C 821 -17.01 13.64 -53.49
N LEU C 822 -18.19 13.49 -52.86
CA LEU C 822 -18.32 13.46 -51.40
C LEU C 822 -17.61 12.25 -50.77
N PHE C 823 -17.72 11.05 -51.36
CA PHE C 823 -17.03 9.86 -50.86
C PHE C 823 -15.50 9.87 -51.08
N ASN C 824 -14.98 10.63 -52.03
CA ASN C 824 -13.54 10.85 -52.17
C ASN C 824 -12.98 11.83 -51.12
N LYS C 825 -13.78 12.77 -50.61
CA LYS C 825 -13.36 13.85 -49.69
C LYS C 825 -13.09 13.41 -48.26
N VAL C 826 -13.90 12.49 -47.72
CA VAL C 826 -13.76 11.99 -46.35
C VAL C 826 -13.19 10.58 -46.39
N THR C 827 -12.03 10.37 -45.77
CA THR C 827 -11.37 9.05 -45.69
C THR C 827 -11.55 8.46 -44.30
N LEU C 828 -12.02 7.21 -44.24
CA LEU C 828 -12.40 6.54 -43.00
C LEU C 828 -11.22 5.80 -42.33
N ALA C 829 -11.38 5.46 -41.05
CA ALA C 829 -10.52 4.49 -40.35
C ALA C 829 -11.36 3.26 -39.96
N ASP C 830 -11.05 2.11 -40.58
CA ASP C 830 -11.70 0.80 -40.39
C ASP C 830 -13.24 0.83 -40.59
N ALA C 831 -13.72 0.48 -41.79
CA ALA C 831 -15.15 0.33 -42.06
C ALA C 831 -15.82 -0.90 -41.38
N GLY C 832 -15.03 -1.84 -40.82
CA GLY C 832 -15.50 -3.08 -40.20
C GLY C 832 -15.53 -4.33 -41.09
N PHE C 833 -15.31 -4.19 -42.40
CA PHE C 833 -15.54 -5.23 -43.43
C PHE C 833 -14.47 -6.36 -43.51
N ILE C 834 -14.32 -7.15 -42.45
CA ILE C 834 -13.35 -8.27 -42.28
C ILE C 834 -11.88 -7.85 -42.38
N LYS C 835 -11.11 -8.09 -41.30
CA LYS C 835 -9.64 -7.97 -41.27
C LYS C 835 -9.02 -9.33 -40.98
N GLN C 836 -8.00 -9.73 -41.74
CA GLN C 836 -7.48 -11.10 -41.75
C GLN C 836 -5.94 -11.11 -41.70
N TYR C 837 -5.36 -12.25 -41.32
CA TYR C 837 -3.89 -12.39 -41.19
C TYR C 837 -3.11 -11.85 -42.39
N GLY C 838 -3.56 -12.25 -43.57
CA GLY C 838 -2.99 -11.84 -44.86
C GLY C 838 -2.96 -10.32 -45.15
N ASP C 839 -3.68 -9.48 -44.40
CA ASP C 839 -3.56 -8.02 -44.44
C ASP C 839 -3.28 -7.38 -43.07
N CYS C 840 -2.85 -8.15 -42.05
CA CYS C 840 -2.63 -7.63 -40.70
C CYS C 840 -1.44 -8.24 -39.91
N LEU C 841 -0.75 -9.30 -40.39
CA LEU C 841 0.58 -9.67 -39.87
C LEU C 841 1.73 -9.12 -40.73
N GLY C 842 2.97 -9.23 -40.25
CA GLY C 842 4.16 -8.95 -41.05
C GLY C 842 4.33 -7.47 -41.42
N ASP C 843 4.60 -7.22 -42.69
CA ASP C 843 5.02 -5.91 -43.23
C ASP C 843 4.04 -4.77 -42.90
N ILE C 844 2.74 -5.07 -42.94
CA ILE C 844 1.67 -4.09 -42.68
C ILE C 844 1.53 -3.80 -41.17
N ALA C 845 1.78 -4.78 -40.31
CA ALA C 845 1.56 -4.71 -38.87
C ALA C 845 2.41 -3.64 -38.15
N ALA C 846 3.52 -3.19 -38.76
CA ALA C 846 4.31 -2.06 -38.30
C ALA C 846 3.73 -0.70 -38.72
N ARG C 847 3.44 -0.56 -40.01
CA ARG C 847 2.95 0.69 -40.60
C ARG C 847 1.44 0.87 -40.60
N ASP C 848 0.83 0.64 -39.44
CA ASP C 848 -0.62 0.78 -39.26
C ASP C 848 -1.04 0.94 -37.78
N LEU C 849 -2.06 1.76 -37.54
CA LEU C 849 -2.73 1.96 -36.25
C LEU C 849 -3.89 0.98 -36.02
N ILE C 850 -4.60 0.57 -37.08
CA ILE C 850 -5.81 -0.25 -36.98
C ILE C 850 -5.49 -1.66 -36.44
N CYS C 851 -4.41 -2.29 -36.91
CA CYS C 851 -3.93 -3.56 -36.33
C CYS C 851 -3.44 -3.40 -34.88
N ALA C 852 -2.88 -2.25 -34.49
CA ALA C 852 -2.49 -1.99 -33.10
C ALA C 852 -3.70 -1.80 -32.18
N GLN C 853 -4.77 -1.15 -32.65
CA GLN C 853 -6.05 -1.12 -31.93
C GLN C 853 -6.62 -2.54 -31.78
N LYS C 854 -6.72 -3.31 -32.88
CA LYS C 854 -7.32 -4.65 -32.84
C LYS C 854 -6.54 -5.64 -31.99
N PHE C 855 -5.21 -5.63 -32.04
CA PHE C 855 -4.39 -6.46 -31.15
C PHE C 855 -4.48 -6.07 -29.65
N ASN C 856 -5.25 -5.06 -29.28
CA ASN C 856 -5.51 -4.62 -27.91
C ASN C 856 -6.98 -4.71 -27.49
N GLY C 857 -7.80 -5.49 -28.20
CA GLY C 857 -9.20 -5.72 -27.86
C GLY C 857 -10.19 -4.65 -28.35
N LEU C 858 -9.77 -3.71 -29.19
CA LEU C 858 -10.62 -2.62 -29.70
C LEU C 858 -11.07 -2.96 -31.13
N THR C 859 -12.35 -2.92 -31.44
CA THR C 859 -12.88 -3.32 -32.76
C THR C 859 -13.92 -2.35 -33.29
N VAL C 860 -13.91 -2.07 -34.58
CA VAL C 860 -15.02 -1.37 -35.24
C VAL C 860 -15.96 -2.38 -35.88
N LEU C 861 -17.24 -2.24 -35.61
CA LEU C 861 -18.36 -2.98 -36.19
C LEU C 861 -18.86 -2.27 -37.47
N PRO C 862 -19.28 -2.98 -38.52
CA PRO C 862 -19.84 -2.31 -39.69
C PRO C 862 -21.21 -1.68 -39.39
N PRO C 863 -21.60 -0.62 -40.11
CA PRO C 863 -22.97 -0.11 -40.09
C PRO C 863 -23.96 -1.13 -40.65
N LEU C 864 -25.22 -1.08 -40.23
CA LEU C 864 -26.25 -2.00 -40.69
C LEU C 864 -26.63 -1.79 -42.15
N LEU C 865 -26.86 -0.54 -42.56
CA LEU C 865 -27.02 -0.17 -43.96
C LEU C 865 -25.64 0.03 -44.57
N THR C 866 -25.38 -0.62 -45.70
CA THR C 866 -24.19 -0.37 -46.50
C THR C 866 -24.28 0.98 -47.21
N ASP C 867 -23.15 1.53 -47.68
CA ASP C 867 -23.15 2.78 -48.46
C ASP C 867 -23.97 2.68 -49.75
N GLU C 868 -24.11 1.48 -50.31
CA GLU C 868 -24.99 1.23 -51.46
C GLU C 868 -26.48 1.34 -51.08
N MET C 869 -26.86 0.89 -49.88
CA MET C 869 -28.24 1.01 -49.41
C MET C 869 -28.62 2.45 -49.06
N ILE C 870 -27.68 3.24 -48.51
CA ILE C 870 -27.85 4.67 -48.31
C ILE C 870 -28.01 5.41 -49.63
N ALA C 871 -27.28 5.01 -50.67
CA ALA C 871 -27.40 5.55 -52.01
C ALA C 871 -28.73 5.17 -52.69
N GLN C 872 -29.29 3.99 -52.46
CA GLN C 872 -30.61 3.61 -52.93
C GLN C 872 -31.73 4.41 -52.27
N TYR C 873 -31.66 4.64 -50.97
CA TYR C 873 -32.61 5.50 -50.26
C TYR C 873 -32.56 6.93 -50.77
N THR C 874 -31.36 7.44 -50.99
CA THR C 874 -31.12 8.79 -51.49
C THR C 874 -31.56 8.96 -52.93
N SER C 875 -31.35 7.95 -53.78
CA SER C 875 -31.90 7.86 -55.12
C SER C 875 -33.43 7.88 -55.14
N ALA C 876 -34.09 7.15 -54.25
CA ALA C 876 -35.54 7.12 -54.13
C ALA C 876 -36.13 8.44 -53.62
N LEU C 877 -35.48 9.11 -52.66
CA LEU C 877 -35.85 10.44 -52.21
C LEU C 877 -35.79 11.47 -53.34
N LEU C 878 -34.77 11.38 -54.20
CA LEU C 878 -34.59 12.26 -55.35
C LEU C 878 -35.55 11.95 -56.49
N ALA C 879 -35.76 10.67 -56.83
CA ALA C 879 -36.73 10.25 -57.83
C ALA C 879 -38.17 10.55 -57.42
N GLY C 880 -38.51 10.42 -56.14
CA GLY C 880 -39.79 10.85 -55.61
C GLY C 880 -39.98 12.34 -55.77
N THR C 881 -38.99 13.14 -55.38
CA THR C 881 -39.04 14.61 -55.48
C THR C 881 -39.21 15.11 -56.91
N ILE C 882 -38.35 14.71 -57.84
CA ILE C 882 -38.41 15.28 -59.21
C ILE C 882 -39.55 14.74 -60.06
N THR C 883 -40.15 13.60 -59.71
CA THR C 883 -41.31 13.08 -60.45
C THR C 883 -42.65 13.44 -59.83
N SER C 884 -42.71 13.74 -58.52
CA SER C 884 -43.97 13.88 -57.80
C SER C 884 -44.04 15.03 -56.79
N GLY C 885 -42.99 15.82 -56.63
CA GLY C 885 -42.98 16.96 -55.71
C GLY C 885 -43.07 16.57 -54.26
N TRP C 886 -43.94 17.22 -53.50
CA TRP C 886 -44.16 16.89 -52.09
C TRP C 886 -45.15 15.75 -51.86
N THR C 887 -45.81 15.23 -52.89
CA THR C 887 -46.91 14.28 -52.74
C THR C 887 -46.49 12.91 -52.20
N PHE C 888 -45.30 12.41 -52.54
CA PHE C 888 -44.76 11.16 -51.98
C PHE C 888 -44.45 11.23 -50.47
N GLY C 889 -44.37 12.42 -49.87
CA GLY C 889 -44.29 12.59 -48.43
C GLY C 889 -45.64 12.39 -47.74
N ALA C 890 -46.70 13.00 -48.26
CA ALA C 890 -48.04 12.97 -47.67
C ALA C 890 -48.87 11.71 -47.97
N GLY C 891 -48.54 10.94 -49.00
CA GLY C 891 -49.31 9.75 -49.38
C GLY C 891 -48.63 8.92 -50.46
N ALA C 892 -49.39 8.50 -51.47
CA ALA C 892 -48.83 7.97 -52.71
C ALA C 892 -48.11 9.07 -53.51
N ALA C 893 -47.04 8.74 -54.23
CA ALA C 893 -46.41 9.64 -55.17
C ALA C 893 -47.35 9.88 -56.36
N LEU C 894 -47.75 11.13 -56.58
CA LEU C 894 -48.61 11.54 -57.68
C LEU C 894 -47.77 12.29 -58.69
N GLN C 895 -47.67 11.82 -59.94
CA GLN C 895 -46.83 12.51 -60.91
C GLN C 895 -47.38 13.91 -61.23
N ILE C 896 -46.47 14.86 -61.46
CA ILE C 896 -46.75 16.19 -61.96
C ILE C 896 -45.58 16.60 -62.85
N PRO C 897 -45.76 17.31 -63.98
CA PRO C 897 -44.63 17.77 -64.79
C PRO C 897 -43.68 18.65 -63.98
N PHE C 898 -42.37 18.52 -64.16
CA PHE C 898 -41.43 19.18 -63.25
C PHE C 898 -41.52 20.71 -63.26
N ALA C 899 -41.73 21.33 -64.42
CA ALA C 899 -41.95 22.77 -64.51
C ALA C 899 -43.27 23.24 -63.88
N MET C 900 -44.27 22.37 -63.76
CA MET C 900 -45.50 22.67 -63.03
C MET C 900 -45.32 22.52 -61.53
N GLN C 901 -44.50 21.56 -61.09
CA GLN C 901 -44.06 21.47 -59.71
C GLN C 901 -43.27 22.72 -59.30
N MET C 902 -42.31 23.16 -60.10
CA MET C 902 -41.57 24.39 -59.87
C MET C 902 -42.46 25.63 -59.85
N ALA C 903 -43.54 25.67 -60.63
CA ALA C 903 -44.55 26.71 -60.54
C ALA C 903 -45.37 26.67 -59.24
N TYR C 904 -45.61 25.52 -58.65
CA TYR C 904 -46.30 25.45 -57.41
C TYR C 904 -45.40 25.91 -56.30
N ARG C 905 -44.10 25.81 -56.50
CA ARG C 905 -43.13 26.20 -55.54
C ARG C 905 -42.92 27.67 -55.57
N PHE C 906 -43.00 28.28 -56.73
CA PHE C 906 -43.05 29.73 -56.90
C PHE C 906 -44.27 30.36 -56.22
N ASN C 907 -45.46 29.77 -56.34
CA ASN C 907 -46.62 30.20 -55.55
C ASN C 907 -46.36 30.11 -54.05
N GLY C 908 -45.68 29.06 -53.60
CA GLY C 908 -45.34 28.82 -52.21
C GLY C 908 -44.36 29.82 -51.60
N ILE C 909 -43.60 30.56 -52.40
CA ILE C 909 -42.78 31.72 -51.97
C ILE C 909 -43.43 33.07 -52.27
N GLY C 910 -44.67 33.10 -52.76
CA GLY C 910 -45.41 34.32 -53.03
C GLY C 910 -45.06 35.01 -54.35
N VAL C 911 -44.61 34.24 -55.34
CA VAL C 911 -44.36 34.66 -56.72
C VAL C 911 -45.42 34.02 -57.60
N THR C 912 -46.05 34.74 -58.53
CA THR C 912 -47.12 34.13 -59.36
C THR C 912 -46.54 33.13 -60.36
N GLN C 913 -47.28 32.07 -60.67
CA GLN C 913 -46.77 30.96 -61.50
C GLN C 913 -46.39 31.34 -62.93
N ASN C 914 -46.96 32.40 -63.49
CA ASN C 914 -46.53 32.90 -64.79
C ASN C 914 -45.09 33.43 -64.77
N VAL C 915 -44.55 33.88 -63.64
CA VAL C 915 -43.14 34.26 -63.53
C VAL C 915 -42.22 33.06 -63.75
N LEU C 916 -42.63 31.85 -63.38
CA LEU C 916 -41.87 30.67 -63.77
C LEU C 916 -42.03 30.35 -65.26
N TYR C 917 -43.26 30.21 -65.74
CA TYR C 917 -43.50 29.77 -67.10
C TYR C 917 -42.98 30.73 -68.18
N GLU C 918 -42.97 32.03 -67.90
CA GLU C 918 -42.40 33.07 -68.77
C GLU C 918 -40.87 33.17 -68.69
N ASN C 919 -40.23 32.61 -67.67
CA ASN C 919 -38.78 32.63 -67.46
C ASN C 919 -38.18 31.22 -67.35
N GLN C 920 -38.86 30.20 -67.83
CA GLN C 920 -38.51 28.81 -67.54
C GLN C 920 -37.11 28.41 -68.00
N LYS C 921 -36.69 28.85 -69.19
CA LYS C 921 -35.34 28.58 -69.73
C LYS C 921 -34.25 29.25 -68.91
N LEU C 922 -34.48 30.48 -68.46
CA LEU C 922 -33.59 31.20 -67.54
C LEU C 922 -33.49 30.46 -66.20
N ILE C 923 -34.61 30.10 -65.58
CA ILE C 923 -34.64 29.42 -64.28
C ILE C 923 -33.96 28.06 -64.36
N ALA C 924 -34.17 27.31 -65.44
CA ALA C 924 -33.50 26.04 -65.71
C ALA C 924 -32.00 26.21 -65.93
N ASN C 925 -31.55 27.18 -66.72
CA ASN C 925 -30.13 27.47 -66.90
C ASN C 925 -29.42 27.93 -65.64
N GLN C 926 -30.10 28.71 -64.79
CA GLN C 926 -29.56 29.12 -63.49
C GLN C 926 -29.45 27.95 -62.52
N PHE C 927 -30.43 27.05 -62.47
CA PHE C 927 -30.31 25.81 -61.70
C PHE C 927 -29.16 24.94 -62.21
N ASN C 928 -29.10 24.69 -63.52
CA ASN C 928 -28.07 23.87 -64.16
C ASN C 928 -26.66 24.43 -63.92
N SER C 929 -26.50 25.76 -63.96
CA SER C 929 -25.23 26.43 -63.65
C SER C 929 -24.87 26.38 -62.17
N ALA C 930 -25.83 26.54 -61.26
CA ALA C 930 -25.62 26.42 -59.83
C ALA C 930 -25.25 24.99 -59.41
N ILE C 931 -25.86 23.95 -59.98
CA ILE C 931 -25.43 22.55 -59.80
C ILE C 931 -24.02 22.30 -60.36
N GLY C 932 -23.67 22.93 -61.49
CA GLY C 932 -22.30 22.92 -62.01
C GLY C 932 -21.27 23.52 -61.04
N LYS C 933 -21.62 24.56 -60.29
CA LYS C 933 -20.75 25.16 -59.27
C LYS C 933 -20.61 24.32 -58.00
N ILE C 934 -21.61 23.51 -57.63
CA ILE C 934 -21.46 22.48 -56.59
C ILE C 934 -20.39 21.48 -57.00
N GLN C 935 -20.51 20.93 -58.21
CA GLN C 935 -19.56 19.98 -58.77
C GLN C 935 -18.14 20.56 -58.86
N ASP C 936 -17.99 21.79 -59.35
CA ASP C 936 -16.70 22.47 -59.45
C ASP C 936 -16.07 22.69 -58.06
N SER C 937 -16.81 23.21 -57.08
CA SER C 937 -16.29 23.41 -55.72
C SER C 937 -15.87 22.08 -55.09
N LEU C 938 -16.70 21.04 -55.16
CA LEU C 938 -16.36 19.70 -54.67
C LEU C 938 -15.26 19.01 -55.50
N SER C 939 -14.87 19.55 -56.66
CA SER C 939 -13.67 19.15 -57.41
C SER C 939 -12.43 20.03 -57.13
N SER C 940 -12.52 21.03 -56.25
CA SER C 940 -11.52 22.10 -56.12
C SER C 940 -11.08 22.38 -54.67
N THR C 941 -12.00 22.64 -53.75
CA THR C 941 -11.65 22.89 -52.34
C THR C 941 -11.47 21.58 -51.57
N ALA C 942 -10.58 21.53 -50.58
CA ALA C 942 -10.37 20.32 -49.78
C ALA C 942 -11.32 20.23 -48.57
N SER C 943 -11.29 21.24 -47.69
CA SER C 943 -11.81 21.18 -46.32
C SER C 943 -13.32 21.36 -46.14
N ALA C 944 -14.11 21.44 -47.23
CA ALA C 944 -15.55 21.72 -47.17
C ALA C 944 -16.35 20.68 -46.35
N LEU C 945 -15.99 19.39 -46.46
CA LEU C 945 -16.56 18.31 -45.63
C LEU C 945 -15.91 18.21 -44.24
N GLY C 946 -15.25 19.26 -43.77
CA GLY C 946 -14.60 19.33 -42.46
C GLY C 946 -15.49 18.95 -41.29
N LYS C 947 -16.81 19.20 -41.37
CA LYS C 947 -17.77 18.75 -40.34
C LYS C 947 -17.85 17.23 -40.19
N LEU C 948 -17.71 16.48 -41.29
CA LEU C 948 -17.68 15.02 -41.32
C LEU C 948 -16.29 14.46 -41.05
N GLN C 949 -15.24 15.11 -41.56
CA GLN C 949 -13.87 14.75 -41.26
C GLN C 949 -13.55 14.95 -39.78
N ASP C 950 -14.06 15.98 -39.11
CA ASP C 950 -13.89 16.21 -37.68
C ASP C 950 -14.43 15.07 -36.81
N VAL C 951 -15.52 14.42 -37.23
CA VAL C 951 -16.11 13.28 -36.53
C VAL C 951 -15.23 12.05 -36.69
N VAL C 952 -14.75 11.78 -37.89
CA VAL C 952 -13.79 10.70 -38.15
C VAL C 952 -12.48 10.93 -37.40
N ASN C 953 -11.97 12.17 -37.39
CA ASN C 953 -10.77 12.55 -36.68
C ASN C 953 -10.91 12.39 -35.18
N GLN C 954 -12.03 12.83 -34.58
CA GLN C 954 -12.27 12.69 -33.15
C GLN C 954 -12.36 11.23 -32.69
N ASN C 955 -13.07 10.39 -33.44
CA ASN C 955 -13.21 8.98 -33.10
C ASN C 955 -11.88 8.22 -33.26
N ALA C 956 -11.08 8.54 -34.28
CA ALA C 956 -9.73 8.00 -34.43
C ALA C 956 -8.78 8.47 -33.33
N GLN C 957 -8.78 9.76 -32.97
CA GLN C 957 -7.92 10.29 -31.93
C GLN C 957 -8.27 9.73 -30.54
N ALA C 958 -9.54 9.50 -30.25
CA ALA C 958 -9.98 8.86 -29.00
C ALA C 958 -9.52 7.41 -28.89
N LEU C 959 -9.52 6.65 -29.98
CA LEU C 959 -8.98 5.29 -30.02
C LEU C 959 -7.45 5.26 -29.95
N ASN C 960 -6.76 6.19 -30.59
CA ASN C 960 -5.31 6.29 -30.49
C ASN C 960 -4.89 6.66 -29.06
N THR C 961 -5.61 7.56 -28.40
CA THR C 961 -5.40 7.90 -26.99
C THR C 961 -5.60 6.69 -26.07
N LEU C 962 -6.64 5.89 -26.29
CA LEU C 962 -6.91 4.69 -25.51
C LEU C 962 -5.82 3.62 -25.71
N VAL C 963 -5.35 3.37 -26.92
CA VAL C 963 -4.19 2.49 -27.15
C VAL C 963 -2.93 3.01 -26.48
N LYS C 964 -2.65 4.32 -26.56
CA LYS C 964 -1.47 4.90 -25.91
C LYS C 964 -1.48 4.78 -24.39
N GLN C 965 -2.61 4.83 -23.72
CA GLN C 965 -2.67 4.63 -22.26
C GLN C 965 -2.19 3.25 -21.79
N LEU C 966 -1.98 2.27 -22.66
CA LEU C 966 -1.33 1.01 -22.31
C LEU C 966 0.18 1.13 -22.08
N SER C 967 0.80 2.23 -22.51
CA SER C 967 2.21 2.57 -22.29
C SER C 967 2.49 3.08 -20.89
N SER C 968 1.46 3.53 -20.18
CA SER C 968 1.54 4.15 -18.87
C SER C 968 1.77 3.11 -17.78
N ASN C 969 2.68 3.40 -16.85
CA ASN C 969 2.95 2.53 -15.70
C ASN C 969 1.86 2.62 -14.64
N PHE C 970 1.20 3.76 -14.48
CA PHE C 970 0.30 4.07 -13.37
C PHE C 970 0.94 3.83 -11.99
N GLY C 971 2.27 3.97 -11.91
CA GLY C 971 3.08 3.72 -10.73
C GLY C 971 3.63 2.29 -10.58
N ALA C 972 3.27 1.34 -11.44
CA ALA C 972 3.85 0.00 -11.44
C ALA C 972 5.30 -0.03 -11.95
N ILE C 973 6.05 -1.10 -11.71
CA ILE C 973 7.45 -1.25 -12.17
C ILE C 973 7.60 -1.26 -13.69
N SER C 974 6.54 -1.59 -14.42
CA SER C 974 6.48 -1.61 -15.89
C SER C 974 5.04 -1.39 -16.35
N SER C 975 4.86 -0.96 -17.59
CA SER C 975 3.56 -1.07 -18.28
C SER C 975 3.29 -2.50 -18.78
N VAL C 976 4.33 -3.26 -19.09
CA VAL C 976 4.22 -4.57 -19.72
C VAL C 976 3.85 -5.62 -18.68
N LEU C 977 2.62 -6.14 -18.76
CA LEU C 977 2.06 -7.05 -17.78
C LEU C 977 2.86 -8.36 -17.64
N ASN C 978 3.40 -8.87 -18.75
CA ASN C 978 4.29 -10.04 -18.77
C ASN C 978 5.65 -9.78 -18.10
N ASP C 979 6.20 -8.56 -18.14
CA ASP C 979 7.45 -8.22 -17.45
C ASP C 979 7.25 -8.14 -15.93
N ILE C 980 6.04 -7.88 -15.46
CA ILE C 980 5.70 -7.99 -14.04
C ILE C 980 5.65 -9.47 -13.64
N LEU C 981 4.97 -10.30 -14.43
CA LEU C 981 4.79 -11.73 -14.18
C LEU C 981 6.06 -12.59 -14.41
N SER C 982 6.98 -12.14 -15.26
CA SER C 982 8.27 -12.80 -15.50
C SER C 982 9.29 -12.51 -14.39
N ARG C 983 9.13 -11.40 -13.67
CA ARG C 983 10.09 -10.93 -12.66
C ARG C 983 9.65 -11.12 -11.23
N LEU C 984 8.36 -11.03 -10.93
CA LEU C 984 7.86 -11.03 -9.56
C LEU C 984 7.06 -12.30 -9.25
N ASP C 985 7.14 -12.75 -8.00
CA ASP C 985 6.29 -13.82 -7.46
C ASP C 985 4.83 -13.38 -7.30
N LYS C 986 3.93 -14.30 -6.94
CA LYS C 986 2.49 -14.05 -6.86
C LYS C 986 2.10 -12.83 -6.01
N VAL C 987 2.67 -12.64 -4.82
CA VAL C 987 2.24 -11.55 -3.93
C VAL C 987 2.87 -10.21 -4.30
N GLU C 988 4.10 -10.20 -4.82
CA GLU C 988 4.70 -8.97 -5.37
C GLU C 988 4.03 -8.54 -6.69
N ALA C 989 3.75 -9.47 -7.60
CA ALA C 989 3.09 -9.18 -8.86
C ALA C 989 1.67 -8.63 -8.67
N GLU C 990 0.85 -9.19 -7.77
CA GLU C 990 -0.53 -8.75 -7.58
C GLU C 990 -0.66 -7.29 -7.16
N VAL C 991 0.32 -6.72 -6.45
CA VAL C 991 0.33 -5.30 -6.06
C VAL C 991 0.70 -4.39 -7.23
N GLN C 992 1.54 -4.86 -8.15
CA GLN C 992 1.90 -4.15 -9.38
C GLN C 992 0.80 -4.23 -10.43
N ILE C 993 0.17 -5.40 -10.61
CA ILE C 993 -0.95 -5.59 -11.54
C ILE C 993 -2.15 -4.76 -11.12
N ASP C 994 -2.43 -4.60 -9.83
CA ASP C 994 -3.50 -3.75 -9.31
C ASP C 994 -3.39 -2.28 -9.76
N ARG C 995 -2.17 -1.82 -9.92
CA ARG C 995 -1.87 -0.48 -10.37
C ARG C 995 -2.21 -0.28 -11.85
N LEU C 996 -1.89 -1.27 -12.67
CA LEU C 996 -2.26 -1.32 -14.09
C LEU C 996 -3.77 -1.54 -14.29
N ILE C 997 -4.42 -2.42 -13.53
CA ILE C 997 -5.87 -2.56 -13.58
C ILE C 997 -6.54 -1.23 -13.26
N THR C 998 -6.11 -0.55 -12.20
CA THR C 998 -6.69 0.74 -11.78
C THR C 998 -6.60 1.80 -12.88
N GLY C 999 -5.43 2.00 -13.50
CA GLY C 999 -5.26 3.00 -14.54
C GLY C 999 -5.89 2.66 -15.89
N ARG C 1000 -5.88 1.38 -16.28
CA ARG C 1000 -6.49 0.92 -17.53
C ARG C 1000 -8.01 0.91 -17.46
N LEU C 1001 -8.58 0.54 -16.31
CA LEU C 1001 -10.01 0.63 -16.05
C LEU C 1001 -10.50 2.09 -16.06
N GLN C 1002 -9.72 3.03 -15.50
CA GLN C 1002 -10.00 4.46 -15.57
C GLN C 1002 -9.88 5.07 -16.97
N SER C 1003 -8.96 4.54 -17.78
CA SER C 1003 -8.81 4.90 -19.19
C SER C 1003 -9.99 4.46 -20.04
N LEU C 1004 -10.57 3.27 -19.79
CA LEU C 1004 -11.83 2.87 -20.41
C LEU C 1004 -13.03 3.67 -19.92
N GLN C 1005 -13.16 3.91 -18.61
CA GLN C 1005 -14.27 4.73 -18.09
C GLN C 1005 -14.25 6.15 -18.66
N THR C 1006 -13.06 6.71 -18.92
CA THR C 1006 -12.90 8.00 -19.59
C THR C 1006 -13.28 7.93 -21.06
N TYR C 1007 -12.77 6.95 -21.81
CA TYR C 1007 -13.12 6.76 -23.22
C TYR C 1007 -14.63 6.61 -23.44
N VAL C 1008 -15.29 5.73 -22.67
CA VAL C 1008 -16.71 5.45 -22.79
C VAL C 1008 -17.57 6.65 -22.38
N THR C 1009 -17.20 7.42 -21.35
CA THR C 1009 -17.88 8.66 -21.00
C THR C 1009 -17.76 9.72 -22.11
N GLN C 1010 -16.57 9.91 -22.67
CA GLN C 1010 -16.35 10.82 -23.79
C GLN C 1010 -17.14 10.38 -25.03
N GLN C 1011 -17.21 9.08 -25.34
CA GLN C 1011 -18.00 8.55 -26.45
C GLN C 1011 -19.50 8.65 -26.22
N LEU C 1012 -20.00 8.50 -24.99
CA LEU C 1012 -21.40 8.74 -24.61
C LEU C 1012 -21.78 10.21 -24.75
N ILE C 1013 -20.88 11.13 -24.42
CA ILE C 1013 -21.07 12.56 -24.59
C ILE C 1013 -21.07 12.92 -26.09
N ARG C 1014 -20.17 12.38 -26.92
CA ARG C 1014 -20.16 12.56 -28.38
C ARG C 1014 -21.36 11.94 -29.11
N ALA C 1015 -21.84 10.78 -28.67
CA ALA C 1015 -23.00 10.12 -29.24
C ALA C 1015 -24.25 11.00 -29.15
N ALA C 1016 -24.38 11.83 -28.11
CA ALA C 1016 -25.48 12.77 -27.96
C ALA C 1016 -25.41 13.96 -28.93
N GLU C 1017 -24.20 14.39 -29.34
CA GLU C 1017 -23.97 15.44 -30.36
C GLU C 1017 -24.31 14.93 -31.76
N ILE C 1018 -23.94 13.68 -32.05
CA ILE C 1018 -24.27 12.98 -33.30
C ILE C 1018 -25.75 12.66 -33.39
N ARG C 1019 -26.41 12.41 -32.28
CA ARG C 1019 -27.85 12.14 -32.26
C ARG C 1019 -28.63 13.40 -32.49
N ALA C 1020 -28.27 14.47 -31.85
CA ALA C 1020 -28.86 15.78 -32.13
C ALA C 1020 -28.69 16.21 -33.59
N SER C 1021 -27.52 15.94 -34.18
CA SER C 1021 -27.23 16.22 -35.59
C SER C 1021 -28.01 15.32 -36.56
N ALA C 1022 -28.19 14.04 -36.25
CA ALA C 1022 -29.05 13.12 -37.00
C ALA C 1022 -30.53 13.47 -36.91
N ASN C 1023 -31.02 13.90 -35.74
CA ASN C 1023 -32.40 14.36 -35.55
C ASN C 1023 -32.67 15.63 -36.36
N LEU C 1024 -31.71 16.54 -36.45
CA LEU C 1024 -31.78 17.70 -37.31
C LEU C 1024 -31.79 17.31 -38.79
N ALA C 1025 -30.89 16.42 -39.23
CA ALA C 1025 -30.85 15.93 -40.59
C ALA C 1025 -32.11 15.16 -41.03
N ALA C 1026 -32.75 14.43 -40.12
CA ALA C 1026 -34.04 13.79 -40.34
C ALA C 1026 -35.16 14.81 -40.47
N THR C 1027 -35.10 15.90 -39.71
CA THR C 1027 -36.05 17.00 -39.79
C THR C 1027 -35.89 17.77 -41.08
N LYS C 1028 -34.66 18.02 -41.57
CA LYS C 1028 -34.39 18.59 -42.89
C LYS C 1028 -34.77 17.66 -44.04
N MET C 1029 -34.63 16.35 -43.90
CA MET C 1029 -35.14 15.41 -44.87
C MET C 1029 -36.67 15.51 -44.99
N SER C 1030 -37.40 15.51 -43.88
CA SER C 1030 -38.84 15.72 -43.89
C SER C 1030 -39.25 17.09 -44.42
N GLU C 1031 -38.70 18.19 -43.90
CA GLU C 1031 -39.22 19.53 -44.16
C GLU C 1031 -38.62 20.22 -45.37
N CYS C 1032 -37.42 19.88 -45.80
CA CYS C 1032 -36.76 20.46 -46.97
C CYS C 1032 -36.78 19.56 -48.21
N VAL C 1033 -36.77 18.23 -48.07
CA VAL C 1033 -36.79 17.30 -49.21
C VAL C 1033 -38.20 16.82 -49.52
N LEU C 1034 -38.95 16.37 -48.50
CA LEU C 1034 -40.33 15.88 -48.64
C LEU C 1034 -41.37 17.00 -48.62
N GLY C 1035 -40.94 18.25 -48.42
CA GLY C 1035 -41.78 19.45 -48.37
C GLY C 1035 -41.08 20.70 -48.90
N GLN C 1036 -41.79 21.82 -48.85
CA GLN C 1036 -41.22 23.15 -49.03
C GLN C 1036 -41.37 23.95 -47.73
N SER C 1037 -40.26 24.42 -47.17
CA SER C 1037 -40.28 25.05 -45.86
C SER C 1037 -40.53 26.55 -45.92
N LYS C 1038 -41.44 27.06 -45.08
CA LYS C 1038 -41.61 28.51 -44.85
C LYS C 1038 -40.69 29.05 -43.74
N ARG C 1039 -40.00 28.18 -43.01
CA ARG C 1039 -39.06 28.50 -41.93
C ARG C 1039 -37.80 29.15 -42.49
N VAL C 1040 -37.52 30.39 -42.07
CA VAL C 1040 -36.40 31.18 -42.58
C VAL C 1040 -35.07 30.52 -42.20
N ASP C 1041 -34.14 30.43 -43.15
CA ASP C 1041 -32.81 29.84 -43.03
C ASP C 1041 -32.77 28.37 -42.56
N PHE C 1042 -33.88 27.63 -42.62
CA PHE C 1042 -33.88 26.20 -42.32
C PHE C 1042 -33.35 25.36 -43.49
N CYS C 1043 -33.64 25.80 -44.71
CA CYS C 1043 -33.29 25.10 -45.95
C CYS C 1043 -32.48 26.02 -46.88
N GLY C 1044 -31.34 26.50 -46.42
CA GLY C 1044 -30.45 27.40 -47.16
C GLY C 1044 -30.79 28.88 -47.02
N LYS C 1045 -30.13 29.75 -47.79
CA LYS C 1045 -30.31 31.21 -47.77
C LYS C 1045 -31.11 31.68 -48.97
N GLY C 1046 -32.18 32.44 -48.75
CA GLY C 1046 -33.20 32.75 -49.76
C GLY C 1046 -34.54 32.16 -49.40
N TYR C 1047 -35.51 32.26 -50.29
CA TYR C 1047 -36.81 31.59 -50.12
C TYR C 1047 -36.73 30.17 -50.68
N HIS C 1048 -36.95 29.16 -49.85
CA HIS C 1048 -36.82 27.75 -50.22
C HIS C 1048 -37.73 27.35 -51.36
N LEU C 1049 -37.17 26.67 -52.36
CA LEU C 1049 -37.93 26.02 -53.42
C LEU C 1049 -37.99 24.51 -53.17
N MET C 1050 -36.84 23.86 -53.12
CA MET C 1050 -36.69 22.43 -52.83
C MET C 1050 -35.27 22.08 -52.46
N SER C 1051 -35.07 20.94 -51.81
CA SER C 1051 -33.74 20.42 -51.49
C SER C 1051 -33.57 19.02 -52.03
N PHE C 1052 -32.33 18.66 -52.36
CA PHE C 1052 -31.94 17.35 -52.83
C PHE C 1052 -30.95 16.71 -51.84
N PRO C 1053 -31.23 15.51 -51.31
CA PRO C 1053 -30.30 14.80 -50.45
C PRO C 1053 -29.23 14.11 -51.28
N GLN C 1054 -28.00 14.10 -50.80
CA GLN C 1054 -26.87 13.34 -51.29
C GLN C 1054 -26.22 12.66 -50.09
N SER C 1055 -25.84 11.40 -50.21
CA SER C 1055 -25.16 10.70 -49.14
C SER C 1055 -23.66 11.04 -49.07
N ALA C 1056 -23.11 11.08 -47.86
CA ALA C 1056 -21.69 11.31 -47.62
C ALA C 1056 -21.20 10.34 -46.52
N PRO C 1057 -19.90 10.05 -46.39
CA PRO C 1057 -19.40 9.15 -45.36
C PRO C 1057 -19.76 9.63 -43.95
N HIS C 1058 -20.56 8.84 -43.23
CA HIS C 1058 -21.14 9.18 -41.92
C HIS C 1058 -22.06 10.40 -41.88
N GLY C 1059 -22.59 10.85 -43.01
CA GLY C 1059 -23.34 12.08 -43.09
C GLY C 1059 -24.34 12.12 -44.22
N VAL C 1060 -24.97 13.27 -44.32
CA VAL C 1060 -25.85 13.66 -45.43
C VAL C 1060 -25.44 15.05 -45.88
N VAL C 1061 -25.57 15.28 -47.17
CA VAL C 1061 -25.48 16.59 -47.78
C VAL C 1061 -26.85 16.98 -48.32
N PHE C 1062 -27.33 18.16 -47.99
CA PHE C 1062 -28.49 18.75 -48.65
C PHE C 1062 -28.01 19.82 -49.62
N LEU C 1063 -28.37 19.66 -50.88
CA LEU C 1063 -28.29 20.72 -51.87
C LEU C 1063 -29.62 21.48 -51.84
N HIS C 1064 -29.63 22.65 -51.22
CA HIS C 1064 -30.82 23.47 -51.06
C HIS C 1064 -30.95 24.47 -52.19
N VAL C 1065 -32.09 24.46 -52.89
CA VAL C 1065 -32.41 25.39 -53.96
C VAL C 1065 -33.30 26.49 -53.40
N THR C 1066 -32.92 27.73 -53.59
CA THR C 1066 -33.65 28.90 -53.10
C THR C 1066 -33.82 29.94 -54.20
N TYR C 1067 -34.93 30.65 -54.17
CA TYR C 1067 -35.14 31.88 -54.93
C TYR C 1067 -34.50 33.03 -54.17
N VAL C 1068 -33.55 33.72 -54.79
CA VAL C 1068 -32.95 34.93 -54.24
C VAL C 1068 -33.29 36.13 -55.13
N PRO C 1069 -34.01 37.15 -54.64
CA PRO C 1069 -34.34 38.34 -55.43
C PRO C 1069 -33.12 39.23 -55.71
N ALA C 1070 -32.97 39.72 -56.95
CA ALA C 1070 -31.65 40.06 -57.48
C ALA C 1070 -31.38 41.52 -57.86
N GLN C 1071 -32.29 42.18 -58.57
CA GLN C 1071 -32.02 43.48 -59.23
C GLN C 1071 -33.08 44.51 -58.86
N GLU C 1072 -33.08 44.95 -57.61
CA GLU C 1072 -34.09 45.84 -57.08
C GLU C 1072 -34.02 47.27 -57.61
N LYS C 1073 -35.19 47.88 -57.76
CA LYS C 1073 -35.39 49.28 -58.13
C LYS C 1073 -36.25 49.96 -57.08
N ASN C 1074 -35.98 51.24 -56.84
CA ASN C 1074 -36.78 52.09 -55.96
C ASN C 1074 -38.07 52.53 -56.65
N PHE C 1075 -39.15 52.56 -55.90
CA PHE C 1075 -40.45 53.09 -56.28
C PHE C 1075 -40.97 53.98 -55.16
N THR C 1076 -41.85 54.90 -55.50
CA THR C 1076 -42.72 55.54 -54.51
C THR C 1076 -43.86 54.59 -54.21
N THR C 1077 -44.36 54.56 -52.98
CA THR C 1077 -45.43 53.67 -52.56
C THR C 1077 -46.46 54.38 -51.70
N ALA C 1078 -47.63 53.77 -51.54
CA ALA C 1078 -48.72 54.24 -50.70
C ALA C 1078 -49.44 53.04 -50.06
N PRO C 1079 -50.00 53.18 -48.85
CA PRO C 1079 -50.76 52.12 -48.22
C PRO C 1079 -52.13 51.89 -48.88
N ALA C 1080 -52.74 52.94 -49.43
CA ALA C 1080 -54.06 52.93 -50.04
C ALA C 1080 -54.14 53.93 -51.19
N ILE C 1081 -55.09 53.70 -52.10
CA ILE C 1081 -55.50 54.65 -53.13
C ILE C 1081 -56.86 55.22 -52.74
N CYS C 1082 -57.03 56.52 -52.83
CA CYS C 1082 -58.32 57.18 -52.73
C CYS C 1082 -58.88 57.44 -54.12
N HIS C 1083 -60.14 57.11 -54.37
CA HIS C 1083 -60.79 57.36 -55.66
C HIS C 1083 -62.18 58.01 -55.50
N ASP C 1084 -63.22 57.20 -55.41
CA ASP C 1084 -64.62 57.64 -55.34
C ASP C 1084 -65.02 58.14 -53.93
N GLY C 1085 -64.12 58.85 -53.24
CA GLY C 1085 -64.19 59.12 -51.79
C GLY C 1085 -63.94 57.91 -50.90
N LYS C 1086 -63.68 56.74 -51.51
CA LYS C 1086 -63.43 55.43 -50.90
C LYS C 1086 -61.94 55.10 -50.91
N ALA C 1087 -61.42 54.50 -49.84
CA ALA C 1087 -60.06 53.98 -49.78
C ALA C 1087 -59.95 52.53 -50.29
N HIS C 1088 -59.03 52.28 -51.21
CA HIS C 1088 -58.76 51.00 -51.87
C HIS C 1088 -57.43 50.44 -51.42
N PHE C 1089 -57.36 49.14 -51.17
CA PHE C 1089 -56.17 48.41 -50.72
C PHE C 1089 -55.86 47.27 -51.71
N PRO C 1090 -54.60 46.87 -51.92
CA PRO C 1090 -54.29 45.72 -52.78
C PRO C 1090 -54.90 44.42 -52.26
N ARG C 1091 -55.36 43.54 -53.14
CA ARG C 1091 -55.83 42.26 -52.68
C ARG C 1091 -54.59 41.52 -52.36
N GLU C 1092 -53.83 41.21 -53.39
CA GLU C 1092 -52.50 40.66 -53.25
C GLU C 1092 -51.58 41.69 -53.92
N GLY C 1093 -50.43 42.00 -53.33
CA GLY C 1093 -49.52 42.98 -53.90
C GLY C 1093 -49.35 44.27 -53.09
N VAL C 1094 -48.77 45.26 -53.75
CA VAL C 1094 -48.41 46.56 -53.19
C VAL C 1094 -48.61 47.65 -54.24
N PHE C 1095 -49.06 48.85 -53.87
CA PHE C 1095 -49.12 49.98 -54.78
C PHE C 1095 -47.74 50.60 -54.99
N VAL C 1096 -47.41 50.93 -56.23
CA VAL C 1096 -46.14 51.55 -56.59
C VAL C 1096 -46.32 52.60 -57.66
N SER C 1097 -45.45 53.60 -57.64
CA SER C 1097 -45.34 54.60 -58.69
C SER C 1097 -43.93 54.67 -59.24
N ASN C 1098 -43.84 54.77 -60.56
CA ASN C 1098 -42.63 55.12 -61.30
C ASN C 1098 -42.27 56.62 -61.23
N GLY C 1099 -43.14 57.44 -60.64
CA GLY C 1099 -43.01 58.88 -60.50
C GLY C 1099 -44.16 59.66 -61.12
N THR C 1100 -44.85 59.11 -62.12
CA THR C 1100 -45.98 59.77 -62.79
C THR C 1100 -47.27 58.95 -62.80
N HIS C 1101 -47.16 57.62 -62.82
CA HIS C 1101 -48.28 56.68 -62.87
C HIS C 1101 -48.26 55.73 -61.69
N TRP C 1102 -49.42 55.19 -61.30
CA TRP C 1102 -49.58 54.23 -60.21
C TRP C 1102 -50.05 52.86 -60.71
N PHE C 1103 -49.51 51.81 -60.10
CA PHE C 1103 -49.72 50.40 -60.41
C PHE C 1103 -49.93 49.57 -59.15
N VAL C 1104 -50.41 48.35 -59.29
CA VAL C 1104 -50.23 47.29 -58.29
C VAL C 1104 -49.18 46.31 -58.81
N THR C 1105 -48.25 45.88 -57.96
CA THR C 1105 -47.32 44.79 -58.27
C THR C 1105 -47.42 43.70 -57.21
N GLN C 1106 -47.16 42.45 -57.57
CA GLN C 1106 -46.84 41.42 -56.59
C GLN C 1106 -45.58 41.82 -55.81
N ARG C 1107 -45.49 41.48 -54.55
CA ARG C 1107 -44.41 42.00 -53.74
C ARG C 1107 -43.00 41.50 -53.88
N ASN C 1108 -42.84 40.32 -54.44
CA ASN C 1108 -41.53 39.64 -54.54
C ASN C 1108 -40.89 39.68 -55.93
N PHE C 1109 -41.53 40.37 -56.87
CA PHE C 1109 -41.11 40.47 -58.26
C PHE C 1109 -41.82 41.65 -58.90
N TYR C 1110 -41.10 42.57 -59.54
CA TYR C 1110 -41.73 43.72 -60.17
C TYR C 1110 -42.45 43.31 -61.46
N GLU C 1111 -43.77 43.38 -61.41
CA GLU C 1111 -44.70 43.08 -62.50
C GLU C 1111 -45.92 44.00 -62.39
N PRO C 1112 -45.82 45.25 -62.89
CA PRO C 1112 -46.81 46.29 -62.64
C PRO C 1112 -48.10 46.13 -63.46
N GLN C 1113 -49.25 46.37 -62.83
CA GLN C 1113 -50.58 46.31 -63.42
C GLN C 1113 -51.38 47.57 -63.15
N ILE C 1114 -52.24 47.98 -64.07
CA ILE C 1114 -53.21 49.07 -63.85
C ILE C 1114 -54.05 48.78 -62.60
N ILE C 1115 -54.27 49.78 -61.76
CA ILE C 1115 -55.07 49.63 -60.53
C ILE C 1115 -56.55 49.52 -60.91
N THR C 1116 -57.18 48.38 -60.57
CA THR C 1116 -58.58 48.10 -60.93
C THR C 1116 -59.37 47.65 -59.72
N THR C 1117 -60.70 47.70 -59.81
CA THR C 1117 -61.62 47.09 -58.83
C THR C 1117 -61.51 45.57 -58.72
N ASP C 1118 -60.75 44.90 -59.60
CA ASP C 1118 -60.39 43.48 -59.51
C ASP C 1118 -59.07 43.24 -58.76
N ASN C 1119 -58.09 44.14 -58.86
CA ASN C 1119 -56.81 44.10 -58.13
C ASN C 1119 -56.91 44.55 -56.67
N THR C 1120 -57.99 45.23 -56.29
CA THR C 1120 -58.11 45.98 -55.04
C THR C 1120 -59.42 45.68 -54.32
N PHE C 1121 -59.47 45.94 -53.01
CA PHE C 1121 -60.69 45.92 -52.22
C PHE C 1121 -60.91 47.26 -51.52
N VAL C 1122 -62.16 47.68 -51.31
CA VAL C 1122 -62.50 48.92 -50.61
C VAL C 1122 -62.60 48.70 -49.09
N SER C 1123 -62.16 49.67 -48.30
CA SER C 1123 -62.58 49.79 -46.90
C SER C 1123 -62.57 51.23 -46.41
N GLY C 1124 -63.74 51.76 -46.07
CA GLY C 1124 -63.92 53.10 -45.52
C GLY C 1124 -63.65 54.24 -46.50
N ASN C 1125 -63.66 55.46 -45.99
CA ASN C 1125 -63.34 56.67 -46.73
C ASN C 1125 -61.86 57.07 -46.53
N CYS C 1126 -61.41 58.06 -47.29
CA CYS C 1126 -59.99 58.46 -47.37
C CYS C 1126 -59.45 59.25 -46.16
N ASP C 1127 -60.24 59.42 -45.10
CA ASP C 1127 -59.88 60.26 -43.94
C ASP C 1127 -58.95 59.58 -42.95
N VAL C 1128 -59.03 58.24 -42.83
CA VAL C 1128 -58.44 57.49 -41.70
C VAL C 1128 -56.99 57.07 -41.96
N VAL C 1129 -56.66 56.73 -43.21
CA VAL C 1129 -55.37 56.12 -43.60
C VAL C 1129 -54.27 57.18 -43.71
N ILE C 1130 -53.22 57.04 -42.91
CA ILE C 1130 -52.02 57.89 -42.97
C ILE C 1130 -51.26 57.61 -44.26
N GLY C 1131 -51.15 58.59 -45.15
CA GLY C 1131 -50.37 58.49 -46.38
C GLY C 1131 -51.10 57.97 -47.62
N ILE C 1132 -52.43 57.86 -47.60
CA ILE C 1132 -53.26 57.57 -48.77
C ILE C 1132 -53.06 58.61 -49.89
N VAL C 1133 -53.05 58.17 -51.15
CA VAL C 1133 -52.84 59.02 -52.33
C VAL C 1133 -54.05 58.97 -53.27
N ASN C 1134 -54.32 60.03 -54.01
CA ASN C 1134 -55.37 60.01 -55.02
C ASN C 1134 -54.90 59.37 -56.34
N ASN C 1135 -55.68 58.45 -56.89
CA ASN C 1135 -55.50 57.93 -58.25
C ASN C 1135 -56.83 57.41 -58.78
N THR C 1136 -56.99 57.28 -60.09
CA THR C 1136 -58.11 56.53 -60.66
C THR C 1136 -58.01 55.04 -60.31
N VAL C 1137 -59.13 54.39 -60.03
CA VAL C 1137 -59.24 52.93 -59.95
C VAL C 1137 -60.21 52.50 -61.02
N TYR C 1138 -59.73 51.73 -61.99
CA TYR C 1138 -60.49 51.34 -63.17
C TYR C 1138 -61.52 50.26 -62.85
N ASP C 1139 -62.74 50.39 -63.34
CA ASP C 1139 -63.75 49.33 -63.32
C ASP C 1139 -63.85 48.71 -64.72
N PRO C 1140 -63.37 47.47 -64.94
CA PRO C 1140 -63.38 46.88 -66.28
C PRO C 1140 -64.79 46.56 -66.81
N LEU C 1141 -65.81 46.57 -65.94
CA LEU C 1141 -67.21 46.49 -66.37
C LEU C 1141 -67.69 47.83 -66.95
N GLN C 1142 -67.03 48.96 -66.63
CA GLN C 1142 -67.42 50.28 -67.12
C GLN C 1142 -67.31 50.39 -68.65
N PRO C 1143 -66.15 50.24 -69.33
CA PRO C 1143 -66.08 50.36 -70.79
C PRO C 1143 -66.82 49.24 -71.53
N GLU C 1144 -66.96 48.07 -70.90
CA GLU C 1144 -67.82 46.98 -71.37
C GLU C 1144 -69.31 47.38 -71.43
N LEU C 1145 -69.73 48.41 -70.68
CA LEU C 1145 -71.07 49.01 -70.73
C LEU C 1145 -71.07 50.45 -71.30
N ASP C 1146 -69.92 51.11 -71.44
CA ASP C 1146 -69.76 52.43 -72.07
C ASP C 1146 -69.75 52.30 -73.60
N SER C 1147 -68.99 51.33 -74.15
CA SER C 1147 -69.10 50.92 -75.56
C SER C 1147 -70.47 50.29 -75.89
N PHE C 1148 -71.14 49.69 -74.89
CA PHE C 1148 -72.52 49.23 -75.00
C PHE C 1148 -73.51 50.41 -75.02
N LYS C 1149 -73.27 51.48 -74.25
CA LYS C 1149 -74.03 52.75 -74.28
C LYS C 1149 -73.97 53.41 -75.68
N GLU C 1150 -72.88 53.28 -76.42
CA GLU C 1150 -72.80 53.71 -77.83
C GLU C 1150 -73.49 52.74 -78.82
N GLU C 1151 -73.51 51.43 -78.54
CA GLU C 1151 -74.32 50.45 -79.28
C GLU C 1151 -75.83 50.77 -79.20
N LEU C 1152 -76.37 51.16 -78.04
CA LEU C 1152 -77.79 51.59 -77.95
C LEU C 1152 -78.03 52.86 -78.79
N ASP C 1153 -77.19 53.89 -78.63
CA ASP C 1153 -77.36 55.15 -79.36
C ASP C 1153 -77.34 54.95 -80.88
N LYS C 1154 -76.44 54.14 -81.44
CA LYS C 1154 -76.45 53.89 -82.90
C LYS C 1154 -77.71 53.13 -83.36
N TYR C 1155 -78.26 52.21 -82.56
CA TYR C 1155 -79.56 51.63 -82.86
C TYR C 1155 -80.70 52.66 -82.76
N PHE C 1156 -80.73 53.50 -81.71
CA PHE C 1156 -81.77 54.52 -81.55
C PHE C 1156 -81.73 55.57 -82.67
N LYS C 1157 -80.55 56.09 -83.00
CA LYS C 1157 -80.39 57.08 -84.07
C LYS C 1157 -80.70 56.50 -85.45
N ASN C 1158 -80.33 55.25 -85.77
CA ASN C 1158 -80.78 54.61 -87.01
C ASN C 1158 -82.31 54.44 -87.07
N HIS C 1159 -82.93 54.07 -85.95
CA HIS C 1159 -84.39 53.99 -85.80
C HIS C 1159 -85.11 55.37 -85.75
N THR C 1160 -84.42 56.50 -85.98
CA THR C 1160 -85.09 57.78 -86.32
C THR C 1160 -85.64 57.78 -87.75
N SER C 1161 -85.10 56.93 -88.65
CA SER C 1161 -85.45 56.90 -90.08
C SER C 1161 -86.92 56.55 -90.42
N PRO C 1162 -87.64 55.61 -89.75
CA PRO C 1162 -89.04 55.34 -90.07
C PRO C 1162 -89.95 56.51 -89.66
N GLN D 1 -9.71 -38.59 34.99
CA GLN D 1 -10.06 -39.96 35.47
C GLN D 1 -9.31 -41.03 34.65
N VAL D 2 -7.97 -40.98 34.57
CA VAL D 2 -7.18 -42.05 33.90
C VAL D 2 -7.13 -43.29 34.79
N GLN D 3 -7.66 -44.41 34.30
CA GLN D 3 -7.68 -45.68 35.01
C GLN D 3 -6.95 -46.75 34.18
N LEU D 4 -5.92 -47.35 34.78
CA LEU D 4 -5.09 -48.38 34.17
C LEU D 4 -5.26 -49.71 34.93
N VAL D 5 -5.71 -50.74 34.23
CA VAL D 5 -6.11 -52.04 34.80
C VAL D 5 -5.27 -53.16 34.18
N GLN D 6 -5.01 -54.23 34.92
CA GLN D 6 -4.21 -55.37 34.44
C GLN D 6 -4.94 -56.70 34.68
N SER D 7 -4.54 -57.75 33.96
CA SER D 7 -4.97 -59.13 34.25
C SER D 7 -4.59 -59.57 35.67
N GLY D 8 -5.43 -60.42 36.28
CA GLY D 8 -5.21 -60.98 37.63
C GLY D 8 -4.01 -61.95 37.71
N ALA D 9 -3.82 -62.55 38.89
CA ALA D 9 -2.68 -63.44 39.16
C ALA D 9 -2.58 -64.64 38.20
N GLU D 10 -1.35 -65.08 37.93
CA GLU D 10 -1.02 -66.17 36.99
C GLU D 10 -0.08 -67.17 37.67
N VAL D 11 -0.32 -68.46 37.47
CA VAL D 11 0.46 -69.56 38.07
C VAL D 11 1.05 -70.42 36.95
N LYS D 12 2.39 -70.47 36.84
CA LYS D 12 3.11 -71.03 35.68
C LYS D 12 4.28 -71.93 36.08
N LYS D 13 4.65 -72.85 35.17
CA LYS D 13 5.84 -73.71 35.31
C LYS D 13 7.11 -72.99 34.79
N PRO D 14 8.31 -73.31 35.30
CA PRO D 14 9.56 -72.97 34.62
C PRO D 14 9.57 -73.46 33.16
N GLY D 15 10.23 -72.71 32.28
CA GLY D 15 10.29 -72.96 30.83
C GLY D 15 9.01 -72.62 30.05
N ALA D 16 7.88 -72.34 30.71
CA ALA D 16 6.61 -72.00 30.07
C ALA D 16 6.54 -70.52 29.61
N SER D 17 5.33 -70.02 29.34
CA SER D 17 5.07 -68.63 28.95
C SER D 17 3.85 -68.04 29.69
N VAL D 18 3.84 -66.72 29.89
CA VAL D 18 2.73 -65.97 30.52
C VAL D 18 2.43 -64.68 29.75
N LYS D 19 1.14 -64.39 29.53
CA LYS D 19 0.68 -63.16 28.87
C LYS D 19 -0.11 -62.29 29.85
N VAL D 20 0.36 -61.08 30.08
CA VAL D 20 -0.22 -60.10 31.02
C VAL D 20 -0.78 -58.93 30.23
N SER D 21 -2.03 -58.56 30.49
CA SER D 21 -2.71 -57.45 29.79
C SER D 21 -2.69 -56.15 30.60
N CYS D 22 -2.96 -55.06 29.91
CA CYS D 22 -2.93 -53.68 30.38
C CYS D 22 -4.04 -52.88 29.68
N LYS D 23 -5.24 -52.85 30.25
CA LYS D 23 -6.40 -52.10 29.74
C LYS D 23 -6.30 -50.64 30.15
N ALA D 24 -6.18 -49.75 29.16
CA ALA D 24 -6.23 -48.32 29.35
C ALA D 24 -7.68 -47.79 29.35
N SER D 25 -7.92 -46.70 30.08
CA SER D 25 -9.18 -45.95 30.03
C SER D 25 -9.00 -44.52 30.58
N GLY D 26 -9.96 -43.64 30.27
CA GLY D 26 -9.96 -42.23 30.65
C GLY D 26 -9.18 -41.29 29.73
N TYR D 27 -8.45 -41.83 28.73
CA TYR D 27 -7.67 -41.07 27.74
C TYR D 27 -7.52 -41.84 26.43
N THR D 28 -7.10 -41.15 25.37
CA THR D 28 -6.79 -41.72 24.05
C THR D 28 -5.51 -42.58 24.11
N PHE D 29 -5.66 -43.90 24.03
CA PHE D 29 -4.58 -44.88 24.13
C PHE D 29 -3.41 -44.62 23.18
N THR D 30 -3.68 -44.20 21.93
CA THR D 30 -2.67 -43.87 20.91
C THR D 30 -1.92 -42.53 21.13
N GLY D 31 -2.08 -41.87 22.28
CA GLY D 31 -1.48 -40.57 22.56
C GLY D 31 -0.04 -40.59 23.12
N THR D 32 0.40 -41.69 23.75
CA THR D 32 1.67 -41.76 24.48
C THR D 32 2.19 -43.19 24.63
N TYR D 33 3.48 -43.39 24.92
CA TYR D 33 4.07 -44.73 25.11
C TYR D 33 3.55 -45.44 26.36
N ILE D 34 3.52 -46.78 26.29
CA ILE D 34 3.35 -47.68 27.43
C ILE D 34 4.71 -48.35 27.72
N HIS D 35 5.12 -48.30 28.97
CA HIS D 35 6.31 -48.96 29.49
C HIS D 35 5.93 -50.09 30.44
N TRP D 36 6.65 -51.21 30.36
CA TRP D 36 6.53 -52.33 31.29
C TRP D 36 7.70 -52.36 32.29
N VAL D 37 7.38 -52.64 33.55
CA VAL D 37 8.31 -52.76 34.69
C VAL D 37 7.91 -53.98 35.53
N ARG D 38 8.86 -54.62 36.28
CA ARG D 38 8.60 -55.71 37.26
C ARG D 38 9.44 -55.63 38.59
N GLN D 39 8.80 -55.73 39.78
CA GLN D 39 9.42 -55.71 41.10
C GLN D 39 9.33 -57.12 41.71
N ALA D 40 10.47 -57.78 41.86
CA ALA D 40 10.56 -59.04 42.60
C ALA D 40 10.36 -58.81 44.13
N PRO D 41 9.86 -59.80 44.88
CA PRO D 41 9.48 -59.60 46.29
C PRO D 41 10.69 -59.24 47.15
N GLY D 42 10.67 -58.04 47.74
CA GLY D 42 11.79 -57.49 48.52
C GLY D 42 12.98 -57.01 47.69
N GLN D 43 12.74 -56.49 46.47
CA GLN D 43 13.77 -56.04 45.53
C GLN D 43 13.40 -54.72 44.83
N GLY D 44 14.37 -54.11 44.14
CA GLY D 44 14.20 -52.88 43.37
C GLY D 44 13.43 -53.05 42.05
N LEU D 45 12.95 -51.93 41.50
CA LEU D 45 12.25 -51.88 40.21
C LEU D 45 13.15 -52.29 39.03
N GLU D 46 12.57 -52.97 38.06
CA GLU D 46 13.27 -53.51 36.89
C GLU D 46 12.46 -53.28 35.62
N TRP D 47 12.87 -52.29 34.82
CA TRP D 47 12.26 -51.99 33.52
C TRP D 47 12.72 -52.99 32.46
N MET D 48 11.85 -53.31 31.48
CA MET D 48 12.22 -54.21 30.39
C MET D 48 11.69 -53.89 29.01
N GLY D 49 10.63 -53.09 28.88
CA GLY D 49 9.87 -53.06 27.64
C GLY D 49 9.19 -51.72 27.39
N TRP D 50 9.12 -51.27 26.13
CA TRP D 50 8.29 -50.08 25.84
C TRP D 50 7.66 -50.20 24.46
N ILE D 51 6.39 -49.82 24.36
CA ILE D 51 5.71 -49.95 23.10
C ILE D 51 4.74 -48.82 22.77
N ASN D 52 4.97 -48.21 21.62
CA ASN D 52 4.17 -47.10 21.12
C ASN D 52 2.76 -47.62 20.72
N PRO D 53 1.69 -47.41 21.49
CA PRO D 53 0.33 -47.83 21.15
C PRO D 53 -0.22 -47.31 19.81
N ASN D 54 0.34 -46.24 19.24
CA ASN D 54 -0.05 -45.74 17.92
C ASN D 54 0.68 -46.51 16.80
N SER D 55 2.01 -46.63 16.91
CA SER D 55 2.88 -47.17 15.86
C SER D 55 3.03 -48.70 15.89
N GLY D 56 3.05 -49.32 17.07
CA GLY D 56 3.53 -50.70 17.27
C GLY D 56 5.05 -50.84 17.30
N GLY D 57 5.81 -49.77 17.03
CA GLY D 57 7.23 -49.69 17.33
C GLY D 57 7.51 -50.06 18.79
N THR D 58 8.53 -50.89 18.98
CA THR D 58 8.80 -51.61 20.24
C THR D 58 10.31 -51.63 20.54
N ASN D 59 10.69 -51.58 21.81
CA ASN D 59 12.09 -51.60 22.27
C ASN D 59 12.22 -52.29 23.65
N PHE D 60 13.42 -52.72 24.03
CA PHE D 60 13.63 -53.56 25.22
C PHE D 60 14.89 -53.22 26.02
N ALA D 61 14.91 -53.63 27.29
CA ALA D 61 16.15 -53.84 28.03
C ALA D 61 16.82 -55.15 27.57
N GLN D 62 18.15 -55.12 27.40
CA GLN D 62 18.94 -56.15 26.71
C GLN D 62 18.67 -57.59 27.19
N ILE D 63 18.59 -57.81 28.50
CA ILE D 63 18.42 -59.16 29.09
C ILE D 63 17.02 -59.78 28.88
N PHE D 64 16.05 -59.04 28.33
CA PHE D 64 14.72 -59.54 27.98
C PHE D 64 14.51 -59.73 26.46
N GLN D 65 15.45 -59.28 25.63
CA GLN D 65 15.39 -59.48 24.18
C GLN D 65 15.25 -60.98 23.84
N GLY D 66 14.37 -61.29 22.89
CA GLY D 66 14.03 -62.66 22.50
C GLY D 66 13.18 -63.46 23.51
N ARG D 67 12.99 -62.91 24.71
CA ARG D 67 12.16 -63.56 25.71
C ARG D 67 10.78 -62.92 25.80
N VAL D 68 10.75 -61.58 25.79
CA VAL D 68 9.51 -60.80 25.89
C VAL D 68 9.04 -60.30 24.52
N THR D 69 7.75 -60.46 24.26
CA THR D 69 7.03 -59.84 23.14
C THR D 69 6.06 -58.80 23.71
N LEU D 70 6.10 -57.56 23.21
CA LEU D 70 5.12 -56.51 23.53
C LEU D 70 4.21 -56.28 22.31
N THR D 71 2.91 -56.14 22.55
CA THR D 71 1.90 -55.95 21.50
C THR D 71 0.72 -55.09 21.98
N ARG D 72 -0.12 -54.66 21.04
CA ARG D 72 -1.22 -53.79 21.40
C ARG D 72 -2.45 -53.89 20.50
N ASP D 73 -3.59 -53.71 21.14
CA ASP D 73 -4.93 -53.77 20.54
C ASP D 73 -5.58 -52.38 20.64
N THR D 74 -5.39 -51.55 19.61
CA THR D 74 -5.93 -50.17 19.60
C THR D 74 -7.46 -50.13 19.62
N SER D 75 -8.11 -51.09 18.95
CA SER D 75 -9.57 -51.29 18.98
C SER D 75 -10.12 -51.50 20.41
N ILE D 76 -9.39 -52.22 21.26
CA ILE D 76 -9.79 -52.53 22.65
C ILE D 76 -8.97 -51.71 23.69
N SER D 77 -8.20 -50.71 23.25
CA SER D 77 -7.37 -49.84 24.11
C SER D 77 -6.49 -50.62 25.12
N THR D 78 -5.93 -51.75 24.69
CA THR D 78 -5.22 -52.68 25.57
C THR D 78 -3.81 -52.97 25.07
N ALA D 79 -2.81 -52.76 25.92
CA ALA D 79 -1.44 -53.26 25.72
C ALA D 79 -1.25 -54.64 26.34
N TYR D 80 -0.34 -55.45 25.81
CA TYR D 80 0.00 -56.77 26.35
C TYR D 80 1.51 -56.97 26.36
N MET D 81 2.03 -57.64 27.38
CA MET D 81 3.32 -58.32 27.33
C MET D 81 3.10 -59.84 27.35
N ASP D 82 3.84 -60.57 26.52
CA ASP D 82 3.82 -62.02 26.41
C ASP D 82 5.26 -62.51 26.60
N LEU D 83 5.52 -63.21 27.71
CA LEU D 83 6.87 -63.55 28.19
C LEU D 83 7.12 -65.06 28.11
N ASN D 84 8.14 -65.48 27.34
CA ASN D 84 8.47 -66.88 27.06
C ASN D 84 9.74 -67.36 27.81
N ARG D 85 9.77 -68.73 28.00
CA ARG D 85 10.79 -69.60 28.59
C ARG D 85 11.18 -69.15 29.95
N LEU D 86 10.10 -68.98 30.75
CA LEU D 86 10.05 -68.42 32.11
C LEU D 86 11.11 -69.04 33.03
N LYS D 87 11.99 -68.19 33.56
CA LYS D 87 13.00 -68.54 34.58
C LYS D 87 12.36 -68.49 35.97
N SER D 88 12.93 -69.18 36.95
CA SER D 88 12.39 -69.20 38.31
C SER D 88 12.30 -67.78 38.92
N ASP D 89 13.31 -66.94 38.67
CA ASP D 89 13.35 -65.53 39.08
C ASP D 89 12.52 -64.57 38.19
N ASP D 90 11.76 -65.07 37.20
CA ASP D 90 10.66 -64.31 36.58
C ASP D 90 9.41 -64.21 37.50
N THR D 91 9.40 -64.90 38.64
CA THR D 91 8.42 -64.67 39.72
C THR D 91 8.55 -63.25 40.28
N ALA D 92 7.59 -62.38 40.00
CA ALA D 92 7.60 -60.96 40.39
C ALA D 92 6.21 -60.32 40.28
N VAL D 93 6.04 -59.13 40.86
CA VAL D 93 4.92 -58.24 40.54
C VAL D 93 5.27 -57.49 39.26
N TYR D 94 4.39 -57.52 38.24
CA TYR D 94 4.58 -56.83 36.96
C TYR D 94 3.59 -55.68 36.83
N TYR D 95 4.04 -54.58 36.26
CA TYR D 95 3.27 -53.36 36.02
C TYR D 95 3.40 -52.91 34.58
N CYS D 96 2.31 -52.41 34.00
CA CYS D 96 2.38 -51.44 32.92
C CYS D 96 2.20 -50.04 33.49
N ALA D 97 2.87 -49.05 32.90
CA ALA D 97 2.80 -47.66 33.30
C ALA D 97 2.94 -46.72 32.09
N ARG D 98 2.36 -45.53 32.22
CA ARG D 98 2.31 -44.58 31.11
C ARG D 98 3.30 -43.44 31.07
N ASP D 99 3.80 -43.20 29.86
CA ASP D 99 4.72 -42.10 29.54
C ASP D 99 3.98 -40.74 29.49
N ARG D 100 4.69 -39.66 29.80
CA ARG D 100 4.06 -38.34 29.92
C ARG D 100 3.35 -37.64 28.75
N VAL D 101 2.03 -37.45 28.88
CA VAL D 101 1.27 -36.65 27.91
C VAL D 101 1.60 -35.15 27.94
N LEU D 102 1.88 -34.56 29.10
CA LEU D 102 1.94 -33.09 29.32
C LEU D 102 3.25 -32.65 29.99
N TYR D 103 3.76 -31.49 29.56
CA TYR D 103 4.90 -30.73 30.13
C TYR D 103 5.99 -31.60 30.76
N GLY D 104 6.62 -32.42 29.93
CA GLY D 104 7.94 -33.04 30.16
C GLY D 104 8.99 -32.51 29.17
N ARG D 105 9.86 -33.44 28.79
CA ARG D 105 10.87 -33.34 27.73
C ARG D 105 10.39 -34.37 26.66
N SER D 106 10.86 -34.26 25.41
CA SER D 106 10.35 -35.16 24.35
C SER D 106 10.92 -36.58 24.40
N PHE D 107 12.09 -36.75 24.99
CA PHE D 107 12.65 -38.01 25.45
C PHE D 107 12.70 -37.97 26.98
N GLY D 108 12.25 -39.03 27.66
CA GLY D 108 12.24 -39.03 29.13
C GLY D 108 11.63 -40.23 29.84
N TRP D 109 10.79 -40.97 29.11
CA TRP D 109 10.18 -42.24 29.50
C TRP D 109 9.14 -42.08 30.61
N TYR D 110 9.55 -41.69 31.82
CA TYR D 110 8.69 -41.41 32.98
C TYR D 110 7.75 -42.58 33.35
N PHE D 111 6.98 -42.43 34.42
CA PHE D 111 5.88 -43.35 34.76
C PHE D 111 4.78 -42.59 35.55
N ASP D 112 3.96 -41.82 34.84
CA ASP D 112 2.97 -40.90 35.44
C ASP D 112 1.86 -41.62 36.22
N VAL D 113 1.44 -42.78 35.73
CA VAL D 113 0.44 -43.65 36.36
C VAL D 113 0.80 -45.12 36.08
N TRP D 114 0.52 -45.98 37.05
CA TRP D 114 0.86 -47.41 37.06
C TRP D 114 -0.41 -48.23 37.26
N GLY D 115 -0.50 -49.38 36.60
CA GLY D 115 -1.62 -50.31 36.75
C GLY D 115 -1.69 -50.94 38.15
N ALA D 116 -2.75 -51.70 38.41
CA ALA D 116 -2.98 -52.36 39.70
C ALA D 116 -1.92 -53.41 40.11
N GLY D 117 -1.02 -53.80 39.19
CA GLY D 117 -0.01 -54.82 39.39
C GLY D 117 -0.54 -56.25 39.18
N THR D 118 0.26 -57.09 38.51
CA THR D 118 -0.04 -58.51 38.28
C THR D 118 1.00 -59.37 38.98
N THR D 119 0.57 -60.23 39.91
CA THR D 119 1.45 -61.07 40.73
C THR D 119 1.68 -62.45 40.08
N VAL D 120 2.48 -62.52 39.00
CA VAL D 120 2.77 -63.82 38.35
C VAL D 120 3.73 -64.68 39.18
N THR D 121 3.41 -65.97 39.33
CA THR D 121 4.19 -66.92 40.13
C THR D 121 4.70 -68.05 39.24
N VAL D 122 6.02 -68.27 39.20
CA VAL D 122 6.66 -69.36 38.46
C VAL D 122 7.21 -70.40 39.44
N SER D 123 6.75 -71.66 39.37
CA SER D 123 7.25 -72.76 40.22
C SER D 123 6.99 -74.15 39.61
N SER D 124 7.79 -75.15 39.99
CA SER D 124 7.56 -76.55 39.62
C SER D 124 6.42 -77.20 40.42
N ALA D 125 6.07 -76.63 41.58
CA ALA D 125 4.95 -77.08 42.41
C ALA D 125 3.58 -76.76 41.77
N SER D 126 2.61 -77.66 41.94
CA SER D 126 1.19 -77.40 41.68
C SER D 126 0.46 -76.92 42.93
N THR D 127 -0.79 -76.48 42.80
CA THR D 127 -1.63 -75.93 43.88
C THR D 127 -1.75 -76.90 45.07
N LYS D 128 -1.53 -76.38 46.29
CA LYS D 128 -1.65 -77.13 47.55
C LYS D 128 -2.39 -76.30 48.60
N GLY D 129 -3.43 -76.87 49.21
CA GLY D 129 -4.22 -76.19 50.24
C GLY D 129 -3.53 -76.23 51.62
N PRO D 130 -3.63 -75.17 52.43
CA PRO D 130 -2.86 -75.04 53.66
C PRO D 130 -3.22 -76.07 54.73
N SER D 131 -2.22 -76.46 55.52
CA SER D 131 -2.35 -77.09 56.83
C SER D 131 -2.02 -76.05 57.91
N VAL D 132 -2.82 -75.94 58.97
CA VAL D 132 -2.64 -74.93 60.02
C VAL D 132 -2.68 -75.53 61.43
N PHE D 133 -1.76 -75.08 62.28
CA PHE D 133 -1.46 -75.62 63.60
C PHE D 133 -1.66 -74.58 64.72
N PRO D 134 -2.05 -74.97 65.95
CA PRO D 134 -2.15 -74.06 67.08
C PRO D 134 -0.78 -73.74 67.69
N LEU D 135 -0.56 -72.47 68.03
CA LEU D 135 0.56 -72.00 68.83
C LEU D 135 0.09 -71.56 70.21
N ALA D 136 0.68 -72.14 71.25
CA ALA D 136 0.42 -71.85 72.66
C ALA D 136 1.63 -72.26 73.53
N PRO D 137 1.83 -71.65 74.71
CA PRO D 137 3.00 -71.89 75.56
C PRO D 137 2.98 -73.26 76.28
N CYS D 138 4.06 -73.56 77.02
CA CYS D 138 4.20 -74.79 77.81
C CYS D 138 3.17 -74.83 78.97
N SER D 139 2.19 -75.72 78.85
CA SER D 139 0.96 -75.80 79.68
C SER D 139 0.25 -74.43 79.82
N ARG D 140 0.20 -73.86 81.03
CA ARG D 140 -0.38 -72.54 81.37
C ARG D 140 0.42 -71.77 82.43
N SER D 141 1.23 -72.45 83.24
CA SER D 141 1.99 -71.82 84.34
C SER D 141 3.27 -71.11 83.87
N THR D 142 3.78 -71.41 82.68
CA THR D 142 5.01 -70.79 82.13
C THR D 142 4.76 -69.40 81.54
N SER D 143 3.56 -69.13 81.04
CA SER D 143 3.08 -67.78 80.70
C SER D 143 2.80 -66.94 81.95
N GLU D 144 3.17 -65.66 81.92
CA GLU D 144 2.98 -64.71 83.03
C GLU D 144 2.49 -63.34 82.56
N SER D 145 1.56 -62.73 83.32
CA SER D 145 0.90 -61.43 83.09
C SER D 145 0.10 -61.32 81.78
N THR D 146 0.79 -61.29 80.64
CA THR D 146 0.24 -61.11 79.29
C THR D 146 0.87 -62.12 78.33
N ALA D 147 0.05 -62.78 77.53
CA ALA D 147 0.41 -63.93 76.71
C ALA D 147 0.30 -63.63 75.19
N ALA D 148 0.67 -64.63 74.39
CA ALA D 148 0.41 -64.67 72.95
C ALA D 148 0.05 -66.09 72.52
N LEU D 149 -0.79 -66.20 71.49
CA LEU D 149 -1.25 -67.48 70.90
C LEU D 149 -1.43 -67.32 69.38
N GLY D 150 -1.45 -68.41 68.63
CA GLY D 150 -1.32 -68.28 67.17
C GLY D 150 -1.74 -69.45 66.29
N CYS D 151 -1.55 -69.21 64.99
CA CYS D 151 -1.89 -70.07 63.88
C CYS D 151 -0.71 -70.13 62.90
N LEU D 152 0.12 -71.16 63.08
CA LEU D 152 1.20 -71.49 62.15
C LEU D 152 0.61 -72.16 60.90
N VAL D 153 0.87 -71.59 59.74
CA VAL D 153 0.36 -72.05 58.44
C VAL D 153 1.51 -72.66 57.64
N LYS D 154 1.32 -73.88 57.14
CA LYS D 154 2.36 -74.69 56.48
C LYS D 154 1.88 -75.26 55.16
N ASP D 155 2.90 -75.58 54.35
CA ASP D 155 2.80 -76.20 53.03
C ASP D 155 1.61 -75.82 52.15
N TYR D 156 1.53 -74.57 51.70
CA TYR D 156 0.43 -74.17 50.82
C TYR D 156 1.06 -73.45 49.64
N PHE D 157 0.64 -73.72 48.41
CA PHE D 157 1.33 -72.99 47.32
C PHE D 157 0.73 -71.81 46.62
N PRO D 158 -0.54 -71.83 46.31
CA PRO D 158 -1.05 -70.67 45.60
C PRO D 158 -1.08 -69.53 46.56
N GLU D 159 0.04 -68.81 46.51
CA GLU D 159 0.38 -67.63 47.32
C GLU D 159 -0.56 -67.12 48.44
N PRO D 160 -1.34 -66.08 48.12
CA PRO D 160 -2.31 -65.28 48.89
C PRO D 160 -3.26 -65.94 49.91
N VAL D 161 -2.73 -66.51 50.99
CA VAL D 161 -3.58 -67.13 52.01
C VAL D 161 -3.97 -66.06 53.03
N THR D 162 -5.22 -66.07 53.48
CA THR D 162 -5.65 -65.04 54.46
C THR D 162 -6.03 -65.68 55.80
N VAL D 163 -5.52 -65.13 56.90
CA VAL D 163 -5.81 -65.57 58.28
C VAL D 163 -6.66 -64.52 59.01
N SER D 164 -7.75 -64.95 59.64
CA SER D 164 -8.67 -64.09 60.40
C SER D 164 -9.00 -64.69 61.76
N TRP D 165 -9.26 -63.86 62.77
CA TRP D 165 -9.51 -64.28 64.16
C TRP D 165 -10.95 -63.97 64.61
N ASN D 166 -11.67 -64.98 65.10
CA ASN D 166 -13.12 -64.97 65.35
C ASN D 166 -13.92 -64.36 64.19
N SER D 167 -13.60 -64.74 62.94
CA SER D 167 -14.18 -64.20 61.70
C SER D 167 -14.08 -62.66 61.57
N GLY D 168 -13.08 -62.05 62.21
CA GLY D 168 -12.87 -60.60 62.23
C GLY D 168 -13.48 -59.89 63.45
N ALA D 169 -13.96 -60.61 64.46
CA ALA D 169 -14.41 -60.00 65.72
C ALA D 169 -13.26 -59.55 66.63
N LEU D 170 -12.06 -60.14 66.51
CA LEU D 170 -10.85 -59.72 67.23
C LEU D 170 -9.80 -59.18 66.23
N THR D 171 -9.44 -57.90 66.35
CA THR D 171 -8.63 -57.18 65.34
C THR D 171 -7.64 -56.16 65.93
N SER D 172 -7.40 -56.21 67.24
CA SER D 172 -6.38 -55.43 67.95
C SER D 172 -5.45 -56.36 68.74
N GLY D 173 -4.15 -56.03 68.79
CA GLY D 173 -3.13 -56.92 69.37
C GLY D 173 -2.74 -58.12 68.49
N VAL D 174 -3.20 -58.16 67.23
CA VAL D 174 -2.93 -59.21 66.24
C VAL D 174 -1.85 -58.79 65.24
N HIS D 175 -0.97 -59.73 64.88
CA HIS D 175 -0.03 -59.62 63.75
C HIS D 175 -0.10 -60.86 62.86
N THR D 176 -0.01 -60.68 61.54
CA THR D 176 0.20 -61.77 60.58
C THR D 176 1.46 -61.48 59.76
N PHE D 177 2.43 -62.41 59.79
CA PHE D 177 3.76 -62.16 59.25
C PHE D 177 3.83 -62.43 57.74
N PRO D 178 4.61 -61.65 56.96
CA PRO D 178 4.86 -61.94 55.55
C PRO D 178 5.37 -63.36 55.32
N ALA D 179 4.80 -64.08 54.36
CA ALA D 179 5.14 -65.48 54.09
C ALA D 179 6.59 -65.68 53.63
N VAL D 180 7.11 -66.89 53.89
CA VAL D 180 8.45 -67.37 53.51
C VAL D 180 8.32 -68.61 52.63
N LEU D 181 9.29 -68.83 51.75
CA LEU D 181 9.32 -69.95 50.82
C LEU D 181 10.22 -71.08 51.34
N GLN D 182 9.68 -72.29 51.46
CA GLN D 182 10.40 -73.50 51.87
C GLN D 182 11.27 -74.06 50.71
N SER D 183 12.17 -74.99 51.02
CA SER D 183 13.02 -75.65 50.01
C SER D 183 12.20 -76.39 48.93
N SER D 184 11.04 -76.93 49.29
CA SER D 184 10.05 -77.53 48.39
C SER D 184 9.39 -76.55 47.40
N GLY D 185 9.55 -75.24 47.57
CA GLY D 185 8.84 -74.22 46.79
C GLY D 185 7.40 -73.97 47.27
N LEU D 186 6.97 -74.60 48.36
CA LEU D 186 5.75 -74.27 49.09
C LEU D 186 5.96 -73.04 49.99
N TYR D 187 4.92 -72.24 50.16
CA TYR D 187 4.89 -71.12 51.10
C TYR D 187 4.46 -71.57 52.51
N SER D 188 4.86 -70.77 53.51
CA SER D 188 4.43 -70.88 54.91
C SER D 188 4.45 -69.50 55.58
N LEU D 189 3.61 -69.30 56.59
CA LEU D 189 3.56 -68.09 57.41
C LEU D 189 3.08 -68.40 58.84
N SER D 190 3.05 -67.41 59.72
CA SER D 190 2.36 -67.51 61.00
C SER D 190 1.55 -66.24 61.31
N SER D 191 0.50 -66.40 62.11
CA SER D 191 -0.34 -65.33 62.65
C SER D 191 -0.48 -65.48 64.16
N VAL D 192 -0.42 -64.39 64.92
CA VAL D 192 -0.44 -64.39 66.39
C VAL D 192 -1.33 -63.27 66.92
N VAL D 193 -1.94 -63.49 68.08
CA VAL D 193 -2.65 -62.46 68.86
C VAL D 193 -2.04 -62.38 70.25
N THR D 194 -1.98 -61.17 70.80
CA THR D 194 -1.47 -60.87 72.15
C THR D 194 -2.62 -60.53 73.11
N VAL D 195 -2.69 -61.20 74.26
CA VAL D 195 -3.88 -61.23 75.12
C VAL D 195 -3.50 -61.26 76.62
N PRO D 196 -4.17 -60.53 77.52
CA PRO D 196 -4.01 -60.69 78.98
C PRO D 196 -4.23 -62.14 79.45
N SER D 197 -3.38 -62.67 80.34
CA SER D 197 -3.30 -64.12 80.57
C SER D 197 -4.55 -64.75 81.24
N SER D 198 -5.47 -63.93 81.76
CA SER D 198 -6.72 -64.37 82.39
C SER D 198 -7.77 -64.92 81.41
N SER D 199 -7.98 -64.28 80.24
CA SER D 199 -9.14 -64.57 79.40
C SER D 199 -9.05 -65.90 78.63
N LEU D 200 -7.86 -66.51 78.54
CA LEU D 200 -7.68 -67.84 77.95
C LEU D 200 -8.42 -68.95 78.72
N GLY D 201 -8.80 -68.70 79.99
CA GLY D 201 -9.65 -69.58 80.79
C GLY D 201 -11.16 -69.32 80.68
N THR D 202 -11.58 -68.16 80.14
CA THR D 202 -13.01 -67.77 80.04
C THR D 202 -13.53 -67.70 78.60
N LYS D 203 -12.66 -67.52 77.60
CA LYS D 203 -13.00 -67.34 76.18
C LYS D 203 -12.21 -68.29 75.27
N THR D 204 -12.84 -68.73 74.18
CA THR D 204 -12.20 -69.59 73.15
C THR D 204 -11.99 -68.80 71.86
N TYR D 205 -10.76 -68.77 71.34
CA TYR D 205 -10.43 -68.02 70.12
C TYR D 205 -10.25 -68.97 68.93
N THR D 206 -10.96 -68.67 67.85
CA THR D 206 -10.94 -69.39 66.58
C THR D 206 -10.12 -68.61 65.56
N CYS D 207 -9.26 -69.27 64.79
CA CYS D 207 -8.73 -68.70 63.55
C CYS D 207 -9.33 -69.41 62.33
N ASN D 208 -9.67 -68.62 61.32
CA ASN D 208 -10.16 -69.04 60.02
C ASN D 208 -9.05 -68.78 58.98
N VAL D 209 -8.65 -69.83 58.26
CA VAL D 209 -7.63 -69.79 57.20
C VAL D 209 -8.28 -70.09 55.85
N ASP D 210 -8.20 -69.15 54.91
CA ASP D 210 -8.76 -69.27 53.56
C ASP D 210 -7.66 -69.33 52.49
N HIS D 211 -7.82 -70.22 51.50
CA HIS D 211 -6.95 -70.31 50.33
C HIS D 211 -7.76 -70.26 49.03
N LYS D 212 -7.53 -69.23 48.20
CA LYS D 212 -8.33 -68.99 47.00
C LYS D 212 -8.03 -70.00 45.87
N PRO D 213 -6.75 -70.32 45.54
CA PRO D 213 -6.41 -71.27 44.47
C PRO D 213 -7.05 -72.67 44.63
N SER D 214 -6.96 -73.29 45.82
CA SER D 214 -7.63 -74.57 46.09
C SER D 214 -9.13 -74.43 46.42
N ASN D 215 -9.60 -73.19 46.60
CA ASN D 215 -10.94 -72.82 47.07
C ASN D 215 -11.34 -73.60 48.34
N THR D 216 -10.51 -73.51 49.37
CA THR D 216 -10.74 -74.12 50.68
C THR D 216 -10.69 -73.08 51.80
N LYS D 217 -11.40 -73.36 52.89
CA LYS D 217 -11.48 -72.50 54.07
C LYS D 217 -11.65 -73.36 55.32
N VAL D 218 -10.75 -73.21 56.31
CA VAL D 218 -10.74 -74.04 57.52
C VAL D 218 -10.74 -73.19 58.80
N ASP D 219 -11.71 -73.46 59.67
CA ASP D 219 -11.74 -72.96 61.05
C ASP D 219 -10.97 -73.92 61.98
N LYS D 220 -10.24 -73.38 62.95
CA LYS D 220 -9.74 -74.13 64.12
C LYS D 220 -9.68 -73.28 65.38
N ARG D 221 -9.72 -73.92 66.54
CA ARG D 221 -9.66 -73.24 67.83
C ARG D 221 -8.29 -73.37 68.49
N VAL D 222 -7.78 -72.25 68.99
CA VAL D 222 -6.48 -72.18 69.67
C VAL D 222 -6.72 -72.19 71.18
N GLU D 223 -6.70 -73.40 71.75
CA GLU D 223 -7.03 -73.66 73.16
C GLU D 223 -5.74 -73.95 73.96
N SER D 224 -5.57 -73.27 75.09
CA SER D 224 -4.45 -73.54 76.01
C SER D 224 -4.56 -74.95 76.63
N LYS D 225 -3.43 -75.51 77.07
CA LYS D 225 -3.24 -76.98 77.21
C LYS D 225 -2.70 -77.43 78.57
N ASP E 1 25.12 -50.31 29.28
CA ASP E 1 24.22 -50.01 30.43
C ASP E 1 24.63 -48.69 31.09
N ILE E 2 23.72 -48.06 31.84
CA ILE E 2 23.97 -46.88 32.68
C ILE E 2 23.52 -47.20 34.11
N GLN E 3 24.47 -47.34 35.01
CA GLN E 3 24.24 -47.76 36.40
C GLN E 3 23.77 -46.57 37.26
N MET E 4 22.60 -46.68 37.88
CA MET E 4 22.18 -45.81 38.98
C MET E 4 22.64 -46.41 40.30
N THR E 5 23.68 -45.85 40.91
CA THR E 5 23.97 -46.10 42.33
C THR E 5 23.15 -45.13 43.19
N GLN E 6 22.82 -45.53 44.41
CA GLN E 6 22.00 -44.75 45.34
C GLN E 6 22.40 -45.16 46.76
N SER E 7 22.88 -44.21 47.57
CA SER E 7 23.76 -44.58 48.70
C SER E 7 23.07 -45.08 49.99
N PRO E 8 21.93 -44.54 50.47
CA PRO E 8 21.29 -45.06 51.68
C PRO E 8 20.49 -46.34 51.42
N SER E 9 20.81 -47.45 52.10
CA SER E 9 20.00 -48.68 52.02
C SER E 9 18.60 -48.46 52.64
N SER E 10 18.58 -47.83 53.81
CA SER E 10 17.39 -47.36 54.53
C SER E 10 17.78 -46.16 55.41
N LEU E 11 16.80 -45.35 55.81
CA LEU E 11 16.99 -44.16 56.64
C LEU E 11 15.98 -44.13 57.80
N SER E 12 16.46 -43.81 59.00
CA SER E 12 15.62 -43.56 60.19
C SER E 12 15.61 -42.07 60.54
N ALA E 13 14.43 -41.44 60.60
CA ALA E 13 14.29 -40.02 60.91
C ALA E 13 12.93 -39.69 61.57
N SER E 14 12.86 -38.56 62.27
CA SER E 14 11.69 -38.16 63.09
C SER E 14 10.77 -37.14 62.39
N VAL E 15 9.53 -36.98 62.86
CA VAL E 15 8.62 -35.95 62.33
C VAL E 15 9.21 -34.55 62.54
N GLY E 16 9.17 -33.73 61.49
CA GLY E 16 9.83 -32.41 61.45
C GLY E 16 11.32 -32.43 61.03
N ASP E 17 11.93 -33.61 60.86
CA ASP E 17 13.34 -33.75 60.48
C ASP E 17 13.56 -33.82 58.95
N ARG E 18 14.65 -33.18 58.49
CA ARG E 18 15.10 -33.17 57.08
C ARG E 18 15.62 -34.55 56.65
N VAL E 19 15.26 -34.96 55.43
CA VAL E 19 15.76 -36.18 54.77
C VAL E 19 16.38 -35.80 53.42
N THR E 20 17.59 -36.27 53.15
CA THR E 20 18.24 -36.18 51.84
C THR E 20 18.66 -37.56 51.37
N ILE E 21 18.26 -37.94 50.15
CA ILE E 21 18.56 -39.22 49.50
C ILE E 21 19.38 -38.95 48.24
N THR E 22 20.52 -39.62 48.07
CA THR E 22 21.45 -39.36 46.96
C THR E 22 21.41 -40.48 45.93
N CYS E 23 21.33 -40.11 44.66
CA CYS E 23 21.48 -40.96 43.48
C CYS E 23 22.65 -40.46 42.62
N GLN E 24 23.39 -41.36 41.98
CA GLN E 24 24.57 -41.01 41.18
C GLN E 24 24.76 -41.98 40.00
N ALA E 25 25.41 -41.50 38.95
CA ALA E 25 25.57 -42.17 37.67
C ALA E 25 27.04 -42.41 37.31
N SER E 26 27.26 -43.36 36.41
CA SER E 26 28.56 -43.71 35.81
C SER E 26 29.18 -42.61 34.94
N GLN E 27 28.39 -41.69 34.38
CA GLN E 27 28.85 -40.52 33.61
C GLN E 27 27.82 -39.38 33.67
N ASP E 28 28.08 -38.24 33.01
CA ASP E 28 27.14 -37.12 32.95
C ASP E 28 25.80 -37.49 32.27
N ILE E 29 24.75 -37.56 33.10
CA ILE E 29 23.32 -37.64 32.73
C ILE E 29 22.75 -36.24 32.42
N SER E 30 23.53 -35.18 32.69
CA SER E 30 23.22 -33.75 32.53
C SER E 30 22.06 -33.26 33.40
N ASP E 31 20.84 -33.75 33.15
CA ASP E 31 19.60 -33.35 33.82
C ASP E 31 18.55 -34.48 33.79
N TYR E 32 18.87 -35.59 33.12
CA TYR E 32 17.94 -36.61 32.63
C TYR E 32 17.63 -37.69 33.68
N LEU E 33 17.15 -37.27 34.86
CA LEU E 33 16.91 -38.12 36.03
C LEU E 33 15.55 -37.81 36.67
N ASN E 34 14.77 -38.84 37.00
CA ASN E 34 13.43 -38.76 37.62
C ASN E 34 13.42 -39.47 38.99
N TRP E 35 12.57 -39.05 39.93
CA TRP E 35 12.41 -39.66 41.26
C TRP E 35 10.97 -40.04 41.59
N TYR E 36 10.81 -41.17 42.29
CA TYR E 36 9.55 -41.82 42.65
C TYR E 36 9.57 -42.28 44.11
N GLN E 37 8.39 -42.50 44.67
CA GLN E 37 8.20 -43.26 45.91
C GLN E 37 7.24 -44.43 45.69
N GLN E 38 7.39 -45.53 46.43
CA GLN E 38 6.35 -46.55 46.61
C GLN E 38 5.96 -46.62 48.08
N GLN E 39 4.67 -46.47 48.40
CA GLN E 39 4.14 -46.77 49.72
C GLN E 39 3.91 -48.29 49.88
N PRO E 40 4.00 -48.86 51.09
CA PRO E 40 3.84 -50.31 51.32
C PRO E 40 2.56 -50.89 50.73
N GLY E 41 2.70 -51.96 49.94
CA GLY E 41 1.58 -52.69 49.31
C GLY E 41 0.84 -51.96 48.18
N LYS E 42 1.37 -50.84 47.66
CA LYS E 42 0.75 -50.00 46.63
C LYS E 42 1.77 -49.60 45.55
N ALA E 43 1.30 -49.28 44.34
CA ALA E 43 2.15 -49.01 43.17
C ALA E 43 3.02 -47.73 43.32
N PRO E 44 4.14 -47.62 42.58
CA PRO E 44 4.98 -46.42 42.58
C PRO E 44 4.24 -45.13 42.16
N LYS E 45 4.82 -43.98 42.52
CA LYS E 45 4.25 -42.64 42.30
C LYS E 45 5.36 -41.62 42.03
N LEU E 46 5.30 -40.93 40.90
CA LEU E 46 6.31 -39.94 40.45
C LEU E 46 6.27 -38.66 41.32
N LEU E 47 7.44 -38.17 41.76
CA LEU E 47 7.56 -36.98 42.61
C LEU E 47 8.31 -35.84 41.93
N ILE E 48 9.45 -36.14 41.30
CA ILE E 48 10.30 -35.15 40.61
C ILE E 48 10.66 -35.71 39.23
N TYR E 49 10.64 -34.86 38.20
CA TYR E 49 11.12 -35.19 36.86
C TYR E 49 12.09 -34.11 36.34
N ASP E 50 12.88 -34.45 35.32
CA ASP E 50 13.96 -33.59 34.78
C ASP E 50 14.91 -33.04 35.88
N ALA E 51 15.20 -33.89 36.88
CA ALA E 51 16.02 -33.64 38.06
C ALA E 51 15.60 -32.45 38.95
N SER E 52 14.44 -31.83 38.73
CA SER E 52 14.09 -30.55 39.37
C SER E 52 12.59 -30.26 39.47
N ASN E 53 11.79 -30.66 38.47
CA ASN E 53 10.39 -30.25 38.37
C ASN E 53 9.46 -31.13 39.21
N LEU E 54 8.68 -30.50 40.09
CA LEU E 54 7.72 -31.16 40.96
C LEU E 54 6.47 -31.63 40.21
N GLU E 55 6.00 -32.84 40.48
CA GLU E 55 4.79 -33.42 39.89
C GLU E 55 3.50 -32.69 40.34
N THR E 56 2.44 -32.76 39.52
CA THR E 56 1.15 -32.09 39.78
C THR E 56 0.45 -32.63 41.03
N GLY E 57 -0.13 -31.75 41.84
CA GLY E 57 -0.94 -32.15 43.00
C GLY E 57 -0.17 -32.88 44.11
N VAL E 58 1.15 -32.67 44.22
CA VAL E 58 2.00 -33.26 45.26
C VAL E 58 2.58 -32.16 46.16
N PRO E 59 2.64 -32.32 47.50
CA PRO E 59 2.94 -31.23 48.41
C PRO E 59 4.37 -30.65 48.27
N SER E 60 4.49 -29.33 48.40
CA SER E 60 5.71 -28.55 48.07
C SER E 60 6.96 -28.90 48.89
N ARG E 61 6.80 -29.55 50.05
CA ARG E 61 7.94 -29.99 50.91
C ARG E 61 8.79 -31.14 50.38
N PHE E 62 8.44 -31.73 49.23
CA PHE E 62 9.37 -32.49 48.41
C PHE E 62 10.20 -31.57 47.50
N SER E 63 11.49 -31.84 47.35
CA SER E 63 12.41 -31.07 46.52
C SER E 63 13.42 -31.97 45.80
N GLY E 64 14.01 -31.48 44.72
CA GLY E 64 15.02 -32.18 43.94
C GLY E 64 16.08 -31.21 43.41
N SER E 65 17.32 -31.67 43.35
CA SER E 65 18.49 -30.85 42.98
C SER E 65 19.61 -31.71 42.40
N GLY E 66 20.59 -31.06 41.77
CA GLY E 66 21.76 -31.70 41.16
C GLY E 66 21.66 -31.83 39.63
N SER E 67 22.81 -32.11 39.01
CA SER E 67 23.03 -32.12 37.56
C SER E 67 24.31 -32.92 37.22
N GLY E 68 24.51 -33.26 35.95
CA GLY E 68 25.66 -34.05 35.52
C GLY E 68 25.61 -35.49 36.04
N THR E 69 26.54 -35.85 36.92
CA THR E 69 26.72 -37.19 37.49
C THR E 69 25.82 -37.51 38.69
N ASP E 70 25.38 -36.51 39.47
CA ASP E 70 24.89 -36.71 40.84
C ASP E 70 23.65 -35.87 41.17
N PHE E 71 22.68 -36.51 41.83
CA PHE E 71 21.32 -36.00 42.03
C PHE E 71 20.82 -36.27 43.45
N THR E 72 20.24 -35.26 44.08
CA THR E 72 19.76 -35.32 45.48
C THR E 72 18.27 -35.07 45.53
N PHE E 73 17.53 -36.00 46.14
CA PHE E 73 16.13 -35.85 46.50
C PHE E 73 16.00 -35.44 47.97
N THR E 74 15.06 -34.56 48.30
CA THR E 74 14.97 -33.94 49.63
C THR E 74 13.53 -33.87 50.16
N ILE E 75 13.34 -34.09 51.46
CA ILE E 75 12.07 -33.90 52.18
C ILE E 75 12.29 -33.00 53.40
N SER E 76 11.43 -32.01 53.66
CA SER E 76 11.57 -31.19 54.87
C SER E 76 11.10 -31.90 56.15
N SER E 77 10.10 -32.78 56.07
CA SER E 77 9.54 -33.52 57.20
C SER E 77 8.80 -34.80 56.74
N LEU E 78 9.31 -35.99 57.13
CA LEU E 78 8.70 -37.29 56.82
C LEU E 78 7.49 -37.63 57.71
N GLN E 79 6.40 -36.87 57.58
CA GLN E 79 5.10 -37.22 58.15
C GLN E 79 4.68 -38.65 57.71
N PRO E 80 4.08 -39.49 58.59
CA PRO E 80 3.84 -40.93 58.37
C PRO E 80 3.26 -41.44 57.03
N GLU E 81 2.64 -40.61 56.19
CA GLU E 81 2.26 -40.97 54.81
C GLU E 81 3.48 -41.18 53.87
N ASP E 82 4.59 -40.48 54.09
CA ASP E 82 5.80 -40.57 53.26
C ASP E 82 6.57 -41.90 53.39
N ILE E 83 6.28 -42.68 54.44
CA ILE E 83 6.94 -43.96 54.71
C ILE E 83 6.71 -44.94 53.53
N GLY E 84 7.76 -45.64 53.14
CA GLY E 84 7.83 -46.34 51.86
C GLY E 84 9.26 -46.45 51.36
N THR E 85 9.41 -46.50 50.04
CA THR E 85 10.68 -46.82 49.35
C THR E 85 10.91 -45.86 48.17
N TYR E 86 12.13 -45.34 47.99
CA TYR E 86 12.43 -44.23 47.08
C TYR E 86 13.41 -44.61 45.98
N TYR E 87 13.06 -44.32 44.72
CA TYR E 87 13.81 -44.75 43.53
C TYR E 87 14.10 -43.56 42.62
N CYS E 88 15.34 -43.46 42.14
CA CYS E 88 15.68 -42.63 40.99
C CYS E 88 15.68 -43.46 39.69
N GLN E 89 15.42 -42.83 38.54
CA GLN E 89 15.51 -43.43 37.21
C GLN E 89 16.09 -42.44 36.18
N GLN E 90 17.20 -42.79 35.53
CA GLN E 90 17.75 -41.97 34.44
C GLN E 90 17.04 -42.23 33.10
N TYR E 91 17.15 -41.30 32.16
CA TYR E 91 16.59 -41.43 30.81
C TYR E 91 17.56 -41.04 29.67
N ASP E 92 18.87 -40.90 29.95
CA ASP E 92 19.86 -40.59 28.92
C ASP E 92 20.04 -41.74 27.91
N ASN E 93 20.01 -43.00 28.37
CA ASN E 93 19.88 -44.17 27.50
C ASN E 93 19.11 -45.30 28.22
N LEU E 94 17.89 -45.59 27.74
CA LEU E 94 16.85 -46.42 28.39
C LEU E 94 16.48 -45.96 29.82
N PRO E 95 15.33 -46.39 30.39
CA PRO E 95 15.10 -46.36 31.84
C PRO E 95 16.02 -47.33 32.59
N THR E 96 16.77 -46.86 33.59
CA THR E 96 17.44 -47.73 34.59
C THR E 96 17.23 -47.17 36.00
N PHE E 97 17.06 -48.04 37.00
CA PHE E 97 16.61 -47.68 38.35
C PHE E 97 17.71 -47.79 39.43
N GLY E 98 17.67 -46.87 40.40
CA GLY E 98 18.48 -46.90 41.63
C GLY E 98 18.10 -48.02 42.62
N GLY E 99 18.83 -48.10 43.73
CA GLY E 99 18.74 -49.21 44.70
C GLY E 99 17.37 -49.38 45.36
N GLY E 100 16.80 -48.31 45.93
CA GLY E 100 15.50 -48.33 46.59
C GLY E 100 15.57 -48.00 48.08
N THR E 101 15.85 -46.74 48.41
CA THR E 101 16.02 -46.26 49.80
C THR E 101 14.72 -46.41 50.60
N LYS E 102 14.69 -47.25 51.63
CA LYS E 102 13.54 -47.32 52.56
C LYS E 102 13.53 -46.16 53.54
N LEU E 103 12.35 -45.70 53.94
CA LEU E 103 12.14 -44.80 55.09
C LEU E 103 11.58 -45.55 56.31
N GLU E 104 12.10 -45.22 57.48
CA GLU E 104 11.71 -45.70 58.80
C GLU E 104 11.50 -44.53 59.76
N ILE E 105 10.42 -44.55 60.54
CA ILE E 105 10.18 -43.53 61.58
C ILE E 105 11.14 -43.77 62.75
N LYS E 106 11.81 -42.72 63.20
CA LYS E 106 12.64 -42.70 64.42
C LYS E 106 11.76 -42.77 65.67
N ARG E 107 11.58 -43.93 66.26
CA ARG E 107 10.84 -43.93 67.52
C ARG E 107 11.86 -44.09 68.64
N THR E 108 11.43 -43.86 69.89
CA THR E 108 12.24 -44.23 71.06
C THR E 108 12.50 -45.76 71.11
N VAL E 109 13.63 -46.18 71.66
CA VAL E 109 14.07 -47.58 71.73
C VAL E 109 13.06 -48.49 72.45
N ALA E 110 12.90 -49.73 71.98
CA ALA E 110 11.97 -50.72 72.52
C ALA E 110 12.53 -52.14 72.42
N ALA E 111 12.70 -52.82 73.55
CA ALA E 111 13.04 -54.24 73.59
C ALA E 111 11.84 -55.11 73.21
N PRO E 112 12.04 -56.29 72.56
CA PRO E 112 10.95 -57.19 72.25
C PRO E 112 10.34 -57.85 73.50
N SER E 113 9.02 -58.02 73.50
CA SER E 113 8.39 -59.12 74.25
C SER E 113 8.70 -60.42 73.50
N VAL E 114 9.04 -61.51 74.22
CA VAL E 114 9.54 -62.75 73.59
C VAL E 114 8.82 -63.99 74.13
N PHE E 115 8.51 -64.91 73.23
CA PHE E 115 7.84 -66.20 73.51
C PHE E 115 8.42 -67.33 72.65
N ILE E 116 8.23 -68.58 73.07
CA ILE E 116 8.50 -69.78 72.25
C ILE E 116 7.33 -70.74 72.38
N PHE E 117 6.91 -71.37 71.27
CA PHE E 117 5.78 -72.27 71.21
C PHE E 117 6.21 -73.70 70.80
N PRO E 118 6.04 -74.71 71.67
CA PRO E 118 6.35 -76.10 71.34
C PRO E 118 5.51 -76.66 70.18
N PRO E 119 6.03 -77.61 69.38
CA PRO E 119 5.27 -78.34 68.37
C PRO E 119 3.95 -78.93 68.89
N SER E 120 2.84 -78.60 68.22
CA SER E 120 1.49 -79.02 68.60
C SER E 120 1.17 -80.48 68.27
N ASP E 121 0.14 -81.03 68.91
CA ASP E 121 -0.34 -82.40 68.70
C ASP E 121 -0.72 -82.72 67.25
N GLU E 122 -1.14 -81.73 66.46
CA GLU E 122 -1.44 -81.93 65.04
C GLU E 122 -0.19 -81.92 64.13
N GLN E 123 0.92 -81.29 64.52
CA GLN E 123 2.23 -81.56 63.89
C GLN E 123 2.99 -82.73 64.54
N LEU E 124 2.66 -83.15 65.77
CA LEU E 124 2.98 -84.52 66.24
C LEU E 124 2.33 -85.58 65.34
N LYS E 125 1.07 -85.37 64.93
CA LYS E 125 0.38 -86.22 63.96
C LYS E 125 0.96 -86.13 62.54
N SER E 126 1.32 -84.92 62.08
CA SER E 126 1.77 -84.66 60.70
C SER E 126 3.25 -84.97 60.41
N GLY E 127 4.03 -85.41 61.42
CA GLY E 127 5.37 -85.96 61.23
C GLY E 127 6.53 -84.96 61.08
N THR E 128 6.30 -83.66 61.30
CA THR E 128 7.32 -82.60 61.27
C THR E 128 7.34 -81.84 62.60
N ALA E 129 8.49 -81.33 63.04
CA ALA E 129 8.63 -80.50 64.24
C ALA E 129 9.10 -79.08 63.87
N SER E 130 8.17 -78.26 63.41
CA SER E 130 8.36 -76.81 63.22
C SER E 130 8.17 -76.09 64.56
N VAL E 131 9.27 -75.83 65.25
CA VAL E 131 9.32 -75.00 66.46
C VAL E 131 9.28 -73.52 66.07
N VAL E 132 8.65 -72.65 66.86
CA VAL E 132 8.60 -71.21 66.54
C VAL E 132 8.78 -70.32 67.78
N CYS E 133 9.57 -69.26 67.59
CA CYS E 133 9.94 -68.25 68.57
C CYS E 133 9.50 -66.87 68.08
N LEU E 134 8.78 -66.12 68.93
CA LEU E 134 8.12 -64.86 68.60
C LEU E 134 8.85 -63.68 69.28
N LEU E 135 9.20 -62.64 68.52
CA LEU E 135 9.68 -61.34 69.02
C LEU E 135 8.63 -60.27 68.66
N ASN E 136 8.12 -59.51 69.64
CA ASN E 136 7.00 -58.58 69.41
C ASN E 136 7.28 -57.16 69.93
N ASN E 137 6.76 -56.17 69.20
CA ASN E 137 6.76 -54.76 69.62
C ASN E 137 8.07 -54.11 70.01
N PHE E 138 9.10 -54.40 69.26
CA PHE E 138 10.43 -53.81 69.46
C PHE E 138 10.74 -52.80 68.35
N TYR E 139 11.71 -51.91 68.55
CA TYR E 139 11.98 -50.94 67.51
C TYR E 139 13.26 -51.02 66.71
N PRO E 140 14.40 -51.15 67.34
CA PRO E 140 15.58 -51.20 66.49
C PRO E 140 15.46 -52.52 65.79
N ARG E 141 15.12 -52.52 64.50
CA ARG E 141 14.93 -53.73 63.70
C ARG E 141 15.92 -54.88 63.99
N GLU E 142 17.21 -54.58 63.93
CA GLU E 142 18.23 -55.59 64.16
C GLU E 142 18.04 -56.33 65.49
N ALA E 143 17.33 -57.44 65.45
CA ALA E 143 17.09 -58.24 66.66
C ALA E 143 17.58 -59.64 66.36
N LYS E 144 18.88 -59.84 66.51
CA LYS E 144 19.52 -61.13 66.21
C LYS E 144 18.89 -62.20 67.09
N VAL E 145 18.25 -63.19 66.45
CA VAL E 145 17.81 -64.43 67.11
C VAL E 145 18.85 -65.54 66.95
N GLN E 146 18.93 -66.41 67.95
CA GLN E 146 19.76 -67.59 67.97
C GLN E 146 18.97 -68.78 68.51
N TRP E 147 19.34 -69.99 68.11
CA TRP E 147 18.72 -71.24 68.54
C TRP E 147 19.78 -72.21 69.08
N LYS E 148 19.44 -72.95 70.15
CA LYS E 148 20.26 -74.06 70.65
C LYS E 148 19.39 -75.18 71.22
N VAL E 149 19.87 -76.41 71.09
CA VAL E 149 19.16 -77.63 71.48
C VAL E 149 20.09 -78.50 72.34
N ASP E 150 19.67 -78.84 73.57
CA ASP E 150 20.57 -79.39 74.61
C ASP E 150 21.89 -78.59 74.73
N ASN E 151 21.81 -77.25 74.66
CA ASN E 151 22.94 -76.30 74.60
C ASN E 151 23.90 -76.42 73.39
N ALA E 152 23.67 -77.32 72.43
CA ALA E 152 24.38 -77.35 71.15
C ALA E 152 23.78 -76.31 70.18
N LEU E 153 24.62 -75.47 69.55
CA LEU E 153 24.17 -74.39 68.66
C LEU E 153 23.53 -74.91 67.37
N GLN E 154 22.64 -74.12 66.75
CA GLN E 154 21.98 -74.43 65.47
C GLN E 154 22.25 -73.33 64.41
N SER E 155 22.31 -73.73 63.13
CA SER E 155 22.12 -72.83 61.97
C SER E 155 21.70 -73.63 60.72
N GLY E 156 21.16 -72.97 59.70
CA GLY E 156 20.98 -73.53 58.35
C GLY E 156 19.72 -74.37 58.09
N ASN E 157 18.86 -74.57 59.09
CA ASN E 157 17.57 -75.27 58.96
C ASN E 157 16.44 -74.55 59.75
N SER E 158 16.47 -73.22 59.64
CA SER E 158 15.52 -72.29 60.26
C SER E 158 15.29 -71.09 59.33
N GLN E 159 14.14 -70.42 59.44
CA GLN E 159 13.77 -69.26 58.62
C GLN E 159 13.06 -68.21 59.48
N GLU E 160 13.05 -66.95 59.06
CA GLU E 160 12.49 -65.83 59.83
C GLU E 160 11.84 -64.78 58.93
N SER E 161 10.83 -64.10 59.47
CA SER E 161 10.11 -63.01 58.80
C SER E 161 9.76 -61.90 59.78
N VAL E 162 9.93 -60.64 59.36
CA VAL E 162 9.63 -59.43 60.14
C VAL E 162 8.57 -58.59 59.42
N THR E 163 7.66 -58.02 60.20
CA THR E 163 6.54 -57.19 59.74
C THR E 163 7.02 -55.86 59.15
N GLU E 164 6.22 -55.18 58.33
CA GLU E 164 6.39 -53.73 58.06
C GLU E 164 6.34 -52.91 59.36
N GLN E 165 7.06 -51.78 59.45
CA GLN E 165 7.00 -50.90 60.63
C GLN E 165 5.58 -50.36 60.82
N ASP E 166 4.98 -50.58 61.99
CA ASP E 166 3.54 -50.33 62.15
C ASP E 166 3.18 -48.83 62.29
N SER E 167 1.93 -48.51 61.98
CA SER E 167 1.32 -47.20 62.26
C SER E 167 0.86 -47.05 63.72
N LYS E 168 0.71 -48.15 64.45
CA LYS E 168 0.20 -48.17 65.82
C LYS E 168 1.12 -47.48 66.83
N ASP E 169 2.41 -47.85 66.87
CA ASP E 169 3.42 -47.16 67.69
C ASP E 169 4.85 -47.25 67.09
N SER E 170 4.96 -47.32 65.76
CA SER E 170 6.22 -47.15 65.02
C SER E 170 7.25 -48.27 65.26
N THR E 171 6.77 -49.51 65.39
CA THR E 171 7.55 -50.65 65.92
C THR E 171 7.44 -51.93 65.07
N TYR E 172 8.31 -52.92 65.34
CA TYR E 172 8.47 -54.16 64.58
C TYR E 172 8.12 -55.41 65.40
N SER E 173 7.63 -56.45 64.70
CA SER E 173 7.43 -57.80 65.24
C SER E 173 7.90 -58.85 64.24
N LEU E 174 8.55 -59.91 64.71
CA LEU E 174 9.27 -60.94 63.97
C LEU E 174 8.89 -62.34 64.46
N SER E 175 8.74 -63.25 63.52
CA SER E 175 8.65 -64.69 63.77
C SER E 175 9.93 -65.38 63.29
N SER E 176 10.51 -66.25 64.12
CA SER E 176 11.61 -67.15 63.77
C SER E 176 11.18 -68.59 63.97
N THR E 177 11.39 -69.47 62.99
CA THR E 177 11.00 -70.89 63.08
C THR E 177 12.15 -71.82 62.71
N LEU E 178 12.31 -72.87 63.51
CA LEU E 178 13.29 -73.95 63.37
C LEU E 178 12.55 -75.22 62.96
N THR E 179 12.91 -75.82 61.82
CA THR E 179 12.25 -77.02 61.30
C THR E 179 13.11 -78.27 61.54
N LEU E 180 12.54 -79.23 62.26
CA LEU E 180 13.19 -80.46 62.69
C LEU E 180 12.41 -81.69 62.16
N SER E 181 13.11 -82.76 61.85
CA SER E 181 12.48 -84.08 61.65
C SER E 181 12.09 -84.69 63.00
N LYS E 182 11.07 -85.55 63.03
CA LYS E 182 10.74 -86.33 64.25
C LYS E 182 11.91 -87.20 64.71
N ALA E 183 12.70 -87.74 63.78
CA ALA E 183 13.91 -88.51 64.05
C ALA E 183 15.01 -87.71 64.80
N ASP E 184 15.03 -86.38 64.71
CA ASP E 184 15.89 -85.52 65.53
C ASP E 184 15.19 -84.99 66.79
N TYR E 185 13.91 -84.62 66.66
CA TYR E 185 13.15 -83.95 67.72
C TYR E 185 12.94 -84.85 68.95
N GLU E 186 12.62 -86.13 68.74
CA GLU E 186 12.30 -87.09 69.80
C GLU E 186 13.53 -87.62 70.58
N LYS E 187 14.74 -87.14 70.24
CA LYS E 187 15.99 -87.47 70.96
C LYS E 187 16.36 -86.45 72.04
N HIS E 188 16.38 -85.16 71.68
CA HIS E 188 16.85 -84.07 72.55
C HIS E 188 15.76 -83.64 73.56
N LYS E 189 16.14 -82.91 74.62
CA LYS E 189 15.19 -82.47 75.67
C LYS E 189 14.94 -80.97 75.67
N VAL E 190 15.98 -80.13 75.70
CA VAL E 190 15.85 -78.68 75.89
C VAL E 190 15.87 -77.98 74.53
N TYR E 191 14.81 -77.24 74.21
CA TYR E 191 14.69 -76.43 73.00
C TYR E 191 14.63 -74.96 73.38
N ALA E 192 15.58 -74.16 72.89
CA ALA E 192 15.75 -72.77 73.29
C ALA E 192 15.97 -71.84 72.09
N CYS E 193 15.33 -70.68 72.16
CA CYS E 193 15.69 -69.50 71.38
C CYS E 193 16.24 -68.40 72.31
N GLU E 194 17.16 -67.62 71.78
CA GLU E 194 17.87 -66.55 72.46
C GLU E 194 17.86 -65.29 71.59
N VAL E 195 17.73 -64.12 72.19
CA VAL E 195 17.74 -62.82 71.50
C VAL E 195 18.90 -61.95 71.96
N THR E 196 19.62 -61.36 70.99
CA THR E 196 20.36 -60.11 71.16
C THR E 196 19.59 -59.01 70.42
N HIS E 197 19.20 -57.94 71.12
CA HIS E 197 18.56 -56.75 70.54
C HIS E 197 18.98 -55.50 71.33
N GLN E 198 19.06 -54.35 70.67
CA GLN E 198 19.60 -53.11 71.23
C GLN E 198 18.86 -52.62 72.49
N GLY E 199 17.55 -52.91 72.63
CA GLY E 199 16.76 -52.56 73.81
C GLY E 199 17.07 -53.41 75.05
N LEU E 200 17.80 -54.52 74.90
CA LEU E 200 18.16 -55.44 75.99
C LEU E 200 19.64 -55.25 76.36
N SER E 201 19.93 -55.08 77.66
CA SER E 201 21.29 -54.87 78.18
C SER E 201 22.21 -56.11 78.10
N SER E 202 21.61 -57.30 78.03
CA SER E 202 22.25 -58.62 77.93
C SER E 202 21.35 -59.56 77.11
N PRO E 203 21.87 -60.68 76.55
CA PRO E 203 21.03 -61.60 75.78
C PRO E 203 19.98 -62.29 76.67
N VAL E 204 18.77 -62.47 76.13
CA VAL E 204 17.60 -63.01 76.85
C VAL E 204 17.13 -64.30 76.19
N THR E 205 16.61 -65.24 76.97
CA THR E 205 16.27 -66.61 76.54
C THR E 205 14.79 -66.92 76.72
N LYS E 206 14.21 -67.73 75.81
CA LYS E 206 12.95 -68.45 76.00
C LYS E 206 13.12 -69.89 75.56
N SER E 207 12.65 -70.84 76.35
CA SER E 207 12.94 -72.27 76.16
C SER E 207 11.84 -73.17 76.75
N PHE E 208 11.79 -74.41 76.28
CA PHE E 208 10.91 -75.46 76.80
C PHE E 208 11.63 -76.81 76.84
N ASN E 209 11.11 -77.73 77.64
CA ASN E 209 11.55 -79.12 77.72
C ASN E 209 10.53 -80.03 77.02
N ARG E 210 11.01 -80.91 76.15
CA ARG E 210 10.13 -81.84 75.43
C ARG E 210 9.24 -82.65 76.38
N GLY E 211 7.94 -82.68 76.09
CA GLY E 211 6.97 -83.42 76.90
C GLY E 211 6.44 -82.67 78.13
N GLU E 212 6.95 -81.48 78.44
CA GLU E 212 6.45 -80.63 79.54
C GLU E 212 5.50 -79.53 79.05
N GLN F 1 44.78 -25.39 -14.64
CA GLN F 1 45.99 -24.94 -15.37
C GLN F 1 46.77 -23.83 -14.60
N VAL F 2 46.77 -23.78 -13.26
CA VAL F 2 47.66 -22.83 -12.56
C VAL F 2 49.13 -23.23 -12.73
N GLN F 3 49.99 -22.30 -13.11
CA GLN F 3 51.38 -22.60 -13.48
C GLN F 3 52.32 -21.43 -13.17
N LEU F 4 53.29 -21.71 -12.28
CA LEU F 4 54.37 -20.80 -11.88
C LEU F 4 55.69 -21.31 -12.47
N VAL F 5 56.40 -20.46 -13.22
CA VAL F 5 57.66 -20.80 -13.93
C VAL F 5 58.76 -19.83 -13.51
N GLN F 6 60.02 -20.28 -13.47
CA GLN F 6 61.16 -19.46 -13.05
C GLN F 6 62.34 -19.57 -14.02
N SER F 7 63.25 -18.60 -13.97
CA SER F 7 64.50 -18.60 -14.74
C SER F 7 65.44 -19.77 -14.39
N GLY F 8 66.35 -20.11 -15.30
CA GLY F 8 67.38 -21.13 -15.11
C GLY F 8 68.38 -20.81 -13.99
N ALA F 9 69.21 -21.79 -13.62
CA ALA F 9 70.14 -21.71 -12.49
C ALA F 9 71.19 -20.60 -12.61
N GLU F 10 71.76 -20.17 -11.47
CA GLU F 10 72.66 -19.01 -11.37
C GLU F 10 73.95 -19.32 -10.56
N VAL F 11 75.09 -18.82 -11.03
CA VAL F 11 76.39 -18.88 -10.33
C VAL F 11 76.94 -17.47 -10.13
N LYS F 12 76.62 -16.85 -8.98
CA LYS F 12 76.99 -15.46 -8.65
C LYS F 12 78.00 -15.41 -7.51
N LYS F 13 79.10 -14.67 -7.71
CA LYS F 13 80.21 -14.50 -6.75
C LYS F 13 79.72 -13.88 -5.42
N PRO F 14 80.41 -14.13 -4.29
CA PRO F 14 80.25 -13.32 -3.08
C PRO F 14 80.34 -11.81 -3.37
N GLY F 15 79.50 -11.01 -2.71
CA GLY F 15 79.36 -9.57 -2.91
C GLY F 15 78.55 -9.13 -4.14
N ALA F 16 78.23 -10.04 -5.07
CA ALA F 16 77.43 -9.72 -6.26
C ALA F 16 75.91 -9.60 -5.97
N SER F 17 75.11 -9.43 -7.02
CA SER F 17 73.65 -9.46 -6.99
C SER F 17 73.09 -10.49 -7.99
N VAL F 18 71.94 -11.10 -7.66
CA VAL F 18 71.24 -12.09 -8.50
C VAL F 18 69.78 -11.71 -8.70
N LYS F 19 69.25 -11.93 -9.90
CA LYS F 19 67.83 -11.77 -10.24
C LYS F 19 67.22 -13.14 -10.58
N VAL F 20 66.08 -13.49 -9.98
CA VAL F 20 65.29 -14.68 -10.34
C VAL F 20 63.87 -14.25 -10.69
N SER F 21 63.36 -14.73 -11.82
CA SER F 21 62.01 -14.41 -12.30
C SER F 21 60.97 -15.45 -11.84
N CYS F 22 59.71 -15.05 -11.90
CA CYS F 22 58.54 -15.82 -11.51
C CYS F 22 57.36 -15.47 -12.45
N LYS F 23 57.26 -16.18 -13.58
CA LYS F 23 56.12 -16.08 -14.49
C LYS F 23 54.90 -16.73 -13.86
N ALA F 24 53.80 -15.98 -13.76
CA ALA F 24 52.49 -16.48 -13.35
C ALA F 24 51.59 -16.67 -14.58
N SER F 25 50.91 -17.81 -14.65
CA SER F 25 50.07 -18.19 -15.78
C SER F 25 48.89 -19.08 -15.34
N GLY F 26 47.83 -19.08 -16.13
CA GLY F 26 46.57 -19.82 -15.89
C GLY F 26 45.58 -19.13 -14.93
N TYR F 27 45.97 -18.02 -14.28
CA TYR F 27 45.11 -17.27 -13.36
C TYR F 27 45.38 -15.75 -13.46
N THR F 28 44.49 -14.94 -12.89
CA THR F 28 44.67 -13.48 -12.80
C THR F 28 45.73 -13.12 -11.76
N PHE F 29 46.91 -12.73 -12.24
CA PHE F 29 48.09 -12.34 -11.44
C PHE F 29 47.75 -11.35 -10.31
N THR F 30 46.93 -10.35 -10.61
CA THR F 30 46.47 -9.27 -9.71
C THR F 30 45.75 -9.76 -8.44
N GLY F 31 45.23 -11.00 -8.41
CA GLY F 31 44.29 -11.45 -7.38
C GLY F 31 44.89 -11.82 -6.01
N THR F 32 46.20 -12.09 -5.93
CA THR F 32 46.83 -12.82 -4.81
C THR F 32 48.21 -12.29 -4.46
N TYR F 33 48.64 -12.33 -3.20
CA TYR F 33 50.04 -12.08 -2.86
C TYR F 33 50.98 -13.14 -3.47
N ILE F 34 52.20 -12.76 -3.83
CA ILE F 34 53.26 -13.71 -4.17
C ILE F 34 54.34 -13.66 -3.10
N HIS F 35 54.55 -14.79 -2.43
CA HIS F 35 55.64 -15.02 -1.48
C HIS F 35 56.89 -15.53 -2.17
N TRP F 36 58.05 -15.22 -1.61
CA TRP F 36 59.31 -15.89 -1.92
C TRP F 36 59.83 -16.72 -0.73
N VAL F 37 60.27 -17.94 -1.03
CA VAL F 37 60.75 -18.95 -0.08
C VAL F 37 62.06 -19.56 -0.60
N ARG F 38 62.98 -20.02 0.28
CA ARG F 38 64.22 -20.72 -0.12
C ARG F 38 64.61 -21.96 0.78
N GLN F 39 65.03 -23.07 0.17
CA GLN F 39 65.46 -24.29 0.86
C GLN F 39 66.97 -24.51 0.63
N ALA F 40 67.77 -24.33 1.68
CA ALA F 40 69.20 -24.63 1.67
C ALA F 40 69.47 -26.17 1.76
N PRO F 41 70.57 -26.68 1.21
CA PRO F 41 70.82 -28.12 1.15
C PRO F 41 71.03 -28.70 2.56
N GLY F 42 70.15 -29.63 2.95
CA GLY F 42 70.17 -30.25 4.28
C GLY F 42 69.57 -29.40 5.42
N GLN F 43 68.77 -28.37 5.10
CA GLN F 43 68.11 -27.48 6.08
C GLN F 43 66.64 -27.20 5.71
N GLY F 44 65.86 -26.72 6.68
CA GLY F 44 64.44 -26.42 6.53
C GLY F 44 64.11 -25.23 5.60
N LEU F 45 62.83 -25.06 5.27
CA LEU F 45 62.32 -23.94 4.47
C LEU F 45 62.49 -22.59 5.20
N GLU F 46 62.70 -21.53 4.42
CA GLU F 46 62.81 -20.15 4.92
C GLU F 46 62.00 -19.18 4.05
N TRP F 47 61.25 -18.26 4.66
CA TRP F 47 60.44 -17.27 3.96
C TRP F 47 61.07 -15.87 4.04
N MET F 48 61.26 -15.23 2.89
CA MET F 48 61.95 -13.94 2.77
C MET F 48 61.00 -12.73 2.85
N GLY F 49 59.78 -12.86 2.32
CA GLY F 49 58.85 -11.76 2.14
C GLY F 49 57.79 -12.07 1.08
N TRP F 50 56.90 -11.10 0.84
CA TRP F 50 55.91 -11.12 -0.24
C TRP F 50 55.83 -9.78 -0.98
N ILE F 51 55.32 -9.83 -2.21
CA ILE F 51 54.86 -8.69 -3.00
C ILE F 51 53.37 -8.84 -3.29
N ASN F 52 52.62 -7.75 -3.23
CA ASN F 52 51.22 -7.69 -3.66
C ASN F 52 51.18 -7.26 -5.15
N PRO F 53 50.96 -8.16 -6.12
CA PRO F 53 51.10 -7.85 -7.54
C PRO F 53 50.02 -6.91 -8.11
N ASN F 54 48.97 -6.56 -7.36
CA ASN F 54 48.09 -5.45 -7.73
C ASN F 54 48.75 -4.09 -7.46
N SER F 55 49.33 -3.95 -6.27
CA SER F 55 49.83 -2.69 -5.70
C SER F 55 51.30 -2.41 -6.03
N GLY F 56 52.14 -3.44 -6.15
CA GLY F 56 53.60 -3.31 -6.06
C GLY F 56 54.13 -3.12 -4.63
N GLY F 57 53.25 -2.93 -3.63
CA GLY F 57 53.60 -2.95 -2.22
C GLY F 57 54.23 -4.28 -1.80
N THR F 58 55.20 -4.20 -0.88
CA THR F 58 56.12 -5.30 -0.56
C THR F 58 56.42 -5.34 0.94
N ASN F 59 56.60 -6.52 1.51
CA ASN F 59 56.82 -6.75 2.93
C ASN F 59 57.84 -7.89 3.15
N PHE F 60 58.72 -7.76 4.15
CA PHE F 60 59.85 -8.67 4.35
C PHE F 60 59.94 -9.18 5.79
N ALA F 61 60.58 -10.34 5.96
CA ALA F 61 61.23 -10.68 7.22
C ALA F 61 62.50 -9.80 7.42
N GLN F 62 62.76 -9.40 8.67
CA GLN F 62 63.89 -8.53 9.05
C GLN F 62 65.27 -9.03 8.59
N ILE F 63 65.40 -10.36 8.45
CA ILE F 63 66.61 -11.05 7.98
C ILE F 63 67.07 -10.57 6.59
N PHE F 64 66.13 -10.20 5.70
CA PHE F 64 66.41 -9.90 4.30
C PHE F 64 66.30 -8.42 3.93
N GLN F 65 65.80 -7.57 4.83
CA GLN F 65 65.70 -6.13 4.61
C GLN F 65 67.06 -5.52 4.21
N GLY F 66 67.04 -4.63 3.22
CA GLY F 66 68.24 -3.99 2.66
C GLY F 66 69.07 -4.86 1.71
N ARG F 67 68.81 -6.17 1.68
CA ARG F 67 69.49 -7.07 0.76
C ARG F 67 68.55 -7.46 -0.39
N VAL F 68 67.39 -8.00 -0.05
CA VAL F 68 66.39 -8.44 -1.04
C VAL F 68 65.50 -7.27 -1.49
N THR F 69 64.99 -7.35 -2.71
CA THR F 69 64.03 -6.42 -3.32
C THR F 69 63.07 -7.24 -4.21
N LEU F 70 61.79 -6.85 -4.28
CA LEU F 70 60.79 -7.48 -5.15
C LEU F 70 60.17 -6.46 -6.13
N THR F 71 59.78 -6.94 -7.30
CA THR F 71 59.17 -6.13 -8.37
C THR F 71 58.26 -6.99 -9.26
N ARG F 72 57.47 -6.36 -10.13
CA ARG F 72 56.52 -7.10 -10.99
C ARG F 72 55.99 -6.42 -12.26
N ASP F 73 56.05 -7.12 -13.40
CA ASP F 73 55.47 -6.68 -14.65
C ASP F 73 54.04 -7.22 -14.75
N THR F 74 53.04 -6.34 -14.72
CA THR F 74 51.62 -6.74 -14.82
C THR F 74 51.21 -7.12 -16.24
N SER F 75 51.80 -6.51 -17.27
CA SER F 75 51.53 -6.83 -18.68
C SER F 75 52.02 -8.22 -19.06
N ILE F 76 53.17 -8.65 -18.54
CA ILE F 76 53.81 -9.95 -18.80
C ILE F 76 53.59 -10.93 -17.63
N SER F 77 52.77 -10.55 -16.63
CA SER F 77 52.42 -11.33 -15.43
C SER F 77 53.63 -12.01 -14.77
N THR F 78 54.74 -11.27 -14.66
CA THR F 78 56.01 -11.79 -14.13
C THR F 78 56.40 -11.03 -12.87
N ALA F 79 56.47 -11.72 -11.73
CA ALA F 79 57.14 -11.22 -10.54
C ALA F 79 58.65 -11.48 -10.65
N TYR F 80 59.47 -10.66 -10.01
CA TYR F 80 60.92 -10.86 -9.93
C TYR F 80 61.41 -10.58 -8.51
N MET F 81 62.41 -11.34 -8.08
CA MET F 81 63.25 -11.00 -6.94
C MET F 81 64.63 -10.55 -7.43
N ASP F 82 65.14 -9.47 -6.84
CA ASP F 82 66.54 -9.09 -6.87
C ASP F 82 67.12 -9.27 -5.45
N LEU F 83 68.21 -10.03 -5.31
CA LEU F 83 68.96 -10.13 -4.06
C LEU F 83 70.36 -9.53 -4.25
N ASN F 84 70.69 -8.51 -3.45
CA ASN F 84 71.97 -7.81 -3.47
C ASN F 84 72.91 -8.31 -2.36
N ARG F 85 74.23 -8.10 -2.59
CA ARG F 85 75.39 -8.38 -1.71
C ARG F 85 75.47 -9.77 -1.14
N LEU F 86 75.38 -10.75 -2.08
CA LEU F 86 75.39 -12.20 -1.87
C LEU F 86 76.53 -12.69 -0.98
N LYS F 87 76.31 -13.81 -0.28
CA LYS F 87 77.29 -14.49 0.58
C LYS F 87 77.06 -16.01 0.58
N SER F 88 78.07 -16.79 0.95
CA SER F 88 78.17 -18.22 0.60
C SER F 88 76.94 -19.06 0.99
N ASP F 89 76.32 -18.82 2.14
CA ASP F 89 75.14 -19.54 2.62
C ASP F 89 73.82 -19.13 1.94
N ASP F 90 73.83 -18.15 1.01
CA ASP F 90 72.73 -17.92 0.06
C ASP F 90 72.64 -19.04 -1.01
N THR F 91 73.60 -19.96 -1.07
CA THR F 91 73.55 -21.17 -1.91
C THR F 91 72.37 -22.07 -1.53
N ALA F 92 71.30 -22.06 -2.34
CA ALA F 92 70.02 -22.72 -2.06
C ALA F 92 69.16 -22.84 -3.34
N VAL F 93 68.06 -23.59 -3.27
CA VAL F 93 66.96 -23.47 -4.26
C VAL F 93 65.96 -22.42 -3.77
N TYR F 94 65.60 -21.50 -4.66
CA TYR F 94 64.69 -20.38 -4.43
C TYR F 94 63.37 -20.61 -5.18
N TYR F 95 62.26 -20.43 -4.47
CA TYR F 95 60.90 -20.58 -4.98
C TYR F 95 60.13 -19.26 -4.88
N CYS F 96 59.29 -18.96 -5.88
CA CYS F 96 58.10 -18.16 -5.66
C CYS F 96 56.89 -19.07 -5.42
N ALA F 97 56.00 -18.67 -4.51
CA ALA F 97 54.77 -19.38 -4.22
C ALA F 97 53.62 -18.39 -4.03
N ARG F 98 52.43 -18.73 -4.55
CA ARG F 98 51.23 -17.90 -4.49
C ARG F 98 50.47 -18.12 -3.18
N ASP F 99 49.87 -17.06 -2.67
CA ASP F 99 48.80 -17.09 -1.67
C ASP F 99 47.51 -17.79 -2.20
N ARG F 100 46.58 -18.24 -1.35
CA ARG F 100 45.36 -18.85 -1.92
C ARG F 100 44.37 -17.81 -2.53
N VAL F 101 43.66 -18.23 -3.57
CA VAL F 101 42.53 -17.56 -4.26
C VAL F 101 41.19 -17.75 -3.54
N LEU F 102 40.98 -18.93 -2.93
CA LEU F 102 39.68 -19.42 -2.46
C LEU F 102 39.65 -19.70 -0.94
N TYR F 103 38.57 -20.32 -0.48
CA TYR F 103 38.14 -20.56 0.91
C TYR F 103 39.28 -20.62 1.92
N GLY F 104 39.33 -19.65 2.84
CA GLY F 104 40.38 -19.50 3.84
C GLY F 104 40.25 -18.17 4.57
N ARG F 105 41.11 -17.97 5.60
CA ARG F 105 41.18 -16.73 6.38
C ARG F 105 41.84 -15.68 5.47
N SER F 106 41.41 -14.41 5.58
CA SER F 106 41.85 -13.35 4.67
C SER F 106 43.35 -13.00 4.82
N PHE F 107 43.82 -12.90 6.04
CA PHE F 107 45.21 -12.58 6.40
C PHE F 107 46.14 -13.81 6.47
N GLY F 108 45.71 -14.99 5.99
CA GLY F 108 46.34 -16.27 6.29
C GLY F 108 47.59 -16.68 5.49
N TRP F 109 48.01 -15.85 4.55
CA TRP F 109 49.24 -15.99 3.73
C TRP F 109 49.36 -17.23 2.84
N TYR F 110 49.43 -18.44 3.41
CA TYR F 110 49.54 -19.75 2.74
C TYR F 110 50.69 -19.88 1.72
N PHE F 111 50.86 -21.06 1.15
CA PHE F 111 51.62 -21.27 -0.10
C PHE F 111 50.84 -22.29 -0.94
N ASP F 112 49.84 -21.79 -1.67
CA ASP F 112 48.75 -22.52 -2.32
C ASP F 112 49.14 -23.20 -3.64
N VAL F 113 50.07 -22.59 -4.38
CA VAL F 113 50.73 -23.19 -5.57
C VAL F 113 52.15 -22.63 -5.66
N TRP F 114 53.11 -23.48 -6.07
CA TRP F 114 54.56 -23.20 -6.00
C TRP F 114 55.20 -23.29 -7.39
N GLY F 115 56.20 -22.44 -7.64
CA GLY F 115 57.07 -22.54 -8.81
C GLY F 115 57.98 -23.77 -8.77
N ALA F 116 58.58 -24.10 -9.91
CA ALA F 116 59.48 -25.25 -10.05
C ALA F 116 60.81 -25.12 -9.26
N GLY F 117 61.15 -23.90 -8.82
CA GLY F 117 62.38 -23.57 -8.08
C GLY F 117 63.59 -23.32 -8.99
N THR F 118 64.40 -22.32 -8.63
CA THR F 118 65.68 -21.98 -9.27
C THR F 118 66.81 -22.22 -8.29
N THR F 119 67.80 -23.05 -8.61
CA THR F 119 69.03 -23.13 -7.82
C THR F 119 69.92 -21.93 -8.11
N VAL F 120 70.44 -21.28 -7.06
CA VAL F 120 71.53 -20.30 -7.17
C VAL F 120 72.67 -20.72 -6.25
N THR F 121 73.92 -20.52 -6.69
CA THR F 121 75.13 -20.97 -5.99
C THR F 121 76.10 -19.81 -5.82
N VAL F 122 76.66 -19.69 -4.61
CA VAL F 122 77.57 -18.59 -4.22
C VAL F 122 78.88 -19.16 -3.69
N SER F 123 79.95 -18.94 -4.45
CA SER F 123 81.34 -19.31 -4.14
C SER F 123 82.29 -18.54 -5.07
N SER F 124 83.58 -18.52 -4.77
CA SER F 124 84.59 -17.74 -5.51
C SER F 124 84.97 -18.31 -6.89
N ALA F 125 84.59 -19.55 -7.19
CA ALA F 125 85.01 -20.29 -8.38
C ALA F 125 84.22 -19.93 -9.66
N SER F 126 84.91 -19.93 -10.80
CA SER F 126 84.33 -20.11 -12.14
C SER F 126 84.12 -21.60 -12.46
N THR F 127 83.42 -21.92 -13.55
CA THR F 127 83.12 -23.33 -13.88
C THR F 127 84.39 -24.15 -14.20
N LYS F 128 84.48 -25.35 -13.60
CA LYS F 128 85.59 -26.29 -13.76
C LYS F 128 85.10 -27.60 -14.40
N GLY F 129 85.86 -28.12 -15.36
CA GLY F 129 85.60 -29.42 -15.97
C GLY F 129 85.96 -30.59 -15.03
N PRO F 130 85.16 -31.68 -15.00
CA PRO F 130 85.35 -32.77 -14.04
C PRO F 130 86.60 -33.61 -14.34
N SER F 131 87.20 -34.11 -13.27
CA SER F 131 88.16 -35.23 -13.31
C SER F 131 87.44 -36.50 -12.88
N VAL F 132 87.64 -37.61 -13.60
CA VAL F 132 86.94 -38.87 -13.33
C VAL F 132 87.90 -40.06 -13.25
N PHE F 133 87.73 -40.89 -12.22
CA PHE F 133 88.66 -41.95 -11.84
C PHE F 133 87.93 -43.30 -11.64
N PRO F 134 88.52 -44.44 -12.04
CA PRO F 134 87.93 -45.76 -11.85
C PRO F 134 88.02 -46.22 -10.40
N LEU F 135 86.91 -46.73 -9.86
CA LEU F 135 86.85 -47.45 -8.59
C LEU F 135 86.76 -48.95 -8.90
N ALA F 136 87.89 -49.64 -8.84
CA ALA F 136 88.04 -51.01 -9.34
C ALA F 136 88.49 -51.98 -8.24
N PRO F 137 87.98 -53.22 -8.21
CA PRO F 137 88.24 -54.16 -7.12
C PRO F 137 89.72 -54.58 -7.06
N CYS F 138 90.28 -54.60 -5.86
CA CYS F 138 91.72 -54.73 -5.63
C CYS F 138 92.19 -56.18 -5.82
N SER F 139 92.92 -56.45 -6.91
CA SER F 139 93.32 -57.78 -7.41
C SER F 139 92.17 -58.73 -7.80
N ARG F 140 92.15 -59.14 -9.06
CA ARG F 140 91.06 -60.00 -9.56
C ARG F 140 90.67 -61.22 -8.71
N SER F 141 91.67 -61.87 -8.14
CA SER F 141 91.48 -63.09 -7.33
C SER F 141 90.64 -62.90 -6.06
N THR F 142 90.38 -61.66 -5.63
CA THR F 142 89.68 -61.38 -4.36
C THR F 142 88.14 -61.44 -4.45
N SER F 143 87.52 -61.18 -5.60
CA SER F 143 86.07 -61.08 -5.70
C SER F 143 85.34 -62.44 -5.68
N GLU F 144 84.12 -62.44 -5.12
CA GLU F 144 83.24 -63.60 -4.97
C GLU F 144 81.77 -63.16 -4.88
N SER F 145 80.82 -64.05 -5.18
CA SER F 145 79.37 -63.78 -5.19
C SER F 145 78.96 -62.63 -6.12
N THR F 146 78.86 -61.40 -5.61
CA THR F 146 78.55 -60.17 -6.36
C THR F 146 79.58 -59.10 -6.00
N ALA F 147 80.16 -58.44 -7.02
CA ALA F 147 81.27 -57.50 -6.88
C ALA F 147 80.82 -56.06 -7.11
N ALA F 148 81.20 -55.13 -6.22
CA ALA F 148 81.02 -53.69 -6.43
C ALA F 148 82.14 -53.08 -7.28
N LEU F 149 81.82 -52.06 -8.08
CA LEU F 149 82.77 -51.25 -8.86
C LEU F 149 82.16 -49.88 -9.22
N GLY F 150 82.97 -48.91 -9.65
CA GLY F 150 82.49 -47.52 -9.68
C GLY F 150 83.32 -46.47 -10.43
N CYS F 151 82.92 -45.23 -10.17
CA CYS F 151 83.34 -44.00 -10.83
C CYS F 151 83.38 -42.87 -9.79
N LEU F 152 84.55 -42.28 -9.57
CA LEU F 152 84.71 -41.10 -8.72
C LEU F 152 84.76 -39.87 -9.61
N VAL F 153 83.80 -38.95 -9.47
CA VAL F 153 83.69 -37.72 -10.28
C VAL F 153 83.99 -36.53 -9.38
N LYS F 154 85.03 -35.76 -9.69
CA LYS F 154 85.70 -34.90 -8.71
C LYS F 154 86.21 -33.60 -9.32
N ASP F 155 86.37 -32.61 -8.42
CA ASP F 155 86.92 -31.30 -8.69
C ASP F 155 86.13 -30.65 -9.77
N TYR F 156 84.82 -30.68 -9.66
CA TYR F 156 84.09 -30.04 -10.74
C TYR F 156 83.18 -29.03 -10.11
N PHE F 157 82.98 -27.82 -10.63
CA PHE F 157 82.12 -26.87 -9.90
C PHE F 157 80.69 -26.56 -10.28
N PRO F 158 80.41 -26.44 -11.56
CA PRO F 158 79.03 -26.12 -11.87
C PRO F 158 78.20 -27.32 -11.59
N GLU F 159 77.71 -27.29 -10.35
CA GLU F 159 76.86 -28.32 -9.71
C GLU F 159 76.52 -29.64 -10.41
N PRO F 160 75.31 -29.70 -11.00
CA PRO F 160 74.59 -30.76 -11.70
C PRO F 160 75.31 -31.71 -12.68
N VAL F 161 76.16 -32.62 -12.21
CA VAL F 161 76.79 -33.57 -13.14
C VAL F 161 75.83 -34.71 -13.46
N THR F 162 75.79 -35.18 -14.72
CA THR F 162 74.87 -36.27 -15.09
C THR F 162 75.69 -37.51 -15.45
N VAL F 163 75.33 -38.66 -14.88
CA VAL F 163 76.10 -39.91 -14.94
C VAL F 163 75.23 -41.06 -15.49
N SER F 164 75.83 -41.95 -16.28
CA SER F 164 75.23 -43.22 -16.72
C SER F 164 76.27 -44.34 -16.81
N TRP F 165 75.80 -45.58 -16.85
CA TRP F 165 76.60 -46.78 -17.09
C TRP F 165 76.27 -47.38 -18.45
N ASN F 166 77.31 -47.68 -19.25
CA ASN F 166 77.21 -48.30 -20.57
C ASN F 166 76.19 -47.58 -21.49
N SER F 167 76.18 -46.24 -21.47
CA SER F 167 75.23 -45.34 -22.16
C SER F 167 73.74 -45.64 -21.89
N GLY F 168 73.43 -46.27 -20.76
CA GLY F 168 72.08 -46.69 -20.36
C GLY F 168 71.77 -48.18 -20.57
N ALA F 169 72.71 -48.98 -21.11
CA ALA F 169 72.55 -50.42 -21.28
C ALA F 169 72.57 -51.22 -19.95
N LEU F 170 72.95 -50.58 -18.84
CA LEU F 170 72.81 -51.13 -17.48
C LEU F 170 72.24 -50.07 -16.52
N THR F 171 71.26 -50.46 -15.69
CA THR F 171 70.55 -49.53 -14.78
C THR F 171 70.22 -50.14 -13.40
N SER F 172 70.05 -51.46 -13.29
CA SER F 172 69.69 -52.13 -12.02
C SER F 172 70.82 -52.06 -10.98
N GLY F 173 70.48 -51.77 -9.73
CA GLY F 173 71.43 -51.78 -8.59
C GLY F 173 72.44 -50.63 -8.53
N VAL F 174 72.43 -49.71 -9.50
CA VAL F 174 73.31 -48.53 -9.55
C VAL F 174 72.97 -47.54 -8.42
N HIS F 175 73.98 -46.91 -7.82
CA HIS F 175 73.85 -45.70 -7.01
C HIS F 175 74.70 -44.57 -7.60
N THR F 176 74.16 -43.35 -7.58
CA THR F 176 74.95 -42.11 -7.66
C THR F 176 74.68 -41.33 -6.37
N PHE F 177 75.72 -41.10 -5.56
CA PHE F 177 75.55 -40.46 -4.25
C PHE F 177 75.39 -38.92 -4.36
N PRO F 178 74.57 -38.28 -3.51
CA PRO F 178 74.48 -36.81 -3.44
C PRO F 178 75.86 -36.14 -3.30
N ALA F 179 76.17 -35.21 -4.20
CA ALA F 179 77.49 -34.57 -4.27
C ALA F 179 77.80 -33.71 -3.03
N VAL F 180 79.05 -33.76 -2.59
CA VAL F 180 79.56 -33.06 -1.39
C VAL F 180 80.48 -31.92 -1.81
N LEU F 181 80.29 -30.73 -1.24
CA LEU F 181 81.11 -29.55 -1.53
C LEU F 181 82.45 -29.59 -0.75
N GLN F 182 83.58 -29.61 -1.47
CA GLN F 182 84.92 -29.60 -0.89
C GLN F 182 85.30 -28.21 -0.34
N SER F 183 86.33 -28.15 0.52
CA SER F 183 86.84 -26.87 1.04
C SER F 183 87.35 -25.94 -0.06
N SER F 184 87.87 -26.48 -1.16
CA SER F 184 88.26 -25.76 -2.38
C SER F 184 87.09 -25.23 -3.24
N GLY F 185 85.83 -25.34 -2.78
CA GLY F 185 84.65 -24.81 -3.47
C GLY F 185 84.17 -25.65 -4.67
N LEU F 186 84.78 -26.81 -4.91
CA LEU F 186 84.43 -27.76 -5.97
C LEU F 186 83.62 -28.93 -5.41
N TYR F 187 82.62 -29.39 -6.14
CA TYR F 187 81.84 -30.57 -5.78
C TYR F 187 82.57 -31.86 -6.20
N SER F 188 82.23 -32.96 -5.51
CA SER F 188 82.56 -34.32 -5.95
C SER F 188 81.52 -35.35 -5.47
N LEU F 189 81.48 -36.49 -6.17
CA LEU F 189 80.63 -37.64 -5.84
C LEU F 189 81.29 -38.97 -6.23
N SER F 190 80.79 -40.05 -5.63
CA SER F 190 81.00 -41.42 -6.08
C SER F 190 79.72 -41.96 -6.73
N SER F 191 79.87 -42.79 -7.76
CA SER F 191 78.80 -43.58 -8.34
C SER F 191 79.28 -45.02 -8.55
N VAL F 192 78.45 -45.99 -8.17
CA VAL F 192 78.84 -47.40 -8.02
C VAL F 192 77.73 -48.33 -8.48
N VAL F 193 78.09 -49.57 -8.79
CA VAL F 193 77.14 -50.64 -9.09
C VAL F 193 77.67 -51.98 -8.58
N THR F 194 76.79 -52.91 -8.24
CA THR F 194 77.11 -54.30 -7.89
C THR F 194 76.68 -55.26 -8.99
N VAL F 195 77.59 -56.12 -9.44
CA VAL F 195 77.44 -57.00 -10.61
C VAL F 195 77.90 -58.44 -10.28
N PRO F 196 77.20 -59.50 -10.72
CA PRO F 196 77.59 -60.90 -10.46
C PRO F 196 79.05 -61.21 -10.85
N SER F 197 79.82 -61.76 -9.92
CA SER F 197 81.29 -61.81 -9.96
C SER F 197 81.87 -62.46 -11.24
N SER F 198 81.28 -63.57 -11.70
CA SER F 198 81.70 -64.24 -12.95
C SER F 198 81.60 -63.35 -14.19
N SER F 199 80.62 -62.44 -14.23
CA SER F 199 80.35 -61.58 -15.39
C SER F 199 81.28 -60.35 -15.49
N LEU F 200 82.10 -60.06 -14.48
CA LEU F 200 83.15 -59.03 -14.60
C LEU F 200 84.22 -59.45 -15.64
N GLY F 201 84.51 -60.75 -15.75
CA GLY F 201 85.51 -61.28 -16.70
C GLY F 201 85.01 -61.44 -18.14
N THR F 202 83.69 -61.53 -18.37
CA THR F 202 83.10 -61.86 -19.68
C THR F 202 82.63 -60.64 -20.49
N LYS F 203 82.74 -59.42 -19.94
CA LYS F 203 82.10 -58.20 -20.47
C LYS F 203 82.95 -56.95 -20.20
N THR F 204 82.73 -55.88 -20.97
CA THR F 204 83.38 -54.57 -20.79
C THR F 204 82.42 -53.60 -20.11
N TYR F 205 82.89 -52.91 -19.07
CA TYR F 205 82.11 -51.96 -18.27
C TYR F 205 82.65 -50.55 -18.46
N THR F 206 81.76 -49.56 -18.61
CA THR F 206 82.12 -48.15 -18.77
C THR F 206 81.05 -47.24 -18.16
N CYS F 207 81.45 -46.06 -17.70
CA CYS F 207 80.54 -45.02 -17.23
C CYS F 207 80.80 -43.70 -17.98
N ASN F 208 79.71 -42.99 -18.21
CA ASN F 208 79.62 -41.79 -19.03
C ASN F 208 79.23 -40.60 -18.13
N VAL F 209 80.01 -39.52 -18.15
CA VAL F 209 79.81 -38.36 -17.28
C VAL F 209 79.79 -37.08 -18.11
N ASP F 210 78.73 -36.29 -17.97
CA ASP F 210 78.56 -35.01 -18.68
C ASP F 210 78.39 -33.85 -17.68
N HIS F 211 78.93 -32.68 -18.04
CA HIS F 211 79.00 -31.46 -17.23
C HIS F 211 78.81 -30.22 -18.13
N LYS F 212 77.56 -29.90 -18.44
CA LYS F 212 77.18 -28.83 -19.38
C LYS F 212 77.76 -27.43 -19.06
N PRO F 213 77.92 -26.97 -17.80
CA PRO F 213 78.52 -25.67 -17.53
C PRO F 213 79.92 -25.47 -18.16
N SER F 214 80.75 -26.52 -18.20
CA SER F 214 82.05 -26.53 -18.89
C SER F 214 82.00 -27.23 -20.26
N ASN F 215 80.79 -27.51 -20.76
CA ASN F 215 80.49 -28.25 -21.98
C ASN F 215 81.33 -29.54 -22.16
N THR F 216 81.58 -30.25 -21.05
CA THR F 216 82.51 -31.38 -21.01
C THR F 216 81.73 -32.68 -20.85
N LYS F 217 81.89 -33.60 -21.79
CA LYS F 217 81.34 -34.96 -21.74
C LYS F 217 82.46 -35.97 -21.91
N VAL F 218 82.57 -36.94 -21.01
CA VAL F 218 83.70 -37.88 -20.93
C VAL F 218 83.25 -39.30 -20.59
N ASP F 219 83.97 -40.29 -21.10
CA ASP F 219 83.78 -41.71 -20.81
C ASP F 219 85.05 -42.32 -20.23
N LYS F 220 84.90 -43.31 -19.36
CA LYS F 220 85.99 -44.21 -18.93
C LYS F 220 85.48 -45.63 -18.71
N ARG F 221 86.36 -46.62 -18.81
CA ARG F 221 86.02 -48.01 -18.46
C ARG F 221 86.05 -48.25 -16.95
N VAL F 222 85.70 -49.46 -16.53
CA VAL F 222 86.21 -50.11 -15.31
C VAL F 222 86.68 -51.50 -15.70
N GLU F 223 87.87 -51.88 -15.26
CA GLU F 223 88.45 -53.21 -15.45
C GLU F 223 89.10 -53.68 -14.15
N SER F 224 88.93 -54.96 -13.79
CA SER F 224 89.62 -55.52 -12.63
C SER F 224 91.13 -55.57 -12.88
N LYS F 225 91.93 -55.22 -11.85
CA LYS F 225 93.40 -55.11 -11.95
C LYS F 225 94.10 -56.43 -11.65
N ASP G 1 59.47 -12.42 16.40
CA ASP G 1 59.20 -13.76 15.83
C ASP G 1 58.38 -14.61 16.79
N ILE G 2 57.66 -15.61 16.26
CA ILE G 2 56.98 -16.67 17.01
C ILE G 2 57.43 -17.99 16.39
N GLN G 3 58.58 -18.53 16.85
CA GLN G 3 59.19 -19.68 16.19
C GLN G 3 58.38 -20.97 16.38
N MET G 4 58.41 -21.83 15.37
CA MET G 4 57.76 -23.14 15.39
C MET G 4 58.80 -24.22 15.69
N THR G 5 58.53 -25.08 16.65
CA THR G 5 59.40 -26.23 16.97
C THR G 5 58.61 -27.53 16.76
N GLN G 6 58.88 -28.23 15.67
CA GLN G 6 58.39 -29.57 15.42
C GLN G 6 59.10 -30.57 16.35
N SER G 7 58.36 -31.49 16.99
CA SER G 7 58.98 -32.42 17.96
C SER G 7 59.87 -33.49 17.31
N PRO G 8 59.40 -34.33 16.37
CA PRO G 8 60.23 -35.38 15.78
C PRO G 8 61.15 -34.81 14.69
N SER G 9 62.44 -35.13 14.72
CA SER G 9 63.34 -34.84 13.60
C SER G 9 62.99 -35.70 12.38
N SER G 10 62.73 -36.99 12.60
CA SER G 10 62.11 -37.90 11.65
C SER G 10 61.31 -38.99 12.37
N LEU G 11 60.35 -39.62 11.67
CA LEU G 11 59.69 -40.84 12.12
C LEU G 11 59.93 -41.98 11.13
N SER G 12 60.45 -43.10 11.65
CA SER G 12 60.57 -44.35 10.89
C SER G 12 59.38 -45.25 11.21
N ALA G 13 58.47 -45.50 10.26
CA ALA G 13 57.23 -46.25 10.51
C ALA G 13 56.82 -47.16 9.33
N SER G 14 56.09 -48.24 9.62
CA SER G 14 55.70 -49.26 8.63
C SER G 14 54.35 -48.99 7.97
N VAL G 15 54.14 -49.47 6.74
CA VAL G 15 52.87 -49.30 6.00
C VAL G 15 51.68 -49.86 6.79
N GLY G 16 50.60 -49.09 6.88
CA GLY G 16 49.40 -49.42 7.67
C GLY G 16 49.42 -48.88 9.12
N ASP G 17 50.57 -48.44 9.63
CA ASP G 17 50.70 -47.85 10.97
C ASP G 17 50.45 -46.33 10.98
N ARG G 18 50.00 -45.81 12.12
CA ARG G 18 49.71 -44.38 12.25
C ARG G 18 50.91 -43.49 12.57
N VAL G 19 50.90 -42.28 12.02
CA VAL G 19 51.93 -41.26 12.21
C VAL G 19 51.27 -40.01 12.79
N THR G 20 51.87 -39.43 13.82
CA THR G 20 51.49 -38.14 14.38
C THR G 20 52.74 -37.25 14.51
N ILE G 21 52.69 -36.04 13.97
CA ILE G 21 53.77 -35.05 14.02
C ILE G 21 53.27 -33.82 14.77
N THR G 22 53.98 -33.39 15.81
CA THR G 22 53.60 -32.24 16.63
C THR G 22 54.39 -31.00 16.25
N CYS G 23 53.70 -29.87 16.07
CA CYS G 23 54.28 -28.53 15.93
C CYS G 23 53.87 -27.67 17.15
N GLN G 24 54.87 -27.19 17.89
CA GLN G 24 54.73 -26.39 19.12
C GLN G 24 55.12 -24.92 18.86
N ALA G 25 54.36 -23.98 19.41
CA ALA G 25 54.57 -22.54 19.25
C ALA G 25 54.95 -21.84 20.57
N SER G 26 55.71 -20.74 20.51
CA SER G 26 56.06 -19.93 21.70
C SER G 26 54.93 -19.03 22.22
N GLN G 27 53.83 -18.86 21.48
CA GLN G 27 52.64 -18.08 21.86
C GLN G 27 51.34 -18.78 21.43
N ASP G 28 50.21 -18.32 21.96
CA ASP G 28 48.88 -18.62 21.41
C ASP G 28 48.77 -18.13 19.95
N ILE G 29 48.88 -19.08 19.03
CA ILE G 29 48.61 -18.95 17.58
C ILE G 29 47.12 -19.17 17.27
N SER G 30 46.38 -19.72 18.24
CA SER G 30 44.94 -20.07 18.20
C SER G 30 44.56 -21.09 17.13
N ASP G 31 44.67 -20.73 15.86
CA ASP G 31 44.27 -21.52 14.68
C ASP G 31 45.17 -21.25 13.46
N TYR G 32 46.11 -20.30 13.59
CA TYR G 32 46.81 -19.65 12.49
C TYR G 32 48.08 -20.41 12.05
N LEU G 33 47.91 -21.70 11.72
CA LEU G 33 48.98 -22.66 11.42
C LEU G 33 48.58 -23.51 10.20
N ASN G 34 49.47 -23.68 9.23
CA ASN G 34 49.26 -24.48 8.00
C ASN G 34 50.34 -25.58 7.88
N TRP G 35 50.02 -26.69 7.21
CA TRP G 35 50.88 -27.88 7.10
C TRP G 35 51.11 -28.30 5.64
N TYR G 36 52.36 -28.63 5.32
CA TYR G 36 52.85 -28.92 3.97
C TYR G 36 53.63 -30.24 3.96
N GLN G 37 53.73 -30.88 2.79
CA GLN G 37 54.62 -32.01 2.54
C GLN G 37 55.56 -31.69 1.37
N GLN G 38 56.80 -32.18 1.44
CA GLN G 38 57.87 -31.98 0.48
C GLN G 38 58.48 -33.35 0.12
N GLN G 39 58.77 -33.60 -1.15
CA GLN G 39 59.36 -34.86 -1.63
C GLN G 39 60.67 -34.59 -2.42
N PRO G 40 61.64 -35.53 -2.42
CA PRO G 40 62.86 -35.40 -3.20
C PRO G 40 62.61 -35.07 -4.67
N GLY G 41 63.19 -33.97 -5.15
CA GLY G 41 63.10 -33.51 -6.54
C GLY G 41 61.92 -32.58 -6.88
N LYS G 42 61.08 -32.19 -5.91
CA LYS G 42 59.95 -31.26 -6.12
C LYS G 42 59.96 -30.07 -5.14
N ALA G 43 58.99 -29.17 -5.30
CA ALA G 43 58.63 -28.14 -4.31
C ALA G 43 57.61 -28.67 -3.27
N PRO G 44 57.48 -28.02 -2.10
CA PRO G 44 56.43 -28.33 -1.11
C PRO G 44 54.99 -28.22 -1.64
N LYS G 45 54.04 -28.80 -0.89
CA LYS G 45 52.63 -28.96 -1.26
C LYS G 45 51.74 -28.88 0.00
N LEU G 46 50.80 -27.92 0.03
CA LEU G 46 49.89 -27.67 1.15
C LEU G 46 48.89 -28.83 1.32
N LEU G 47 48.81 -29.41 2.51
CA LEU G 47 47.91 -30.53 2.84
C LEU G 47 46.77 -30.11 3.78
N ILE G 48 47.08 -29.36 4.85
CA ILE G 48 46.10 -28.81 5.78
C ILE G 48 46.32 -27.29 5.90
N TYR G 49 45.25 -26.51 5.76
CA TYR G 49 45.22 -25.08 6.12
C TYR G 49 44.35 -24.84 7.37
N ASP G 50 44.52 -23.69 8.02
CA ASP G 50 43.79 -23.29 9.24
C ASP G 50 43.79 -24.38 10.34
N ALA G 51 44.95 -25.04 10.50
CA ALA G 51 45.26 -26.12 11.44
C ALA G 51 44.33 -27.36 11.40
N SER G 52 43.34 -27.39 10.49
CA SER G 52 42.18 -28.28 10.65
C SER G 52 41.31 -28.48 9.40
N ASN G 53 41.67 -27.95 8.22
CA ASN G 53 40.93 -28.15 6.97
C ASN G 53 41.84 -28.74 5.88
N LEU G 54 41.40 -29.79 5.18
CA LEU G 54 42.13 -30.35 4.04
C LEU G 54 42.15 -29.39 2.83
N GLU G 55 43.27 -29.33 2.12
CA GLU G 55 43.34 -28.78 0.76
C GLU G 55 42.50 -29.63 -0.24
N THR G 56 42.11 -29.06 -1.37
CA THR G 56 41.31 -29.75 -2.41
C THR G 56 42.03 -30.98 -2.98
N GLY G 57 41.31 -32.10 -3.11
CA GLY G 57 41.79 -33.32 -3.77
C GLY G 57 42.81 -34.16 -3.00
N VAL G 58 43.26 -33.75 -1.80
CA VAL G 58 44.19 -34.56 -0.98
C VAL G 58 43.49 -35.80 -0.39
N PRO G 59 44.21 -36.92 -0.17
CA PRO G 59 43.66 -38.09 0.52
C PRO G 59 43.08 -37.76 1.90
N SER G 60 41.85 -38.22 2.17
CA SER G 60 41.16 -38.07 3.47
C SER G 60 41.86 -38.79 4.63
N ARG G 61 42.95 -39.49 4.28
CA ARG G 61 43.79 -40.15 5.26
C ARG G 61 44.48 -39.09 6.12
N PHE G 62 44.88 -37.97 5.51
CA PHE G 62 45.51 -36.89 6.27
C PHE G 62 44.53 -36.24 7.26
N SER G 63 45.06 -35.67 8.33
CA SER G 63 44.27 -34.95 9.35
C SER G 63 45.12 -33.93 10.10
N GLY G 64 44.45 -32.95 10.71
CA GLY G 64 45.08 -31.89 11.48
C GLY G 64 44.19 -31.43 12.65
N SER G 65 44.81 -31.10 13.78
CA SER G 65 44.11 -30.90 15.05
C SER G 65 44.93 -30.05 16.03
N GLY G 66 44.28 -29.52 17.06
CA GLY G 66 44.89 -28.70 18.11
C GLY G 66 44.44 -27.24 18.09
N SER G 67 44.79 -26.50 19.14
CA SER G 67 44.42 -25.09 19.34
C SER G 67 45.41 -24.36 20.23
N GLY G 68 45.56 -23.05 20.02
CA GLY G 68 46.41 -22.18 20.85
C GLY G 68 47.90 -22.40 20.61
N THR G 69 48.56 -23.12 21.52
CA THR G 69 50.03 -23.34 21.55
C THR G 69 50.48 -24.60 20.79
N ASP G 70 49.62 -25.64 20.79
CA ASP G 70 49.95 -27.02 20.41
C ASP G 70 49.11 -27.49 19.22
N PHE G 71 49.75 -27.92 18.12
CA PHE G 71 49.10 -28.40 16.90
C PHE G 71 49.71 -29.71 16.43
N THR G 72 48.89 -30.62 15.90
CA THR G 72 49.34 -31.90 15.33
C THR G 72 48.89 -32.10 13.89
N PHE G 73 49.75 -32.76 13.12
CA PHE G 73 49.47 -33.36 11.83
C PHE G 73 49.39 -34.88 11.99
N THR G 74 48.47 -35.54 11.30
CA THR G 74 48.21 -36.99 11.44
C THR G 74 48.06 -37.69 10.10
N ILE G 75 48.60 -38.91 9.99
CA ILE G 75 48.37 -39.85 8.89
C ILE G 75 47.92 -41.18 9.50
N SER G 76 46.82 -41.79 9.01
CA SER G 76 46.39 -43.10 9.52
C SER G 76 47.26 -44.27 9.03
N SER G 77 47.89 -44.16 7.84
CA SER G 77 48.70 -45.23 7.23
C SER G 77 49.71 -44.70 6.21
N LEU G 78 51.02 -44.64 6.52
CA LEU G 78 52.03 -44.07 5.60
C LEU G 78 52.37 -44.95 4.38
N GLN G 79 51.43 -45.05 3.42
CA GLN G 79 51.65 -45.68 2.11
C GLN G 79 52.77 -44.97 1.31
N PRO G 80 53.40 -45.63 0.31
CA PRO G 80 54.68 -45.19 -0.28
C PRO G 80 54.75 -43.74 -0.79
N GLU G 81 53.64 -43.17 -1.27
CA GLU G 81 53.55 -41.77 -1.72
C GLU G 81 53.80 -40.73 -0.61
N ASP G 82 53.57 -41.07 0.66
CA ASP G 82 53.59 -40.14 1.80
C ASP G 82 55.00 -39.81 2.34
N ILE G 83 56.02 -40.58 1.95
CA ILE G 83 57.41 -40.41 2.41
C ILE G 83 58.00 -39.08 1.88
N GLY G 84 58.67 -38.33 2.76
CA GLY G 84 59.16 -36.97 2.51
C GLY G 84 59.30 -36.18 3.81
N THR G 85 59.35 -34.85 3.72
CA THR G 85 59.38 -33.94 4.88
C THR G 85 58.05 -33.24 5.06
N TYR G 86 57.54 -33.19 6.28
CA TYR G 86 56.36 -32.44 6.69
C TYR G 86 56.77 -31.19 7.46
N TYR G 87 56.26 -30.04 7.04
CA TYR G 87 56.55 -28.73 7.61
C TYR G 87 55.28 -28.07 8.13
N CYS G 88 55.30 -27.50 9.35
CA CYS G 88 54.32 -26.49 9.73
C CYS G 88 54.81 -25.08 9.35
N GLN G 89 53.89 -24.18 9.00
CA GLN G 89 54.14 -22.73 8.92
C GLN G 89 53.02 -21.95 9.62
N GLN G 90 53.40 -21.00 10.44
CA GLN G 90 52.52 -20.11 11.17
C GLN G 90 52.17 -18.88 10.32
N TYR G 91 50.97 -18.33 10.49
CA TYR G 91 50.53 -17.14 9.75
C TYR G 91 50.05 -15.95 10.61
N ASP G 92 50.19 -16.05 11.93
CA ASP G 92 49.80 -14.99 12.86
C ASP G 92 50.63 -13.70 12.72
N ASN G 93 51.94 -13.81 12.49
CA ASN G 93 52.81 -12.68 12.14
C ASN G 93 53.96 -13.17 11.22
N LEU G 94 54.40 -12.34 10.25
CA LEU G 94 55.56 -12.52 9.36
C LEU G 94 55.96 -14.01 9.14
N PRO G 95 55.31 -14.73 8.22
CA PRO G 95 55.28 -16.20 8.15
C PRO G 95 56.56 -16.95 8.55
N THR G 96 56.46 -17.76 9.60
CA THR G 96 57.56 -18.59 10.12
C THR G 96 57.27 -20.07 9.91
N PHE G 97 58.17 -20.76 9.19
CA PHE G 97 58.23 -22.22 9.11
C PHE G 97 58.84 -22.84 10.38
N GLY G 98 58.46 -24.08 10.66
CA GLY G 98 59.26 -25.00 11.48
C GLY G 98 60.41 -25.64 10.68
N GLY G 99 61.33 -26.32 11.37
CA GLY G 99 62.53 -26.91 10.76
C GLY G 99 62.27 -28.13 9.85
N GLY G 100 61.09 -28.76 9.96
CA GLY G 100 60.64 -29.88 9.14
C GLY G 100 60.94 -31.27 9.71
N THR G 101 59.90 -32.11 9.82
CA THR G 101 59.96 -33.50 10.28
C THR G 101 59.98 -34.46 9.08
N LYS G 102 60.96 -35.35 9.00
CA LYS G 102 61.06 -36.34 7.91
C LYS G 102 60.24 -37.61 8.19
N LEU G 103 59.88 -38.36 7.15
CA LEU G 103 59.42 -39.75 7.24
C LEU G 103 60.35 -40.69 6.48
N GLU G 104 60.49 -41.92 6.98
CA GLU G 104 61.07 -43.06 6.27
C GLU G 104 60.31 -44.35 6.60
N ILE G 105 60.33 -45.32 5.69
CA ILE G 105 59.74 -46.64 5.95
C ILE G 105 60.56 -47.37 7.02
N LYS G 106 59.88 -47.94 8.03
CA LYS G 106 60.45 -48.91 8.98
C LYS G 106 60.62 -50.27 8.27
N ARG G 107 61.82 -50.52 7.75
CA ARG G 107 62.19 -51.80 7.12
C ARG G 107 62.48 -52.87 8.18
N THR G 108 62.46 -54.15 7.79
CA THR G 108 63.16 -55.21 8.52
C THR G 108 64.69 -55.02 8.46
N VAL G 109 65.44 -55.70 9.32
CA VAL G 109 66.92 -55.57 9.41
C VAL G 109 67.60 -55.80 8.05
N ALA G 110 68.66 -55.02 7.78
CA ALA G 110 69.56 -55.26 6.65
C ALA G 110 70.98 -54.77 7.01
N ALA G 111 71.95 -55.67 7.04
CA ALA G 111 73.37 -55.32 7.27
C ALA G 111 74.04 -54.80 5.99
N PRO G 112 75.02 -53.89 6.07
CA PRO G 112 75.74 -53.42 4.90
C PRO G 112 76.62 -54.51 4.28
N SER G 113 76.51 -54.69 2.96
CA SER G 113 77.61 -55.24 2.16
C SER G 113 78.71 -54.18 2.06
N VAL G 114 79.93 -54.50 2.52
CA VAL G 114 81.03 -53.52 2.66
C VAL G 114 82.16 -53.77 1.64
N PHE G 115 82.59 -52.69 0.98
CA PHE G 115 83.62 -52.67 -0.06
C PHE G 115 84.59 -51.50 0.15
N ILE G 116 85.81 -51.62 -0.40
CA ILE G 116 86.89 -50.63 -0.32
C ILE G 116 87.53 -50.48 -1.71
N PHE G 117 87.84 -49.26 -2.14
CA PHE G 117 88.59 -49.01 -3.39
C PHE G 117 89.76 -48.04 -3.17
N PRO G 118 90.98 -48.39 -3.64
CA PRO G 118 92.16 -47.52 -3.61
C PRO G 118 92.15 -46.46 -4.73
N PRO G 119 93.05 -45.44 -4.67
CA PRO G 119 93.22 -44.47 -5.75
C PRO G 119 93.76 -45.13 -7.03
N SER G 120 93.34 -44.61 -8.18
CA SER G 120 93.87 -45.00 -9.49
C SER G 120 95.20 -44.31 -9.82
N ASP G 121 95.93 -44.84 -10.79
CA ASP G 121 97.27 -44.37 -11.16
C ASP G 121 97.31 -42.90 -11.63
N GLU G 122 96.32 -42.44 -12.40
CA GLU G 122 96.31 -41.03 -12.86
C GLU G 122 95.92 -40.06 -11.75
N GLN G 123 95.17 -40.52 -10.74
CA GLN G 123 94.91 -39.73 -9.53
C GLN G 123 96.21 -39.56 -8.72
N LEU G 124 96.92 -40.66 -8.43
CA LEU G 124 98.17 -40.61 -7.69
C LEU G 124 99.26 -39.82 -8.43
N LYS G 125 99.37 -40.00 -9.76
CA LYS G 125 100.26 -39.20 -10.61
C LYS G 125 99.91 -37.70 -10.63
N SER G 126 98.64 -37.33 -10.45
CA SER G 126 98.23 -35.92 -10.25
C SER G 126 98.54 -35.37 -8.85
N GLY G 127 98.98 -36.21 -7.91
CA GLY G 127 99.43 -35.84 -6.56
C GLY G 127 98.44 -36.12 -5.42
N THR G 128 97.35 -36.85 -5.68
CA THR G 128 96.28 -37.09 -4.68
C THR G 128 95.91 -38.56 -4.57
N ALA G 129 95.65 -39.02 -3.34
CA ALA G 129 95.07 -40.33 -3.06
C ALA G 129 93.71 -40.17 -2.40
N SER G 130 92.65 -40.62 -3.09
CA SER G 130 91.34 -40.84 -2.49
C SER G 130 91.11 -42.35 -2.32
N VAL G 131 90.85 -42.78 -1.08
CA VAL G 131 90.45 -44.15 -0.73
C VAL G 131 88.98 -44.10 -0.33
N VAL G 132 88.14 -44.98 -0.86
CA VAL G 132 86.69 -44.93 -0.64
C VAL G 132 86.13 -46.23 -0.09
N CYS G 133 85.32 -46.12 0.95
CA CYS G 133 84.61 -47.20 1.61
C CYS G 133 83.12 -47.10 1.29
N LEU G 134 82.56 -48.18 0.74
CA LEU G 134 81.16 -48.31 0.32
C LEU G 134 80.43 -49.25 1.27
N LEU G 135 79.27 -48.81 1.79
CA LEU G 135 78.32 -49.64 2.51
C LEU G 135 77.03 -49.71 1.68
N ASN G 136 76.57 -50.90 1.31
CA ASN G 136 75.43 -51.06 0.39
C ASN G 136 74.29 -51.92 0.97
N ASN G 137 73.06 -51.53 0.66
CA ASN G 137 71.85 -52.23 1.09
C ASN G 137 71.63 -52.46 2.60
N PHE G 138 71.77 -51.42 3.41
CA PHE G 138 71.49 -51.58 4.85
C PHE G 138 70.30 -50.71 5.28
N TYR G 139 69.68 -51.00 6.42
CA TYR G 139 68.54 -50.20 6.80
C TYR G 139 68.63 -49.23 7.96
N PRO G 140 69.12 -49.65 9.10
CA PRO G 140 69.15 -48.66 10.16
C PRO G 140 70.19 -47.69 9.71
N ARG G 141 69.79 -46.50 9.29
CA ARG G 141 70.71 -45.46 8.78
C ARG G 141 72.05 -45.31 9.51
N GLU G 142 71.99 -45.01 10.81
CA GLU G 142 73.17 -44.83 11.63
C GLU G 142 74.10 -46.04 11.60
N ALA G 143 75.26 -45.86 10.96
CA ALA G 143 76.28 -46.91 10.87
C ALA G 143 77.63 -46.23 11.02
N LYS G 144 78.33 -46.51 12.11
CA LYS G 144 79.62 -45.86 12.35
C LYS G 144 80.66 -46.43 11.38
N VAL G 145 81.26 -45.56 10.57
CA VAL G 145 82.46 -45.84 9.77
C VAL G 145 83.69 -45.22 10.42
N GLN G 146 84.81 -45.94 10.40
CA GLN G 146 86.09 -45.44 10.88
C GLN G 146 87.24 -45.82 9.94
N TRP G 147 88.26 -44.99 9.85
CA TRP G 147 89.44 -45.19 9.01
C TRP G 147 90.68 -45.53 9.85
N LYS G 148 91.36 -46.62 9.50
CA LYS G 148 92.63 -47.03 10.11
C LYS G 148 93.72 -47.13 9.04
N VAL G 149 94.86 -46.51 9.31
CA VAL G 149 96.01 -46.45 8.38
C VAL G 149 97.27 -46.81 9.16
N ASP G 150 98.01 -47.82 8.70
CA ASP G 150 99.03 -48.57 9.48
C ASP G 150 98.53 -49.04 10.89
N ASN G 151 97.22 -49.26 11.02
CA ASN G 151 96.48 -49.47 12.28
C ASN G 151 96.41 -48.26 13.25
N ALA G 152 96.97 -47.10 12.91
CA ALA G 152 96.68 -45.84 13.60
C ALA G 152 95.28 -45.31 13.23
N LEU G 153 94.57 -44.74 14.21
CA LEU G 153 93.23 -44.17 14.04
C LEU G 153 93.31 -42.83 13.27
N GLN G 154 92.74 -42.77 12.06
CA GLN G 154 92.77 -41.60 11.19
C GLN G 154 91.39 -40.94 11.10
N SER G 155 91.34 -39.61 11.24
CA SER G 155 90.09 -38.83 11.32
C SER G 155 90.24 -37.43 10.70
N GLY G 156 89.12 -36.78 10.37
CA GLY G 156 89.07 -35.38 9.96
C GLY G 156 89.46 -35.08 8.50
N ASN G 157 89.69 -36.10 7.67
CA ASN G 157 90.04 -35.96 6.24
C ASN G 157 89.31 -36.94 5.31
N SER G 158 88.27 -37.63 5.79
CA SER G 158 87.24 -38.22 4.93
C SER G 158 86.00 -37.32 4.82
N GLN G 159 85.21 -37.52 3.77
CA GLN G 159 83.88 -36.93 3.58
C GLN G 159 82.86 -38.00 3.21
N GLU G 160 81.63 -37.87 3.71
CA GLU G 160 80.59 -38.91 3.64
C GLU G 160 79.34 -38.42 2.89
N SER G 161 78.70 -39.32 2.14
CA SER G 161 77.40 -39.09 1.51
C SER G 161 76.51 -40.33 1.58
N VAL G 162 75.20 -40.13 1.75
CA VAL G 162 74.17 -41.17 1.91
C VAL G 162 73.10 -40.96 0.84
N THR G 163 72.67 -42.03 0.15
CA THR G 163 71.60 -41.92 -0.86
C THR G 163 70.20 -41.78 -0.24
N GLU G 164 69.19 -41.40 -1.02
CA GLU G 164 67.79 -41.40 -0.57
C GLU G 164 67.25 -42.83 -0.34
N GLN G 165 66.38 -43.04 0.65
CA GLN G 165 65.73 -44.35 0.88
C GLN G 165 64.92 -44.75 -0.36
N ASP G 166 65.25 -45.89 -0.97
CA ASP G 166 64.75 -46.23 -2.30
C ASP G 166 63.29 -46.71 -2.30
N SER G 167 62.69 -46.75 -3.50
CA SER G 167 61.44 -47.47 -3.75
C SER G 167 61.64 -48.99 -3.90
N LYS G 168 62.84 -49.43 -4.28
CA LYS G 168 63.14 -50.82 -4.64
C LYS G 168 62.98 -51.84 -3.51
N ASP G 169 63.48 -51.54 -2.30
CA ASP G 169 63.28 -52.39 -1.11
C ASP G 169 63.29 -51.59 0.22
N SER G 170 63.23 -50.25 0.15
CA SER G 170 63.11 -49.32 1.28
C SER G 170 64.35 -49.27 2.19
N THR G 171 65.53 -49.21 1.58
CA THR G 171 66.83 -49.34 2.28
C THR G 171 67.85 -48.27 1.85
N TYR G 172 68.94 -48.13 2.61
CA TYR G 172 70.03 -47.16 2.41
C TYR G 172 71.32 -47.77 1.83
N SER G 173 72.18 -46.88 1.33
CA SER G 173 73.60 -47.10 1.06
C SER G 173 74.37 -45.80 1.38
N LEU G 174 75.67 -45.89 1.67
CA LEU G 174 76.52 -44.72 1.88
C LEU G 174 77.94 -44.94 1.35
N SER G 175 78.63 -43.83 1.07
CA SER G 175 80.03 -43.81 0.67
C SER G 175 80.81 -42.81 1.54
N SER G 176 81.92 -43.28 2.13
CA SER G 176 82.92 -42.46 2.82
C SER G 176 84.19 -42.39 1.96
N THR G 177 84.65 -41.20 1.61
CA THR G 177 85.88 -41.01 0.81
C THR G 177 86.94 -40.30 1.64
N LEU G 178 87.97 -41.03 2.06
CA LEU G 178 89.20 -40.52 2.68
C LEU G 178 90.08 -39.87 1.61
N THR G 179 90.38 -38.57 1.73
CA THR G 179 91.25 -37.83 0.79
C THR G 179 92.54 -37.36 1.48
N LEU G 180 93.69 -37.68 0.91
CA LEU G 180 95.02 -37.32 1.41
C LEU G 180 96.05 -37.16 0.26
N SER G 181 97.17 -36.48 0.51
CA SER G 181 98.18 -36.21 -0.52
C SER G 181 99.01 -37.46 -0.88
N LYS G 182 99.59 -37.50 -2.08
CA LYS G 182 100.56 -38.54 -2.47
C LYS G 182 101.69 -38.68 -1.46
N ALA G 183 102.20 -37.56 -0.93
CA ALA G 183 103.28 -37.55 0.06
C ALA G 183 102.90 -38.20 1.40
N ASP G 184 101.61 -38.22 1.76
CA ASP G 184 101.08 -38.98 2.90
C ASP G 184 100.79 -40.44 2.52
N TYR G 185 100.28 -40.70 1.31
CA TYR G 185 99.83 -42.03 0.87
C TYR G 185 100.93 -43.09 0.85
N GLU G 186 102.11 -42.74 0.34
CA GLU G 186 103.20 -43.69 0.10
C GLU G 186 103.88 -44.17 1.38
N LYS G 187 103.77 -43.42 2.49
CA LYS G 187 104.47 -43.72 3.77
C LYS G 187 103.85 -44.86 4.58
N HIS G 188 102.56 -45.17 4.40
CA HIS G 188 101.82 -46.10 5.26
C HIS G 188 101.37 -47.33 4.46
N LYS G 189 101.79 -48.54 4.85
CA LYS G 189 101.59 -49.75 4.03
C LYS G 189 100.15 -50.25 3.95
N VAL G 190 99.42 -50.20 5.06
CA VAL G 190 98.08 -50.82 5.22
C VAL G 190 96.98 -49.76 5.33
N TYR G 191 95.89 -49.95 4.59
CA TYR G 191 94.69 -49.11 4.63
C TYR G 191 93.45 -49.96 4.93
N ALA G 192 92.60 -49.49 5.84
CA ALA G 192 91.35 -50.16 6.17
C ALA G 192 90.25 -49.14 6.52
N CYS G 193 89.00 -49.51 6.19
CA CYS G 193 87.81 -48.96 6.82
C CYS G 193 87.14 -50.02 7.70
N GLU G 194 86.55 -49.58 8.80
CA GLU G 194 85.86 -50.40 9.81
C GLU G 194 84.40 -49.95 9.93
N VAL G 195 83.46 -50.89 10.03
CA VAL G 195 82.02 -50.63 10.06
C VAL G 195 81.36 -51.25 11.29
N THR G 196 80.65 -50.43 12.06
CA THR G 196 79.69 -50.86 13.10
C THR G 196 78.27 -50.55 12.65
N HIS G 197 77.40 -51.56 12.59
CA HIS G 197 75.99 -51.44 12.20
C HIS G 197 75.15 -52.52 12.90
N GLN G 198 73.86 -52.27 13.15
CA GLN G 198 73.01 -53.17 13.95
C GLN G 198 72.77 -54.55 13.30
N GLY G 199 72.97 -54.70 11.99
CA GLY G 199 72.82 -55.96 11.27
C GLY G 199 74.01 -56.94 11.42
N LEU G 200 75.10 -56.51 12.05
CA LEU G 200 76.32 -57.30 12.24
C LEU G 200 76.82 -57.23 13.70
N SER G 201 77.31 -58.34 14.23
CA SER G 201 77.67 -58.51 15.65
C SER G 201 79.02 -57.85 15.99
N SER G 202 80.13 -58.44 15.54
CA SER G 202 81.46 -57.84 15.57
C SER G 202 81.62 -56.82 14.42
N PRO G 203 82.39 -55.71 14.60
CA PRO G 203 82.56 -54.69 13.57
C PRO G 203 83.41 -55.23 12.41
N VAL G 204 82.87 -55.17 11.20
CA VAL G 204 83.54 -55.69 9.99
C VAL G 204 84.56 -54.69 9.45
N THR G 205 85.71 -55.18 9.00
CA THR G 205 86.78 -54.37 8.37
C THR G 205 86.99 -54.77 6.92
N LYS G 206 87.25 -53.80 6.04
CA LYS G 206 87.64 -54.03 4.64
C LYS G 206 88.89 -53.21 4.32
N SER G 207 89.88 -53.83 3.68
CA SER G 207 91.27 -53.35 3.70
C SER G 207 92.11 -53.83 2.51
N PHE G 208 93.23 -53.15 2.27
CA PHE G 208 94.25 -53.50 1.27
C PHE G 208 95.64 -53.01 1.71
N ASN G 209 96.70 -53.53 1.08
CA ASN G 209 98.08 -53.05 1.27
C ASN G 209 98.57 -52.36 -0.02
N ARG G 210 99.04 -51.13 0.09
CA ARG G 210 99.45 -50.36 -1.10
C ARG G 210 100.42 -51.07 -2.05
N GLY G 211 100.07 -51.09 -3.34
CA GLY G 211 100.97 -51.68 -4.34
C GLY G 211 101.06 -53.22 -4.33
N GLU G 212 100.33 -53.91 -3.45
CA GLU G 212 100.25 -55.38 -3.41
C GLU G 212 99.09 -55.93 -4.26
N GLN H 1 27.11 26.22 36.47
CA GLN H 1 27.57 26.42 37.86
C GLN H 1 26.52 25.89 38.84
N VAL H 2 26.96 25.20 39.90
CA VAL H 2 26.10 24.69 40.99
C VAL H 2 26.78 24.93 42.33
N GLN H 3 26.01 25.05 43.41
CA GLN H 3 26.55 25.34 44.74
C GLN H 3 25.69 24.70 45.84
N LEU H 4 26.35 24.23 46.90
CA LEU H 4 25.72 23.83 48.16
C LEU H 4 26.33 24.68 49.29
N VAL H 5 25.52 25.44 50.02
CA VAL H 5 26.01 26.33 51.10
C VAL H 5 25.48 25.87 52.46
N GLN H 6 26.39 25.46 53.35
CA GLN H 6 26.08 25.14 54.75
C GLN H 6 25.95 26.38 55.66
N SER H 7 25.22 26.24 56.77
CA SER H 7 25.23 27.19 57.88
C SER H 7 26.60 27.28 58.57
N GLY H 8 26.88 28.39 59.26
CA GLY H 8 28.07 28.57 60.09
C GLY H 8 28.19 27.51 61.21
N ALA H 9 29.39 27.39 61.80
CA ALA H 9 29.69 26.32 62.76
C ALA H 9 28.74 26.29 63.97
N GLU H 10 28.45 25.08 64.46
CA GLU H 10 27.53 24.82 65.56
C GLU H 10 28.28 24.34 66.81
N VAL H 11 27.87 24.85 67.98
CA VAL H 11 28.45 24.46 69.28
C VAL H 11 27.34 24.11 70.26
N LYS H 12 27.41 22.94 70.90
CA LYS H 12 26.29 22.35 71.68
C LYS H 12 26.77 21.53 72.89
N LYS H 13 25.88 21.37 73.88
CA LYS H 13 26.06 20.49 75.04
C LYS H 13 25.86 19.01 74.65
N PRO H 14 26.49 18.05 75.34
CA PRO H 14 26.08 16.65 75.29
C PRO H 14 24.58 16.46 75.60
N GLY H 15 23.95 15.47 74.97
CA GLY H 15 22.52 15.18 75.07
C GLY H 15 21.59 16.15 74.31
N ALA H 16 22.09 17.29 73.84
CA ALA H 16 21.30 18.28 73.09
C ALA H 16 21.02 17.84 71.63
N SER H 17 20.38 18.71 70.85
CA SER H 17 20.11 18.53 69.42
C SER H 17 20.72 19.66 68.58
N VAL H 18 21.09 19.34 67.34
CA VAL H 18 21.59 20.31 66.34
C VAL H 18 20.88 20.13 65.01
N LYS H 19 20.50 21.24 64.36
CA LYS H 19 19.93 21.23 63.01
C LYS H 19 20.83 22.01 62.05
N VAL H 20 21.33 21.33 61.02
CA VAL H 20 22.26 21.86 60.01
C VAL H 20 21.57 21.80 58.65
N SER H 21 21.72 22.85 57.85
CA SER H 21 21.09 22.99 56.54
C SER H 21 22.13 23.13 55.43
N CYS H 22 21.79 22.61 54.26
CA CYS H 22 22.42 22.88 52.98
C CYS H 22 21.43 23.60 52.07
N LYS H 23 21.68 24.87 51.74
CA LYS H 23 20.98 25.57 50.67
C LYS H 23 21.59 25.17 49.33
N ALA H 24 20.81 24.55 48.45
CA ALA H 24 21.21 24.29 47.07
C ALA H 24 20.86 25.46 46.14
N SER H 25 21.68 25.64 45.09
CA SER H 25 21.43 26.58 43.99
C SER H 25 22.17 26.16 42.72
N GLY H 26 21.74 26.71 41.58
CA GLY H 26 22.32 26.48 40.24
C GLY H 26 21.80 25.24 39.49
N TYR H 27 20.99 24.39 40.13
CA TYR H 27 20.34 23.22 39.52
C TYR H 27 18.95 22.95 40.11
N THR H 28 18.18 22.08 39.44
CA THR H 28 16.84 21.65 39.89
C THR H 28 16.90 20.72 41.10
N PHE H 29 16.40 21.17 42.24
CA PHE H 29 16.57 20.52 43.55
C PHE H 29 16.05 19.07 43.64
N THR H 30 14.94 18.74 42.97
CA THR H 30 14.31 17.41 43.05
C THR H 30 14.88 16.36 42.08
N GLY H 31 15.93 16.67 41.33
CA GLY H 31 16.50 15.75 40.34
C GLY H 31 17.23 14.54 40.94
N THR H 32 17.91 14.72 42.08
CA THR H 32 18.83 13.74 42.67
C THR H 32 18.86 13.78 44.20
N TYR H 33 19.25 12.67 44.82
CA TYR H 33 19.35 12.55 46.29
C TYR H 33 20.41 13.49 46.88
N ILE H 34 20.21 13.88 48.14
CA ILE H 34 21.23 14.53 48.98
C ILE H 34 21.64 13.56 50.09
N HIS H 35 22.93 13.25 50.17
CA HIS H 35 23.53 12.54 51.30
C HIS H 35 24.00 13.51 52.37
N TRP H 36 24.07 13.04 53.62
CA TRP H 36 24.86 13.65 54.69
C TRP H 36 26.00 12.73 55.11
N VAL H 37 27.18 13.31 55.34
CA VAL H 37 28.42 12.59 55.66
C VAL H 37 29.28 13.44 56.61
N ARG H 38 30.08 12.79 57.44
CA ARG H 38 30.96 13.49 58.38
C ARG H 38 32.39 12.94 58.44
N GLN H 39 33.24 13.66 59.16
CA GLN H 39 34.64 13.32 59.36
C GLN H 39 35.09 13.82 60.75
N ALA H 40 35.46 12.91 61.65
CA ALA H 40 36.01 13.27 62.96
C ALA H 40 37.44 13.85 62.84
N PRO H 41 37.92 14.68 63.80
CA PRO H 41 39.18 15.42 63.69
C PRO H 41 40.41 14.55 63.34
N GLY H 42 40.93 14.71 62.12
CA GLY H 42 42.07 13.95 61.59
C GLY H 42 41.79 12.50 61.18
N GLN H 43 40.52 12.11 61.04
CA GLN H 43 40.06 10.73 60.78
C GLN H 43 39.43 10.55 59.38
N GLY H 44 38.92 9.36 59.09
CA GLY H 44 38.22 9.01 57.85
C GLY H 44 36.75 9.44 57.78
N LEU H 45 36.18 9.36 56.57
CA LEU H 45 34.79 9.73 56.26
C LEU H 45 33.76 8.70 56.77
N GLU H 46 32.57 9.18 57.09
CA GLU H 46 31.52 8.44 57.79
C GLU H 46 30.12 8.91 57.33
N TRP H 47 29.38 8.05 56.63
CA TRP H 47 28.07 8.39 56.07
C TRP H 47 26.92 8.30 57.09
N MET H 48 26.01 9.28 57.05
CA MET H 48 24.85 9.36 57.95
C MET H 48 23.62 8.68 57.33
N GLY H 49 23.26 9.11 56.13
CA GLY H 49 22.02 8.78 55.44
C GLY H 49 21.85 9.62 54.17
N TRP H 50 20.78 9.39 53.42
CA TRP H 50 20.35 10.21 52.29
C TRP H 50 18.87 10.53 52.37
N ILE H 51 18.47 11.60 51.69
CA ILE H 51 17.08 12.00 51.47
C ILE H 51 16.85 12.22 49.97
N ASN H 52 15.69 11.80 49.46
CA ASN H 52 15.28 12.01 48.08
C ASN H 52 14.36 13.24 47.99
N PRO H 53 14.82 14.43 47.54
CA PRO H 53 14.04 15.65 47.67
C PRO H 53 12.70 15.66 46.94
N ASN H 54 12.53 14.83 45.91
CA ASN H 54 11.24 14.71 45.20
C ASN H 54 10.12 14.06 46.05
N SER H 55 10.50 13.26 47.05
CA SER H 55 9.62 12.35 47.81
C SER H 55 9.68 12.58 49.33
N GLY H 56 10.78 13.11 49.85
CA GLY H 56 11.05 13.24 51.29
C GLY H 56 11.42 11.93 52.00
N GLY H 57 11.35 10.78 51.33
CA GLY H 57 11.85 9.50 51.82
C GLY H 57 13.36 9.53 52.06
N THR H 58 13.79 8.80 53.10
CA THR H 58 15.17 8.83 53.60
C THR H 58 15.61 7.48 54.17
N ASN H 59 16.88 7.13 53.98
CA ASN H 59 17.51 5.88 54.45
C ASN H 59 18.84 6.21 55.15
N PHE H 60 19.16 5.48 56.22
CA PHE H 60 20.28 5.78 57.13
C PHE H 60 21.30 4.62 57.20
N ALA H 61 22.54 4.95 57.54
CA ALA H 61 23.46 3.98 58.12
C ALA H 61 23.03 3.66 59.57
N GLN H 62 22.26 2.59 59.75
CA GLN H 62 22.01 1.79 60.98
C GLN H 62 22.30 2.47 62.34
N ILE H 63 23.59 2.73 62.65
CA ILE H 63 24.08 3.43 63.84
C ILE H 63 23.34 4.77 64.11
N PHE H 64 22.98 5.51 63.07
CA PHE H 64 22.31 6.81 63.15
C PHE H 64 20.77 6.73 63.04
N GLN H 65 20.20 5.57 62.72
CA GLN H 65 18.75 5.40 62.64
C GLN H 65 18.11 5.61 64.03
N GLY H 66 17.07 6.45 64.09
CA GLY H 66 16.46 6.90 65.35
C GLY H 66 17.24 7.98 66.12
N ARG H 67 18.40 8.42 65.63
CA ARG H 67 19.15 9.59 66.13
C ARG H 67 19.07 10.77 65.17
N VAL H 68 19.35 10.56 63.88
CA VAL H 68 19.21 11.59 62.84
C VAL H 68 17.83 11.55 62.20
N THR H 69 17.33 12.72 61.82
CA THR H 69 16.17 12.90 60.93
C THR H 69 16.60 13.83 59.80
N LEU H 70 16.31 13.46 58.54
CA LEU H 70 16.55 14.31 57.38
C LEU H 70 15.22 14.90 56.90
N THR H 71 15.23 16.16 56.49
CA THR H 71 14.04 16.86 55.97
C THR H 71 14.42 17.87 54.89
N ARG H 72 13.42 18.47 54.22
CA ARG H 72 13.65 19.44 53.12
C ARG H 72 12.43 20.25 52.65
N ASP H 73 12.62 21.54 52.38
CA ASP H 73 11.55 22.33 51.76
C ASP H 73 11.87 22.66 50.29
N THR H 74 10.98 22.23 49.37
CA THR H 74 11.26 22.28 47.91
C THR H 74 11.22 23.71 47.35
N SER H 75 10.37 24.58 47.90
CA SER H 75 10.32 26.01 47.55
C SER H 75 11.66 26.72 47.82
N ILE H 76 12.31 26.36 48.92
CA ILE H 76 13.54 27.01 49.42
C ILE H 76 14.80 26.21 49.03
N SER H 77 14.63 25.09 48.31
CA SER H 77 15.67 24.17 47.81
C SER H 77 16.76 23.89 48.84
N THR H 78 16.32 23.62 50.08
CA THR H 78 17.19 23.40 51.24
C THR H 78 16.97 21.99 51.78
N ALA H 79 18.06 21.24 51.93
CA ALA H 79 18.10 19.95 52.62
C ALA H 79 18.63 20.14 54.04
N TYR H 80 18.09 19.42 55.03
CA TYR H 80 18.48 19.54 56.44
C TYR H 80 18.81 18.16 57.02
N MET H 81 19.76 18.15 57.96
CA MET H 81 19.83 17.12 59.00
C MET H 81 19.49 17.74 60.36
N ASP H 82 18.56 17.12 61.09
CA ASP H 82 18.30 17.37 62.50
C ASP H 82 18.79 16.14 63.28
N LEU H 83 19.78 16.32 64.16
CA LEU H 83 20.42 15.25 64.91
C LEU H 83 20.12 15.39 66.40
N ASN H 84 19.49 14.36 66.98
CA ASN H 84 19.13 14.27 68.39
C ASN H 84 20.25 13.66 69.24
N ARG H 85 20.23 14.05 70.55
CA ARG H 85 21.03 13.61 71.72
C ARG H 85 22.49 13.35 71.50
N LEU H 86 23.12 14.44 71.05
CA LEU H 86 24.53 14.65 70.71
C LEU H 86 25.47 14.00 71.73
N LYS H 87 26.29 13.04 71.28
CA LYS H 87 27.39 12.48 72.05
C LYS H 87 28.60 13.43 71.98
N SER H 88 29.47 13.44 72.97
CA SER H 88 30.71 14.24 72.90
C SER H 88 31.54 13.89 71.66
N ASP H 89 31.54 12.62 71.26
CA ASP H 89 32.19 12.10 70.05
C ASP H 89 31.49 12.48 68.72
N ASP H 90 30.30 13.10 68.76
CA ASP H 90 29.68 13.72 67.57
C ASP H 90 30.34 15.06 67.18
N THR H 91 31.36 15.50 67.94
CA THR H 91 32.30 16.55 67.52
C THR H 91 33.03 16.16 66.23
N ALA H 92 32.67 16.77 65.11
CA ALA H 92 33.18 16.42 63.77
C ALA H 92 32.91 17.54 62.75
N VAL H 93 33.57 17.46 61.58
CA VAL H 93 33.17 18.23 60.39
C VAL H 93 32.08 17.46 59.66
N TYR H 94 31.01 18.14 59.25
CA TYR H 94 29.87 17.57 58.54
C TYR H 94 29.70 18.24 57.17
N TYR H 95 29.23 17.46 56.20
CA TYR H 95 28.99 17.83 54.82
C TYR H 95 27.66 17.24 54.34
N CYS H 96 27.11 17.83 53.28
CA CYS H 96 26.14 17.16 52.42
C CYS H 96 26.67 17.11 50.98
N ALA H 97 26.27 16.08 50.22
CA ALA H 97 26.72 15.90 48.84
C ALA H 97 25.67 15.22 47.95
N ARG H 98 25.67 15.61 46.66
CA ARG H 98 24.65 15.28 45.66
C ARG H 98 24.88 13.95 44.96
N ASP H 99 23.75 13.31 44.64
CA ASP H 99 23.67 12.03 43.96
C ASP H 99 23.86 11.91 42.42
N ARG H 100 24.93 12.44 41.83
CA ARG H 100 25.24 12.28 40.38
C ARG H 100 24.13 12.40 39.29
N VAL H 101 23.97 13.60 38.75
CA VAL H 101 22.97 13.84 37.70
C VAL H 101 23.11 13.02 36.40
N LEU H 102 24.32 12.78 35.88
CA LEU H 102 24.56 12.14 34.56
C LEU H 102 25.64 11.04 34.63
N TYR H 103 25.57 10.08 33.71
CA TYR H 103 26.56 9.04 33.40
C TYR H 103 26.78 7.90 34.41
N GLY H 104 26.07 7.85 35.54
CA GLY H 104 26.20 6.76 36.52
C GLY H 104 25.44 5.47 36.16
N ARG H 105 24.85 4.92 37.21
CA ARG H 105 23.91 3.84 37.12
C ARG H 105 22.62 4.39 37.81
N SER H 106 21.57 3.58 37.79
CA SER H 106 20.33 3.93 38.48
C SER H 106 20.45 3.89 40.01
N PHE H 107 21.28 2.98 40.51
CA PHE H 107 21.78 2.87 41.88
C PHE H 107 23.28 3.21 41.88
N GLY H 108 23.78 3.94 42.87
CA GLY H 108 25.23 4.01 43.06
C GLY H 108 25.80 5.08 43.99
N TRP H 109 24.97 6.00 44.47
CA TRP H 109 25.28 6.99 45.50
C TRP H 109 26.29 8.06 45.05
N TYR H 110 27.52 7.67 44.68
CA TYR H 110 28.62 8.56 44.30
C TYR H 110 28.76 9.68 45.36
N PHE H 111 29.36 10.84 45.03
CA PHE H 111 29.17 12.13 45.71
C PHE H 111 29.67 13.24 44.74
N ASP H 112 28.85 13.65 43.77
CA ASP H 112 29.33 14.37 42.58
C ASP H 112 29.60 15.88 42.78
N VAL H 113 28.92 16.51 43.73
CA VAL H 113 29.29 17.83 44.28
C VAL H 113 29.03 17.87 45.78
N TRP H 114 29.93 18.53 46.52
CA TRP H 114 29.93 18.68 47.98
C TRP H 114 29.92 20.16 48.34
N GLY H 115 29.20 20.55 49.39
CA GLY H 115 29.35 21.89 49.96
C GLY H 115 30.65 22.06 50.74
N ALA H 116 30.97 23.30 51.15
CA ALA H 116 32.18 23.61 51.93
C ALA H 116 32.21 22.95 53.32
N GLY H 117 31.05 22.52 53.83
CA GLY H 117 30.89 21.83 55.11
C GLY H 117 30.75 22.78 56.30
N THR H 118 30.56 22.20 57.48
CA THR H 118 30.45 22.95 58.74
C THR H 118 30.99 22.12 59.91
N THR H 119 31.43 22.75 61.00
CA THR H 119 31.86 22.03 62.21
C THR H 119 30.70 21.97 63.21
N VAL H 120 30.46 20.78 63.78
CA VAL H 120 29.67 20.65 65.01
C VAL H 120 30.65 20.33 66.15
N THR H 121 30.66 21.15 67.21
CA THR H 121 31.49 20.94 68.41
C THR H 121 30.60 20.61 69.60
N VAL H 122 30.91 19.51 70.32
CA VAL H 122 30.16 19.09 71.51
C VAL H 122 31.04 19.14 72.76
N SER H 123 30.62 19.88 73.80
CA SER H 123 31.33 19.94 75.09
C SER H 123 30.39 20.35 76.24
N SER H 124 30.70 19.90 77.45
CA SER H 124 29.98 20.29 78.69
C SER H 124 30.33 21.71 79.16
N ALA H 125 31.49 22.23 78.77
CA ALA H 125 32.00 23.54 79.21
C ALA H 125 31.36 24.74 78.48
N SER H 126 31.37 25.90 79.12
CA SER H 126 30.96 27.20 78.56
C SER H 126 32.08 27.85 77.72
N THR H 127 31.71 28.86 76.91
CA THR H 127 32.65 29.63 76.07
C THR H 127 33.70 30.36 76.91
N LYS H 128 34.98 30.23 76.54
CA LYS H 128 36.12 30.82 77.23
C LYS H 128 37.15 31.39 76.25
N GLY H 129 37.58 32.63 76.49
CA GLY H 129 38.60 33.31 75.68
C GLY H 129 40.04 32.90 76.05
N PRO H 130 40.97 32.85 75.08
CA PRO H 130 42.32 32.37 75.30
C PRO H 130 43.17 33.29 76.17
N SER H 131 44.16 32.69 76.83
CA SER H 131 45.31 33.39 77.43
C SER H 131 46.56 33.14 76.59
N VAL H 132 47.37 34.17 76.31
CA VAL H 132 48.57 34.04 75.47
C VAL H 132 49.84 34.38 76.23
N PHE H 133 50.84 33.52 76.11
CA PHE H 133 52.09 33.56 76.89
C PHE H 133 53.34 33.61 75.99
N PRO H 134 54.47 34.19 76.43
CA PRO H 134 55.70 34.25 75.66
C PRO H 134 56.49 32.94 75.68
N LEU H 135 56.57 32.27 74.52
CA LEU H 135 57.56 31.22 74.26
C LEU H 135 58.89 31.88 73.87
N ALA H 136 59.57 32.52 74.82
CA ALA H 136 60.74 33.34 74.54
C ALA H 136 62.04 32.63 74.96
N PRO H 137 63.10 32.64 74.12
CA PRO H 137 64.31 31.86 74.34
C PRO H 137 65.03 32.26 75.64
N CYS H 138 65.32 31.27 76.47
CA CYS H 138 66.00 31.46 77.75
C CYS H 138 67.43 31.98 77.53
N SER H 139 67.86 32.94 78.36
CA SER H 139 69.16 33.65 78.31
C SER H 139 69.54 34.22 76.93
N ARG H 140 69.58 35.54 76.82
CA ARG H 140 70.00 36.22 75.58
C ARG H 140 71.39 35.76 75.10
N SER H 141 72.27 35.47 76.05
CA SER H 141 73.63 34.96 75.80
C SER H 141 73.69 33.55 75.18
N THR H 142 72.58 32.82 75.08
CA THR H 142 72.49 31.43 74.55
C THR H 142 71.69 31.30 73.25
N SER H 143 71.58 32.37 72.44
CA SER H 143 71.23 32.27 71.01
C SER H 143 72.49 32.47 70.15
N GLU H 144 72.72 31.58 69.18
CA GLU H 144 74.04 31.39 68.56
C GLU H 144 74.14 31.92 67.13
N SER H 145 73.05 31.83 66.35
CA SER H 145 73.02 32.17 64.91
C SER H 145 71.59 32.37 64.40
N THR H 146 70.70 31.41 64.68
CA THR H 146 69.24 31.48 64.54
C THR H 146 68.58 31.28 65.90
N ALA H 147 67.47 31.96 66.14
CA ALA H 147 66.65 31.86 67.34
C ALA H 147 65.21 31.48 66.97
N ALA H 148 64.50 30.83 67.89
CA ALA H 148 63.07 30.59 67.78
C ALA H 148 62.33 31.23 68.96
N LEU H 149 61.14 31.76 68.73
CA LEU H 149 60.30 32.42 69.73
C LEU H 149 58.82 32.33 69.35
N GLY H 150 57.88 32.53 70.29
CA GLY H 150 56.48 32.22 70.00
C GLY H 150 55.40 32.73 70.96
N CYS H 151 54.19 32.23 70.68
CA CYS H 151 52.96 32.52 71.40
C CYS H 151 52.25 31.21 71.73
N LEU H 152 52.34 30.80 72.99
CA LEU H 152 51.54 29.71 73.55
C LEU H 152 50.12 30.24 73.78
N VAL H 153 49.13 29.67 73.09
CA VAL H 153 47.73 30.11 73.16
C VAL H 153 46.94 29.05 73.88
N LYS H 154 46.39 29.43 75.04
CA LYS H 154 46.07 28.48 76.10
C LYS H 154 44.60 28.57 76.53
N ASP H 155 44.12 27.41 76.99
CA ASP H 155 42.78 27.21 77.55
C ASP H 155 41.68 28.13 77.04
N TYR H 156 41.30 27.91 75.79
CA TYR H 156 40.26 28.68 75.14
C TYR H 156 39.32 27.69 74.50
N PHE H 157 38.00 27.85 74.51
CA PHE H 157 37.15 26.79 73.94
C PHE H 157 36.50 26.91 72.57
N PRO H 158 35.98 28.06 72.23
CA PRO H 158 35.34 28.10 70.93
C PRO H 158 36.40 28.03 69.90
N GLU H 159 36.63 26.78 69.50
CA GLU H 159 37.63 26.32 68.52
C GLU H 159 38.62 27.30 67.86
N PRO H 160 38.30 27.72 66.63
CA PRO H 160 38.97 28.59 65.65
C PRO H 160 39.72 29.86 66.08
N VAL H 161 40.76 29.72 66.91
CA VAL H 161 41.55 30.84 67.36
C VAL H 161 42.58 31.12 66.30
N THR H 162 42.58 32.33 65.77
CA THR H 162 43.53 32.69 64.69
C THR H 162 44.69 33.50 65.24
N VAL H 163 45.88 33.33 64.66
CA VAL H 163 47.12 33.97 65.12
C VAL H 163 47.88 34.59 63.94
N SER H 164 48.42 35.80 64.13
CA SER H 164 49.30 36.47 63.15
C SER H 164 50.41 37.26 63.83
N TRP H 165 51.52 37.50 63.11
CA TRP H 165 52.76 38.09 63.64
C TRP H 165 53.06 39.46 63.03
N ASN H 166 53.48 40.41 63.88
CA ASN H 166 53.78 41.80 63.56
C ASN H 166 52.66 42.46 62.73
N SER H 167 51.46 42.52 63.33
CA SER H 167 50.20 42.97 62.68
C SER H 167 49.82 42.19 61.40
N GLY H 168 50.37 40.97 61.23
CA GLY H 168 50.18 40.13 60.05
C GLY H 168 51.16 40.39 58.90
N ALA H 169 52.15 41.27 59.08
CA ALA H 169 53.18 41.51 58.07
C ALA H 169 54.23 40.39 58.02
N LEU H 170 54.63 39.86 59.17
CA LEU H 170 55.69 38.84 59.27
C LEU H 170 55.11 37.44 58.96
N THR H 171 55.76 36.71 58.04
CA THR H 171 55.36 35.35 57.63
C THR H 171 56.53 34.38 57.42
N SER H 172 57.72 34.90 57.06
CA SER H 172 58.95 34.10 56.91
C SER H 172 59.32 33.39 58.23
N GLY H 173 59.54 32.08 58.19
CA GLY H 173 59.89 31.28 59.37
C GLY H 173 58.75 31.05 60.38
N VAL H 174 57.55 31.61 60.18
CA VAL H 174 56.36 31.40 61.03
C VAL H 174 55.73 30.02 60.80
N HIS H 175 55.36 29.35 61.89
CA HIS H 175 54.47 28.17 61.91
C HIS H 175 53.37 28.32 62.97
N THR H 176 52.18 27.77 62.68
CA THR H 176 51.06 27.66 63.63
C THR H 176 50.60 26.21 63.69
N PHE H 177 50.51 25.65 64.90
CA PHE H 177 50.33 24.22 65.13
C PHE H 177 48.86 23.90 65.41
N PRO H 178 48.32 22.77 64.92
CA PRO H 178 46.94 22.37 65.19
C PRO H 178 46.60 22.39 66.68
N ALA H 179 45.44 22.95 67.02
CA ALA H 179 44.95 22.97 68.40
C ALA H 179 44.60 21.56 68.89
N VAL H 180 44.97 21.28 70.14
CA VAL H 180 44.78 19.99 70.80
C VAL H 180 43.88 20.15 72.03
N LEU H 181 43.05 19.14 72.28
CA LEU H 181 42.16 19.08 73.44
C LEU H 181 42.91 18.65 74.70
N GLN H 182 42.74 19.38 75.80
CA GLN H 182 43.30 19.07 77.11
C GLN H 182 42.46 18.04 77.88
N SER H 183 42.98 17.56 79.02
CA SER H 183 42.22 16.74 79.98
C SER H 183 41.03 17.50 80.60
N SER H 184 41.10 18.83 80.69
CA SER H 184 39.96 19.72 81.00
C SER H 184 38.89 19.78 79.89
N GLY H 185 39.20 19.27 78.69
CA GLY H 185 38.34 19.29 77.51
C GLY H 185 38.46 20.54 76.63
N LEU H 186 39.12 21.61 77.11
CA LEU H 186 39.30 22.85 76.33
C LEU H 186 40.50 22.76 75.37
N TYR H 187 40.59 23.66 74.40
CA TYR H 187 41.67 23.70 73.40
C TYR H 187 42.91 24.50 73.87
N SER H 188 44.07 24.16 73.31
CA SER H 188 45.31 24.94 73.34
C SER H 188 46.18 24.67 72.09
N LEU H 189 47.05 25.62 71.73
CA LEU H 189 47.98 25.53 70.60
C LEU H 189 49.26 26.37 70.81
N SER H 190 50.23 26.19 69.92
CA SER H 190 51.42 27.04 69.80
C SER H 190 51.52 27.69 68.40
N SER H 191 52.12 28.88 68.35
CA SER H 191 52.72 29.42 67.13
C SER H 191 54.13 29.92 67.44
N VAL H 192 55.07 29.67 66.54
CA VAL H 192 56.49 30.03 66.70
C VAL H 192 57.05 30.54 65.38
N VAL H 193 58.04 31.41 65.50
CA VAL H 193 58.76 32.04 64.39
C VAL H 193 60.25 31.85 64.60
N THR H 194 60.98 31.56 63.53
CA THR H 194 62.45 31.50 63.53
C THR H 194 63.04 32.76 62.89
N VAL H 195 64.04 33.34 63.56
CA VAL H 195 64.61 34.67 63.27
C VAL H 195 66.14 34.65 63.39
N PRO H 196 66.88 35.58 62.73
CA PRO H 196 68.30 35.78 63.00
C PRO H 196 68.58 36.11 64.46
N SER H 197 69.65 35.56 65.04
CA SER H 197 70.05 35.91 66.43
C SER H 197 70.49 37.38 66.54
N SER H 198 71.08 37.95 65.49
CA SER H 198 71.55 39.35 65.48
C SER H 198 70.42 40.38 65.57
N SER H 199 69.24 40.10 65.00
CA SER H 199 68.09 41.03 65.03
C SER H 199 67.29 40.96 66.34
N LEU H 200 67.44 39.91 67.15
CA LEU H 200 66.66 39.71 68.39
C LEU H 200 66.86 40.83 69.42
N GLY H 201 68.07 41.40 69.51
CA GLY H 201 68.40 42.51 70.40
C GLY H 201 68.04 43.91 69.89
N THR H 202 67.26 44.04 68.80
CA THR H 202 66.95 45.34 68.18
C THR H 202 65.56 45.43 67.52
N LYS H 203 65.10 44.39 66.81
CA LYS H 203 63.74 44.35 66.25
C LYS H 203 62.69 43.99 67.31
N THR H 204 61.44 44.34 67.04
CA THR H 204 60.28 43.96 67.87
C THR H 204 59.50 42.84 67.22
N TYR H 205 59.18 41.79 67.98
CA TYR H 205 58.27 40.73 67.58
C TYR H 205 56.99 40.79 68.44
N THR H 206 55.83 40.61 67.82
CA THR H 206 54.53 40.63 68.50
C THR H 206 53.54 39.71 67.79
N CYS H 207 52.60 39.12 68.53
CA CYS H 207 51.52 38.34 67.95
C CYS H 207 50.15 38.94 68.32
N ASN H 208 49.23 38.88 67.35
CA ASN H 208 47.82 39.16 67.51
C ASN H 208 47.07 37.82 67.54
N VAL H 209 46.31 37.57 68.61
CA VAL H 209 45.51 36.36 68.81
C VAL H 209 44.03 36.73 68.87
N ASP H 210 43.26 36.29 67.88
CA ASP H 210 41.83 36.62 67.71
C ASP H 210 40.93 35.40 67.95
N HIS H 211 39.95 35.56 68.83
CA HIS H 211 38.94 34.58 69.24
C HIS H 211 37.54 35.20 69.20
N LYS H 212 36.91 35.17 68.02
CA LYS H 212 35.58 35.76 67.80
C LYS H 212 34.49 35.24 68.76
N PRO H 213 34.39 33.95 69.14
CA PRO H 213 33.36 33.47 70.06
C PRO H 213 33.30 34.20 71.41
N SER H 214 34.45 34.55 71.98
CA SER H 214 34.55 35.35 73.23
C SER H 214 34.85 36.84 72.95
N ASN H 215 34.66 37.31 71.70
CA ASN H 215 34.97 38.66 71.22
C ASN H 215 36.37 39.17 71.63
N THR H 216 37.33 38.25 71.77
CA THR H 216 38.60 38.49 72.43
C THR H 216 39.69 38.62 71.38
N LYS H 217 40.42 39.74 71.40
CA LYS H 217 41.43 40.08 70.39
C LYS H 217 42.66 40.66 71.09
N VAL H 218 43.61 39.80 71.46
CA VAL H 218 44.72 40.15 72.36
C VAL H 218 46.07 40.20 71.65
N ASP H 219 46.75 41.33 71.79
CA ASP H 219 48.11 41.57 71.30
C ASP H 219 49.13 41.43 72.44
N LYS H 220 50.30 40.84 72.18
CA LYS H 220 51.46 40.97 73.07
C LYS H 220 52.80 41.07 72.33
N ARG H 221 53.79 41.63 73.01
CA ARG H 221 55.15 41.73 72.47
C ARG H 221 56.03 40.63 73.09
N VAL H 222 56.89 40.01 72.29
CA VAL H 222 57.79 38.92 72.72
C VAL H 222 59.19 39.50 72.93
N GLU H 223 59.75 39.26 74.12
CA GLU H 223 60.97 39.93 74.59
C GLU H 223 61.96 38.88 75.16
N SER H 224 63.24 39.04 74.87
CA SER H 224 64.33 38.24 75.49
C SER H 224 64.55 38.61 76.96
N LYS H 225 65.31 37.77 77.69
CA LYS H 225 65.72 38.03 79.09
C LYS H 225 67.10 37.46 79.45
N ASP I 1 26.38 -5.85 56.80
CA ASP I 1 27.32 -4.75 56.46
C ASP I 1 28.40 -5.25 55.49
N ILE I 2 29.03 -4.36 54.73
CA ILE I 2 30.21 -4.66 53.90
C ILE I 2 31.36 -3.71 54.26
N GLN I 3 32.46 -4.27 54.76
CA GLN I 3 33.64 -3.51 55.17
C GLN I 3 34.51 -3.15 53.96
N MET I 4 35.11 -1.97 53.99
CA MET I 4 36.14 -1.52 53.06
C MET I 4 37.40 -1.17 53.84
N THR I 5 38.52 -1.79 53.52
CA THR I 5 39.82 -1.55 54.18
C THR I 5 40.86 -1.19 53.13
N GLN I 6 41.60 -0.09 53.31
CA GLN I 6 42.69 0.28 52.40
C GLN I 6 44.04 -0.14 52.99
N SER I 7 44.83 -0.89 52.22
CA SER I 7 46.04 -1.53 52.76
C SER I 7 47.14 -0.54 53.16
N PRO I 8 47.62 0.38 52.28
CA PRO I 8 48.53 1.44 52.70
C PRO I 8 47.77 2.54 53.46
N SER I 9 48.14 2.81 54.70
CA SER I 9 47.58 3.94 55.46
C SER I 9 48.22 5.28 55.06
N SER I 10 49.51 5.29 54.70
CA SER I 10 50.18 6.47 54.13
C SER I 10 51.35 6.07 53.21
N LEU I 11 51.70 6.94 52.27
CA LEU I 11 52.78 6.74 51.29
C LEU I 11 53.64 8.00 51.12
N SER I 12 54.95 7.83 51.00
CA SER I 12 55.91 8.90 50.66
C SER I 12 56.35 8.73 49.20
N ALA I 13 56.02 9.69 48.33
CA ALA I 13 56.25 9.58 46.88
C ALA I 13 56.89 10.86 46.28
N SER I 14 57.93 10.70 45.44
CA SER I 14 58.58 11.82 44.76
C SER I 14 57.83 12.26 43.50
N VAL I 15 58.07 13.50 43.04
CA VAL I 15 57.41 14.06 41.85
C VAL I 15 57.83 13.29 40.59
N GLY I 16 56.84 12.83 39.82
CA GLY I 16 57.02 12.01 38.62
C GLY I 16 56.92 10.49 38.84
N ASP I 17 56.91 10.01 40.10
CA ASP I 17 56.80 8.58 40.41
C ASP I 17 55.35 8.08 40.34
N ARG I 18 55.21 6.76 40.14
CA ARG I 18 53.90 6.11 40.13
C ARG I 18 53.47 5.74 41.56
N VAL I 19 52.20 6.01 41.87
CA VAL I 19 51.58 5.74 43.17
C VAL I 19 50.44 4.75 42.96
N THR I 20 50.34 3.73 43.80
CA THR I 20 49.23 2.77 43.79
C THR I 20 48.67 2.63 45.20
N ILE I 21 47.33 2.61 45.31
CA ILE I 21 46.60 2.36 46.56
C ILE I 21 45.55 1.26 46.32
N THR I 22 45.34 0.40 47.31
CA THR I 22 44.44 -0.76 47.20
C THR I 22 43.26 -0.60 48.15
N CYS I 23 42.05 -0.81 47.65
CA CYS I 23 40.84 -0.99 48.47
C CYS I 23 40.42 -2.46 48.44
N GLN I 24 40.31 -3.05 49.64
CA GLN I 24 39.91 -4.43 49.88
C GLN I 24 38.51 -4.46 50.50
N ALA I 25 37.57 -5.16 49.88
CA ALA I 25 36.23 -5.38 50.43
C ALA I 25 36.16 -6.61 51.35
N SER I 26 35.17 -6.69 52.23
CA SER I 26 34.82 -7.95 52.92
C SER I 26 33.97 -8.90 52.07
N GLN I 27 33.33 -8.41 51.00
CA GLN I 27 32.41 -9.16 50.14
C GLN I 27 32.57 -8.73 48.67
N ASP I 28 32.29 -9.64 47.73
CA ASP I 28 32.36 -9.40 46.30
C ASP I 28 31.39 -8.29 45.85
N ILE I 29 31.95 -7.15 45.44
CA ILE I 29 31.25 -5.92 45.07
C ILE I 29 31.01 -5.81 43.55
N SER I 30 31.48 -6.79 42.75
CA SER I 30 31.58 -6.78 41.28
C SER I 30 32.42 -5.62 40.71
N ASP I 31 31.91 -4.40 40.80
CA ASP I 31 32.58 -3.14 40.43
C ASP I 31 31.85 -1.92 41.01
N TYR I 32 30.96 -2.13 41.99
CA TYR I 32 30.17 -1.10 42.67
C TYR I 32 31.01 -0.33 43.72
N LEU I 33 32.04 0.37 43.25
CA LEU I 33 33.09 1.04 44.03
C LEU I 33 33.47 2.39 43.38
N ASN I 34 33.67 3.44 44.17
CA ASN I 34 34.12 4.77 43.72
C ASN I 34 35.32 5.25 44.55
N TRP I 35 36.14 6.15 43.99
CA TRP I 35 37.38 6.67 44.59
C TRP I 35 37.41 8.21 44.65
N TYR I 36 37.84 8.77 45.78
CA TYR I 36 37.83 10.20 46.09
C TYR I 36 39.22 10.69 46.53
N GLN I 37 39.52 11.97 46.27
CA GLN I 37 40.67 12.70 46.81
C GLN I 37 40.18 13.80 47.75
N GLN I 38 40.71 13.88 48.97
CA GLN I 38 40.53 15.03 49.85
C GLN I 38 41.86 15.79 50.06
N GLN I 39 41.92 17.03 49.58
CA GLN I 39 43.03 17.95 49.84
C GLN I 39 42.93 18.56 51.25
N PRO I 40 44.05 18.81 51.95
CA PRO I 40 44.05 19.46 53.26
C PRO I 40 43.23 20.77 53.29
N GLY I 41 42.29 20.85 54.22
CA GLY I 41 41.42 22.01 54.44
C GLY I 41 40.20 22.15 53.50
N LYS I 42 39.89 21.14 52.66
CA LYS I 42 38.76 21.16 51.70
C LYS I 42 37.93 19.87 51.77
N ALA I 43 36.72 19.91 51.18
CA ALA I 43 35.88 18.72 50.99
C ALA I 43 36.52 17.71 49.99
N PRO I 44 36.17 16.41 50.09
CA PRO I 44 36.54 15.40 49.09
C PRO I 44 36.02 15.70 47.67
N LYS I 45 36.64 15.08 46.66
CA LYS I 45 36.31 15.21 45.24
C LYS I 45 36.34 13.84 44.56
N LEU I 46 35.34 13.49 43.74
CA LEU I 46 35.23 12.19 43.07
C LEU I 46 36.20 12.11 41.87
N LEU I 47 37.08 11.09 41.84
CA LEU I 47 38.11 10.91 40.82
C LEU I 47 37.74 9.81 39.81
N ILE I 48 37.45 8.60 40.31
CA ILE I 48 37.00 7.46 39.50
C ILE I 48 35.67 6.97 40.05
N TYR I 49 34.69 6.77 39.16
CA TYR I 49 33.42 6.11 39.45
C TYR I 49 33.39 4.70 38.82
N ASP I 50 32.48 3.84 39.27
CA ASP I 50 32.35 2.47 38.72
C ASP I 50 33.68 1.69 38.62
N ALA I 51 34.49 1.85 39.66
CA ALA I 51 35.80 1.24 39.83
C ALA I 51 36.84 1.49 38.72
N SER I 52 36.46 2.01 37.55
CA SER I 52 37.41 2.23 36.44
C SER I 52 37.01 3.27 35.39
N ASN I 53 36.01 4.13 35.63
CA ASN I 53 35.72 5.28 34.77
C ASN I 53 36.21 6.59 35.39
N LEU I 54 37.02 7.34 34.65
CA LEU I 54 37.52 8.65 35.04
C LEU I 54 36.43 9.73 34.91
N GLU I 55 36.29 10.59 35.92
CA GLU I 55 35.32 11.70 35.88
C GLU I 55 35.77 12.87 34.97
N THR I 56 34.82 13.70 34.54
CA THR I 56 35.05 14.88 33.69
C THR I 56 36.07 15.86 34.26
N GLY I 57 36.98 16.35 33.42
CA GLY I 57 38.01 17.34 33.78
C GLY I 57 39.17 16.82 34.64
N VAL I 58 39.12 15.58 35.14
CA VAL I 58 40.19 14.99 35.96
C VAL I 58 41.47 14.76 35.13
N PRO I 59 42.67 15.13 35.62
CA PRO I 59 43.95 14.86 34.94
C PRO I 59 44.15 13.38 34.56
N SER I 60 44.66 13.12 33.35
CA SER I 60 44.80 11.77 32.77
C SER I 60 45.69 10.81 33.57
N ARG I 61 46.50 11.37 34.47
CA ARG I 61 47.36 10.54 35.32
C ARG I 61 46.57 9.62 36.26
N PHE I 62 45.38 10.06 36.69
CA PHE I 62 44.55 9.26 37.60
C PHE I 62 43.90 8.06 36.89
N SER I 63 43.94 6.90 37.54
CA SER I 63 43.52 5.61 36.97
C SER I 63 42.91 4.71 38.04
N GLY I 64 42.11 3.71 37.63
CA GLY I 64 41.58 2.68 38.51
C GLY I 64 41.31 1.37 37.76
N SER I 65 41.35 0.24 38.46
CA SER I 65 41.31 -1.09 37.83
C SER I 65 40.81 -2.19 38.78
N GLY I 66 40.49 -3.34 38.20
CA GLY I 66 40.06 -4.56 38.90
C GLY I 66 38.54 -4.77 38.93
N SER I 67 38.15 -5.96 39.38
CA SER I 67 36.77 -6.38 39.59
C SER I 67 36.68 -7.42 40.71
N GLY I 68 35.48 -7.59 41.26
CA GLY I 68 35.20 -8.54 42.34
C GLY I 68 35.31 -7.92 43.74
N THR I 69 36.16 -8.50 44.58
CA THR I 69 36.33 -8.10 45.99
C THR I 69 37.47 -7.06 46.18
N ASP I 70 38.37 -6.92 45.21
CA ASP I 70 39.65 -6.20 45.36
C ASP I 70 39.88 -5.19 44.21
N PHE I 71 40.33 -3.96 44.52
CA PHE I 71 40.47 -2.88 43.53
C PHE I 71 41.72 -2.03 43.78
N THR I 72 42.35 -1.56 42.70
CA THR I 72 43.45 -0.57 42.74
C THR I 72 42.99 0.78 42.22
N PHE I 73 43.55 1.84 42.80
CA PHE I 73 43.62 3.18 42.26
C PHE I 73 45.08 3.55 42.04
N THR I 74 45.36 4.37 41.03
CA THR I 74 46.72 4.65 40.59
C THR I 74 46.88 6.10 40.15
N ILE I 75 48.03 6.68 40.45
CA ILE I 75 48.52 7.92 39.84
C ILE I 75 49.76 7.54 39.02
N SER I 76 49.76 7.75 37.72
CA SER I 76 50.87 7.33 36.85
C SER I 76 52.15 8.15 37.05
N SER I 77 52.02 9.40 37.48
CA SER I 77 53.12 10.30 37.82
C SER I 77 52.63 11.41 38.78
N LEU I 78 52.85 11.24 40.09
CA LEU I 78 52.40 12.20 41.11
C LEU I 78 53.05 13.58 40.94
N GLN I 79 52.28 14.65 41.18
CA GLN I 79 52.74 16.05 41.17
C GLN I 79 52.19 16.82 42.39
N PRO I 80 52.79 17.96 42.79
CA PRO I 80 52.56 18.59 44.10
C PRO I 80 51.11 18.95 44.47
N GLU I 81 50.22 19.12 43.50
CA GLU I 81 48.78 19.42 43.73
C GLU I 81 47.97 18.19 44.18
N ASP I 82 48.50 16.97 44.00
CA ASP I 82 47.86 15.68 44.33
C ASP I 82 47.84 15.35 45.82
N ILE I 83 48.54 16.12 46.65
CA ILE I 83 48.78 15.83 48.07
C ILE I 83 47.51 15.96 48.93
N GLY I 84 47.20 14.89 49.67
CA GLY I 84 45.97 14.72 50.42
C GLY I 84 45.68 13.24 50.74
N THR I 85 44.47 12.95 51.22
CA THR I 85 44.02 11.58 51.53
C THR I 85 43.07 11.04 50.47
N TYR I 86 43.30 9.82 50.01
CA TYR I 86 42.50 9.15 48.99
C TYR I 86 41.65 8.05 49.60
N TYR I 87 40.34 8.01 49.30
CA TYR I 87 39.36 7.13 49.93
C TYR I 87 38.57 6.32 48.88
N CYS I 88 38.32 5.03 49.13
CA CYS I 88 37.26 4.29 48.44
C CYS I 88 35.91 4.36 49.17
N GLN I 89 34.80 4.31 48.44
CA GLN I 89 33.44 4.06 48.94
C GLN I 89 32.67 3.12 48.00
N GLN I 90 31.96 2.14 48.56
CA GLN I 90 31.23 1.18 47.74
C GLN I 90 29.72 1.46 47.63
N TYR I 91 29.03 0.69 46.79
CA TYR I 91 27.58 0.87 46.61
C TYR I 91 26.81 -0.39 46.25
N ASP I 92 27.19 -1.53 46.84
CA ASP I 92 26.47 -2.78 46.60
C ASP I 92 25.37 -2.87 47.64
N ASN I 93 25.62 -2.26 48.80
CA ASN I 93 24.65 -2.13 49.89
C ASN I 93 25.09 -1.01 50.85
N LEU I 94 24.40 0.14 50.78
CA LEU I 94 24.77 1.43 51.40
C LEU I 94 26.14 1.99 50.93
N PRO I 95 26.33 3.32 50.90
CA PRO I 95 27.62 3.92 50.61
C PRO I 95 28.61 3.84 51.80
N THR I 96 29.09 2.63 52.13
CA THR I 96 30.12 2.46 53.17
C THR I 96 31.50 2.90 52.66
N PHE I 97 32.20 3.70 53.46
CA PHE I 97 33.54 4.24 53.18
C PHE I 97 34.67 3.32 53.67
N GLY I 98 35.82 3.38 52.99
CA GLY I 98 37.11 2.84 53.44
C GLY I 98 37.91 3.80 54.34
N GLY I 99 38.98 3.29 54.95
CA GLY I 99 39.79 4.01 55.95
C GLY I 99 40.68 5.15 55.41
N GLY I 100 40.98 5.16 54.11
CA GLY I 100 41.77 6.20 53.44
C GLY I 100 43.29 6.00 53.48
N THR I 101 43.98 6.44 52.41
CA THR I 101 45.44 6.45 52.26
C THR I 101 45.95 7.88 52.13
N LYS I 102 46.84 8.33 53.03
CA LYS I 102 47.50 9.64 52.91
C LYS I 102 48.65 9.60 51.89
N LEU I 103 48.86 10.66 51.11
CA LEU I 103 50.06 10.85 50.29
C LEU I 103 50.90 12.04 50.81
N GLU I 104 52.21 11.85 50.96
CA GLU I 104 53.19 12.91 51.21
C GLU I 104 54.29 12.95 50.14
N ILE I 105 54.89 14.12 49.91
CA ILE I 105 56.02 14.26 49.00
C ILE I 105 57.26 13.58 49.63
N LYS I 106 57.96 12.71 48.89
CA LYS I 106 59.22 12.11 49.33
C LYS I 106 60.36 13.14 49.26
N ARG I 107 61.19 13.20 50.30
CA ARG I 107 62.31 14.15 50.42
C ARG I 107 63.50 13.46 51.12
N THR I 108 64.72 14.01 50.97
CA THR I 108 65.89 13.56 51.74
C THR I 108 65.66 13.76 53.25
N VAL I 109 66.38 12.99 54.08
CA VAL I 109 66.36 13.16 55.55
C VAL I 109 66.86 14.55 55.97
N ALA I 110 66.30 15.10 57.04
CA ALA I 110 66.67 16.40 57.61
C ALA I 110 66.39 16.41 59.12
N ALA I 111 67.43 16.60 59.93
CA ALA I 111 67.31 16.77 61.38
C ALA I 111 66.60 18.10 61.75
N PRO I 112 65.90 18.17 62.89
CA PRO I 112 65.18 19.37 63.29
C PRO I 112 66.09 20.53 63.69
N SER I 113 65.67 21.76 63.38
CA SER I 113 66.06 22.92 64.18
C SER I 113 65.30 22.82 65.50
N VAL I 114 66.01 22.83 66.63
CA VAL I 114 65.52 22.16 67.85
C VAL I 114 65.76 22.99 69.13
N PHE I 115 64.68 23.18 69.91
CA PHE I 115 64.57 24.23 70.93
C PHE I 115 63.72 23.78 72.14
N ILE I 116 63.75 24.55 73.23
CA ILE I 116 62.91 24.38 74.42
C ILE I 116 62.63 25.75 75.06
N PHE I 117 61.45 25.95 75.66
CA PHE I 117 61.08 27.19 76.36
C PHE I 117 60.51 26.94 77.77
N PRO I 118 61.23 27.35 78.84
CA PRO I 118 60.73 27.35 80.22
C PRO I 118 59.42 28.13 80.40
N PRO I 119 58.62 27.84 81.46
CA PRO I 119 57.36 28.53 81.71
C PRO I 119 57.59 30.01 82.04
N SER I 120 56.75 30.87 81.50
CA SER I 120 56.89 32.34 81.65
C SER I 120 56.33 32.87 82.97
N ASP I 121 56.85 34.01 83.43
CA ASP I 121 56.36 34.72 84.62
C ASP I 121 54.85 35.04 84.50
N GLU I 122 54.39 35.31 83.28
CA GLU I 122 52.99 35.54 82.93
C GLU I 122 52.13 34.28 83.16
N GLN I 123 52.61 33.11 82.74
CA GLN I 123 51.88 31.85 82.89
C GLN I 123 51.95 31.31 84.33
N LEU I 124 53.10 31.38 84.98
CA LEU I 124 53.26 30.93 86.37
C LEU I 124 52.35 31.73 87.32
N LYS I 125 52.09 33.00 87.02
CA LYS I 125 51.09 33.82 87.70
C LYS I 125 49.65 33.25 87.65
N SER I 126 49.31 32.45 86.65
CA SER I 126 48.02 31.74 86.54
C SER I 126 47.93 30.45 87.37
N GLY I 127 49.01 30.02 88.03
CA GLY I 127 49.06 28.81 88.86
C GLY I 127 49.51 27.53 88.14
N THR I 128 49.86 27.62 86.85
CA THR I 128 50.21 26.47 86.00
C THR I 128 51.58 26.69 85.34
N ALA I 129 52.36 25.63 85.22
CA ALA I 129 53.66 25.65 84.54
C ALA I 129 53.62 24.73 83.31
N SER I 130 53.73 25.31 82.11
CA SER I 130 53.91 24.56 80.86
C SER I 130 55.27 24.88 80.27
N VAL I 131 56.09 23.84 80.10
CA VAL I 131 57.39 23.90 79.41
C VAL I 131 57.21 23.21 78.05
N VAL I 132 57.70 23.82 76.98
CA VAL I 132 57.47 23.31 75.62
C VAL I 132 58.78 23.01 74.91
N CYS I 133 58.74 21.94 74.13
CA CYS I 133 59.81 21.39 73.34
C CYS I 133 59.47 21.58 71.86
N LEU I 134 60.35 22.20 71.07
CA LEU I 134 60.10 22.50 69.66
C LEU I 134 61.08 21.75 68.75
N LEU I 135 60.55 21.07 67.72
CA LEU I 135 61.29 20.53 66.60
C LEU I 135 60.73 21.15 65.31
N ASN I 136 61.60 21.71 64.47
CA ASN I 136 61.22 22.50 63.31
C ASN I 136 61.91 22.03 62.02
N ASN I 137 61.20 21.96 60.89
CA ASN I 137 61.86 21.59 59.62
C ASN I 137 62.77 20.33 59.44
N PHE I 138 62.19 19.16 59.73
CA PHE I 138 62.70 17.80 59.53
C PHE I 138 61.79 17.01 58.58
N TYR I 139 62.27 15.92 57.99
CA TYR I 139 61.42 15.20 57.07
C TYR I 139 60.85 13.86 57.44
N PRO I 140 61.65 12.93 57.91
CA PRO I 140 61.02 11.66 58.23
C PRO I 140 60.16 11.97 59.41
N ARG I 141 58.84 12.01 59.24
CA ARG I 141 57.90 12.33 60.31
C ARG I 141 58.21 11.77 61.71
N GLU I 142 58.21 10.44 61.81
CA GLU I 142 58.45 9.74 63.08
C GLU I 142 59.67 10.30 63.84
N ALA I 143 59.45 11.49 64.38
CA ALA I 143 60.42 12.22 65.19
C ALA I 143 59.97 11.93 66.61
N LYS I 144 60.76 11.14 67.29
CA LYS I 144 60.43 10.69 68.66
C LYS I 144 61.00 11.69 69.66
N VAL I 145 60.17 12.08 70.63
CA VAL I 145 60.54 12.98 71.74
C VAL I 145 60.31 12.30 73.10
N GLN I 146 61.12 12.67 74.09
CA GLN I 146 60.93 12.28 75.49
C GLN I 146 61.25 13.45 76.43
N TRP I 147 60.62 13.46 77.60
CA TRP I 147 60.81 14.46 78.66
C TRP I 147 61.61 13.88 79.82
N LYS I 148 62.52 14.66 80.40
CA LYS I 148 63.32 14.27 81.56
C LYS I 148 63.20 15.31 82.68
N VAL I 149 62.99 14.82 83.90
CA VAL I 149 63.18 15.56 85.16
C VAL I 149 64.07 14.72 86.08
N ASP I 150 65.14 15.32 86.60
CA ASP I 150 66.25 14.62 87.31
C ASP I 150 66.69 13.29 86.64
N ASN I 151 66.81 13.31 85.29
CA ASN I 151 67.14 12.16 84.44
C ASN I 151 66.14 10.97 84.46
N ALA I 152 64.88 11.19 84.86
CA ALA I 152 63.79 10.22 84.79
C ALA I 152 62.63 10.70 83.89
N LEU I 153 62.00 9.76 83.17
CA LEU I 153 60.79 9.98 82.38
C LEU I 153 59.52 9.93 83.26
N GLN I 154 58.55 10.80 82.97
CA GLN I 154 57.23 10.87 83.62
C GLN I 154 56.09 10.40 82.68
N SER I 155 54.83 10.44 83.12
CA SER I 155 53.68 9.98 82.32
C SER I 155 52.39 10.78 82.54
N GLY I 156 51.51 10.79 81.54
CA GLY I 156 50.12 11.25 81.65
C GLY I 156 49.88 12.76 81.68
N ASN I 157 50.92 13.58 81.50
CA ASN I 157 50.85 15.05 81.65
C ASN I 157 51.49 15.84 80.49
N SER I 158 52.23 15.19 79.59
CA SER I 158 52.67 15.78 78.32
C SER I 158 51.66 15.54 77.20
N GLN I 159 51.68 16.41 76.18
CA GLN I 159 50.93 16.30 74.93
C GLN I 159 51.82 16.73 73.75
N GLU I 160 51.41 16.47 72.52
CA GLU I 160 52.11 16.91 71.31
C GLU I 160 51.15 17.32 70.18
N SER I 161 51.59 18.25 69.34
CA SER I 161 50.91 18.65 68.11
C SER I 161 51.89 18.82 66.96
N VAL I 162 51.54 18.32 65.77
CA VAL I 162 52.36 18.31 64.55
C VAL I 162 51.72 19.15 63.44
N THR I 163 52.47 20.12 62.93
CA THR I 163 52.09 20.96 61.80
C THR I 163 52.12 20.16 60.48
N GLU I 164 51.16 20.44 59.58
CA GLU I 164 51.02 19.75 58.29
C GLU I 164 52.26 19.89 57.38
N GLN I 165 52.45 18.91 56.49
CA GLN I 165 53.59 18.85 55.57
C GLN I 165 53.73 20.15 54.77
N ASP I 166 54.87 20.85 54.91
CA ASP I 166 55.06 22.17 54.31
C ASP I 166 54.97 22.14 52.78
N SER I 167 54.03 22.89 52.20
CA SER I 167 53.85 23.02 50.75
C SER I 167 55.04 23.68 50.05
N LYS I 168 55.85 24.47 50.75
CA LYS I 168 57.00 25.17 50.17
C LYS I 168 58.16 24.24 49.83
N ASP I 169 58.56 23.36 50.75
CA ASP I 169 59.77 22.53 50.61
C ASP I 169 59.73 21.18 51.35
N SER I 170 58.54 20.68 51.71
CA SER I 170 58.30 19.34 52.27
C SER I 170 59.09 19.07 53.56
N THR I 171 58.60 19.67 54.64
CA THR I 171 59.15 19.62 55.99
C THR I 171 58.02 19.40 57.00
N TYR I 172 58.38 18.89 58.18
CA TYR I 172 57.50 18.72 59.32
C TYR I 172 58.03 19.51 60.51
N SER I 173 57.11 19.97 61.36
CA SER I 173 57.42 20.57 62.65
C SER I 173 56.43 20.03 63.68
N LEU I 174 56.89 19.71 64.89
CA LEU I 174 56.03 19.36 66.01
C LEU I 174 56.55 20.03 67.28
N SER I 175 55.63 20.32 68.19
CA SER I 175 55.99 20.67 69.56
C SER I 175 55.37 19.68 70.53
N SER I 176 56.10 19.37 71.60
CA SER I 176 55.57 18.66 72.77
C SER I 176 55.53 19.61 73.96
N THR I 177 54.41 19.64 74.65
CA THR I 177 54.22 20.44 75.88
C THR I 177 54.18 19.50 77.07
N LEU I 178 54.95 19.77 78.12
CA LEU I 178 54.77 19.17 79.43
C LEU I 178 54.10 20.20 80.35
N THR I 179 52.91 19.87 80.87
CA THR I 179 52.16 20.73 81.80
C THR I 179 52.14 20.15 83.21
N LEU I 180 52.39 21.02 84.19
CA LEU I 180 52.59 20.72 85.59
C LEU I 180 51.94 21.82 86.46
N SER I 181 51.73 21.56 87.76
CA SER I 181 51.40 22.65 88.68
C SER I 181 52.61 23.60 88.84
N LYS I 182 52.39 24.84 89.29
CA LYS I 182 53.47 25.74 89.71
C LYS I 182 54.40 25.05 90.73
N ALA I 183 53.84 24.37 91.73
CA ALA I 183 54.60 23.71 92.80
C ALA I 183 55.48 22.55 92.29
N ASP I 184 55.01 21.78 91.30
CA ASP I 184 55.82 20.76 90.64
C ASP I 184 57.02 21.37 89.90
N TYR I 185 56.86 22.53 89.26
CA TYR I 185 57.97 23.24 88.63
C TYR I 185 58.96 23.83 89.67
N GLU I 186 58.49 24.26 90.84
CA GLU I 186 59.37 24.63 91.96
C GLU I 186 60.14 23.44 92.56
N LYS I 187 59.56 22.23 92.55
CA LYS I 187 60.16 21.01 93.15
C LYS I 187 61.38 20.46 92.42
N HIS I 188 61.46 20.58 91.10
CA HIS I 188 62.49 19.91 90.29
C HIS I 188 63.59 20.89 89.86
N LYS I 189 64.86 20.57 90.18
CA LYS I 189 66.03 21.42 89.87
C LYS I 189 66.30 21.56 88.38
N VAL I 190 66.09 20.48 87.62
CA VAL I 190 66.55 20.31 86.24
C VAL I 190 65.44 19.73 85.35
N TYR I 191 65.32 20.31 84.15
CA TYR I 191 64.38 19.91 83.09
C TYR I 191 65.14 19.69 81.77
N ALA I 192 64.65 18.75 80.97
CA ALA I 192 65.03 18.63 79.56
C ALA I 192 63.90 17.97 78.77
N CYS I 193 63.92 18.18 77.45
CA CYS I 193 63.34 17.27 76.49
C CYS I 193 64.43 16.82 75.51
N GLU I 194 64.33 15.61 74.99
CA GLU I 194 65.36 14.95 74.19
C GLU I 194 64.77 14.31 72.95
N VAL I 195 65.55 14.27 71.85
CA VAL I 195 65.05 13.88 70.52
C VAL I 195 65.76 12.67 69.96
N THR I 196 64.99 11.68 69.52
CA THR I 196 65.44 10.59 68.63
C THR I 196 64.82 10.81 67.25
N HIS I 197 65.66 10.98 66.22
CA HIS I 197 65.22 11.18 64.84
C HIS I 197 66.27 10.65 63.86
N GLN I 198 65.85 10.25 62.66
CA GLN I 198 66.70 9.61 61.66
C GLN I 198 67.84 10.50 61.13
N GLY I 199 67.71 11.83 61.23
CA GLY I 199 68.77 12.79 60.91
C GLY I 199 69.86 12.92 61.99
N LEU I 200 69.68 12.29 63.16
CA LEU I 200 70.59 12.34 64.30
C LEU I 200 71.28 10.98 64.51
N SER I 201 72.61 10.95 64.58
CA SER I 201 73.39 9.73 64.85
C SER I 201 73.33 9.26 66.32
N SER I 202 72.97 10.16 67.23
CA SER I 202 72.74 9.93 68.67
C SER I 202 71.62 10.87 69.17
N PRO I 203 70.85 10.51 70.22
CA PRO I 203 69.73 11.33 70.66
C PRO I 203 70.18 12.66 71.30
N VAL I 204 69.60 13.78 70.84
CA VAL I 204 70.00 15.13 71.25
C VAL I 204 69.36 15.55 72.58
N THR I 205 70.18 16.14 73.46
CA THR I 205 69.76 16.68 74.76
C THR I 205 70.08 18.18 74.89
N LYS I 206 69.23 18.91 75.62
CA LYS I 206 69.12 20.39 75.61
C LYS I 206 68.50 20.93 76.90
N SER I 207 69.08 20.57 78.04
CA SER I 207 68.55 20.90 79.38
C SER I 207 68.58 22.40 79.73
N PHE I 208 67.68 22.82 80.60
CA PHE I 208 67.71 24.09 81.35
C PHE I 208 67.20 23.89 82.79
N ASN I 209 67.48 24.86 83.66
CA ASN I 209 67.09 24.88 85.08
C ASN I 209 66.32 26.17 85.41
N ARG I 210 65.58 26.15 86.51
CA ARG I 210 64.89 27.35 86.96
C ARG I 210 66.00 28.35 87.29
N GLY I 211 65.85 29.59 86.81
CA GLY I 211 66.87 30.64 87.00
C GLY I 211 68.10 30.52 86.08
N GLU I 212 68.11 29.63 85.08
CA GLU I 212 69.20 29.43 84.12
C GLU I 212 68.68 29.32 82.69
C1 NAG J . -15.83 19.27 57.51
C2 NAG J . -14.92 18.48 58.43
C3 NAG J . -14.46 17.19 57.75
C4 NAG J . -15.66 16.41 57.24
C5 NAG J . -16.57 17.29 56.39
C6 NAG J . -17.86 16.60 56.00
C7 NAG J . -13.83 20.12 59.89
C8 NAG J . -12.56 20.86 60.19
N2 NAG J . -13.78 19.27 58.86
O3 NAG J . -13.71 16.42 58.67
O4 NAG J . -15.21 15.31 56.45
O5 NAG J . -16.94 18.47 57.13
O6 NAG J . -18.97 17.49 56.07
O7 NAG J . -14.85 20.29 60.55
C1 NAG J . -15.41 14.08 57.16
C2 NAG J . -15.74 12.98 56.15
C3 NAG J . -15.90 11.63 56.87
C4 NAG J . -14.70 11.32 57.76
C5 NAG J . -14.41 12.49 58.72
C6 NAG J . -13.16 12.28 59.58
C7 NAG J . -16.93 13.94 54.22
C8 NAG J . -18.30 14.27 53.61
N2 NAG J . -16.96 13.32 55.40
O3 NAG J . -16.08 10.55 55.91
O4 NAG J . -15.00 10.13 58.52
O5 NAG J . -14.25 13.72 57.91
O6 NAG J . -13.01 13.39 60.49
O7 NAG J . -15.88 14.24 53.68
C1 NAG K . 0.88 33.51 45.57
C2 NAG K . 1.53 34.09 46.83
C3 NAG K . 3.04 34.22 46.56
C4 NAG K . 3.66 32.87 46.15
C5 NAG K . 2.87 32.19 45.01
C6 NAG K . 3.35 30.77 44.70
C7 NAG K . 0.10 35.59 48.17
C8 NAG K . -0.46 37.02 48.29
N2 NAG K . 0.95 35.40 47.17
O3 NAG K . 3.72 34.73 47.74
O4 NAG K . 5.03 33.07 45.62
O5 NAG K . 1.42 32.18 45.31
O6 NAG K . 3.34 29.96 45.88
O7 NAG K . -0.22 34.69 48.94
C1 NAG K . 6.13 33.14 46.59
C2 NAG K . 7.41 32.56 45.94
C3 NAG K . 8.61 32.75 46.87
C4 NAG K . 8.78 34.23 47.21
C5 NAG K . 7.52 34.78 47.87
C6 NAG K . 7.60 36.29 48.18
C7 NAG K . 7.34 30.65 44.39
C8 NAG K . 7.16 29.13 44.26
N2 NAG K . 7.24 31.14 45.62
O3 NAG K . 9.81 32.21 46.27
O4 NAG K . 9.89 34.42 48.18
O5 NAG K . 6.34 34.53 47.00
O6 NAG K . 7.96 37.04 47.02
O7 NAG K . 7.58 31.36 43.42
C1 MAN K . 11.17 34.74 47.55
C2 MAN K . 12.30 34.57 48.61
C3 MAN K . 13.22 35.80 48.65
C4 MAN K . 13.65 36.22 47.24
C5 MAN K . 12.42 36.53 46.35
C6 MAN K . 12.49 35.85 44.97
O2 MAN K . 13.09 33.40 48.29
O3 MAN K . 14.39 35.46 49.44
O4 MAN K . 14.49 37.40 47.37
O5 MAN K . 11.15 36.12 47.02
O6 MAN K . 13.54 36.44 44.18
C1 NAG L . -11.00 8.48 35.07
C2 NAG L . -10.89 7.00 34.59
C3 NAG L . -12.27 6.33 34.61
C4 NAG L . -12.92 6.47 36.00
C5 NAG L . -12.94 7.93 36.47
C6 NAG L . -13.49 8.10 37.89
C7 NAG L . -9.03 6.89 33.02
C8 NAG L . -8.57 6.92 31.57
N2 NAG L . -10.34 6.95 33.24
O3 NAG L . -12.18 4.91 34.26
O4 NAG L . -14.33 6.06 35.88
O5 NAG L . -11.58 8.51 36.41
O6 NAG L . -12.74 7.31 38.83
O7 NAG L . -8.22 6.83 33.96
C1 NAG L . -14.66 4.82 36.57
C2 NAG L . -16.19 4.78 36.81
C3 NAG L . -16.52 3.48 37.55
C4 NAG L . -16.10 2.26 36.70
C5 NAG L . -14.62 2.33 36.25
C6 NAG L . -14.30 1.30 35.15
C7 NAG L . -17.27 6.97 37.01
C8 NAG L . -17.63 8.15 37.93
N2 NAG L . -16.64 5.94 37.58
O3 NAG L . -17.95 3.45 37.83
O4 NAG L . -16.22 1.01 37.48
O5 NAG L . -14.27 3.67 35.75
O6 NAG L . -14.98 1.66 33.93
O7 NAG L . -17.53 6.98 35.80
C1 MAN L . -17.54 0.38 37.40
C2 MAN L . -17.58 -0.83 38.36
C3 MAN L . -18.29 -2.03 37.71
C4 MAN L . -19.56 -1.60 36.95
C5 MAN L . -19.23 -0.54 35.86
C6 MAN L . -20.23 0.64 35.88
O2 MAN L . -18.27 -0.40 39.57
O3 MAN L . -18.60 -3.05 38.70
O4 MAN L . -20.16 -2.75 36.31
O5 MAN L . -17.84 -0.04 36.02
O6 MAN L . -19.87 1.62 34.87
C1 NAG M . -11.05 46.26 10.91
C2 NAG M . -12.47 46.84 11.15
C3 NAG M . -12.42 48.33 10.75
C4 NAG M . -11.34 49.10 11.53
C5 NAG M . -9.97 48.40 11.45
C6 NAG M . -8.92 49.03 12.36
C7 NAG M . -14.39 45.33 10.90
C8 NAG M . -15.29 44.57 9.90
N2 NAG M . -13.46 46.11 10.36
O3 NAG M . -13.71 48.97 10.98
O4 NAG M . -11.19 50.43 10.93
O5 NAG M . -10.10 46.96 11.77
O6 NAG M . -9.37 49.02 13.72
O7 NAG M . -14.52 45.20 12.11
C1 NAG M . -11.64 51.57 11.74
C2 NAG M . -10.94 52.85 11.28
C3 NAG M . -11.42 54.05 12.10
C4 NAG M . -12.95 54.21 11.98
C5 NAG M . -13.67 52.89 12.33
C6 NAG M . -15.18 52.93 12.03
C7 NAG M . -8.67 52.71 10.33
C8 NAG M . -7.18 52.44 10.61
N2 NAG M . -9.47 52.72 11.38
O3 NAG M . -10.73 55.25 11.64
O4 NAG M . -13.46 55.24 12.94
O5 NAG M . -13.09 51.73 11.60
O6 NAG M . -15.39 53.10 10.62
O7 NAG M . -9.08 52.91 9.19
C1 MAN M . -13.28 56.65 12.57
C2 MAN M . -13.75 57.53 13.75
C3 MAN M . -14.62 58.71 13.28
C4 MAN M . -14.03 59.39 12.03
C5 MAN M . -13.84 58.39 10.87
C6 MAN M . -12.48 58.55 10.18
O2 MAN M . -12.59 58.06 14.44
O3 MAN M . -14.70 59.68 14.36
O4 MAN M . -14.93 60.45 11.63
O5 MAN M . -14.03 56.98 11.35
O6 MAN M . -12.39 57.70 9.03
C1 NAG N . -49.67 5.24 8.23
C2 NAG N . -50.71 4.94 7.10
C3 NAG N . -52.05 4.52 7.72
C4 NAG N . -51.86 3.34 8.69
C5 NAG N . -50.85 3.70 9.79
C6 NAG N . -50.58 2.49 10.70
C7 NAG N . -50.24 6.27 5.10
C8 NAG N . -50.76 7.38 4.16
N2 NAG N . -50.93 6.10 6.23
O3 NAG N . -52.99 4.14 6.68
O4 NAG N . -53.15 3.04 9.36
O5 NAG N . -49.58 4.12 9.16
O6 NAG N . -49.63 2.84 11.72
O7 NAG N . -49.27 5.59 4.81
C1 NAG N . -53.80 1.82 8.89
C2 NAG N . -54.79 1.31 9.94
C3 NAG N . -55.42 -0.01 9.42
C4 NAG N . -56.13 0.24 8.07
C5 NAG N . -55.21 0.93 7.03
C6 NAG N . -55.96 1.43 5.79
C7 NAG N . -54.25 1.91 12.26
C8 NAG N . -53.49 1.52 13.53
N2 NAG N . -54.14 1.07 11.23
O3 NAG N . -56.37 -0.51 10.39
O4 NAG N . -56.52 -1.05 7.53
O5 NAG N . -54.53 2.09 7.65
O6 NAG N . -56.92 2.44 6.17
O7 NAG N . -54.94 2.92 12.20
C1 NAG O . -60.16 48.64 -28.68
C2 NAG O . -61.21 49.78 -28.54
C3 NAG O . -60.48 51.07 -28.15
C4 NAG O . -59.55 50.89 -26.94
C5 NAG O . -58.60 49.71 -27.13
C6 NAG O . -57.75 49.45 -25.88
C7 NAG O . -63.06 49.35 -30.10
C8 NAG O . -63.69 49.72 -31.45
N2 NAG O . -61.92 49.97 -29.80
O3 NAG O . -61.43 52.13 -27.85
O4 NAG O . -58.74 52.10 -26.84
O5 NAG O . -59.41 48.52 -27.43
O6 NAG O . -56.57 48.73 -26.26
O7 NAG O . -63.57 48.52 -29.35
C1 NAG O . -58.94 52.88 -25.61
C2 NAG O . -57.77 53.86 -25.41
C3 NAG O . -58.01 54.65 -24.12
C4 NAG O . -59.36 55.39 -24.17
C5 NAG O . -60.52 54.44 -24.52
C6 NAG O . -61.81 55.21 -24.84
C7 NAG O . -55.55 53.26 -26.30
C8 NAG O . -54.35 52.31 -26.18
N2 NAG O . -56.49 53.15 -25.36
O3 NAG O . -56.93 55.61 -23.92
O4 NAG O . -59.66 55.97 -22.84
O5 NAG O . -60.19 53.63 -25.72
O6 NAG O . -62.84 54.29 -25.24
O7 NAG O . -55.62 54.10 -27.19
C1 MAN O . -59.31 57.38 -22.72
C2 MAN O . -59.33 57.76 -21.21
C3 MAN O . -60.53 58.67 -20.89
C4 MAN O . -60.46 59.97 -21.72
C5 MAN O . -60.18 59.69 -23.22
C6 MAN O . -58.83 60.27 -23.68
O2 MAN O . -58.10 58.43 -20.86
O3 MAN O . -60.56 58.97 -19.46
O4 MAN O . -61.73 60.68 -21.60
O5 MAN O . -60.25 58.22 -23.48
O6 MAN O . -58.66 60.06 -25.09
C1 NAG P . -39.92 57.65 -27.93
C2 NAG P . -40.22 59.16 -27.95
C3 NAG P . -39.22 59.85 -27.02
C4 NAG P . -39.21 59.22 -25.62
C5 NAG P . -39.04 57.70 -25.64
C6 NAG P . -39.22 57.05 -24.27
C7 NAG P . -41.10 60.31 -29.96
C8 NAG P . -40.79 60.70 -31.40
N2 NAG P . -40.11 59.68 -29.32
O3 NAG P . -39.52 61.27 -26.90
O4 NAG P . -38.04 59.75 -24.90
O5 NAG P . -40.01 57.11 -26.58
O6 NAG P . -40.54 57.32 -23.75
O7 NAG P . -42.19 60.53 -29.42
C1 NAG P . -38.36 60.63 -23.77
C2 NAG P . -37.08 60.83 -22.92
C3 NAG P . -37.38 61.82 -21.77
C4 NAG P . -37.95 63.14 -22.31
C5 NAG P . -39.15 62.93 -23.24
C6 NAG P . -39.61 64.23 -23.94
C7 NAG P . -35.52 58.93 -22.84
C8 NAG P . -35.17 57.61 -22.13
N2 NAG P . -36.61 59.56 -22.38
O3 NAG P . -36.18 62.05 -20.96
O4 NAG P . -38.42 63.95 -21.17
O5 NAG P . -38.81 61.92 -24.28
O6 NAG P . -38.59 64.69 -24.87
O7 NAG P . -34.85 59.38 -23.76
C1 MAN P . -37.47 64.95 -20.71
C2 MAN P . -37.96 65.53 -19.36
C3 MAN P . -37.84 67.07 -19.31
C4 MAN P . -36.50 67.55 -19.89
C5 MAN P . -36.31 67.06 -21.35
C6 MAN P . -34.90 66.54 -21.62
O2 MAN P . -37.18 64.91 -18.29
O3 MAN P . -38.02 67.53 -17.94
O4 MAN P . -36.48 69.01 -19.90
O5 MAN P . -37.31 66.02 -21.70
O6 MAN P . -33.96 67.63 -21.51
C1 NAG Q . -71.78 33.90 -25.40
C2 NAG Q . -71.02 34.62 -24.25
C3 NAG Q . -70.82 33.78 -22.98
C4 NAG Q . -72.09 33.00 -22.60
C5 NAG Q . -72.48 32.12 -23.79
C6 NAG Q . -73.59 31.11 -23.42
C7 NAG Q . -69.44 36.25 -25.19
C8 NAG Q . -68.01 36.46 -25.69
N2 NAG Q . -69.71 35.03 -24.75
O3 NAG Q . -70.44 34.62 -21.88
O4 NAG Q . -71.79 32.11 -21.48
O5 NAG Q . -72.84 33.01 -24.91
O6 NAG Q . -74.73 31.15 -24.35
O7 NAG Q . -70.29 37.14 -25.24
C1 NAG Q . -72.34 32.52 -20.18
C2 NAG Q . -72.51 31.30 -19.26
C3 NAG Q . -73.02 31.78 -17.88
C4 NAG Q . -72.08 32.83 -17.28
C5 NAG Q . -71.87 34.01 -18.25
C6 NAG Q . -70.80 35.01 -17.75
C7 NAG Q . -73.07 29.24 -20.49
C8 NAG Q . -74.19 28.31 -20.98
N2 NAG Q . -73.46 30.34 -19.85
O3 NAG Q . -73.14 30.66 -16.95
O4 NAG Q . -72.66 33.32 -16.05
O5 NAG Q . -71.42 33.49 -19.56
O6 NAG Q . -70.75 36.13 -18.64
O7 NAG Q . -71.88 28.99 -20.70
C1 FUC Q . -75.58 32.31 -24.09
C2 FUC Q . -76.38 32.73 -25.35
C3 FUC Q . -77.52 33.71 -24.98
C4 FUC Q . -77.37 34.33 -23.58
C5 FUC Q . -77.26 33.22 -22.51
C6 FUC Q . -76.67 33.66 -21.17
O2 FUC Q . -76.95 31.57 -26.02
O3 FUC Q . -77.61 34.77 -25.98
O4 FUC Q . -76.18 35.15 -23.57
O5 FUC Q . -76.50 32.04 -22.98
C1 NAG R . -78.28 43.42 -37.36
C2 NAG R . -79.16 44.32 -36.45
C3 NAG R . -80.08 45.17 -37.33
C4 NAG R . -79.30 45.96 -38.37
C5 NAG R . -78.36 45.07 -39.21
C6 NAG R . -77.47 45.91 -40.15
C7 NAG R . -79.61 43.31 -34.26
C8 NAG R . -80.38 42.20 -33.52
N2 NAG R . -79.93 43.48 -35.54
O3 NAG R . -80.84 46.13 -36.53
O4 NAG R . -80.29 46.55 -39.30
O5 NAG R . -77.53 44.24 -38.31
O6 NAG R . -76.53 46.70 -39.41
O7 NAG R . -78.75 43.98 -33.70
C1 NAG R . -80.17 47.98 -39.49
C2 NAG R . -80.91 48.40 -40.77
C3 NAG R . -80.88 49.92 -40.96
C4 NAG R . -81.28 50.70 -39.68
C5 NAG R . -80.59 50.15 -38.42
C6 NAG R . -81.15 50.77 -37.13
C7 NAG R . -80.90 46.83 -42.67
C8 NAG R . -80.10 46.29 -43.86
N2 NAG R . -80.30 47.77 -41.95
O3 NAG R . -81.76 50.26 -42.06
O4 NAG R . -80.85 52.11 -39.79
O5 NAG R . -80.75 48.68 -38.34
O6 NAG R . -80.45 50.24 -36.00
O7 NAG R . -82.02 46.40 -42.40
C1 MAN R . -81.62 52.98 -40.69
C2 MAN R . -80.91 54.34 -40.83
C3 MAN R . -81.92 55.51 -40.80
C4 MAN R . -83.18 55.21 -41.63
C5 MAN R . -83.87 53.90 -41.15
C6 MAN R . -84.25 52.96 -42.32
O2 MAN R . -80.21 54.39 -42.11
O3 MAN R . -81.26 56.70 -41.31
O4 MAN R . -84.08 56.33 -41.45
O5 MAN R . -83.00 53.15 -40.20
O6 MAN R . -85.40 53.46 -43.01
C1 NAG S . -85.19 27.35 -47.03
C2 NAG S . -86.29 26.68 -46.19
C3 NAG S . -86.90 25.52 -46.98
C4 NAG S . -87.37 25.98 -48.38
C5 NAG S . -86.27 26.73 -49.15
C6 NAG S . -86.76 27.34 -50.47
C7 NAG S . -85.75 26.91 -43.81
C8 NAG S . -85.26 26.19 -42.54
N2 NAG S . -85.76 26.18 -44.92
O3 NAG S . -88.02 24.97 -46.25
O4 NAG S . -87.71 24.79 -49.18
O5 NAG S . -85.74 27.81 -48.29
O6 NAG S . -87.75 28.37 -50.22
O7 NAG S . -86.12 28.08 -43.80
C1 NAG S . -89.15 24.55 -49.33
C2 NAG S . -89.45 23.58 -50.48
C3 NAG S . -90.98 23.48 -50.62
C4 NAG S . -91.62 22.98 -49.30
C5 NAG S . -91.12 23.73 -48.05
C6 NAG S . -91.45 23.00 -46.75
C7 NAG S . -87.77 23.45 -52.28
C8 NAG S . -87.24 24.11 -53.57
N2 NAG S . -88.83 24.04 -51.74
O3 NAG S . -91.32 22.60 -51.74
O4 NAG S . -93.08 23.21 -49.31
O5 NAG S . -89.66 23.96 -48.10
O6 NAG S . -90.62 21.82 -46.63
O7 NAG S . -87.25 22.46 -51.79
C1 MAN S . -93.89 22.28 -50.09
C2 MAN S . -95.40 22.59 -49.89
C3 MAN S . -96.16 21.36 -49.37
C4 MAN S . -95.90 20.12 -50.26
C5 MAN S . -94.38 19.88 -50.43
C6 MAN S . -93.94 19.86 -51.92
O2 MAN S . -95.95 22.99 -51.18
O3 MAN S . -97.59 21.64 -49.26
O4 MAN S . -96.50 18.97 -49.63
O5 MAN S . -93.61 20.90 -49.69
O6 MAN S . -92.50 19.97 -52.02
C1 NAG T . 1.35 -24.20 29.38
C2 NAG T . -0.05 -23.61 29.68
C3 NAG T . -0.02 -22.37 30.61
C4 NAG T . 0.97 -22.53 31.76
C5 NAG T . 2.33 -22.85 31.16
C6 NAG T . 3.51 -22.71 32.15
C7 NAG T . -1.90 -23.66 28.05
C8 NAG T . -2.38 -23.19 26.67
N2 NAG T . -0.69 -23.25 28.42
O3 NAG T . -1.35 -22.12 31.15
O4 NAG T . 1.08 -21.26 32.53
O5 NAG T . 2.22 -24.20 30.57
O6 NAG T . 4.33 -23.91 32.24
O7 NAG T . -2.58 -24.38 28.77
C1 NAG T . 0.40 -21.22 33.82
C2 NAG T . 1.02 -20.10 34.72
C3 NAG T . 0.16 -19.87 35.98
C4 NAG T . -1.32 -19.67 35.64
C5 NAG T . -1.84 -20.85 34.83
C6 NAG T . -3.31 -20.71 34.41
C7 NAG T . 3.47 -20.13 34.49
C8 NAG T . 4.79 -20.62 35.11
N2 NAG T . 2.37 -20.48 35.14
O3 NAG T . 0.63 -18.71 36.74
O4 NAG T . -2.05 -19.57 36.89
O5 NAG T . -1.02 -20.97 33.60
O6 NAG T . -3.72 -21.90 33.72
O7 NAG T . 3.44 -19.47 33.45
C1 FUC T . 3.87 -24.87 33.26
C2 FUC T . 4.75 -26.14 33.29
C3 FUC T . 4.78 -26.81 34.68
C4 FUC T . 3.49 -26.54 35.47
C5 FUC T . 3.28 -25.02 35.68
C6 FUC T . 1.82 -24.57 35.83
O2 FUC T . 6.14 -25.85 32.91
O3 FUC T . 4.97 -28.24 34.53
O4 FUC T . 2.39 -27.11 34.71
O5 FUC T . 3.89 -24.23 34.59
C1 NAG U . 3.53 9.09 46.28
C2 NAG U . 4.85 8.39 45.85
C3 NAG U . 5.05 7.16 46.76
C4 NAG U . 5.05 7.57 48.25
C5 NAG U . 3.83 8.43 48.64
C6 NAG U . 3.93 9.04 50.04
C7 NAG U . 5.72 8.41 43.56
C8 NAG U . 5.41 8.22 42.07
N2 NAG U . 4.77 8.03 44.42
O3 NAG U . 6.31 6.49 46.47
O4 NAG U . 4.96 6.35 49.05
O5 NAG U . 3.64 9.52 47.67
O6 NAG U . 4.86 10.14 50.06
O7 NAG U . 6.79 8.91 43.92
C1 NAG U . 6.16 6.02 49.82
C2 NAG U . 5.79 5.23 51.11
C3 NAG U . 7.07 4.98 51.90
C4 NAG U . 8.04 4.15 51.04
C5 NAG U . 8.34 4.83 49.69
C6 NAG U . 9.14 3.88 48.79
C7 NAG U . 3.52 5.61 51.98
C8 NAG U . 2.65 6.48 52.89
N2 NAG U . 4.80 5.96 51.90
O3 NAG U . 6.76 4.26 53.14
O4 NAG U . 9.33 4.01 51.75
O5 NAG U . 7.07 5.21 49.01
O6 NAG U . 9.43 4.52 47.54
O7 NAG U . 3.06 4.65 51.37
C1 MAN U . 9.49 2.79 52.55
C2 MAN U . 10.92 2.73 53.14
C3 MAN U . 11.56 1.34 52.99
C4 MAN U . 10.56 0.20 53.31
C5 MAN U . 9.29 0.32 52.44
C6 MAN U . 7.99 0.17 53.25
O2 MAN U . 10.86 3.08 54.55
O3 MAN U . 12.70 1.28 53.89
O4 MAN U . 11.18 -1.08 53.03
O5 MAN U . 9.25 1.61 51.71
O6 MAN U . 7.82 -1.22 53.58
C1 NAG V . -5.14 -62.29 -7.47
C2 NAG V . -3.93 -62.74 -6.66
C3 NAG V . -2.85 -61.68 -6.68
C4 NAG V . -2.51 -61.30 -8.12
C5 NAG V . -3.78 -60.94 -8.90
C6 NAG V . -3.52 -60.72 -10.37
C7 NAG V . -4.68 -64.28 -4.89
C8 NAG V . -5.05 -64.41 -3.44
N2 NAG V . -4.31 -63.06 -5.29
O3 NAG V . -1.69 -62.16 -6.03
O4 NAG V . -1.63 -60.18 -8.13
O5 NAG V . -4.73 -62.01 -8.80
O6 NAG V . -4.53 -61.31 -11.17
O7 NAG V . -4.73 -65.22 -5.67
C1 NAG V . -0.33 -60.59 -8.61
C2 NAG V . 0.29 -59.42 -9.37
C3 NAG V . 1.69 -59.78 -9.87
C4 NAG V . 2.57 -60.24 -8.68
C5 NAG V . 1.88 -61.41 -7.94
C6 NAG V . 2.67 -61.90 -6.73
C7 NAG V . -1.53 -58.08 -10.34
C8 NAG V . -2.32 -57.72 -11.61
N2 NAG V . -0.58 -59.00 -10.48
O3 NAG V . 2.32 -58.64 -10.52
O4 NAG V . 3.85 -60.67 -9.18
O5 NAG V . 0.53 -60.96 -7.52
O6 NAG V . 2.03 -63.08 -6.18
O7 NAG V . -1.76 -57.56 -9.25
C1 NAG W . -19.08 -52.03 11.16
C2 NAG W . -19.08 -53.30 12.05
C3 NAG W . -18.96 -52.85 13.52
C4 NAG W . -17.71 -51.98 13.74
C5 NAG W . -17.61 -50.84 12.72
C6 NAG W . -16.27 -50.09 12.82
C7 NAG W . -20.36 -55.18 11.11
C8 NAG W . -21.77 -55.75 10.90
N2 NAG W . -20.31 -54.07 11.84
O3 NAG W . -18.94 -54.00 14.40
O4 NAG W . -17.75 -51.33 15.07
O5 NAG W . -17.81 -51.33 11.34
O6 NAG W . -15.16 -51.00 12.65
O7 NAG W . -19.35 -55.72 10.67
C1 NAG W . -17.33 -52.09 16.24
C2 NAG W . -16.67 -51.11 17.26
C3 NAG W . -16.37 -51.86 18.57
C4 NAG W . -17.72 -52.29 19.13
C5 NAG W . -18.36 -53.33 18.21
C6 NAG W . -19.73 -53.80 18.71
C7 NAG W . -15.25 -49.20 16.74
C8 NAG W . -13.86 -48.74 16.25
N2 NAG W . -15.45 -50.51 16.71
O3 NAG W . -15.64 -51.02 19.51
O4 NAG W . -17.59 -52.87 20.50
O5 NAG W . -18.51 -52.75 16.85
O6 NAG W . -20.60 -52.67 18.98
O7 NAG W . -16.09 -48.40 17.13
C1 MAN W . -17.90 -51.88 21.54
C2 MAN W . -17.59 -52.46 22.94
C3 MAN W . -18.82 -52.36 23.87
C4 MAN W . -19.37 -50.91 23.88
C5 MAN W . -19.70 -50.44 22.46
C6 MAN W . -19.03 -49.10 22.08
O2 MAN W . -16.47 -51.70 23.50
O3 MAN W . -18.48 -52.80 25.22
O4 MAN W . -20.59 -50.91 24.68
O5 MAN W . -19.31 -51.47 21.44
O6 MAN W . -19.53 -48.04 22.92
C1 NAG X . -0.43 -37.42 -6.19
C2 NAG X . 0.69 -36.39 -6.48
C3 NAG X . 1.07 -36.41 -7.97
C4 NAG X . 1.32 -37.84 -8.47
C5 NAG X . 0.18 -38.80 -8.09
C6 NAG X . 0.41 -40.25 -8.52
C7 NAG X . 0.97 -34.10 -5.61
C8 NAG X . 0.27 -32.93 -4.91
N2 NAG X . 0.19 -35.08 -6.05
O3 NAG X . 2.25 -35.63 -8.24
O4 NAG X . 1.36 -37.80 -9.94
O5 NAG X . -0.03 -38.75 -6.63
O6 NAG X . 1.63 -40.74 -7.95
O7 NAG X . 2.19 -34.15 -5.70
C1 NAG X . 2.66 -38.13 -10.51
C2 NAG X . 2.51 -38.50 -11.99
C3 NAG X . 3.88 -38.87 -12.57
C4 NAG X . 4.86 -37.70 -12.39
C5 NAG X . 4.92 -37.18 -10.95
C6 NAG X . 5.70 -35.86 -10.85
C7 NAG X . 0.30 -39.45 -12.56
C8 NAG X . -0.58 -40.70 -12.61
N2 NAG X . 1.57 -39.63 -12.18
O3 NAG X . 3.74 -39.21 -13.97
O4 NAG X . 6.24 -38.14 -12.71
O5 NAG X . 3.56 -36.98 -10.38
O6 NAG X . 4.95 -34.78 -11.42
O7 NAG X . -0.12 -38.34 -12.89
C1 MAN X . 6.61 -38.08 -14.12
C2 MAN X . 8.01 -38.72 -14.28
C3 MAN X . 8.83 -37.99 -15.36
C4 MAN X . 7.96 -37.53 -16.54
C5 MAN X . 6.84 -36.58 -16.08
C6 MAN X . 5.52 -36.84 -16.82
O2 MAN X . 7.86 -40.12 -14.67
O3 MAN X . 9.88 -38.90 -15.83
O4 MAN X . 8.80 -36.85 -17.49
O5 MAN X . 6.63 -36.70 -14.61
O6 MAN X . 4.54 -35.83 -16.49
C1 NAG Y . -42.76 -23.48 -0.56
C2 NAG Y . -43.49 -24.11 -1.76
C3 NAG Y . -44.99 -24.12 -1.43
C4 NAG Y . -45.28 -24.85 -0.11
C5 NAG Y . -44.41 -24.34 1.05
C6 NAG Y . -44.51 -25.19 2.32
C7 NAG Y . -42.46 -23.82 -3.97
C8 NAG Y . -42.19 -22.83 -5.13
N2 NAG Y . -43.21 -23.36 -2.97
O3 NAG Y . -45.75 -24.75 -2.51
O4 NAG Y . -46.68 -24.59 0.27
O5 NAG Y . -42.98 -24.29 0.64
O6 NAG Y . -44.07 -26.54 2.05
O7 NAG Y . -41.97 -24.95 -3.96
C1 NAG Y . -47.63 -25.69 0.06
C2 NAG Y . -48.84 -25.53 0.99
C3 NAG Y . -49.82 -26.68 0.77
C4 NAG Y . -50.30 -26.70 -0.70
C5 NAG Y . -49.10 -26.73 -1.67
C6 NAG Y . -49.51 -26.53 -3.13
C7 NAG Y . -48.55 -24.41 3.16
C8 NAG Y . -47.97 -24.52 4.58
N2 NAG Y . -48.41 -25.48 2.40
O3 NAG Y . -50.94 -26.53 1.69
O4 NAG Y . -51.09 -27.94 -0.97
O5 NAG Y . -48.10 -25.68 -1.33
O6 NAG Y . -50.15 -25.25 -3.30
O7 NAG Y . -49.10 -23.38 2.76
C1 MAN Y . -52.50 -27.93 -0.53
C2 MAN Y . -53.11 -29.33 -0.79
C3 MAN Y . -54.50 -29.24 -1.46
C4 MAN Y . -55.37 -28.16 -0.79
C5 MAN Y . -54.69 -26.77 -0.80
C6 MAN Y . -54.79 -26.09 0.57
O2 MAN Y . -53.26 -30.03 0.48
O3 MAN Y . -55.15 -30.53 -1.35
O4 MAN Y . -56.62 -28.09 -1.54
O5 MAN Y . -53.27 -26.90 -1.24
O6 MAN Y . -54.23 -24.76 0.51
C1 NAG Z . -11.40 -15.47 -46.74
C2 NAG Z . -11.58 -14.47 -47.91
C3 NAG Z . -11.25 -15.15 -49.25
C4 NAG Z . -9.85 -15.76 -49.20
C5 NAG Z . -9.74 -16.78 -48.07
C6 NAG Z . -8.33 -17.36 -47.91
C7 NAG Z . -13.31 -12.86 -47.25
C8 NAG Z . -14.74 -12.34 -47.48
N2 NAG Z . -12.95 -13.93 -47.94
O3 NAG Z . -11.33 -14.16 -50.33
O4 NAG Z . -9.60 -16.49 -50.46
O5 NAG Z . -10.09 -16.11 -46.80
O6 NAG Z . -8.24 -18.01 -46.62
O7 NAG Z . -12.54 -12.30 -46.47
C1 NAG Z . -8.67 -15.83 -51.38
C2 NAG Z . -8.09 -16.85 -52.38
C3 NAG Z . -7.08 -16.10 -53.28
C4 NAG Z . -7.83 -15.02 -54.07
C5 NAG Z . -8.55 -14.04 -53.12
C6 NAG Z . -9.47 -13.06 -53.88
C7 NAG Z . -8.01 -19.15 -51.54
C8 NAG Z . -7.20 -20.20 -50.77
N2 NAG Z . -7.43 -17.97 -51.70
O3 NAG Z . -6.43 -16.99 -54.23
O4 NAG Z . -6.83 -14.30 -54.83
O5 NAG Z . -9.37 -14.78 -52.13
O6 NAG Z . -10.52 -13.79 -54.54
O7 NAG Z . -9.13 -19.41 -52.00
C1 NAG AA . -64.36 7.51 -51.01
C2 NAG AA . -65.58 6.94 -51.79
C3 NAG AA . -66.59 6.34 -50.80
C4 NAG AA . -65.93 5.37 -49.82
C5 NAG AA . -64.74 6.01 -49.10
C6 NAG AA . -64.01 5.03 -48.18
C7 NAG AA . -65.95 8.22 -53.86
C8 NAG AA . -66.76 9.33 -54.54
N2 NAG AA . -66.23 7.98 -52.58
O3 NAG AA . -67.65 5.64 -51.50
O4 NAG AA . -66.92 5.05 -48.79
O5 NAG AA . -63.80 6.49 -50.14
O6 NAG AA . -63.24 5.78 -47.22
O7 NAG AA . -65.08 7.59 -54.47
C1 NAG AA . -67.33 3.65 -48.76
C2 NAG AA . -67.98 3.31 -47.41
C3 NAG AA . -68.33 1.80 -47.43
C4 NAG AA . -69.29 1.50 -48.58
C5 NAG AA . -68.76 2.00 -49.94
C6 NAG AA . -69.85 1.93 -51.01
C7 NAG AA . -67.34 4.61 -45.43
C8 NAG AA . -66.24 4.91 -44.40
N2 NAG AA . -67.09 3.63 -46.30
O3 NAG AA . -68.91 1.42 -46.16
O4 NAG AA . -69.48 0.03 -48.69
O5 NAG AA . -68.30 3.39 -49.83
O6 NAG AA . -69.36 2.48 -52.25
O7 NAG AA . -68.40 5.24 -45.45
C1 MAN AA . -70.70 -0.46 -48.04
C2 MAN AA . -70.61 -2.00 -47.91
C3 MAN AA . -71.65 -2.68 -48.83
C4 MAN AA . -73.06 -2.22 -48.47
C5 MAN AA . -73.18 -0.68 -48.40
C6 MAN AA . -73.60 -0.20 -47.01
O2 MAN AA . -70.86 -2.37 -46.53
O3 MAN AA . -71.55 -4.14 -48.72
O4 MAN AA . -73.97 -2.74 -49.48
O5 MAN AA . -71.88 -0.05 -48.82
O6 MAN AA . -73.80 1.24 -47.02
C1 NAG BA . -69.19 7.13 -29.35
C2 NAG BA . -70.68 6.73 -29.28
C3 NAG BA . -70.85 5.79 -28.08
C4 NAG BA . -69.86 4.60 -28.12
C5 NAG BA . -68.42 5.06 -28.34
C6 NAG BA . -67.43 3.89 -28.56
C7 NAG BA . -72.41 8.33 -30.00
C8 NAG BA . -73.10 9.67 -29.70
N2 NAG BA . -71.50 7.93 -29.11
O3 NAG BA . -72.21 5.27 -28.03
O4 NAG BA . -69.90 3.92 -26.82
O5 NAG BA . -68.36 5.95 -29.51
O6 NAG BA . -67.83 3.11 -29.70
O7 NAG BA . -72.67 7.68 -31.02
C1 NAG BA . -70.48 2.59 -26.84
C2 NAG BA . -70.22 1.91 -25.48
C3 NAG BA . -70.92 0.54 -25.42
C4 NAG BA . -72.43 0.65 -25.79
C5 NAG BA . -72.64 1.42 -27.10
C6 NAG BA . -74.13 1.71 -27.38
C7 NAG BA . -68.11 2.45 -24.33
C8 NAG BA . -66.63 2.08 -24.18
N2 NAG BA . -68.80 1.73 -25.22
O3 NAG BA . -70.78 -0.05 -24.10
O4 NAG BA . -72.96 -0.71 -26.01
O5 NAG BA . -71.92 2.70 -27.06
O6 NAG BA . -74.68 2.58 -26.37
O7 NAG BA . -68.64 3.32 -23.64
C1 MAN BA . -73.57 -1.30 -24.81
C2 MAN BA . -73.89 -2.79 -25.09
C3 MAN BA . -75.27 -3.19 -24.52
C4 MAN BA . -75.53 -2.58 -23.13
C5 MAN BA . -75.42 -1.04 -23.17
C6 MAN BA . -74.64 -0.45 -21.98
O2 MAN BA . -72.83 -3.60 -24.49
O3 MAN BA . -75.38 -4.65 -24.48
O4 MAN BA . -76.87 -2.92 -22.69
O5 MAN BA . -74.79 -0.58 -24.44
O6 MAN BA . -75.37 -0.68 -20.77
C1 NAG CA . -51.24 6.47 -64.94
C2 NAG CA . -51.71 5.24 -64.12
C3 NAG CA . -50.68 4.10 -64.08
C4 NAG CA . -50.04 3.84 -65.44
C5 NAG CA . -49.51 5.14 -66.04
C6 NAG CA . -48.70 4.93 -67.35
C7 NAG CA . -53.21 5.98 -62.30
C8 NAG CA . -53.26 6.64 -60.92
N2 NAG CA . -52.00 5.68 -62.75
O3 NAG CA . -51.31 2.88 -63.60
O4 NAG CA . -48.86 2.99 -65.23
O5 NAG CA . -50.65 6.07 -66.21
O6 NAG CA . -49.27 5.65 -68.50
O7 NAG CA . -54.23 5.77 -62.96
C1 NAG CA . -49.00 1.57 -65.57
C2 NAG CA . -47.61 0.99 -65.88
C3 NAG CA . -47.74 -0.52 -66.17
C4 NAG CA . -48.41 -1.23 -64.98
C5 NAG CA . -49.77 -0.61 -64.64
C6 NAG CA . -50.38 -1.22 -63.37
C7 NAG CA . -46.10 2.66 -66.89
C8 NAG CA . -45.56 3.25 -68.19
N2 NAG CA . -47.00 1.69 -67.02
O3 NAG CA . -46.43 -1.10 -66.42
O4 NAG CA . -48.58 -2.62 -65.32
O5 NAG CA . -49.60 0.85 -64.44
O6 NAG CA . -51.65 -0.61 -63.10
O7 NAG CA . -45.73 3.06 -65.78
C1 FUC CA . -50.49 4.99 -68.98
C2 FUC CA . -51.40 6.02 -69.71
C3 FUC CA . -52.47 5.32 -70.58
C4 FUC CA . -52.66 3.84 -70.21
C5 FUC CA . -51.32 3.07 -70.33
C6 FUC CA . -51.26 1.73 -69.59
O2 FUC CA . -50.61 6.88 -70.59
O3 FUC CA . -53.75 6.02 -70.48
O4 FUC CA . -53.18 3.76 -68.86
O5 FUC CA . -50.16 3.88 -69.87
C1 NAG DA . -65.01 14.83 -70.45
C2 NAG DA . -65.74 13.60 -71.07
C3 NAG DA . -66.97 14.08 -71.86
C4 NAG DA . -67.87 14.98 -71.00
C5 NAG DA . -67.11 16.13 -70.33
C6 NAG DA . -67.99 16.94 -69.37
C7 NAG DA . -64.24 11.72 -71.58
C8 NAG DA . -63.15 11.21 -72.53
N2 NAG DA . -64.83 12.86 -71.93
O3 NAG DA . -67.77 12.96 -72.32
O4 NAG DA . -68.86 15.56 -71.92
O5 NAG DA . -65.93 15.59 -69.62
O6 NAG DA . -68.41 16.12 -68.26
O7 NAG DA . -64.54 11.12 -70.55
C1 NAG DA . -70.25 15.43 -71.50
C2 NAG DA . -71.13 16.45 -72.24
C3 NAG DA . -72.61 16.28 -71.89
C4 NAG DA . -73.10 14.82 -71.98
C5 NAG DA . -72.11 13.84 -71.32
C6 NAG DA . -72.48 12.38 -71.62
C7 NAG DA . -70.10 18.65 -72.73
C8 NAG DA . -69.75 20.03 -72.17
N2 NAG DA . -70.73 17.83 -71.89
O3 NAG DA . -73.39 17.13 -72.78
O4 NAG DA . -74.37 14.66 -71.25
O5 NAG DA . -70.73 14.09 -71.80
O6 NAG DA . -71.54 11.49 -70.99
O7 NAG DA . -69.81 18.32 -73.88
C1 MAN DA . -75.58 15.19 -71.90
C2 MAN DA . -76.77 15.10 -70.92
C3 MAN DA . -78.04 14.57 -71.61
C4 MAN DA . -78.25 15.20 -72.99
C5 MAN DA . -77.02 15.02 -73.91
C6 MAN DA . -76.56 16.31 -74.59
O2 MAN DA . -77.06 16.44 -70.40
O3 MAN DA . -79.18 14.85 -70.76
O4 MAN DA . -79.41 14.55 -73.58
O5 MAN DA . -75.87 14.45 -73.14
O6 MAN DA . -77.46 16.67 -75.65
C1 NAG EA . -53.63 27.27 -81.20
C2 NAG EA . -52.98 26.49 -82.36
C3 NAG EA . -52.23 27.48 -83.26
C4 NAG EA . -53.15 28.62 -83.73
C5 NAG EA . -53.84 29.32 -82.55
C6 NAG EA . -54.87 30.37 -82.97
C7 NAG EA . -52.46 24.21 -81.62
C8 NAG EA . -51.35 23.23 -81.22
N2 NAG EA . -52.07 25.46 -81.87
O3 NAG EA . -51.70 26.78 -84.42
O4 NAG EA . -52.34 29.65 -84.41
O5 NAG EA . -54.52 28.30 -81.73
O6 NAG EA . -55.93 29.75 -83.73
O7 NAG EA . -53.64 23.88 -81.70
C1 NAG EA . -52.47 29.65 -85.86
C2 NAG EA . -52.01 30.98 -86.46
C3 NAG EA . -52.26 30.94 -87.97
C4 NAG EA . -51.44 29.80 -88.61
C5 NAG EA . -51.67 28.44 -87.90
C6 NAG EA . -50.63 27.38 -88.29
C7 NAG EA . -52.13 32.98 -85.02
C8 NAG EA . -53.03 34.06 -84.42
N2 NAG EA . -52.72 32.12 -85.85
O3 NAG EA . -51.92 32.22 -88.57
O4 NAG EA . -51.85 29.59 -90.01
O5 NAG EA . -51.65 28.58 -86.43
O6 NAG EA . -49.38 27.69 -87.66
O7 NAG EA . -50.93 32.91 -84.75
C1 MAN EA . -51.20 30.42 -91.02
C2 MAN EA . -51.84 30.13 -92.40
C3 MAN EA . -50.83 29.44 -93.34
C4 MAN EA . -49.57 30.29 -93.53
C5 MAN EA . -49.02 30.83 -92.19
C6 MAN EA . -49.08 32.36 -92.09
O2 MAN EA . -52.28 31.38 -93.00
O3 MAN EA . -51.43 29.14 -94.62
O4 MAN EA . -48.56 29.48 -94.19
O5 MAN EA . -49.74 30.18 -91.05
O6 MAN EA . -48.58 32.81 -90.81
C1 NAG FA . 31.31 -21.69 -1.39
C2 NAG FA . 30.54 -22.29 -2.59
C3 NAG FA . 29.70 -23.54 -2.25
C4 NAG FA . 30.38 -24.49 -1.24
C5 NAG FA . 30.87 -23.67 -0.05
C6 NAG FA . 31.37 -24.49 1.16
C7 NAG FA . 29.59 -20.97 -4.46
C8 NAG FA . 28.63 -19.83 -4.85
N2 NAG FA . 29.66 -21.25 -3.16
O3 NAG FA . 29.42 -24.28 -3.48
O4 NAG FA . 29.41 -25.47 -0.74
O5 NAG FA . 31.89 -22.73 -0.54
O6 NAG FA . 32.83 -24.57 1.29
O7 NAG FA . 30.26 -21.57 -5.29
C1 NAG FA . 29.35 -26.77 -1.40
C2 NAG FA . 28.78 -27.82 -0.43
C3 NAG FA . 28.63 -29.17 -1.14
C4 NAG FA . 27.72 -29.01 -2.36
C5 NAG FA . 28.26 -27.95 -3.33
C6 NAG FA . 27.26 -27.67 -4.45
C7 NAG FA . 29.32 -27.53 1.94
C8 NAG FA . 30.38 -27.70 3.05
N2 NAG FA . 29.66 -27.97 0.75
O3 NAG FA . 28.03 -30.17 -0.26
O4 NAG FA . 27.65 -30.29 -3.02
O5 NAG FA . 28.49 -26.68 -2.59
O6 NAG FA . 27.76 -26.60 -5.29
O7 NAG FA . 28.23 -27.00 2.17
C1 FUC FA . 33.58 -25.46 0.36
C2 FUC FA . 35.03 -25.58 0.92
C3 FUC FA . 35.58 -27.02 0.85
C4 FUC FA . 35.17 -27.67 -0.47
C5 FUC FA . 33.63 -27.85 -0.47
C6 FUC FA . 32.99 -27.94 -1.85
O2 FUC FA . 35.08 -25.19 2.32
O3 FUC FA . 37.03 -27.02 1.00
O4 FUC FA . 35.57 -26.80 -1.56
O5 FUC FA . 32.94 -26.79 0.31
C1 NAG GA . 4.41 -46.96 9.14
C2 NAG GA . 5.52 -46.02 9.66
C3 NAG GA . 6.78 -46.87 9.81
C4 NAG GA . 6.55 -48.13 10.69
C5 NAG GA . 5.31 -48.95 10.30
C6 NAG GA . 5.02 -50.03 11.35
C7 NAG GA . 5.90 -43.69 8.98
C8 NAG GA . 6.48 -42.82 7.86
N2 NAG GA . 5.77 -44.98 8.68
O3 NAG GA . 7.86 -46.07 10.35
O4 NAG GA . 7.69 -49.04 10.48
O5 NAG GA . 4.15 -48.05 10.10
O6 NAG GA . 3.61 -50.37 11.42
O7 NAG GA . 5.62 -43.22 10.08
C1 NAG GA . 8.75 -49.01 11.49
C2 NAG GA . 9.60 -50.29 11.39
C3 NAG GA . 10.82 -50.22 12.33
C4 NAG GA . 11.63 -48.93 12.12
C5 NAG GA . 10.72 -47.70 12.20
C6 NAG GA . 11.44 -46.38 11.88
C7 NAG GA . 8.25 -52.26 10.77
C8 NAG GA . 7.36 -53.40 11.29
N2 NAG GA . 8.79 -51.48 11.71
O3 NAG GA . 11.66 -51.39 12.09
O4 NAG GA . 12.64 -48.74 13.19
O5 NAG GA . 9.61 -47.85 11.23
O6 NAG GA . 11.85 -46.36 10.51
O7 NAG GA . 8.45 -52.07 9.57
C1 MAN GA . 13.81 -49.63 13.18
C2 MAN GA . 14.78 -49.18 14.30
C3 MAN GA . 16.20 -48.93 13.74
C4 MAN GA . 16.70 -50.08 12.86
C5 MAN GA . 15.68 -50.46 11.77
C6 MAN GA . 15.24 -51.94 11.82
O2 MAN GA . 14.88 -50.21 15.33
O3 MAN GA . 17.10 -48.76 14.87
O4 MAN GA . 17.94 -49.64 12.24
O5 MAN GA . 14.48 -49.60 11.86
O6 MAN GA . 16.26 -52.77 11.25
C1 NAG HA . 56.06 21.48 -18.32
C2 NAG HA . 56.87 20.99 -17.14
C3 NAG HA . 56.01 20.96 -15.89
C4 NAG HA . 55.36 22.32 -15.65
C5 NAG HA . 54.64 22.79 -16.91
C6 NAG HA . 54.12 24.20 -16.80
C7 NAG HA . 58.61 19.50 -18.04
C8 NAG HA . 59.04 18.08 -18.23
N2 NAG HA . 57.44 19.68 -17.41
O3 NAG HA . 56.82 20.61 -14.77
O4 NAG HA . 54.42 22.22 -14.59
O5 NAG HA . 55.53 22.77 -18.04
O6 NAG HA . 54.30 24.92 -18.02
O7 NAG HA . 59.27 20.44 -18.44
C1 NAG HA . 54.93 22.90 -13.43
C2 NAG HA . 53.76 23.53 -12.67
C3 NAG HA . 54.25 24.23 -11.40
C4 NAG HA . 55.05 23.24 -10.53
C5 NAG HA . 56.20 22.61 -11.33
C6 NAG HA . 56.93 21.53 -10.53
C7 NAG HA . 51.92 24.19 -14.17
C8 NAG HA . 51.36 25.27 -15.11
N2 NAG HA . 53.06 24.49 -13.54
O3 NAG HA . 53.12 24.73 -10.62
O4 NAG HA . 55.58 23.98 -9.41
O5 NAG HA . 55.63 22.00 -12.58
O6 NAG HA . 58.02 21.00 -11.32
O7 NAG HA . 51.36 23.10 -14.01
C1 NAG IA . 48.94 0.00 -28.37
C2 NAG IA . 50.38 -0.50 -28.63
C3 NAG IA . 50.42 -2.00 -28.33
C4 NAG IA . 49.93 -2.31 -26.90
C5 NAG IA . 48.58 -1.65 -26.61
C6 NAG IA . 48.14 -1.80 -25.14
C7 NAG IA . 51.68 0.67 -30.37
C8 NAG IA . 51.88 0.83 -31.88
N2 NAG IA . 50.77 -0.24 -30.01
O3 NAG IA . 51.77 -2.52 -28.50
O4 NAG IA . 49.70 -3.76 -26.74
O5 NAG IA . 48.60 -0.21 -26.97
O6 NAG IA . 49.15 -1.29 -24.25
O7 NAG IA . 52.32 1.32 -29.54
C1 NAG IA . 50.86 -4.60 -26.36
C2 NAG IA . 50.35 -5.81 -25.55
C3 NAG IA . 51.49 -6.80 -25.26
C4 NAG IA . 52.20 -7.22 -26.56
C5 NAG IA . 52.68 -5.99 -27.34
C6 NAG IA . 53.33 -6.36 -28.69
C7 NAG IA . 48.49 -5.66 -23.93
C8 NAG IA . 48.07 -5.18 -22.54
N2 NAG IA . 49.75 -5.38 -24.27
O3 NAG IA . 50.96 -7.97 -24.58
O4 NAG IA . 53.40 -8.02 -26.25
O5 NAG IA . 51.56 -5.06 -27.58
O6 NAG IA . 52.41 -7.10 -29.52
O7 NAG IA . 47.74 -6.28 -24.68
C1 MAN IA . 53.16 -9.47 -26.17
C2 MAN IA . 54.40 -10.15 -25.54
C3 MAN IA . 54.93 -11.28 -26.44
C4 MAN IA . 53.80 -12.25 -26.82
C5 MAN IA . 52.66 -11.49 -27.55
C6 MAN IA . 51.27 -11.81 -26.99
O2 MAN IA . 54.01 -10.68 -24.24
O3 MAN IA . 56.00 -12.00 -25.79
O4 MAN IA . 54.35 -13.26 -27.69
O5 MAN IA . 52.89 -10.01 -27.52
O6 MAN IA . 50.95 -13.19 -27.26
C1 NAG JA . 33.95 15.53 -8.66
C2 NAG JA . 33.01 15.62 -7.45
C3 NAG JA . 32.48 17.06 -7.36
C4 NAG JA . 33.66 18.05 -7.25
C5 NAG JA . 34.65 17.86 -8.41
C6 NAG JA . 35.90 18.75 -8.32
C7 NAG JA . 31.24 14.16 -6.56
C8 NAG JA . 30.29 12.98 -6.84
N2 NAG JA . 31.92 14.65 -7.59
O3 NAG JA . 31.59 17.23 -6.24
O4 NAG JA . 33.12 19.42 -7.32
O5 NAG JA . 35.07 16.45 -8.50
O6 NAG JA . 36.65 18.44 -7.13
O7 NAG JA . 31.37 14.64 -5.44
C1 NAG JA . 33.55 20.26 -6.20
C2 NAG JA . 33.39 21.74 -6.54
C3 NAG JA . 33.94 22.55 -5.34
C4 NAG JA . 33.20 22.18 -4.04
C5 NAG JA . 33.13 20.66 -3.78
C6 NAG JA . 32.15 20.30 -2.65
C7 NAG JA . 33.51 22.11 -8.97
C8 NAG JA . 34.43 22.37 -10.17
N2 NAG JA . 34.09 22.09 -7.78
O3 NAG JA . 33.85 23.98 -5.62
O4 NAG JA . 33.89 22.75 -2.86
O5 NAG JA . 32.75 19.94 -5.01
O6 NAG JA . 30.81 20.66 -3.02
O7 NAG JA . 32.30 21.89 -9.12
C1 MAN JA . 33.61 24.17 -2.62
C2 MAN JA . 34.32 24.65 -1.34
C3 MAN JA . 33.38 25.55 -0.52
C4 MAN JA . 32.59 26.56 -1.40
C5 MAN JA . 31.80 25.83 -2.51
C6 MAN JA . 32.01 26.44 -3.91
O2 MAN JA . 35.51 25.38 -1.76
O3 MAN JA . 34.10 26.26 0.53
O4 MAN JA . 31.67 27.27 -0.53
O5 MAN JA . 32.16 24.39 -2.51
O6 MAN JA . 31.54 25.54 -4.94
C1 NAG KA . 14.62 1.07 -46.58
C2 NAG KA . 14.65 2.31 -47.51
C3 NAG KA . 14.47 1.80 -48.95
C4 NAG KA . 15.53 0.76 -49.31
C5 NAG KA . 15.65 -0.36 -48.27
C6 NAG KA . 16.86 -1.28 -48.52
C7 NAG KA . 13.87 4.44 -46.55
C8 NAG KA . 12.64 5.28 -46.16
N2 NAG KA . 13.61 3.27 -47.13
O3 NAG KA . 14.54 2.90 -49.89
O4 NAG KA . 15.14 0.12 -50.58
O5 NAG KA . 15.74 0.21 -46.90
O6 NAG KA . 18.07 -0.49 -48.61
O7 NAG KA . 15.01 4.82 -46.32
C1 NAG KA . 15.99 0.45 -51.74
C2 NAG KA . 15.87 -0.66 -52.80
C3 NAG KA . 16.74 -0.30 -54.01
C4 NAG KA . 16.27 1.03 -54.63
C5 NAG KA . 16.22 2.15 -53.57
C6 NAG KA . 15.48 3.40 -54.09
C7 NAG KA . 15.43 -2.98 -52.09
C8 NAG KA . 15.99 -4.23 -51.39
N2 NAG KA . 16.27 -1.96 -52.25
O3 NAG KA . 16.68 -1.39 -54.97
O4 NAG KA . 17.21 1.49 -55.69
O5 NAG KA . 15.54 1.73 -52.32
O6 NAG KA . 14.09 3.09 -54.32
O7 NAG KA . 14.26 -2.93 -52.48
C1 MAN KA . 17.07 0.85 -57.01
C2 MAN KA . 18.18 1.40 -57.95
C3 MAN KA . 17.63 1.81 -59.32
C4 MAN KA . 16.65 0.75 -59.88
C5 MAN KA . 15.49 0.47 -58.90
C6 MAN KA . 15.23 -1.04 -58.74
O2 MAN KA . 19.18 0.36 -58.15
O3 MAN KA . 18.73 1.96 -60.24
O4 MAN KA . 16.12 1.27 -61.12
O5 MAN KA . 15.74 1.13 -57.58
O6 MAN KA . 14.08 -1.26 -57.89
C1 NAG LA . 0.10 47.16 -17.94
C2 NAG LA . -1.22 47.97 -17.97
C3 NAG LA . -0.90 49.48 -17.90
C4 NAG LA . -0.08 49.78 -16.64
C5 NAG LA . 1.20 48.95 -16.59
C6 NAG LA . 1.95 49.15 -15.27
C7 NAG LA . -3.33 47.50 -19.13
C8 NAG LA . -4.00 47.20 -20.47
N2 NAG LA . -2.01 47.65 -19.16
O3 NAG LA . -2.13 50.26 -17.87
O4 NAG LA . 0.30 51.21 -16.64
O5 NAG LA . 0.87 47.51 -16.74
O6 NAG LA . 3.18 48.41 -15.27
O7 NAG LA . -3.99 47.58 -18.09
C1 NAG LA . -0.45 52.05 -15.71
C2 NAG LA . 0.34 53.32 -15.32
C3 NAG LA . -0.49 54.04 -14.24
C4 NAG LA . -1.84 54.47 -14.83
C5 NAG LA . -2.60 53.28 -15.44
C6 NAG LA . -3.82 53.71 -16.28
C7 NAG LA . 2.77 53.09 -15.57
C8 NAG LA . 4.10 52.73 -14.88
N2 NAG LA . 1.68 52.99 -14.82
O3 NAG LA . 0.22 55.19 -13.70
O4 NAG LA . -2.65 55.05 -13.77
O5 NAG LA . -1.72 52.47 -16.32
O6 NAG LA . -3.39 54.50 -17.40
O7 NAG LA . 2.73 53.43 -16.75
C1 NAG MA . -32.35 38.82 -65.30
C2 NAG MA . -32.26 39.54 -66.66
C3 NAG MA . -31.59 38.61 -67.69
C4 NAG MA . -30.29 38.00 -67.16
C5 NAG MA . -30.46 37.36 -65.80
C6 NAG MA . -29.15 36.85 -65.20
C7 NAG MA . -34.16 41.10 -66.86
C8 NAG MA . -35.54 41.33 -67.47
N2 NAG MA . -33.59 39.93 -67.13
O3 NAG MA . -31.32 39.31 -68.93
O4 NAG MA . -29.89 36.94 -68.09
O5 NAG MA . -31.02 38.38 -64.89
O6 NAG MA . -29.44 35.98 -64.10
O7 NAG MA . -33.61 41.94 -66.15
C1 NAG MA . -28.63 37.17 -68.79
C2 NAG MA . -28.10 35.85 -69.37
C3 NAG MA . -26.76 36.13 -70.09
C4 NAG MA . -26.95 37.21 -71.18
C5 NAG MA . -27.62 38.48 -70.64
C6 NAG MA . -28.04 39.41 -71.78
C7 NAG MA . -28.61 33.72 -68.26
C8 NAG MA . -28.41 32.86 -66.99
N2 NAG MA . -27.91 34.84 -68.32
O3 NAG MA . -26.25 34.91 -70.68
O4 NAG MA . -25.62 37.59 -71.70
O5 NAG MA . -28.85 38.12 -69.87
O6 NAG MA . -28.77 40.54 -71.24
O7 NAG MA . -29.37 33.38 -69.16
C1 MAN MA . -25.27 36.92 -72.96
C2 MAN MA . -23.75 37.11 -73.20
C3 MAN MA . -23.48 38.09 -74.35
C4 MAN MA . -24.15 37.62 -75.66
C5 MAN MA . -25.59 37.15 -75.44
C6 MAN MA . -25.78 35.64 -75.71
O2 MAN MA . -23.16 35.81 -73.54
O3 MAN MA . -22.05 38.27 -74.53
O4 MAN MA . -24.14 38.73 -76.61
O5 MAN MA . -26.06 37.51 -74.07
O6 MAN MA . -27.17 35.27 -75.56
C1 NAG NA . -26.90 17.42 -68.35
C2 NAG NA . -26.75 17.29 -69.87
C3 NAG NA . -25.55 16.36 -70.13
C4 NAG NA . -24.28 16.85 -69.41
C5 NAG NA . -24.52 17.10 -67.91
C6 NAG NA . -23.32 17.72 -67.19
C7 NAG NA . -28.75 17.38 -71.33
C8 NAG NA . -30.03 16.66 -71.73
N2 NAG NA . -27.98 16.74 -70.45
O3 NAG NA . -25.27 16.25 -71.55
O4 NAG NA . -23.27 15.79 -69.51
O5 NAG NA . -25.69 17.97 -67.75
O6 NAG NA . -22.97 18.97 -67.81
O7 NAG NA . -28.45 18.49 -71.78
C1 NAG NA . -22.11 16.11 -70.34
C2 NAG NA . -21.02 15.05 -70.11
C3 NAG NA . -19.83 15.30 -71.05
C4 NAG NA . -20.28 15.38 -72.52
C5 NAG NA . -21.44 16.37 -72.72
C6 NAG NA . -22.05 16.32 -74.14
C7 NAG NA . -20.82 14.14 -67.82
C8 NAG NA . -20.20 14.33 -66.43
N2 NAG NA . -20.55 15.08 -68.72
O3 NAG NA . -18.83 14.25 -70.89
O4 NAG NA . -19.15 15.89 -73.33
O5 NAG NA . -22.51 16.09 -71.74
O6 NAG NA . -22.65 15.03 -74.38
O7 NAG NA . -21.52 13.16 -68.09
C1 MAN NA . -18.37 14.84 -73.99
C2 MAN NA . -17.11 15.47 -74.62
C3 MAN NA . -16.82 14.90 -76.03
C4 MAN NA . -17.07 13.38 -76.08
C5 MAN NA . -18.52 13.04 -75.70
C6 MAN NA . -18.65 11.79 -74.82
O2 MAN NA . -15.97 15.16 -73.77
O3 MAN NA . -15.44 15.21 -76.34
O4 MAN NA . -16.82 12.90 -77.43
O5 MAN NA . -19.18 14.18 -75.03
O6 MAN NA . -18.21 10.62 -75.54
C1 NAG OA . -32.80 54.05 -53.70
C2 NAG OA . -31.49 53.50 -54.33
C3 NAG OA . -30.23 53.89 -53.52
C4 NAG OA . -30.24 55.36 -53.08
C5 NAG OA . -31.55 55.67 -52.36
C6 NAG OA . -31.58 57.07 -51.70
C7 NAG OA . -31.94 51.40 -55.51
C8 NAG OA . -32.23 49.92 -55.32
N2 NAG OA . -31.58 52.05 -54.40
O3 NAG OA . -29.03 53.65 -54.30
O4 NAG OA . -29.18 55.54 -52.08
O5 NAG OA . -32.67 55.45 -53.31
O6 NAG OA . -32.71 57.89 -52.14
O7 NAG OA . -32.05 51.95 -56.60
C1 NAG OA . -27.95 56.21 -52.52
C2 NAG OA . -27.26 56.85 -51.30
C3 NAG OA . -25.95 57.50 -51.75
C4 NAG OA . -25.03 56.46 -52.42
C5 NAG OA . -25.74 55.75 -53.60
C6 NAG OA . -24.89 54.59 -54.15
C7 NAG OA . -28.87 57.59 -49.59
C8 NAG OA . -29.69 58.77 -49.05
N2 NAG OA . -28.14 57.85 -50.68
O3 NAG OA . -25.24 58.06 -50.60
O4 NAG OA . -23.84 57.13 -52.90
O5 NAG OA . -27.04 55.22 -53.13
O6 NAG OA . -25.57 53.98 -55.26
O7 NAG OA . -28.90 56.48 -49.06
C1 FUC OA . -32.48 58.43 -53.48
C2 FUC OA . -33.81 58.73 -54.23
C3 FUC OA . -33.57 59.61 -55.48
C4 FUC OA . -32.09 59.66 -55.91
C5 FUC OA . -31.20 60.17 -54.75
C6 FUC OA . -29.70 59.88 -54.91
O2 FUC OA . -34.78 59.40 -53.38
O3 FUC OA . -34.38 59.14 -56.60
O4 FUC OA . -31.69 58.33 -56.33
O5 FUC OA . -31.61 59.62 -53.43
C1 NAG PA . -44.65 55.49 -65.86
C2 NAG PA . -43.81 56.28 -66.90
C3 NAG PA . -44.70 56.73 -68.05
C4 NAG PA . -45.49 55.57 -68.65
C5 NAG PA . -46.25 54.75 -67.61
C6 NAG PA . -46.93 53.51 -68.20
C7 NAG PA . -41.91 57.42 -65.83
C8 NAG PA . -41.49 58.62 -64.97
N2 NAG PA . -43.18 57.42 -66.24
O3 NAG PA . -43.92 57.33 -69.12
O4 NAG PA . -46.49 56.17 -69.55
O5 NAG PA . -45.32 54.36 -66.52
O6 NAG PA . -45.95 52.55 -68.64
O7 NAG PA . -41.13 56.51 -66.11
C1 NAG PA . -46.49 55.65 -70.91
C2 NAG PA . -47.82 55.98 -71.59
C3 NAG PA . -47.81 55.47 -73.05
C4 NAG PA . -46.57 55.93 -73.84
C5 NAG PA . -45.27 55.71 -73.04
C6 NAG PA . -44.06 56.36 -73.73
C7 NAG PA . -49.84 56.06 -70.19
C8 NAG PA . -50.94 55.24 -69.50
N2 NAG PA . -48.95 55.36 -70.87
O3 NAG PA . -49.04 55.91 -73.68
O4 NAG PA . -46.44 55.13 -75.09
O5 NAG PA . -45.39 56.25 -71.67
O6 NAG PA . -42.87 56.08 -72.98
O7 NAG PA . -49.80 57.28 -70.11
C1 MAN PA . -47.35 55.45 -76.18
C2 MAN PA . -47.25 54.36 -77.28
C3 MAN PA . -47.14 54.99 -78.69
C4 MAN PA . -48.19 56.10 -78.88
C5 MAN PA . -48.05 57.20 -77.80
C6 MAN PA . -49.37 57.58 -77.11
O2 MAN PA . -48.44 53.54 -77.19
O3 MAN PA . -47.28 53.97 -79.72
O4 MAN PA . -47.98 56.69 -80.19
O5 MAN PA . -47.07 56.79 -76.74
O6 MAN PA . -50.21 58.30 -78.04
C1 NAG QA . -57.39 64.10 -53.04
C2 NAG QA . -56.85 65.49 -52.68
C3 NAG QA . -57.87 66.22 -51.81
C4 NAG QA . -59.26 66.25 -52.46
C5 NAG QA . -59.72 64.85 -52.89
C6 NAG QA . -61.03 64.86 -53.70
C7 NAG QA . -54.39 65.42 -52.60
C8 NAG QA . -53.15 65.40 -51.69
N2 NAG QA . -55.56 65.40 -51.97
O3 NAG QA . -57.41 67.58 -51.57
O4 NAG QA . -60.24 66.73 -51.47
O5 NAG QA . -58.68 64.22 -53.71
O6 NAG QA . -60.85 65.56 -54.95
O7 NAG QA . -54.31 65.45 -53.82
C1 NAG QA . -60.67 68.11 -51.66
C2 NAG QA . -61.98 68.38 -50.90
C3 NAG QA . -62.41 69.83 -51.19
C4 NAG QA . -61.31 70.83 -50.79
C5 NAG QA . -59.90 70.45 -51.27
C6 NAG QA . -58.80 71.20 -50.53
C7 NAG QA . -63.48 66.47 -50.50
C8 NAG QA . -64.54 65.53 -51.11
N2 NAG QA . -63.02 67.43 -51.30
O3 NAG QA . -63.67 70.11 -50.53
O4 NAG QA . -61.57 72.16 -51.40
O5 NAG QA . -59.65 69.00 -51.11
O6 NAG QA . -58.69 70.71 -49.17
O7 NAG QA . -63.08 66.33 -49.35
C1 MAN QA . -62.60 72.98 -50.76
C2 MAN QA . -62.69 74.36 -51.46
C3 MAN QA . -62.39 75.50 -50.48
C4 MAN QA . -63.30 75.42 -49.23
C5 MAN QA . -63.27 74.00 -48.61
C6 MAN QA . -64.66 73.32 -48.59
O2 MAN QA . -64.02 74.51 -52.01
O3 MAN QA . -62.54 76.80 -51.12
O4 MAN QA . -62.82 76.39 -48.26
O5 MAN QA . -62.30 73.16 -49.33
O6 MAN QA . -64.53 71.90 -48.34
C1 NAG RA . 25.61 10.81 25.90
C2 NAG RA . 25.70 11.84 24.74
C3 NAG RA . 26.61 11.28 23.62
C4 NAG RA . 27.95 10.75 24.18
C5 NAG RA . 27.71 9.74 25.30
C6 NAG RA . 28.99 9.12 25.87
C7 NAG RA . 23.81 13.32 24.18
C8 NAG RA . 22.37 13.38 23.61
N2 NAG RA . 24.36 12.12 24.22
O3 NAG RA . 26.88 12.32 22.63
O4 NAG RA . 28.70 10.06 23.11
O5 NAG RA . 26.94 10.44 26.34
O6 NAG RA . 28.89 8.92 27.31
O7 NAG RA . 24.39 14.32 24.59
C1 NAG RA . 29.80 10.83 22.51
C2 NAG RA . 30.89 9.86 22.00
C3 NAG RA . 31.99 10.64 21.28
C4 NAG RA . 31.39 11.44 20.11
C5 NAG RA . 30.27 12.39 20.58
C6 NAG RA . 29.54 13.03 19.39
C7 NAG RA . 31.09 7.81 23.34
C8 NAG RA . 31.96 7.03 24.34
N2 NAG RA . 31.46 9.07 23.10
O3 NAG RA . 32.98 9.72 20.75
O4 NAG RA . 32.45 12.20 19.49
O5 NAG RA . 29.27 11.63 21.39
O6 NAG RA . 28.53 13.93 19.85
O7 NAG RA . 30.13 7.30 22.77
C1 FUC RA . 29.77 9.79 28.13
C2 FUC RA . 31.18 9.17 28.36
C3 FUC RA . 32.11 10.14 29.12
C4 FUC RA . 31.79 11.63 28.90
C5 FUC RA . 31.10 11.86 27.56
C6 FUC RA . 30.86 13.33 27.24
O2 FUC RA . 31.81 8.82 27.10
O3 FUC RA . 32.05 9.87 30.54
O4 FUC RA . 30.88 12.06 29.96
O5 FUC RA . 29.79 11.18 27.60
C1 NAG SA . 47.41 3.91 -4.62
C2 NAG SA . 46.99 3.16 -3.34
C3 NAG SA . 47.99 3.52 -2.22
C4 NAG SA . 49.42 3.22 -2.65
C5 NAG SA . 49.81 3.90 -3.97
C6 NAG SA . 51.16 3.44 -4.50
C7 NAG SA . 44.65 2.72 -2.59
C8 NAG SA . 44.85 1.19 -2.65
N2 NAG SA . 45.63 3.55 -2.95
O3 NAG SA . 47.68 2.81 -1.00
O4 NAG SA . 50.32 3.81 -1.62
O5 NAG SA . 48.79 3.61 -5.00
O6 NAG SA . 51.00 2.24 -5.28
O7 NAG SA . 43.59 3.21 -2.20
C1 NAG SA . 50.97 2.85 -0.73
C2 NAG SA . 52.31 3.42 -0.25
C3 NAG SA . 52.99 2.43 0.71
C4 NAG SA . 52.06 2.08 1.89
C5 NAG SA . 50.67 1.62 1.40
C6 NAG SA . 49.67 1.42 2.55
C7 NAG SA . 53.36 4.89 -1.93
C8 NAG SA . 54.33 4.98 -3.12
N2 NAG SA . 53.21 3.69 -1.38
O3 NAG SA . 54.24 3.03 1.17
O4 NAG SA . 52.62 0.95 2.67
O5 NAG SA . 50.10 2.60 0.44
O6 NAG SA . 49.35 2.66 3.19
O7 NAG SA . 52.75 5.88 -1.51
C1 MAN SA . 53.65 1.29 3.66
C2 MAN SA . 54.22 -0.01 4.30
C3 MAN SA . 54.14 0.04 5.83
C4 MAN SA . 54.72 1.34 6.40
C5 MAN SA . 54.11 2.60 5.72
C6 MAN SA . 55.16 3.51 5.07
O2 MAN SA . 55.62 -0.14 3.94
O3 MAN SA . 54.87 -1.08 6.38
O4 MAN SA . 54.43 1.35 7.83
O5 MAN SA . 53.11 2.20 4.70
O6 MAN SA . 55.77 4.35 6.05
C1 NAG TA . -33.34 24.92 32.31
C2 NAG TA . -34.84 25.27 32.05
C3 NAG TA . -35.76 24.90 33.22
C4 NAG TA . -35.50 23.48 33.71
C5 NAG TA . -34.04 23.31 34.15
C6 NAG TA . -33.75 21.88 34.61
C7 NAG TA . -35.80 27.22 30.86
C8 NAG TA . -35.75 28.74 30.68
N2 NAG TA . -34.99 26.71 31.78
O3 NAG TA . -37.16 24.98 32.82
O4 NAG TA . -36.37 23.25 34.84
O5 NAG TA . -33.16 23.63 33.00
O6 NAG TA . -32.35 21.76 34.97
O7 NAG TA . -36.53 26.50 30.18
C1 NAG UA . -2.86 47.87 58.04
C2 NAG UA . -3.30 46.75 58.99
C3 NAG UA . -2.07 46.07 59.59
C4 NAG UA . -1.12 45.62 58.48
C5 NAG UA . -0.78 46.79 57.57
C6 NAG UA . 0.06 46.40 56.38
C7 NAG UA . -5.46 47.02 60.10
C8 NAG UA . -6.19 47.64 61.26
N2 NAG UA . -4.15 47.27 60.04
O3 NAG UA . -2.49 44.94 60.35
O4 NAG UA . 0.09 45.12 59.06
O5 NAG UA . -2.00 47.35 57.04
O6 NAG UA . 0.37 47.52 55.57
O7 NAG UA . -6.04 46.33 59.27
C1 NAG VA . -28.98 -23.31 24.07
C2 NAG VA . -28.55 -24.65 23.38
C3 NAG VA . -29.79 -25.31 22.74
C4 NAG VA . -30.88 -25.51 23.79
C5 NAG VA . -31.25 -24.22 24.54
C6 NAG VA . -32.20 -24.47 25.71
C7 NAG VA . -26.56 -25.33 22.14
C8 NAG VA . -25.36 -24.89 21.29
N2 NAG VA . -27.49 -24.42 22.39
O3 NAG VA . -29.45 -26.61 22.18
O4 NAG VA . -32.03 -26.00 23.09
O5 NAG VA . -30.01 -23.56 25.07
O6 NAG VA . -31.55 -25.30 26.70
O7 NAG VA . -26.65 -26.48 22.60
C1 NAG WA . -34.19 41.43 2.88
C2 NAG WA . -34.09 42.47 1.73
C3 NAG WA . -33.33 43.72 2.24
C4 NAG WA . -34.01 44.31 3.49
C5 NAG WA . -34.21 43.24 4.58
C6 NAG WA . -35.03 43.76 5.76
C7 NAG WA . -34.08 41.26 -0.40
C8 NAG WA . -33.25 40.86 -1.64
N2 NAG WA . -33.43 41.93 0.54
O3 NAG WA . -33.23 44.75 1.21
O4 NAG WA . -33.15 45.34 3.99
O5 NAG WA . -34.90 42.07 3.98
O6 NAG WA . -35.08 42.74 6.79
O7 NAG WA . -35.26 40.96 -0.28
C1 NAG XA . -61.30 20.18 4.55
C2 NAG XA . -61.17 20.14 6.09
C3 NAG XA . -61.95 18.93 6.65
C4 NAG XA . -63.41 19.06 6.23
C5 NAG XA . -63.55 19.08 4.68
C6 NAG XA . -65.00 19.29 4.24
C7 NAG XA . -59.12 21.13 7.02
C8 NAG XA . -57.61 20.98 7.20
N2 NAG XA . -59.75 20.08 6.49
O3 NAG XA . -61.87 18.89 8.10
O4 NAG XA . -64.12 17.91 6.75
O5 NAG XA . -62.71 20.19 4.15
O6 NAG XA . -65.08 19.30 2.81
O7 NAG XA . -59.72 22.16 7.34
C1 NAG YA . -78.03 21.93 -33.33
C2 NAG YA . -78.64 21.13 -34.50
C3 NAG YA . -80.19 21.17 -34.40
C4 NAG YA . -80.67 20.76 -33.00
C5 NAG YA . -80.04 21.67 -31.93
C6 NAG YA . -80.45 21.35 -30.50
C7 NAG YA . -77.06 21.34 -36.38
C8 NAG YA . -76.61 22.21 -37.54
N2 NAG YA . -78.20 21.71 -35.77
O3 NAG YA . -80.76 20.27 -35.40
O4 NAG YA . -82.11 20.92 -32.93
O5 NAG YA . -78.58 21.50 -32.04
O6 NAG YA . -79.91 22.34 -29.60
O7 NAG YA . -76.41 20.38 -35.99
C1 NAG ZA . -85.25 61.84 -76.38
C2 NAG ZA . -84.08 62.45 -75.63
C3 NAG ZA . -83.62 63.73 -76.33
C4 NAG ZA . -83.36 63.48 -77.81
C5 NAG ZA . -84.56 62.80 -78.45
C6 NAG ZA . -84.31 62.38 -79.88
C7 NAG ZA . -84.42 61.76 -73.30
C8 NAG ZA . -84.80 62.22 -71.92
N2 NAG ZA . -84.40 62.72 -74.24
O3 NAG ZA . -82.43 64.21 -75.70
O4 NAG ZA . -83.10 64.71 -78.47
O5 NAG ZA . -84.90 61.61 -77.73
O6 NAG ZA . -85.49 61.88 -80.50
O7 NAG ZA . -84.15 60.59 -73.55
C1 NAG AB . -20.97 -39.56 -25.52
C2 NAG AB . -20.43 -38.46 -26.46
C3 NAG AB . -20.87 -38.77 -27.90
C4 NAG AB . -20.41 -40.17 -28.32
C5 NAG AB . -20.89 -41.26 -27.33
C6 NAG AB . -20.28 -42.63 -27.65
C7 NAG AB . -20.25 -36.42 -25.10
C8 NAG AB . -20.87 -35.07 -24.74
N2 NAG AB . -20.88 -37.13 -26.03
O3 NAG AB . -20.35 -37.79 -28.86
O4 NAG AB . -20.97 -40.44 -29.62
O5 NAG AB . -20.50 -40.87 -25.95
O6 NAG AB . -20.79 -43.62 -26.72
O7 NAG AB . -19.25 -36.85 -24.53
C1 NAG BB . -29.98 -68.40 11.55
C2 NAG BB . -28.69 -69.06 11.09
C3 NAG BB . -27.62 -68.95 12.18
C4 NAG BB . -27.43 -67.51 12.61
C5 NAG BB . -28.79 -66.90 13.00
C6 NAG BB . -28.70 -65.43 13.32
C7 NAG BB . -29.05 -70.89 9.49
C8 NAG BB . -29.28 -72.36 9.32
N2 NAG BB . -28.92 -70.46 10.75
O3 NAG BB . -26.38 -69.47 11.67
O4 NAG BB . -26.55 -67.43 13.72
O5 NAG BB . -29.71 -67.04 11.91
O6 NAG BB . -29.95 -64.94 13.80
O7 NAG BB . -28.97 -70.13 8.53
C1 NAG CB . 24.13 -21.14 -31.56
C2 NAG CB . 25.33 -20.25 -31.86
C3 NAG CB . 25.73 -20.38 -33.33
C4 NAG CB . 25.94 -21.84 -33.69
C5 NAG CB . 24.72 -22.67 -33.30
C6 NAG CB . 24.92 -24.16 -33.51
C7 NAG CB . 26.01 -17.98 -31.21
C8 NAG CB . 25.54 -16.59 -30.90
N2 NAG CB . 25.05 -18.86 -31.53
O3 NAG CB . 26.92 -19.65 -33.57
O4 NAG CB . 26.16 -21.97 -35.10
O5 NAG CB . 24.43 -22.49 -31.90
O6 NAG CB . 24.95 -24.85 -32.26
O7 NAG CB . 27.19 -18.29 -31.19
C1 NAG DB . -44.78 -17.67 -25.38
C2 NAG DB . -45.68 -17.12 -24.24
C3 NAG DB . -47.02 -17.89 -24.22
C4 NAG DB . -47.70 -17.78 -25.59
C5 NAG DB . -46.78 -18.27 -26.71
C6 NAG DB . -47.37 -18.09 -28.11
C7 NAG DB . -44.24 -16.26 -22.45
C8 NAG DB . -43.65 -16.50 -21.05
N2 NAG DB . -45.03 -17.22 -22.94
O3 NAG DB . -47.89 -17.35 -23.20
O4 NAG DB . -48.88 -18.61 -25.53
O5 NAG DB . -45.50 -17.51 -26.64
O6 NAG DB . -46.48 -18.68 -29.07
O7 NAG DB . -43.99 -15.24 -23.11
C1 NAG EB . -28.64 -17.21 -55.43
C2 NAG EB . -28.42 -18.71 -55.13
C3 NAG EB . -27.27 -19.27 -55.97
C4 NAG EB . -27.57 -19.03 -57.46
C5 NAG EB . -27.72 -17.52 -57.74
C6 NAG EB . -28.05 -17.25 -59.21
C7 NAG EB . -28.87 -19.71 -52.93
C8 NAG EB . -28.60 -19.61 -51.42
N2 NAG EB . -28.15 -18.89 -53.70
O3 NAG EB . -27.12 -20.69 -55.74
O4 NAG EB . -26.47 -19.57 -58.22
O5 NAG EB . -28.80 -16.98 -56.87
O6 NAG EB . -28.13 -15.83 -59.44
O7 NAG EB . -29.70 -20.49 -53.40
C1 NAG FB . -43.51 16.35 -74.29
C2 NAG FB . -43.17 17.61 -75.13
C3 NAG FB . -43.38 17.33 -76.64
C4 NAG FB . -42.74 15.99 -77.07
C5 NAG FB . -43.22 14.84 -76.19
C6 NAG FB . -42.63 13.48 -76.56
C7 NAG FB . -43.72 19.54 -73.72
C8 NAG FB . -44.83 20.48 -73.25
N2 NAG FB . -44.03 18.71 -74.71
O3 NAG FB . -42.83 18.42 -77.41
O4 NAG FB . -43.13 15.72 -78.44
O5 NAG FB . -42.85 15.15 -74.80
O6 NAG FB . -43.25 12.45 -75.76
O7 NAG FB . -42.62 19.54 -73.19
C1 NAG GB . -94.40 47.02 -77.14
C2 NAG GB . -94.52 46.34 -75.78
C3 NAG GB . -95.92 46.58 -75.20
C4 NAG GB . -96.23 48.07 -75.18
C5 NAG GB . -96.02 48.68 -76.57
C6 NAG GB . -96.18 50.18 -76.58
C7 NAG GB . -93.02 44.41 -75.93
C8 NAG GB . -92.92 42.91 -76.03
N2 NAG GB . -94.25 44.92 -75.88
O3 NAG GB . -95.97 46.06 -73.88
O4 NAG GB . -97.60 48.26 -74.81
O5 NAG GB . -94.68 48.40 -77.01
O6 NAG GB . -96.13 50.69 -77.90
O7 NAG GB . -92.02 45.12 -75.89
C1 NAG HB . 27.01 31.86 -30.75
C2 NAG HB . 25.76 32.57 -30.16
C3 NAG HB . 25.65 34.00 -30.75
C4 NAG HB . 26.95 34.78 -30.47
C5 NAG HB . 28.19 34.04 -31.02
C6 NAG HB . 29.49 34.74 -30.60
C7 NAG HB . 24.14 30.81 -29.59
C8 NAG HB . 22.88 30.05 -30.02
N2 NAG HB . 24.55 31.79 -30.41
O3 NAG HB . 24.53 34.71 -30.16
O4 NAG HB . 26.84 36.09 -31.08
O5 NAG HB . 28.21 32.66 -30.52
O6 NAG HB . 30.60 34.09 -31.23
O7 NAG HB . 24.77 30.52 -28.58
C1 NAG IB . 62.63 2.28 -41.84
C2 NAG IB . 63.22 3.31 -40.86
C3 NAG IB . 64.01 2.54 -39.76
C4 NAG IB . 63.12 1.49 -39.10
C5 NAG IB . 62.53 0.53 -40.14
C6 NAG IB . 61.59 -0.53 -39.53
C7 NAG IB . 64.41 5.45 -41.15
C8 NAG IB . 65.28 6.32 -42.06
N2 NAG IB . 64.08 4.24 -41.59
O3 NAG IB . 64.47 3.45 -38.72
O4 NAG IB . 63.95 0.75 -38.18
O5 NAG IB . 61.77 1.33 -41.13
O6 NAG IB . 61.20 -1.46 -40.55
O7 NAG IB . 64.06 5.83 -40.02
C1 NAG JB . 15.39 37.89 16.41
C2 NAG JB . 14.59 37.63 17.72
C3 NAG JB . 13.65 38.82 17.96
C4 NAG JB . 14.45 40.13 18.00
C5 NAG JB . 15.32 40.33 16.74
C6 NAG JB . 16.26 41.54 16.85
C7 NAG JB . 13.58 35.69 18.80
C8 NAG JB . 12.85 34.35 18.67
N2 NAG JB . 13.84 36.36 17.69
O3 NAG JB . 12.94 38.69 19.22
O4 NAG JB . 13.51 41.21 18.10
O5 NAG JB . 16.14 39.13 16.50
O6 NAG JB . 17.22 41.33 17.92
O7 NAG JB . 13.91 36.13 19.91
C1 NAG KB . 2.48 21.82 -49.43
C2 NAG KB . 1.34 21.56 -50.45
C3 NAG KB . 1.90 20.64 -51.55
C4 NAG KB . 3.13 21.28 -52.21
C5 NAG KB . 4.20 21.68 -51.18
C6 NAG KB . 5.34 22.49 -51.81
C7 NAG KB . -0.80 21.66 -49.24
C8 NAG KB . -1.99 20.87 -48.68
N2 NAG KB . 0.17 20.95 -49.81
O3 NAG KB . 0.89 20.35 -52.57
O4 NAG KB . 3.70 20.30 -53.11
O5 NAG KB . 3.58 22.50 -50.12
O6 NAG KB . 6.16 23.01 -50.74
O7 NAG KB . -0.73 22.89 -49.16
C1 NAG LB . -3.79 53.81 -35.85
C2 NAG LB . -2.27 54.05 -35.68
C3 NAG LB . -2.02 55.19 -34.68
C4 NAG LB . -2.75 56.45 -35.18
C5 NAG LB . -4.26 56.20 -35.31
C6 NAG LB . -5.00 57.42 -35.87
C7 NAG LB . -0.84 52.08 -36.04
C8 NAG LB . -0.44 50.70 -35.52
N2 NAG LB . -1.61 52.81 -35.24
O3 NAG LB . -0.60 55.47 -34.57
O4 NAG LB . -2.51 57.51 -34.22
O5 NAG LB . -4.46 55.06 -36.24
O6 NAG LB . -6.41 57.11 -35.99
O7 NAG LB . -0.51 52.48 -37.16
C1 NAG MB . -43.38 61.51 -44.87
C2 NAG MB . -44.75 62.06 -44.39
C3 NAG MB . -44.91 63.53 -44.84
C4 NAG MB . -43.69 64.37 -44.48
C5 NAG MB . -42.40 63.75 -45.05
C6 NAG MB . -41.12 64.52 -44.71
C7 NAG MB . -46.28 60.15 -44.33
C8 NAG MB . -47.24 59.27 -45.14
N2 NAG MB . -45.82 61.23 -44.94
O3 NAG MB . -46.10 64.09 -44.22
O4 NAG MB . -43.84 65.70 -45.05
O5 NAG MB . -42.28 62.39 -44.49
O6 NAG MB . -40.01 63.91 -45.41
O7 NAG MB . -45.94 59.84 -43.19
C1 NAG NB . -79.13 52.29 -90.72
C2 NAG NB . -79.29 52.36 -92.24
C3 NAG NB . -78.88 51.03 -92.87
C4 NAG NB . -77.49 50.62 -92.40
C5 NAG NB . -77.40 50.65 -90.89
C6 NAG NB . -76.01 50.39 -90.37
C7 NAG NB . -81.14 53.95 -92.51
C8 NAG NB . -82.57 54.12 -92.92
N2 NAG NB . -80.65 52.71 -92.60
O3 NAG NB . -78.91 51.16 -94.29
O4 NAG NB . -77.20 49.30 -92.87
O5 NAG NB . -77.79 51.94 -90.40
O6 NAG NB . -75.94 50.55 -88.96
O7 NAG NB . -80.46 54.89 -92.12
#